data_7NS6
#
_entry.id   7NS6
#
_cell.length_a   1.00
_cell.length_b   1.00
_cell.length_c   1.00
_cell.angle_alpha   90.00
_cell.angle_beta   90.00
_cell.angle_gamma   90.00
#
_symmetry.space_group_name_H-M   'P 1'
#
loop_
_entity.id
_entity.type
_entity.pdbx_description
1 polymer 'Fu2 nanobody'
2 polymer 'Spike glycoprotein,Fibritin'
3 branched beta-D-mannopyranose-(1-4)-2-acetamido-2-deoxy-beta-D-glucopyranose-(1-4)-2-acetamido-2-deoxy-beta-D-glucopyranose
4 non-polymer 2-acetamido-2-deoxy-beta-D-glucopyranose
#
loop_
_entity_poly.entity_id
_entity_poly.type
_entity_poly.pdbx_seq_one_letter_code
_entity_poly.pdbx_strand_id
1 'polypeptide(L)'
;QVQLVESGGGLVQPGGSLRLSCAASGFTLDDYAIGWFRQAPGKEREGVSFITSSDGSTYYVDSVKGRFTISRDNAKNTVY
LQMNSLTPEDTAIYYCAVGPSFSYTGSTYYRSELPWDYDYWGQGTQVTVSSGGLPETGGHHHHHH
;
G,S,H,T,O,U
2 'polypeptide(L)'
;MFVFLVLLPLVSSQCVNLTTRTQLPPAYTNSFTRGVYYPDKVFRSSVLHSTQDLFLPFFSNVTWFHAIHVSGTNGTKRFD
NPVLPFNDGVYFASTEKSNIIRGWIFGTTLDSKTQSLLIVNNATNVVIKVCEFQFCNDPFLGVYYHKNNKSWMESEFRVY
SSANNCTFEYVSQPFLMDLEGKQGNFKNLREFVFKNIDGYFKIYSKHTPINLVRDLPQGFSALEPLVDLPIGINITRFQT
LLALHRSYLTPGDSSSGWTAGAAAYYVGYLQPRTFLLKYNENGTITDAVDCALDPLSETKCTLKSFTVEKGIYQTSNFRV
QPTESIVRFPNITNLCPFGEVFNATRFASVYAWNRKRISNCVADYSVLYNSASFSTFKCYGVSPTKLNDLCFTNVYADSF
VIRGDEVRQIAPGQTGKIADYNYKLPDDFTGCVIAWNSNNLDSKVGGNYNYLYRLFRKSNLKPFERDISTEIYQAGSTPC
NGVEGFNCYFPLQSYGFQPTNGVGYQPYRVVVLSFELLHAPATVCGPKKSTNLVKNKCVNFNFNGLTGTGVLTESNKKFL
PFQQFGRDIADTTDAVRDPQTLEILDITPCSFGGVSVITPGTNTSNQVAVLYQDVNCTEVPVAIHADQLTPTWRVYSTGS
NVFQTRAGCLIGAEHVNNSYECDIPIGAGICASYQTQTNSPGSASSVASQSIIAYTMSLGAENSVAYSNNSIAIPTNFTI
SVTTEILPVSMTKTSVDCTMYICGDSTECSNLLLQYGSFCTQLNRALTGIAVEQDKNTQEVFAQVKQIYKTPPIKDFGGF
NFSQILPDPSKPSKRSFIEDLLFNKVTLADAGFIKQYGDCLGDIAARDLICAQKFNGLTVLPPLLTDEMIAQYTSALLAG
TITSGWTFGAGAALQIPFPMQMAYRFNGIGVTQNVLYENQKLIANQFNSAIGKIQDSLSSTPSPLGKLQDVVNQNAQALN
TLVKQLSSNFGAISSVLNDILSRLDPPEAEVQIDRLITGRLQSLQTYVTQQLIRAAEIRASANLAATKMSECVLGQSKRV
DFCGKGYHLMSFPQSAPHGVVFLHVTYVPAQEKNFTTAPAICHDGKAHFPREGVFVSNGTHWFVTQRNFYEPQIITTDNT
FVSGNCDVVIGIVNNTVYDPLQPELDSFKEELDKYFKNHTSPDVDLGDISGINASVVNIQKEIDRLNEVAKNLNESLIDL
QELGKYEQGSGYIPEAPRDGQAYVRKDGEWVLLSTFLGRSLEVLFQGPGHHHHHHHHSAWSHPQFEKGGGSGGGGSGGSA
WSHPQFEK
;
I,K,M,J,L,N
#
# COMPACT_ATOMS: atom_id res chain seq x y z
N GLN A 1 15.44 17.88 -1.82
CA GLN A 1 16.76 17.90 -2.45
C GLN A 1 17.65 18.96 -1.82
N VAL A 2 18.95 18.83 -2.04
CA VAL A 2 19.94 19.78 -1.54
C VAL A 2 20.54 20.52 -2.72
N GLN A 3 20.58 21.84 -2.62
CA GLN A 3 21.18 22.68 -3.65
C GLN A 3 22.20 23.62 -3.02
N LEU A 4 23.39 23.66 -3.60
CA LEU A 4 24.45 24.56 -3.16
C LEU A 4 24.80 25.49 -4.31
N VAL A 5 24.80 26.79 -4.03
CA VAL A 5 25.12 27.81 -5.03
C VAL A 5 26.34 28.58 -4.57
N GLU A 6 27.33 28.72 -5.45
CA GLU A 6 28.58 29.38 -5.14
C GLU A 6 28.57 30.77 -5.75
N SER A 7 28.92 31.77 -4.95
CA SER A 7 28.98 33.16 -5.40
C SER A 7 30.34 33.74 -5.06
N GLY A 8 30.79 34.67 -5.89
CA GLY A 8 32.11 35.24 -5.73
C GLY A 8 33.10 34.66 -6.73
N GLY A 9 34.37 34.86 -6.42
CA GLY A 9 35.42 34.36 -7.27
C GLY A 9 35.87 35.38 -8.30
N GLY A 10 36.63 34.88 -9.27
CA GLY A 10 37.15 35.71 -10.34
C GLY A 10 38.56 36.17 -10.05
N LEU A 11 39.11 36.92 -11.00
CA LEU A 11 40.50 37.37 -10.92
C LEU A 11 40.65 38.39 -9.79
N VAL A 12 41.70 38.21 -8.98
CA VAL A 12 42.02 39.13 -7.90
C VAL A 12 43.54 39.35 -7.87
N GLN A 13 43.94 40.47 -7.29
CA GLN A 13 45.34 40.79 -7.16
C GLN A 13 45.99 39.93 -6.07
N PRO A 14 47.31 39.75 -6.13
CA PRO A 14 47.98 39.03 -5.04
C PRO A 14 47.80 39.78 -3.73
N GLY A 15 47.49 39.03 -2.67
CA GLY A 15 47.18 39.64 -1.40
C GLY A 15 45.76 40.13 -1.28
N GLY A 16 44.94 39.94 -2.31
CA GLY A 16 43.58 40.45 -2.29
C GLY A 16 42.69 39.66 -1.36
N SER A 17 41.61 40.31 -0.93
CA SER A 17 40.61 39.69 -0.08
C SER A 17 39.35 39.41 -0.89
N LEU A 18 38.91 38.16 -0.88
CA LEU A 18 37.74 37.74 -1.63
C LEU A 18 36.89 36.81 -0.77
N ARG A 19 35.58 36.97 -0.82
CA ARG A 19 34.65 36.17 -0.05
C ARG A 19 33.78 35.32 -0.98
N LEU A 20 33.69 34.03 -0.68
CA LEU A 20 32.84 33.11 -1.43
C LEU A 20 31.66 32.71 -0.56
N SER A 21 30.45 32.86 -1.08
CA SER A 21 29.23 32.56 -0.34
C SER A 21 28.58 31.32 -0.93
N CYS A 22 28.27 30.35 -0.07
CA CYS A 22 27.60 29.11 -0.46
C CYS A 22 26.17 29.18 0.03
N ALA A 23 25.22 29.29 -0.90
CA ALA A 23 23.81 29.31 -0.55
C ALA A 23 23.29 27.88 -0.37
N ALA A 24 22.49 27.68 0.68
CA ALA A 24 21.95 26.37 1.01
C ALA A 24 20.43 26.42 0.92
N SER A 25 19.85 25.44 0.23
CA SER A 25 18.41 25.33 0.09
C SER A 25 17.98 23.89 0.38
N GLY A 26 16.91 23.74 1.16
CA GLY A 26 16.36 22.43 1.43
C GLY A 26 16.96 21.69 2.60
N PHE A 27 17.96 22.25 3.27
CA PHE A 27 18.53 21.60 4.45
C PHE A 27 19.00 22.67 5.42
N THR A 28 19.10 22.26 6.69
CA THR A 28 19.55 23.17 7.74
C THR A 28 21.06 23.23 7.77
N LEU A 29 21.58 24.46 7.80
CA LEU A 29 23.02 24.66 7.79
C LEU A 29 23.67 24.08 9.05
N ASP A 30 23.00 24.24 10.21
CA ASP A 30 23.60 23.88 11.49
C ASP A 30 23.93 22.41 11.54
N ASP A 31 22.97 21.58 11.14
CA ASP A 31 23.09 20.14 11.30
C ASP A 31 24.18 19.55 10.42
N TYR A 32 24.29 20.01 9.18
CA TYR A 32 25.22 19.39 8.26
C TYR A 32 26.61 20.01 8.38
N ALA A 33 27.62 19.16 8.20
CA ALA A 33 28.99 19.64 8.14
C ALA A 33 29.21 20.42 6.86
N ILE A 34 29.96 21.52 6.96
CA ILE A 34 30.25 22.35 5.80
C ILE A 34 31.75 22.33 5.57
N GLY A 35 32.14 21.98 4.35
CA GLY A 35 33.53 21.97 3.97
C GLY A 35 33.77 22.72 2.68
N TRP A 36 34.69 23.68 2.71
CA TRP A 36 35.11 24.37 1.49
C TRP A 36 36.32 23.64 0.91
N PHE A 37 36.19 23.19 -0.33
CA PHE A 37 37.23 22.41 -0.98
C PHE A 37 37.78 23.19 -2.17
N ARG A 38 39.09 23.04 -2.40
CA ARG A 38 39.75 23.66 -3.52
C ARG A 38 40.22 22.59 -4.50
N GLN A 39 39.87 22.74 -5.77
CA GLN A 39 40.32 21.84 -6.82
C GLN A 39 41.23 22.59 -7.78
N ALA A 40 42.47 22.16 -7.86
CA ALA A 40 43.37 22.70 -8.86
C ALA A 40 43.12 22.01 -10.20
N PRO A 41 43.44 22.67 -11.31
CA PRO A 41 43.27 22.01 -12.61
C PRO A 41 44.19 20.80 -12.70
N GLY A 42 43.60 19.67 -13.11
CA GLY A 42 44.36 18.44 -13.22
C GLY A 42 44.63 17.74 -11.90
N LYS A 43 44.06 18.22 -10.80
CA LYS A 43 44.30 17.67 -9.48
C LYS A 43 42.97 17.43 -8.79
N GLU A 44 42.96 16.46 -7.87
CA GLU A 44 41.76 16.18 -7.10
C GLU A 44 41.50 17.33 -6.13
N ARG A 45 40.21 17.60 -5.89
CA ARG A 45 39.83 18.67 -4.98
C ARG A 45 40.22 18.33 -3.54
N GLU A 46 40.65 19.33 -2.80
CA GLU A 46 41.01 19.18 -1.39
C GLU A 46 40.34 20.27 -0.57
N GLY A 47 39.95 19.93 0.66
CA GLY A 47 39.22 20.83 1.51
C GLY A 47 40.07 21.81 2.28
N VAL A 48 39.98 23.10 1.95
CA VAL A 48 40.78 24.11 2.65
C VAL A 48 40.30 24.31 4.09
N SER A 49 38.99 24.32 4.31
CA SER A 49 38.47 24.62 5.63
C SER A 49 37.18 23.86 5.87
N PHE A 50 36.86 23.66 7.15
CA PHE A 50 35.69 22.86 7.51
C PHE A 50 35.05 23.40 8.78
N ILE A 51 33.73 23.26 8.85
CA ILE A 51 33.00 23.51 10.10
C ILE A 51 32.92 22.15 10.78
N THR A 52 33.82 21.93 11.74
CA THR A 52 33.94 20.61 12.35
C THR A 52 32.72 20.21 13.18
N SER A 53 32.08 21.17 13.84
CA SER A 53 31.00 20.85 14.78
C SER A 53 29.79 21.73 14.51
N SER A 54 28.64 21.28 15.01
CA SER A 54 27.40 22.01 14.81
C SER A 54 27.44 23.38 15.50
N ASP A 55 28.06 23.45 16.67
CA ASP A 55 28.09 24.70 17.43
C ASP A 55 28.92 25.77 16.72
N GLY A 56 29.74 25.39 15.75
CA GLY A 56 30.49 26.35 14.98
C GLY A 56 32.00 26.29 15.08
N SER A 57 32.53 25.29 15.80
CA SER A 57 33.97 25.11 15.83
C SER A 57 34.49 24.83 14.43
N THR A 58 35.62 25.45 14.09
CA THR A 58 36.16 25.37 12.74
C THR A 58 37.61 24.93 12.76
N TYR A 59 38.00 24.20 11.72
CA TYR A 59 39.38 23.78 11.49
C TYR A 59 39.86 24.33 10.16
N TYR A 60 41.12 24.75 10.12
CA TYR A 60 41.73 25.28 8.90
C TYR A 60 42.95 24.46 8.53
N VAL A 61 43.11 24.22 7.22
CA VAL A 61 44.27 23.50 6.72
C VAL A 61 45.51 24.37 6.85
N ASP A 62 46.67 23.72 7.02
CA ASP A 62 47.92 24.43 7.26
C ASP A 62 48.19 25.46 6.17
N SER A 63 47.88 25.12 4.92
CA SER A 63 48.15 26.05 3.81
C SER A 63 47.32 27.31 3.96
N VAL A 64 46.08 27.19 4.42
CA VAL A 64 45.13 28.30 4.49
C VAL A 64 44.97 28.82 5.91
N LYS A 65 45.83 28.40 6.84
CA LYS A 65 45.69 28.81 8.23
C LYS A 65 45.80 30.33 8.32
N GLY A 66 44.89 30.95 9.05
CA GLY A 66 44.93 32.42 9.12
C GLY A 66 44.41 33.12 7.89
N ARG A 67 44.93 32.75 6.71
CA ARG A 67 44.52 33.38 5.46
C ARG A 67 43.05 33.15 5.16
N PHE A 68 42.54 31.96 5.47
CA PHE A 68 41.17 31.59 5.13
C PHE A 68 40.36 31.46 6.42
N THR A 69 39.20 32.12 6.46
CA THR A 69 38.28 32.03 7.58
C THR A 69 36.90 31.69 7.06
N ILE A 70 36.27 30.68 7.65
CA ILE A 70 34.96 30.20 7.22
C ILE A 70 33.94 30.55 8.30
N SER A 71 32.84 31.18 7.88
CA SER A 71 31.79 31.61 8.79
C SER A 71 30.44 31.16 8.27
N ARG A 72 29.61 30.64 9.16
CA ARG A 72 28.27 30.15 8.82
C ARG A 72 27.23 31.14 9.34
N ASP A 73 26.33 31.57 8.46
CA ASP A 73 25.19 32.41 8.83
C ASP A 73 23.93 31.59 8.71
N ASN A 74 23.29 31.32 9.84
CA ASN A 74 22.09 30.48 9.85
C ASN A 74 20.87 31.21 9.30
N ALA A 75 20.76 32.51 9.58
CA ALA A 75 19.54 33.24 9.25
C ALA A 75 19.26 33.19 7.76
N LYS A 76 20.30 33.39 6.95
CA LYS A 76 20.20 33.38 5.50
C LYS A 76 20.73 32.06 4.89
N ASN A 77 21.07 31.08 5.73
CA ASN A 77 21.44 29.73 5.29
C ASN A 77 22.63 29.75 4.32
N THR A 78 23.62 30.59 4.62
CA THR A 78 24.77 30.75 3.75
C THR A 78 26.07 30.66 4.55
N VAL A 79 27.06 29.99 3.98
CA VAL A 79 28.39 29.88 4.55
C VAL A 79 29.35 30.73 3.72
N TYR A 80 30.06 31.64 4.37
CA TYR A 80 31.00 32.52 3.68
C TYR A 80 32.42 32.13 4.03
N LEU A 81 33.24 31.91 3.02
CA LEU A 81 34.67 31.68 3.19
C LEU A 81 35.40 32.92 2.68
N GLN A 82 36.18 33.53 3.55
CA GLN A 82 36.93 34.75 3.29
C GLN A 82 38.38 34.43 2.93
N MET A 83 38.87 34.98 1.82
CA MET A 83 40.19 34.68 1.29
C MET A 83 41.08 35.89 1.54
N ASN A 84 42.22 35.70 2.19
CA ASN A 84 43.14 36.80 2.40
C ASN A 84 44.53 36.35 1.97
N SER A 85 45.36 37.33 1.58
CA SER A 85 46.71 37.05 1.11
C SER A 85 46.70 36.06 -0.06
N LEU A 86 45.75 36.22 -0.97
CA LEU A 86 45.61 35.26 -2.07
C LEU A 86 46.85 35.26 -2.96
N THR A 87 47.14 34.09 -3.52
CA THR A 87 48.36 33.87 -4.29
C THR A 87 48.04 33.08 -5.55
N PRO A 88 48.93 33.14 -6.55
CA PRO A 88 48.71 32.33 -7.77
C PRO A 88 48.62 30.83 -7.49
N GLU A 89 49.38 30.33 -6.52
CA GLU A 89 49.24 28.92 -6.13
C GLU A 89 47.87 28.65 -5.55
N ASP A 90 47.30 29.64 -4.83
CA ASP A 90 45.95 29.49 -4.32
C ASP A 90 44.92 29.41 -5.45
N THR A 91 45.24 29.93 -6.63
CA THR A 91 44.28 29.98 -7.73
C THR A 91 43.80 28.56 -8.07
N ALA A 92 42.49 28.37 -7.98
CA ALA A 92 41.82 27.11 -8.29
C ALA A 92 40.33 27.37 -8.11
N ILE A 93 39.53 26.37 -8.46
CA ILE A 93 38.08 26.47 -8.32
C ILE A 93 37.71 25.91 -6.95
N TYR A 94 36.84 26.63 -6.24
CA TYR A 94 36.48 26.30 -4.87
C TYR A 94 35.05 25.78 -4.83
N TYR A 95 34.87 24.60 -4.23
CA TYR A 95 33.58 23.95 -4.13
C TYR A 95 33.09 23.98 -2.68
N CYS A 96 31.81 24.29 -2.50
CA CYS A 96 31.18 24.17 -1.20
C CYS A 96 30.59 22.77 -1.10
N ALA A 97 30.91 22.08 -0.01
CA ALA A 97 30.50 20.68 0.17
C ALA A 97 29.72 20.53 1.46
N VAL A 98 28.68 19.72 1.41
CA VAL A 98 27.85 19.43 2.57
C VAL A 98 28.22 18.05 3.11
N GLY A 99 28.71 18.01 4.34
CA GLY A 99 28.97 16.76 4.99
C GLY A 99 27.72 16.16 5.57
N PRO A 100 27.85 14.97 6.15
CA PRO A 100 26.70 14.34 6.81
C PRO A 100 26.24 15.19 7.98
N SER A 101 24.92 15.18 8.20
CA SER A 101 24.35 16.00 9.27
C SER A 101 24.82 15.51 10.63
N PHE A 102 25.18 16.46 11.49
CA PHE A 102 25.71 16.12 12.80
C PHE A 102 24.71 15.36 13.65
N SER A 103 23.44 15.78 13.64
CA SER A 103 22.44 15.14 14.49
C SER A 103 22.20 13.69 14.07
N TYR A 104 22.03 13.45 12.77
CA TYR A 104 21.74 12.10 12.31
C TYR A 104 22.91 11.17 12.54
N THR A 105 24.13 11.63 12.24
CA THR A 105 25.31 10.78 12.39
C THR A 105 25.67 10.60 13.86
N GLY A 106 25.40 11.60 14.68
CA GLY A 106 25.89 11.60 16.04
C GLY A 106 27.33 12.07 16.17
N SER A 107 27.89 12.60 15.08
CA SER A 107 29.29 13.02 15.05
C SER A 107 29.38 14.45 15.56
N THR A 108 29.98 14.62 16.74
CA THR A 108 30.21 15.96 17.25
C THR A 108 31.27 16.68 16.42
N TYR A 109 32.34 15.99 16.05
CA TYR A 109 33.47 16.58 15.34
C TYR A 109 33.63 15.84 14.02
N TYR A 110 33.63 16.58 12.91
CA TYR A 110 33.74 15.98 11.59
C TYR A 110 34.54 16.88 10.65
N ARG A 111 35.75 16.46 10.31
CA ARG A 111 36.56 17.15 9.30
C ARG A 111 37.16 16.13 8.37
N SER A 112 37.04 16.36 7.07
CA SER A 112 37.54 15.41 6.08
C SER A 112 37.98 16.16 4.83
N GLU A 113 39.28 16.11 4.53
CA GLU A 113 39.76 16.69 3.28
C GLU A 113 39.40 15.85 2.07
N LEU A 114 39.10 14.58 2.26
CA LEU A 114 38.81 13.70 1.13
C LEU A 114 37.44 14.02 0.57
N PRO A 115 37.32 14.25 -0.74
CA PRO A 115 36.03 14.67 -1.30
C PRO A 115 34.91 13.66 -1.12
N TRP A 116 35.22 12.36 -1.21
CA TRP A 116 34.18 11.34 -1.17
C TRP A 116 33.41 11.30 0.15
N ASP A 117 34.01 11.79 1.23
CA ASP A 117 33.34 11.74 2.53
C ASP A 117 32.05 12.58 2.51
N TYR A 118 32.07 13.72 1.84
CA TYR A 118 30.94 14.65 1.82
C TYR A 118 29.95 14.22 0.73
N ASP A 119 28.70 13.93 1.14
CA ASP A 119 27.71 13.43 0.19
C ASP A 119 27.35 14.46 -0.88
N TYR A 120 27.16 15.72 -0.50
CA TYR A 120 26.62 16.70 -1.42
C TYR A 120 27.69 17.71 -1.80
N TRP A 121 27.71 18.08 -3.08
CA TRP A 121 28.75 18.93 -3.62
C TRP A 121 28.14 20.09 -4.38
N GLY A 122 28.63 21.30 -4.11
CA GLY A 122 28.21 22.45 -4.89
C GLY A 122 28.94 22.52 -6.21
N GLN A 123 28.38 23.31 -7.14
CA GLN A 123 28.98 23.42 -8.45
C GLN A 123 30.38 24.04 -8.37
N GLY A 124 30.55 25.03 -7.52
CA GLY A 124 31.86 25.66 -7.35
C GLY A 124 32.05 26.85 -8.26
N THR A 125 32.92 27.75 -7.83
CA THR A 125 33.28 28.94 -8.58
C THR A 125 34.80 29.07 -8.66
N GLN A 126 35.28 29.44 -9.85
CA GLN A 126 36.71 29.59 -10.06
C GLN A 126 37.23 30.87 -9.41
N VAL A 127 38.29 30.75 -8.64
CA VAL A 127 38.97 31.89 -8.05
C VAL A 127 40.37 31.94 -8.66
N THR A 128 40.71 33.08 -9.26
CA THR A 128 41.99 33.25 -9.92
C THR A 128 42.74 34.39 -9.27
N VAL A 129 44.02 34.17 -8.98
CA VAL A 129 44.90 35.18 -8.42
C VAL A 129 46.08 35.35 -9.36
N SER A 130 46.30 36.57 -9.83
CA SER A 130 47.39 36.83 -10.75
C SER A 130 47.94 38.22 -10.50
N SER A 131 49.22 38.40 -10.84
CA SER A 131 49.84 39.72 -10.70
C SER A 131 49.14 40.76 -11.56
N GLY A 132 48.77 40.39 -12.78
CA GLY A 132 48.03 41.31 -13.63
C GLY A 132 46.67 41.66 -13.06
N GLY A 133 46.03 40.71 -12.38
CA GLY A 133 44.71 40.93 -11.82
C GLY A 133 44.75 41.71 -10.53
N GLN B 1 21.37 -7.13 -7.65
CA GLN B 1 22.60 -6.35 -7.77
C GLN B 1 23.49 -6.88 -8.89
N VAL B 2 24.43 -6.06 -9.33
CA VAL B 2 25.39 -6.44 -10.36
C VAL B 2 26.77 -6.54 -9.70
N GLN B 3 27.45 -7.64 -9.95
CA GLN B 3 28.80 -7.85 -9.41
C GLN B 3 29.70 -8.27 -10.56
N LEU B 4 30.86 -7.62 -10.68
CA LEU B 4 31.85 -7.95 -11.70
C LEU B 4 33.15 -8.41 -11.05
N VAL B 5 33.68 -9.55 -11.50
CA VAL B 5 34.92 -10.11 -10.99
C VAL B 5 35.94 -10.17 -12.13
N GLU B 6 37.14 -9.66 -11.88
CA GLU B 6 38.20 -9.61 -12.87
C GLU B 6 39.21 -10.71 -12.56
N SER B 7 39.57 -11.50 -13.58
CA SER B 7 40.53 -12.57 -13.42
C SER B 7 41.63 -12.42 -14.46
N GLY B 8 42.82 -12.87 -14.11
CA GLY B 8 43.96 -12.70 -14.98
C GLY B 8 44.86 -11.58 -14.52
N GLY B 9 45.72 -11.14 -15.43
CA GLY B 9 46.63 -10.05 -15.15
C GLY B 9 47.97 -10.54 -14.64
N GLY B 10 48.73 -9.59 -14.11
CA GLY B 10 50.05 -9.88 -13.58
C GLY B 10 51.14 -9.58 -14.60
N LEU B 11 52.37 -9.81 -14.17
CA LEU B 11 53.54 -9.49 -14.98
C LEU B 11 53.62 -10.43 -16.19
N VAL B 12 53.87 -9.86 -17.37
CA VAL B 12 54.04 -10.62 -18.60
C VAL B 12 55.21 -10.03 -19.39
N GLN B 13 55.78 -10.85 -20.27
CA GLN B 13 56.88 -10.40 -21.09
C GLN B 13 56.37 -9.47 -22.19
N PRO B 14 57.22 -8.62 -22.74
CA PRO B 14 56.79 -7.82 -23.89
C PRO B 14 56.40 -8.73 -25.04
N GLY B 15 55.28 -8.41 -25.67
CA GLY B 15 54.75 -9.27 -26.70
C GLY B 15 53.93 -10.44 -26.20
N GLY B 16 53.77 -10.56 -24.88
CA GLY B 16 53.05 -11.69 -24.32
C GLY B 16 51.56 -11.61 -24.56
N SER B 17 50.92 -12.78 -24.53
CA SER B 17 49.47 -12.90 -24.67
C SER B 17 48.86 -13.21 -23.32
N LEU B 18 47.89 -12.38 -22.90
CA LEU B 18 47.22 -12.53 -21.63
C LEU B 18 45.73 -12.31 -21.81
N ARG B 19 44.92 -13.13 -21.14
CA ARG B 19 43.47 -13.03 -21.23
C ARG B 19 42.88 -12.63 -19.88
N LEU B 20 42.01 -11.62 -19.88
CA LEU B 20 41.29 -11.18 -18.69
C LEU B 20 39.82 -11.58 -18.82
N SER B 21 39.30 -12.25 -17.80
CA SER B 21 37.93 -12.73 -17.79
C SER B 21 37.12 -11.91 -16.78
N CYS B 22 35.99 -11.39 -17.22
CA CYS B 22 35.09 -10.61 -16.39
C CYS B 22 33.85 -11.46 -16.11
N ALA B 23 33.70 -11.89 -14.85
CA ALA B 23 32.53 -12.66 -14.46
C ALA B 23 31.35 -11.75 -14.15
N ALA B 24 30.18 -12.13 -14.64
CA ALA B 24 28.97 -11.35 -14.47
C ALA B 24 27.96 -12.15 -13.66
N SER B 25 27.39 -11.52 -12.63
CA SER B 25 26.37 -12.14 -11.79
C SER B 25 25.19 -11.19 -11.64
N GLY B 26 23.98 -11.74 -11.78
CA GLY B 26 22.77 -10.98 -11.57
C GLY B 26 22.25 -10.21 -12.77
N PHE B 27 22.94 -10.27 -13.91
CA PHE B 27 22.45 -9.63 -15.12
C PHE B 27 22.90 -10.44 -16.34
N THR B 28 22.17 -10.24 -17.44
CA THR B 28 22.49 -10.92 -18.69
C THR B 28 23.59 -10.17 -19.43
N LEU B 29 24.62 -10.90 -19.85
CA LEU B 29 25.76 -10.27 -20.51
C LEU B 29 25.37 -9.64 -21.84
N ASP B 30 24.55 -10.35 -22.63
CA ASP B 30 24.24 -9.89 -23.97
C ASP B 30 23.50 -8.57 -23.96
N ASP B 31 22.52 -8.42 -23.06
CA ASP B 31 21.68 -7.23 -23.06
C ASP B 31 22.48 -5.98 -22.71
N TYR B 32 23.39 -6.08 -21.75
CA TYR B 32 24.13 -4.91 -21.29
C TYR B 32 25.38 -4.70 -22.13
N ALA B 33 25.73 -3.44 -22.33
CA ALA B 33 26.99 -3.11 -23.01
C ALA B 33 28.17 -3.46 -22.12
N ILE B 34 29.21 -4.01 -22.73
CA ILE B 34 30.42 -4.40 -22.01
C ILE B 34 31.58 -3.58 -22.54
N GLY B 35 32.29 -2.93 -21.63
CA GLY B 35 33.45 -2.15 -21.98
C GLY B 35 34.65 -2.47 -21.12
N TRP B 36 35.77 -2.82 -21.74
CA TRP B 36 37.01 -3.01 -21.00
C TRP B 36 37.77 -1.69 -20.99
N PHE B 37 38.06 -1.21 -19.79
CA PHE B 37 38.71 0.09 -19.61
C PHE B 37 40.09 -0.12 -18.99
N ARG B 38 41.04 0.72 -19.39
CA ARG B 38 42.38 0.70 -18.84
C ARG B 38 42.63 1.99 -18.07
N GLN B 39 43.08 1.85 -16.83
CA GLN B 39 43.44 3.00 -16.00
C GLN B 39 44.94 2.98 -15.74
N ALA B 40 45.63 4.00 -16.22
CA ALA B 40 47.03 4.14 -15.88
C ALA B 40 47.15 4.78 -14.50
N PRO B 41 48.25 4.53 -13.78
CA PRO B 41 48.43 5.20 -12.49
C PRO B 41 48.51 6.71 -12.66
N GLY B 42 47.72 7.42 -11.87
CA GLY B 42 47.68 8.87 -11.93
C GLY B 42 46.88 9.43 -13.08
N LYS B 43 46.19 8.57 -13.83
CA LYS B 43 45.42 8.98 -15.00
C LYS B 43 44.03 8.38 -14.92
N GLU B 44 43.07 9.07 -15.55
CA GLU B 44 41.71 8.57 -15.58
C GLU B 44 41.63 7.32 -16.47
N ARG B 45 40.76 6.40 -16.09
CA ARG B 45 40.59 5.17 -16.85
C ARG B 45 39.98 5.46 -18.22
N GLU B 46 40.44 4.72 -19.23
CA GLU B 46 39.93 4.84 -20.58
C GLU B 46 39.61 3.45 -21.13
N GLY B 47 38.56 3.38 -21.94
CA GLY B 47 38.09 2.11 -22.46
C GLY B 47 38.81 1.61 -23.70
N VAL B 48 39.56 0.52 -23.55
CA VAL B 48 40.31 -0.01 -24.70
C VAL B 48 39.35 -0.64 -25.72
N SER B 49 38.33 -1.36 -25.29
CA SER B 49 37.48 -2.08 -26.22
C SER B 49 36.05 -2.13 -25.68
N PHE B 50 35.10 -2.30 -26.60
CA PHE B 50 33.70 -2.28 -26.22
C PHE B 50 32.90 -3.25 -27.08
N ILE B 51 31.85 -3.82 -26.49
CA ILE B 51 30.85 -4.56 -27.23
C ILE B 51 29.76 -3.55 -27.57
N THR B 52 29.80 -3.04 -28.80
CA THR B 52 28.93 -1.93 -29.18
C THR B 52 27.46 -2.34 -29.24
N SER B 53 27.16 -3.57 -29.64
CA SER B 53 25.78 -3.98 -29.87
C SER B 53 25.51 -5.31 -29.20
N SER B 54 24.21 -5.59 -28.99
CA SER B 54 23.80 -6.82 -28.33
C SER B 54 24.19 -8.04 -29.16
N ASP B 55 24.09 -7.95 -30.48
CA ASP B 55 24.39 -9.10 -31.33
C ASP B 55 25.86 -9.48 -31.29
N GLY B 56 26.72 -8.60 -30.80
CA GLY B 56 28.12 -8.93 -30.64
C GLY B 56 29.10 -8.11 -31.45
N SER B 57 28.63 -7.09 -32.16
CA SER B 57 29.54 -6.20 -32.86
C SER B 57 30.45 -5.50 -31.86
N THR B 58 31.73 -5.40 -32.21
CA THR B 58 32.74 -4.87 -31.30
C THR B 58 33.53 -3.75 -31.96
N TYR B 59 33.95 -2.78 -31.15
CA TYR B 59 34.82 -1.70 -31.59
C TYR B 59 36.09 -1.72 -30.75
N TYR B 60 37.21 -1.43 -31.39
CA TYR B 60 38.51 -1.40 -30.72
C TYR B 60 39.13 -0.02 -30.87
N VAL B 61 39.76 0.46 -29.78
CA VAL B 61 40.46 1.73 -29.80
C VAL B 61 41.72 1.61 -30.66
N ASP B 62 42.12 2.74 -31.26
CA ASP B 62 43.25 2.73 -32.19
C ASP B 62 44.50 2.16 -31.54
N SER B 63 44.73 2.47 -30.26
CA SER B 63 45.92 1.98 -29.59
C SER B 63 45.93 0.47 -29.50
N VAL B 64 44.75 -0.13 -29.26
CA VAL B 64 44.63 -1.56 -29.03
C VAL B 64 44.08 -2.30 -30.24
N LYS B 65 44.02 -1.64 -31.40
CA LYS B 65 43.45 -2.25 -32.59
C LYS B 65 44.26 -3.49 -32.96
N GLY B 66 43.57 -4.59 -33.24
CA GLY B 66 44.31 -5.82 -33.53
C GLY B 66 44.91 -6.51 -32.32
N ARG B 67 45.65 -5.76 -31.51
CA ARG B 67 46.30 -6.33 -30.33
C ARG B 67 45.30 -6.84 -29.31
N PHE B 68 44.17 -6.14 -29.15
CA PHE B 68 43.19 -6.48 -28.13
C PHE B 68 41.92 -6.98 -28.82
N THR B 69 41.43 -8.13 -28.39
CA THR B 69 40.18 -8.69 -28.90
C THR B 69 39.28 -9.05 -27.73
N ILE B 70 38.03 -8.59 -27.79
CA ILE B 70 37.06 -8.80 -26.71
C ILE B 70 35.99 -9.77 -27.21
N SER B 71 35.73 -10.81 -26.42
CA SER B 71 34.75 -11.83 -26.76
C SER B 71 33.82 -12.06 -25.59
N ARG B 72 32.52 -12.16 -25.87
CA ARG B 72 31.51 -12.38 -24.86
C ARG B 72 31.00 -13.81 -24.94
N ASP B 73 31.04 -14.52 -23.81
CA ASP B 73 30.48 -15.86 -23.70
C ASP B 73 29.24 -15.81 -22.83
N ASN B 74 28.08 -16.08 -23.44
CA ASN B 74 26.81 -16.01 -22.72
C ASN B 74 26.63 -17.17 -21.76
N ALA B 75 27.14 -18.36 -22.10
CA ALA B 75 26.85 -19.56 -21.32
C ALA B 75 27.29 -19.43 -19.87
N LYS B 76 28.51 -18.94 -19.64
CA LYS B 76 28.97 -18.72 -18.27
C LYS B 76 28.97 -17.25 -17.88
N ASN B 77 28.37 -16.38 -18.71
CA ASN B 77 28.19 -14.97 -18.37
C ASN B 77 29.52 -14.26 -18.11
N THR B 78 30.51 -14.54 -18.97
CA THR B 78 31.84 -13.96 -18.81
C THR B 78 32.34 -13.36 -20.11
N VAL B 79 32.99 -12.20 -20.01
CA VAL B 79 33.59 -11.51 -21.14
C VAL B 79 35.11 -11.63 -21.01
N TYR B 80 35.75 -12.11 -22.07
CA TYR B 80 37.20 -12.29 -22.07
C TYR B 80 37.85 -11.28 -23.00
N LEU B 81 38.83 -10.54 -22.48
CA LEU B 81 39.64 -9.63 -23.28
C LEU B 81 41.02 -10.24 -23.40
N GLN B 82 41.44 -10.50 -24.64
CA GLN B 82 42.74 -11.09 -24.95
C GLN B 82 43.72 -10.00 -25.39
N MET B 83 44.87 -9.92 -24.72
CA MET B 83 45.85 -8.89 -25.04
C MET B 83 47.06 -9.55 -25.67
N ASN B 84 47.48 -9.05 -26.83
CA ASN B 84 48.63 -9.59 -27.52
C ASN B 84 49.59 -8.45 -27.82
N SER B 85 50.87 -8.78 -27.98
CA SER B 85 51.91 -7.78 -28.20
C SER B 85 51.93 -6.75 -27.07
N LEU B 86 51.74 -7.22 -25.84
CA LEU B 86 51.68 -6.33 -24.70
C LEU B 86 52.99 -5.58 -24.51
N THR B 87 52.89 -4.35 -24.01
CA THR B 87 54.00 -3.43 -23.92
C THR B 87 54.01 -2.73 -22.57
N PRO B 88 55.16 -2.19 -22.15
CA PRO B 88 55.19 -1.41 -20.90
C PRO B 88 54.23 -0.23 -20.88
N GLU B 89 54.01 0.41 -22.03
CA GLU B 89 53.00 1.46 -22.09
C GLU B 89 51.61 0.90 -21.83
N ASP B 90 51.35 -0.32 -22.29
CA ASP B 90 50.09 -0.99 -22.03
C ASP B 90 49.89 -1.29 -20.55
N THR B 91 50.97 -1.38 -19.78
CA THR B 91 50.86 -1.74 -18.37
C THR B 91 49.96 -0.75 -17.63
N ALA B 92 48.90 -1.27 -17.04
CA ALA B 92 47.94 -0.50 -16.26
C ALA B 92 46.93 -1.50 -15.71
N ILE B 93 46.03 -1.01 -14.88
CA ILE B 93 44.98 -1.86 -14.31
C ILE B 93 43.76 -1.78 -15.22
N TYR B 94 43.17 -2.93 -15.52
CA TYR B 94 42.07 -3.02 -16.47
C TYR B 94 40.77 -3.31 -15.73
N TYR B 95 39.76 -2.49 -15.98
CA TYR B 95 38.47 -2.62 -15.34
C TYR B 95 37.41 -3.09 -16.35
N CYS B 96 36.59 -4.02 -15.91
CA CYS B 96 35.42 -4.44 -16.68
C CYS B 96 34.25 -3.57 -16.29
N ALA B 97 33.59 -2.97 -17.28
CA ALA B 97 32.51 -2.04 -17.03
C ALA B 97 31.24 -2.50 -17.74
N VAL B 98 30.11 -2.33 -17.07
CA VAL B 98 28.81 -2.70 -17.61
C VAL B 98 28.11 -1.42 -18.06
N GLY B 99 27.83 -1.31 -19.36
CA GLY B 99 27.07 -0.20 -19.85
C GLY B 99 25.58 -0.42 -19.64
N PRO B 100 24.79 0.58 -20.02
CA PRO B 100 23.35 0.42 -19.93
C PRO B 100 22.88 -0.69 -20.84
N SER B 101 21.83 -1.40 -20.39
CA SER B 101 21.34 -2.54 -21.15
C SER B 101 20.74 -2.08 -22.48
N PHE B 102 21.06 -2.81 -23.54
CA PHE B 102 20.62 -2.42 -24.88
C PHE B 102 19.10 -2.43 -24.99
N SER B 103 18.44 -3.43 -24.41
CA SER B 103 16.99 -3.54 -24.53
C SER B 103 16.29 -2.37 -23.84
N TYR B 104 16.69 -2.06 -22.61
CA TYR B 104 16.01 -1.00 -21.87
C TYR B 104 16.24 0.36 -22.51
N THR B 105 17.49 0.64 -22.92
CA THR B 105 17.79 1.95 -23.51
C THR B 105 17.25 2.08 -24.91
N GLY B 106 17.15 0.98 -25.65
CA GLY B 106 16.83 1.06 -27.06
C GLY B 106 18.02 1.37 -27.93
N SER B 107 19.23 1.37 -27.36
CA SER B 107 20.44 1.74 -28.08
C SER B 107 20.98 0.50 -28.79
N THR B 108 20.91 0.51 -30.13
CA THR B 108 21.51 -0.58 -30.88
C THR B 108 23.03 -0.55 -30.79
N TYR B 109 23.62 0.65 -30.89
CA TYR B 109 25.07 0.82 -30.90
C TYR B 109 25.44 1.72 -29.73
N TYR B 110 26.36 1.24 -28.88
CA TYR B 110 26.78 1.99 -27.71
C TYR B 110 28.26 1.75 -27.43
N ARG B 111 29.09 2.76 -27.66
CA ARG B 111 30.50 2.68 -27.29
C ARG B 111 30.90 3.99 -26.61
N SER B 112 31.55 3.88 -25.45
CA SER B 112 31.95 5.08 -24.73
C SER B 112 33.21 4.79 -23.93
N GLU B 113 34.33 5.41 -24.29
CA GLU B 113 35.52 5.29 -23.45
C GLU B 113 35.43 6.14 -22.18
N LEU B 114 34.55 7.12 -22.11
CA LEU B 114 34.48 7.95 -20.91
C LEU B 114 33.90 7.11 -19.79
N PRO B 115 34.55 7.04 -18.63
CA PRO B 115 34.09 6.13 -17.56
C PRO B 115 32.68 6.40 -17.04
N TRP B 116 32.28 7.66 -16.94
CA TRP B 116 30.99 7.97 -16.33
C TRP B 116 29.81 7.40 -17.11
N ASP B 117 29.99 7.15 -18.40
CA ASP B 117 28.88 6.62 -19.21
C ASP B 117 28.44 5.24 -18.73
N TYR B 118 29.38 4.41 -18.30
CA TYR B 118 29.06 3.04 -17.89
C TYR B 118 28.61 3.04 -16.44
N ASP B 119 27.38 2.58 -16.20
CA ASP B 119 26.78 2.66 -14.87
C ASP B 119 27.52 1.79 -13.84
N TYR B 120 27.89 0.57 -14.21
CA TYR B 120 28.44 -0.38 -13.26
C TYR B 120 29.91 -0.65 -13.57
N TRP B 121 30.72 -0.74 -12.51
CA TRP B 121 32.16 -0.86 -12.67
C TRP B 121 32.70 -2.05 -11.88
N GLY B 122 33.54 -2.86 -12.53
CA GLY B 122 34.22 -3.94 -11.85
C GLY B 122 35.43 -3.44 -11.07
N GLN B 123 35.89 -4.27 -10.14
CA GLN B 123 37.04 -3.88 -9.32
C GLN B 123 38.30 -3.71 -10.17
N GLY B 124 38.50 -4.58 -11.13
CA GLY B 124 39.67 -4.48 -12.01
C GLY B 124 40.85 -5.26 -11.49
N THR B 125 41.72 -5.65 -12.43
CA THR B 125 42.95 -6.37 -12.13
C THR B 125 44.14 -5.69 -12.81
N GLN B 126 45.24 -5.60 -12.09
CA GLN B 126 46.44 -4.96 -12.63
C GLN B 126 47.14 -5.88 -13.62
N VAL B 127 47.46 -5.33 -14.79
CA VAL B 127 48.23 -6.03 -15.81
C VAL B 127 49.54 -5.28 -15.97
N THR B 128 50.65 -5.98 -15.80
CA THR B 128 51.97 -5.37 -15.87
C THR B 128 52.77 -6.04 -16.98
N VAL B 129 53.42 -5.22 -17.81
CA VAL B 129 54.28 -5.71 -18.88
C VAL B 129 55.66 -5.10 -18.66
N SER B 130 56.67 -5.96 -18.56
CA SER B 130 58.03 -5.49 -18.34
C SER B 130 59.00 -6.40 -19.06
N SER B 131 60.16 -5.84 -19.41
CA SER B 131 61.19 -6.63 -20.07
C SER B 131 61.67 -7.76 -19.16
N GLY B 132 61.83 -7.48 -17.87
CA GLY B 132 62.22 -8.53 -16.93
C GLY B 132 61.16 -9.61 -16.81
N GLY B 133 59.89 -9.22 -16.85
CA GLY B 133 58.79 -10.16 -16.76
C GLY B 133 58.60 -10.98 -18.03
N GLN C 1 -22.77 5.51 7.94
CA GLN C 1 -23.68 6.52 7.42
C GLN C 1 -24.53 7.10 8.53
N VAL C 2 -25.10 8.29 8.27
CA VAL C 2 -25.98 8.96 9.21
C VAL C 2 -27.39 8.94 8.65
N GLN C 3 -28.36 8.53 9.48
CA GLN C 3 -29.76 8.51 9.10
C GLN C 3 -30.57 9.25 10.14
N LEU C 4 -31.43 10.17 9.69
CA LEU C 4 -32.34 10.89 10.57
C LEU C 4 -33.77 10.60 10.13
N VAL C 5 -34.61 10.20 11.08
CA VAL C 5 -36.01 9.89 10.81
C VAL C 5 -36.88 10.84 11.61
N GLU C 6 -37.86 11.45 10.95
CA GLU C 6 -38.73 12.43 11.55
C GLU C 6 -40.09 11.80 11.84
N SER C 7 -40.58 12.00 13.06
CA SER C 7 -41.87 11.46 13.48
C SER C 7 -42.70 12.60 14.05
N GLY C 8 -44.02 12.47 13.90
CA GLY C 8 -44.93 13.50 14.32
C GLY C 8 -45.43 14.33 13.16
N GLY C 9 -45.97 15.49 13.50
CA GLY C 9 -46.48 16.39 12.50
C GLY C 9 -47.95 16.18 12.24
N GLY C 10 -48.41 16.78 11.14
CA GLY C 10 -49.80 16.69 10.74
C GLY C 10 -50.61 17.88 11.21
N LEU C 11 -51.88 17.86 10.85
CA LEU C 11 -52.76 18.97 11.15
C LEU C 11 -53.02 19.06 12.65
N VAL C 12 -52.93 20.26 13.21
CA VAL C 12 -53.21 20.52 14.61
C VAL C 12 -54.00 21.82 14.73
N GLN C 13 -54.72 21.95 15.85
CA GLN C 13 -55.50 23.15 16.10
C GLN C 13 -54.59 24.30 16.48
N PRO C 14 -55.04 25.55 16.31
CA PRO C 14 -54.24 26.68 16.79
C PRO C 14 -54.06 26.60 18.29
N GLY C 15 -52.84 26.84 18.74
CA GLY C 15 -52.51 26.68 20.14
C GLY C 15 -52.20 25.26 20.56
N GLY C 16 -52.23 24.32 19.61
CA GLY C 16 -51.99 22.93 19.94
C GLY C 16 -50.55 22.64 20.27
N SER C 17 -50.35 21.57 21.02
CA SER C 17 -49.02 21.09 21.38
C SER C 17 -48.69 19.84 20.57
N LEU C 18 -47.57 19.88 19.87
CA LEU C 18 -47.14 18.76 19.03
C LEU C 18 -45.64 18.54 19.23
N ARG C 19 -45.24 17.27 19.30
CA ARG C 19 -43.84 16.90 19.49
C ARG C 19 -43.32 16.16 18.27
N LEU C 20 -42.15 16.59 17.78
CA LEU C 20 -41.48 15.94 16.66
C LEU C 20 -40.23 15.24 17.18
N SER C 21 -40.09 13.95 16.85
CA SER C 21 -38.97 13.15 17.32
C SER C 21 -38.06 12.85 16.13
N CYS C 22 -36.78 13.12 16.31
CA CYS C 22 -35.76 12.87 15.30
C CYS C 22 -34.92 11.67 15.75
N ALA C 23 -35.07 10.55 15.05
CA ALA C 23 -34.28 9.37 15.35
C ALA C 23 -32.90 9.45 14.70
N ALA C 24 -31.88 9.08 15.47
CA ALA C 24 -30.49 9.13 15.01
C ALA C 24 -29.91 7.72 15.00
N SER C 25 -29.27 7.36 13.88
CA SER C 25 -28.62 6.07 13.73
C SER C 25 -27.22 6.28 13.19
N GLY C 26 -26.25 5.57 13.78
CA GLY C 26 -24.88 5.59 13.30
C GLY C 26 -24.01 6.70 13.85
N PHE C 27 -24.55 7.58 14.70
CA PHE C 27 -23.75 8.62 15.32
C PHE C 27 -24.31 8.93 16.69
N THR C 28 -23.45 9.50 17.54
CA THR C 28 -23.85 9.87 18.90
C THR C 28 -24.54 11.23 18.88
N LEU C 29 -25.71 11.30 19.52
CA LEU C 29 -26.48 12.53 19.51
C LEU C 29 -25.75 13.66 20.23
N ASP C 30 -25.15 13.36 21.38
CA ASP C 30 -24.54 14.39 22.20
C ASP C 30 -23.39 15.08 21.48
N ASP C 31 -22.53 14.32 20.81
CA ASP C 31 -21.34 14.90 20.20
C ASP C 31 -21.70 15.85 19.06
N TYR C 32 -22.68 15.50 18.25
CA TYR C 32 -23.03 16.31 17.09
C TYR C 32 -24.03 17.39 17.47
N ALA C 33 -23.91 18.54 16.81
CA ALA C 33 -24.89 19.60 16.98
C ALA C 33 -26.22 19.21 16.35
N ILE C 34 -27.31 19.54 17.03
CA ILE C 34 -28.65 19.23 16.55
C ILE C 34 -29.40 20.53 16.31
N GLY C 35 -29.94 20.67 15.10
CA GLY C 35 -30.73 21.84 14.77
C GLY C 35 -32.05 21.46 14.13
N TRP C 36 -33.15 21.97 14.68
CA TRP C 36 -34.46 21.80 14.06
C TRP C 36 -34.73 22.99 13.17
N PHE C 37 -34.97 22.71 11.88
CA PHE C 37 -35.17 23.75 10.89
C PHE C 37 -36.59 23.68 10.35
N ARG C 38 -37.16 24.84 10.05
CA ARG C 38 -38.48 24.93 9.47
C ARG C 38 -38.37 25.48 8.05
N GLN C 39 -38.97 24.77 7.09
CA GLN C 39 -39.02 25.23 5.72
C GLN C 39 -40.45 25.54 5.31
N ALA C 40 -40.70 26.81 4.99
CA ALA C 40 -42.00 27.17 4.44
C ALA C 40 -42.04 26.83 2.96
N PRO C 41 -43.23 26.61 2.41
CA PRO C 41 -43.33 26.34 0.96
C PRO C 41 -42.85 27.54 0.16
N GLY C 42 -41.96 27.29 -0.79
CA GLY C 42 -41.41 28.34 -1.61
C GLY C 42 -40.37 29.19 -0.91
N LYS C 43 -39.93 28.80 0.28
CA LYS C 43 -38.95 29.56 1.04
C LYS C 43 -37.84 28.63 1.51
N GLU C 44 -36.65 29.19 1.70
CA GLU C 44 -35.54 28.40 2.21
C GLU C 44 -35.80 28.01 3.67
N ARG C 45 -35.33 26.82 4.03
CA ARG C 45 -35.51 26.34 5.40
C ARG C 45 -34.68 27.18 6.38
N GLU C 46 -35.26 27.41 7.56
CA GLU C 46 -34.59 28.16 8.62
C GLU C 46 -34.70 27.40 9.93
N GLY C 47 -33.65 27.49 10.75
CA GLY C 47 -33.57 26.74 11.98
C GLY C 47 -34.28 27.38 13.15
N VAL C 48 -35.38 26.77 13.61
CA VAL C 48 -36.12 27.32 14.75
C VAL C 48 -35.33 27.19 16.05
N SER C 49 -34.66 26.06 16.27
CA SER C 49 -34.00 25.83 17.55
C SER C 49 -32.75 25.00 17.33
N PHE C 50 -31.80 25.11 18.27
CA PHE C 50 -30.53 24.44 18.15
C PHE C 50 -30.01 24.00 19.50
N ILE C 51 -29.30 22.88 19.51
CA ILE C 51 -28.54 22.46 20.69
C ILE C 51 -27.14 23.03 20.48
N THR C 52 -26.87 24.16 21.14
CA THR C 52 -25.62 24.89 20.88
C THR C 52 -24.39 24.13 21.35
N SER C 53 -24.49 23.40 22.46
CA SER C 53 -23.32 22.78 23.06
C SER C 53 -23.59 21.31 23.38
N SER C 54 -22.50 20.56 23.55
CA SER C 54 -22.61 19.13 23.83
C SER C 54 -23.31 18.88 25.17
N ASP C 55 -23.04 19.72 26.17
CA ASP C 55 -23.60 19.50 27.49
C ASP C 55 -25.11 19.69 27.50
N GLY C 56 -25.68 20.30 26.46
CA GLY C 56 -27.11 20.44 26.36
C GLY C 56 -27.66 21.85 26.37
N SER C 57 -26.78 22.86 26.39
CA SER C 57 -27.26 24.23 26.28
C SER C 57 -27.98 24.43 24.96
N THR C 58 -29.10 25.14 25.00
CA THR C 58 -29.96 25.30 23.84
C THR C 58 -30.25 26.77 23.58
N TYR C 59 -30.40 27.10 22.29
CA TYR C 59 -30.79 28.43 21.86
C TYR C 59 -32.08 28.33 21.06
N TYR C 60 -32.96 29.30 21.25
CA TYR C 60 -34.24 29.35 20.55
C TYR C 60 -34.35 30.64 19.74
N VAL C 61 -34.89 30.53 18.54
CA VAL C 61 -35.10 31.71 17.71
C VAL C 61 -36.21 32.57 18.32
N ASP C 62 -36.13 33.88 18.08
CA ASP C 62 -37.08 34.80 18.69
C ASP C 62 -38.51 34.43 18.37
N SER C 63 -38.77 33.98 17.14
CA SER C 63 -40.13 33.63 16.75
C SER C 63 -40.66 32.46 17.57
N VAL C 64 -39.80 31.47 17.84
CA VAL C 64 -40.23 30.25 18.52
C VAL C 64 -39.79 30.22 19.99
N LYS C 65 -39.27 31.31 20.52
CA LYS C 65 -38.79 31.30 21.90
C LYS C 65 -39.94 31.00 22.85
N GLY C 66 -39.71 30.11 23.80
CA GLY C 66 -40.78 29.71 24.71
C GLY C 66 -41.75 28.74 24.10
N ARG C 67 -42.28 29.07 22.92
CA ARG C 67 -43.23 28.20 22.24
C ARG C 67 -42.59 26.86 21.88
N PHE C 68 -41.34 26.88 21.46
CA PHE C 68 -40.63 25.69 20.99
C PHE C 68 -39.54 25.33 21.99
N THR C 69 -39.52 24.07 22.41
CA THR C 69 -38.49 23.57 23.31
C THR C 69 -37.89 22.31 22.72
N ILE C 70 -36.55 22.26 22.64
CA ILE C 70 -35.84 21.14 22.04
C ILE C 70 -35.11 20.39 23.15
N SER C 71 -35.30 19.07 23.19
CA SER C 71 -34.69 18.22 24.20
C SER C 71 -34.03 17.02 23.54
N ARG C 72 -32.81 16.71 23.98
CA ARG C 72 -32.05 15.59 23.45
C ARG C 72 -32.06 14.44 24.44
N ASP C 73 -32.45 13.25 23.99
CA ASP C 73 -32.39 12.05 24.82
C ASP C 73 -31.31 11.14 24.25
N ASN C 74 -30.23 10.95 25.04
CA ASN C 74 -29.11 10.14 24.58
C ASN C 74 -29.42 8.65 24.57
N ALA C 75 -30.26 8.18 25.51
CA ALA C 75 -30.46 6.74 25.68
C ALA C 75 -31.00 6.09 24.40
N LYS C 76 -32.01 6.70 23.77
CA LYS C 76 -32.54 6.18 22.53
C LYS C 76 -32.09 6.99 21.31
N ASN C 77 -31.15 7.91 21.49
CA ASN C 77 -30.55 8.66 20.38
C ASN C 77 -31.59 9.45 19.60
N THR C 78 -32.50 10.11 20.29
CA THR C 78 -33.58 10.87 19.66
C THR C 78 -33.68 12.28 20.24
N VAL C 79 -33.91 13.25 19.37
CA VAL C 79 -34.12 14.64 19.76
C VAL C 79 -35.60 14.99 19.54
N TYR C 80 -36.24 15.51 20.58
CA TYR C 80 -37.65 15.87 20.52
C TYR C 80 -37.81 17.38 20.54
N LEU C 81 -38.54 17.91 19.58
CA LEU C 81 -38.91 19.32 19.55
C LEU C 81 -40.40 19.41 19.88
N GLN C 82 -40.72 20.12 20.96
CA GLN C 82 -42.09 20.31 21.42
C GLN C 82 -42.58 21.68 20.96
N MET C 83 -43.71 21.72 20.26
CA MET C 83 -44.25 22.97 19.74
C MET C 83 -45.54 23.30 20.47
N ASN C 84 -45.62 24.51 21.01
CA ASN C 84 -46.81 24.94 21.73
C ASN C 84 -47.26 26.27 21.14
N SER C 85 -48.55 26.56 21.30
CA SER C 85 -49.17 27.76 20.74
C SER C 85 -48.97 27.82 19.22
N LEU C 86 -49.09 26.67 18.56
CA LEU C 86 -48.84 26.59 17.12
C LEU C 86 -49.84 27.46 16.36
N THR C 87 -49.38 27.99 15.23
CA THR C 87 -50.14 28.97 14.45
C THR C 87 -50.06 28.63 12.97
N PRO C 88 -51.00 29.14 12.16
CA PRO C 88 -50.91 28.92 10.70
C PRO C 88 -49.62 29.44 10.09
N GLU C 89 -49.08 30.55 10.59
CA GLU C 89 -47.78 31.00 10.12
C GLU C 89 -46.69 30.00 10.47
N ASP C 90 -46.81 29.34 11.62
CA ASP C 90 -45.87 28.29 12.00
C ASP C 90 -45.94 27.10 11.05
N THR C 91 -47.07 26.90 10.36
CA THR C 91 -47.25 25.75 9.50
C THR C 91 -46.16 25.71 8.42
N ALA C 92 -45.42 24.62 8.40
CA ALA C 92 -44.35 24.36 7.44
C ALA C 92 -43.81 22.97 7.75
N ILE C 93 -42.90 22.52 6.91
CA ILE C 93 -42.26 21.21 7.10
C ILE C 93 -41.00 21.42 7.93
N TYR C 94 -40.80 20.58 8.94
CA TYR C 94 -39.70 20.73 9.88
C TYR C 94 -38.67 19.64 9.65
N TYR C 95 -37.41 20.05 9.48
CA TYR C 95 -36.31 19.14 9.22
C TYR C 95 -35.38 19.06 10.42
N CYS C 96 -34.97 17.85 10.77
CA CYS C 96 -33.94 17.64 11.78
C CYS C 96 -32.59 17.62 11.08
N ALA C 97 -31.65 18.42 11.57
CA ALA C 97 -30.35 18.57 10.94
C ALA C 97 -29.24 18.25 11.94
N VAL C 98 -28.21 17.59 11.44
CA VAL C 98 -27.04 17.23 12.25
C VAL C 98 -25.91 18.18 11.91
N GLY C 99 -25.47 18.95 12.89
CA GLY C 99 -24.32 19.80 12.72
C GLY C 99 -23.04 19.03 12.88
N PRO C 100 -21.92 19.72 12.69
CA PRO C 100 -20.62 19.07 12.89
C PRO C 100 -20.47 18.66 14.35
N SER C 101 -19.78 17.54 14.57
CA SER C 101 -19.64 17.01 15.92
C SER C 101 -18.78 17.95 16.76
N PHE C 102 -19.23 18.18 17.99
CA PHE C 102 -18.53 19.13 18.87
C PHE C 102 -17.10 18.69 19.15
N SER C 103 -16.88 17.40 19.41
CA SER C 103 -15.55 16.93 19.76
C SER C 103 -14.57 17.10 18.61
N TYR C 104 -14.97 16.70 17.40
CA TYR C 104 -14.05 16.78 16.27
C TYR C 104 -13.74 18.23 15.91
N THR C 105 -14.76 19.08 15.88
CA THR C 105 -14.54 20.48 15.50
C THR C 105 -13.84 21.26 16.60
N GLY C 106 -14.05 20.89 17.86
CA GLY C 106 -13.58 21.70 18.96
C GLY C 106 -14.49 22.85 19.28
N SER C 107 -15.67 22.90 18.68
CA SER C 107 -16.61 24.00 18.87
C SER C 107 -17.46 23.72 20.11
N THR C 108 -17.25 24.51 21.16
CA THR C 108 -18.08 24.39 22.35
C THR C 108 -19.51 24.87 22.06
N TYR C 109 -19.64 25.98 21.34
CA TYR C 109 -20.93 26.60 21.06
C TYR C 109 -21.12 26.65 19.55
N TYR C 110 -22.23 26.10 19.06
CA TYR C 110 -22.50 26.06 17.62
C TYR C 110 -23.99 26.23 17.36
N ARG C 111 -24.38 27.38 16.82
CA ARG C 111 -25.76 27.60 16.38
C ARG C 111 -25.72 28.26 15.01
N SER C 112 -26.50 27.72 14.07
CA SER C 112 -26.51 28.24 12.71
C SER C 112 -27.89 28.07 12.10
N GLU C 113 -28.56 29.18 11.80
CA GLU C 113 -29.83 29.11 11.10
C GLU C 113 -29.66 28.76 9.62
N LEU C 114 -28.48 28.98 9.06
CA LEU C 114 -28.27 28.73 7.65
C LEU C 114 -28.21 27.24 7.38
N PRO C 115 -28.99 26.73 6.42
CA PRO C 115 -29.02 25.26 6.21
C PRO C 115 -27.68 24.67 5.81
N TRP C 116 -26.89 25.39 5.01
CA TRP C 116 -25.64 24.85 4.49
C TRP C 116 -24.64 24.55 5.58
N ASP C 117 -24.74 25.20 6.73
CA ASP C 117 -23.77 24.97 7.80
C ASP C 117 -23.85 23.53 8.29
N TYR C 118 -25.06 22.97 8.39
CA TYR C 118 -25.23 21.61 8.89
C TYR C 118 -25.04 20.67 7.71
N ASP C 119 -24.02 19.81 7.78
CA ASP C 119 -23.73 18.95 6.63
C ASP C 119 -24.82 17.89 6.40
N TYR C 120 -25.39 17.28 7.44
CA TYR C 120 -26.33 16.17 7.25
C TYR C 120 -27.74 16.64 7.56
N TRP C 121 -28.69 16.20 6.74
CA TRP C 121 -30.06 16.67 6.80
C TRP C 121 -31.06 15.52 6.86
N GLY C 122 -32.01 15.61 7.79
CA GLY C 122 -33.09 14.64 7.83
C GLY C 122 -34.16 14.95 6.80
N GLN C 123 -34.99 13.94 6.51
CA GLN C 123 -36.02 14.12 5.49
C GLN C 123 -37.04 15.18 5.91
N GLY C 124 -37.43 15.18 7.18
CA GLY C 124 -38.38 16.17 7.64
C GLY C 124 -39.82 15.70 7.55
N THR C 125 -40.67 16.27 8.40
CA THR C 125 -42.09 15.98 8.41
C THR C 125 -42.88 17.29 8.37
N GLN C 126 -43.94 17.31 7.59
CA GLN C 126 -44.75 18.51 7.45
C GLN C 126 -45.65 18.68 8.68
N VAL C 127 -45.64 19.88 9.24
CA VAL C 127 -46.51 20.23 10.36
C VAL C 127 -47.46 21.31 9.89
N THR C 128 -48.76 21.07 10.03
CA THR C 128 -49.79 21.99 9.57
C THR C 128 -50.64 22.44 10.75
N VAL C 129 -50.88 23.74 10.83
CA VAL C 129 -51.73 24.33 11.86
C VAL C 129 -52.84 25.10 11.15
N SER C 130 -54.09 24.76 11.46
CA SER C 130 -55.22 25.42 10.83
C SER C 130 -56.36 25.52 11.83
N SER C 131 -57.22 26.52 11.62
CA SER C 131 -58.39 26.68 12.47
C SER C 131 -59.32 25.48 12.36
N GLY C 132 -59.50 24.96 11.15
CA GLY C 132 -60.29 23.75 10.98
C GLY C 132 -59.71 22.56 11.71
N GLY C 133 -58.38 22.45 11.73
CA GLY C 133 -57.72 21.32 12.35
C GLY C 133 -57.64 21.47 13.86
N GLN D 1 -9.41 19.29 -11.57
CA GLN D 1 -10.58 20.09 -11.23
C GLN D 1 -11.14 20.83 -12.45
N VAL D 2 -12.39 21.24 -12.34
CA VAL D 2 -13.06 22.01 -13.39
C VAL D 2 -13.29 23.42 -12.86
N GLN D 3 -12.91 24.42 -13.65
CA GLN D 3 -13.12 25.80 -13.25
C GLN D 3 -13.79 26.50 -14.44
N LEU D 4 -14.86 27.24 -14.18
CA LEU D 4 -15.56 27.98 -15.22
C LEU D 4 -15.51 29.49 -14.96
N VAL D 5 -15.13 30.26 -15.98
CA VAL D 5 -15.03 31.71 -15.87
C VAL D 5 -16.03 32.34 -16.84
N GLU D 6 -16.82 33.28 -16.34
CA GLU D 6 -17.84 33.96 -17.11
C GLU D 6 -17.34 35.35 -17.47
N SER D 7 -17.46 35.72 -18.75
CA SER D 7 -17.02 37.02 -19.22
C SER D 7 -18.17 37.67 -19.98
N GLY D 8 -18.21 39.00 -19.92
CA GLY D 8 -19.29 39.74 -20.51
C GLY D 8 -20.29 40.22 -19.49
N GLY D 9 -21.46 40.59 -19.99
CA GLY D 9 -22.52 41.06 -19.13
C GLY D 9 -22.53 42.56 -18.98
N GLY D 10 -23.29 43.02 -17.99
CA GLY D 10 -23.40 44.43 -17.71
C GLY D 10 -24.63 45.04 -18.37
N LEU D 11 -24.80 46.33 -18.11
CA LEU D 11 -25.98 47.04 -18.60
C LEU D 11 -25.94 47.18 -20.12
N VAL D 12 -27.08 46.89 -20.76
CA VAL D 12 -27.23 47.03 -22.21
C VAL D 12 -28.59 47.64 -22.50
N GLN D 13 -28.71 48.24 -23.69
CA GLN D 13 -29.96 48.84 -24.10
C GLN D 13 -30.96 47.76 -24.46
N PRO D 14 -32.26 48.05 -24.42
CA PRO D 14 -33.24 47.08 -24.91
C PRO D 14 -32.98 46.79 -26.37
N GLY D 15 -33.02 45.51 -26.73
CA GLY D 15 -32.68 45.10 -28.08
C GLY D 15 -31.20 44.96 -28.34
N GLY D 16 -30.37 45.18 -27.33
CA GLY D 16 -28.93 45.11 -27.51
C GLY D 16 -28.44 43.70 -27.70
N SER D 17 -27.28 43.57 -28.33
CA SER D 17 -26.63 42.29 -28.53
C SER D 17 -25.42 42.19 -27.59
N LEU D 18 -25.39 41.12 -26.80
CA LEU D 18 -24.32 40.89 -25.84
C LEU D 18 -23.91 39.42 -25.87
N ARG D 19 -22.60 39.18 -25.80
CA ARG D 19 -22.05 37.83 -25.83
C ARG D 19 -21.38 37.49 -24.51
N LEU D 20 -21.71 36.33 -23.95
CA LEU D 20 -21.10 35.83 -22.73
C LEU D 20 -20.21 34.63 -23.07
N SER D 21 -18.96 34.69 -22.63
CA SER D 21 -17.98 33.65 -22.90
C SER D 21 -17.70 32.88 -21.63
N CYS D 22 -17.79 31.55 -21.70
CA CYS D 22 -17.51 30.67 -20.59
C CYS D 22 -16.18 29.97 -20.86
N ALA D 23 -15.16 30.32 -20.08
CA ALA D 23 -13.86 29.68 -20.21
C ALA D 23 -13.84 28.36 -19.46
N ALA D 24 -13.25 27.35 -20.09
CA ALA D 24 -13.18 26.00 -19.53
C ALA D 24 -11.74 25.61 -19.30
N SER D 25 -11.43 25.11 -18.11
CA SER D 25 -10.10 24.64 -17.76
C SER D 25 -10.17 23.27 -17.12
N GLY D 26 -9.30 22.37 -17.54
CA GLY D 26 -9.21 21.05 -16.94
C GLY D 26 -10.13 20.00 -17.52
N PHE D 27 -10.96 20.35 -18.49
CA PHE D 27 -11.83 19.37 -19.13
C PHE D 27 -12.06 19.76 -20.58
N THR D 28 -12.43 18.78 -21.39
CA THR D 28 -12.70 19.02 -22.80
C THR D 28 -14.13 19.52 -22.97
N LEU D 29 -14.28 20.62 -23.72
CA LEU D 29 -15.58 21.23 -23.89
C LEU D 29 -16.55 20.32 -24.64
N ASP D 30 -16.06 19.67 -25.70
CA ASP D 30 -16.95 18.88 -26.56
C ASP D 30 -17.57 17.71 -25.81
N ASP D 31 -16.77 17.00 -25.00
CA ASP D 31 -17.27 15.79 -24.35
C ASP D 31 -18.37 16.11 -23.35
N TYR D 32 -18.23 17.19 -22.59
CA TYR D 32 -19.19 17.52 -21.55
C TYR D 32 -20.35 18.32 -22.11
N ALA D 33 -21.53 18.11 -21.53
CA ALA D 33 -22.69 18.90 -21.89
C ALA D 33 -22.52 20.33 -21.38
N ILE D 34 -22.94 21.30 -22.19
CA ILE D 34 -22.81 22.70 -21.86
C ILE D 34 -24.20 23.29 -21.71
N GLY D 35 -24.47 23.92 -20.57
CA GLY D 35 -25.75 24.57 -20.37
C GLY D 35 -25.60 25.98 -19.86
N TRP D 36 -26.21 26.95 -20.54
CA TRP D 36 -26.27 28.32 -20.05
C TRP D 36 -27.56 28.49 -19.28
N PHE D 37 -27.43 28.88 -18.01
CA PHE D 37 -28.58 29.01 -17.13
C PHE D 37 -28.75 30.47 -16.72
N ARG D 38 -29.99 30.90 -16.57
CA ARG D 38 -30.31 32.24 -16.12
C ARG D 38 -30.97 32.16 -14.76
N GLN D 39 -30.45 32.93 -13.80
CA GLN D 39 -31.04 33.04 -12.47
C GLN D 39 -31.57 34.44 -12.27
N ALA D 40 -32.88 34.56 -12.08
CA ALA D 40 -33.42 35.85 -11.72
C ALA D 40 -33.24 36.07 -10.22
N PRO D 41 -33.18 37.33 -9.78
CA PRO D 41 -33.09 37.58 -8.34
C PRO D 41 -34.34 37.06 -7.64
N GLY D 42 -34.12 36.31 -6.56
CA GLY D 42 -35.22 35.71 -5.82
C GLY D 42 -35.83 34.49 -6.47
N LYS D 43 -35.25 33.99 -7.56
CA LYS D 43 -35.78 32.86 -8.29
C LYS D 43 -34.67 31.85 -8.54
N GLU D 44 -35.06 30.58 -8.66
CA GLU D 44 -34.10 29.54 -8.97
C GLU D 44 -33.62 29.70 -10.41
N ARG D 45 -32.34 29.36 -10.63
CA ARG D 45 -31.76 29.46 -11.96
C ARG D 45 -32.40 28.46 -12.92
N GLU D 46 -32.59 28.89 -14.17
CA GLU D 46 -33.13 28.04 -15.21
C GLU D 46 -32.25 28.15 -16.45
N GLY D 47 -32.13 27.04 -17.18
CA GLY D 47 -31.25 26.96 -18.32
C GLY D 47 -31.84 27.49 -19.61
N VAL D 48 -31.33 28.62 -20.11
CA VAL D 48 -31.85 29.20 -21.33
C VAL D 48 -31.49 28.35 -22.55
N SER D 49 -30.27 27.82 -22.61
CA SER D 49 -29.85 27.09 -23.80
C SER D 49 -28.88 25.98 -23.42
N PHE D 50 -28.78 24.97 -24.28
CA PHE D 50 -27.98 23.80 -23.99
C PHE D 50 -27.34 23.25 -25.26
N ILE D 51 -26.15 22.69 -25.10
CA ILE D 51 -25.52 21.90 -26.15
C ILE D 51 -25.94 20.46 -25.87
N THR D 52 -26.96 20.00 -26.59
CA THR D 52 -27.56 18.70 -26.29
C THR D 52 -26.63 17.53 -26.59
N SER D 53 -25.80 17.65 -27.62
CA SER D 53 -24.98 16.52 -28.06
C SER D 53 -23.54 16.95 -28.26
N SER D 54 -22.66 15.94 -28.26
CA SER D 54 -21.23 16.21 -28.43
C SER D 54 -20.92 16.82 -29.78
N ASP D 55 -21.62 16.38 -30.84
CA ASP D 55 -21.34 16.87 -32.17
C ASP D 55 -21.71 18.34 -32.33
N GLY D 56 -22.50 18.89 -31.41
CA GLY D 56 -22.82 20.31 -31.45
C GLY D 56 -24.29 20.66 -31.63
N SER D 57 -25.17 19.67 -31.66
CA SER D 57 -26.60 19.96 -31.73
C SER D 57 -27.01 20.75 -30.49
N THR D 58 -27.84 21.77 -30.70
CA THR D 58 -28.23 22.68 -29.63
C THR D 58 -29.74 22.80 -29.54
N TYR D 59 -30.22 23.01 -28.32
CA TYR D 59 -31.62 23.26 -28.04
C TYR D 59 -31.76 24.62 -27.35
N TYR D 60 -32.81 25.34 -27.70
CA TYR D 60 -33.07 26.65 -27.12
C TYR D 60 -34.44 26.65 -26.45
N VAL D 61 -34.52 27.30 -25.29
CA VAL D 61 -35.79 27.43 -24.59
C VAL D 61 -36.70 28.38 -25.35
N ASP D 62 -38.01 28.16 -25.23
CA ASP D 62 -38.98 28.95 -25.99
C ASP D 62 -38.81 30.45 -25.74
N SER D 63 -38.52 30.83 -24.48
CA SER D 63 -38.37 32.25 -24.16
C SER D 63 -37.20 32.86 -24.92
N VAL D 64 -36.11 32.11 -25.04
CA VAL D 64 -34.87 32.60 -25.65
C VAL D 64 -34.70 32.06 -27.07
N LYS D 65 -35.75 31.46 -27.64
CA LYS D 65 -35.67 30.85 -28.95
C LYS D 65 -35.32 31.93 -29.97
N GLY D 66 -34.36 31.65 -30.83
CA GLY D 66 -33.97 32.68 -31.80
C GLY D 66 -33.12 33.80 -31.22
N ARG D 67 -33.58 34.41 -30.13
CA ARG D 67 -32.87 35.52 -29.49
C ARG D 67 -31.51 35.09 -28.97
N PHE D 68 -31.41 33.87 -28.43
CA PHE D 68 -30.18 33.40 -27.80
C PHE D 68 -29.59 32.27 -28.65
N THR D 69 -28.30 32.38 -28.98
CA THR D 69 -27.59 31.36 -29.73
C THR D 69 -26.33 30.98 -28.98
N ILE D 70 -26.12 29.68 -28.78
CA ILE D 70 -24.99 29.16 -28.03
C ILE D 70 -24.05 28.45 -29.01
N SER D 71 -22.76 28.80 -28.95
CA SER D 71 -21.76 28.22 -29.82
C SER D 71 -20.56 27.77 -29.01
N ARG D 72 -20.06 26.57 -29.30
CA ARG D 72 -18.92 26.01 -28.60
C ARG D 72 -17.70 26.02 -29.51
N ASP D 73 -16.60 26.59 -29.03
CA ASP D 73 -15.33 26.56 -29.75
C ASP D 73 -14.38 25.66 -28.96
N ASN D 74 -14.00 24.52 -29.54
CA ASN D 74 -13.13 23.58 -28.83
C ASN D 74 -11.69 24.09 -28.77
N ALA D 75 -11.26 24.74 -29.85
CA ALA D 75 -9.86 25.16 -29.99
C ALA D 75 -9.48 26.12 -28.88
N LYS D 76 -10.37 27.05 -28.58
CA LYS D 76 -10.18 28.10 -27.60
C LYS D 76 -10.88 27.76 -26.28
N ASN D 77 -11.48 26.56 -26.21
CA ASN D 77 -12.09 25.98 -25.01
C ASN D 77 -13.10 26.91 -24.35
N THR D 78 -13.90 27.60 -25.17
CA THR D 78 -14.86 28.56 -24.66
C THR D 78 -16.22 28.38 -25.33
N VAL D 79 -17.27 28.53 -24.54
CA VAL D 79 -18.64 28.49 -25.04
C VAL D 79 -19.19 29.90 -24.98
N TYR D 80 -19.70 30.40 -26.12
CA TYR D 80 -20.23 31.75 -26.20
C TYR D 80 -21.73 31.71 -26.37
N LEU D 81 -22.44 32.45 -25.51
CA LEU D 81 -23.88 32.64 -25.65
C LEU D 81 -24.10 34.07 -26.11
N GLN D 82 -24.73 34.22 -27.28
CA GLN D 82 -25.02 35.51 -27.87
C GLN D 82 -26.47 35.87 -27.59
N MET D 83 -26.70 37.03 -27.01
CA MET D 83 -28.05 37.45 -26.65
C MET D 83 -28.45 38.62 -27.53
N ASN D 84 -29.60 38.52 -28.18
CA ASN D 84 -30.08 39.57 -29.05
C ASN D 84 -31.51 39.91 -28.62
N SER D 85 -31.92 41.14 -28.92
CA SER D 85 -33.24 41.64 -28.53
C SER D 85 -33.41 41.55 -27.00
N LEU D 86 -32.34 41.87 -26.27
CA LEU D 86 -32.38 41.76 -24.82
C LEU D 86 -33.43 42.68 -24.23
N THR D 87 -34.02 42.24 -23.12
CA THR D 87 -35.16 42.93 -22.52
C THR D 87 -35.00 42.99 -21.01
N PRO D 88 -35.72 43.91 -20.35
CA PRO D 88 -35.68 43.95 -18.87
C PRO D 88 -36.09 42.64 -18.22
N GLU D 89 -37.05 41.91 -18.80
CA GLU D 89 -37.38 40.59 -18.26
C GLU D 89 -36.20 39.65 -18.37
N ASP D 90 -35.41 39.78 -19.44
CA ASP D 90 -34.20 38.98 -19.61
C ASP D 90 -33.15 39.29 -18.55
N THR D 91 -33.19 40.48 -17.96
CA THR D 91 -32.16 40.87 -17.01
C THR D 91 -32.10 39.88 -15.86
N ALA D 92 -30.94 39.27 -15.67
CA ALA D 92 -30.66 38.32 -14.60
C ALA D 92 -29.20 37.93 -14.74
N ILE D 93 -28.71 37.15 -13.78
CA ILE D 93 -27.34 36.68 -13.80
C ILE D 93 -27.31 35.34 -14.52
N TYR D 94 -26.35 35.17 -15.43
CA TYR D 94 -26.26 33.99 -16.27
C TYR D 94 -25.08 33.13 -15.85
N TYR D 95 -25.35 31.84 -15.61
CA TYR D 95 -24.34 30.90 -15.17
C TYR D 95 -24.03 29.90 -16.27
N CYS D 96 -22.74 29.63 -16.47
CA CYS D 96 -22.31 28.56 -17.36
C CYS D 96 -22.20 27.27 -16.55
N ALA D 97 -22.83 26.21 -17.03
CA ALA D 97 -22.89 24.96 -16.31
C ALA D 97 -22.34 23.82 -17.16
N VAL D 98 -21.60 22.92 -16.53
CA VAL D 98 -21.04 21.76 -17.19
C VAL D 98 -21.87 20.54 -16.83
N GLY D 99 -22.50 19.92 -17.83
CA GLY D 99 -23.21 18.69 -17.61
C GLY D 99 -22.26 17.52 -17.59
N PRO D 100 -22.83 16.33 -17.35
CA PRO D 100 -22.00 15.12 -17.39
C PRO D 100 -21.44 14.91 -18.78
N SER D 101 -20.23 14.36 -18.84
CA SER D 101 -19.55 14.16 -20.12
C SER D 101 -20.30 13.13 -20.94
N PHE D 102 -20.46 13.43 -22.24
CA PHE D 102 -21.23 12.56 -23.11
C PHE D 102 -20.61 11.17 -23.24
N SER D 103 -19.28 11.10 -23.37
CA SER D 103 -18.63 9.80 -23.56
C SER D 103 -18.80 8.92 -22.33
N TYR D 104 -18.54 9.46 -21.14
CA TYR D 104 -18.62 8.65 -19.93
C TYR D 104 -20.05 8.19 -19.66
N THR D 105 -21.01 9.09 -19.81
CA THR D 105 -22.40 8.72 -19.54
C THR D 105 -22.96 7.83 -20.64
N GLY D 106 -22.47 7.99 -21.87
CA GLY D 106 -23.08 7.34 -23.00
C GLY D 106 -24.29 8.08 -23.52
N SER D 107 -24.53 9.30 -23.03
CA SER D 107 -25.69 10.08 -23.40
C SER D 107 -25.40 10.85 -24.67
N THR D 108 -26.05 10.46 -25.76
CA THR D 108 -25.92 11.22 -27.00
C THR D 108 -26.61 12.57 -26.88
N TYR D 109 -27.80 12.60 -26.29
CA TYR D 109 -28.61 13.82 -26.18
C TYR D 109 -28.85 14.10 -24.71
N TYR D 110 -28.51 15.31 -24.27
CA TYR D 110 -28.66 15.68 -22.86
C TYR D 110 -29.04 17.15 -22.76
N ARG D 111 -30.28 17.44 -22.37
CA ARG D 111 -30.68 18.81 -22.09
C ARG D 111 -31.47 18.86 -20.80
N SER D 112 -31.09 19.75 -19.89
CA SER D 112 -31.79 19.86 -18.61
C SER D 112 -31.70 21.28 -18.09
N GLU D 113 -32.82 22.00 -18.04
CA GLU D 113 -32.82 23.30 -17.39
C GLU D 113 -32.78 23.21 -15.86
N LEU D 114 -33.11 22.06 -15.27
CA LEU D 114 -33.10 21.99 -13.82
C LEU D 114 -31.65 22.05 -13.36
N PRO D 115 -31.30 22.93 -12.42
CA PRO D 115 -29.88 23.13 -12.05
C PRO D 115 -29.18 21.91 -11.51
N TRP D 116 -29.87 21.07 -10.72
CA TRP D 116 -29.20 19.96 -10.06
C TRP D 116 -28.65 18.94 -11.05
N ASP D 117 -29.20 18.89 -12.26
CA ASP D 117 -28.72 17.91 -13.24
C ASP D 117 -27.26 18.16 -13.61
N TYR D 118 -26.85 19.42 -13.72
CA TYR D 118 -25.50 19.75 -14.15
C TYR D 118 -24.55 19.70 -12.96
N ASP D 119 -23.53 18.85 -13.04
CA ASP D 119 -22.63 18.62 -11.91
C ASP D 119 -21.82 19.86 -11.54
N TYR D 120 -21.27 20.56 -12.54
CA TYR D 120 -20.35 21.66 -12.28
C TYR D 120 -20.98 22.99 -12.67
N TRP D 121 -20.74 24.01 -11.85
CA TRP D 121 -21.38 25.30 -12.02
C TRP D 121 -20.35 26.43 -12.04
N GLY D 122 -20.48 27.32 -13.02
CA GLY D 122 -19.65 28.51 -13.05
C GLY D 122 -20.17 29.59 -12.13
N GLN D 123 -19.30 30.56 -11.82
CA GLN D 123 -19.70 31.65 -10.92
C GLN D 123 -20.83 32.47 -11.51
N GLY D 124 -20.77 32.76 -12.81
CA GLY D 124 -21.82 33.52 -13.46
C GLY D 124 -21.52 35.01 -13.47
N THR D 125 -22.11 35.69 -14.46
CA THR D 125 -22.00 37.14 -14.60
C THR D 125 -23.38 37.76 -14.77
N GLN D 126 -23.59 38.88 -14.11
CA GLN D 126 -24.86 39.59 -14.17
C GLN D 126 -25.02 40.31 -15.50
N VAL D 127 -26.16 40.10 -16.15
CA VAL D 127 -26.52 40.80 -17.37
C VAL D 127 -27.75 41.64 -17.06
N THR D 128 -27.65 42.94 -17.30
CA THR D 128 -28.73 43.87 -17.00
C THR D 128 -29.19 44.55 -18.29
N VAL D 129 -30.49 44.62 -18.50
CA VAL D 129 -31.07 45.31 -19.64
C VAL D 129 -32.04 46.35 -19.11
N SER D 130 -31.82 47.61 -19.48
CA SER D 130 -32.67 48.69 -19.03
C SER D 130 -32.81 49.72 -20.12
N SER D 131 -33.93 50.46 -20.08
CA SER D 131 -34.15 51.53 -21.07
C SER D 131 -33.07 52.60 -20.96
N GLY D 132 -32.69 52.96 -19.73
CA GLY D 132 -31.62 53.93 -19.55
C GLY D 132 -30.30 53.42 -20.08
N GLY D 133 -30.02 52.13 -19.91
CA GLY D 133 -28.79 51.53 -20.38
C GLY D 133 -28.76 51.36 -21.89
N GLN E 1 8.80 -19.63 11.31
CA GLN E 1 8.21 -20.96 11.45
C GLN E 1 8.77 -21.67 12.68
N VAL E 2 8.06 -22.71 13.11
CA VAL E 2 8.47 -23.52 14.25
C VAL E 2 8.86 -24.91 13.73
N GLN E 3 10.02 -25.39 14.16
CA GLN E 3 10.50 -26.72 13.80
C GLN E 3 10.88 -27.48 15.06
N LEU E 4 10.38 -28.70 15.18
CA LEU E 4 10.72 -29.58 16.29
C LEU E 4 11.38 -30.83 15.73
N VAL E 5 12.55 -31.17 16.27
CA VAL E 5 13.29 -32.34 15.83
C VAL E 5 13.46 -33.29 17.01
N GLU E 6 13.14 -34.56 16.79
CA GLU E 6 13.19 -35.57 17.84
C GLU E 6 14.45 -36.42 17.68
N SER E 7 15.17 -36.62 18.79
CA SER E 7 16.38 -37.43 18.80
C SER E 7 16.26 -38.48 19.88
N GLY E 8 16.90 -39.62 19.65
CA GLY E 8 16.83 -40.74 20.55
C GLY E 8 15.88 -41.81 20.05
N GLY E 9 15.50 -42.68 20.98
CA GLY E 9 14.58 -43.74 20.67
C GLY E 9 15.28 -45.02 20.28
N GLY E 10 14.51 -45.93 19.72
CA GLY E 10 15.01 -47.22 19.29
C GLY E 10 14.79 -48.28 20.34
N LEU E 11 15.21 -49.50 19.99
CA LEU E 11 15.00 -50.65 20.87
C LEU E 11 15.85 -50.53 22.13
N VAL E 12 15.24 -50.78 23.28
CA VAL E 12 15.92 -50.77 24.57
C VAL E 12 15.44 -51.95 25.40
N GLN E 13 16.27 -52.35 26.36
CA GLN E 13 15.93 -53.45 27.24
C GLN E 13 14.88 -53.00 28.26
N PRO E 14 14.12 -53.95 28.82
CA PRO E 14 13.19 -53.58 29.90
C PRO E 14 13.95 -53.00 31.07
N GLY E 15 13.43 -51.90 31.61
CA GLY E 15 14.12 -51.20 32.67
C GLY E 15 15.20 -50.26 32.18
N GLY E 16 15.40 -50.15 30.87
CA GLY E 16 16.44 -49.32 30.33
C GLY E 16 16.15 -47.84 30.48
N SER E 17 17.22 -47.05 30.46
CA SER E 17 17.11 -45.59 30.52
C SER E 17 17.42 -45.02 29.15
N LEU E 18 16.49 -44.21 28.64
CA LEU E 18 16.64 -43.59 27.32
C LEU E 18 16.19 -42.13 27.40
N ARG E 19 16.93 -41.25 26.74
CA ARG E 19 16.62 -39.83 26.73
C ARG E 19 16.25 -39.38 25.33
N LEU E 20 15.14 -38.66 25.21
CA LEU E 20 14.69 -38.08 23.95
C LEU E 20 14.85 -36.57 24.00
N SER E 21 15.53 -36.02 23.00
CA SER E 21 15.82 -34.59 22.93
C SER E 21 14.99 -33.97 21.81
N CYS E 22 14.28 -32.89 22.14
CA CYS E 22 13.47 -32.15 21.18
C CYS E 22 14.17 -30.84 20.89
N ALA E 23 14.68 -30.69 19.67
CA ALA E 23 15.31 -29.45 19.25
C ALA E 23 14.28 -28.44 18.81
N ALA E 24 14.45 -27.19 19.24
CA ALA E 24 13.52 -26.10 18.94
C ALA E 24 14.23 -25.04 18.13
N SER E 25 13.61 -24.61 17.02
CA SER E 25 14.16 -23.57 16.17
C SER E 25 13.07 -22.55 15.88
N GLY E 26 13.42 -21.26 15.97
CA GLY E 26 12.51 -20.19 15.63
C GLY E 26 11.60 -19.72 16.74
N PHE E 27 11.66 -20.33 17.92
CA PHE E 27 10.86 -19.88 19.06
C PHE E 27 11.61 -20.14 20.34
N THR E 28 11.24 -19.40 21.38
CA THR E 28 11.87 -19.55 22.69
C THR E 28 11.22 -20.69 23.44
N LEU E 29 12.06 -21.59 23.98
CA LEU E 29 11.54 -22.77 24.66
C LEU E 29 10.78 -22.40 25.92
N ASP E 30 11.30 -21.45 26.70
CA ASP E 30 10.71 -21.14 28.00
C ASP E 30 9.29 -20.59 27.84
N ASP E 31 9.08 -19.68 26.88
CA ASP E 31 7.79 -19.03 26.75
C ASP E 31 6.69 -20.01 26.37
N TYR E 32 6.99 -20.94 25.47
CA TYR E 32 5.98 -21.87 24.99
C TYR E 32 5.87 -23.09 25.89
N ALA E 33 4.66 -23.60 26.02
CA ALA E 33 4.45 -24.84 26.75
C ALA E 33 5.03 -26.02 25.97
N ILE E 34 5.67 -26.93 26.68
CA ILE E 34 6.27 -28.12 26.07
C ILE E 34 5.56 -29.35 26.61
N GLY E 35 5.09 -30.18 25.70
CA GLY E 35 4.44 -31.42 26.08
C GLY E 35 4.99 -32.60 25.32
N TRP E 36 5.45 -33.63 26.03
CA TRP E 36 5.86 -34.86 25.40
C TRP E 36 4.67 -35.81 25.34
N PHE E 37 4.32 -36.24 24.14
CA PHE E 37 3.15 -37.08 23.93
C PHE E 37 3.60 -38.44 23.41
N ARG E 38 2.87 -39.48 23.82
CA ARG E 38 3.14 -40.83 23.37
C ARG E 38 1.95 -41.31 22.53
N GLN E 39 2.24 -41.81 21.34
CA GLN E 39 1.22 -42.39 20.47
C GLN E 39 1.47 -43.88 20.31
N ALA E 40 0.53 -44.68 20.77
CA ALA E 40 0.60 -46.11 20.53
C ALA E 40 0.09 -46.41 19.13
N PRO E 41 0.53 -47.52 18.52
CA PRO E 41 -0.01 -47.88 17.20
C PRO E 41 -1.50 -48.13 17.28
N GLY E 42 -2.24 -47.51 16.38
CA GLY E 42 -3.68 -47.66 16.35
C GLY E 42 -4.41 -46.88 17.42
N LYS E 43 -3.72 -46.03 18.17
CA LYS E 43 -4.30 -45.25 19.25
C LYS E 43 -3.93 -43.79 19.10
N GLU E 44 -4.79 -42.91 19.60
CA GLU E 44 -4.49 -41.49 19.58
C GLU E 44 -3.34 -41.18 20.53
N ARG E 45 -2.52 -40.21 20.15
CA ARG E 45 -1.38 -39.82 20.98
C ARG E 45 -1.86 -39.18 22.29
N GLU E 46 -1.14 -39.47 23.37
CA GLU E 46 -1.43 -38.91 24.68
C GLU E 46 -0.15 -38.36 25.29
N GLY E 47 -0.28 -37.27 26.04
CA GLY E 47 0.87 -36.59 26.60
C GLY E 47 1.37 -37.17 27.92
N VAL E 48 2.55 -37.77 27.90
CA VAL E 48 3.11 -38.36 29.12
C VAL E 48 3.51 -37.29 30.12
N SER E 49 4.12 -36.20 29.66
CA SER E 49 4.63 -35.19 30.58
C SER E 49 4.51 -33.82 29.96
N PHE E 50 4.49 -32.79 30.82
CA PHE E 50 4.30 -31.43 30.36
C PHE E 50 5.07 -30.46 31.22
N ILE E 51 5.54 -29.38 30.59
CA ILE E 51 6.09 -28.24 31.33
C ILE E 51 4.92 -27.29 31.53
N THR E 52 4.33 -27.34 32.72
CA THR E 52 3.10 -26.60 32.97
C THR E 52 3.29 -25.09 32.96
N SER E 53 4.43 -24.59 33.43
CA SER E 53 4.65 -23.17 33.59
C SER E 53 5.97 -22.74 32.98
N SER E 54 6.07 -21.44 32.72
CA SER E 54 7.29 -20.89 32.11
C SER E 54 8.48 -21.06 33.03
N ASP E 55 8.28 -20.90 34.34
CA ASP E 55 9.40 -20.98 35.28
C ASP E 55 9.98 -22.38 35.36
N GLY E 56 9.27 -23.39 34.86
CA GLY E 56 9.79 -24.74 34.82
C GLY E 56 9.05 -25.78 35.64
N SER E 57 7.93 -25.40 36.25
CA SER E 57 7.12 -26.39 36.94
C SER E 57 6.63 -27.45 35.96
N THR E 58 6.68 -28.72 36.39
CA THR E 58 6.37 -29.83 35.51
C THR E 58 5.32 -30.74 36.14
N TYR E 59 4.48 -31.33 35.30
CA TYR E 59 3.50 -32.32 35.70
C TYR E 59 3.76 -33.62 34.96
N TYR E 60 3.59 -34.74 35.66
CA TYR E 60 3.80 -36.05 35.09
C TYR E 60 2.52 -36.87 35.17
N VAL E 61 2.23 -37.62 34.12
CA VAL E 61 1.07 -38.51 34.11
C VAL E 61 1.31 -39.67 35.07
N ASP E 62 0.23 -40.19 35.64
CA ASP E 62 0.34 -41.26 36.64
C ASP E 62 1.11 -42.45 36.09
N SER E 63 0.89 -42.79 34.82
CA SER E 63 1.56 -43.95 34.24
C SER E 63 3.07 -43.75 34.20
N VAL E 64 3.51 -42.53 33.89
CA VAL E 64 4.93 -42.23 33.71
C VAL E 64 5.49 -41.47 34.91
N LYS E 65 4.72 -41.40 36.01
CA LYS E 65 5.14 -40.65 37.18
C LYS E 65 6.42 -41.25 37.74
N GLY E 66 7.38 -40.40 38.05
CA GLY E 66 8.65 -40.93 38.54
C GLY E 66 9.54 -41.51 37.44
N ARG E 67 8.98 -42.42 36.63
CA ARG E 67 9.72 -43.06 35.57
C ARG E 67 10.19 -42.05 34.52
N PHE E 68 9.36 -41.06 34.22
CA PHE E 68 9.65 -40.09 33.18
C PHE E 68 9.90 -38.73 33.80
N THR E 69 11.00 -38.09 33.42
CA THR E 69 11.34 -36.75 33.88
C THR E 69 11.65 -35.88 32.68
N ILE E 70 11.02 -34.71 32.61
CA ILE E 70 11.18 -33.79 31.49
C ILE E 70 11.94 -32.57 31.97
N SER E 71 12.99 -32.21 31.23
CA SER E 71 13.85 -31.08 31.57
C SER E 71 14.04 -30.19 30.36
N ARG E 72 13.93 -28.88 30.55
CA ARG E 72 14.09 -27.90 29.48
C ARG E 72 15.43 -27.20 29.64
N ASP E 73 16.22 -27.19 28.57
CA ASP E 73 17.49 -26.45 28.53
C ASP E 73 17.33 -25.27 27.59
N ASN E 74 17.37 -24.06 28.14
CA ASN E 74 17.18 -22.86 27.33
C ASN E 74 18.38 -22.55 26.45
N ALA E 75 19.60 -22.86 26.91
CA ALA E 75 20.81 -22.42 26.21
C ALA E 75 20.86 -22.95 24.78
N LYS E 76 20.59 -24.25 24.59
CA LYS E 76 20.55 -24.83 23.25
C LYS E 76 19.13 -25.07 22.76
N ASN E 77 18.12 -24.57 23.47
CA ASN E 77 16.73 -24.62 23.02
C ASN E 77 16.23 -26.05 22.81
N THR E 78 16.57 -26.95 23.74
CA THR E 78 16.19 -28.36 23.64
C THR E 78 15.56 -28.84 24.92
N VAL E 79 14.51 -29.66 24.78
CA VAL E 79 13.82 -30.30 25.91
C VAL E 79 14.16 -31.78 25.90
N TYR E 80 14.65 -32.28 27.03
CA TYR E 80 15.02 -33.68 27.14
C TYR E 80 14.03 -34.40 28.04
N LEU E 81 13.45 -35.49 27.55
CA LEU E 81 12.59 -36.35 28.33
C LEU E 81 13.37 -37.65 28.57
N GLN E 82 13.57 -37.99 29.84
CA GLN E 82 14.32 -39.15 30.29
C GLN E 82 13.40 -40.31 30.63
N MET E 83 13.67 -41.49 30.08
CA MET E 83 12.81 -42.66 30.24
C MET E 83 13.51 -43.64 31.17
N ASN E 84 12.84 -44.05 32.24
CA ASN E 84 13.42 -45.03 33.14
C ASN E 84 12.41 -46.13 33.37
N SER E 85 12.90 -47.33 33.70
CA SER E 85 12.03 -48.49 33.90
C SER E 85 11.15 -48.76 32.69
N LEU E 86 11.71 -48.61 31.49
CA LEU E 86 10.91 -48.75 30.28
C LEU E 86 10.35 -50.16 30.15
N THR E 87 9.16 -50.26 29.55
CA THR E 87 8.40 -51.50 29.47
C THR E 87 7.84 -51.67 28.07
N PRO E 88 7.48 -52.90 27.69
CA PRO E 88 6.83 -53.10 26.37
C PRO E 88 5.54 -52.32 26.20
N GLU E 89 4.76 -52.16 27.27
CA GLU E 89 3.58 -51.31 27.19
C GLU E 89 3.95 -49.87 26.92
N ASP E 90 5.09 -49.42 27.46
CA ASP E 90 5.58 -48.07 27.18
C ASP E 90 5.96 -47.90 25.71
N THR E 91 6.27 -48.99 25.01
CA THR E 91 6.71 -48.90 23.63
C THR E 91 5.68 -48.20 22.77
N ALA E 92 6.09 -47.11 22.15
CA ALA E 92 5.26 -46.31 21.25
C ALA E 92 6.15 -45.19 20.71
N ILE E 93 5.60 -44.42 19.78
CA ILE E 93 6.34 -43.30 19.21
C ILE E 93 6.03 -42.06 20.02
N TYR E 94 7.06 -41.29 20.36
CA TYR E 94 6.94 -40.14 21.24
C TYR E 94 7.10 -38.85 20.44
N TYR E 95 6.13 -37.95 20.57
CA TYR E 95 6.13 -36.69 19.86
C TYR E 95 6.38 -35.54 20.82
N CYS E 96 7.22 -34.60 20.41
CA CYS E 96 7.42 -33.36 21.14
C CYS E 96 6.42 -32.34 20.59
N ALA E 97 5.66 -31.72 21.49
CA ALA E 97 4.61 -30.79 21.10
C ALA E 97 4.84 -29.44 21.76
N VAL E 98 4.57 -28.38 21.00
CA VAL E 98 4.69 -27.01 21.49
C VAL E 98 3.30 -26.48 21.79
N GLY E 99 3.05 -26.15 23.06
CA GLY E 99 1.81 -25.52 23.43
C GLY E 99 1.85 -24.04 23.13
N PRO E 100 0.73 -23.38 23.40
CA PRO E 100 0.69 -21.93 23.23
C PRO E 100 1.67 -21.25 24.18
N SER E 101 2.25 -20.14 23.73
CA SER E 101 3.27 -19.46 24.52
C SER E 101 2.62 -18.86 25.77
N PHE E 102 3.32 -19.03 26.90
CA PHE E 102 2.77 -18.57 28.18
C PHE E 102 2.56 -17.06 28.20
N SER E 103 3.52 -16.30 27.65
CA SER E 103 3.41 -14.85 27.69
C SER E 103 2.21 -14.34 26.88
N TYR E 104 2.05 -14.85 25.65
CA TYR E 104 0.97 -14.37 24.80
C TYR E 104 -0.39 -14.75 25.37
N THR E 105 -0.53 -16.00 25.83
CA THR E 105 -1.81 -16.45 26.35
C THR E 105 -2.12 -15.86 27.71
N GLY E 106 -1.10 -15.56 28.51
CA GLY E 106 -1.32 -15.19 29.88
C GLY E 106 -1.53 -16.37 30.79
N SER E 107 -1.28 -17.58 30.30
CA SER E 107 -1.52 -18.81 31.06
C SER E 107 -0.29 -19.12 31.90
N THR E 108 -0.43 -18.99 33.22
CA THR E 108 0.67 -19.38 34.10
C THR E 108 0.84 -20.89 34.10
N TYR E 109 -0.26 -21.64 34.15
CA TYR E 109 -0.24 -23.09 34.24
C TYR E 109 -0.97 -23.65 33.04
N TYR E 110 -0.32 -24.54 32.29
CA TYR E 110 -0.92 -25.13 31.10
C TYR E 110 -0.47 -26.58 30.93
N ARG E 111 -1.39 -27.52 31.14
CA ARG E 111 -1.13 -28.93 30.89
C ARG E 111 -2.33 -29.51 30.15
N SER E 112 -2.07 -30.23 29.06
CA SER E 112 -3.16 -30.80 28.25
C SER E 112 -2.69 -32.10 27.62
N GLU E 113 -3.32 -33.22 28.00
CA GLU E 113 -3.02 -34.48 27.34
C GLU E 113 -3.62 -34.56 25.94
N LEU E 114 -4.65 -33.76 25.67
CA LEU E 114 -5.32 -33.85 24.37
C LEU E 114 -4.42 -33.25 23.29
N PRO E 115 -4.18 -33.98 22.20
CA PRO E 115 -3.24 -33.49 21.18
C PRO E 115 -3.63 -32.17 20.54
N TRP E 116 -4.93 -31.95 20.33
CA TRP E 116 -5.38 -30.75 19.61
C TRP E 116 -5.04 -29.48 20.36
N ASP E 117 -4.87 -29.55 21.69
CA ASP E 117 -4.57 -28.36 22.46
C ASP E 117 -3.24 -27.74 22.05
N TYR E 118 -2.25 -28.57 21.74
CA TYR E 118 -0.91 -28.06 21.40
C TYR E 118 -0.88 -27.70 19.92
N ASP E 119 -0.58 -26.42 19.64
CA ASP E 119 -0.64 -25.92 18.27
C ASP E 119 0.39 -26.58 17.35
N TYR E 120 1.62 -26.73 17.82
CA TYR E 120 2.70 -27.21 16.97
C TYR E 120 3.14 -28.60 17.39
N TRP E 121 3.43 -29.45 16.40
CA TRP E 121 3.73 -30.84 16.67
C TRP E 121 5.04 -31.26 16.00
N GLY E 122 5.91 -31.93 16.76
CA GLY E 122 7.11 -32.49 16.19
C GLY E 122 6.85 -33.80 15.47
N GLN E 123 7.80 -34.20 14.62
CA GLN E 123 7.63 -35.43 13.86
C GLN E 123 7.57 -36.64 14.78
N GLY E 124 8.40 -36.68 15.80
CA GLY E 124 8.39 -37.78 16.75
C GLY E 124 9.36 -38.89 16.36
N THR E 125 9.79 -39.63 17.37
CA THR E 125 10.67 -40.77 17.21
C THR E 125 10.10 -41.98 17.91
N GLN E 126 10.19 -43.14 17.26
CA GLN E 126 9.66 -44.37 17.83
C GLN E 126 10.59 -44.89 18.91
N VAL E 127 10.02 -45.21 20.07
CA VAL E 127 10.76 -45.82 21.17
C VAL E 127 10.19 -47.22 21.38
N THR E 128 11.05 -48.23 21.32
CA THR E 128 10.64 -49.62 21.44
C THR E 128 11.33 -50.25 22.64
N VAL E 129 10.57 -50.96 23.46
CA VAL E 129 11.10 -51.69 24.61
C VAL E 129 10.71 -53.14 24.44
N SER E 130 11.69 -54.03 24.46
CA SER E 130 11.44 -55.45 24.30
C SER E 130 12.44 -56.24 25.13
N SER E 131 12.03 -57.45 25.51
CA SER E 131 12.92 -58.32 26.27
C SER E 131 14.16 -58.68 25.46
N GLY E 132 13.98 -58.94 24.16
CA GLY E 132 15.12 -59.20 23.31
C GLY E 132 16.06 -58.01 23.21
N GLY E 133 15.50 -56.81 23.20
CA GLY E 133 16.29 -55.60 23.08
C GLY E 133 16.98 -55.21 24.37
N GLN F 1 -16.88 -18.09 2.92
CA GLN F 1 -16.75 -19.34 3.66
C GLN F 1 -17.66 -20.42 3.10
N VAL F 2 -17.33 -21.68 3.41
CA VAL F 2 -18.13 -22.83 3.01
C VAL F 2 -18.75 -23.42 4.26
N GLN F 3 -20.06 -23.67 4.21
CA GLN F 3 -20.75 -24.28 5.33
C GLN F 3 -21.56 -25.44 4.77
N LEU F 4 -21.48 -26.60 5.41
CA LEU F 4 -22.23 -27.79 4.99
C LEU F 4 -23.20 -28.23 6.09
N VAL F 5 -24.46 -28.45 5.70
CA VAL F 5 -25.50 -28.88 6.64
C VAL F 5 -26.01 -30.25 6.21
N GLU F 6 -26.07 -31.16 7.17
CA GLU F 6 -26.51 -32.53 6.92
C GLU F 6 -27.93 -32.70 7.44
N SER F 7 -28.80 -33.28 6.61
CA SER F 7 -30.18 -33.51 6.98
C SER F 7 -30.53 -34.96 6.74
N GLY F 8 -31.44 -35.48 7.55
CA GLY F 8 -31.80 -36.88 7.49
C GLY F 8 -31.16 -37.68 8.62
N GLY F 9 -31.15 -38.99 8.43
CA GLY F 9 -30.57 -39.87 9.40
C GLY F 9 -31.58 -40.39 10.40
N GLY F 10 -31.05 -40.97 11.47
CA GLY F 10 -31.88 -41.53 12.52
C GLY F 10 -32.11 -43.02 12.34
N LEU F 11 -32.83 -43.58 13.30
CA LEU F 11 -33.06 -45.02 13.31
C LEU F 11 -33.96 -45.44 12.15
N VAL F 12 -33.57 -46.51 11.45
CA VAL F 12 -34.35 -47.07 10.36
C VAL F 12 -34.32 -48.60 10.47
N GLN F 13 -35.32 -49.23 9.85
CA GLN F 13 -35.40 -50.68 9.88
C GLN F 13 -34.35 -51.26 8.93
N PRO F 14 -33.96 -52.53 9.14
CA PRO F 14 -33.05 -53.15 8.17
C PRO F 14 -33.72 -53.20 6.81
N GLY F 15 -32.96 -52.85 5.78
CA GLY F 15 -33.52 -52.76 4.44
C GLY F 15 -34.22 -51.45 4.15
N GLY F 16 -34.25 -50.53 5.11
CA GLY F 16 -34.95 -49.27 4.92
C GLY F 16 -34.24 -48.35 3.95
N SER F 17 -35.01 -47.44 3.37
CA SER F 17 -34.48 -46.43 2.46
C SER F 17 -34.47 -45.08 3.16
N LEU F 18 -33.30 -44.44 3.19
CA LEU F 18 -33.12 -43.15 3.84
C LEU F 18 -32.27 -42.25 2.96
N ARG F 19 -32.64 -40.98 2.88
CA ARG F 19 -31.94 -40.00 2.06
C ARG F 19 -31.31 -38.93 2.94
N LEU F 20 -30.02 -38.66 2.72
CA LEU F 20 -29.31 -37.59 3.41
C LEU F 20 -29.02 -36.45 2.46
N SER F 21 -29.40 -35.25 2.85
CA SER F 21 -29.23 -34.06 2.02
C SER F 21 -28.14 -33.17 2.63
N CYS F 22 -27.18 -32.79 1.80
CA CYS F 22 -26.08 -31.92 2.20
C CYS F 22 -26.32 -30.55 1.58
N ALA F 23 -26.64 -29.56 2.42
CA ALA F 23 -26.84 -28.21 1.95
C ALA F 23 -25.49 -27.49 1.80
N ALA F 24 -25.35 -26.77 0.70
CA ALA F 24 -24.11 -26.06 0.37
C ALA F 24 -24.39 -24.56 0.32
N SER F 25 -23.55 -23.78 1.00
CA SER F 25 -23.66 -22.33 1.00
C SER F 25 -22.30 -21.72 0.73
N GLY F 26 -22.28 -20.72 -0.15
CA GLY F 26 -21.06 -19.99 -0.44
C GLY F 26 -20.17 -20.57 -1.52
N PHE F 27 -20.53 -21.71 -2.10
CA PHE F 27 -19.77 -22.29 -3.19
C PHE F 27 -20.69 -23.03 -4.13
N THR F 28 -20.23 -23.20 -5.37
CA THR F 28 -21.00 -23.91 -6.38
C THR F 28 -20.79 -25.42 -6.23
N LEU F 29 -21.90 -26.15 -6.20
CA LEU F 29 -21.83 -27.60 -5.99
C LEU F 29 -21.12 -28.30 -7.13
N ASP F 30 -21.41 -27.91 -8.37
CA ASP F 30 -20.89 -28.63 -9.52
C ASP F 30 -19.37 -28.54 -9.59
N ASP F 31 -18.80 -27.35 -9.34
CA ASP F 31 -17.37 -27.17 -9.49
C ASP F 31 -16.58 -28.00 -8.48
N TYR F 32 -17.04 -28.07 -7.24
CA TYR F 32 -16.31 -28.76 -6.20
C TYR F 32 -16.67 -30.25 -6.18
N ALA F 33 -15.68 -31.07 -5.85
CA ALA F 33 -15.94 -32.50 -5.67
C ALA F 33 -16.75 -32.73 -4.40
N ILE F 34 -17.71 -33.64 -4.47
CA ILE F 34 -18.57 -33.98 -3.35
C ILE F 34 -18.32 -35.43 -2.97
N GLY F 35 -18.02 -35.66 -1.69
CA GLY F 35 -17.83 -37.01 -1.19
C GLY F 35 -18.63 -37.26 0.07
N TRP F 36 -19.45 -38.31 0.07
CA TRP F 36 -20.14 -38.72 1.26
C TRP F 36 -19.29 -39.75 1.99
N PHE F 37 -18.95 -39.45 3.24
CA PHE F 37 -18.06 -40.28 4.04
C PHE F 37 -18.83 -40.86 5.21
N ARG F 38 -18.50 -42.09 5.59
CA ARG F 38 -19.10 -42.76 6.74
C ARG F 38 -18.04 -42.96 7.81
N GLN F 39 -18.34 -42.52 9.02
CA GLN F 39 -17.47 -42.73 10.17
C GLN F 39 -18.13 -43.66 11.15
N ALA F 40 -17.52 -44.82 11.36
CA ALA F 40 -17.99 -45.72 12.40
C ALA F 40 -17.45 -45.27 13.75
N PRO F 41 -18.13 -45.61 14.84
CA PRO F 41 -17.61 -45.24 16.16
C PRO F 41 -16.27 -45.92 16.43
N GLY F 42 -15.29 -45.14 16.84
CA GLY F 42 -13.97 -45.65 17.11
C GLY F 42 -13.14 -45.92 15.87
N LYS F 43 -13.62 -45.54 14.70
CA LYS F 43 -12.92 -45.76 13.44
C LYS F 43 -12.86 -44.48 12.64
N GLU F 44 -11.82 -44.37 11.80
CA GLU F 44 -11.68 -43.22 10.94
C GLU F 44 -12.78 -43.23 9.87
N ARG F 45 -13.23 -42.03 9.50
CA ARG F 45 -14.27 -41.90 8.49
C ARG F 45 -13.76 -42.35 7.11
N GLU F 46 -14.63 -43.00 6.35
CA GLU F 46 -14.32 -43.45 5.00
C GLU F 46 -15.43 -43.03 4.05
N GLY F 47 -15.05 -42.69 2.83
CA GLY F 47 -16.01 -42.18 1.85
C GLY F 47 -16.77 -43.26 1.11
N VAL F 48 -18.08 -43.35 1.36
CA VAL F 48 -18.91 -44.35 0.69
C VAL F 48 -19.08 -44.03 -0.80
N SER F 49 -19.29 -42.77 -1.15
CA SER F 49 -19.57 -42.42 -2.54
C SER F 49 -19.00 -41.06 -2.86
N PHE F 50 -18.76 -40.82 -4.15
CA PHE F 50 -18.13 -39.58 -4.58
C PHE F 50 -18.66 -39.14 -5.93
N ILE F 51 -18.73 -37.83 -6.12
CA ILE F 51 -18.98 -37.25 -7.44
C ILE F 51 -17.60 -37.02 -8.05
N THR F 52 -17.17 -37.95 -8.90
CA THR F 52 -15.81 -37.92 -9.41
C THR F 52 -15.53 -36.73 -10.32
N SER F 53 -16.53 -36.31 -11.10
CA SER F 53 -16.31 -35.28 -12.11
C SER F 53 -17.38 -34.21 -12.02
N SER F 54 -17.06 -33.05 -12.61
CA SER F 54 -17.99 -31.92 -12.58
C SER F 54 -19.28 -32.25 -13.33
N ASP F 55 -19.18 -32.97 -14.44
CA ASP F 55 -20.36 -33.27 -15.24
C ASP F 55 -21.33 -34.18 -14.53
N GLY F 56 -20.91 -34.84 -13.46
CA GLY F 56 -21.80 -35.66 -12.66
C GLY F 56 -21.49 -37.15 -12.62
N SER F 57 -20.37 -37.57 -13.21
CA SER F 57 -19.97 -38.96 -13.09
C SER F 57 -19.72 -39.30 -11.63
N THR F 58 -20.18 -40.48 -11.22
CA THR F 58 -20.12 -40.89 -9.82
C THR F 58 -19.46 -42.24 -9.68
N TYR F 59 -18.76 -42.42 -8.56
CA TYR F 59 -18.15 -43.70 -8.19
C TYR F 59 -18.71 -44.13 -6.86
N TYR F 60 -18.95 -45.43 -6.72
CA TYR F 60 -19.48 -46.01 -5.49
C TYR F 60 -18.51 -47.04 -4.95
N VAL F 61 -18.34 -47.04 -3.62
CA VAL F 61 -17.49 -48.04 -2.98
C VAL F 61 -18.17 -49.40 -3.07
N ASP F 62 -17.36 -50.46 -3.11
CA ASP F 62 -17.88 -51.82 -3.29
C ASP F 62 -18.93 -52.16 -2.24
N SER F 63 -18.71 -51.72 -1.00
CA SER F 63 -19.66 -52.04 0.07
C SER F 63 -21.02 -51.42 -0.20
N VAL F 64 -21.05 -50.19 -0.71
CA VAL F 64 -22.29 -49.45 -0.89
C VAL F 64 -22.73 -49.40 -2.35
N LYS F 65 -22.09 -50.16 -3.24
CA LYS F 65 -22.45 -50.11 -4.65
C LYS F 65 -23.90 -50.58 -4.84
N GLY F 66 -24.64 -49.84 -5.65
CA GLY F 66 -26.06 -50.16 -5.82
C GLY F 66 -26.92 -49.73 -4.66
N ARG F 67 -26.54 -50.10 -3.44
CA ARG F 67 -27.30 -49.72 -2.25
C ARG F 67 -27.33 -48.21 -2.07
N PHE F 68 -26.22 -47.55 -2.35
CA PHE F 68 -26.07 -46.11 -2.12
C PHE F 68 -25.98 -45.40 -3.47
N THR F 69 -26.80 -44.37 -3.65
CA THR F 69 -26.78 -43.55 -4.86
C THR F 69 -26.68 -42.10 -4.47
N ILE F 70 -25.73 -41.38 -5.07
CA ILE F 70 -25.47 -39.98 -4.76
C ILE F 70 -25.90 -39.14 -5.96
N SER F 71 -26.69 -38.10 -5.70
CA SER F 71 -27.23 -37.22 -6.72
C SER F 71 -27.00 -35.76 -6.33
N ARG F 72 -26.59 -34.96 -7.30
CA ARG F 72 -26.30 -33.54 -7.11
C ARG F 72 -27.43 -32.72 -7.71
N ASP F 73 -28.01 -31.82 -6.92
CA ASP F 73 -29.00 -30.87 -7.44
C ASP F 73 -28.38 -29.49 -7.40
N ASN F 74 -28.13 -28.90 -8.58
CA ASN F 74 -27.51 -27.59 -8.64
C ASN F 74 -28.44 -26.47 -8.21
N ALA F 75 -29.75 -26.60 -8.51
CA ALA F 75 -30.67 -25.49 -8.32
C ALA F 75 -30.72 -25.02 -6.87
N LYS F 76 -30.82 -25.96 -5.92
CA LYS F 76 -30.80 -25.60 -4.50
C LYS F 76 -29.48 -25.90 -3.83
N ASN F 77 -28.45 -26.26 -4.61
CA ASN F 77 -27.09 -26.44 -4.09
C ASN F 77 -27.03 -27.54 -3.02
N THR F 78 -27.71 -28.65 -3.26
CA THR F 78 -27.77 -29.74 -2.30
C THR F 78 -27.45 -31.08 -2.96
N VAL F 79 -26.69 -31.91 -2.25
CA VAL F 79 -26.34 -33.26 -2.69
C VAL F 79 -27.10 -34.25 -1.83
N TYR F 80 -27.82 -35.17 -2.46
CA TYR F 80 -28.61 -36.17 -1.76
C TYR F 80 -27.98 -37.55 -1.92
N LEU F 81 -27.75 -38.22 -0.81
CA LEU F 81 -27.29 -39.61 -0.82
C LEU F 81 -28.46 -40.48 -0.37
N GLN F 82 -28.88 -41.40 -1.23
CA GLN F 82 -29.98 -42.31 -0.95
C GLN F 82 -29.43 -43.66 -0.53
N MET F 83 -29.86 -44.15 0.64
CA MET F 83 -29.36 -45.41 1.16
C MET F 83 -30.47 -46.44 1.13
N ASN F 84 -30.20 -47.59 0.54
CA ASN F 84 -31.18 -48.66 0.46
C ASN F 84 -30.56 -49.93 1.00
N SER F 85 -31.41 -50.85 1.46
CA SER F 85 -30.96 -52.10 2.08
C SER F 85 -30.02 -51.83 3.25
N LEU F 86 -30.35 -50.81 4.05
CA LEU F 86 -29.50 -50.42 5.16
C LEU F 86 -29.39 -51.54 6.19
N THR F 87 -28.24 -51.62 6.84
CA THR F 87 -27.90 -52.72 7.74
C THR F 87 -27.26 -52.19 9.00
N PRO F 88 -27.27 -52.98 10.09
CA PRO F 88 -26.59 -52.53 11.32
C PRO F 88 -25.11 -52.26 11.12
N GLU F 89 -24.44 -53.01 10.25
CA GLU F 89 -23.05 -52.69 9.94
C GLU F 89 -22.94 -51.35 9.24
N ASP F 90 -23.93 -51.00 8.43
CA ASP F 90 -23.97 -49.69 7.79
C ASP F 90 -24.14 -48.57 8.80
N THR F 91 -24.68 -48.86 9.98
CA THR F 91 -24.95 -47.83 10.98
C THR F 91 -23.65 -47.11 11.35
N ALA F 92 -23.65 -45.80 11.14
CA ALA F 92 -22.54 -44.91 11.47
C ALA F 92 -22.99 -43.50 11.13
N ILE F 93 -22.15 -42.53 11.46
CA ILE F 93 -22.45 -41.14 11.17
C ILE F 93 -21.87 -40.80 9.80
N TYR F 94 -22.66 -40.12 8.98
CA TYR F 94 -22.29 -39.82 7.60
C TYR F 94 -21.98 -38.35 7.45
N TYR F 95 -20.81 -38.04 6.90
CA TYR F 95 -20.36 -36.67 6.72
C TYR F 95 -20.35 -36.31 5.23
N CYS F 96 -20.84 -35.12 4.93
CA CYS F 96 -20.73 -34.58 3.58
C CYS F 96 -19.43 -33.79 3.50
N ALA F 97 -18.61 -34.08 2.50
CA ALA F 97 -17.30 -33.48 2.37
C ALA F 97 -17.17 -32.79 1.01
N VAL F 98 -16.52 -31.63 1.00
CA VAL F 98 -16.28 -30.86 -0.21
C VAL F 98 -14.84 -31.06 -0.63
N GLY F 99 -14.64 -31.65 -1.80
CA GLY F 99 -13.31 -31.77 -2.35
C GLY F 99 -12.87 -30.49 -3.00
N PRO F 100 -11.62 -30.49 -3.50
CA PRO F 100 -11.14 -29.31 -4.22
C PRO F 100 -11.96 -29.09 -5.48
N SER F 101 -12.14 -27.82 -5.84
CA SER F 101 -12.98 -27.49 -7.00
C SER F 101 -12.32 -27.99 -8.27
N PHE F 102 -13.14 -28.59 -9.15
CA PHE F 102 -12.61 -29.18 -10.38
C PHE F 102 -11.97 -28.13 -11.28
N SER F 103 -12.59 -26.95 -11.40
CA SER F 103 -12.05 -25.93 -12.30
C SER F 103 -10.70 -25.43 -11.83
N TYR F 104 -10.57 -25.11 -10.54
CA TYR F 104 -9.31 -24.57 -10.03
C TYR F 104 -8.19 -25.59 -10.11
N THR F 105 -8.48 -26.84 -9.72
CA THR F 105 -7.45 -27.87 -9.71
C THR F 105 -7.11 -28.35 -11.11
N GLY F 106 -8.07 -28.32 -12.03
CA GLY F 106 -7.88 -28.94 -13.32
C GLY F 106 -8.12 -30.43 -13.32
N SER F 107 -8.67 -30.97 -12.23
CA SER F 107 -8.90 -32.39 -12.07
C SER F 107 -10.23 -32.75 -12.69
N THR F 108 -10.20 -33.49 -13.81
CA THR F 108 -11.44 -33.97 -14.40
C THR F 108 -12.08 -35.03 -13.52
N TYR F 109 -11.28 -35.96 -13.00
CA TYR F 109 -11.77 -37.08 -12.21
C TYR F 109 -11.10 -37.01 -10.84
N TYR F 110 -11.90 -37.00 -9.77
CA TYR F 110 -11.37 -36.90 -8.41
C TYR F 110 -12.21 -37.74 -7.46
N ARG F 111 -11.66 -38.83 -6.97
CA ARG F 111 -12.31 -39.63 -5.93
C ARG F 111 -11.30 -40.01 -4.87
N SER F 112 -11.65 -39.76 -3.60
CA SER F 112 -10.74 -40.08 -2.51
C SER F 112 -11.54 -40.40 -1.26
N GLU F 113 -11.49 -41.65 -0.80
CA GLU F 113 -12.10 -41.98 0.49
C GLU F 113 -11.28 -41.50 1.68
N LEU F 114 -10.00 -41.18 1.50
CA LEU F 114 -9.21 -40.75 2.64
C LEU F 114 -9.69 -39.36 3.05
N PRO F 115 -10.01 -39.15 4.33
CA PRO F 115 -10.62 -37.87 4.75
C PRO F 115 -9.78 -36.63 4.50
N TRP F 116 -8.45 -36.72 4.67
CA TRP F 116 -7.61 -35.54 4.58
C TRP F 116 -7.63 -34.91 3.19
N ASP F 117 -7.98 -35.69 2.16
CA ASP F 117 -7.98 -35.15 0.81
C ASP F 117 -8.98 -34.01 0.63
N TYR F 118 -10.15 -34.12 1.26
CA TYR F 118 -11.21 -33.14 1.12
C TYR F 118 -10.99 -31.99 2.11
N ASP F 119 -10.87 -30.76 1.59
CA ASP F 119 -10.58 -29.63 2.47
C ASP F 119 -11.70 -29.32 3.45
N TYR F 120 -12.94 -29.37 2.99
CA TYR F 120 -14.06 -28.90 3.80
C TYR F 120 -14.92 -30.08 4.23
N TRP F 121 -15.36 -30.04 5.48
CA TRP F 121 -16.09 -31.16 6.07
C TRP F 121 -17.39 -30.68 6.70
N GLY F 122 -18.48 -31.37 6.40
CA GLY F 122 -19.72 -31.07 7.06
C GLY F 122 -19.79 -31.69 8.45
N GLN F 123 -20.72 -31.19 9.26
CA GLN F 123 -20.85 -31.70 10.62
C GLN F 123 -21.24 -33.18 10.61
N GLY F 124 -22.14 -33.55 9.72
CA GLY F 124 -22.55 -34.95 9.62
C GLY F 124 -23.75 -35.26 10.49
N THR F 125 -24.48 -36.29 10.07
CA THR F 125 -25.65 -36.76 10.80
C THR F 125 -25.52 -38.26 11.02
N GLN F 126 -25.86 -38.71 12.22
CA GLN F 126 -25.77 -40.12 12.56
C GLN F 126 -26.92 -40.88 11.93
N VAL F 127 -26.61 -41.99 11.26
CA VAL F 127 -27.61 -42.87 10.69
C VAL F 127 -27.51 -44.21 11.41
N THR F 128 -28.61 -44.66 11.99
CA THR F 128 -28.65 -45.90 12.75
C THR F 128 -29.62 -46.86 12.11
N VAL F 129 -29.20 -48.12 11.96
CA VAL F 129 -30.03 -49.19 11.43
C VAL F 129 -30.08 -50.30 12.46
N SER F 130 -31.28 -50.66 12.88
CA SER F 130 -31.45 -51.70 13.89
C SER F 130 -32.70 -52.50 13.61
N SER F 131 -32.70 -53.75 14.06
CA SER F 131 -33.88 -54.59 13.89
C SER F 131 -35.10 -54.01 14.61
N GLY F 132 -34.89 -53.48 15.81
CA GLY F 132 -35.97 -52.84 16.53
C GLY F 132 -36.49 -51.61 15.80
N GLY F 133 -35.59 -50.86 15.18
CA GLY F 133 -35.97 -49.66 14.46
C GLY F 133 -36.63 -49.96 13.13
N GLN G 23 -12.28 48.36 -63.54
CA GLN G 23 -12.51 46.92 -63.57
C GLN G 23 -13.08 46.51 -64.92
N LEU G 24 -12.58 45.42 -65.49
CA LEU G 24 -13.02 44.95 -66.79
C LEU G 24 -13.30 43.45 -66.73
N PRO G 25 -14.36 42.99 -67.39
CA PRO G 25 -14.71 41.56 -67.33
C PRO G 25 -13.61 40.69 -67.91
N PRO G 26 -13.37 39.51 -67.33
CA PRO G 26 -12.27 38.67 -67.81
C PRO G 26 -12.50 38.22 -69.25
N ALA G 27 -11.40 38.12 -69.99
CA ALA G 27 -11.44 37.69 -71.38
C ALA G 27 -11.12 36.20 -71.49
N TYR G 28 -11.75 35.55 -72.46
CA TYR G 28 -11.53 34.14 -72.71
C TYR G 28 -10.94 33.96 -74.11
N THR G 29 -10.16 32.89 -74.27
CA THR G 29 -9.60 32.54 -75.56
C THR G 29 -9.65 31.03 -75.73
N ASN G 30 -9.49 30.58 -76.97
CA ASN G 30 -9.61 29.17 -77.32
C ASN G 30 -8.23 28.58 -77.54
N SER G 31 -7.85 27.64 -76.67
CA SER G 31 -6.60 26.91 -76.85
C SER G 31 -6.79 25.82 -77.89
N PHE G 32 -5.93 25.78 -78.90
CA PHE G 32 -6.06 24.83 -80.00
C PHE G 32 -4.96 23.79 -79.89
N THR G 33 -5.33 22.58 -79.44
CA THR G 33 -4.40 21.45 -79.37
C THR G 33 -3.13 21.79 -78.61
N ARG G 34 -3.30 22.45 -77.46
CA ARG G 34 -2.18 22.87 -76.65
C ARG G 34 -2.30 22.28 -75.25
N GLY G 35 -1.18 22.21 -74.55
CA GLY G 35 -1.16 21.67 -73.21
C GLY G 35 -0.94 20.18 -73.16
N VAL G 36 -0.06 19.66 -74.01
CA VAL G 36 0.29 18.25 -74.02
C VAL G 36 1.71 18.10 -73.49
N TYR G 37 1.88 17.24 -72.49
CA TYR G 37 3.17 16.99 -71.87
C TYR G 37 3.45 15.50 -71.88
N TYR G 38 4.70 15.13 -71.67
CA TYR G 38 5.05 13.72 -71.63
C TYR G 38 4.54 13.14 -70.32
N PRO G 39 3.64 12.16 -70.34
CA PRO G 39 3.06 11.66 -69.09
C PRO G 39 4.01 10.81 -68.26
N ASP G 40 5.09 10.30 -68.86
CA ASP G 40 5.98 9.40 -68.15
C ASP G 40 7.38 9.55 -68.71
N LYS G 41 8.34 8.92 -68.03
CA LYS G 41 9.74 8.95 -68.43
C LYS G 41 10.07 7.83 -69.41
N VAL G 42 9.07 7.11 -69.89
CA VAL G 42 9.27 5.94 -70.74
C VAL G 42 9.53 6.38 -72.18
N PHE G 43 10.53 5.78 -72.81
CA PHE G 43 10.79 6.03 -74.23
C PHE G 43 9.88 5.16 -75.08
N ARG G 44 9.40 5.74 -76.19
CA ARG G 44 8.57 5.00 -77.13
C ARG G 44 8.88 5.50 -78.54
N SER G 45 9.04 4.58 -79.48
CA SER G 45 9.45 4.90 -80.84
C SER G 45 8.44 4.35 -81.84
N SER G 46 7.93 5.24 -82.71
CA SER G 46 7.07 4.86 -83.83
C SER G 46 5.88 4.02 -83.38
N VAL G 47 5.24 4.45 -82.29
CA VAL G 47 4.14 3.71 -81.68
C VAL G 47 3.03 4.70 -81.34
N LEU G 48 1.86 4.16 -81.02
CA LEU G 48 0.73 4.94 -80.53
C LEU G 48 0.39 4.47 -79.12
N HIS G 49 0.44 5.38 -78.17
CA HIS G 49 0.20 5.06 -76.77
C HIS G 49 -1.03 5.81 -76.27
N SER G 50 -1.96 5.09 -75.67
CA SER G 50 -3.15 5.67 -75.08
C SER G 50 -2.96 5.73 -73.57
N THR G 51 -2.99 6.94 -73.01
CA THR G 51 -2.77 7.14 -71.59
C THR G 51 -3.87 8.04 -71.03
N GLN G 52 -4.32 7.71 -69.82
CA GLN G 52 -5.31 8.51 -69.10
C GLN G 52 -4.60 9.26 -67.98
N ASP G 53 -4.57 10.58 -68.07
CA ASP G 53 -3.86 11.39 -67.09
C ASP G 53 -4.50 12.78 -67.06
N LEU G 54 -3.96 13.65 -66.21
CA LEU G 54 -4.47 15.01 -66.07
C LEU G 54 -3.95 15.82 -67.26
N PHE G 55 -4.81 16.05 -68.23
CA PHE G 55 -4.46 16.76 -69.45
C PHE G 55 -5.36 17.98 -69.62
N LEU G 56 -4.98 18.82 -70.60
CA LEU G 56 -5.79 19.98 -70.95
C LEU G 56 -6.65 19.62 -72.16
N PRO G 57 -7.98 19.74 -72.07
CA PRO G 57 -8.82 19.35 -73.21
C PRO G 57 -8.52 20.17 -74.45
N PHE G 58 -8.62 19.52 -75.61
CA PHE G 58 -8.40 20.23 -76.86
C PHE G 58 -9.54 21.20 -77.13
N PHE G 59 -9.21 22.31 -77.78
CA PHE G 59 -10.20 23.32 -78.17
C PHE G 59 -11.03 23.77 -76.96
N SER G 60 -10.32 24.24 -75.94
CA SER G 60 -10.94 24.61 -74.68
C SER G 60 -10.82 26.11 -74.43
N ASN G 61 -11.69 26.59 -73.55
CA ASN G 61 -11.69 28.00 -73.16
C ASN G 61 -10.71 28.19 -72.01
N VAL G 62 -9.66 28.98 -72.26
CA VAL G 62 -8.67 29.30 -71.24
C VAL G 62 -8.73 30.80 -70.97
N THR G 63 -8.64 31.16 -69.69
CA THR G 63 -8.74 32.57 -69.32
C THR G 63 -7.54 33.35 -69.83
N TRP G 64 -7.79 34.56 -70.32
CA TRP G 64 -6.76 35.43 -70.86
C TRP G 64 -6.63 36.63 -69.95
N PHE G 65 -5.39 36.94 -69.55
CA PHE G 65 -5.09 38.12 -68.75
C PHE G 65 -4.08 38.97 -69.50
N HIS G 66 -4.37 40.27 -69.61
CA HIS G 66 -3.54 41.19 -70.37
C HIS G 66 -2.61 41.99 -69.46
N ALA G 67 -1.64 42.65 -70.09
CA ALA G 67 -0.79 43.63 -69.42
C ALA G 67 -0.38 44.64 -70.50
N ILE G 68 -1.04 45.80 -70.52
CA ILE G 68 -0.81 46.79 -71.56
C ILE G 68 -0.90 48.18 -70.94
N HIS G 69 -0.02 49.08 -71.39
CA HIS G 69 -0.01 50.44 -70.87
C HIS G 69 -1.30 51.18 -71.20
N VAL G 70 -1.78 51.04 -72.44
CA VAL G 70 -3.00 51.72 -72.90
C VAL G 70 -2.84 53.23 -72.80
N THR G 76 -6.38 52.69 -66.07
CA THR G 76 -6.43 51.24 -66.29
C THR G 76 -5.06 50.62 -66.08
N LYS G 77 -4.28 50.56 -67.16
CA LYS G 77 -2.92 50.04 -67.26
C LYS G 77 -2.90 48.51 -67.23
N ARG G 78 -4.04 47.87 -66.98
CA ARG G 78 -4.20 46.42 -67.02
C ARG G 78 -3.12 45.68 -66.23
N PHE G 79 -3.02 46.01 -64.94
CA PHE G 79 -2.16 45.27 -64.03
C PHE G 79 -3.04 44.20 -63.39
N ASP G 80 -3.00 43.00 -63.95
CA ASP G 80 -3.90 41.93 -63.55
C ASP G 80 -3.10 40.77 -62.95
N ASN G 81 -3.19 40.61 -61.64
CA ASN G 81 -2.61 39.45 -60.95
C ASN G 81 -3.63 38.90 -59.95
N PRO G 82 -4.73 38.32 -60.43
CA PRO G 82 -5.78 37.86 -59.51
C PRO G 82 -5.35 36.59 -58.81
N VAL G 83 -6.19 36.16 -57.87
CA VAL G 83 -5.97 34.91 -57.15
C VAL G 83 -6.83 33.85 -57.82
N LEU G 84 -6.21 32.72 -58.18
CA LEU G 84 -6.92 31.71 -58.93
C LEU G 84 -6.85 30.36 -58.22
N PRO G 85 -7.94 29.61 -58.21
CA PRO G 85 -7.91 28.27 -57.60
C PRO G 85 -7.00 27.33 -58.36
N PHE G 86 -6.45 26.36 -57.63
CA PHE G 86 -5.58 25.33 -58.19
C PHE G 86 -6.24 23.99 -57.84
N ASN G 87 -7.14 23.51 -58.70
CA ASN G 87 -7.92 22.34 -58.36
C ASN G 87 -7.15 21.04 -58.59
N ASP G 88 -6.74 20.80 -59.84
CA ASP G 88 -6.08 19.54 -60.17
C ASP G 88 -4.90 19.71 -61.12
N GLY G 89 -4.36 20.92 -61.23
CA GLY G 89 -3.28 21.17 -62.17
C GLY G 89 -3.61 22.34 -63.07
N VAL G 90 -2.60 23.14 -63.40
CA VAL G 90 -2.80 24.38 -64.14
C VAL G 90 -1.83 24.42 -65.32
N TYR G 91 -2.35 24.78 -66.49
CA TYR G 91 -1.53 25.04 -67.67
C TYR G 91 -1.33 26.54 -67.76
N PHE G 92 -0.09 26.96 -67.97
CA PHE G 92 0.24 28.39 -67.95
C PHE G 92 1.06 28.73 -69.20
N ALA G 93 0.46 29.51 -70.09
CA ALA G 93 1.13 30.00 -71.28
C ALA G 93 1.44 31.48 -71.11
N SER G 94 2.58 31.91 -71.65
CA SER G 94 2.99 33.31 -71.54
C SER G 94 3.52 33.80 -72.89
N THR G 95 2.88 34.82 -73.44
CA THR G 95 3.36 35.48 -74.64
C THR G 95 4.03 36.77 -74.20
N GLU G 96 5.33 36.90 -74.48
CA GLU G 96 6.10 38.02 -73.99
C GLU G 96 7.08 38.51 -75.03
N LYS G 97 7.56 39.73 -74.81
CA LYS G 97 8.66 40.30 -75.58
C LYS G 97 9.70 40.98 -74.69
N SER G 98 9.40 41.20 -73.40
CA SER G 98 10.30 41.93 -72.52
C SER G 98 10.46 41.26 -71.16
N ASN G 99 10.05 40.00 -71.02
CA ASN G 99 10.21 39.24 -69.77
C ASN G 99 9.50 39.92 -68.59
N ILE G 100 8.21 40.19 -68.76
CA ILE G 100 7.44 40.82 -67.70
C ILE G 100 7.14 39.82 -66.58
N ILE G 101 6.79 38.58 -66.93
CA ILE G 101 6.49 37.57 -65.93
C ILE G 101 7.72 37.28 -65.07
N ARG G 102 7.50 37.12 -63.77
CA ARG G 102 8.57 36.80 -62.84
C ARG G 102 8.44 35.42 -62.20
N GLY G 103 7.24 35.00 -61.82
CA GLY G 103 7.08 33.73 -61.14
C GLY G 103 5.67 33.52 -60.65
N TRP G 104 5.53 32.64 -59.66
CA TRP G 104 4.22 32.24 -59.16
C TRP G 104 4.28 32.02 -57.66
N ILE G 105 3.09 32.07 -57.05
CA ILE G 105 2.91 31.76 -55.63
C ILE G 105 1.84 30.68 -55.52
N PHE G 106 2.10 29.66 -54.71
CA PHE G 106 1.15 28.59 -54.47
C PHE G 106 0.88 28.48 -52.97
N GLY G 107 -0.34 28.07 -52.63
CA GLY G 107 -0.68 27.86 -51.24
C GLY G 107 -2.17 27.64 -51.06
N THR G 108 -2.58 27.63 -49.79
CA THR G 108 -3.98 27.46 -49.42
C THR G 108 -4.56 28.71 -48.78
N THR G 109 -3.88 29.27 -47.77
CA THR G 109 -4.34 30.46 -47.08
C THR G 109 -3.57 31.71 -47.45
N LEU G 110 -2.28 31.58 -47.77
CA LEU G 110 -1.43 32.71 -48.17
C LEU G 110 -1.35 33.79 -47.09
N ASP G 111 -1.49 33.39 -45.83
CA ASP G 111 -1.44 34.33 -44.71
C ASP G 111 -0.49 33.86 -43.62
N SER G 112 0.53 33.08 -43.99
CA SER G 112 1.58 32.58 -43.11
C SER G 112 1.05 31.53 -42.13
N LYS G 113 -0.22 31.18 -42.20
CA LYS G 113 -0.78 30.15 -41.32
C LYS G 113 -0.53 28.75 -41.85
N THR G 114 -0.33 28.61 -43.16
CA THR G 114 0.01 27.34 -43.78
C THR G 114 1.17 27.57 -44.74
N GLN G 115 2.00 26.56 -44.91
CA GLN G 115 3.18 26.70 -45.75
C GLN G 115 2.78 26.97 -47.20
N SER G 116 3.49 27.89 -47.84
CA SER G 116 3.25 28.27 -49.22
C SER G 116 4.47 27.96 -50.07
N LEU G 117 4.32 28.10 -51.37
CA LEU G 117 5.42 27.89 -52.31
C LEU G 117 5.63 29.15 -53.13
N LEU G 118 6.90 29.45 -53.40
CA LEU G 118 7.27 30.68 -54.11
C LEU G 118 8.35 30.37 -55.14
N ILE G 119 8.08 30.71 -56.40
CA ILE G 119 9.06 30.63 -57.47
C ILE G 119 9.22 32.02 -58.07
N VAL G 120 10.45 32.52 -58.09
CA VAL G 120 10.75 33.85 -58.63
C VAL G 120 12.02 33.79 -59.45
N ASN G 121 11.96 34.34 -60.66
CA ASN G 121 13.15 34.56 -61.49
C ASN G 121 13.41 36.07 -61.49
N ASN G 122 14.11 36.54 -60.46
CA ASN G 122 14.28 37.99 -60.27
C ASN G 122 15.51 38.53 -60.98
N ALA G 123 15.66 38.17 -62.27
CA ALA G 123 16.65 38.74 -63.18
C ALA G 123 18.07 38.27 -62.86
N THR G 124 18.24 37.59 -61.73
CA THR G 124 19.55 37.11 -61.31
C THR G 124 19.62 35.60 -61.18
N ASN G 125 18.69 35.01 -60.42
CA ASN G 125 18.69 33.58 -60.17
C ASN G 125 17.26 33.07 -60.29
N VAL G 126 17.10 31.77 -60.08
CA VAL G 126 15.78 31.15 -59.98
C VAL G 126 15.63 30.68 -58.54
N VAL G 127 14.63 31.22 -57.85
CA VAL G 127 14.42 30.95 -56.43
C VAL G 127 13.16 30.10 -56.29
N ILE G 128 13.29 28.95 -55.65
CA ILE G 128 12.17 28.07 -55.38
C ILE G 128 12.15 27.82 -53.87
N LYS G 129 11.13 28.33 -53.20
CA LYS G 129 10.99 28.21 -51.76
C LYS G 129 9.64 27.63 -51.40
N VAL G 130 9.63 26.80 -50.37
CA VAL G 130 8.41 26.34 -49.73
C VAL G 130 8.52 26.82 -48.29
N CYS G 131 7.67 27.77 -47.92
CA CYS G 131 7.91 28.48 -46.68
C CYS G 131 6.64 29.25 -46.32
N GLU G 132 6.56 29.67 -45.07
CA GLU G 132 5.39 30.41 -44.59
C GLU G 132 5.66 31.89 -44.78
N PHE G 133 4.82 32.55 -45.57
CA PHE G 133 4.99 33.95 -45.89
C PHE G 133 3.74 34.74 -45.57
N GLN G 134 3.93 35.97 -45.12
CA GLN G 134 2.82 36.90 -44.88
C GLN G 134 2.54 37.67 -46.17
N PHE G 135 1.93 36.97 -47.12
CA PHE G 135 1.62 37.57 -48.41
C PHE G 135 0.61 38.69 -48.26
N CYS G 136 0.84 39.79 -48.97
CA CYS G 136 -0.08 40.90 -48.98
C CYS G 136 -1.01 40.79 -50.18
N ASN G 137 -1.95 41.73 -50.29
CA ASN G 137 -2.95 41.68 -51.35
C ASN G 137 -2.32 41.84 -52.73
N ASP G 138 -1.27 42.66 -52.85
CA ASP G 138 -0.67 42.99 -54.14
C ASP G 138 0.82 42.66 -54.11
N PRO G 139 1.19 41.40 -54.34
CA PRO G 139 2.61 41.06 -54.48
C PRO G 139 3.05 41.19 -55.93
N PHE G 140 4.23 41.78 -56.12
CA PHE G 140 4.73 42.06 -57.47
C PHE G 140 6.21 42.38 -57.41
N LEU G 141 6.78 42.65 -58.57
CA LEU G 141 8.16 43.08 -58.74
C LEU G 141 8.18 44.39 -59.50
N GLY G 142 9.22 45.19 -59.26
CA GLY G 142 9.36 46.43 -59.97
C GLY G 142 10.76 46.71 -60.48
N VAL G 143 10.90 46.92 -61.79
CA VAL G 143 12.16 47.29 -62.39
C VAL G 143 12.16 48.79 -62.61
N TYR G 144 13.23 49.46 -62.21
CA TYR G 144 13.30 50.91 -62.22
C TYR G 144 14.23 51.34 -63.36
N TYR G 145 13.74 52.23 -64.21
CA TYR G 145 14.44 52.63 -65.43
C TYR G 145 14.98 54.04 -65.26
N HIS G 146 16.24 54.22 -65.61
CA HIS G 146 16.92 55.52 -65.50
C HIS G 146 17.08 56.11 -66.90
N LYS G 147 16.69 57.38 -67.05
CA LYS G 147 16.82 58.03 -68.34
C LYS G 147 18.26 58.43 -68.66
N ASN G 148 19.08 58.68 -67.63
CA ASN G 148 20.45 59.14 -67.89
C ASN G 148 21.30 58.05 -68.54
N ASN G 149 21.15 56.80 -68.11
CA ASN G 149 21.95 55.70 -68.62
C ASN G 149 21.04 54.58 -69.08
N LYS G 150 21.49 53.86 -70.12
CA LYS G 150 20.70 52.77 -70.71
C LYS G 150 20.91 51.48 -69.91
N SER G 151 20.38 51.49 -68.69
CA SER G 151 20.52 50.34 -67.80
C SER G 151 19.19 50.08 -67.09
N TRP G 152 18.83 48.80 -66.98
CA TRP G 152 17.64 48.38 -66.25
C TRP G 152 18.04 47.40 -65.16
N MET G 153 17.62 47.67 -63.93
CA MET G 153 17.79 46.71 -62.84
C MET G 153 16.56 46.73 -61.95
N GLU G 154 16.24 45.58 -61.38
CA GLU G 154 15.08 45.47 -60.50
C GLU G 154 15.31 46.24 -59.22
N SER G 155 14.31 47.02 -58.82
CA SER G 155 14.40 47.86 -57.62
C SER G 155 13.47 47.43 -56.50
N GLU G 156 12.22 47.09 -56.82
CA GLU G 156 11.22 46.78 -55.80
C GLU G 156 10.88 45.30 -55.85
N PHE G 157 10.79 44.68 -54.67
CA PHE G 157 10.37 43.28 -54.54
C PHE G 157 9.43 43.23 -53.34
N ARG G 158 8.13 43.32 -53.61
CA ARG G 158 7.11 43.40 -52.57
C ARG G 158 6.23 42.16 -52.67
N VAL G 159 6.60 41.11 -51.95
CA VAL G 159 5.84 39.86 -52.00
C VAL G 159 5.46 39.40 -50.60
N TYR G 160 6.46 39.25 -49.74
CA TYR G 160 6.26 38.74 -48.39
C TYR G 160 6.99 39.63 -47.40
N SER G 161 6.70 39.41 -46.12
CA SER G 161 7.32 40.20 -45.06
C SER G 161 8.15 39.38 -44.08
N SER G 162 7.76 38.15 -43.76
CA SER G 162 8.47 37.40 -42.74
C SER G 162 8.47 35.92 -43.09
N ALA G 163 9.46 35.20 -42.55
CA ALA G 163 9.54 33.75 -42.66
C ALA G 163 10.24 33.21 -41.42
N ASN G 164 9.48 32.58 -40.52
CA ASN G 164 10.01 32.09 -39.25
C ASN G 164 10.22 30.58 -39.25
N ASN G 165 9.21 29.78 -39.56
CA ASN G 165 9.38 28.33 -39.66
C ASN G 165 9.40 28.00 -41.15
N CYS G 166 10.55 27.55 -41.64
CA CYS G 166 10.74 27.40 -43.08
C CYS G 166 11.44 26.07 -43.38
N THR G 167 11.03 25.39 -44.45
CA THR G 167 11.57 24.05 -44.68
C THR G 167 12.31 23.87 -46.00
N PHE G 168 11.86 24.47 -47.10
CA PHE G 168 12.46 24.22 -48.41
C PHE G 168 12.99 25.52 -48.99
N GLU G 169 14.24 25.48 -49.47
CA GLU G 169 14.86 26.62 -50.13
C GLU G 169 15.71 26.11 -51.29
N TYR G 170 15.67 26.85 -52.41
CA TYR G 170 16.51 26.54 -53.56
C TYR G 170 16.78 27.81 -54.35
N VAL G 171 18.04 28.03 -54.72
CA VAL G 171 18.44 29.12 -55.60
C VAL G 171 19.35 28.56 -56.68
N SER G 172 19.01 28.83 -57.94
CA SER G 172 19.86 28.40 -59.03
C SER G 172 21.07 29.34 -59.18
N GLN G 173 22.03 28.91 -59.99
CA GLN G 173 23.23 29.70 -60.18
C GLN G 173 22.90 30.97 -60.97
N PRO G 174 23.62 32.07 -60.69
CA PRO G 174 23.25 33.37 -61.27
C PRO G 174 23.38 33.43 -62.78
N PHE G 175 22.53 34.24 -63.40
CA PHE G 175 22.51 34.44 -64.83
C PHE G 175 21.87 35.80 -65.15
N ASN G 185 5.96 43.29 -81.46
CA ASN G 185 5.03 42.27 -81.00
C ASN G 185 5.73 41.22 -80.14
N PHE G 186 4.94 40.35 -79.53
CA PHE G 186 5.49 39.30 -78.68
C PHE G 186 6.32 38.33 -79.51
N LYS G 187 7.45 37.91 -78.95
CA LYS G 187 8.36 37.01 -79.65
C LYS G 187 8.59 35.68 -78.96
N ASN G 188 8.29 35.57 -77.67
CA ASN G 188 8.55 34.35 -76.91
C ASN G 188 7.25 33.80 -76.35
N LEU G 189 7.10 32.48 -76.43
CA LEU G 189 5.97 31.77 -75.85
C LEU G 189 6.50 30.73 -74.88
N ARG G 190 6.21 30.91 -73.59
CA ARG G 190 6.63 29.98 -72.55
C ARG G 190 5.40 29.22 -72.06
N GLU G 191 5.45 27.90 -72.17
CA GLU G 191 4.35 27.03 -71.77
C GLU G 191 4.79 26.19 -70.57
N PHE G 192 4.00 26.21 -69.52
CA PHE G 192 4.29 25.46 -68.31
C PHE G 192 3.07 24.68 -67.87
N VAL G 193 3.31 23.56 -67.18
CA VAL G 193 2.26 22.75 -66.59
C VAL G 193 2.67 22.46 -65.15
N PHE G 194 1.77 22.78 -64.21
CA PHE G 194 2.02 22.56 -62.80
C PHE G 194 1.04 21.51 -62.26
N LYS G 195 1.57 20.47 -61.63
CA LYS G 195 0.74 19.44 -61.03
C LYS G 195 1.22 19.16 -59.62
N ASN G 196 0.28 18.79 -58.75
CA ASN G 196 0.61 18.37 -57.39
C ASN G 196 -0.24 17.15 -57.05
N ILE G 197 0.37 15.97 -57.01
CA ILE G 197 -0.34 14.75 -56.66
C ILE G 197 0.65 13.81 -55.99
N ASP G 198 0.15 13.01 -55.04
CA ASP G 198 0.91 11.97 -54.38
C ASP G 198 2.13 12.58 -53.67
N GLY G 199 1.96 13.82 -53.20
CA GLY G 199 2.99 14.57 -52.50
C GLY G 199 4.11 15.11 -53.35
N TYR G 200 4.02 14.99 -54.67
CA TYR G 200 5.04 15.49 -55.58
C TYR G 200 4.49 16.66 -56.38
N PHE G 201 5.24 17.77 -56.42
CA PHE G 201 4.87 18.93 -57.23
C PHE G 201 5.74 18.90 -58.48
N LYS G 202 5.12 18.63 -59.63
CA LYS G 202 5.82 18.44 -60.89
C LYS G 202 5.61 19.64 -61.80
N ILE G 203 6.70 20.13 -62.39
CA ILE G 203 6.67 21.24 -63.33
C ILE G 203 7.15 20.74 -64.68
N TYR G 204 6.36 21.00 -65.73
CA TYR G 204 6.73 20.70 -67.10
C TYR G 204 6.87 22.04 -67.83
N SER G 205 7.86 22.12 -68.72
CA SER G 205 8.15 23.40 -69.37
C SER G 205 8.42 23.20 -70.85
N LYS G 206 8.21 24.27 -71.60
CA LYS G 206 8.55 24.32 -73.02
C LYS G 206 8.70 25.78 -73.43
N HIS G 207 9.65 26.05 -74.32
CA HIS G 207 9.86 27.39 -74.85
C HIS G 207 9.69 27.36 -76.37
N THR G 208 9.12 28.42 -76.92
CA THR G 208 8.87 28.47 -78.35
C THR G 208 9.03 29.88 -78.90
N PRO G 209 9.73 30.05 -80.01
CA PRO G 209 9.77 31.36 -80.67
C PRO G 209 8.53 31.56 -81.53
N ILE G 210 7.88 32.72 -81.37
CA ILE G 210 6.68 33.04 -82.12
C ILE G 210 6.84 34.44 -82.69
N ASN G 211 6.12 34.71 -83.78
CA ASN G 211 6.16 36.01 -84.42
C ASN G 211 4.75 36.50 -84.73
N LEU G 212 3.82 36.32 -83.81
CA LEU G 212 2.50 36.88 -83.99
C LEU G 212 2.32 38.07 -83.06
N VAL G 213 1.22 38.79 -83.28
CA VAL G 213 0.92 40.02 -82.57
C VAL G 213 0.04 39.83 -81.35
N ARG G 214 -1.15 39.26 -81.57
CA ARG G 214 -2.23 39.18 -80.59
C ARG G 214 -3.11 37.97 -80.87
N ASP G 215 -2.75 36.82 -80.25
CA ASP G 215 -3.47 35.55 -80.30
C ASP G 215 -2.79 34.45 -79.48
N LEU G 216 -3.35 33.24 -79.53
CA LEU G 216 -2.69 32.03 -79.01
C LEU G 216 -2.18 31.23 -80.20
N PRO G 217 -0.87 30.95 -80.30
CA PRO G 217 -0.36 30.28 -81.51
C PRO G 217 -0.93 28.88 -81.68
N GLN G 218 -1.11 28.49 -82.95
CA GLN G 218 -1.61 27.18 -83.28
C GLN G 218 -0.45 26.18 -83.29
N GLY G 219 -0.70 24.97 -83.78
CA GLY G 219 0.35 23.97 -83.86
C GLY G 219 0.41 23.11 -82.63
N PHE G 220 1.28 22.12 -82.67
CA PHE G 220 1.41 21.15 -81.59
C PHE G 220 2.85 21.15 -81.07
N SER G 221 2.99 21.13 -79.75
CA SER G 221 4.31 21.08 -79.13
C SER G 221 4.19 20.38 -77.78
N ALA G 222 4.87 19.24 -77.64
CA ALA G 222 4.88 18.53 -76.37
C ALA G 222 5.73 19.27 -75.35
N LEU G 223 5.34 19.19 -74.09
CA LEU G 223 6.02 19.88 -73.00
C LEU G 223 6.91 18.90 -72.24
N GLU G 224 8.21 19.17 -72.23
CA GLU G 224 9.15 18.32 -71.52
C GLU G 224 9.08 18.58 -70.01
N PRO G 225 9.26 17.54 -69.19
CA PRO G 225 9.34 17.75 -67.75
C PRO G 225 10.52 18.64 -67.37
N LEU G 226 10.31 19.49 -66.37
CA LEU G 226 11.35 20.39 -65.89
C LEU G 226 11.91 19.97 -64.54
N VAL G 227 11.05 19.71 -63.56
CA VAL G 227 11.50 19.34 -62.22
C VAL G 227 10.35 18.62 -61.53
N ASP G 228 10.71 17.76 -60.56
CA ASP G 228 9.73 17.08 -59.71
C ASP G 228 10.10 17.43 -58.27
N LEU G 229 9.54 18.51 -57.76
CA LEU G 229 9.89 18.99 -56.44
C LEU G 229 9.22 18.13 -55.37
N PRO G 230 9.96 17.65 -54.36
CA PRO G 230 9.38 16.89 -53.24
C PRO G 230 8.83 17.82 -52.15
N ILE G 231 7.65 18.36 -52.39
CA ILE G 231 7.08 19.39 -51.51
C ILE G 231 6.08 18.80 -50.54
N GLY G 232 5.15 17.98 -51.01
CA GLY G 232 4.20 17.31 -50.14
C GLY G 232 3.34 18.24 -49.29
N ILE G 233 2.83 19.31 -49.89
CA ILE G 233 1.93 20.23 -49.19
C ILE G 233 0.61 20.30 -49.95
N ASN G 234 -0.37 20.93 -49.33
CA ASN G 234 -1.68 21.13 -49.95
C ASN G 234 -1.68 22.48 -50.66
N ILE G 235 -1.89 22.46 -51.97
CA ILE G 235 -1.99 23.67 -52.78
C ILE G 235 -3.38 23.71 -53.37
N THR G 236 -4.17 24.71 -52.98
CA THR G 236 -5.54 24.87 -53.46
C THR G 236 -5.76 26.17 -54.20
N ARG G 237 -4.83 27.12 -54.13
CA ARG G 237 -5.02 28.43 -54.73
C ARG G 237 -3.65 28.98 -55.11
N PHE G 238 -3.63 29.88 -56.08
CA PHE G 238 -2.35 30.34 -56.59
C PHE G 238 -2.49 31.72 -57.22
N GLN G 239 -1.34 32.35 -57.46
CA GLN G 239 -1.25 33.66 -58.07
C GLN G 239 -0.04 33.71 -58.99
N THR G 240 0.05 34.78 -59.78
CA THR G 240 1.17 35.01 -60.67
C THR G 240 1.90 36.27 -60.26
N LEU G 241 3.13 36.42 -60.75
CA LEU G 241 3.97 37.57 -60.44
C LEU G 241 4.30 38.33 -61.71
N LEU G 242 4.21 39.66 -61.64
CA LEU G 242 4.51 40.53 -62.77
C LEU G 242 5.54 41.57 -62.36
N ALA G 243 6.32 42.03 -63.34
CA ALA G 243 7.29 43.09 -63.13
C ALA G 243 6.81 44.35 -63.83
N LEU G 244 6.75 45.46 -63.09
CA LEU G 244 6.34 46.74 -63.66
C LEU G 244 7.57 47.60 -63.96
N HIS G 245 7.31 48.71 -64.66
CA HIS G 245 8.36 49.65 -65.03
C HIS G 245 8.12 50.98 -64.31
N ARG G 246 9.19 51.56 -63.77
CA ARG G 246 9.13 52.86 -63.12
C ARG G 246 10.16 53.78 -63.76
N SER G 247 9.80 55.06 -63.88
CA SER G 247 10.71 56.07 -64.40
C SER G 247 10.70 57.33 -63.55
N GLY G 252 -7.64 50.26 -57.91
CA GLY G 252 -6.53 51.20 -57.86
C GLY G 252 -5.23 50.56 -57.43
N ASP G 253 -4.17 50.82 -58.19
CA ASP G 253 -2.85 50.30 -57.84
C ASP G 253 -2.32 50.96 -56.59
N SER G 254 -1.51 50.19 -55.84
CA SER G 254 -0.83 50.74 -54.68
C SER G 254 0.14 51.85 -55.08
N SER G 255 0.81 51.69 -56.22
CA SER G 255 1.73 52.70 -56.72
C SER G 255 0.99 53.70 -57.60
N SER G 256 1.21 55.00 -57.34
CA SER G 256 0.60 56.03 -58.16
C SER G 256 1.19 56.05 -59.57
N GLY G 257 2.51 55.98 -59.68
CA GLY G 257 3.17 56.02 -60.98
C GLY G 257 3.96 54.77 -61.31
N TRP G 258 3.68 54.17 -62.46
CA TRP G 258 4.32 52.92 -62.87
C TRP G 258 3.86 52.59 -64.29
N THR G 259 4.48 51.56 -64.85
CA THR G 259 4.10 51.06 -66.18
C THR G 259 4.17 49.54 -66.16
N ALA G 260 3.05 48.89 -66.52
CA ALA G 260 2.99 47.43 -66.47
C ALA G 260 3.89 46.79 -67.53
N GLY G 261 3.83 47.30 -68.75
CA GLY G 261 4.58 46.68 -69.85
C GLY G 261 3.73 45.68 -70.59
N ALA G 262 4.03 45.53 -71.88
CA ALA G 262 3.22 44.68 -72.74
C ALA G 262 3.53 43.21 -72.48
N ALA G 263 2.50 42.45 -72.13
CA ALA G 263 2.62 41.01 -71.91
C ALA G 263 1.22 40.42 -71.86
N ALA G 264 1.15 39.09 -72.05
CA ALA G 264 -0.10 38.37 -71.90
C ALA G 264 0.20 36.98 -71.35
N TYR G 265 -0.67 36.49 -70.47
CA TYR G 265 -0.54 35.14 -69.94
C TYR G 265 -1.90 34.47 -69.90
N TYR G 266 -1.93 33.19 -70.28
CA TYR G 266 -3.15 32.40 -70.39
C TYR G 266 -3.12 31.29 -69.35
N VAL G 267 -4.25 31.07 -68.68
CA VAL G 267 -4.37 30.06 -67.64
C VAL G 267 -5.45 29.07 -68.03
N GLY G 268 -5.11 27.78 -67.97
CA GLY G 268 -6.06 26.73 -68.20
C GLY G 268 -5.98 25.70 -67.10
N TYR G 269 -7.02 24.90 -66.98
CA TYR G 269 -7.11 23.90 -65.92
C TYR G 269 -7.02 22.50 -66.50
N LEU G 270 -6.35 21.61 -65.79
CA LEU G 270 -6.18 20.23 -66.21
C LEU G 270 -7.32 19.37 -65.69
N GLN G 271 -7.76 18.43 -66.54
CA GLN G 271 -8.80 17.50 -66.16
C GLN G 271 -8.36 16.08 -66.45
N PRO G 272 -8.87 15.10 -65.70
CA PRO G 272 -8.51 13.70 -65.99
C PRO G 272 -9.16 13.23 -67.28
N ARG G 273 -8.34 12.99 -68.31
CA ARG G 273 -8.85 12.60 -69.61
C ARG G 273 -7.89 11.60 -70.22
N THR G 274 -8.36 10.90 -71.25
CA THR G 274 -7.56 9.90 -71.95
C THR G 274 -7.11 10.49 -73.28
N PHE G 275 -5.81 10.39 -73.55
CA PHE G 275 -5.22 10.94 -74.75
C PHE G 275 -4.47 9.84 -75.49
N LEU G 276 -4.53 9.88 -76.82
CA LEU G 276 -3.75 8.98 -77.66
C LEU G 276 -2.60 9.79 -78.26
N LEU G 277 -1.37 9.40 -77.92
CA LEU G 277 -0.18 10.12 -78.34
C LEU G 277 0.58 9.31 -79.38
N LYS G 278 1.08 10.00 -80.40
CA LYS G 278 1.84 9.36 -81.47
C LYS G 278 3.31 9.67 -81.28
N TYR G 279 4.09 8.66 -80.92
CA TYR G 279 5.53 8.78 -80.78
C TYR G 279 6.16 8.50 -82.14
N ASN G 280 7.00 9.43 -82.61
CA ASN G 280 7.69 9.24 -83.88
C ASN G 280 8.91 8.35 -83.68
N GLU G 281 9.76 8.26 -84.70
CA GLU G 281 10.95 7.41 -84.58
C GLU G 281 11.90 7.96 -83.53
N ASN G 282 11.99 9.28 -83.40
CA ASN G 282 12.92 9.89 -82.45
C ASN G 282 12.44 9.79 -81.01
N GLY G 283 11.19 9.42 -80.79
CA GLY G 283 10.63 9.35 -79.46
C GLY G 283 9.86 10.57 -79.01
N THR G 284 9.66 11.55 -79.90
CA THR G 284 8.91 12.75 -79.56
C THR G 284 7.42 12.54 -79.85
N ILE G 285 6.58 13.25 -79.10
CA ILE G 285 5.13 13.18 -79.28
C ILE G 285 4.78 14.09 -80.44
N THR G 286 4.67 13.52 -81.64
CA THR G 286 4.37 14.34 -82.82
C THR G 286 2.93 14.82 -82.82
N ASP G 287 1.98 13.96 -82.46
CA ASP G 287 0.57 14.30 -82.54
C ASP G 287 -0.18 13.66 -81.39
N ALA G 288 -1.38 14.16 -81.15
CA ALA G 288 -2.24 13.62 -80.10
C ALA G 288 -3.70 13.88 -80.45
N VAL G 289 -4.58 13.00 -79.95
CA VAL G 289 -6.01 13.16 -80.11
C VAL G 289 -6.69 12.89 -78.77
N ASP G 290 -7.80 13.58 -78.54
CA ASP G 290 -8.58 13.34 -77.34
C ASP G 290 -9.40 12.06 -77.52
N CYS G 291 -9.91 11.55 -76.41
CA CYS G 291 -10.85 10.44 -76.44
C CYS G 291 -12.25 10.86 -76.04
N ALA G 292 -12.45 12.15 -75.69
CA ALA G 292 -13.75 12.64 -75.28
C ALA G 292 -14.07 13.99 -75.92
N LEU G 293 -13.54 14.24 -77.11
CA LEU G 293 -13.80 15.50 -77.80
C LEU G 293 -14.98 15.40 -78.76
N ASP G 294 -14.92 14.44 -79.68
CA ASP G 294 -15.95 14.26 -80.68
C ASP G 294 -15.96 12.80 -81.09
N PRO G 295 -17.02 12.32 -81.75
CA PRO G 295 -17.09 10.89 -82.06
C PRO G 295 -15.92 10.37 -82.87
N LEU G 296 -15.39 11.14 -83.80
CA LEU G 296 -14.25 10.66 -84.59
C LEU G 296 -13.02 10.44 -83.72
N SER G 297 -12.74 11.37 -82.80
CA SER G 297 -11.60 11.19 -81.90
C SER G 297 -11.82 9.98 -81.01
N GLU G 298 -13.04 9.77 -80.53
CA GLU G 298 -13.33 8.61 -79.72
C GLU G 298 -13.10 7.32 -80.51
N THR G 299 -13.52 7.31 -81.79
CA THR G 299 -13.29 6.15 -82.63
C THR G 299 -11.81 5.90 -82.83
N LYS G 300 -11.04 6.97 -83.05
CA LYS G 300 -9.60 6.83 -83.20
C LYS G 300 -8.98 6.26 -81.93
N CYS G 301 -9.45 6.71 -80.77
CA CYS G 301 -8.96 6.18 -79.51
C CYS G 301 -9.27 4.71 -79.37
N THR G 302 -10.48 4.30 -79.74
CA THR G 302 -10.84 2.88 -79.66
C THR G 302 -9.99 2.04 -80.59
N LEU G 303 -9.73 2.52 -81.80
CA LEU G 303 -8.97 1.76 -82.78
C LEU G 303 -7.47 1.84 -82.59
N LYS G 304 -7.01 2.73 -81.71
CA LYS G 304 -5.58 2.96 -81.48
C LYS G 304 -4.86 3.33 -82.79
N SER G 305 -5.52 4.12 -83.62
CA SER G 305 -4.92 4.58 -84.87
C SER G 305 -5.41 5.97 -85.18
N PHE G 306 -4.52 6.80 -85.75
CA PHE G 306 -4.92 8.14 -86.15
C PHE G 306 -5.79 8.13 -87.40
N THR G 307 -5.69 7.10 -88.23
CA THR G 307 -6.50 6.98 -89.43
C THR G 307 -7.47 5.81 -89.27
N VAL G 308 -8.73 6.04 -89.63
CA VAL G 308 -9.77 5.01 -89.56
C VAL G 308 -10.33 4.77 -90.96
N GLU G 309 -10.48 3.50 -91.34
CA GLU G 309 -11.07 3.25 -92.64
C GLU G 309 -12.59 3.36 -92.55
N LYS G 310 -13.22 3.42 -93.71
CA LYS G 310 -14.66 3.58 -93.81
C LYS G 310 -15.38 2.39 -93.19
N GLY G 311 -16.45 2.68 -92.46
CA GLY G 311 -17.27 1.66 -91.85
C GLY G 311 -17.93 2.19 -90.60
N ILE G 312 -18.52 1.27 -89.83
CA ILE G 312 -19.21 1.59 -88.60
C ILE G 312 -18.49 0.87 -87.45
N TYR G 313 -18.21 1.61 -86.38
CA TYR G 313 -17.43 1.09 -85.27
C TYR G 313 -18.20 1.25 -83.96
N GLN G 314 -18.19 0.20 -83.14
CA GLN G 314 -18.85 0.21 -81.83
C GLN G 314 -17.96 1.00 -80.89
N THR G 315 -18.25 2.30 -80.75
CA THR G 315 -17.36 3.16 -79.99
C THR G 315 -17.53 3.01 -78.48
N SER G 316 -18.74 3.18 -77.97
CA SER G 316 -18.94 3.17 -76.52
C SER G 316 -20.40 2.87 -76.22
N ASN G 317 -20.82 3.13 -74.99
CA ASN G 317 -22.17 2.85 -74.53
C ASN G 317 -22.85 4.12 -74.04
N PHE G 318 -24.15 4.22 -74.30
CA PHE G 318 -24.97 5.34 -73.85
C PHE G 318 -25.92 4.85 -72.77
N ARG G 319 -26.01 5.60 -71.69
CA ARG G 319 -26.94 5.28 -70.61
C ARG G 319 -27.53 6.57 -70.06
N VAL G 320 -28.74 6.47 -69.50
CA VAL G 320 -29.40 7.60 -68.85
C VAL G 320 -29.17 7.49 -67.36
N GLN G 321 -28.62 8.54 -66.75
CA GLN G 321 -28.31 8.51 -65.34
C GLN G 321 -29.53 8.96 -64.54
N PRO G 322 -30.02 8.14 -63.61
CA PRO G 322 -31.21 8.52 -62.86
C PRO G 322 -30.93 9.63 -61.86
N THR G 323 -31.96 10.42 -61.60
CA THR G 323 -31.89 11.50 -60.61
C THR G 323 -33.16 11.46 -59.77
N GLU G 324 -33.15 12.21 -58.67
CA GLU G 324 -34.29 12.32 -57.77
C GLU G 324 -34.68 10.95 -57.22
N SER G 325 -33.77 10.35 -56.45
CA SER G 325 -34.06 9.09 -55.81
C SER G 325 -35.30 9.21 -54.93
N ILE G 326 -36.20 8.24 -55.05
CA ILE G 326 -37.46 8.24 -54.32
C ILE G 326 -37.56 6.98 -53.48
N VAL G 327 -38.06 7.13 -52.26
CA VAL G 327 -38.30 6.01 -51.35
C VAL G 327 -39.75 6.07 -50.90
N ARG G 328 -40.42 4.92 -50.95
CA ARG G 328 -41.82 4.82 -50.52
C ARG G 328 -41.95 3.72 -49.48
N PHE G 329 -42.63 4.03 -48.39
CA PHE G 329 -42.91 3.07 -47.34
C PHE G 329 -44.37 3.16 -46.94
N PRO G 330 -44.94 2.08 -46.38
CA PRO G 330 -46.36 2.08 -46.05
C PRO G 330 -46.69 3.16 -45.02
N ASN G 331 -47.86 3.75 -45.14
CA ASN G 331 -48.32 4.75 -44.20
C ASN G 331 -49.18 4.04 -43.16
N ILE G 332 -49.02 4.40 -41.90
CA ILE G 332 -49.90 3.83 -40.90
C ILE G 332 -50.41 5.00 -40.07
N THR G 333 -51.71 5.30 -40.20
CA THR G 333 -52.29 6.35 -39.38
C THR G 333 -52.12 6.01 -37.92
N ASN G 334 -52.27 4.72 -37.60
CA ASN G 334 -52.11 4.26 -36.24
C ASN G 334 -50.67 4.45 -35.81
N LEU G 335 -50.49 4.95 -34.60
CA LEU G 335 -49.16 5.13 -34.05
C LEU G 335 -49.19 4.64 -32.63
N CYS G 336 -48.01 4.45 -32.05
CA CYS G 336 -47.95 4.05 -30.67
C CYS G 336 -48.57 5.14 -29.80
N PRO G 337 -49.26 4.77 -28.72
CA PRO G 337 -49.92 5.83 -27.94
C PRO G 337 -48.94 6.50 -26.98
N PHE G 338 -48.00 7.22 -27.59
CA PHE G 338 -47.05 8.01 -26.80
C PHE G 338 -47.72 9.28 -26.29
N GLY G 339 -48.62 9.85 -27.09
CA GLY G 339 -49.36 11.00 -26.62
C GLY G 339 -50.20 10.67 -25.40
N GLU G 340 -50.85 9.51 -25.41
CA GLU G 340 -51.70 9.13 -24.29
C GLU G 340 -50.88 8.93 -23.02
N VAL G 341 -49.77 8.20 -23.10
CA VAL G 341 -48.98 7.95 -21.90
C VAL G 341 -48.34 9.24 -21.41
N PHE G 342 -47.77 10.02 -22.33
CA PHE G 342 -47.15 11.29 -21.96
C PHE G 342 -48.17 12.30 -21.47
N ASN G 343 -49.32 12.38 -22.13
CA ASN G 343 -50.34 13.37 -21.77
C ASN G 343 -51.37 12.56 -20.98
N ALA G 344 -51.22 12.49 -19.66
CA ALA G 344 -52.14 11.68 -18.87
C ALA G 344 -52.64 12.44 -17.65
N THR G 345 -53.77 11.97 -17.10
CA THR G 345 -54.36 12.63 -15.94
C THR G 345 -53.72 12.20 -14.64
N ARG G 346 -53.43 10.90 -14.49
CA ARG G 346 -52.91 10.35 -13.24
C ARG G 346 -51.60 9.61 -13.49
N PHE G 347 -50.62 9.85 -12.62
CA PHE G 347 -49.37 9.10 -12.65
C PHE G 347 -49.18 8.35 -11.36
N ALA G 348 -48.57 7.18 -11.45
CA ALA G 348 -48.33 6.35 -10.28
C ALA G 348 -47.26 6.98 -9.39
N SER G 349 -47.25 6.55 -8.13
CA SER G 349 -46.25 7.04 -7.19
C SER G 349 -44.87 6.52 -7.58
N VAL G 350 -43.84 7.21 -7.10
CA VAL G 350 -42.47 6.89 -7.50
C VAL G 350 -42.07 5.49 -7.03
N TYR G 351 -42.43 5.13 -5.79
CA TYR G 351 -42.10 3.79 -5.32
C TYR G 351 -42.83 2.74 -6.13
N ALA G 352 -44.10 2.97 -6.41
CA ALA G 352 -44.90 2.06 -7.24
C ALA G 352 -44.93 2.56 -8.69
N TRP G 353 -43.76 2.64 -9.31
CA TRP G 353 -43.69 3.17 -10.66
C TRP G 353 -44.42 2.27 -11.64
N ASN G 354 -45.22 2.87 -12.51
CA ASN G 354 -46.05 2.14 -13.44
C ASN G 354 -45.33 1.95 -14.76
N ARG G 355 -45.25 0.71 -15.21
CA ARG G 355 -44.59 0.37 -16.47
C ARG G 355 -45.63 0.00 -17.52
N LYS G 356 -45.46 0.54 -18.73
CA LYS G 356 -46.30 0.22 -19.86
C LYS G 356 -45.43 -0.44 -20.94
N ARG G 357 -46.03 -1.33 -21.72
CA ARG G 357 -45.34 -1.98 -22.83
C ARG G 357 -45.95 -1.50 -24.15
N ILE G 358 -45.11 -0.94 -25.02
CA ILE G 358 -45.55 -0.47 -26.33
C ILE G 358 -44.78 -1.20 -27.44
N SER G 359 -45.52 -1.82 -28.34
CA SER G 359 -44.94 -2.58 -29.45
C SER G 359 -45.94 -2.60 -30.60
N ASN G 360 -45.57 -3.30 -31.68
CA ASN G 360 -46.44 -3.51 -32.85
C ASN G 360 -47.11 -2.20 -33.30
N CYS G 361 -46.29 -1.21 -33.61
CA CYS G 361 -46.79 0.11 -33.99
C CYS G 361 -45.66 0.93 -34.61
N VAL G 362 -45.95 2.20 -34.91
CA VAL G 362 -44.96 3.18 -35.37
C VAL G 362 -44.80 4.21 -34.27
N ALA G 363 -43.55 4.45 -33.85
CA ALA G 363 -43.28 5.31 -32.70
C ALA G 363 -42.76 6.67 -33.15
N ASP G 364 -43.55 7.72 -32.92
CA ASP G 364 -43.19 9.07 -33.33
C ASP G 364 -42.28 9.71 -32.29
N TYR G 365 -41.03 9.26 -32.30
CA TYR G 365 -40.05 9.79 -31.36
C TYR G 365 -39.76 11.27 -31.64
N SER G 366 -39.89 11.68 -32.90
CA SER G 366 -39.66 13.08 -33.24
C SER G 366 -40.68 14.00 -32.60
N VAL G 367 -41.94 13.57 -32.51
CA VAL G 367 -42.99 14.43 -31.98
C VAL G 367 -42.70 14.81 -30.53
N LEU G 368 -42.32 13.83 -29.71
CA LEU G 368 -41.94 14.15 -28.34
C LEU G 368 -40.67 14.97 -28.30
N TYR G 369 -39.69 14.62 -29.14
CA TYR G 369 -38.43 15.35 -29.19
C TYR G 369 -38.66 16.80 -29.62
N ASN G 370 -39.45 16.99 -30.68
CA ASN G 370 -39.69 18.33 -31.20
C ASN G 370 -40.37 19.23 -30.17
N SER G 371 -41.33 18.68 -29.43
CA SER G 371 -41.97 19.44 -28.36
C SER G 371 -40.93 19.85 -27.32
N ALA G 372 -40.96 21.12 -26.93
CA ALA G 372 -39.97 21.67 -26.02
C ALA G 372 -40.53 21.91 -24.62
N SER G 373 -41.76 21.46 -24.35
CA SER G 373 -42.39 21.72 -23.05
C SER G 373 -41.64 21.05 -21.92
N PHE G 374 -41.06 19.88 -22.18
CA PHE G 374 -40.46 19.07 -21.12
C PHE G 374 -39.17 19.72 -20.61
N SER G 375 -39.08 19.87 -19.29
CA SER G 375 -37.91 20.51 -18.69
C SER G 375 -36.65 19.67 -18.88
N THR G 376 -36.72 18.37 -18.65
CA THR G 376 -35.55 17.51 -18.70
C THR G 376 -35.72 16.47 -19.79
N PHE G 377 -34.77 16.42 -20.72
CA PHE G 377 -34.74 15.43 -21.78
C PHE G 377 -33.33 14.86 -21.84
N LYS G 378 -33.05 13.88 -20.98
CA LYS G 378 -31.73 13.27 -20.92
C LYS G 378 -31.82 11.86 -21.49
N CYS G 379 -31.14 11.65 -22.62
CA CYS G 379 -31.17 10.38 -23.32
C CYS G 379 -29.77 9.78 -23.29
N TYR G 380 -29.66 8.53 -22.84
CA TYR G 380 -28.40 7.84 -22.70
C TYR G 380 -28.36 6.69 -23.69
N GLY G 381 -27.33 6.65 -24.53
CA GLY G 381 -27.14 5.57 -25.48
C GLY G 381 -27.99 5.65 -26.72
N VAL G 382 -28.80 6.71 -26.88
CA VAL G 382 -29.63 6.85 -28.06
C VAL G 382 -29.95 8.32 -28.24
N SER G 383 -30.04 8.76 -29.50
CA SER G 383 -30.41 10.12 -29.83
C SER G 383 -31.80 10.17 -30.44
N PRO G 384 -32.60 11.21 -30.17
CA PRO G 384 -33.97 11.22 -30.68
C PRO G 384 -34.04 11.17 -32.18
N THR G 385 -33.16 11.89 -32.87
CA THR G 385 -33.13 11.83 -34.33
C THR G 385 -32.78 10.43 -34.79
N LYS G 386 -31.81 9.79 -34.12
CA LYS G 386 -31.48 8.40 -34.42
C LYS G 386 -32.60 7.45 -34.04
N LEU G 387 -33.37 7.79 -33.00
CA LEU G 387 -34.45 6.92 -32.55
C LEU G 387 -35.49 6.72 -33.65
N ASN G 388 -35.82 7.80 -34.37
CA ASN G 388 -36.84 7.72 -35.41
C ASN G 388 -36.46 6.71 -36.49
N ASP G 389 -35.22 6.77 -36.97
CA ASP G 389 -34.78 5.80 -37.97
C ASP G 389 -34.59 4.41 -37.39
N LEU G 390 -34.13 4.31 -36.14
CA LEU G 390 -33.80 3.01 -35.56
C LEU G 390 -35.05 2.15 -35.42
N CYS G 391 -34.83 0.84 -35.29
CA CYS G 391 -35.92 -0.09 -35.01
C CYS G 391 -35.65 -0.85 -33.71
N PHE G 392 -36.68 -0.95 -32.86
CA PHE G 392 -36.61 -1.50 -31.51
C PHE G 392 -37.67 -2.58 -31.33
N THR G 393 -37.35 -3.61 -30.54
CA THR G 393 -38.32 -4.68 -30.28
C THR G 393 -39.46 -4.23 -29.38
N ASN G 394 -39.15 -3.60 -28.24
CA ASN G 394 -40.19 -3.22 -27.29
C ASN G 394 -39.69 -2.09 -26.40
N VAL G 395 -40.50 -1.03 -26.27
CA VAL G 395 -40.22 0.08 -25.36
C VAL G 395 -41.07 -0.09 -24.11
N TYR G 396 -40.53 0.29 -22.96
CA TYR G 396 -41.27 0.27 -21.70
C TYR G 396 -41.23 1.65 -21.05
N ALA G 397 -42.39 2.29 -20.93
CA ALA G 397 -42.50 3.65 -20.40
C ALA G 397 -42.92 3.58 -18.93
N ASP G 398 -42.13 4.23 -18.07
CA ASP G 398 -42.42 4.31 -16.64
C ASP G 398 -42.84 5.73 -16.29
N SER G 399 -44.02 5.88 -15.68
CA SER G 399 -44.57 7.18 -15.34
C SER G 399 -44.66 7.33 -13.83
N PHE G 400 -44.06 8.40 -13.30
CA PHE G 400 -44.10 8.67 -11.87
C PHE G 400 -43.92 10.16 -11.63
N VAL G 401 -44.43 10.62 -10.48
CA VAL G 401 -44.34 12.02 -10.07
C VAL G 401 -43.36 12.12 -8.91
N ILE G 402 -42.36 12.98 -9.06
CA ILE G 402 -41.33 13.18 -8.04
C ILE G 402 -40.98 14.66 -7.93
N ARG G 403 -40.23 14.99 -6.89
CA ARG G 403 -39.76 16.35 -6.68
C ARG G 403 -38.72 16.73 -7.72
N GLY G 404 -38.58 18.03 -7.95
CA GLY G 404 -37.55 18.50 -8.87
C GLY G 404 -36.15 18.13 -8.44
N ASP G 405 -35.89 18.14 -7.13
CA ASP G 405 -34.59 17.71 -6.63
C ASP G 405 -34.34 16.25 -6.96
N GLU G 406 -35.36 15.41 -6.83
CA GLU G 406 -35.21 13.99 -7.07
C GLU G 406 -35.14 13.64 -8.54
N VAL G 407 -35.48 14.57 -9.43
CA VAL G 407 -35.28 14.36 -10.86
C VAL G 407 -33.81 14.08 -11.13
N ARG G 408 -32.93 14.75 -10.38
CA ARG G 408 -31.50 14.49 -10.47
C ARG G 408 -31.18 13.05 -10.10
N GLN G 409 -31.79 12.55 -9.03
CA GLN G 409 -31.45 11.22 -8.53
C GLN G 409 -31.81 10.14 -9.54
N ILE G 410 -32.90 10.30 -10.28
CA ILE G 410 -33.33 9.25 -11.20
C ILE G 410 -32.58 9.38 -12.51
N ALA G 411 -31.37 8.81 -12.55
CA ALA G 411 -30.56 8.80 -13.76
C ALA G 411 -29.59 7.64 -13.67
N PRO G 412 -29.12 7.11 -14.79
CA PRO G 412 -28.08 6.09 -14.73
C PRO G 412 -26.82 6.64 -14.08
N GLY G 413 -26.21 5.84 -13.21
CA GLY G 413 -25.01 6.28 -12.52
C GLY G 413 -25.23 7.36 -11.49
N GLN G 414 -26.46 7.49 -10.99
CA GLN G 414 -26.81 8.50 -9.99
C GLN G 414 -27.28 7.82 -8.72
N THR G 415 -26.74 8.24 -7.58
CA THR G 415 -27.11 7.68 -6.28
C THR G 415 -28.01 8.66 -5.54
N GLY G 416 -29.16 8.17 -5.09
CA GLY G 416 -30.08 8.98 -4.32
C GLY G 416 -30.97 8.08 -3.50
N LYS G 417 -31.54 8.66 -2.44
CA LYS G 417 -32.47 7.90 -1.62
C LYS G 417 -33.71 7.50 -2.41
N ILE G 418 -34.23 8.40 -3.25
CA ILE G 418 -35.36 8.06 -4.10
C ILE G 418 -34.95 6.98 -5.09
N ALA G 419 -33.77 7.11 -5.69
CA ALA G 419 -33.29 6.10 -6.63
C ALA G 419 -33.10 4.75 -5.94
N ASP G 420 -32.56 4.76 -4.73
CA ASP G 420 -32.26 3.51 -4.04
C ASP G 420 -33.52 2.75 -3.63
N TYR G 421 -34.53 3.46 -3.13
CA TYR G 421 -35.68 2.80 -2.53
C TYR G 421 -36.96 2.87 -3.35
N ASN G 422 -36.98 3.61 -4.46
CA ASN G 422 -38.21 3.77 -5.24
C ASN G 422 -38.05 3.25 -6.66
N TYR G 423 -37.14 3.82 -7.45
CA TYR G 423 -36.93 3.41 -8.83
C TYR G 423 -35.45 3.48 -9.15
N LYS G 424 -34.88 2.39 -9.64
CA LYS G 424 -33.45 2.28 -9.90
C LYS G 424 -33.20 2.21 -11.39
N LEU G 425 -32.25 3.00 -11.87
CA LEU G 425 -31.91 3.04 -13.30
C LEU G 425 -30.53 2.44 -13.51
N PRO G 426 -30.40 1.41 -14.34
CA PRO G 426 -29.07 0.84 -14.60
C PRO G 426 -28.18 1.82 -15.35
N ASP G 427 -26.89 1.77 -15.05
CA ASP G 427 -25.95 2.69 -15.69
C ASP G 427 -25.77 2.34 -17.16
N ASP G 428 -25.62 1.05 -17.47
CA ASP G 428 -25.41 0.62 -18.85
C ASP G 428 -26.63 0.85 -19.72
N PHE G 429 -27.80 1.03 -19.11
CA PHE G 429 -29.04 1.06 -19.87
C PHE G 429 -29.11 2.25 -20.81
N THR G 430 -29.73 2.03 -21.97
CA THR G 430 -29.94 3.06 -22.97
C THR G 430 -31.41 3.43 -23.03
N GLY G 431 -31.71 4.70 -22.81
CA GLY G 431 -33.09 5.15 -22.79
C GLY G 431 -33.15 6.66 -22.63
N CYS G 432 -34.38 7.18 -22.66
CA CYS G 432 -34.63 8.60 -22.55
C CYS G 432 -35.45 8.90 -21.29
N VAL G 433 -34.96 9.83 -20.49
CA VAL G 433 -35.67 10.28 -19.28
C VAL G 433 -36.29 11.64 -19.59
N ILE G 434 -37.60 11.76 -19.41
CA ILE G 434 -38.33 12.98 -19.74
C ILE G 434 -39.02 13.49 -18.49
N ALA G 435 -38.79 14.76 -18.15
CA ALA G 435 -39.40 15.37 -16.98
C ALA G 435 -40.04 16.71 -17.35
N TRP G 436 -41.30 16.88 -16.99
CA TRP G 436 -41.99 18.15 -17.18
C TRP G 436 -42.67 18.55 -15.87
N ASN G 437 -42.62 19.85 -15.57
CA ASN G 437 -43.17 20.33 -14.30
C ASN G 437 -44.67 20.10 -14.23
N SER G 438 -45.12 19.54 -13.10
CA SER G 438 -46.54 19.28 -12.89
C SER G 438 -47.11 20.11 -11.74
N ASN G 439 -46.42 21.19 -11.37
CA ASN G 439 -46.84 21.97 -10.20
C ASN G 439 -48.22 22.60 -10.39
N ASN G 440 -48.62 22.84 -11.64
CA ASN G 440 -49.89 23.50 -11.88
C ASN G 440 -51.08 22.57 -11.61
N LEU G 441 -51.01 21.32 -12.06
CA LEU G 441 -52.15 20.42 -11.94
C LEU G 441 -52.08 19.51 -10.72
N ASP G 442 -50.92 18.92 -10.43
CA ASP G 442 -50.83 18.01 -9.30
C ASP G 442 -51.03 18.73 -7.98
N SER G 443 -50.45 19.91 -7.83
CA SER G 443 -50.52 20.64 -6.57
C SER G 443 -51.91 21.21 -6.35
N LYS G 444 -52.35 21.18 -5.09
CA LYS G 444 -53.59 21.81 -4.67
C LYS G 444 -53.29 22.64 -3.43
N VAL G 445 -54.17 23.61 -3.15
CA VAL G 445 -53.90 24.58 -2.09
C VAL G 445 -53.69 23.87 -0.76
N GLY G 446 -54.50 22.86 -0.46
CA GLY G 446 -54.26 22.06 0.73
C GLY G 446 -52.96 21.28 0.64
N GLY G 447 -52.63 20.81 -0.56
CA GLY G 447 -51.46 19.98 -0.78
C GLY G 447 -51.86 18.55 -1.11
N ASN G 448 -51.25 17.98 -2.14
CA ASN G 448 -51.56 16.62 -2.57
C ASN G 448 -50.55 15.67 -1.93
N TYR G 449 -50.98 14.96 -0.90
CA TYR G 449 -50.14 14.00 -0.20
C TYR G 449 -50.39 12.57 -0.68
N ASN G 450 -51.21 12.41 -1.72
CA ASN G 450 -51.48 11.08 -2.26
C ASN G 450 -50.22 10.43 -2.82
N TYR G 451 -49.30 11.24 -3.35
CA TYR G 451 -48.05 10.70 -3.84
C TYR G 451 -47.16 10.31 -2.67
N LEU G 452 -46.65 9.08 -2.69
CA LEU G 452 -45.85 8.55 -1.61
C LEU G 452 -44.51 8.09 -2.14
N TYR G 453 -43.50 8.07 -1.27
CA TYR G 453 -42.18 7.56 -1.64
C TYR G 453 -41.60 6.80 -0.46
N ARG G 454 -40.72 5.86 -0.76
CA ARG G 454 -40.07 5.04 0.25
C ARG G 454 -38.90 5.79 0.88
N LEU G 455 -39.09 6.33 2.09
CA LEU G 455 -38.01 7.03 2.77
C LEU G 455 -36.83 6.12 3.05
N PHE G 456 -37.10 4.96 3.64
CA PHE G 456 -36.06 4.04 4.06
C PHE G 456 -36.52 2.61 3.84
N ARG G 457 -35.60 1.81 3.30
CA ARG G 457 -35.85 0.42 2.98
C ARG G 457 -34.65 -0.39 3.44
N LYS G 458 -34.89 -1.68 3.70
CA LYS G 458 -33.82 -2.52 4.24
C LYS G 458 -32.66 -2.62 3.26
N SER G 459 -32.95 -2.74 1.96
CA SER G 459 -31.92 -2.85 0.94
C SER G 459 -32.27 -1.93 -0.22
N ASN G 460 -31.25 -1.52 -0.96
CA ASN G 460 -31.47 -0.72 -2.16
C ASN G 460 -32.20 -1.55 -3.20
N LEU G 461 -33.14 -0.92 -3.91
CA LEU G 461 -33.88 -1.63 -4.95
C LEU G 461 -32.96 -2.00 -6.10
N LYS G 462 -33.16 -3.20 -6.65
CA LYS G 462 -32.39 -3.63 -7.80
C LYS G 462 -32.86 -2.86 -9.03
N PRO G 463 -32.02 -2.77 -10.06
CA PRO G 463 -32.41 -1.99 -11.25
C PRO G 463 -33.72 -2.49 -11.86
N PHE G 464 -34.58 -1.54 -12.21
CA PHE G 464 -35.88 -1.81 -12.83
C PHE G 464 -36.75 -2.71 -11.95
N GLU G 465 -36.67 -2.51 -10.63
CA GLU G 465 -37.46 -3.28 -9.68
C GLU G 465 -38.36 -2.34 -8.90
N ARG G 466 -39.60 -2.78 -8.69
CA ARG G 466 -40.61 -1.99 -7.98
C ARG G 466 -41.05 -2.74 -6.73
N ASP G 467 -41.06 -2.03 -5.60
CA ASP G 467 -41.43 -2.60 -4.31
C ASP G 467 -42.74 -1.99 -3.83
N ILE G 468 -43.72 -2.84 -3.53
CA ILE G 468 -45.01 -2.40 -3.01
C ILE G 468 -45.18 -2.80 -1.55
N SER G 469 -44.12 -3.29 -0.91
CA SER G 469 -44.24 -3.73 0.47
C SER G 469 -44.61 -2.57 1.37
N THR G 470 -45.58 -2.79 2.26
CA THR G 470 -45.97 -1.81 3.27
C THR G 470 -45.84 -2.45 4.64
N GLU G 471 -44.61 -2.51 5.15
CA GLU G 471 -44.30 -3.07 6.44
C GLU G 471 -43.46 -2.08 7.21
N ILE G 472 -43.72 -1.96 8.51
CA ILE G 472 -43.00 -0.96 9.30
C ILE G 472 -41.51 -1.28 9.27
N TYR G 473 -40.72 -0.30 8.86
CA TYR G 473 -39.28 -0.52 8.76
C TYR G 473 -38.68 -0.70 10.15
N GLN G 474 -37.75 -1.64 10.27
CA GLN G 474 -37.17 -2.00 11.57
C GLN G 474 -35.75 -1.45 11.66
N ALA G 475 -35.55 -0.49 12.55
CA ALA G 475 -34.24 0.08 12.83
C ALA G 475 -33.84 -0.34 14.24
N GLY G 476 -32.58 -0.74 14.40
CA GLY G 476 -32.12 -1.17 15.70
C GLY G 476 -32.42 -2.63 15.96
N SER G 477 -31.93 -3.11 17.11
CA SER G 477 -32.08 -4.52 17.45
C SER G 477 -33.54 -4.88 17.72
N THR G 478 -34.29 -3.99 18.37
CA THR G 478 -35.64 -4.34 18.80
C THR G 478 -36.55 -4.62 17.60
N PRO G 479 -37.33 -5.69 17.62
CA PRO G 479 -38.23 -5.98 16.50
C PRO G 479 -39.43 -5.05 16.47
N CYS G 480 -39.84 -4.67 15.25
CA CYS G 480 -41.01 -3.82 15.11
C CYS G 480 -42.28 -4.53 15.54
N ASN G 481 -42.42 -5.81 15.20
CA ASN G 481 -43.61 -6.61 15.46
C ASN G 481 -44.82 -6.08 14.69
N GLY G 482 -44.57 -5.32 13.63
CA GLY G 482 -45.65 -4.77 12.84
C GLY G 482 -46.43 -3.66 13.52
N VAL G 483 -45.88 -3.08 14.58
CA VAL G 483 -46.57 -2.07 15.37
C VAL G 483 -45.67 -0.85 15.48
N GLU G 484 -46.29 0.33 15.47
CA GLU G 484 -45.52 1.57 15.62
C GLU G 484 -44.80 1.60 16.96
N GLY G 485 -43.54 2.00 16.93
CA GLY G 485 -42.74 2.08 18.13
C GLY G 485 -41.49 2.88 17.85
N PHE G 486 -40.70 3.11 18.90
CA PHE G 486 -39.42 3.79 18.72
C PHE G 486 -38.55 2.96 17.78
N ASN G 487 -37.92 3.65 16.84
CA ASN G 487 -37.06 3.06 15.80
C ASN G 487 -37.87 2.27 14.78
N CYS G 488 -39.20 2.38 14.81
CA CYS G 488 -40.08 1.68 13.88
C CYS G 488 -40.97 2.69 13.21
N TYR G 489 -40.88 2.80 11.89
CA TYR G 489 -41.64 3.81 11.15
C TYR G 489 -42.09 3.25 9.82
N PHE G 490 -43.22 3.76 9.34
CA PHE G 490 -43.75 3.33 8.05
C PHE G 490 -42.82 3.82 6.94
N PRO G 491 -42.45 2.96 5.98
CA PRO G 491 -41.49 3.39 4.94
C PRO G 491 -42.00 4.50 4.05
N LEU G 492 -43.29 4.48 3.70
CA LEU G 492 -43.82 5.46 2.76
C LEU G 492 -43.98 6.82 3.41
N GLN G 493 -43.61 7.88 2.68
CA GLN G 493 -43.76 9.26 3.12
C GLN G 493 -44.41 10.09 2.03
N SER G 494 -45.36 10.92 2.44
CA SER G 494 -46.12 11.72 1.48
C SER G 494 -45.30 12.90 0.98
N TYR G 495 -45.71 13.42 -0.18
CA TYR G 495 -45.13 14.62 -0.75
C TYR G 495 -46.08 15.79 -0.46
N GLY G 496 -45.53 16.92 -0.01
CA GLY G 496 -46.38 18.07 0.25
C GLY G 496 -47.01 18.63 -1.02
N PHE G 497 -46.19 18.90 -2.03
CA PHE G 497 -46.67 19.34 -3.34
C PHE G 497 -47.63 20.53 -3.23
N GLN G 498 -47.24 21.52 -2.45
CA GLN G 498 -48.06 22.72 -2.31
C GLN G 498 -47.95 23.57 -3.58
N PRO G 499 -48.97 24.38 -3.88
CA PRO G 499 -48.92 25.19 -5.11
C PRO G 499 -47.78 26.19 -5.11
N THR G 500 -47.50 26.82 -3.98
CA THR G 500 -46.44 27.81 -3.88
C THR G 500 -45.12 27.21 -3.47
N ASN G 501 -45.03 25.88 -3.41
CA ASN G 501 -43.81 25.20 -3.01
C ASN G 501 -42.67 25.52 -3.97
N GLY G 502 -41.45 25.45 -3.45
CA GLY G 502 -40.30 25.78 -4.27
C GLY G 502 -40.16 24.85 -5.46
N VAL G 503 -39.52 25.35 -6.52
CA VAL G 503 -39.42 24.59 -7.76
C VAL G 503 -38.66 23.29 -7.53
N GLY G 504 -37.65 23.31 -6.65
CA GLY G 504 -36.96 22.09 -6.31
C GLY G 504 -37.88 21.06 -5.68
N TYR G 505 -38.82 21.53 -4.85
CA TYR G 505 -39.82 20.69 -4.22
C TYR G 505 -41.08 20.57 -5.05
N GLN G 506 -41.18 21.29 -6.17
CA GLN G 506 -42.38 21.26 -6.97
C GLN G 506 -42.55 19.88 -7.60
N PRO G 507 -43.79 19.40 -7.73
CA PRO G 507 -43.99 18.09 -8.37
C PRO G 507 -43.62 18.12 -9.84
N TYR G 508 -42.91 17.08 -10.27
CA TYR G 508 -42.48 16.95 -11.65
C TYR G 508 -42.89 15.57 -12.14
N ARG G 509 -43.55 15.52 -13.29
CA ARG G 509 -43.96 14.26 -13.90
C ARG G 509 -42.83 13.76 -14.79
N VAL G 510 -42.35 12.55 -14.52
CA VAL G 510 -41.23 11.99 -15.25
C VAL G 510 -41.65 10.68 -15.90
N VAL G 511 -41.38 10.56 -17.19
CA VAL G 511 -41.56 9.33 -17.94
C VAL G 511 -40.21 8.92 -18.51
N VAL G 512 -39.82 7.67 -18.30
CA VAL G 512 -38.57 7.13 -18.82
C VAL G 512 -38.89 6.06 -19.84
N LEU G 513 -38.23 6.13 -21.00
CA LEU G 513 -38.44 5.18 -22.08
C LEU G 513 -37.30 4.19 -22.08
N SER G 514 -37.64 2.90 -22.09
CA SER G 514 -36.65 1.82 -22.01
C SER G 514 -36.71 1.01 -23.30
N PHE G 515 -35.72 1.19 -24.18
CA PHE G 515 -35.71 0.49 -25.46
C PHE G 515 -35.08 -0.88 -25.25
N GLU G 516 -35.84 -1.93 -25.54
CA GLU G 516 -35.40 -3.30 -25.38
C GLU G 516 -35.26 -3.96 -26.75
N LEU G 517 -34.04 -4.36 -27.09
CA LEU G 517 -33.77 -5.06 -28.35
C LEU G 517 -33.54 -6.54 -28.15
N LEU G 518 -33.86 -7.07 -26.96
CA LEU G 518 -33.57 -8.48 -26.67
C LEU G 518 -34.32 -9.42 -27.60
N HIS G 519 -35.57 -9.08 -27.92
CA HIS G 519 -36.40 -10.00 -28.67
C HIS G 519 -36.08 -9.77 -30.15
N ALA G 520 -36.03 -10.86 -30.93
CA ALA G 520 -35.50 -10.75 -32.28
C ALA G 520 -36.24 -9.78 -33.21
N PRO G 521 -37.57 -9.82 -33.34
CA PRO G 521 -38.23 -8.81 -34.20
C PRO G 521 -38.36 -7.46 -33.51
N ALA G 522 -38.02 -6.39 -34.24
CA ALA G 522 -38.18 -5.02 -33.76
C ALA G 522 -39.61 -4.60 -34.12
N THR G 523 -40.56 -5.08 -33.31
CA THR G 523 -41.96 -4.87 -33.66
C THR G 523 -42.40 -3.40 -33.62
N VAL G 524 -42.13 -2.67 -32.54
CA VAL G 524 -42.51 -1.26 -32.53
C VAL G 524 -41.65 -0.45 -33.49
N CYS G 525 -40.35 -0.58 -33.34
CA CYS G 525 -39.27 0.01 -34.14
C CYS G 525 -39.63 1.48 -34.37
N GLY G 526 -39.69 1.97 -35.61
CA GLY G 526 -39.94 3.38 -35.86
C GLY G 526 -40.57 3.74 -37.20
N PRO G 527 -40.99 5.00 -37.31
CA PRO G 527 -41.62 5.49 -38.54
C PRO G 527 -40.67 5.71 -39.70
N LYS G 528 -41.27 5.75 -40.90
CA LYS G 528 -40.57 5.99 -42.16
C LYS G 528 -41.33 7.02 -42.97
N LYS G 529 -40.71 8.19 -43.17
CA LYS G 529 -41.31 9.27 -43.96
C LYS G 529 -41.01 9.04 -45.45
N SER G 530 -42.06 9.08 -46.26
CA SER G 530 -41.97 8.76 -47.68
C SER G 530 -41.88 10.02 -48.54
N THR G 531 -40.97 10.00 -49.51
CA THR G 531 -40.83 11.06 -50.49
C THR G 531 -41.94 10.99 -51.53
N ASN G 532 -42.12 12.09 -52.26
CA ASN G 532 -43.16 12.18 -53.26
C ASN G 532 -42.88 11.23 -54.43
N LEU G 533 -43.95 10.75 -55.05
CA LEU G 533 -43.84 9.86 -56.20
C LEU G 533 -43.64 10.63 -57.49
N VAL G 534 -42.71 10.16 -58.31
CA VAL G 534 -42.47 10.71 -59.64
C VAL G 534 -42.41 9.56 -60.63
N LYS G 535 -43.04 9.75 -61.79
CA LYS G 535 -43.10 8.73 -62.83
C LYS G 535 -42.66 9.33 -64.16
N ASN G 536 -42.55 8.47 -65.17
CA ASN G 536 -42.17 8.85 -66.53
C ASN G 536 -40.76 9.44 -66.59
N LYS G 537 -39.92 9.10 -65.61
CA LYS G 537 -38.54 9.55 -65.57
C LYS G 537 -37.70 8.51 -64.88
N CYS G 538 -36.52 8.22 -65.43
CA CYS G 538 -35.63 7.22 -64.86
C CYS G 538 -35.13 7.69 -63.51
N VAL G 539 -35.54 7.01 -62.45
CA VAL G 539 -35.19 7.41 -61.08
C VAL G 539 -34.73 6.18 -60.31
N ASN G 540 -34.09 6.45 -59.18
CA ASN G 540 -33.66 5.41 -58.25
C ASN G 540 -34.76 5.25 -57.21
N PHE G 541 -35.35 4.06 -57.15
CA PHE G 541 -36.49 3.83 -56.27
C PHE G 541 -36.15 2.81 -55.20
N ASN G 542 -36.76 2.98 -54.03
CA ASN G 542 -36.62 2.07 -52.89
C ASN G 542 -38.03 1.81 -52.37
N PHE G 543 -38.64 0.71 -52.80
CA PHE G 543 -40.01 0.37 -52.42
C PHE G 543 -39.96 -0.76 -51.40
N ASN G 544 -40.35 -0.47 -50.16
CA ASN G 544 -40.41 -1.47 -49.10
C ASN G 544 -39.08 -2.18 -48.92
N GLY G 545 -37.99 -1.44 -49.10
CA GLY G 545 -36.65 -2.01 -49.01
C GLY G 545 -36.14 -2.62 -50.28
N LEU G 546 -36.97 -2.69 -51.33
CA LEU G 546 -36.55 -3.18 -52.64
C LEU G 546 -35.97 -2.00 -53.42
N THR G 547 -34.68 -2.04 -53.69
CA THR G 547 -34.00 -0.96 -54.39
C THR G 547 -33.84 -1.29 -55.87
N GLY G 548 -33.90 -0.27 -56.70
CA GLY G 548 -33.69 -0.44 -58.12
C GLY G 548 -33.62 0.91 -58.80
N THR G 549 -33.32 0.88 -60.10
CA THR G 549 -33.30 2.07 -60.93
C THR G 549 -34.07 1.80 -62.22
N GLY G 550 -34.88 2.78 -62.61
CA GLY G 550 -35.66 2.65 -63.83
C GLY G 550 -36.72 3.72 -63.88
N VAL G 551 -37.52 3.66 -64.94
CA VAL G 551 -38.62 4.60 -65.14
C VAL G 551 -39.92 3.92 -64.75
N LEU G 552 -40.72 4.61 -63.93
CA LEU G 552 -42.01 4.08 -63.51
C LEU G 552 -43.09 4.58 -64.45
N THR G 553 -44.08 3.71 -64.70
CA THR G 553 -45.19 4.07 -65.57
C THR G 553 -46.44 3.33 -65.11
N GLU G 554 -47.58 3.84 -65.54
CA GLU G 554 -48.86 3.22 -65.18
C GLU G 554 -48.97 1.85 -65.84
N SER G 555 -49.54 0.90 -65.11
CA SER G 555 -49.69 -0.47 -65.57
C SER G 555 -51.15 -0.90 -65.51
N ASN G 556 -51.56 -1.71 -66.47
CA ASN G 556 -52.91 -2.25 -66.49
C ASN G 556 -53.02 -3.64 -65.88
N LYS G 557 -51.91 -4.27 -65.56
CA LYS G 557 -51.94 -5.61 -65.00
C LYS G 557 -52.54 -5.56 -63.59
N LYS G 558 -53.26 -6.60 -63.23
CA LYS G 558 -53.97 -6.66 -61.96
C LYS G 558 -53.27 -7.63 -61.02
N PHE G 559 -52.86 -7.13 -59.86
CA PHE G 559 -52.22 -7.94 -58.84
C PHE G 559 -53.29 -8.57 -57.96
N LEU G 560 -52.87 -9.22 -56.89
CA LEU G 560 -53.77 -9.70 -55.87
C LEU G 560 -53.64 -8.82 -54.63
N PRO G 561 -54.67 -8.77 -53.78
CA PRO G 561 -54.63 -7.82 -52.65
C PRO G 561 -53.41 -7.98 -51.76
N PHE G 562 -52.96 -9.19 -51.53
CA PHE G 562 -51.82 -9.45 -50.67
C PHE G 562 -50.49 -9.35 -51.40
N GLN G 563 -50.51 -9.13 -52.71
CA GLN G 563 -49.34 -9.30 -53.56
C GLN G 563 -48.73 -7.94 -53.85
N GLN G 564 -47.43 -7.79 -53.56
CA GLN G 564 -46.80 -6.47 -53.61
C GLN G 564 -46.14 -6.19 -54.96
N PHE G 565 -45.15 -7.00 -55.35
CA PHE G 565 -44.44 -6.74 -56.58
C PHE G 565 -44.39 -8.01 -57.42
N GLY G 566 -43.87 -7.88 -58.64
CA GLY G 566 -43.86 -8.99 -59.57
C GLY G 566 -42.54 -9.12 -60.30
N ARG G 567 -42.27 -10.36 -60.72
CA ARG G 567 -41.10 -10.70 -61.52
C ARG G 567 -41.53 -11.52 -62.72
N ASP G 568 -40.87 -11.27 -63.84
CA ASP G 568 -41.08 -12.00 -65.09
C ASP G 568 -40.21 -13.25 -65.10
N ILE G 569 -40.07 -13.87 -66.26
CA ILE G 569 -39.17 -15.00 -66.36
C ILE G 569 -37.76 -14.51 -66.06
N ALA G 570 -36.95 -15.40 -65.47
CA ALA G 570 -35.57 -15.17 -65.06
C ALA G 570 -35.48 -14.30 -63.81
N ASP G 571 -36.60 -14.10 -63.11
CA ASP G 571 -36.63 -13.39 -61.82
C ASP G 571 -36.09 -11.97 -61.94
N THR G 572 -36.71 -11.19 -62.83
CA THR G 572 -36.40 -9.77 -62.96
C THR G 572 -37.66 -8.98 -62.65
N THR G 573 -37.52 -7.93 -61.84
CA THR G 573 -38.67 -7.15 -61.40
C THR G 573 -39.33 -6.43 -62.57
N ASP G 574 -40.65 -6.49 -62.63
CA ASP G 574 -41.41 -5.88 -63.71
C ASP G 574 -42.45 -4.89 -63.25
N ALA G 575 -43.06 -5.11 -62.08
CA ALA G 575 -44.06 -4.19 -61.56
C ALA G 575 -44.01 -4.24 -60.04
N VAL G 576 -44.37 -3.11 -59.43
CA VAL G 576 -44.46 -3.00 -57.98
C VAL G 576 -45.71 -2.22 -57.62
N ARG G 577 -46.24 -2.52 -56.44
CA ARG G 577 -47.37 -1.80 -55.88
C ARG G 577 -46.83 -0.73 -54.94
N ASP G 578 -47.24 0.52 -55.16
CA ASP G 578 -46.86 1.54 -54.20
C ASP G 578 -47.77 1.42 -52.99
N PRO G 579 -47.23 1.40 -51.77
CA PRO G 579 -48.09 1.12 -50.61
C PRO G 579 -49.07 2.23 -50.29
N GLN G 580 -48.90 3.45 -50.79
CA GLN G 580 -49.78 4.51 -50.33
C GLN G 580 -51.15 4.44 -50.99
N THR G 581 -51.22 4.52 -52.31
CA THR G 581 -52.51 4.55 -52.99
C THR G 581 -52.93 3.20 -53.53
N LEU G 582 -52.24 2.12 -53.14
CA LEU G 582 -52.62 0.76 -53.53
C LEU G 582 -52.69 0.65 -55.05
N GLU G 583 -51.73 1.25 -55.73
CA GLU G 583 -51.69 1.26 -57.19
C GLU G 583 -50.53 0.42 -57.68
N ILE G 584 -50.69 -0.12 -58.88
CA ILE G 584 -49.67 -0.95 -59.51
C ILE G 584 -48.94 -0.09 -60.55
N LEU G 585 -47.62 -0.11 -60.49
CA LEU G 585 -46.78 0.66 -61.40
C LEU G 585 -45.86 -0.28 -62.15
N ASP G 586 -45.79 -0.08 -63.47
CA ASP G 586 -44.90 -0.88 -64.30
C ASP G 586 -43.48 -0.29 -64.25
N ILE G 587 -42.49 -1.17 -64.20
CA ILE G 587 -41.10 -0.77 -64.12
C ILE G 587 -40.38 -1.26 -65.37
N THR G 588 -39.76 -0.34 -66.10
CA THR G 588 -38.92 -0.64 -67.24
C THR G 588 -37.61 0.09 -67.08
N PRO G 589 -36.48 -0.56 -67.34
CA PRO G 589 -35.20 0.15 -67.23
C PRO G 589 -35.12 1.28 -68.25
N CYS G 590 -34.54 2.39 -67.84
CA CYS G 590 -34.44 3.53 -68.74
C CYS G 590 -33.45 3.21 -69.85
N SER G 591 -33.58 3.95 -70.96
CA SER G 591 -32.86 3.63 -72.19
C SER G 591 -31.35 3.52 -71.98
N PHE G 592 -30.78 2.43 -72.46
CA PHE G 592 -29.35 2.21 -72.50
C PHE G 592 -29.03 1.43 -73.77
N GLY G 593 -27.77 1.51 -74.19
CA GLY G 593 -27.37 0.84 -75.41
C GLY G 593 -25.97 1.25 -75.82
N GLY G 594 -25.65 0.90 -77.07
CA GLY G 594 -24.34 1.17 -77.64
C GLY G 594 -24.40 2.36 -78.57
N VAL G 595 -23.29 3.07 -78.70
CA VAL G 595 -23.14 4.16 -79.65
C VAL G 595 -22.11 3.76 -80.69
N SER G 596 -22.48 3.86 -81.95
CA SER G 596 -21.62 3.50 -83.06
C SER G 596 -21.36 4.73 -83.91
N VAL G 597 -20.14 4.85 -84.41
CA VAL G 597 -19.75 5.97 -85.25
C VAL G 597 -19.62 5.46 -86.68
N ILE G 598 -20.36 6.08 -87.59
CA ILE G 598 -20.30 5.74 -89.00
C ILE G 598 -19.43 6.79 -89.69
N THR G 599 -18.36 6.34 -90.33
CA THR G 599 -17.45 7.25 -90.98
C THR G 599 -17.13 6.78 -92.39
N PRO G 600 -16.96 7.72 -93.33
CA PRO G 600 -16.49 7.36 -94.67
C PRO G 600 -14.98 7.24 -94.81
N GLY G 601 -14.25 7.34 -93.70
CA GLY G 601 -12.81 7.26 -93.72
C GLY G 601 -12.18 8.63 -93.60
N THR G 602 -11.18 8.76 -92.73
CA THR G 602 -10.48 10.03 -92.61
C THR G 602 -9.78 10.40 -93.91
N ASN G 603 -9.39 9.41 -94.70
CA ASN G 603 -8.77 9.67 -95.99
C ASN G 603 -9.71 10.42 -96.92
N THR G 604 -11.02 10.22 -96.76
CA THR G 604 -12.02 10.84 -97.63
C THR G 604 -12.61 12.12 -97.04
N SER G 605 -13.09 12.07 -95.80
CA SER G 605 -13.76 13.21 -95.21
C SER G 605 -13.57 13.19 -93.70
N ASN G 606 -14.01 14.26 -93.05
CA ASN G 606 -13.93 14.38 -91.60
C ASN G 606 -15.27 14.21 -90.91
N GLN G 607 -16.38 14.27 -91.63
CA GLN G 607 -17.69 14.18 -91.02
C GLN G 607 -17.98 12.74 -90.58
N VAL G 608 -18.75 12.62 -89.50
CA VAL G 608 -19.16 11.32 -88.98
C VAL G 608 -20.64 11.38 -88.62
N ALA G 609 -21.24 10.20 -88.51
CA ALA G 609 -22.61 10.04 -88.05
C ALA G 609 -22.61 9.16 -86.82
N VAL G 610 -23.60 9.36 -85.96
CA VAL G 610 -23.69 8.63 -84.70
C VAL G 610 -24.99 7.83 -84.70
N LEU G 611 -24.89 6.53 -84.42
CA LEU G 611 -26.04 5.65 -84.29
C LEU G 611 -26.16 5.23 -82.83
N TYR G 612 -27.31 5.51 -82.22
CA TYR G 612 -27.61 5.05 -80.88
C TYR G 612 -28.47 3.80 -81.01
N GLN G 613 -27.92 2.66 -80.61
CA GLN G 613 -28.59 1.38 -80.85
C GLN G 613 -29.68 1.16 -79.82
N ASP G 614 -30.87 0.78 -80.30
CA ASP G 614 -32.01 0.39 -79.47
C ASP G 614 -32.39 1.49 -78.48
N VAL G 615 -32.18 2.74 -78.84
CA VAL G 615 -32.54 3.86 -77.98
C VAL G 615 -33.28 4.85 -78.84
N ASN G 616 -34.59 4.98 -78.62
CA ASN G 616 -35.35 6.02 -79.30
C ASN G 616 -34.79 7.32 -78.77
N CYS G 617 -34.37 8.23 -79.65
CA CYS G 617 -33.65 9.42 -79.21
C CYS G 617 -34.49 10.67 -79.14
N THR G 618 -35.80 10.55 -78.97
CA THR G 618 -36.62 11.74 -78.77
C THR G 618 -36.19 12.49 -77.51
N GLU G 619 -35.48 11.84 -76.59
CA GLU G 619 -35.09 12.43 -75.32
C GLU G 619 -33.57 12.54 -75.15
N VAL G 620 -32.79 12.39 -76.22
CA VAL G 620 -31.34 12.40 -76.07
C VAL G 620 -30.81 13.83 -75.99
N ASN G 641 -31.37 16.94 -88.47
CA ASN G 641 -31.25 15.72 -89.25
C ASN G 641 -31.17 14.49 -88.36
N VAL G 642 -32.28 14.14 -87.73
CA VAL G 642 -32.39 12.95 -86.90
C VAL G 642 -33.32 11.97 -87.59
N PHE G 643 -32.84 10.75 -87.78
CA PHE G 643 -33.59 9.70 -88.47
C PHE G 643 -33.76 8.52 -87.52
N GLN G 644 -34.97 7.99 -87.44
CA GLN G 644 -35.29 6.86 -86.56
C GLN G 644 -35.39 5.59 -87.38
N THR G 645 -34.64 4.57 -86.97
CA THR G 645 -34.62 3.27 -87.65
C THR G 645 -34.90 2.17 -86.64
N ARG G 646 -35.14 0.96 -87.15
CA ARG G 646 -35.34 -0.18 -86.26
C ARG G 646 -34.09 -0.50 -85.45
N ALA G 647 -32.92 -0.11 -85.94
CA ALA G 647 -31.66 -0.36 -85.25
C ALA G 647 -31.31 0.74 -84.25
N GLY G 648 -32.17 1.75 -84.11
CA GLY G 648 -31.88 2.89 -83.26
C GLY G 648 -32.19 4.18 -84.00
N CYS G 649 -31.40 5.21 -83.79
CA CYS G 649 -31.57 6.43 -84.57
C CYS G 649 -30.23 6.97 -85.02
N LEU G 650 -30.26 7.72 -86.12
CA LEU G 650 -29.07 8.29 -86.73
C LEU G 650 -29.06 9.79 -86.52
N ILE G 651 -27.92 10.32 -86.08
CA ILE G 651 -27.70 11.75 -85.97
C ILE G 651 -26.51 12.11 -86.83
N GLY G 652 -26.69 13.10 -87.69
CA GLY G 652 -25.65 13.53 -88.60
C GLY G 652 -25.80 13.02 -90.02
N ALA G 653 -26.74 12.10 -90.26
CA ALA G 653 -27.02 11.59 -91.58
C ALA G 653 -28.47 11.87 -91.95
N GLU G 654 -28.70 12.28 -93.19
CA GLU G 654 -30.04 12.61 -93.65
C GLU G 654 -30.59 11.48 -94.51
N HIS G 655 -31.86 11.16 -94.28
CA HIS G 655 -32.51 10.06 -94.98
C HIS G 655 -32.88 10.48 -96.39
N VAL G 656 -32.66 9.58 -97.35
CA VAL G 656 -33.03 9.80 -98.74
C VAL G 656 -33.92 8.67 -99.21
N ASN G 657 -34.77 8.96 -100.19
CA ASN G 657 -35.70 7.97 -100.69
C ASN G 657 -35.07 7.01 -101.69
N ASN G 658 -33.98 7.41 -102.33
CA ASN G 658 -33.36 6.57 -103.36
C ASN G 658 -32.70 5.36 -102.72
N SER G 659 -32.49 4.32 -103.53
CA SER G 659 -31.85 3.10 -103.07
C SER G 659 -30.64 2.80 -103.95
N TYR G 660 -29.53 2.44 -103.30
CA TYR G 660 -28.31 2.06 -103.99
C TYR G 660 -27.74 0.83 -103.29
N GLU G 661 -26.79 0.17 -103.94
CA GLU G 661 -26.07 -0.90 -103.25
C GLU G 661 -25.18 -0.21 -102.22
N CYS G 662 -25.62 -0.22 -100.98
CA CYS G 662 -24.96 0.61 -99.98
C CYS G 662 -23.63 0.03 -99.53
N ASP G 663 -22.82 0.89 -98.92
CA ASP G 663 -21.46 0.59 -98.52
C ASP G 663 -21.31 0.28 -97.05
N ILE G 664 -21.82 1.14 -96.17
CA ILE G 664 -21.66 0.97 -94.72
C ILE G 664 -22.96 0.40 -94.17
N PRO G 665 -22.99 -0.87 -93.76
CA PRO G 665 -24.24 -1.46 -93.25
C PRO G 665 -24.53 -0.97 -91.85
N ILE G 666 -25.79 -0.60 -91.61
CA ILE G 666 -26.23 -0.11 -90.30
C ILE G 666 -27.12 -1.13 -89.61
N GLY G 667 -28.14 -1.61 -90.28
CA GLY G 667 -29.01 -2.64 -89.72
C GLY G 667 -30.45 -2.45 -90.15
N ALA G 668 -31.23 -3.54 -90.05
CA ALA G 668 -32.65 -3.54 -90.36
C ALA G 668 -32.92 -3.03 -91.76
N GLY G 669 -32.00 -3.29 -92.69
CA GLY G 669 -32.16 -2.87 -94.05
C GLY G 669 -31.80 -1.42 -94.31
N ILE G 670 -31.50 -0.67 -93.28
CA ILE G 670 -31.08 0.72 -93.40
C ILE G 670 -29.56 0.76 -93.33
N CYS G 671 -28.96 1.52 -94.23
CA CYS G 671 -27.51 1.67 -94.24
C CYS G 671 -27.13 2.97 -94.92
N ALA G 672 -25.91 3.42 -94.65
CA ALA G 672 -25.46 4.76 -95.02
C ALA G 672 -24.31 4.71 -96.02
N SER G 673 -24.10 5.85 -96.67
CA SER G 673 -23.03 6.03 -97.65
C SER G 673 -22.70 7.51 -97.75
N TYR G 674 -21.73 7.83 -98.59
CA TYR G 674 -21.27 9.20 -98.78
C TYR G 674 -21.60 9.72 -100.17
N SER G 691 -21.84 14.62 -98.12
CA SER G 691 -22.64 14.45 -96.92
C SER G 691 -23.00 12.98 -96.72
N ILE G 692 -23.30 12.61 -95.48
CA ILE G 692 -23.64 11.23 -95.14
C ILE G 692 -25.14 11.04 -95.32
N ILE G 693 -25.52 10.09 -96.16
CA ILE G 693 -26.92 9.82 -96.48
C ILE G 693 -27.27 8.41 -96.05
N ALA G 694 -28.46 8.24 -95.48
CA ALA G 694 -28.95 6.95 -95.03
C ALA G 694 -30.16 6.55 -95.87
N TYR G 695 -30.20 5.29 -96.27
CA TYR G 695 -31.26 4.82 -97.14
C TYR G 695 -31.38 3.31 -97.02
N THR G 696 -32.45 2.77 -97.60
CA THR G 696 -32.63 1.33 -97.68
C THR G 696 -31.84 0.81 -98.88
N MET G 697 -31.00 -0.19 -98.67
CA MET G 697 -30.14 -0.67 -99.75
C MET G 697 -30.97 -1.29 -100.85
N SER G 698 -30.46 -1.16 -102.08
CA SER G 698 -31.08 -1.78 -103.23
C SER G 698 -30.39 -3.12 -103.47
N LEU G 699 -31.19 -4.17 -103.62
CA LEU G 699 -30.63 -5.51 -103.75
C LEU G 699 -29.85 -5.68 -105.05
N GLY G 700 -30.22 -4.93 -106.09
CA GLY G 700 -29.49 -4.98 -107.33
C GLY G 700 -30.38 -4.53 -108.47
N ALA G 701 -29.89 -4.75 -109.69
CA ALA G 701 -30.66 -4.40 -110.87
C ALA G 701 -31.96 -5.20 -110.86
N GLU G 702 -33.06 -4.53 -111.19
CA GLU G 702 -34.39 -5.12 -111.09
C GLU G 702 -34.91 -5.28 -112.51
N ASN G 703 -34.80 -6.50 -113.05
CA ASN G 703 -35.13 -6.77 -114.45
C ASN G 703 -36.02 -8.00 -114.54
N SER G 704 -36.79 -8.07 -115.63
CA SER G 704 -37.67 -9.20 -115.90
C SER G 704 -37.22 -9.91 -117.16
N VAL G 705 -37.01 -11.23 -117.07
CA VAL G 705 -36.63 -12.01 -118.23
C VAL G 705 -37.84 -12.14 -119.16
N ALA G 706 -37.59 -12.05 -120.46
CA ALA G 706 -38.65 -12.10 -121.47
C ALA G 706 -39.02 -13.54 -121.83
N TYR G 707 -39.53 -14.28 -120.85
CA TYR G 707 -39.92 -15.66 -121.11
C TYR G 707 -41.09 -15.67 -122.08
N SER G 708 -40.91 -16.34 -123.21
CA SER G 708 -41.96 -16.49 -124.21
C SER G 708 -42.03 -17.93 -124.71
N ASN G 709 -43.24 -18.36 -125.09
CA ASN G 709 -43.39 -19.70 -125.65
C ASN G 709 -42.54 -19.74 -126.91
N ASN G 710 -41.87 -20.86 -127.15
CA ASN G 710 -41.08 -21.04 -128.35
C ASN G 710 -40.05 -19.92 -128.52
N SER G 711 -39.53 -19.37 -127.43
CA SER G 711 -38.49 -18.37 -127.54
C SER G 711 -37.33 -18.70 -126.62
N ILE G 712 -36.12 -18.67 -127.17
CA ILE G 712 -34.90 -19.04 -126.48
C ILE G 712 -33.84 -17.99 -126.79
N ALA G 713 -32.83 -17.93 -125.94
CA ALA G 713 -31.68 -17.05 -126.14
C ALA G 713 -30.42 -17.90 -126.18
N ILE G 714 -29.70 -17.86 -127.30
CA ILE G 714 -28.50 -18.65 -127.51
C ILE G 714 -27.31 -17.71 -127.61
N PRO G 715 -26.27 -17.90 -126.80
CA PRO G 715 -25.08 -17.04 -126.90
C PRO G 715 -24.33 -17.21 -128.21
N THR G 716 -23.88 -16.08 -128.77
CA THR G 716 -23.11 -16.07 -130.01
C THR G 716 -21.62 -15.82 -129.76
N ASN G 717 -21.24 -15.50 -128.53
CA ASN G 717 -19.88 -15.15 -128.12
C ASN G 717 -19.65 -15.62 -126.70
N PHE G 718 -18.38 -15.59 -126.30
CA PHE G 718 -17.98 -16.06 -124.99
C PHE G 718 -16.89 -15.15 -124.45
N THR G 719 -16.69 -15.22 -123.15
CA THR G 719 -15.62 -14.49 -122.47
C THR G 719 -14.88 -15.46 -121.57
N ILE G 720 -13.56 -15.43 -121.62
CA ILE G 720 -12.73 -16.25 -120.74
C ILE G 720 -12.38 -15.38 -119.54
N SER G 721 -12.99 -15.67 -118.40
CA SER G 721 -12.79 -14.90 -117.18
C SER G 721 -11.86 -15.63 -116.23
N VAL G 722 -10.99 -14.87 -115.58
CA VAL G 722 -10.10 -15.42 -114.55
C VAL G 722 -10.46 -14.74 -113.23
N THR G 723 -10.77 -15.55 -112.23
CA THR G 723 -11.21 -15.06 -110.93
C THR G 723 -10.21 -15.49 -109.87
N THR G 724 -10.02 -14.65 -108.86
CA THR G 724 -9.08 -14.91 -107.79
C THR G 724 -9.85 -15.29 -106.53
N GLU G 725 -9.44 -16.39 -105.90
CA GLU G 725 -10.03 -16.85 -104.64
C GLU G 725 -8.93 -17.03 -103.61
N ILE G 726 -9.11 -16.43 -102.43
CA ILE G 726 -8.13 -16.50 -101.36
C ILE G 726 -8.68 -17.43 -100.29
N LEU G 727 -7.85 -18.37 -99.84
CA LEU G 727 -8.24 -19.30 -98.78
C LEU G 727 -7.13 -19.43 -97.76
N PRO G 728 -7.39 -19.16 -96.48
CA PRO G 728 -6.40 -19.45 -95.45
C PRO G 728 -6.17 -20.95 -95.35
N VAL G 729 -4.93 -21.33 -95.08
CA VAL G 729 -4.54 -22.73 -94.96
C VAL G 729 -4.01 -23.05 -93.57
N SER G 730 -3.13 -22.21 -93.05
CA SER G 730 -2.53 -22.45 -91.75
C SER G 730 -2.30 -21.12 -91.06
N MET G 731 -2.12 -21.18 -89.75
CA MET G 731 -1.80 -20.01 -88.95
C MET G 731 -0.49 -20.25 -88.21
N THR G 732 0.06 -19.19 -87.62
CA THR G 732 1.35 -19.30 -86.97
C THR G 732 1.28 -20.29 -85.82
N LYS G 733 2.33 -21.09 -85.68
CA LYS G 733 2.41 -22.09 -84.63
C LYS G 733 3.03 -21.44 -83.40
N THR G 734 2.25 -21.31 -82.34
CA THR G 734 2.69 -20.65 -81.12
C THR G 734 2.61 -21.64 -79.96
N SER G 735 3.70 -21.73 -79.19
CA SER G 735 3.74 -22.54 -77.98
C SER G 735 4.15 -21.64 -76.84
N VAL G 736 3.42 -21.71 -75.72
CA VAL G 736 3.64 -20.86 -74.56
C VAL G 736 4.06 -21.72 -73.40
N ASP G 737 5.20 -21.38 -72.78
CA ASP G 737 5.65 -22.08 -71.58
C ASP G 737 4.78 -21.58 -70.43
N CYS G 738 3.93 -22.46 -69.90
CA CYS G 738 3.01 -22.04 -68.85
C CYS G 738 3.73 -21.64 -67.57
N THR G 739 4.70 -22.44 -67.14
CA THR G 739 5.35 -22.16 -65.86
C THR G 739 6.08 -20.82 -65.87
N MET G 740 6.91 -20.59 -66.89
CA MET G 740 7.69 -19.36 -66.90
C MET G 740 6.77 -18.15 -67.12
N TYR G 741 5.73 -18.31 -67.96
CA TYR G 741 4.80 -17.21 -68.21
C TYR G 741 4.05 -16.84 -66.94
N ILE G 742 3.56 -17.85 -66.21
CA ILE G 742 2.76 -17.57 -65.02
C ILE G 742 3.65 -17.00 -63.91
N CYS G 743 4.83 -17.58 -63.72
CA CYS G 743 5.70 -17.23 -62.60
C CYS G 743 6.86 -16.33 -63.00
N GLY G 744 7.63 -16.71 -64.02
CA GLY G 744 8.80 -15.94 -64.34
C GLY G 744 10.01 -16.23 -63.48
N ASP G 745 10.53 -17.46 -63.60
CA ASP G 745 11.77 -17.93 -62.97
C ASP G 745 11.86 -17.56 -61.50
N SER G 746 10.81 -17.89 -60.76
CA SER G 746 10.80 -17.75 -59.30
C SER G 746 10.43 -19.10 -58.69
N THR G 747 11.35 -19.66 -57.90
CA THR G 747 11.19 -21.01 -57.39
C THR G 747 9.98 -21.16 -56.48
N GLU G 748 9.74 -20.18 -55.60
CA GLU G 748 8.61 -20.27 -54.68
C GLU G 748 7.28 -20.24 -55.44
N CYS G 749 7.19 -19.37 -56.45
CA CYS G 749 5.99 -19.32 -57.27
C CYS G 749 5.79 -20.65 -57.98
N SER G 750 6.89 -21.22 -58.50
CA SER G 750 6.80 -22.53 -59.13
C SER G 750 6.37 -23.59 -58.13
N ASN G 751 6.85 -23.49 -56.88
CA ASN G 751 6.52 -24.48 -55.87
C ASN G 751 5.03 -24.48 -55.58
N LEU G 752 4.43 -23.30 -55.43
CA LEU G 752 2.99 -23.26 -55.22
C LEU G 752 2.22 -23.61 -56.50
N LEU G 753 2.74 -23.23 -57.67
CA LEU G 753 2.06 -23.54 -58.93
C LEU G 753 1.96 -25.05 -59.16
N LEU G 754 3.03 -25.79 -58.87
CA LEU G 754 3.02 -27.23 -59.14
C LEU G 754 1.98 -27.94 -58.30
N GLN G 755 1.81 -27.52 -57.05
CA GLN G 755 0.75 -28.08 -56.22
C GLN G 755 -0.63 -27.67 -56.70
N TYR G 756 -0.72 -26.62 -57.52
CA TYR G 756 -2.00 -26.07 -57.92
C TYR G 756 -2.63 -26.80 -59.10
N GLY G 757 -1.94 -27.73 -59.72
CA GLY G 757 -2.55 -28.56 -60.74
C GLY G 757 -1.56 -28.95 -61.83
N SER G 758 -2.11 -29.55 -62.89
CA SER G 758 -1.38 -29.98 -64.06
C SER G 758 -1.85 -29.21 -65.30
N PHE G 759 -2.34 -27.98 -65.09
CA PHE G 759 -2.82 -27.15 -66.18
C PHE G 759 -1.72 -26.88 -67.20
N CYS G 760 -0.48 -26.77 -66.76
CA CYS G 760 0.62 -26.50 -67.70
C CYS G 760 0.73 -27.60 -68.74
N THR G 761 0.63 -28.86 -68.32
CA THR G 761 0.70 -29.97 -69.27
C THR G 761 -0.47 -29.92 -70.24
N GLN G 762 -1.67 -29.64 -69.75
CA GLN G 762 -2.85 -29.62 -70.61
C GLN G 762 -2.71 -28.54 -71.68
N LEU G 763 -2.33 -27.33 -71.27
CA LEU G 763 -2.21 -26.24 -72.23
C LEU G 763 -1.09 -26.52 -73.21
N ASN G 764 0.03 -27.07 -72.73
CA ASN G 764 1.15 -27.33 -73.62
C ASN G 764 0.79 -28.36 -74.66
N ARG G 765 0.10 -29.43 -74.25
CA ARG G 765 -0.31 -30.43 -75.24
C ARG G 765 -1.34 -29.86 -76.20
N ALA G 766 -2.24 -28.99 -75.73
CA ALA G 766 -3.22 -28.40 -76.63
C ALA G 766 -2.53 -27.56 -77.71
N LEU G 767 -1.58 -26.73 -77.29
CA LEU G 767 -0.86 -25.90 -78.26
C LEU G 767 -0.03 -26.77 -79.21
N THR G 768 0.59 -27.83 -78.69
CA THR G 768 1.37 -28.71 -79.55
C THR G 768 0.48 -29.39 -80.58
N GLY G 769 -0.72 -29.82 -80.16
CA GLY G 769 -1.65 -30.40 -81.11
C GLY G 769 -2.08 -29.40 -82.16
N ILE G 770 -2.28 -28.14 -81.76
CA ILE G 770 -2.64 -27.11 -82.73
C ILE G 770 -1.52 -26.93 -83.75
N ALA G 771 -0.27 -26.90 -83.29
CA ALA G 771 0.85 -26.71 -84.21
C ALA G 771 0.98 -27.88 -85.17
N VAL G 772 0.85 -29.10 -84.65
CA VAL G 772 0.93 -30.27 -85.51
C VAL G 772 -0.19 -30.24 -86.53
N GLU G 773 -1.37 -29.81 -86.11
CA GLU G 773 -2.50 -29.71 -87.03
C GLU G 773 -2.24 -28.66 -88.11
N GLN G 774 -1.58 -27.56 -87.77
CA GLN G 774 -1.24 -26.57 -88.78
C GLN G 774 -0.29 -27.16 -89.81
N ASP G 775 0.72 -27.91 -89.35
CA ASP G 775 1.63 -28.56 -90.27
C ASP G 775 0.89 -29.54 -91.16
N LYS G 776 -0.04 -30.31 -90.58
CA LYS G 776 -0.81 -31.26 -91.35
C LYS G 776 -1.67 -30.56 -92.38
N ASN G 777 -2.25 -29.41 -92.02
CA ASN G 777 -3.07 -28.66 -92.96
C ASN G 777 -2.25 -28.22 -94.16
N THR G 778 -1.07 -27.67 -93.89
CA THR G 778 -0.22 -27.20 -94.99
C THR G 778 0.19 -28.36 -95.87
N GLN G 779 0.60 -29.48 -95.26
CA GLN G 779 1.03 -30.62 -96.05
C GLN G 779 -0.12 -31.19 -96.88
N GLU G 780 -1.31 -31.29 -96.29
CA GLU G 780 -2.46 -31.84 -96.98
C GLU G 780 -2.90 -30.98 -98.15
N VAL G 781 -2.88 -29.65 -97.97
CA VAL G 781 -3.36 -28.78 -99.04
C VAL G 781 -2.41 -28.81 -100.24
N PHE G 782 -1.10 -28.72 -99.98
CA PHE G 782 -0.13 -28.55 -101.05
C PHE G 782 0.50 -29.85 -101.53
N ALA G 783 0.83 -30.77 -100.64
CA ALA G 783 1.55 -31.99 -101.02
C ALA G 783 0.57 -33.00 -101.61
N GLN G 784 0.10 -32.70 -102.83
CA GLN G 784 -0.79 -33.58 -103.55
C GLN G 784 -0.06 -34.47 -104.54
N VAL G 785 0.94 -33.94 -105.22
CA VAL G 785 1.68 -34.68 -106.24
C VAL G 785 2.82 -35.44 -105.58
N LYS G 786 3.23 -36.52 -106.22
CA LYS G 786 4.37 -37.29 -105.75
C LYS G 786 5.65 -36.99 -106.54
N GLN G 787 5.54 -36.27 -107.65
CA GLN G 787 6.68 -35.93 -108.49
C GLN G 787 6.70 -34.44 -108.75
N ILE G 788 7.89 -33.85 -108.72
CA ILE G 788 8.06 -32.44 -108.99
C ILE G 788 8.18 -32.28 -110.51
N TYR G 789 7.10 -31.85 -111.14
CA TYR G 789 7.07 -31.69 -112.59
C TYR G 789 7.71 -30.36 -112.99
N LYS G 790 8.18 -30.31 -114.23
CA LYS G 790 8.82 -29.12 -114.76
C LYS G 790 8.25 -28.77 -116.12
N THR G 791 8.09 -27.48 -116.38
CA THR G 791 7.68 -27.04 -117.70
C THR G 791 8.87 -27.14 -118.65
N PRO G 792 8.62 -27.45 -119.93
CA PRO G 792 9.73 -27.54 -120.89
C PRO G 792 10.32 -26.17 -121.16
N PRO G 793 11.58 -26.11 -121.58
CA PRO G 793 12.18 -24.80 -121.91
C PRO G 793 11.47 -24.07 -123.04
N ILE G 794 10.92 -24.80 -124.01
CA ILE G 794 10.20 -24.19 -125.12
C ILE G 794 8.75 -24.00 -124.70
N LYS G 795 8.34 -22.74 -124.50
CA LYS G 795 6.99 -22.41 -124.06
C LYS G 795 6.14 -22.09 -125.28
N ASP G 796 5.65 -23.13 -125.94
CA ASP G 796 4.76 -22.98 -127.10
C ASP G 796 3.44 -23.66 -126.74
N PHE G 797 2.62 -22.93 -125.98
CA PHE G 797 1.35 -23.47 -125.49
C PHE G 797 0.19 -22.97 -126.33
N GLY G 798 0.38 -22.88 -127.65
CA GLY G 798 -0.68 -22.44 -128.54
C GLY G 798 -1.11 -21.01 -128.30
N GLY G 799 -0.18 -20.14 -127.93
CA GLY G 799 -0.49 -18.74 -127.72
C GLY G 799 -0.78 -18.37 -126.29
N PHE G 800 -0.87 -19.34 -125.39
CA PHE G 800 -1.12 -19.06 -123.98
C PHE G 800 0.17 -18.73 -123.26
N ASN G 801 0.22 -17.57 -122.61
CA ASN G 801 1.35 -17.12 -121.81
C ASN G 801 1.11 -17.48 -120.35
N PHE G 802 2.06 -18.21 -119.75
CA PHE G 802 2.01 -18.50 -118.33
C PHE G 802 3.18 -17.91 -117.55
N SER G 803 3.89 -16.94 -118.14
CA SER G 803 5.10 -16.43 -117.50
C SER G 803 4.78 -15.83 -116.14
N GLN G 804 3.62 -15.16 -116.04
CA GLN G 804 3.29 -14.45 -114.80
C GLN G 804 3.06 -15.41 -113.65
N ILE G 805 2.62 -16.64 -113.94
CA ILE G 805 2.32 -17.59 -112.89
C ILE G 805 3.39 -18.69 -112.80
N LEU G 806 4.23 -18.84 -113.81
CA LEU G 806 5.34 -19.78 -113.74
C LEU G 806 6.53 -19.14 -113.02
N PRO G 807 7.40 -19.95 -112.43
CA PRO G 807 8.61 -19.39 -111.82
C PRO G 807 9.51 -18.74 -112.87
N ASP G 808 10.25 -17.73 -112.43
CA ASP G 808 11.07 -16.97 -113.35
C ASP G 808 12.56 -17.25 -113.14
N PRO G 809 13.38 -17.11 -114.17
CA PRO G 809 14.82 -17.30 -114.01
C PRO G 809 15.49 -16.26 -113.12
N SER G 810 14.81 -15.15 -112.81
CA SER G 810 15.41 -14.09 -112.02
C SER G 810 15.77 -14.53 -110.60
N LYS G 811 15.24 -15.67 -110.14
CA LYS G 811 15.55 -16.27 -108.85
C LYS G 811 15.14 -15.37 -107.68
N PRO G 812 13.90 -14.83 -107.64
CA PRO G 812 13.46 -14.18 -106.39
C PRO G 812 12.76 -15.20 -105.50
N SER G 813 13.54 -16.09 -104.90
CA SER G 813 13.03 -17.19 -104.09
C SER G 813 12.16 -18.14 -104.93
N LYS G 814 12.51 -18.25 -106.22
CA LYS G 814 11.83 -19.12 -107.18
C LYS G 814 10.33 -18.80 -107.26
N ARG G 815 9.99 -17.51 -107.19
CA ARG G 815 8.59 -17.10 -107.18
C ARG G 815 8.23 -16.25 -108.41
N SER G 816 7.01 -16.44 -108.90
CA SER G 816 6.40 -15.72 -110.02
C SER G 816 5.91 -14.34 -109.55
N PHE G 817 5.41 -13.49 -110.49
CA PHE G 817 4.88 -12.21 -110.02
C PHE G 817 3.74 -12.39 -109.05
N ILE G 818 2.80 -13.27 -109.38
CA ILE G 818 1.61 -13.35 -108.54
C ILE G 818 2.01 -13.79 -107.14
N GLU G 819 2.90 -14.78 -107.04
CA GLU G 819 3.37 -15.17 -105.72
C GLU G 819 4.17 -14.03 -105.08
N ASP G 820 5.02 -13.37 -105.88
CA ASP G 820 5.78 -12.23 -105.38
C ASP G 820 4.86 -11.08 -105.00
N LEU G 821 3.86 -10.79 -105.83
CA LEU G 821 2.93 -9.71 -105.52
C LEU G 821 2.19 -10.01 -104.21
N LEU G 822 1.73 -11.24 -104.04
CA LEU G 822 0.99 -11.59 -102.84
C LEU G 822 1.89 -11.49 -101.61
N PHE G 823 3.11 -12.00 -101.71
CA PHE G 823 4.02 -11.97 -100.57
C PHE G 823 4.36 -10.54 -100.19
N ASN G 824 4.60 -9.68 -101.18
CA ASN G 824 4.86 -8.27 -100.89
C ASN G 824 3.61 -7.59 -100.35
N LYS G 825 2.44 -7.96 -100.86
CA LYS G 825 1.21 -7.30 -100.47
C LYS G 825 0.92 -7.51 -98.98
N VAL G 826 1.17 -8.71 -98.47
CA VAL G 826 0.91 -9.02 -97.07
C VAL G 826 2.14 -8.63 -96.26
N THR G 827 1.94 -7.76 -95.26
CA THR G 827 3.00 -7.29 -94.38
C THR G 827 2.71 -7.74 -92.97
N LEU G 828 3.73 -8.26 -92.29
CA LEU G 828 3.59 -8.74 -90.93
C LEU G 828 3.66 -7.58 -89.93
N PHE G 855 7.98 -13.09 -75.60
CA PHE G 855 9.33 -12.95 -75.10
C PHE G 855 9.38 -13.21 -73.60
N ASN G 856 8.25 -13.64 -73.04
CA ASN G 856 8.13 -14.00 -71.64
C ASN G 856 7.47 -15.36 -71.50
N GLY G 857 7.96 -16.34 -72.25
CA GLY G 857 7.44 -17.69 -72.24
C GLY G 857 6.74 -18.11 -73.51
N LEU G 858 6.41 -17.17 -74.39
CA LEU G 858 5.81 -17.51 -75.67
C LEU G 858 6.88 -17.57 -76.74
N THR G 859 6.75 -18.55 -77.64
CA THR G 859 7.66 -18.68 -78.76
C THR G 859 6.86 -19.12 -79.98
N VAL G 860 7.43 -18.87 -81.15
CA VAL G 860 6.80 -19.22 -82.43
C VAL G 860 7.63 -20.29 -83.10
N LEU G 861 7.02 -21.44 -83.33
CA LEU G 861 7.71 -22.54 -83.99
C LEU G 861 7.66 -22.34 -85.50
N PRO G 862 8.76 -22.51 -86.22
CA PRO G 862 8.74 -22.30 -87.66
C PRO G 862 7.93 -23.39 -88.34
N PRO G 863 7.29 -23.09 -89.45
CA PRO G 863 6.55 -24.14 -90.18
C PRO G 863 7.50 -25.16 -90.76
N LEU G 864 7.01 -26.39 -90.88
CA LEU G 864 7.84 -27.46 -91.44
C LEU G 864 8.21 -27.15 -92.89
N LEU G 865 7.26 -26.65 -93.68
CA LEU G 865 7.48 -26.36 -95.08
C LEU G 865 7.80 -24.88 -95.23
N THR G 866 8.94 -24.56 -95.83
CA THR G 866 9.30 -23.17 -96.06
C THR G 866 8.53 -22.62 -97.25
N ASP G 867 8.56 -21.30 -97.38
CA ASP G 867 7.89 -20.65 -98.51
C ASP G 867 8.47 -21.13 -99.83
N GLU G 868 9.78 -21.35 -99.87
CA GLU G 868 10.44 -21.81 -101.09
C GLU G 868 9.93 -23.19 -101.47
N MET G 869 9.78 -24.07 -100.48
CA MET G 869 9.30 -25.43 -100.73
C MET G 869 7.82 -25.43 -101.16
N ILE G 870 7.02 -24.57 -100.54
CA ILE G 870 5.62 -24.42 -100.94
C ILE G 870 5.54 -23.89 -102.37
N ALA G 871 6.39 -22.94 -102.70
CA ALA G 871 6.42 -22.42 -104.06
C ALA G 871 6.81 -23.52 -105.03
N GLN G 872 7.75 -24.38 -104.65
CA GLN G 872 8.13 -25.49 -105.52
C GLN G 872 6.96 -26.45 -105.72
N TYR G 873 6.20 -26.73 -104.66
CA TYR G 873 5.02 -27.57 -104.80
C TYR G 873 4.01 -26.94 -105.76
N THR G 874 3.80 -25.64 -105.63
CA THR G 874 2.85 -24.95 -106.50
C THR G 874 3.32 -24.99 -107.94
N SER G 875 4.62 -24.79 -108.16
CA SER G 875 5.16 -24.85 -109.51
C SER G 875 4.99 -26.24 -110.10
N ALA G 876 5.23 -27.28 -109.30
CA ALA G 876 5.06 -28.64 -109.79
C ALA G 876 3.61 -28.88 -110.19
N LEU G 877 2.67 -28.43 -109.35
CA LEU G 877 1.25 -28.62 -109.66
C LEU G 877 0.88 -27.90 -110.94
N LEU G 878 1.33 -26.66 -111.10
CA LEU G 878 0.95 -25.88 -112.27
C LEU G 878 1.56 -26.46 -113.53
N ALA G 879 2.83 -26.90 -113.45
CA ALA G 879 3.47 -27.51 -114.60
C ALA G 879 2.76 -28.79 -115.00
N GLY G 880 2.39 -29.62 -114.02
CA GLY G 880 1.63 -30.81 -114.32
C GLY G 880 0.29 -30.50 -114.97
N THR G 881 -0.38 -29.45 -114.47
CA THR G 881 -1.68 -29.09 -115.01
C THR G 881 -1.57 -28.66 -116.47
N ILE G 882 -0.57 -27.82 -116.78
CA ILE G 882 -0.48 -27.31 -118.14
C ILE G 882 0.13 -28.32 -119.11
N THR G 883 0.93 -29.26 -118.62
CA THR G 883 1.60 -30.21 -119.49
C THR G 883 0.86 -31.52 -119.65
N SER G 884 0.03 -31.89 -118.67
CA SER G 884 -0.63 -33.20 -118.67
C SER G 884 -2.14 -33.14 -118.50
N GLY G 885 -2.70 -32.03 -118.08
CA GLY G 885 -4.13 -31.97 -117.82
C GLY G 885 -4.46 -32.55 -116.47
N TRP G 886 -5.48 -33.40 -116.42
CA TRP G 886 -5.91 -34.01 -115.18
C TRP G 886 -5.35 -35.40 -114.98
N THR G 887 -4.54 -35.89 -115.91
CA THR G 887 -4.03 -37.25 -115.83
C THR G 887 -3.08 -37.43 -114.66
N PHE G 888 -2.24 -36.43 -114.40
CA PHE G 888 -1.24 -36.58 -113.35
C PHE G 888 -1.87 -36.64 -111.97
N GLY G 889 -3.10 -36.16 -111.81
CA GLY G 889 -3.80 -36.29 -110.55
C GLY G 889 -4.46 -37.64 -110.34
N ALA G 890 -4.58 -38.44 -111.40
CA ALA G 890 -5.22 -39.74 -111.33
C ALA G 890 -4.26 -40.87 -111.72
N GLY G 891 -2.96 -40.60 -111.71
CA GLY G 891 -1.99 -41.59 -112.13
C GLY G 891 -0.69 -40.94 -112.58
N ALA G 892 -0.11 -41.46 -113.67
CA ALA G 892 1.12 -40.91 -114.21
C ALA G 892 0.81 -39.77 -115.17
N ALA G 893 1.66 -38.76 -115.18
CA ALA G 893 1.45 -37.61 -116.05
C ALA G 893 1.58 -38.03 -117.50
N LEU G 894 0.62 -37.65 -118.33
CA LEU G 894 0.61 -37.96 -119.75
C LEU G 894 0.58 -36.65 -120.52
N GLN G 895 1.58 -36.42 -121.36
CA GLN G 895 1.67 -35.14 -122.04
C GLN G 895 0.51 -34.96 -123.01
N ILE G 896 0.13 -33.70 -123.21
CA ILE G 896 -0.98 -33.37 -124.09
C ILE G 896 -0.66 -32.08 -124.82
N PRO G 897 -1.08 -31.96 -126.07
CA PRO G 897 -0.99 -30.65 -126.72
C PRO G 897 -1.93 -29.70 -126.00
N PHE G 898 -1.48 -28.47 -125.78
CA PHE G 898 -2.28 -27.57 -124.96
C PHE G 898 -3.64 -27.32 -125.61
N PRO G 899 -3.68 -27.22 -126.93
CA PRO G 899 -4.95 -26.99 -127.61
C PRO G 899 -5.92 -28.13 -127.36
N MET G 900 -5.43 -29.38 -127.39
CA MET G 900 -6.30 -30.52 -127.09
C MET G 900 -6.81 -30.46 -125.66
N GLN G 901 -5.97 -30.03 -124.72
CA GLN G 901 -6.40 -29.98 -123.32
C GLN G 901 -7.58 -29.02 -123.18
N MET G 902 -7.49 -27.87 -123.83
CA MET G 902 -8.58 -26.90 -123.80
C MET G 902 -9.80 -27.44 -124.51
N ALA G 903 -9.59 -28.16 -125.62
CA ALA G 903 -10.72 -28.74 -126.33
C ALA G 903 -11.46 -29.73 -125.44
N TYR G 904 -10.71 -30.53 -124.68
CA TYR G 904 -11.32 -31.48 -123.76
C TYR G 904 -12.12 -30.75 -122.70
N ARG G 905 -11.57 -29.66 -122.17
CA ARG G 905 -12.28 -28.91 -121.15
C ARG G 905 -13.55 -28.27 -121.71
N PHE G 906 -13.50 -27.78 -122.95
CA PHE G 906 -14.71 -27.29 -123.60
C PHE G 906 -15.74 -28.39 -123.75
N ASN G 907 -15.29 -29.59 -124.13
CA ASN G 907 -16.22 -30.72 -124.22
C ASN G 907 -16.84 -31.00 -122.86
N GLY G 908 -16.06 -30.84 -121.79
CA GLY G 908 -16.60 -31.05 -120.46
C GLY G 908 -17.72 -30.09 -120.13
N ILE G 909 -17.61 -28.83 -120.55
CA ILE G 909 -18.64 -27.84 -120.26
C ILE G 909 -19.71 -27.82 -121.34
N GLY G 910 -19.64 -28.77 -122.26
CA GLY G 910 -20.70 -28.91 -123.25
C GLY G 910 -20.52 -28.12 -124.53
N VAL G 911 -19.34 -27.64 -124.82
CA VAL G 911 -19.05 -26.94 -126.07
C VAL G 911 -18.13 -27.80 -126.91
N THR G 912 -18.44 -27.93 -128.20
CA THR G 912 -17.68 -28.79 -129.08
C THR G 912 -16.28 -28.24 -129.32
N GLN G 913 -15.37 -29.13 -129.70
CA GLN G 913 -13.97 -28.75 -129.88
C GLN G 913 -13.79 -27.74 -131.01
N ASN G 914 -14.71 -27.72 -131.97
CA ASN G 914 -14.56 -26.83 -133.12
C ASN G 914 -14.49 -25.37 -132.68
N VAL G 915 -15.22 -25.00 -131.63
CA VAL G 915 -15.26 -23.62 -131.18
C VAL G 915 -13.86 -23.17 -130.78
N LEU G 916 -13.16 -23.97 -129.99
CA LEU G 916 -11.80 -23.63 -129.61
C LEU G 916 -10.87 -23.63 -130.81
N TYR G 917 -10.94 -24.65 -131.65
CA TYR G 917 -9.99 -24.74 -132.75
C TYR G 917 -10.20 -23.63 -133.76
N GLU G 918 -11.39 -23.03 -133.80
CA GLU G 918 -11.65 -21.93 -134.72
C GLU G 918 -11.49 -20.57 -134.07
N ASN G 919 -11.52 -20.48 -132.74
CA ASN G 919 -11.36 -19.22 -132.04
C ASN G 919 -10.16 -19.24 -131.11
N GLN G 920 -9.14 -20.03 -131.46
CA GLN G 920 -7.98 -20.19 -130.58
C GLN G 920 -7.26 -18.86 -130.33
N LYS G 921 -7.10 -18.05 -131.37
CA LYS G 921 -6.42 -16.76 -131.19
C LYS G 921 -7.21 -15.88 -130.24
N LEU G 922 -8.53 -15.81 -130.41
CA LEU G 922 -9.34 -14.99 -129.54
C LEU G 922 -9.28 -15.49 -128.11
N ILE G 923 -9.34 -16.81 -127.93
CA ILE G 923 -9.32 -17.38 -126.58
C ILE G 923 -7.98 -17.12 -125.90
N ALA G 924 -6.88 -17.29 -126.64
CA ALA G 924 -5.57 -17.03 -126.07
C ALA G 924 -5.41 -15.57 -125.69
N ASN G 925 -5.90 -14.67 -126.55
CA ASN G 925 -5.82 -13.24 -126.23
C ASN G 925 -6.66 -12.91 -125.01
N GLN G 926 -7.86 -13.48 -124.92
CA GLN G 926 -8.71 -13.22 -123.76
C GLN G 926 -8.06 -13.73 -122.49
N PHE G 927 -7.42 -14.91 -122.55
CA PHE G 927 -6.71 -15.45 -121.39
C PHE G 927 -5.58 -14.52 -120.98
N ASN G 928 -4.81 -14.03 -121.97
CA ASN G 928 -3.71 -13.14 -121.66
C ASN G 928 -4.22 -11.87 -121.00
N SER G 929 -5.33 -11.33 -121.53
CA SER G 929 -5.91 -10.12 -120.99
C SER G 929 -6.39 -10.34 -119.56
N ALA G 930 -7.04 -11.49 -119.31
CA ALA G 930 -7.56 -11.76 -117.98
C ALA G 930 -6.43 -11.89 -116.96
N ILE G 931 -5.34 -12.55 -117.36
CA ILE G 931 -4.19 -12.64 -116.48
C ILE G 931 -3.64 -11.25 -116.21
N GLY G 932 -3.60 -10.41 -117.24
CA GLY G 932 -3.19 -9.03 -117.05
C GLY G 932 -4.10 -8.29 -116.09
N LYS G 933 -5.41 -8.57 -116.16
CA LYS G 933 -6.35 -7.93 -115.22
C LYS G 933 -6.04 -8.34 -113.79
N ILE G 934 -5.75 -9.62 -113.59
CA ILE G 934 -5.41 -10.09 -112.25
C ILE G 934 -4.13 -9.43 -111.75
N GLN G 935 -3.12 -9.33 -112.61
CA GLN G 935 -1.88 -8.70 -112.18
C GLN G 935 -2.09 -7.23 -111.84
N ASP G 936 -2.87 -6.52 -112.66
CA ASP G 936 -3.15 -5.11 -112.38
C ASP G 936 -3.93 -4.96 -111.09
N SER G 937 -4.93 -5.82 -110.87
CA SER G 937 -5.74 -5.71 -109.66
C SER G 937 -4.89 -5.96 -108.42
N LEU G 938 -4.01 -6.96 -108.49
CA LEU G 938 -3.13 -7.23 -107.35
C LEU G 938 -2.16 -6.08 -107.11
N SER G 939 -1.63 -5.50 -108.19
CA SER G 939 -0.66 -4.42 -108.05
C SER G 939 -1.29 -3.16 -107.47
N SER G 940 -2.47 -2.78 -107.97
CA SER G 940 -3.07 -1.50 -107.58
C SER G 940 -4.13 -1.66 -106.49
N THR G 941 -5.14 -2.50 -106.70
CA THR G 941 -6.24 -2.60 -105.77
C THR G 941 -5.77 -3.24 -104.47
N PRO G 942 -6.14 -2.63 -103.34
CA PRO G 942 -5.77 -3.14 -102.03
C PRO G 942 -6.95 -3.91 -101.43
N SER G 943 -6.72 -4.44 -100.23
CA SER G 943 -7.75 -5.16 -99.48
C SER G 943 -8.23 -6.41 -100.22
N PRO G 944 -7.37 -6.98 -101.06
CA PRO G 944 -7.71 -8.20 -101.78
C PRO G 944 -7.36 -9.46 -100.99
N LEU G 945 -6.50 -9.34 -99.99
CA LEU G 945 -6.05 -10.46 -99.17
C LEU G 945 -6.53 -10.30 -97.73
N GLY G 946 -7.77 -9.83 -97.58
CA GLY G 946 -8.30 -9.55 -96.26
C GLY G 946 -8.33 -10.76 -95.35
N LYS G 947 -8.62 -11.94 -95.90
CA LYS G 947 -8.75 -13.13 -95.06
C LYS G 947 -7.44 -13.47 -94.37
N LEU G 948 -6.34 -13.49 -95.13
CA LEU G 948 -5.04 -13.79 -94.52
C LEU G 948 -4.65 -12.69 -93.54
N GLN G 949 -4.89 -11.44 -93.93
CA GLN G 949 -4.59 -10.32 -93.05
C GLN G 949 -5.41 -10.41 -91.77
N ASP G 950 -6.69 -10.79 -91.90
CA ASP G 950 -7.53 -10.90 -90.72
C ASP G 950 -7.04 -12.00 -89.80
N VAL G 951 -6.63 -13.14 -90.36
CA VAL G 951 -6.13 -14.24 -89.53
C VAL G 951 -4.88 -13.80 -88.79
N VAL G 952 -3.97 -13.15 -89.49
CA VAL G 952 -2.72 -12.70 -88.86
C VAL G 952 -3.04 -11.68 -87.77
N ASN G 953 -3.97 -10.76 -88.05
CA ASN G 953 -4.32 -9.75 -87.08
C ASN G 953 -4.96 -10.37 -85.84
N GLN G 954 -5.82 -11.35 -86.02
CA GLN G 954 -6.44 -12.01 -84.87
C GLN G 954 -5.40 -12.70 -84.01
N ASN G 955 -4.44 -13.40 -84.64
CA ASN G 955 -3.40 -14.05 -83.86
C ASN G 955 -2.56 -13.04 -83.11
N ALA G 956 -2.20 -11.93 -83.78
CA ALA G 956 -1.39 -10.91 -83.14
C ALA G 956 -2.15 -10.27 -81.99
N GLN G 957 -3.45 -10.03 -82.18
CA GLN G 957 -4.26 -9.43 -81.12
C GLN G 957 -4.36 -10.36 -79.92
N ALA G 958 -4.53 -11.66 -80.16
CA ALA G 958 -4.58 -12.61 -79.05
C ALA G 958 -3.27 -12.60 -78.28
N LEU G 959 -2.14 -12.63 -79.00
CA LEU G 959 -0.85 -12.62 -78.32
C LEU G 959 -0.66 -11.32 -77.54
N ASN G 960 -1.02 -10.19 -78.15
CA ASN G 960 -0.84 -8.90 -77.51
C ASN G 960 -1.71 -8.79 -76.26
N THR G 961 -2.97 -9.23 -76.34
CA THR G 961 -3.83 -9.17 -75.16
C THR G 961 -3.33 -10.11 -74.06
N LEU G 962 -2.77 -11.26 -74.44
CA LEU G 962 -2.19 -12.14 -73.44
C LEU G 962 -1.03 -11.46 -72.73
N VAL G 963 -0.15 -10.81 -73.51
CA VAL G 963 0.99 -10.12 -72.92
C VAL G 963 0.50 -8.97 -72.05
N LYS G 964 -0.56 -8.29 -72.50
CA LYS G 964 -1.15 -7.19 -71.74
C LYS G 964 -1.67 -7.70 -70.40
N GLN G 965 -2.34 -8.85 -70.41
CA GLN G 965 -2.86 -9.44 -69.19
C GLN G 965 -1.77 -9.80 -68.20
N LEU G 966 -0.57 -10.12 -68.68
CA LEU G 966 0.54 -10.40 -67.77
C LEU G 966 0.85 -9.20 -66.88
N SER G 967 0.54 -7.99 -67.34
CA SER G 967 0.84 -6.77 -66.60
C SER G 967 -0.35 -6.25 -65.81
N SER G 968 -1.18 -7.15 -65.28
CA SER G 968 -2.31 -6.77 -64.45
C SER G 968 -2.17 -7.39 -63.07
N ASN G 969 -2.50 -6.60 -62.05
CA ASN G 969 -2.33 -7.04 -60.67
C ASN G 969 -3.36 -8.07 -60.24
N PHE G 970 -4.53 -8.10 -60.89
CA PHE G 970 -5.63 -9.01 -60.53
C PHE G 970 -6.05 -8.79 -59.08
N GLY G 971 -6.06 -7.53 -58.65
CA GLY G 971 -6.51 -7.20 -57.32
C GLY G 971 -5.47 -7.29 -56.22
N ALA G 972 -4.23 -7.61 -56.55
CA ALA G 972 -3.16 -7.67 -55.57
C ALA G 972 -2.52 -6.29 -55.40
N ILE G 973 -1.52 -6.24 -54.51
CA ILE G 973 -0.81 -4.98 -54.26
C ILE G 973 -0.08 -4.53 -55.51
N SER G 974 0.62 -5.45 -56.18
CA SER G 974 1.39 -5.12 -57.35
C SER G 974 1.29 -6.25 -58.37
N SER G 975 1.54 -5.90 -59.64
CA SER G 975 1.51 -6.86 -60.73
C SER G 975 2.82 -7.59 -60.93
N VAL G 976 3.90 -7.17 -60.26
CA VAL G 976 5.23 -7.75 -60.42
C VAL G 976 5.53 -8.58 -59.19
N LEU G 977 6.01 -9.80 -59.40
CA LEU G 977 6.26 -10.70 -58.28
C LEU G 977 7.42 -10.23 -57.40
N ASN G 978 8.46 -9.65 -58.02
CA ASN G 978 9.66 -9.27 -57.27
C ASN G 978 9.33 -8.26 -56.19
N ASP G 979 8.52 -7.25 -56.52
CA ASP G 979 8.16 -6.23 -55.54
C ASP G 979 7.39 -6.84 -54.39
N ILE G 980 6.45 -7.76 -54.67
CA ILE G 980 5.65 -8.35 -53.61
C ILE G 980 6.52 -9.12 -52.64
N LEU G 981 7.43 -9.96 -53.17
CA LEU G 981 8.30 -10.73 -52.29
C LEU G 981 9.24 -9.83 -51.50
N SER G 982 9.80 -8.82 -52.14
CA SER G 982 10.80 -7.99 -51.47
C SER G 982 10.17 -7.03 -50.48
N ARG G 983 8.85 -6.82 -50.56
CA ARG G 983 8.18 -5.86 -49.72
C ARG G 983 7.16 -6.44 -48.74
N LEU G 984 6.71 -7.68 -48.93
CA LEU G 984 5.61 -8.24 -48.14
C LEU G 984 6.08 -9.47 -47.37
N ASP G 985 5.42 -9.75 -46.24
CA ASP G 985 5.71 -10.95 -45.45
C ASP G 985 5.23 -12.20 -46.19
N PRO G 986 5.82 -13.36 -45.92
CA PRO G 986 5.51 -14.57 -46.71
C PRO G 986 4.03 -14.92 -46.76
N PRO G 987 3.27 -14.83 -45.65
CA PRO G 987 1.84 -15.19 -45.76
C PRO G 987 1.05 -14.28 -46.69
N GLU G 988 1.12 -12.96 -46.48
CA GLU G 988 0.41 -12.06 -47.37
C GLU G 988 1.02 -12.09 -48.77
N ALA G 989 2.35 -12.20 -48.85
CA ALA G 989 3.00 -12.28 -50.15
C ALA G 989 2.50 -13.51 -50.90
N GLU G 990 2.42 -14.66 -50.23
CA GLU G 990 1.98 -15.87 -50.92
C GLU G 990 0.51 -15.77 -51.30
N VAL G 991 -0.32 -15.10 -50.49
CA VAL G 991 -1.73 -14.92 -50.86
C VAL G 991 -1.82 -14.11 -52.15
N GLN G 992 -1.06 -13.02 -52.20
CA GLN G 992 -1.05 -12.21 -53.42
C GLN G 992 -0.51 -13.03 -54.60
N ILE G 993 0.52 -13.84 -54.34
CA ILE G 993 1.09 -14.67 -55.39
C ILE G 993 0.03 -15.59 -55.94
N ASP G 994 -0.76 -16.18 -55.05
CA ASP G 994 -1.81 -17.12 -55.45
C ASP G 994 -2.89 -16.43 -56.28
N ARG G 995 -3.29 -15.21 -55.89
CA ARG G 995 -4.29 -14.53 -56.69
C ARG G 995 -3.76 -14.18 -58.07
N LEU G 996 -2.49 -13.77 -58.17
CA LEU G 996 -1.90 -13.58 -59.49
C LEU G 996 -1.88 -14.88 -60.27
N ILE G 997 -1.60 -16.00 -59.60
CA ILE G 997 -1.54 -17.28 -60.29
C ILE G 997 -2.90 -17.62 -60.87
N THR G 998 -3.95 -17.41 -60.08
CA THR G 998 -5.30 -17.71 -60.55
C THR G 998 -5.65 -16.84 -61.76
N GLY G 999 -5.38 -15.54 -61.66
CA GLY G 999 -5.75 -14.65 -62.75
C GLY G 999 -5.00 -14.97 -64.03
N ARG G 1000 -3.69 -15.16 -63.91
CA ARG G 1000 -2.87 -15.41 -65.10
C ARG G 1000 -3.21 -16.76 -65.71
N LEU G 1001 -3.40 -17.78 -64.88
CA LEU G 1001 -3.74 -19.10 -65.40
C LEU G 1001 -5.08 -19.08 -66.11
N GLN G 1002 -6.06 -18.39 -65.54
CA GLN G 1002 -7.36 -18.31 -66.18
C GLN G 1002 -7.26 -17.58 -67.52
N SER G 1003 -6.49 -16.49 -67.57
CA SER G 1003 -6.31 -15.79 -68.83
C SER G 1003 -5.64 -16.67 -69.86
N LEU G 1004 -4.64 -17.45 -69.44
CA LEU G 1004 -3.96 -18.35 -70.36
C LEU G 1004 -4.92 -19.40 -70.89
N GLN G 1005 -5.79 -19.92 -70.03
CA GLN G 1005 -6.77 -20.91 -70.49
C GLN G 1005 -7.74 -20.29 -71.48
N THR G 1006 -8.15 -19.04 -71.25
CA THR G 1006 -9.02 -18.37 -72.21
C THR G 1006 -8.33 -18.24 -73.55
N TYR G 1007 -7.06 -17.86 -73.54
CA TYR G 1007 -6.32 -17.73 -74.79
C TYR G 1007 -6.22 -19.07 -75.49
N VAL G 1008 -5.96 -20.14 -74.73
CA VAL G 1008 -5.81 -21.46 -75.34
C VAL G 1008 -7.14 -21.89 -75.96
N THR G 1009 -8.25 -21.65 -75.27
CA THR G 1009 -9.54 -22.06 -75.81
C THR G 1009 -9.87 -21.30 -77.09
N GLN G 1010 -9.62 -19.99 -77.10
CA GLN G 1010 -9.86 -19.23 -78.32
C GLN G 1010 -8.95 -19.69 -79.45
N GLN G 1011 -7.71 -20.03 -79.12
CA GLN G 1011 -6.80 -20.56 -80.12
C GLN G 1011 -7.32 -21.88 -80.68
N LEU G 1012 -7.88 -22.73 -79.82
CA LEU G 1012 -8.43 -24.00 -80.28
C LEU G 1012 -9.58 -23.77 -81.24
N ILE G 1013 -10.47 -22.83 -80.93
CA ILE G 1013 -11.61 -22.56 -81.81
C ILE G 1013 -11.12 -22.02 -83.15
N ARG G 1014 -10.16 -21.09 -83.10
CA ARG G 1014 -9.61 -20.54 -84.33
C ARG G 1014 -8.92 -21.64 -85.15
N ALA G 1015 -8.23 -22.56 -84.46
CA ALA G 1015 -7.58 -23.65 -85.15
C ALA G 1015 -8.60 -24.54 -85.85
N ALA G 1016 -9.73 -24.80 -85.20
CA ALA G 1016 -10.77 -25.60 -85.82
C ALA G 1016 -11.32 -24.90 -87.07
N GLU G 1017 -11.54 -23.59 -86.98
CA GLU G 1017 -12.03 -22.85 -88.14
C GLU G 1017 -11.01 -22.88 -89.27
N ILE G 1018 -9.73 -22.70 -88.95
CA ILE G 1018 -8.68 -22.72 -89.95
C ILE G 1018 -8.58 -24.11 -90.57
N ARG G 1019 -8.78 -25.15 -89.77
CA ARG G 1019 -8.75 -26.51 -90.31
C ARG G 1019 -9.90 -26.73 -91.28
N ALA G 1020 -11.07 -26.17 -90.97
CA ALA G 1020 -12.18 -26.27 -91.92
C ALA G 1020 -11.83 -25.56 -93.22
N SER G 1021 -11.23 -24.37 -93.12
CA SER G 1021 -10.83 -23.64 -94.32
C SER G 1021 -9.79 -24.41 -95.11
N ALA G 1022 -8.84 -25.03 -94.42
CA ALA G 1022 -7.78 -25.80 -95.08
C ALA G 1022 -8.36 -27.03 -95.76
N ASN G 1023 -9.34 -27.69 -95.14
CA ASN G 1023 -9.99 -28.81 -95.79
C ASN G 1023 -10.70 -28.36 -97.05
N LEU G 1024 -11.36 -27.20 -96.99
CA LEU G 1024 -12.00 -26.67 -98.18
C LEU G 1024 -10.98 -26.37 -99.26
N ALA G 1025 -9.83 -25.80 -98.88
CA ALA G 1025 -8.79 -25.48 -99.86
C ALA G 1025 -8.24 -26.74 -100.49
N ALA G 1026 -8.02 -27.78 -99.69
CA ALA G 1026 -7.52 -29.05 -100.23
C ALA G 1026 -8.53 -29.64 -101.20
N THR G 1027 -9.81 -29.58 -100.84
CA THR G 1027 -10.85 -30.10 -101.73
C THR G 1027 -10.88 -29.31 -103.03
N LYS G 1028 -10.75 -27.99 -102.96
CA LYS G 1028 -10.75 -27.18 -104.17
C LYS G 1028 -9.56 -27.51 -105.04
N MET G 1029 -8.37 -27.66 -104.44
CA MET G 1029 -7.21 -27.96 -105.25
C MET G 1029 -7.34 -29.33 -105.92
N SER G 1030 -7.85 -30.32 -105.17
CA SER G 1030 -7.99 -31.65 -105.74
C SER G 1030 -9.03 -31.69 -106.84
N GLU G 1031 -10.13 -30.95 -106.68
CA GLU G 1031 -11.24 -31.06 -107.60
C GLU G 1031 -11.21 -30.03 -108.72
N CYS G 1032 -10.32 -29.05 -108.67
CA CYS G 1032 -10.31 -28.01 -109.69
C CYS G 1032 -8.93 -27.83 -110.31
N VAL G 1033 -7.87 -28.10 -109.55
CA VAL G 1033 -6.54 -28.05 -110.12
C VAL G 1033 -6.18 -29.39 -110.76
N LEU G 1034 -6.49 -30.49 -110.10
CA LEU G 1034 -6.17 -31.81 -110.59
C LEU G 1034 -7.26 -32.36 -111.51
N GLY G 1035 -8.32 -31.60 -111.75
CA GLY G 1035 -9.42 -32.05 -112.57
C GLY G 1035 -10.33 -30.89 -112.90
N GLN G 1036 -11.38 -31.19 -113.65
CA GLN G 1036 -12.40 -30.21 -113.99
C GLN G 1036 -13.65 -30.52 -113.20
N SER G 1037 -14.24 -29.50 -112.59
CA SER G 1037 -15.37 -29.67 -111.69
C SER G 1037 -16.65 -29.19 -112.35
N LYS G 1038 -17.70 -30.00 -112.26
CA LYS G 1038 -19.01 -29.61 -112.74
C LYS G 1038 -19.87 -28.97 -111.66
N ARG G 1039 -19.37 -28.90 -110.44
CA ARG G 1039 -20.10 -28.23 -109.37
C ARG G 1039 -20.20 -26.74 -109.68
N VAL G 1040 -21.42 -26.20 -109.56
CA VAL G 1040 -21.66 -24.81 -109.93
C VAL G 1040 -21.13 -23.91 -108.83
N ASP G 1041 -20.40 -22.87 -109.22
CA ASP G 1041 -19.88 -21.82 -108.34
C ASP G 1041 -18.87 -22.34 -107.33
N PHE G 1042 -18.48 -23.61 -107.43
CA PHE G 1042 -17.47 -24.13 -106.53
C PHE G 1042 -16.11 -23.52 -106.81
N CYS G 1043 -15.78 -23.31 -108.08
CA CYS G 1043 -14.50 -22.77 -108.49
C CYS G 1043 -14.67 -21.62 -109.47
N GLY G 1044 -15.47 -20.62 -109.08
CA GLY G 1044 -15.61 -19.42 -109.87
C GLY G 1044 -17.00 -19.30 -110.48
N LYS G 1045 -17.34 -18.07 -110.83
CA LYS G 1045 -18.62 -17.78 -111.46
C LYS G 1045 -18.50 -18.06 -112.95
N GLY G 1046 -19.31 -18.99 -113.45
CA GLY G 1046 -19.23 -19.40 -114.84
C GLY G 1046 -18.88 -20.87 -114.95
N TYR G 1047 -18.90 -21.35 -116.19
CA TYR G 1047 -18.58 -22.75 -116.42
C TYR G 1047 -17.07 -22.93 -116.22
N HIS G 1048 -16.71 -23.74 -115.23
CA HIS G 1048 -15.30 -23.88 -114.86
C HIS G 1048 -14.53 -24.55 -115.99
N LEU G 1049 -13.39 -23.97 -116.35
CA LEU G 1049 -12.51 -24.57 -117.34
C LEU G 1049 -11.27 -25.17 -116.69
N MET G 1050 -10.49 -24.38 -115.96
CA MET G 1050 -9.27 -24.88 -115.37
C MET G 1050 -8.93 -23.95 -114.21
N SER G 1051 -8.00 -24.38 -113.36
CA SER G 1051 -7.60 -23.58 -112.22
C SER G 1051 -6.09 -23.63 -112.03
N PHE G 1052 -5.55 -22.55 -111.48
CA PHE G 1052 -4.12 -22.45 -111.19
C PHE G 1052 -3.91 -22.06 -109.74
N PRO G 1053 -3.12 -22.82 -108.99
CA PRO G 1053 -2.80 -22.45 -107.61
C PRO G 1053 -1.62 -21.51 -107.52
N GLN G 1054 -1.63 -20.69 -106.47
CA GLN G 1054 -0.51 -19.82 -106.16
C GLN G 1054 -0.33 -19.77 -104.66
N SER G 1055 0.92 -19.63 -104.23
CA SER G 1055 1.20 -19.62 -102.81
C SER G 1055 0.87 -18.25 -102.21
N ALA G 1056 0.67 -18.24 -100.91
CA ALA G 1056 0.43 -17.04 -100.13
C ALA G 1056 1.12 -17.21 -98.78
N PRO G 1057 1.35 -16.11 -98.05
CA PRO G 1057 2.14 -16.23 -96.81
C PRO G 1057 1.59 -17.25 -95.82
N HIS G 1058 0.28 -17.31 -95.64
CA HIS G 1058 -0.31 -18.36 -94.80
C HIS G 1058 -1.55 -18.97 -95.46
N GLY G 1059 -1.54 -19.09 -96.78
CA GLY G 1059 -2.71 -19.57 -97.48
C GLY G 1059 -2.38 -19.88 -98.91
N VAL G 1060 -3.45 -20.07 -99.70
CA VAL G 1060 -3.32 -20.39 -101.11
C VAL G 1060 -4.24 -19.47 -101.89
N VAL G 1061 -3.88 -19.20 -103.14
CA VAL G 1061 -4.66 -18.36 -104.04
C VAL G 1061 -4.96 -19.16 -105.29
N PHE G 1062 -6.24 -19.24 -105.64
CA PHE G 1062 -6.68 -19.97 -106.82
C PHE G 1062 -7.08 -19.00 -107.91
N LEU G 1063 -6.49 -19.16 -109.09
CA LEU G 1063 -6.90 -18.41 -110.27
C LEU G 1063 -7.83 -19.32 -111.06
N HIS G 1064 -9.12 -19.03 -111.04
CA HIS G 1064 -10.10 -19.87 -111.71
C HIS G 1064 -10.35 -19.35 -113.11
N VAL G 1065 -10.02 -20.16 -114.11
CA VAL G 1065 -10.31 -19.83 -115.50
C VAL G 1065 -11.68 -20.41 -115.82
N THR G 1066 -12.61 -19.54 -116.20
CA THR G 1066 -13.99 -19.95 -116.44
C THR G 1066 -14.46 -19.42 -117.78
N TYR G 1067 -15.53 -20.03 -118.28
CA TYR G 1067 -16.15 -19.68 -119.55
C TYR G 1067 -17.47 -18.97 -119.26
N VAL G 1068 -17.65 -17.80 -119.84
CA VAL G 1068 -18.85 -17.00 -119.63
C VAL G 1068 -19.48 -16.69 -120.99
N PRO G 1069 -20.71 -17.11 -121.25
CA PRO G 1069 -21.37 -16.75 -122.51
C PRO G 1069 -21.63 -15.25 -122.60
N ALA G 1070 -21.56 -14.75 -123.82
CA ALA G 1070 -21.77 -13.33 -124.09
C ALA G 1070 -22.46 -13.17 -125.44
N GLN G 1071 -23.01 -11.97 -125.66
CA GLN G 1071 -23.63 -11.59 -126.93
C GLN G 1071 -24.69 -12.61 -127.34
N GLU G 1072 -25.56 -12.94 -126.38
CA GLU G 1072 -26.62 -13.90 -126.64
C GLU G 1072 -27.61 -13.33 -127.65
N LYS G 1073 -28.18 -14.21 -128.46
CA LYS G 1073 -29.18 -13.78 -129.42
C LYS G 1073 -30.43 -14.61 -129.20
N ASN G 1074 -31.55 -13.91 -129.16
CA ASN G 1074 -32.87 -14.47 -128.90
C ASN G 1074 -33.39 -15.14 -130.18
N PHE G 1075 -34.12 -16.25 -130.03
CA PHE G 1075 -34.64 -17.01 -131.17
C PHE G 1075 -35.89 -17.80 -130.83
N THR G 1076 -36.61 -18.21 -131.87
CA THR G 1076 -37.76 -19.11 -131.71
C THR G 1076 -37.29 -20.56 -131.63
N THR G 1077 -38.05 -21.39 -130.90
CA THR G 1077 -37.69 -22.79 -130.64
C THR G 1077 -38.91 -23.70 -130.77
N ALA G 1078 -38.65 -25.00 -130.93
CA ALA G 1078 -39.70 -26.02 -130.94
C ALA G 1078 -39.23 -27.27 -130.23
N PRO G 1079 -40.10 -27.90 -129.42
CA PRO G 1079 -39.69 -29.14 -128.75
C PRO G 1079 -39.27 -30.25 -129.69
N ALA G 1080 -39.95 -30.41 -130.82
CA ALA G 1080 -39.63 -31.48 -131.76
C ALA G 1080 -40.11 -31.07 -133.14
N ILE G 1081 -39.71 -31.87 -134.13
CA ILE G 1081 -40.11 -31.65 -135.52
C ILE G 1081 -40.94 -32.84 -135.98
N CYS G 1082 -42.14 -32.56 -136.49
CA CYS G 1082 -43.00 -33.60 -137.05
C CYS G 1082 -42.72 -33.70 -138.54
N HIS G 1083 -42.09 -34.78 -138.97
CA HIS G 1083 -41.82 -35.03 -140.37
C HIS G 1083 -42.27 -36.43 -140.71
N ASP G 1084 -43.01 -36.57 -141.82
CA ASP G 1084 -43.50 -37.87 -142.27
C ASP G 1084 -44.36 -38.54 -141.21
N GLY G 1085 -45.06 -37.74 -140.42
CA GLY G 1085 -45.95 -38.28 -139.41
C GLY G 1085 -45.24 -38.84 -138.19
N LYS G 1086 -43.95 -38.55 -138.02
CA LYS G 1086 -43.20 -39.01 -136.87
C LYS G 1086 -42.45 -37.82 -136.27
N ALA G 1087 -42.20 -37.89 -134.97
CA ALA G 1087 -41.58 -36.81 -134.22
C ALA G 1087 -40.07 -37.01 -134.13
N HIS G 1088 -39.32 -35.95 -134.41
CA HIS G 1088 -37.87 -35.98 -134.37
C HIS G 1088 -37.37 -35.08 -133.25
N PHE G 1089 -36.47 -35.61 -132.42
CA PHE G 1089 -35.89 -34.84 -131.33
C PHE G 1089 -34.39 -34.71 -131.52
N PRO G 1090 -33.80 -33.59 -131.09
CA PRO G 1090 -32.34 -33.44 -131.23
C PRO G 1090 -31.64 -34.46 -130.36
N ARG G 1091 -30.51 -34.98 -130.85
CA ARG G 1091 -29.77 -35.94 -130.02
C ARG G 1091 -29.19 -35.23 -128.80
N GLU G 1092 -28.38 -34.20 -129.03
CA GLU G 1092 -27.85 -33.36 -127.96
C GLU G 1092 -27.66 -31.94 -128.53
N GLY G 1093 -28.69 -31.12 -128.34
CA GLY G 1093 -28.75 -29.78 -128.90
C GLY G 1093 -30.19 -29.26 -128.86
N VAL G 1094 -30.46 -28.25 -129.68
CA VAL G 1094 -31.77 -27.59 -129.65
C VAL G 1094 -32.17 -27.14 -131.06
N PHE G 1095 -33.48 -27.21 -131.34
CA PHE G 1095 -34.06 -26.82 -132.63
C PHE G 1095 -34.39 -25.31 -132.65
N VAL G 1096 -33.37 -24.46 -132.55
CA VAL G 1096 -33.63 -23.03 -132.69
C VAL G 1096 -34.00 -22.73 -134.14
N SER G 1097 -34.90 -21.77 -134.34
CA SER G 1097 -35.34 -21.48 -135.69
C SER G 1097 -34.91 -20.08 -136.11
N ASN G 1098 -34.14 -20.02 -137.18
CA ASN G 1098 -33.80 -18.76 -137.79
C ASN G 1098 -35.01 -18.27 -138.57
N GLY G 1099 -35.05 -16.97 -138.86
CA GLY G 1099 -36.24 -16.42 -139.47
C GLY G 1099 -36.59 -17.06 -140.80
N THR G 1100 -35.59 -17.23 -141.67
CA THR G 1100 -35.84 -17.90 -142.94
C THR G 1100 -36.12 -19.39 -142.77
N HIS G 1101 -35.33 -20.10 -141.97
CA HIS G 1101 -35.48 -21.55 -141.86
C HIS G 1101 -35.00 -22.07 -140.51
N TRP G 1102 -35.54 -23.23 -140.15
CA TRP G 1102 -35.20 -23.91 -138.90
C TRP G 1102 -33.77 -24.46 -138.91
N PHE G 1103 -33.15 -24.47 -137.74
CA PHE G 1103 -31.78 -24.96 -137.56
C PHE G 1103 -31.65 -25.73 -136.25
N VAL G 1104 -30.64 -26.60 -136.20
CA VAL G 1104 -30.30 -27.31 -134.97
C VAL G 1104 -28.93 -26.79 -134.51
N THR G 1105 -28.74 -26.66 -133.20
CA THR G 1105 -27.50 -26.11 -132.67
C THR G 1105 -27.26 -26.63 -131.27
N GLN G 1106 -26.07 -26.32 -130.75
CA GLN G 1106 -25.73 -26.68 -129.38
C GLN G 1106 -26.25 -25.61 -128.42
N ARG G 1107 -26.52 -26.04 -127.18
CA ARG G 1107 -27.17 -25.14 -126.22
C ARG G 1107 -26.29 -23.96 -125.84
N ASN G 1108 -24.99 -24.17 -125.67
CA ASN G 1108 -24.13 -23.13 -125.12
C ASN G 1108 -23.46 -22.25 -126.16
N PHE G 1109 -23.63 -22.52 -127.45
CA PHE G 1109 -22.96 -21.72 -128.47
C PHE G 1109 -23.78 -21.77 -129.75
N TYR G 1110 -23.87 -20.64 -130.44
CA TYR G 1110 -24.70 -20.57 -131.64
C TYR G 1110 -23.94 -21.09 -132.86
N GLU G 1111 -24.19 -22.35 -133.23
CA GLU G 1111 -23.65 -22.98 -134.43
C GLU G 1111 -24.76 -23.68 -135.17
N PRO G 1112 -25.61 -22.94 -135.87
CA PRO G 1112 -26.79 -23.55 -136.50
C PRO G 1112 -26.37 -24.60 -137.54
N GLN G 1113 -27.18 -25.65 -137.62
CA GLN G 1113 -26.95 -26.74 -138.55
C GLN G 1113 -28.27 -27.18 -139.14
N ILE G 1114 -28.22 -27.70 -140.37
CA ILE G 1114 -29.42 -28.20 -141.02
C ILE G 1114 -29.93 -29.43 -140.28
N ILE G 1115 -31.25 -29.47 -140.03
CA ILE G 1115 -31.83 -30.61 -139.34
C ILE G 1115 -31.67 -31.85 -140.20
N THR G 1116 -31.18 -32.92 -139.59
CA THR G 1116 -30.88 -34.15 -140.32
C THR G 1116 -31.19 -35.35 -139.43
N THR G 1117 -31.39 -36.50 -140.07
CA THR G 1117 -31.55 -37.73 -139.30
C THR G 1117 -30.26 -38.10 -138.58
N ASP G 1118 -29.12 -37.57 -139.03
CA ASP G 1118 -27.85 -37.85 -138.37
C ASP G 1118 -27.82 -37.30 -136.95
N ASN G 1119 -28.39 -36.12 -136.73
CA ASN G 1119 -28.34 -35.49 -135.41
C ASN G 1119 -29.70 -35.44 -134.73
N THR G 1120 -30.67 -36.22 -135.22
CA THR G 1120 -31.98 -36.33 -134.60
C THR G 1120 -32.37 -37.79 -134.50
N PHE G 1121 -33.27 -38.09 -133.56
CA PHE G 1121 -33.79 -39.43 -133.41
C PHE G 1121 -35.31 -39.39 -133.36
N VAL G 1122 -35.94 -40.43 -133.86
CA VAL G 1122 -37.40 -40.52 -133.95
C VAL G 1122 -37.92 -41.25 -132.73
N SER G 1123 -39.03 -40.76 -132.17
CA SER G 1123 -39.62 -41.40 -131.00
C SER G 1123 -41.13 -41.50 -131.12
N GLY G 1124 -41.63 -41.90 -132.28
CA GLY G 1124 -43.05 -42.09 -132.47
C GLY G 1124 -43.67 -41.02 -133.34
N ASN G 1125 -44.99 -40.90 -133.24
CA ASN G 1125 -45.74 -39.95 -134.04
C ASN G 1125 -45.73 -38.58 -133.38
N CYS G 1126 -46.33 -37.59 -134.06
CA CYS G 1126 -46.31 -36.20 -133.62
C CYS G 1126 -47.68 -35.72 -133.15
N ASP G 1127 -48.48 -36.59 -132.55
CA ASP G 1127 -49.78 -36.21 -132.03
C ASP G 1127 -49.80 -36.11 -130.51
N VAL G 1128 -48.67 -36.38 -129.86
CA VAL G 1128 -48.61 -36.39 -128.41
C VAL G 1128 -47.70 -35.28 -127.86
N VAL G 1129 -46.79 -34.75 -128.68
CA VAL G 1129 -45.87 -33.72 -128.22
C VAL G 1129 -46.58 -32.37 -128.25
N ILE G 1130 -46.51 -31.65 -127.14
CA ILE G 1130 -47.18 -30.36 -127.02
C ILE G 1130 -46.20 -29.27 -127.47
N GLY G 1131 -46.57 -28.55 -128.51
CA GLY G 1131 -45.75 -27.50 -129.07
C GLY G 1131 -44.92 -27.93 -130.25
N ILE G 1132 -45.10 -29.17 -130.72
CA ILE G 1132 -44.37 -29.65 -131.88
C ILE G 1132 -44.79 -28.88 -133.11
N VAL G 1133 -43.84 -28.69 -134.02
CA VAL G 1133 -44.15 -28.09 -135.31
C VAL G 1133 -43.84 -29.16 -136.35
N ASN G 1134 -44.33 -28.96 -137.56
CA ASN G 1134 -44.07 -29.89 -138.65
C ASN G 1134 -43.15 -29.21 -139.67
N ASN G 1135 -42.03 -29.88 -139.96
CA ASN G 1135 -40.99 -29.39 -140.83
C ASN G 1135 -40.26 -30.59 -141.42
N THR G 1136 -39.48 -30.35 -142.48
CA THR G 1136 -38.77 -31.43 -143.14
C THR G 1136 -37.43 -31.73 -142.47
N VAL G 1137 -37.13 -33.01 -142.35
CA VAL G 1137 -35.86 -33.49 -141.82
C VAL G 1137 -35.05 -34.04 -142.98
N TYR G 1138 -33.95 -33.37 -143.31
CA TYR G 1138 -33.13 -33.77 -144.44
C TYR G 1138 -32.54 -35.16 -144.21
N ASP G 1139 -32.62 -36.02 -145.23
CA ASP G 1139 -32.04 -37.35 -145.17
C ASP G 1139 -30.83 -37.39 -146.09
N PRO G 1140 -29.62 -37.64 -145.57
CA PRO G 1140 -28.40 -37.64 -146.40
C PRO G 1140 -28.16 -38.96 -147.11
N LEU G 1141 -29.18 -39.49 -147.75
CA LEU G 1141 -29.06 -40.75 -148.48
C LEU G 1141 -29.57 -40.63 -149.90
N GLN G 1142 -30.62 -39.84 -150.14
CA GLN G 1142 -31.18 -39.74 -151.48
C GLN G 1142 -30.20 -39.13 -152.47
N PRO G 1143 -29.48 -38.03 -152.17
CA PRO G 1143 -28.49 -37.54 -153.15
C PRO G 1143 -27.42 -38.56 -153.45
N GLU G 1144 -27.01 -39.34 -152.45
CA GLU G 1144 -26.05 -40.41 -152.68
C GLU G 1144 -26.63 -41.48 -153.60
N LEU G 1145 -27.92 -41.78 -153.44
CA LEU G 1145 -28.55 -42.78 -154.29
C LEU G 1145 -28.52 -42.38 -155.75
N ASP G 1146 -28.80 -41.10 -156.04
CA ASP G 1146 -28.78 -40.60 -157.41
C ASP G 1146 -27.34 -40.35 -157.88
N GLN H 14 -62.11 -21.60 -13.81
CA GLN H 14 -61.97 -23.00 -13.45
C GLN H 14 -62.48 -23.91 -14.57
N CYS H 15 -61.65 -24.85 -14.97
CA CYS H 15 -62.01 -25.90 -15.92
C CYS H 15 -61.83 -27.25 -15.27
N VAL H 16 -62.77 -28.16 -15.53
CA VAL H 16 -62.82 -29.47 -14.89
C VAL H 16 -62.79 -30.54 -15.96
N ASN H 17 -62.29 -31.72 -15.59
CA ASN H 17 -62.16 -32.82 -16.53
C ASN H 17 -63.52 -33.18 -17.13
N LEU H 18 -63.52 -33.48 -18.42
CA LEU H 18 -64.73 -33.71 -19.18
C LEU H 18 -64.96 -35.21 -19.34
N THR H 19 -66.15 -35.67 -18.95
CA THR H 19 -66.48 -37.09 -18.98
C THR H 19 -67.30 -37.41 -20.23
N THR H 20 -67.79 -38.65 -20.30
CA THR H 20 -68.60 -39.14 -21.43
C THR H 20 -67.84 -38.97 -22.75
N ARG H 21 -66.65 -39.57 -22.81
CA ARG H 21 -65.82 -39.52 -24.02
C ARG H 21 -65.21 -40.90 -24.22
N THR H 22 -65.76 -41.66 -25.18
CA THR H 22 -65.21 -42.97 -25.50
C THR H 22 -63.90 -42.82 -26.27
N GLN H 23 -63.25 -43.95 -26.54
CA GLN H 23 -62.01 -43.97 -27.31
C GLN H 23 -62.21 -44.74 -28.60
N LEU H 24 -61.84 -44.13 -29.72
CA LEU H 24 -61.97 -44.72 -31.03
C LEU H 24 -60.69 -44.44 -31.80
N PRO H 25 -60.19 -45.40 -32.59
CA PRO H 25 -58.93 -45.19 -33.32
C PRO H 25 -59.05 -44.06 -34.31
N PRO H 26 -57.98 -43.29 -34.51
CA PRO H 26 -58.07 -42.13 -35.41
C PRO H 26 -58.34 -42.56 -36.84
N ALA H 27 -59.10 -41.74 -37.54
CA ALA H 27 -59.45 -41.99 -38.93
C ALA H 27 -58.51 -41.23 -39.86
N TYR H 28 -58.23 -41.81 -41.02
CA TYR H 28 -57.37 -41.19 -42.02
C TYR H 28 -58.17 -40.95 -43.30
N THR H 29 -57.79 -39.92 -44.04
CA THR H 29 -58.39 -39.62 -45.32
C THR H 29 -57.31 -39.16 -46.29
N ASN H 30 -57.65 -39.16 -47.57
CA ASN H 30 -56.70 -38.86 -48.65
C ASN H 30 -56.96 -37.46 -49.18
N SER H 31 -56.01 -36.56 -48.96
CA SER H 31 -56.06 -35.21 -49.54
C SER H 31 -55.67 -35.28 -51.00
N PHE H 32 -56.52 -34.74 -51.88
CA PHE H 32 -56.28 -34.79 -53.31
C PHE H 32 -55.93 -33.40 -53.83
N THR H 33 -54.64 -33.19 -54.12
CA THR H 33 -54.15 -31.94 -54.71
C THR H 33 -54.58 -30.72 -53.90
N ARG H 34 -54.44 -30.83 -52.58
CA ARG H 34 -54.84 -29.76 -51.67
C ARG H 34 -53.65 -29.32 -50.83
N GLY H 35 -53.75 -28.11 -50.32
CA GLY H 35 -52.69 -27.56 -49.48
C GLY H 35 -51.64 -26.80 -50.26
N VAL H 36 -52.07 -26.03 -51.24
CA VAL H 36 -51.17 -25.20 -52.04
C VAL H 36 -51.42 -23.74 -51.70
N TYR H 37 -50.36 -23.03 -51.36
CA TYR H 37 -50.43 -21.62 -50.99
C TYR H 37 -49.43 -20.84 -51.83
N TYR H 38 -49.61 -19.54 -51.87
CA TYR H 38 -48.68 -18.70 -52.63
C TYR H 38 -47.38 -18.61 -51.86
N PRO H 39 -46.25 -19.09 -52.41
CA PRO H 39 -45.01 -19.11 -51.64
C PRO H 39 -44.37 -17.74 -51.46
N ASP H 40 -44.76 -16.74 -52.23
CA ASP H 40 -44.11 -15.45 -52.17
C ASP H 40 -45.12 -14.36 -52.53
N LYS H 41 -44.67 -13.12 -52.36
CA LYS H 41 -45.47 -11.94 -52.68
C LYS H 41 -45.33 -11.53 -54.14
N VAL H 42 -44.66 -12.35 -54.94
CA VAL H 42 -44.32 -11.99 -56.32
C VAL H 42 -45.50 -12.27 -57.24
N PHE H 43 -45.81 -11.32 -58.11
CA PHE H 43 -46.82 -11.52 -59.13
C PHE H 43 -46.21 -12.25 -60.32
N ARG H 44 -46.97 -13.17 -60.91
CA ARG H 44 -46.52 -13.90 -62.08
C ARG H 44 -47.70 -14.16 -62.99
N SER H 45 -47.52 -13.92 -64.29
CA SER H 45 -48.61 -14.02 -65.27
C SER H 45 -48.23 -14.97 -66.39
N SER H 46 -49.08 -15.96 -66.62
CA SER H 46 -48.95 -16.89 -67.76
C SER H 46 -47.57 -17.53 -67.81
N VAL H 47 -47.10 -17.99 -66.65
CA VAL H 47 -45.76 -18.54 -66.51
C VAL H 47 -45.84 -19.80 -65.67
N LEU H 48 -44.76 -20.57 -65.67
CA LEU H 48 -44.62 -21.75 -64.82
C LEU H 48 -43.44 -21.52 -63.89
N HIS H 49 -43.68 -21.55 -62.59
CA HIS H 49 -42.65 -21.29 -61.60
C HIS H 49 -42.44 -22.53 -60.75
N SER H 50 -41.18 -22.96 -60.65
CA SER H 50 -40.81 -24.09 -59.81
C SER H 50 -40.18 -23.56 -58.52
N THR H 51 -40.80 -23.88 -57.40
CA THR H 51 -40.32 -23.41 -56.10
C THR H 51 -40.20 -24.58 -55.15
N GLN H 52 -39.14 -24.59 -54.36
CA GLN H 52 -38.92 -25.60 -53.34
C GLN H 52 -39.18 -24.94 -51.98
N ASP H 53 -40.24 -25.39 -51.31
CA ASP H 53 -40.68 -24.80 -50.05
C ASP H 53 -41.44 -25.85 -49.24
N LEU H 54 -41.91 -25.45 -48.07
CA LEU H 54 -42.68 -26.33 -47.19
C LEU H 54 -44.11 -26.43 -47.73
N PHE H 55 -44.40 -27.54 -48.39
CA PHE H 55 -45.70 -27.78 -49.01
C PHE H 55 -46.31 -29.06 -48.46
N LEU H 56 -47.58 -29.27 -48.81
CA LEU H 56 -48.28 -30.50 -48.44
C LEU H 56 -48.24 -31.46 -49.62
N PRO H 57 -47.72 -32.67 -49.45
CA PRO H 57 -47.61 -33.59 -50.60
C PRO H 57 -48.98 -33.94 -51.18
N PHE H 58 -49.02 -34.09 -52.50
CA PHE H 58 -50.25 -34.46 -53.17
C PHE H 58 -50.60 -35.91 -52.84
N PHE H 59 -51.91 -36.18 -52.78
CA PHE H 59 -52.43 -37.53 -52.53
C PHE H 59 -51.82 -38.12 -51.27
N SER H 60 -52.00 -37.41 -50.16
CA SER H 60 -51.37 -37.76 -48.90
C SER H 60 -52.43 -38.13 -47.87
N ASN H 61 -52.00 -38.87 -46.85
CA ASN H 61 -52.85 -39.27 -45.75
C ASN H 61 -52.88 -38.16 -44.70
N VAL H 62 -54.03 -37.56 -44.49
CA VAL H 62 -54.22 -36.53 -43.49
C VAL H 62 -55.19 -37.06 -42.44
N THR H 63 -54.88 -36.79 -41.16
CA THR H 63 -55.71 -37.28 -40.08
C THR H 63 -57.07 -36.60 -40.10
N TRP H 64 -58.11 -37.38 -39.84
CA TRP H 64 -59.48 -36.88 -39.83
C TRP H 64 -60.00 -36.94 -38.40
N PHE H 65 -60.57 -35.84 -37.93
CA PHE H 65 -61.20 -35.76 -36.63
C PHE H 65 -62.65 -35.34 -36.79
N HIS H 66 -63.56 -36.07 -36.16
CA HIS H 66 -64.99 -35.84 -36.29
C HIS H 66 -65.53 -35.04 -35.11
N ALA H 67 -66.76 -34.56 -35.27
CA ALA H 67 -67.53 -33.96 -34.20
C ALA H 67 -69.00 -34.20 -34.54
N ILE H 68 -69.60 -35.19 -33.90
CA ILE H 68 -70.97 -35.60 -34.21
C ILE H 68 -71.67 -36.01 -32.92
N HIS H 69 -72.95 -35.64 -32.80
CA HIS H 69 -73.72 -35.96 -31.61
C HIS H 69 -73.90 -37.47 -31.45
N VAL H 70 -74.21 -38.16 -32.55
CA VAL H 70 -74.44 -39.61 -32.54
C VAL H 70 -75.59 -39.97 -31.60
N THR H 76 -70.28 -41.21 -26.27
CA THR H 76 -69.28 -40.80 -27.26
C THR H 76 -69.31 -39.29 -27.47
N LYS H 77 -70.17 -38.85 -28.40
CA LYS H 77 -70.40 -37.45 -28.77
C LYS H 77 -69.26 -36.90 -29.60
N ARG H 78 -68.17 -37.68 -29.72
CA ARG H 78 -67.02 -37.34 -30.56
C ARG H 78 -66.53 -35.91 -30.33
N PHE H 79 -66.18 -35.62 -29.08
CA PHE H 79 -65.53 -34.36 -28.74
C PHE H 79 -64.04 -34.61 -28.78
N ASP H 80 -63.42 -34.31 -29.92
CA ASP H 80 -62.01 -34.65 -30.16
C ASP H 80 -61.20 -33.37 -30.33
N ASN H 81 -60.39 -33.05 -29.32
CA ASN H 81 -59.43 -31.96 -29.39
C ASN H 81 -58.09 -32.45 -28.85
N PRO H 82 -57.42 -33.37 -29.55
CA PRO H 82 -56.18 -33.93 -29.02
C PRO H 82 -55.04 -32.94 -29.17
N VAL H 83 -53.90 -33.31 -28.61
CA VAL H 83 -52.69 -32.50 -28.71
C VAL H 83 -51.84 -33.08 -29.83
N LEU H 84 -51.44 -32.22 -30.77
CA LEU H 84 -50.73 -32.69 -31.95
C LEU H 84 -49.41 -31.94 -32.08
N PRO H 85 -48.34 -32.63 -32.47
CA PRO H 85 -47.07 -31.94 -32.67
C PRO H 85 -47.12 -30.99 -33.85
N PHE H 86 -46.30 -29.95 -33.76
CA PHE H 86 -46.15 -28.93 -34.80
C PHE H 86 -44.66 -28.91 -35.17
N ASN H 87 -44.26 -29.74 -36.13
CA ASN H 87 -42.83 -29.88 -36.37
C ASN H 87 -42.30 -28.72 -37.22
N ASP H 88 -42.79 -28.60 -38.45
CA ASP H 88 -42.31 -27.55 -39.34
C ASP H 88 -43.43 -26.94 -40.18
N GLY H 89 -44.68 -27.03 -39.72
CA GLY H 89 -45.85 -26.53 -40.41
C GLY H 89 -46.99 -27.51 -40.57
N VAL H 90 -48.22 -26.99 -40.43
CA VAL H 90 -49.45 -27.79 -40.38
C VAL H 90 -50.47 -27.23 -41.35
N TYR H 91 -51.11 -28.11 -42.12
CA TYR H 91 -52.24 -27.75 -42.96
C TYR H 91 -53.51 -28.13 -42.22
N PHE H 92 -54.48 -27.22 -42.18
CA PHE H 92 -55.70 -27.41 -41.39
C PHE H 92 -56.93 -27.11 -42.24
N ALA H 93 -57.70 -28.14 -42.55
CA ALA H 93 -58.95 -28.00 -43.28
C ALA H 93 -60.13 -28.18 -42.32
N SER H 94 -61.22 -27.45 -42.57
CA SER H 94 -62.40 -27.53 -41.72
C SER H 94 -63.65 -27.54 -42.57
N THR H 95 -64.43 -28.61 -42.47
CA THR H 95 -65.74 -28.69 -43.12
C THR H 95 -66.79 -28.42 -42.05
N GLU H 96 -67.58 -27.37 -42.24
CA GLU H 96 -68.53 -26.93 -41.22
C GLU H 96 -69.84 -26.49 -41.85
N LYS H 97 -70.87 -26.42 -41.00
CA LYS H 97 -72.13 -25.81 -41.35
C LYS H 97 -72.67 -24.90 -40.26
N SER H 98 -72.07 -24.91 -39.07
CA SER H 98 -72.59 -24.13 -37.95
C SER H 98 -71.48 -23.40 -37.18
N ASN H 99 -70.28 -23.27 -37.75
CA ASN H 99 -69.17 -22.55 -37.13
C ASN H 99 -68.81 -23.12 -35.76
N ILE H 100 -68.51 -24.42 -35.74
CA ILE H 100 -68.13 -25.08 -34.49
C ILE H 100 -66.70 -24.73 -34.10
N ILE H 101 -65.78 -24.71 -35.07
CA ILE H 101 -64.39 -24.38 -34.78
C ILE H 101 -64.29 -22.94 -34.25
N ARG H 102 -63.45 -22.75 -33.25
CA ARG H 102 -63.21 -21.44 -32.66
C ARG H 102 -61.81 -20.91 -32.88
N GLY H 103 -60.79 -21.75 -32.76
CA GLY H 103 -59.42 -21.26 -32.87
C GLY H 103 -58.42 -22.35 -32.58
N TRP H 104 -57.21 -21.92 -32.21
CA TRP H 104 -56.10 -22.85 -32.02
C TRP H 104 -55.24 -22.38 -30.87
N ILE H 105 -54.45 -23.31 -30.32
CA ILE H 105 -53.45 -23.02 -29.30
C ILE H 105 -52.11 -23.56 -29.79
N PHE H 106 -51.06 -22.75 -29.68
CA PHE H 106 -49.72 -23.16 -30.05
C PHE H 106 -48.78 -22.98 -28.87
N GLY H 107 -47.77 -23.84 -28.79
CA GLY H 107 -46.79 -23.70 -27.73
C GLY H 107 -45.88 -24.92 -27.68
N THR H 108 -45.07 -24.95 -26.61
CA THR H 108 -44.15 -26.05 -26.37
C THR H 108 -44.51 -26.83 -25.13
N THR H 109 -44.74 -26.16 -24.00
CA THR H 109 -45.10 -26.81 -22.75
C THR H 109 -46.56 -26.64 -22.38
N LEU H 110 -47.18 -25.52 -22.76
CA LEU H 110 -48.59 -25.25 -22.49
C LEU H 110 -48.91 -25.26 -20.99
N ASP H 111 -47.93 -24.91 -20.16
CA ASP H 111 -48.12 -24.91 -18.72
C ASP H 111 -47.63 -23.61 -18.09
N SER H 112 -47.68 -22.51 -18.84
CA SER H 112 -47.31 -21.16 -18.42
C SER H 112 -45.82 -21.02 -18.17
N LYS H 113 -45.03 -22.06 -18.39
CA LYS H 113 -43.58 -21.98 -18.22
C LYS H 113 -42.89 -21.40 -19.44
N THR H 114 -43.51 -21.51 -20.61
CA THR H 114 -43.00 -20.92 -21.84
C THR H 114 -44.16 -20.21 -22.53
N GLN H 115 -43.84 -19.14 -23.24
CA GLN H 115 -44.87 -18.35 -23.90
C GLN H 115 -45.60 -19.18 -24.93
N SER H 116 -46.92 -19.04 -24.96
CA SER H 116 -47.78 -19.76 -25.89
C SER H 116 -48.50 -18.78 -26.79
N LEU H 117 -49.19 -19.31 -27.79
CA LEU H 117 -49.97 -18.51 -28.72
C LEU H 117 -51.41 -18.97 -28.71
N LEU H 118 -52.34 -18.01 -28.81
CA LEU H 118 -53.77 -18.30 -28.72
C LEU H 118 -54.50 -17.50 -29.78
N ILE H 119 -55.27 -18.18 -30.62
CA ILE H 119 -56.14 -17.55 -31.59
C ILE H 119 -57.56 -18.02 -31.32
N VAL H 120 -58.48 -17.09 -31.12
CA VAL H 120 -59.87 -17.42 -30.83
C VAL H 120 -60.78 -16.46 -31.58
N ASN H 121 -61.77 -17.00 -32.29
CA ASN H 121 -62.85 -16.22 -32.88
C ASN H 121 -64.09 -16.48 -32.03
N ASN H 122 -64.22 -15.76 -30.93
CA ASN H 122 -65.27 -16.03 -29.95
C ASN H 122 -66.57 -15.27 -30.25
N ALA H 123 -67.02 -15.36 -31.51
CA ALA H 123 -68.33 -14.87 -31.93
C ALA H 123 -68.43 -13.35 -31.96
N THR H 124 -67.43 -12.66 -31.42
CA THR H 124 -67.42 -11.21 -31.36
C THR H 124 -66.25 -10.62 -32.12
N ASN H 125 -65.03 -11.04 -31.81
CA ASN H 125 -63.82 -10.50 -32.43
C ASN H 125 -62.91 -11.66 -32.80
N VAL H 126 -61.73 -11.31 -33.32
CA VAL H 126 -60.66 -12.27 -33.56
C VAL H 126 -59.54 -11.88 -32.62
N VAL H 127 -59.17 -12.80 -31.72
CA VAL H 127 -58.19 -12.52 -30.68
C VAL H 127 -56.95 -13.33 -30.99
N ILE H 128 -55.81 -12.65 -31.09
CA ILE H 128 -54.53 -13.29 -31.33
C ILE H 128 -53.60 -12.83 -30.21
N LYS H 129 -53.22 -13.75 -29.32
CA LYS H 129 -52.37 -13.42 -28.20
C LYS H 129 -51.16 -14.35 -28.19
N VAL H 130 -50.01 -13.80 -27.81
CA VAL H 130 -48.81 -14.56 -27.51
C VAL H 130 -48.51 -14.24 -26.06
N CYS H 131 -48.67 -15.24 -25.20
CA CYS H 131 -48.73 -14.95 -23.77
C CYS H 131 -48.58 -16.26 -23.03
N GLU H 132 -48.25 -16.16 -21.75
CA GLU H 132 -48.07 -17.35 -20.92
C GLU H 132 -49.39 -17.69 -20.26
N PHE H 133 -49.91 -18.87 -20.55
CA PHE H 133 -51.21 -19.28 -20.03
C PHE H 133 -51.09 -20.61 -19.31
N GLN H 134 -51.89 -20.77 -18.25
CA GLN H 134 -52.00 -22.04 -17.53
C GLN H 134 -53.09 -22.89 -18.17
N PHE H 135 -52.76 -23.44 -19.34
CA PHE H 135 -53.73 -24.24 -20.08
C PHE H 135 -54.04 -25.52 -19.32
N CYS H 136 -55.31 -25.90 -19.28
CA CYS H 136 -55.70 -27.17 -18.69
C CYS H 136 -55.85 -28.22 -19.79
N ASN H 137 -56.19 -29.44 -19.36
CA ASN H 137 -56.25 -30.57 -20.29
C ASN H 137 -57.33 -30.39 -21.35
N ASP H 138 -58.46 -29.79 -21.00
CA ASP H 138 -59.60 -29.67 -21.90
C ASP H 138 -60.01 -28.21 -22.07
N PRO H 139 -59.34 -27.47 -22.94
CA PRO H 139 -59.77 -26.11 -23.26
C PRO H 139 -60.76 -26.12 -24.41
N PHE H 140 -61.81 -25.31 -24.27
CA PHE H 140 -62.90 -25.30 -25.25
C PHE H 140 -63.75 -24.06 -25.05
N LEU H 141 -64.76 -23.93 -25.89
CA LEU H 141 -65.76 -22.88 -25.82
C LEU H 141 -67.13 -23.50 -25.73
N GLY H 142 -68.07 -22.78 -25.13
CA GLY H 142 -69.43 -23.27 -25.05
C GLY H 142 -70.48 -22.23 -25.34
N VAL H 143 -71.34 -22.50 -26.32
CA VAL H 143 -72.47 -21.65 -26.65
C VAL H 143 -73.70 -22.24 -25.98
N TYR H 144 -74.48 -21.41 -25.30
CA TYR H 144 -75.60 -21.87 -24.50
C TYR H 144 -76.89 -21.46 -25.21
N TYR H 145 -77.78 -22.44 -25.42
CA TYR H 145 -78.97 -22.25 -26.22
C TYR H 145 -80.19 -22.21 -25.32
N HIS H 146 -81.05 -21.21 -25.51
CA HIS H 146 -82.26 -21.04 -24.72
C HIS H 146 -83.46 -21.45 -25.55
N LYS H 147 -84.33 -22.27 -24.97
CA LYS H 147 -85.52 -22.73 -25.68
C LYS H 147 -86.60 -21.66 -25.75
N ASN H 148 -86.64 -20.73 -24.79
CA ASN H 148 -87.72 -19.74 -24.77
C ASN H 148 -87.59 -18.75 -25.92
N ASN H 149 -86.37 -18.34 -26.26
CA ASN H 149 -86.16 -17.36 -27.32
C ASN H 149 -85.14 -17.90 -28.31
N LYS H 150 -85.29 -17.49 -29.57
CA LYS H 150 -84.43 -17.97 -30.65
C LYS H 150 -83.15 -17.12 -30.70
N SER H 151 -82.32 -17.32 -29.67
CA SER H 151 -81.07 -16.57 -29.56
C SER H 151 -79.96 -17.50 -29.09
N TRP H 152 -78.78 -17.34 -29.69
CA TRP H 152 -77.59 -18.07 -29.28
C TRP H 152 -76.48 -17.09 -28.94
N MET H 153 -75.89 -17.26 -27.77
CA MET H 153 -74.70 -16.50 -27.38
C MET H 153 -73.73 -17.41 -26.65
N GLU H 154 -72.44 -17.13 -26.81
CA GLU H 154 -71.42 -17.90 -26.14
C GLU H 154 -71.47 -17.65 -24.63
N SER H 155 -71.43 -18.72 -23.85
CA SER H 155 -71.52 -18.63 -22.40
C SER H 155 -70.24 -19.03 -21.69
N GLU H 156 -69.60 -20.11 -22.10
CA GLU H 156 -68.44 -20.65 -21.41
C GLU H 156 -67.19 -20.46 -22.27
N PHE H 157 -66.10 -20.02 -21.62
CA PHE H 157 -64.80 -19.88 -22.27
C PHE H 157 -63.78 -20.41 -21.27
N ARG H 158 -63.42 -21.69 -21.42
CA ARG H 158 -62.56 -22.37 -20.47
C ARG H 158 -61.28 -22.76 -21.19
N VAL H 159 -60.28 -21.87 -21.18
CA VAL H 159 -59.03 -22.14 -21.88
C VAL H 159 -57.84 -21.96 -20.95
N TYR H 160 -57.74 -20.78 -20.34
CA TYR H 160 -56.60 -20.43 -19.50
C TYR H 160 -57.09 -19.83 -18.19
N SER H 161 -56.16 -19.68 -17.25
CA SER H 161 -56.48 -19.12 -15.94
C SER H 161 -55.71 -17.86 -15.60
N SER H 162 -54.45 -17.72 -16.03
CA SER H 162 -53.64 -16.58 -15.61
C SER H 162 -52.71 -16.15 -16.74
N ALA H 163 -52.28 -14.89 -16.66
CA ALA H 163 -51.29 -14.33 -17.58
C ALA H 163 -50.51 -13.26 -16.84
N ASN H 164 -49.23 -13.53 -16.53
CA ASN H 164 -48.43 -12.63 -15.72
C ASN H 164 -47.47 -11.78 -16.55
N ASN H 165 -46.58 -12.42 -17.30
CA ASN H 165 -45.65 -11.72 -18.19
C ASN H 165 -46.17 -11.95 -19.61
N CYS H 166 -46.62 -10.89 -20.26
CA CYS H 166 -47.32 -11.05 -21.52
C CYS H 166 -46.80 -10.02 -22.50
N THR H 167 -46.63 -10.41 -23.76
CA THR H 167 -45.97 -9.51 -24.72
C THR H 167 -46.81 -9.14 -25.93
N PHE H 168 -47.61 -10.06 -26.49
CA PHE H 168 -48.33 -9.81 -27.72
C PHE H 168 -49.83 -9.94 -27.48
N GLU H 169 -50.58 -8.94 -27.94
CA GLU H 169 -52.02 -8.94 -27.84
C GLU H 169 -52.59 -8.31 -29.11
N TYR H 170 -53.68 -8.88 -29.61
CA TYR H 170 -54.36 -8.32 -30.77
C TYR H 170 -55.82 -8.72 -30.74
N VAL H 171 -56.71 -7.75 -30.97
CA VAL H 171 -58.14 -7.99 -31.09
C VAL H 171 -58.64 -7.25 -32.33
N SER H 172 -59.32 -7.97 -33.21
CA SER H 172 -59.91 -7.35 -34.39
C SER H 172 -61.21 -6.63 -34.02
N GLN H 173 -61.74 -5.86 -34.96
CA GLN H 173 -62.95 -5.10 -34.69
C GLN H 173 -64.14 -6.05 -34.57
N PRO H 174 -65.11 -5.72 -33.73
CA PRO H 174 -66.21 -6.67 -33.44
C PRO H 174 -67.07 -6.97 -34.65
N PHE H 175 -67.61 -8.18 -34.67
CA PHE H 175 -68.50 -8.64 -35.73
C PHE H 175 -69.34 -9.78 -35.16
N LEU H 176 -70.42 -10.10 -35.87
CA LEU H 176 -71.38 -11.10 -35.40
C LEU H 176 -71.71 -12.08 -36.51
N MET H 177 -71.96 -13.33 -36.12
CA MET H 177 -72.37 -14.37 -37.06
C MET H 177 -73.59 -15.12 -36.55
N ASP H 178 -73.98 -16.19 -37.26
CA ASP H 178 -75.26 -16.86 -37.00
C ASP H 178 -75.31 -17.50 -35.62
N LEU H 179 -74.30 -18.30 -35.27
CA LEU H 179 -74.16 -19.03 -34.01
C LEU H 179 -75.10 -20.22 -33.88
N GLU H 180 -75.96 -20.48 -34.85
CA GLU H 180 -76.95 -21.56 -34.72
C GLU H 180 -76.49 -22.79 -35.47
N GLY H 181 -77.01 -23.94 -35.04
CA GLY H 181 -76.72 -25.19 -35.71
C GLY H 181 -77.74 -25.54 -36.78
N LYS H 182 -77.36 -25.33 -38.03
CA LYS H 182 -78.28 -25.56 -39.14
C LYS H 182 -78.42 -27.05 -39.41
N GLN H 183 -79.49 -27.41 -40.12
CA GLN H 183 -79.79 -28.79 -40.44
C GLN H 183 -79.42 -29.06 -41.90
N GLY H 184 -78.62 -30.10 -42.11
CA GLY H 184 -78.19 -30.48 -43.45
C GLY H 184 -76.74 -30.88 -43.48
N ASN H 185 -76.09 -30.72 -44.62
CA ASN H 185 -74.69 -31.12 -44.79
C ASN H 185 -73.79 -29.91 -44.61
N PHE H 186 -72.49 -30.18 -44.55
CA PHE H 186 -71.52 -29.09 -44.41
C PHE H 186 -71.56 -28.21 -45.65
N LYS H 187 -71.45 -26.89 -45.45
CA LYS H 187 -71.52 -25.94 -46.54
C LYS H 187 -70.26 -25.10 -46.70
N ASN H 188 -69.42 -24.99 -45.68
CA ASN H 188 -68.24 -24.14 -45.72
C ASN H 188 -66.99 -24.98 -45.54
N LEU H 189 -65.96 -24.68 -46.31
CA LEU H 189 -64.66 -25.33 -46.20
C LEU H 189 -63.62 -24.25 -45.97
N ARG H 190 -63.01 -24.26 -44.79
CA ARG H 190 -61.98 -23.30 -44.43
C ARG H 190 -60.64 -24.03 -44.43
N GLU H 191 -59.71 -23.55 -45.25
CA GLU H 191 -58.38 -24.14 -45.37
C GLU H 191 -57.35 -23.16 -44.85
N PHE H 192 -56.50 -23.63 -43.95
CA PHE H 192 -55.46 -22.79 -43.35
C PHE H 192 -54.12 -23.50 -43.40
N VAL H 193 -53.06 -22.69 -43.43
CA VAL H 193 -51.69 -23.18 -43.38
C VAL H 193 -50.94 -22.37 -42.35
N PHE H 194 -50.31 -23.04 -41.39
CA PHE H 194 -49.55 -22.37 -40.34
C PHE H 194 -48.07 -22.74 -40.47
N LYS H 195 -47.21 -21.72 -40.51
CA LYS H 195 -45.77 -21.94 -40.60
C LYS H 195 -45.06 -21.03 -39.60
N ASN H 196 -43.92 -21.50 -39.11
CA ASN H 196 -43.08 -20.70 -38.21
C ASN H 196 -41.61 -20.85 -38.59
N ILE H 197 -41.01 -19.82 -39.19
CA ILE H 197 -39.60 -19.84 -39.55
C ILE H 197 -39.08 -18.42 -39.47
N ASP H 198 -37.80 -18.28 -39.11
CA ASP H 198 -37.13 -16.99 -39.02
C ASP H 198 -37.81 -16.05 -38.03
N GLY H 199 -38.42 -16.61 -37.00
CA GLY H 199 -39.13 -15.83 -36.01
C GLY H 199 -40.46 -15.26 -36.49
N TYR H 200 -40.92 -15.64 -37.67
CA TYR H 200 -42.18 -15.19 -38.21
C TYR H 200 -43.17 -16.34 -38.24
N PHE H 201 -44.36 -16.09 -37.70
CA PHE H 201 -45.45 -17.06 -37.75
C PHE H 201 -46.41 -16.61 -38.83
N LYS H 202 -46.48 -17.36 -39.92
CA LYS H 202 -47.26 -17.00 -41.09
C LYS H 202 -48.51 -17.86 -41.18
N ILE H 203 -49.65 -17.21 -41.42
CA ILE H 203 -50.93 -17.88 -41.61
C ILE H 203 -51.43 -17.62 -43.01
N TYR H 204 -51.77 -18.69 -43.73
CA TYR H 204 -52.39 -18.60 -45.04
C TYR H 204 -53.81 -19.13 -44.90
N SER H 205 -54.74 -18.50 -45.61
CA SER H 205 -56.15 -18.84 -45.45
C SER H 205 -56.84 -18.89 -46.79
N LYS H 206 -57.95 -19.64 -46.82
CA LYS H 206 -58.83 -19.69 -47.99
C LYS H 206 -60.19 -20.18 -47.53
N HIS H 207 -61.24 -19.63 -48.13
CA HIS H 207 -62.61 -20.05 -47.85
C HIS H 207 -63.24 -20.57 -49.12
N THR H 208 -64.08 -21.60 -48.99
CA THR H 208 -64.70 -22.19 -50.15
C THR H 208 -66.10 -22.70 -49.84
N PRO H 209 -67.08 -22.41 -50.69
CA PRO H 209 -68.41 -23.01 -50.52
C PRO H 209 -68.44 -24.41 -51.11
N ILE H 210 -68.95 -25.37 -50.33
CA ILE H 210 -69.04 -26.76 -50.76
C ILE H 210 -70.44 -27.26 -50.47
N ASN H 211 -70.85 -28.28 -51.23
CA ASN H 211 -72.17 -28.88 -51.06
C ASN H 211 -72.10 -30.40 -51.07
N LEU H 212 -71.11 -30.97 -50.38
CA LEU H 212 -71.02 -32.42 -50.20
C LEU H 212 -71.38 -32.77 -48.77
N VAL H 213 -71.48 -34.07 -48.51
CA VAL H 213 -71.94 -34.52 -47.19
C VAL H 213 -70.77 -34.76 -46.24
N ARG H 214 -69.86 -35.67 -46.59
CA ARG H 214 -68.77 -36.02 -45.69
C ARG H 214 -67.60 -36.56 -46.51
N ASP H 215 -66.64 -35.70 -46.83
CA ASP H 215 -65.42 -36.05 -47.55
C ASP H 215 -64.52 -34.83 -47.59
N LEU H 216 -63.40 -34.96 -48.31
CA LEU H 216 -62.55 -33.82 -48.62
C LEU H 216 -62.79 -33.45 -50.07
N PRO H 217 -63.22 -32.22 -50.36
CA PRO H 217 -63.57 -31.88 -51.74
C PRO H 217 -62.38 -31.95 -52.67
N GLN H 218 -62.64 -32.33 -53.92
CA GLN H 218 -61.59 -32.41 -54.91
C GLN H 218 -61.36 -31.01 -55.49
N GLY H 219 -60.58 -30.93 -56.57
CA GLY H 219 -60.32 -29.65 -57.19
C GLY H 219 -59.10 -28.99 -56.61
N PHE H 220 -58.76 -27.84 -57.18
CA PHE H 220 -57.55 -27.12 -56.79
C PHE H 220 -57.92 -25.70 -56.38
N SER H 221 -57.32 -25.23 -55.29
CA SER H 221 -57.56 -23.87 -54.82
C SER H 221 -56.32 -23.39 -54.07
N ALA H 222 -55.69 -22.34 -54.58
CA ALA H 222 -54.53 -21.76 -53.90
C ALA H 222 -54.98 -21.01 -52.66
N LEU H 223 -54.12 -21.02 -51.64
CA LEU H 223 -54.42 -20.38 -50.36
C LEU H 223 -53.70 -19.05 -50.28
N GLU H 224 -54.46 -17.97 -50.13
CA GLU H 224 -53.87 -16.65 -50.01
C GLU H 224 -53.28 -16.44 -48.61
N PRO H 225 -52.18 -15.71 -48.51
CA PRO H 225 -51.66 -15.35 -47.19
C PRO H 225 -52.65 -14.49 -46.42
N LEU H 226 -52.72 -14.72 -45.11
CA LEU H 226 -53.60 -13.97 -44.23
C LEU H 226 -52.87 -12.98 -43.35
N VAL H 227 -51.81 -13.41 -42.66
CA VAL H 227 -51.06 -12.54 -41.77
C VAL H 227 -49.67 -13.13 -41.58
N ASP H 228 -48.71 -12.27 -41.28
CA ASP H 228 -47.33 -12.67 -40.93
C ASP H 228 -47.06 -12.08 -39.55
N LEU H 229 -47.37 -12.85 -38.52
CA LEU H 229 -47.23 -12.35 -37.16
C LEU H 229 -45.77 -12.37 -36.74
N PRO H 230 -45.24 -11.27 -36.19
CA PRO H 230 -43.86 -11.24 -35.66
C PRO H 230 -43.79 -11.77 -34.23
N ILE H 231 -43.79 -13.09 -34.10
CA ILE H 231 -43.89 -13.74 -32.79
C ILE H 231 -42.52 -14.18 -32.27
N GLY H 232 -41.74 -14.85 -33.11
CA GLY H 232 -40.40 -15.24 -32.72
C GLY H 232 -40.31 -16.14 -31.49
N ILE H 233 -41.18 -17.14 -31.40
CA ILE H 233 -41.15 -18.09 -30.29
C ILE H 233 -41.00 -19.50 -30.86
N ASN H 234 -40.76 -20.44 -29.96
CA ASN H 234 -40.65 -21.85 -30.33
C ASN H 234 -42.01 -22.51 -30.19
N ILE H 235 -42.54 -23.03 -31.29
CA ILE H 235 -43.80 -23.77 -31.30
C ILE H 235 -43.52 -25.19 -31.76
N THR H 236 -43.73 -26.14 -30.85
CA THR H 236 -43.49 -27.55 -31.15
C THR H 236 -44.74 -28.41 -31.04
N ARG H 237 -45.82 -27.90 -30.48
CA ARG H 237 -47.02 -28.69 -30.24
C ARG H 237 -48.22 -27.76 -30.29
N PHE H 238 -49.39 -28.31 -30.60
CA PHE H 238 -50.55 -27.46 -30.80
C PHE H 238 -51.83 -28.25 -30.56
N GLN H 239 -52.93 -27.51 -30.45
CA GLN H 239 -54.26 -28.05 -30.23
C GLN H 239 -55.27 -27.22 -31.01
N THR H 240 -56.50 -27.71 -31.07
CA THR H 240 -57.60 -27.00 -31.71
C THR H 240 -58.67 -26.66 -30.67
N LEU H 241 -59.54 -25.73 -31.04
CA LEU H 241 -60.61 -25.28 -30.17
C LEU H 241 -61.96 -25.56 -30.82
N LEU H 242 -62.89 -26.07 -30.02
CA LEU H 242 -64.24 -26.39 -30.47
C LEU H 242 -65.26 -25.69 -29.58
N ALA H 243 -66.42 -25.40 -30.16
CA ALA H 243 -67.54 -24.83 -29.43
C ALA H 243 -68.63 -25.88 -29.29
N LEU H 244 -69.08 -26.11 -28.07
CA LEU H 244 -70.14 -27.07 -27.81
C LEU H 244 -71.48 -26.35 -27.63
N HIS H 245 -72.54 -27.14 -27.59
CA HIS H 245 -73.89 -26.63 -27.40
C HIS H 245 -74.45 -27.12 -26.07
N ARG H 246 -75.07 -26.21 -25.33
CA ARG H 246 -75.71 -26.54 -24.06
C ARG H 246 -77.16 -26.09 -24.09
N SER H 247 -78.03 -26.87 -23.48
CA SER H 247 -79.45 -26.55 -23.42
C SER H 247 -80.03 -26.87 -22.05
N GLY H 252 -78.51 -31.07 -17.92
CA GLY H 252 -77.90 -32.02 -17.01
C GLY H 252 -76.65 -31.49 -16.33
N ASP H 253 -75.72 -32.38 -16.03
CA ASP H 253 -74.47 -31.98 -15.39
C ASP H 253 -73.60 -31.19 -16.35
N SER H 254 -72.72 -30.36 -15.78
CA SER H 254 -71.82 -29.56 -16.60
C SER H 254 -70.90 -30.43 -17.43
N SER H 255 -70.41 -31.53 -16.85
CA SER H 255 -69.50 -32.42 -17.54
C SER H 255 -70.20 -33.41 -18.47
N SER H 256 -71.52 -33.43 -18.48
CA SER H 256 -72.26 -34.41 -19.29
C SER H 256 -73.25 -33.74 -20.22
N GLY H 257 -73.85 -32.63 -19.79
CA GLY H 257 -74.87 -31.98 -20.57
C GLY H 257 -74.30 -31.03 -21.62
N TRP H 258 -73.72 -31.60 -22.67
CA TRP H 258 -73.10 -30.81 -23.72
C TRP H 258 -73.29 -31.51 -25.06
N THR H 259 -73.50 -30.73 -26.11
CA THR H 259 -73.62 -31.26 -27.47
C THR H 259 -72.51 -30.66 -28.31
N ALA H 260 -71.70 -31.53 -28.94
CA ALA H 260 -70.56 -31.06 -29.72
C ALA H 260 -71.00 -30.32 -30.97
N GLY H 261 -71.97 -30.87 -31.70
CA GLY H 261 -72.36 -30.26 -32.96
C GLY H 261 -71.61 -30.87 -34.13
N ALA H 262 -72.27 -30.88 -35.29
CA ALA H 262 -71.71 -31.53 -36.47
C ALA H 262 -70.61 -30.68 -37.07
N ALA H 263 -69.41 -31.25 -37.19
CA ALA H 263 -68.26 -30.60 -37.80
C ALA H 263 -67.19 -31.66 -38.06
N ALA H 264 -66.25 -31.31 -38.93
CA ALA H 264 -65.10 -32.17 -39.19
C ALA H 264 -63.90 -31.28 -39.50
N TYR H 265 -62.73 -31.68 -39.02
CA TYR H 265 -61.49 -30.98 -39.33
C TYR H 265 -60.39 -31.96 -39.64
N TYR H 266 -59.59 -31.65 -40.66
CA TYR H 266 -58.52 -32.49 -41.16
C TYR H 266 -57.18 -31.82 -40.90
N VAL H 267 -56.20 -32.60 -40.44
CA VAL H 267 -54.88 -32.08 -40.14
C VAL H 267 -53.85 -32.80 -40.99
N GLY H 268 -53.00 -32.02 -41.67
CA GLY H 268 -51.88 -32.57 -42.40
C GLY H 268 -50.61 -31.82 -42.05
N TYR H 269 -49.48 -32.43 -42.39
CA TYR H 269 -48.18 -31.87 -42.06
C TYR H 269 -47.47 -31.43 -43.33
N LEU H 270 -46.74 -30.32 -43.22
CA LEU H 270 -45.99 -29.76 -44.34
C LEU H 270 -44.58 -30.34 -44.37
N GLN H 271 -44.09 -30.61 -45.58
CA GLN H 271 -42.75 -31.11 -45.77
C GLN H 271 -42.01 -30.27 -46.81
N PRO H 272 -40.69 -30.19 -46.72
CA PRO H 272 -39.95 -29.44 -47.74
C PRO H 272 -39.94 -30.19 -49.06
N ARG H 273 -40.63 -29.63 -50.06
CA ARG H 273 -40.76 -30.28 -51.36
C ARG H 273 -40.73 -29.23 -52.45
N THR H 274 -40.50 -29.67 -53.67
CA THR H 274 -40.46 -28.78 -54.83
C THR H 274 -41.76 -28.92 -55.61
N PHE H 275 -42.39 -27.79 -55.91
CA PHE H 275 -43.66 -27.76 -56.62
C PHE H 275 -43.53 -26.89 -57.85
N LEU H 276 -44.19 -27.30 -58.93
CA LEU H 276 -44.27 -26.50 -60.14
C LEU H 276 -45.67 -25.91 -60.20
N LEU H 277 -45.76 -24.59 -60.16
CA LEU H 277 -47.03 -23.89 -60.12
C LEU H 277 -47.27 -23.18 -61.45
N LYS H 278 -48.53 -23.24 -61.92
CA LYS H 278 -48.90 -22.61 -63.18
C LYS H 278 -49.69 -21.34 -62.87
N TYR H 279 -49.08 -20.18 -63.13
CA TYR H 279 -49.76 -18.90 -62.98
C TYR H 279 -50.47 -18.58 -64.28
N ASN H 280 -51.77 -18.29 -64.19
CA ASN H 280 -52.53 -17.94 -65.37
C ASN H 280 -52.30 -16.46 -65.71
N GLU H 281 -53.09 -15.93 -66.64
CA GLU H 281 -52.91 -14.53 -67.03
C GLU H 281 -53.23 -13.59 -65.88
N ASN H 282 -54.21 -13.93 -65.04
CA ASN H 282 -54.61 -13.06 -63.95
C ASN H 282 -53.64 -13.07 -62.79
N GLY H 283 -52.70 -14.02 -62.76
CA GLY H 283 -51.77 -14.14 -61.67
C GLY H 283 -52.13 -15.16 -60.61
N THR H 284 -53.20 -15.92 -60.80
CA THR H 284 -53.61 -16.94 -59.85
C THR H 284 -52.94 -18.27 -60.17
N ILE H 285 -52.74 -19.09 -59.14
CA ILE H 285 -52.14 -20.40 -59.30
C ILE H 285 -53.25 -21.34 -59.75
N THR H 286 -53.35 -21.56 -61.07
CA THR H 286 -54.40 -22.42 -61.59
C THR H 286 -54.14 -23.89 -61.30
N ASP H 287 -52.89 -24.34 -61.47
CA ASP H 287 -52.56 -25.74 -61.34
C ASP H 287 -51.17 -25.90 -60.73
N ALA H 288 -50.90 -27.10 -60.23
CA ALA H 288 -49.61 -27.42 -59.63
C ALA H 288 -49.34 -28.90 -59.76
N VAL H 289 -48.06 -29.26 -59.81
CA VAL H 289 -47.61 -30.65 -59.82
C VAL H 289 -46.46 -30.81 -58.84
N ASP H 290 -46.36 -31.99 -58.25
CA ASP H 290 -45.24 -32.29 -57.39
C ASP H 290 -44.01 -32.60 -58.22
N CYS H 291 -42.85 -32.57 -57.57
CA CYS H 291 -41.61 -33.03 -58.19
C CYS H 291 -41.11 -34.33 -57.59
N ALA H 292 -41.83 -34.88 -56.59
CA ALA H 292 -41.42 -36.12 -55.95
C ALA H 292 -42.62 -37.06 -55.74
N LEU H 293 -43.62 -36.98 -56.61
CA LEU H 293 -44.78 -37.85 -56.48
C LEU H 293 -44.65 -39.12 -57.32
N ASP H 294 -44.41 -38.96 -58.61
CA ASP H 294 -44.29 -40.07 -59.53
C ASP H 294 -43.38 -39.65 -60.68
N PRO H 295 -42.86 -40.60 -61.45
CA PRO H 295 -41.90 -40.21 -62.51
C PRO H 295 -42.42 -39.19 -63.49
N LEU H 296 -43.70 -39.24 -63.86
CA LEU H 296 -44.20 -38.25 -64.81
C LEU H 296 -44.18 -36.85 -64.23
N SER H 297 -44.57 -36.69 -62.96
CA SER H 297 -44.50 -35.37 -62.34
C SER H 297 -43.06 -34.90 -62.24
N GLU H 298 -42.13 -35.80 -61.93
CA GLU H 298 -40.72 -35.42 -61.88
C GLU H 298 -40.24 -34.97 -63.25
N THR H 299 -40.67 -35.67 -64.30
CA THR H 299 -40.29 -35.27 -65.65
C THR H 299 -40.87 -33.90 -65.99
N LYS H 300 -42.11 -33.65 -65.60
CA LYS H 300 -42.71 -32.34 -65.83
C LYS H 300 -41.94 -31.25 -65.10
N CYS H 301 -41.51 -31.54 -63.87
CA CYS H 301 -40.72 -30.58 -63.11
C CYS H 301 -39.40 -30.30 -63.80
N THR H 302 -38.74 -31.34 -64.32
CA THR H 302 -37.48 -31.12 -65.01
C THR H 302 -37.67 -30.28 -66.27
N LEU H 303 -38.75 -30.55 -67.01
CA LEU H 303 -38.98 -29.84 -68.26
C LEU H 303 -39.62 -28.48 -68.07
N LYS H 304 -40.06 -28.16 -66.86
CA LYS H 304 -40.76 -26.90 -66.57
C LYS H 304 -41.99 -26.73 -67.46
N SER H 305 -42.70 -27.83 -67.70
CA SER H 305 -43.91 -27.79 -68.51
C SER H 305 -44.90 -28.81 -68.00
N PHE H 306 -46.20 -28.45 -68.04
CA PHE H 306 -47.23 -29.38 -67.64
C PHE H 306 -47.46 -30.46 -68.68
N THR H 307 -47.06 -30.22 -69.93
CA THR H 307 -47.18 -31.20 -71.00
C THR H 307 -45.77 -31.64 -71.41
N VAL H 308 -45.60 -32.95 -71.60
CA VAL H 308 -44.33 -33.54 -71.99
C VAL H 308 -44.48 -34.23 -73.34
N GLU H 309 -43.48 -34.04 -74.20
CA GLU H 309 -43.48 -34.64 -75.52
C GLU H 309 -43.06 -36.09 -75.41
N LYS H 310 -43.36 -36.86 -76.46
CA LYS H 310 -43.00 -38.27 -76.44
C LYS H 310 -41.49 -38.40 -76.46
N GLY H 311 -40.96 -39.33 -75.68
CA GLY H 311 -39.53 -39.56 -75.68
C GLY H 311 -39.06 -40.05 -74.32
N ILE H 312 -37.74 -40.06 -74.17
CA ILE H 312 -37.08 -40.48 -72.95
C ILE H 312 -36.30 -39.29 -72.41
N TYR H 313 -36.46 -39.01 -71.11
CA TYR H 313 -35.87 -37.84 -70.49
C TYR H 313 -35.02 -38.25 -69.29
N GLN H 314 -33.84 -37.66 -69.19
CA GLN H 314 -32.93 -37.90 -68.07
C GLN H 314 -33.47 -37.14 -66.87
N THR H 315 -34.25 -37.81 -66.03
CA THR H 315 -34.94 -37.12 -64.95
C THR H 315 -34.02 -36.82 -63.76
N SER H 316 -33.38 -37.84 -63.20
CA SER H 316 -32.60 -37.65 -61.98
C SER H 316 -31.58 -38.78 -61.86
N ASN H 317 -31.00 -38.93 -60.67
CA ASN H 317 -29.97 -39.91 -60.40
C ASN H 317 -30.40 -40.85 -59.28
N PHE H 318 -30.03 -42.12 -59.41
CA PHE H 318 -30.30 -43.14 -58.42
C PHE H 318 -29.00 -43.53 -57.74
N ARG H 319 -29.02 -43.62 -56.41
CA ARG H 319 -27.86 -44.03 -55.65
C ARG H 319 -28.30 -44.91 -54.48
N VAL H 320 -27.40 -45.78 -54.04
CA VAL H 320 -27.62 -46.62 -52.88
C VAL H 320 -26.90 -45.99 -51.70
N GLN H 321 -27.63 -45.74 -50.62
CA GLN H 321 -27.04 -45.09 -49.46
C GLN H 321 -26.45 -46.14 -48.53
N PRO H 322 -25.16 -46.06 -48.19
CA PRO H 322 -24.56 -47.07 -47.33
C PRO H 322 -25.05 -46.95 -45.89
N THR H 323 -25.06 -48.09 -45.21
CA THR H 323 -25.43 -48.16 -43.80
C THR H 323 -24.42 -49.06 -43.09
N GLU H 324 -24.45 -49.01 -41.75
CA GLU H 324 -23.60 -49.85 -40.91
C GLU H 324 -22.11 -49.58 -41.18
N SER H 325 -21.68 -48.37 -40.87
CA SER H 325 -20.28 -48.02 -41.02
C SER H 325 -19.41 -48.97 -40.19
N ILE H 326 -18.35 -49.49 -40.82
CA ILE H 326 -17.45 -50.44 -40.18
C ILE H 326 -16.03 -49.89 -40.18
N VAL H 327 -15.33 -50.09 -39.05
CA VAL H 327 -13.94 -49.70 -38.91
C VAL H 327 -13.16 -50.94 -38.45
N ARG H 328 -12.03 -51.21 -39.09
CA ARG H 328 -11.18 -52.34 -38.71
C ARG H 328 -9.77 -51.86 -38.40
N PHE H 329 -9.19 -52.41 -37.34
CA PHE H 329 -7.81 -52.11 -36.96
C PHE H 329 -7.11 -53.41 -36.58
N PRO H 330 -5.77 -53.43 -36.65
CA PRO H 330 -5.04 -54.68 -36.40
C PRO H 330 -5.28 -55.24 -35.00
N ASN H 331 -5.49 -56.55 -34.90
CA ASN H 331 -5.68 -57.09 -33.56
C ASN H 331 -4.30 -57.49 -33.02
N ILE H 332 -4.30 -58.02 -31.80
CA ILE H 332 -3.10 -58.52 -31.15
C ILE H 332 -2.02 -57.44 -31.05
N THR H 333 -2.45 -56.23 -30.75
CA THR H 333 -1.50 -55.17 -30.53
C THR H 333 -0.71 -55.53 -29.29
N ASN H 334 0.55 -55.11 -29.25
CA ASN H 334 1.35 -55.39 -28.05
C ASN H 334 0.63 -54.78 -26.86
N LEU H 335 0.44 -55.58 -25.82
CA LEU H 335 -0.31 -55.12 -24.65
C LEU H 335 0.69 -54.45 -23.73
N CYS H 336 0.48 -53.17 -23.47
CA CYS H 336 1.40 -52.45 -22.63
C CYS H 336 1.33 -53.01 -21.21
N PRO H 337 2.45 -53.09 -20.51
CA PRO H 337 2.45 -53.78 -19.20
C PRO H 337 1.94 -52.96 -18.02
N PHE H 338 0.66 -52.59 -18.07
CA PHE H 338 0.06 -51.92 -16.92
C PHE H 338 -0.05 -52.84 -15.70
N GLY H 339 -0.39 -54.12 -15.89
CA GLY H 339 -0.58 -54.96 -14.72
C GLY H 339 0.70 -55.33 -13.99
N GLU H 340 1.79 -55.55 -14.73
CA GLU H 340 3.06 -55.78 -14.04
C GLU H 340 3.55 -54.50 -13.36
N VAL H 341 3.29 -53.33 -13.94
CA VAL H 341 3.77 -52.09 -13.31
C VAL H 341 2.91 -51.74 -12.11
N PHE H 342 1.59 -51.95 -12.18
CA PHE H 342 0.73 -51.66 -11.03
C PHE H 342 0.85 -52.79 -10.00
N ASN H 343 0.68 -54.04 -10.42
CA ASN H 343 0.72 -55.16 -9.49
C ASN H 343 2.15 -55.68 -9.43
N ALA H 344 2.93 -55.17 -8.49
CA ALA H 344 4.30 -55.62 -8.37
C ALA H 344 4.53 -56.02 -6.92
N THR H 345 5.47 -56.94 -6.72
CA THR H 345 5.72 -57.44 -5.37
C THR H 345 6.37 -56.35 -4.52
N ARG H 346 7.30 -55.61 -5.09
CA ARG H 346 8.07 -54.61 -4.36
C ARG H 346 7.91 -53.25 -5.05
N PHE H 347 7.68 -52.22 -4.25
CA PHE H 347 7.66 -50.85 -4.72
C PHE H 347 8.78 -50.07 -4.07
N ALA H 348 9.32 -49.12 -4.82
CA ALA H 348 10.41 -48.31 -4.31
C ALA H 348 9.90 -47.35 -3.23
N SER H 349 10.83 -46.87 -2.41
CA SER H 349 10.48 -45.90 -1.39
C SER H 349 10.07 -44.58 -2.02
N VAL H 350 9.35 -43.77 -1.26
CA VAL H 350 8.79 -42.54 -1.80
C VAL H 350 9.89 -41.57 -2.21
N TYR H 351 10.94 -41.43 -1.38
CA TYR H 351 12.03 -40.54 -1.75
C TYR H 351 12.74 -41.03 -3.00
N ALA H 352 12.98 -42.33 -3.09
CA ALA H 352 13.59 -42.93 -4.28
C ALA H 352 12.52 -43.52 -5.19
N TRP H 353 11.63 -42.65 -5.68
CA TRP H 353 10.53 -43.13 -6.50
C TRP H 353 11.04 -43.71 -7.81
N ASN H 354 10.51 -44.86 -8.18
CA ASN H 354 10.97 -45.59 -9.35
C ASN H 354 10.12 -45.21 -10.56
N ARG H 355 10.79 -44.78 -11.63
CA ARG H 355 10.12 -44.37 -12.86
C ARG H 355 10.33 -45.42 -13.93
N LYS H 356 9.26 -45.78 -14.62
CA LYS H 356 9.30 -46.75 -15.72
C LYS H 356 8.75 -46.12 -16.98
N ARG H 357 9.52 -46.18 -18.06
CA ARG H 357 9.13 -45.59 -19.33
C ARG H 357 8.57 -46.68 -20.23
N ILE H 358 7.32 -46.52 -20.67
CA ILE H 358 6.64 -47.50 -21.50
C ILE H 358 6.24 -46.84 -22.81
N SER H 359 6.61 -47.47 -23.92
CA SER H 359 6.32 -46.96 -25.25
C SER H 359 6.22 -48.15 -26.20
N ASN H 360 5.63 -47.89 -27.38
CA ASN H 360 5.47 -48.92 -28.40
C ASN H 360 4.58 -50.05 -27.90
N CYS H 361 3.63 -49.71 -27.02
CA CYS H 361 2.72 -50.68 -26.44
C CYS H 361 1.31 -50.12 -26.49
N VAL H 362 0.33 -50.96 -26.79
CA VAL H 362 -1.05 -50.48 -26.77
C VAL H 362 -1.48 -50.46 -25.30
N ALA H 363 -1.64 -49.26 -24.76
CA ALA H 363 -1.91 -49.09 -23.34
C ALA H 363 -3.41 -49.08 -23.10
N ASP H 364 -3.90 -50.10 -22.39
CA ASP H 364 -5.33 -50.21 -22.11
C ASP H 364 -5.66 -49.40 -20.87
N TYR H 365 -5.82 -48.08 -21.06
CA TYR H 365 -6.22 -47.24 -19.94
C TYR H 365 -7.59 -47.62 -19.43
N SER H 366 -8.39 -48.32 -20.24
CA SER H 366 -9.74 -48.68 -19.84
C SER H 366 -9.73 -49.78 -18.80
N VAL H 367 -8.77 -50.71 -18.88
CA VAL H 367 -8.76 -51.86 -17.98
C VAL H 367 -8.55 -51.41 -16.54
N LEU H 368 -7.54 -50.56 -16.32
CA LEU H 368 -7.31 -50.06 -14.97
C LEU H 368 -8.46 -49.17 -14.53
N TYR H 369 -8.97 -48.33 -15.43
CA TYR H 369 -10.08 -47.45 -15.09
C TYR H 369 -11.33 -48.24 -14.74
N ASN H 370 -11.61 -49.31 -15.49
CA ASN H 370 -12.77 -50.14 -15.21
C ASN H 370 -12.64 -50.80 -13.85
N SER H 371 -11.44 -51.29 -13.52
CA SER H 371 -11.19 -51.85 -12.20
C SER H 371 -11.41 -50.80 -11.13
N ALA H 372 -12.17 -51.16 -10.11
CA ALA H 372 -12.55 -50.23 -9.05
C ALA H 372 -11.80 -50.48 -7.75
N SER H 373 -10.79 -51.36 -7.76
CA SER H 373 -10.08 -51.70 -6.53
C SER H 373 -9.31 -50.51 -5.97
N PHE H 374 -8.81 -49.63 -6.84
CA PHE H 374 -7.95 -48.55 -6.40
C PHE H 374 -8.76 -47.50 -5.66
N SER H 375 -8.26 -47.10 -4.48
CA SER H 375 -8.97 -46.15 -3.64
C SER H 375 -9.00 -44.75 -4.26
N THR H 376 -7.88 -44.29 -4.78
CA THR H 376 -7.77 -42.93 -5.30
C THR H 376 -7.45 -42.97 -6.79
N PHE H 377 -8.28 -42.30 -7.59
CA PHE H 377 -8.08 -42.18 -9.03
C PHE H 377 -8.26 -40.71 -9.39
N LYS H 378 -7.21 -39.90 -9.24
CA LYS H 378 -7.30 -38.48 -9.55
C LYS H 378 -6.51 -38.19 -10.81
N CYS H 379 -7.22 -37.78 -11.87
CA CYS H 379 -6.62 -37.54 -13.17
C CYS H 379 -6.76 -36.06 -13.51
N TYR H 380 -5.65 -35.43 -13.86
CA TYR H 380 -5.59 -34.00 -14.16
C TYR H 380 -5.26 -33.81 -15.64
N GLY H 381 -6.11 -33.08 -16.35
CA GLY H 381 -5.86 -32.78 -17.74
C GLY H 381 -6.17 -33.90 -18.71
N VAL H 382 -6.66 -35.04 -18.24
CA VAL H 382 -7.01 -36.14 -19.12
C VAL H 382 -8.05 -36.99 -18.43
N SER H 383 -8.97 -37.56 -19.21
CA SER H 383 -9.99 -38.47 -18.73
C SER H 383 -9.71 -39.88 -19.22
N PRO H 384 -10.02 -40.90 -18.41
CA PRO H 384 -9.67 -42.28 -18.83
C PRO H 384 -10.34 -42.69 -20.12
N THR H 385 -11.61 -42.35 -20.31
CA THR H 385 -12.28 -42.67 -21.56
C THR H 385 -11.60 -41.98 -22.74
N LYS H 386 -11.21 -40.71 -22.55
CA LYS H 386 -10.46 -40.00 -23.57
C LYS H 386 -9.06 -40.57 -23.75
N LEU H 387 -8.49 -41.14 -22.68
CA LEU H 387 -7.13 -41.67 -22.77
C LEU H 387 -7.06 -42.82 -23.77
N ASN H 388 -8.07 -43.68 -23.79
CA ASN H 388 -8.08 -44.82 -24.71
C ASN H 388 -8.03 -44.36 -26.16
N ASP H 389 -8.82 -43.35 -26.52
CA ASP H 389 -8.80 -42.85 -27.88
C ASP H 389 -7.52 -42.07 -28.19
N LEU H 390 -7.04 -41.28 -27.25
CA LEU H 390 -5.90 -40.40 -27.50
C LEU H 390 -4.60 -41.21 -27.62
N CYS H 391 -3.62 -40.62 -28.28
CA CYS H 391 -2.32 -41.26 -28.48
C CYS H 391 -1.19 -40.40 -27.94
N PHE H 392 -0.32 -41.02 -27.13
CA PHE H 392 0.75 -40.37 -26.41
C PHE H 392 2.10 -40.98 -26.78
N THR H 393 3.14 -40.16 -26.87
CA THR H 393 4.45 -40.64 -27.26
C THR H 393 5.09 -41.53 -26.20
N ASN H 394 5.04 -41.11 -24.93
CA ASN H 394 5.69 -41.88 -23.86
C ASN H 394 4.90 -41.73 -22.56
N VAL H 395 4.92 -42.79 -21.76
CA VAL H 395 4.30 -42.80 -20.44
C VAL H 395 5.34 -43.19 -19.39
N TYR H 396 5.44 -42.41 -18.32
CA TYR H 396 6.36 -42.66 -17.22
C TYR H 396 5.57 -42.97 -15.95
N ALA H 397 5.57 -44.24 -15.53
CA ALA H 397 4.86 -44.67 -14.34
C ALA H 397 5.79 -44.65 -13.14
N ASP H 398 5.40 -43.95 -12.08
CA ASP H 398 6.17 -43.85 -10.84
C ASP H 398 5.47 -44.64 -9.74
N SER H 399 6.18 -45.59 -9.13
CA SER H 399 5.63 -46.46 -8.11
C SER H 399 6.31 -46.21 -6.77
N PHE H 400 5.51 -45.92 -5.74
CA PHE H 400 6.04 -45.69 -4.40
C PHE H 400 4.96 -46.00 -3.37
N VAL H 401 5.40 -46.32 -2.15
CA VAL H 401 4.52 -46.66 -1.03
C VAL H 401 4.58 -45.52 -0.02
N ILE H 402 3.41 -44.96 0.32
CA ILE H 402 3.31 -43.84 1.25
C ILE H 402 2.09 -44.03 2.14
N ARG H 403 2.03 -43.22 3.19
CA ARG H 403 0.90 -43.22 4.11
C ARG H 403 -0.35 -42.66 3.44
N GLY H 404 -1.50 -43.06 3.96
CA GLY H 404 -2.76 -42.54 3.44
C GLY H 404 -2.88 -41.03 3.56
N ASP H 405 -2.36 -40.48 4.65
CA ASP H 405 -2.36 -39.02 4.82
C ASP H 405 -1.55 -38.35 3.72
N GLU H 406 -0.40 -38.94 3.36
CA GLU H 406 0.48 -38.37 2.36
C GLU H 406 -0.04 -38.55 0.94
N VAL H 407 -1.04 -39.42 0.73
CA VAL H 407 -1.67 -39.50 -0.58
C VAL H 407 -2.23 -38.16 -0.99
N ARG H 408 -2.73 -37.39 0.00
CA ARG H 408 -3.18 -36.03 -0.28
C ARG H 408 -2.03 -35.17 -0.78
N GLN H 409 -0.86 -35.27 -0.15
CA GLN H 409 0.25 -34.38 -0.48
C GLN H 409 0.73 -34.59 -1.91
N ILE H 410 0.70 -35.82 -2.41
CA ILE H 410 1.22 -36.07 -3.75
C ILE H 410 0.14 -35.77 -4.78
N ALA H 411 0.04 -34.49 -5.16
CA ALA H 411 -0.92 -34.07 -6.17
C ALA H 411 -0.44 -32.75 -6.76
N PRO H 412 -0.81 -32.44 -7.99
CA PRO H 412 -0.47 -31.11 -8.53
C PRO H 412 -1.12 -30.02 -7.70
N GLY H 413 -0.36 -28.97 -7.44
CA GLY H 413 -0.87 -27.86 -6.65
C GLY H 413 -1.06 -28.17 -5.19
N GLN H 414 -0.39 -29.20 -4.68
CA GLN H 414 -0.51 -29.61 -3.30
C GLN H 414 0.84 -29.48 -2.59
N THR H 415 0.82 -28.87 -1.42
CA THR H 415 2.03 -28.67 -0.62
C THR H 415 2.05 -29.64 0.55
N GLY H 416 3.15 -30.39 0.67
CA GLY H 416 3.33 -31.30 1.79
C GLY H 416 4.80 -31.58 1.98
N LYS H 417 5.14 -32.03 3.18
CA LYS H 417 6.52 -32.40 3.46
C LYS H 417 6.97 -33.57 2.60
N ILE H 418 6.10 -34.57 2.42
CA ILE H 418 6.44 -35.68 1.52
C ILE H 418 6.59 -35.18 0.09
N ALA H 419 5.68 -34.31 -0.34
CA ALA H 419 5.77 -33.76 -1.69
C ALA H 419 7.04 -32.95 -1.88
N ASP H 420 7.41 -32.16 -0.87
CA ASP H 420 8.56 -31.26 -1.01
C ASP H 420 9.88 -32.03 -1.07
N TYR H 421 10.02 -33.08 -0.25
CA TYR H 421 11.32 -33.73 -0.11
C TYR H 421 11.41 -35.11 -0.73
N ASN H 422 10.31 -35.68 -1.23
CA ASN H 422 10.34 -37.03 -1.78
C ASN H 422 9.95 -37.07 -3.25
N TYR H 423 8.74 -36.63 -3.60
CA TYR H 423 8.27 -36.65 -4.97
C TYR H 423 7.42 -35.42 -5.22
N LYS H 424 7.76 -34.64 -6.24
CA LYS H 424 7.09 -33.38 -6.53
C LYS H 424 6.30 -33.52 -7.83
N LEU H 425 5.05 -33.06 -7.81
CA LEU H 425 4.17 -33.13 -8.97
C LEU H 425 3.92 -31.74 -9.51
N PRO H 426 4.25 -31.47 -10.78
CA PRO H 426 3.97 -30.14 -11.34
C PRO H 426 2.48 -29.88 -11.45
N ASP H 427 2.10 -28.61 -11.26
CA ASP H 427 0.69 -28.26 -11.31
C ASP H 427 0.15 -28.35 -12.73
N ASP H 428 0.92 -27.85 -13.70
CA ASP H 428 0.47 -27.85 -15.09
C ASP H 428 0.39 -29.26 -15.66
N PHE H 429 1.05 -30.23 -15.02
CA PHE H 429 1.20 -31.55 -15.60
C PHE H 429 -0.13 -32.28 -15.72
N THR H 430 -0.26 -33.06 -16.79
CA THR H 430 -1.45 -33.86 -17.05
C THR H 430 -1.11 -35.34 -16.86
N GLY H 431 -1.83 -35.98 -15.94
CA GLY H 431 -1.57 -37.38 -15.65
C GLY H 431 -2.58 -37.90 -14.65
N CYS H 432 -2.46 -39.20 -14.35
CA CYS H 432 -3.37 -39.89 -13.46
C CYS H 432 -2.61 -40.42 -12.25
N VAL H 433 -3.11 -40.10 -11.05
CA VAL H 433 -2.54 -40.60 -9.80
C VAL H 433 -3.45 -41.70 -9.26
N ILE H 434 -2.89 -42.88 -9.04
CA ILE H 434 -3.65 -44.05 -8.59
C ILE H 434 -3.04 -44.56 -7.29
N ALA H 435 -3.87 -44.76 -6.28
CA ALA H 435 -3.38 -45.21 -4.98
C ALA H 435 -4.29 -46.29 -4.41
N TRP H 436 -3.67 -47.31 -3.80
CA TRP H 436 -4.42 -48.43 -3.24
C TRP H 436 -3.85 -48.78 -1.86
N ASN H 437 -4.74 -49.23 -0.98
CA ASN H 437 -4.40 -49.57 0.41
C ASN H 437 -3.61 -50.88 0.47
N SER H 438 -2.29 -50.77 0.58
CA SER H 438 -1.42 -51.93 0.64
C SER H 438 -1.22 -52.44 2.05
N ASN H 439 -2.14 -52.11 2.97
CA ASN H 439 -1.97 -52.47 4.37
C ASN H 439 -1.94 -53.97 4.59
N ASN H 440 -2.58 -54.75 3.72
CA ASN H 440 -2.59 -56.19 3.91
C ASN H 440 -1.23 -56.82 3.62
N LEU H 441 -0.62 -56.48 2.49
CA LEU H 441 0.61 -57.17 2.10
C LEU H 441 1.86 -56.48 2.63
N ASP H 442 1.94 -55.15 2.54
CA ASP H 442 3.14 -54.45 2.97
C ASP H 442 3.33 -54.55 4.47
N SER H 443 2.25 -54.40 5.24
CA SER H 443 2.36 -54.41 6.69
C SER H 443 2.65 -55.81 7.23
N LYS H 444 3.50 -55.88 8.25
CA LYS H 444 3.76 -57.11 8.97
C LYS H 444 3.62 -56.83 10.45
N VAL H 445 3.41 -57.89 11.23
CA VAL H 445 3.09 -57.74 12.65
C VAL H 445 4.18 -56.95 13.37
N GLY H 446 5.45 -57.24 13.07
CA GLY H 446 6.52 -56.44 13.61
C GLY H 446 6.52 -55.03 13.07
N GLY H 447 6.13 -54.86 11.81
CA GLY H 447 6.14 -53.57 11.14
C GLY H 447 7.22 -53.51 10.08
N ASN H 448 6.89 -53.01 8.90
CA ASN H 448 7.83 -52.91 7.79
C ASN H 448 8.42 -51.51 7.79
N TYR H 449 9.66 -51.40 8.26
CA TYR H 449 10.37 -50.13 8.30
C TYR H 449 11.31 -49.97 7.11
N ASN H 450 11.28 -50.91 6.16
CA ASN H 450 12.13 -50.81 4.98
C ASN H 450 11.78 -49.59 4.14
N TYR H 451 10.51 -49.17 4.16
CA TYR H 451 10.10 -47.97 3.45
C TYR H 451 10.60 -46.75 4.20
N LEU H 452 11.29 -45.85 3.49
CA LEU H 452 11.89 -44.68 4.09
C LEU H 452 11.39 -43.43 3.37
N TYR H 453 11.39 -42.30 4.07
CA TYR H 453 11.02 -41.03 3.47
C TYR H 453 11.90 -39.93 4.01
N ARG H 454 12.07 -38.89 3.22
CA ARG H 454 12.90 -37.74 3.59
C ARG H 454 12.12 -36.80 4.49
N LEU H 455 12.37 -36.85 5.81
CA LEU H 455 11.71 -35.93 6.73
C LEU H 455 12.04 -34.49 6.40
N PHE H 456 13.32 -34.18 6.26
CA PHE H 456 13.79 -32.81 6.07
C PHE H 456 14.96 -32.79 5.11
N ARG H 457 14.91 -31.82 4.19
CA ARG H 457 15.91 -31.64 3.15
C ARG H 457 16.23 -30.15 3.06
N LYS H 458 17.43 -29.85 2.57
CA LYS H 458 17.86 -28.45 2.52
C LYS H 458 16.94 -27.63 1.63
N SER H 459 16.53 -28.17 0.50
CA SER H 459 15.66 -27.48 -0.43
C SER H 459 14.54 -28.41 -0.88
N ASN H 460 13.42 -27.81 -1.29
CA ASN H 460 12.33 -28.60 -1.84
C ASN H 460 12.76 -29.23 -3.16
N LEU H 461 12.35 -30.47 -3.37
CA LEU H 461 12.67 -31.16 -4.61
C LEU H 461 11.98 -30.50 -5.79
N LYS H 462 12.71 -30.39 -6.91
CA LYS H 462 12.13 -29.85 -8.12
C LYS H 462 11.14 -30.86 -8.70
N PRO H 463 10.19 -30.40 -9.53
CA PRO H 463 9.19 -31.32 -10.06
C PRO H 463 9.83 -32.47 -10.82
N PHE H 464 9.30 -33.68 -10.57
CA PHE H 464 9.78 -34.91 -11.21
C PHE H 464 11.27 -35.14 -10.96
N GLU H 465 11.73 -34.81 -9.77
CA GLU H 465 13.12 -35.00 -9.38
C GLU H 465 13.20 -35.96 -8.21
N ARG H 466 14.17 -36.86 -8.26
CA ARG H 466 14.37 -37.87 -7.22
C ARG H 466 15.74 -37.67 -6.59
N ASP H 467 15.79 -37.66 -5.26
CA ASP H 467 17.01 -37.46 -4.51
C ASP H 467 17.36 -38.74 -3.75
N ILE H 468 18.58 -39.23 -3.96
CA ILE H 468 19.07 -40.42 -3.27
C ILE H 468 20.17 -40.06 -2.27
N SER H 469 20.41 -38.77 -2.03
CA SER H 469 21.46 -38.36 -1.12
C SER H 469 21.18 -38.89 0.28
N THR H 470 22.20 -39.48 0.90
CA THR H 470 22.13 -39.91 2.30
C THR H 470 23.25 -39.23 3.06
N GLU H 471 23.01 -37.98 3.44
CA GLU H 471 23.95 -37.17 4.20
C GLU H 471 23.20 -36.56 5.37
N ILE H 472 23.87 -36.51 6.53
CA ILE H 472 23.22 -36.01 7.72
C ILE H 472 22.79 -34.56 7.49
N TYR H 473 21.50 -34.29 7.67
CA TYR H 473 20.98 -32.94 7.45
C TYR H 473 21.54 -32.00 8.49
N GLN H 474 21.90 -30.80 8.06
CA GLN H 474 22.55 -29.82 8.92
C GLN H 474 21.57 -28.72 9.29
N ALA H 475 21.19 -28.66 10.56
CA ALA H 475 20.34 -27.62 11.09
C ALA H 475 21.16 -26.75 12.03
N GLY H 476 20.98 -25.44 11.92
CA GLY H 476 21.74 -24.53 12.76
C GLY H 476 23.11 -24.23 12.18
N SER H 477 23.81 -23.32 12.85
CA SER H 477 25.10 -22.86 12.35
C SER H 477 26.15 -23.95 12.39
N THR H 478 26.13 -24.79 13.43
CA THR H 478 27.20 -25.76 13.63
C THR H 478 27.22 -26.78 12.49
N PRO H 479 28.38 -27.10 11.93
CA PRO H 479 28.44 -28.09 10.85
C PRO H 479 28.24 -29.51 11.38
N CYS H 480 27.53 -30.32 10.60
CA CYS H 480 27.33 -31.71 10.98
C CYS H 480 28.64 -32.49 10.97
N ASN H 481 29.48 -32.25 9.97
CA ASN H 481 30.73 -32.99 9.76
C ASN H 481 30.46 -34.46 9.46
N GLY H 482 29.25 -34.77 9.01
CA GLY H 482 28.90 -36.14 8.72
C GLY H 482 28.73 -37.01 9.94
N VAL H 483 28.60 -36.41 11.11
CA VAL H 483 28.51 -37.14 12.38
C VAL H 483 27.26 -36.69 13.12
N GLU H 484 26.62 -37.64 13.80
CA GLU H 484 25.43 -37.36 14.59
C GLU H 484 25.70 -36.40 15.74
N GLY H 485 24.79 -35.44 15.92
CA GLY H 485 24.82 -34.45 16.99
C GLY H 485 23.45 -33.81 17.05
N PHE H 486 23.22 -32.98 18.06
CA PHE H 486 21.93 -32.30 18.08
C PHE H 486 21.88 -31.38 16.87
N ASN H 487 20.72 -31.31 16.24
CA ASN H 487 20.46 -30.53 15.02
C ASN H 487 21.10 -31.18 13.81
N CYS H 488 21.61 -32.40 13.96
CA CYS H 488 22.20 -33.17 12.87
C CYS H 488 21.49 -34.52 12.89
N TYR H 489 20.76 -34.81 11.82
CA TYR H 489 19.96 -36.03 11.77
C TYR H 489 19.94 -36.60 10.37
N PHE H 490 19.80 -37.91 10.30
CA PHE H 490 19.71 -38.57 9.01
C PHE H 490 18.39 -38.18 8.36
N PRO H 491 18.38 -37.77 7.08
CA PRO H 491 17.13 -37.30 6.47
C PRO H 491 16.06 -38.37 6.38
N LEU H 492 16.44 -39.62 6.11
CA LEU H 492 15.48 -40.68 5.90
C LEU H 492 14.85 -41.12 7.22
N GLN H 493 13.54 -41.36 7.19
CA GLN H 493 12.79 -41.84 8.34
C GLN H 493 11.91 -43.00 7.92
N SER H 494 11.89 -44.05 8.74
CA SER H 494 11.15 -45.25 8.42
C SER H 494 9.65 -45.06 8.64
N TYR H 495 8.86 -45.89 7.97
CA TYR H 495 7.43 -45.95 8.15
C TYR H 495 7.12 -47.14 9.06
N GLY H 496 6.26 -46.94 10.05
CA GLY H 496 5.88 -48.04 10.91
C GLY H 496 5.12 -49.13 10.18
N PHE H 497 4.05 -48.75 9.48
CA PHE H 497 3.28 -49.66 8.64
C PHE H 497 2.87 -50.92 9.40
N GLN H 498 2.33 -50.72 10.60
CA GLN H 498 1.83 -51.84 11.39
C GLN H 498 0.53 -52.37 10.80
N PRO H 499 0.22 -53.65 11.03
CA PRO H 499 -1.02 -54.20 10.45
C PRO H 499 -2.28 -53.55 10.99
N THR H 500 -2.32 -53.22 12.28
CA THR H 500 -3.47 -52.59 12.91
C THR H 500 -3.39 -51.07 12.88
N ASN H 501 -2.41 -50.51 12.19
CA ASN H 501 -2.23 -49.07 12.13
C ASN H 501 -3.44 -48.41 11.48
N GLY H 502 -3.67 -47.14 11.85
CA GLY H 502 -4.82 -46.44 11.33
C GLY H 502 -4.76 -46.29 9.82
N VAL H 503 -5.93 -46.16 9.21
CA VAL H 503 -6.02 -46.12 7.75
C VAL H 503 -5.23 -44.93 7.21
N GLY H 504 -5.25 -43.80 7.92
CA GLY H 504 -4.44 -42.67 7.51
C GLY H 504 -2.96 -42.98 7.52
N TYR H 505 -2.52 -43.78 8.49
CA TYR H 505 -1.13 -44.21 8.57
C TYR H 505 -0.89 -45.53 7.84
N GLN H 506 -1.94 -46.15 7.31
CA GLN H 506 -1.79 -47.43 6.65
C GLN H 506 -0.97 -47.24 5.36
N PRO H 507 -0.13 -48.20 5.00
CA PRO H 507 0.63 -48.07 3.77
C PRO H 507 -0.27 -48.10 2.54
N TYR H 508 -0.01 -47.18 1.62
CA TYR H 508 -0.76 -47.08 0.37
C TYR H 508 0.23 -47.09 -0.78
N ARG H 509 -0.02 -47.96 -1.76
CA ARG H 509 0.82 -48.04 -2.95
C ARG H 509 0.27 -47.08 -3.99
N VAL H 510 1.11 -46.15 -4.45
CA VAL H 510 0.68 -45.13 -5.39
C VAL H 510 1.50 -45.25 -6.67
N VAL H 511 0.81 -45.26 -7.80
CA VAL H 511 1.44 -45.20 -9.11
C VAL H 511 0.93 -43.96 -9.82
N VAL H 512 1.85 -43.14 -10.30
CA VAL H 512 1.52 -41.93 -11.04
C VAL H 512 1.86 -42.16 -12.51
N LEU H 513 0.87 -42.01 -13.38
CA LEU H 513 1.06 -42.18 -14.82
C LEU H 513 1.21 -40.80 -15.45
N SER H 514 2.30 -40.62 -16.19
CA SER H 514 2.63 -39.34 -16.80
C SER H 514 2.66 -39.49 -18.31
N PHE H 515 1.90 -38.66 -19.01
CA PHE H 515 1.80 -38.72 -20.46
C PHE H 515 2.68 -37.64 -21.06
N GLU H 516 3.64 -38.05 -21.89
CA GLU H 516 4.59 -37.14 -22.53
C GLU H 516 4.31 -37.09 -24.02
N LEU H 517 3.94 -35.91 -24.52
CA LEU H 517 3.71 -35.70 -25.94
C LEU H 517 4.85 -34.95 -26.60
N LEU H 518 6.00 -34.81 -25.93
CA LEU H 518 7.11 -34.02 -26.46
C LEU H 518 7.60 -34.61 -27.78
N HIS H 519 7.61 -35.93 -27.90
CA HIS H 519 8.19 -36.59 -29.06
C HIS H 519 7.16 -36.62 -30.17
N ALA H 520 7.62 -36.42 -31.41
CA ALA H 520 6.68 -36.22 -32.51
C ALA H 520 5.77 -37.43 -32.73
N PRO H 521 6.26 -38.66 -32.83
CA PRO H 521 5.34 -39.78 -33.04
C PRO H 521 4.85 -40.38 -31.73
N ALA H 522 3.54 -40.64 -31.68
CA ALA H 522 2.94 -41.26 -30.50
C ALA H 522 3.10 -42.76 -30.67
N THR H 523 3.91 -43.38 -29.80
CA THR H 523 4.11 -44.82 -29.98
C THR H 523 3.15 -45.71 -29.19
N VAL H 524 3.12 -45.57 -27.87
CA VAL H 524 2.28 -46.49 -27.09
C VAL H 524 0.79 -46.24 -27.35
N CYS H 525 0.39 -44.98 -27.24
CA CYS H 525 -0.95 -44.43 -27.50
C CYS H 525 -1.98 -45.37 -26.87
N GLY H 526 -2.97 -45.87 -27.63
CA GLY H 526 -3.99 -46.71 -27.04
C GLY H 526 -4.73 -47.66 -27.99
N PRO H 527 -5.50 -48.58 -27.39
CA PRO H 527 -6.24 -49.59 -28.17
C PRO H 527 -7.39 -49.05 -29.01
N LYS H 528 -7.51 -49.63 -30.21
CA LYS H 528 -8.55 -49.30 -31.18
C LYS H 528 -9.43 -50.53 -31.36
N LYS H 529 -10.70 -50.44 -30.94
CA LYS H 529 -11.63 -51.55 -31.02
C LYS H 529 -12.27 -51.61 -32.40
N SER H 530 -12.23 -52.80 -33.02
CA SER H 530 -12.68 -52.99 -34.39
C SER H 530 -14.09 -53.58 -34.41
N THR H 531 -14.95 -53.00 -35.24
CA THR H 531 -16.29 -53.52 -35.46
C THR H 531 -16.26 -54.76 -36.34
N ASN H 532 -17.38 -55.49 -36.34
CA ASN H 532 -17.46 -56.72 -37.12
C ASN H 532 -17.42 -56.42 -38.62
N LEU H 533 -16.89 -57.37 -39.38
CA LEU H 533 -16.81 -57.24 -40.83
C LEU H 533 -18.11 -57.66 -41.49
N VAL H 534 -18.56 -56.86 -42.46
CA VAL H 534 -19.73 -57.16 -43.28
C VAL H 534 -19.36 -56.95 -44.74
N LYS H 535 -19.78 -57.88 -45.59
CA LYS H 535 -19.48 -57.81 -47.01
C LYS H 535 -20.78 -57.97 -47.80
N ASN H 536 -20.67 -57.83 -49.13
CA ASN H 536 -21.80 -57.96 -50.04
C ASN H 536 -22.88 -56.92 -49.79
N LYS H 537 -22.51 -55.80 -49.18
CA LYS H 537 -23.45 -54.71 -48.91
C LYS H 537 -22.69 -53.40 -48.92
N CYS H 538 -23.26 -52.39 -49.56
CA CYS H 538 -22.62 -51.08 -49.67
C CYS H 538 -22.56 -50.46 -48.27
N VAL H 539 -21.35 -50.33 -47.73
CA VAL H 539 -21.14 -49.81 -46.38
C VAL H 539 -20.04 -48.75 -46.40
N ASN H 540 -19.98 -47.99 -45.32
CA ASN H 540 -18.93 -47.01 -45.11
C ASN H 540 -17.82 -47.67 -44.31
N PHE H 541 -16.63 -47.76 -44.89
CA PHE H 541 -15.52 -48.48 -44.27
C PHE H 541 -14.38 -47.54 -43.93
N ASN H 542 -13.67 -47.88 -42.85
CA ASN H 542 -12.48 -47.14 -42.40
C ASN H 542 -11.42 -48.19 -42.10
N PHE H 543 -10.53 -48.44 -43.05
CA PHE H 543 -9.49 -49.44 -42.89
C PHE H 543 -8.16 -48.73 -42.65
N ASN H 544 -7.62 -48.88 -41.43
CA ASN H 544 -6.32 -48.31 -41.07
C ASN H 544 -6.28 -46.81 -41.33
N GLY H 545 -7.41 -46.13 -41.12
CA GLY H 545 -7.52 -44.71 -41.38
C GLY H 545 -7.88 -44.36 -42.80
N LEU H 546 -7.96 -45.34 -43.70
CA LEU H 546 -8.40 -45.13 -45.07
C LEU H 546 -9.93 -45.23 -45.09
N THR H 547 -10.59 -44.13 -45.37
CA THR H 547 -12.05 -44.07 -45.37
C THR H 547 -12.58 -44.18 -46.79
N GLY H 548 -13.76 -44.79 -46.92
CA GLY H 548 -14.42 -44.89 -48.20
C GLY H 548 -15.80 -45.48 -48.03
N THR H 549 -16.53 -45.53 -49.14
CA THR H 549 -17.85 -46.14 -49.18
C THR H 549 -17.92 -47.07 -50.39
N GLY H 550 -18.51 -48.24 -50.17
CA GLY H 550 -18.66 -49.20 -51.25
C GLY H 550 -19.03 -50.55 -50.69
N VAL H 551 -19.16 -51.51 -51.61
CA VAL H 551 -19.48 -52.88 -51.24
C VAL H 551 -18.21 -53.71 -51.27
N LEU H 552 -17.98 -54.47 -50.20
CA LEU H 552 -16.82 -55.33 -50.10
C LEU H 552 -17.16 -56.72 -50.60
N THR H 553 -16.19 -57.36 -51.25
CA THR H 553 -16.38 -58.71 -51.75
C THR H 553 -15.06 -59.45 -51.76
N GLU H 554 -15.15 -60.77 -51.78
CA GLU H 554 -13.95 -61.61 -51.81
C GLU H 554 -13.20 -61.40 -53.11
N SER H 555 -11.87 -61.38 -53.03
CA SER H 555 -11.01 -61.12 -54.17
C SER H 555 -10.01 -62.27 -54.32
N ASN H 556 -9.70 -62.61 -55.57
CA ASN H 556 -8.73 -63.64 -55.85
C ASN H 556 -7.34 -63.09 -56.14
N LYS H 557 -7.18 -61.78 -56.23
CA LYS H 557 -5.87 -61.19 -56.44
C LYS H 557 -5.00 -61.39 -55.20
N LYS H 558 -3.71 -61.60 -55.44
CA LYS H 558 -2.76 -61.89 -54.38
C LYS H 558 -1.87 -60.67 -54.14
N PHE H 559 -1.85 -60.20 -52.91
CA PHE H 559 -1.00 -59.08 -52.50
C PHE H 559 0.28 -59.61 -51.89
N LEU H 560 1.33 -58.79 -51.96
CA LEU H 560 2.56 -59.14 -51.27
C LEU H 560 2.34 -58.97 -49.77
N PRO H 561 3.13 -59.65 -48.94
CA PRO H 561 2.85 -59.63 -47.50
C PRO H 561 2.87 -58.23 -46.90
N PHE H 562 3.87 -57.43 -47.23
CA PHE H 562 4.01 -56.10 -46.64
C PHE H 562 3.00 -55.11 -47.20
N GLN H 563 2.20 -55.51 -48.18
CA GLN H 563 1.42 -54.61 -49.00
C GLN H 563 -0.02 -54.61 -48.52
N GLN H 564 -0.57 -53.42 -48.23
CA GLN H 564 -1.87 -53.35 -47.56
C GLN H 564 -3.03 -53.22 -48.55
N PHE H 565 -3.05 -52.15 -49.34
CA PHE H 565 -4.17 -51.93 -50.25
C PHE H 565 -3.65 -51.70 -51.66
N GLY H 566 -4.57 -51.58 -52.60
CA GLY H 566 -4.21 -51.49 -54.00
C GLY H 566 -4.97 -50.38 -54.71
N ARG H 567 -4.37 -49.90 -55.79
CA ARG H 567 -4.94 -48.85 -56.62
C ARG H 567 -4.89 -49.27 -58.07
N ASP H 568 -5.95 -48.95 -58.81
CA ASP H 568 -6.00 -49.19 -60.24
C ASP H 568 -5.38 -48.01 -60.97
N ILE H 569 -5.56 -47.94 -62.29
CA ILE H 569 -5.13 -46.78 -63.03
C ILE H 569 -5.93 -45.58 -62.53
N ALA H 570 -5.30 -44.41 -62.57
CA ALA H 570 -5.85 -43.13 -62.12
C ALA H 570 -5.90 -43.02 -60.59
N ASP H 571 -5.22 -43.93 -59.88
CA ASP H 571 -5.07 -43.87 -58.43
C ASP H 571 -6.43 -43.90 -57.72
N THR H 572 -7.18 -44.96 -57.98
CA THR H 572 -8.42 -45.22 -57.29
C THR H 572 -8.34 -46.56 -56.58
N THR H 573 -8.79 -46.58 -55.32
CA THR H 573 -8.68 -47.78 -54.51
C THR H 573 -9.53 -48.90 -55.08
N ASP H 574 -8.97 -50.10 -55.14
CA ASP H 574 -9.67 -51.26 -55.69
C ASP H 574 -9.76 -52.42 -54.72
N ALA H 575 -8.76 -52.61 -53.87
CA ALA H 575 -8.77 -53.70 -52.91
C ALA H 575 -8.01 -53.26 -51.67
N VAL H 576 -8.38 -53.83 -50.53
CA VAL H 576 -7.72 -53.55 -49.26
C VAL H 576 -7.56 -54.86 -48.51
N ARG H 577 -6.52 -54.93 -47.69
CA ARG H 577 -6.28 -56.07 -46.82
C ARG H 577 -6.88 -55.77 -45.45
N ASP H 578 -7.72 -56.67 -44.95
CA ASP H 578 -8.34 -56.46 -43.65
C ASP H 578 -7.28 -56.67 -42.57
N PRO H 579 -7.11 -55.73 -41.65
CA PRO H 579 -6.01 -55.85 -40.68
C PRO H 579 -6.13 -57.05 -39.76
N GLN H 580 -7.33 -57.33 -39.24
CA GLN H 580 -7.49 -58.40 -38.27
C GLN H 580 -7.17 -59.77 -38.87
N THR H 581 -7.67 -60.06 -40.06
CA THR H 581 -7.50 -61.38 -40.64
C THR H 581 -6.48 -61.44 -41.76
N LEU H 582 -5.78 -60.34 -42.03
CA LEU H 582 -4.82 -60.24 -43.12
C LEU H 582 -5.39 -60.88 -44.40
N GLU H 583 -6.55 -60.36 -44.80
CA GLU H 583 -7.31 -60.95 -45.90
C GLU H 583 -7.60 -59.88 -46.94
N ILE H 584 -7.56 -60.27 -48.21
CA ILE H 584 -7.69 -59.34 -49.31
C ILE H 584 -9.16 -59.25 -49.72
N LEU H 585 -9.69 -58.03 -49.75
CA LEU H 585 -11.09 -57.79 -50.09
C LEU H 585 -11.15 -56.84 -51.28
N ASP H 586 -11.96 -57.19 -52.27
CA ASP H 586 -12.16 -56.33 -53.42
C ASP H 586 -13.19 -55.27 -53.08
N ILE H 587 -12.94 -54.04 -53.53
CA ILE H 587 -13.84 -52.92 -53.28
C ILE H 587 -14.38 -52.40 -54.59
N THR H 588 -15.71 -52.36 -54.71
CA THR H 588 -16.39 -51.76 -55.83
C THR H 588 -17.45 -50.82 -55.28
N PRO H 589 -17.58 -49.60 -55.83
CA PRO H 589 -18.63 -48.72 -55.33
C PRO H 589 -20.00 -49.31 -55.64
N CYS H 590 -20.94 -49.13 -54.71
CA CYS H 590 -22.27 -49.68 -54.92
C CYS H 590 -22.93 -48.98 -56.11
N SER H 591 -23.95 -49.65 -56.66
CA SER H 591 -24.56 -49.19 -57.91
C SER H 591 -25.12 -47.78 -57.82
N PHE H 592 -24.69 -46.93 -58.74
CA PHE H 592 -25.18 -45.57 -58.91
C PHE H 592 -25.45 -45.36 -60.39
N GLY H 593 -26.32 -44.40 -60.70
CA GLY H 593 -26.57 -44.09 -62.09
C GLY H 593 -27.69 -43.08 -62.24
N GLY H 594 -28.15 -42.97 -63.48
CA GLY H 594 -29.22 -42.06 -63.84
C GLY H 594 -30.54 -42.79 -63.99
N VAL H 595 -31.63 -42.06 -63.75
CA VAL H 595 -32.98 -42.57 -63.96
C VAL H 595 -33.63 -41.78 -65.08
N SER H 596 -34.14 -42.49 -66.08
CA SER H 596 -34.78 -41.87 -67.23
C SER H 596 -36.23 -42.30 -67.28
N VAL H 597 -37.10 -41.39 -67.67
CA VAL H 597 -38.53 -41.66 -67.78
C VAL H 597 -38.88 -41.73 -69.25
N ILE H 598 -39.46 -42.85 -69.66
CA ILE H 598 -39.91 -43.04 -71.04
C ILE H 598 -41.42 -42.81 -71.06
N THR H 599 -41.85 -41.85 -71.87
CA THR H 599 -43.27 -41.53 -71.93
C THR H 599 -43.72 -41.44 -73.38
N PRO H 600 -44.95 -41.87 -73.68
CA PRO H 600 -45.52 -41.67 -75.00
C PRO H 600 -46.18 -40.31 -75.19
N GLY H 601 -46.06 -39.41 -74.22
CA GLY H 601 -46.66 -38.10 -74.30
C GLY H 601 -47.94 -38.01 -73.49
N THR H 602 -48.06 -36.94 -72.69
CA THR H 602 -49.30 -36.75 -71.92
C THR H 602 -50.50 -36.58 -72.84
N ASN H 603 -50.28 -36.07 -74.05
CA ASN H 603 -51.37 -35.95 -75.01
C ASN H 603 -51.96 -37.30 -75.37
N THR H 604 -51.16 -38.36 -75.30
CA THR H 604 -51.59 -39.70 -75.67
C THR H 604 -52.01 -40.54 -74.47
N SER H 605 -51.16 -40.64 -73.45
CA SER H 605 -51.45 -41.49 -72.31
C SER H 605 -50.79 -40.91 -71.06
N ASN H 606 -51.08 -41.54 -69.93
CA ASN H 606 -50.52 -41.13 -68.65
C ASN H 606 -49.47 -42.09 -68.12
N GLN H 607 -49.37 -43.29 -68.68
CA GLN H 607 -48.42 -44.28 -68.18
C GLN H 607 -47.00 -43.90 -68.58
N VAL H 608 -46.03 -44.26 -67.73
CA VAL H 608 -44.62 -44.03 -68.00
C VAL H 608 -43.84 -45.29 -67.65
N ALA H 609 -42.63 -45.37 -68.19
CA ALA H 609 -41.69 -46.42 -67.86
C ALA H 609 -40.44 -45.79 -67.29
N VAL H 610 -39.74 -46.53 -66.43
CA VAL H 610 -38.54 -46.02 -65.77
C VAL H 610 -37.36 -46.91 -66.17
N LEU H 611 -36.30 -46.26 -66.66
CA LEU H 611 -35.05 -46.93 -66.99
C LEU H 611 -33.98 -46.50 -66.00
N TYR H 612 -33.39 -47.46 -65.30
CA TYR H 612 -32.27 -47.20 -64.42
C TYR H 612 -31.00 -47.53 -65.20
N GLN H 613 -30.21 -46.51 -65.53
CA GLN H 613 -29.06 -46.71 -66.40
C GLN H 613 -27.90 -47.29 -65.61
N ASP H 614 -27.26 -48.30 -66.18
CA ASP H 614 -26.06 -48.91 -65.60
C ASP H 614 -26.29 -49.31 -64.15
N VAL H 615 -27.51 -49.76 -63.86
CA VAL H 615 -27.86 -50.26 -62.54
C VAL H 615 -28.35 -51.68 -62.77
N ASN H 616 -27.80 -52.61 -62.01
CA ASN H 616 -28.23 -54.00 -62.15
C ASN H 616 -29.70 -54.10 -61.75
N CYS H 617 -30.09 -53.34 -60.71
CA CYS H 617 -31.44 -53.11 -60.20
C CYS H 617 -32.09 -54.29 -59.49
N THR H 618 -31.32 -55.33 -59.12
CA THR H 618 -31.89 -56.38 -58.29
C THR H 618 -32.31 -55.79 -56.95
N GLU H 619 -31.50 -54.87 -56.42
CA GLU H 619 -31.82 -54.20 -55.16
C GLU H 619 -33.10 -53.38 -55.28
N VAL H 620 -33.30 -52.71 -56.42
CA VAL H 620 -34.45 -51.83 -56.61
C VAL H 620 -35.76 -52.60 -56.54
N ASN H 641 -43.28 -56.79 -64.17
CA ASN H 641 -42.77 -56.50 -65.50
C ASN H 641 -41.44 -55.75 -65.44
N VAL H 642 -40.38 -56.47 -65.07
CA VAL H 642 -39.03 -55.92 -65.02
C VAL H 642 -38.21 -56.58 -66.11
N PHE H 643 -37.58 -55.76 -66.95
CA PHE H 643 -36.79 -56.23 -68.08
C PHE H 643 -35.37 -55.72 -67.94
N GLN H 644 -34.39 -56.59 -68.13
CA GLN H 644 -32.98 -56.24 -68.01
C GLN H 644 -32.38 -56.07 -69.40
N THR H 645 -31.74 -54.93 -69.62
CA THR H 645 -31.10 -54.61 -70.89
C THR H 645 -29.65 -54.23 -70.65
N ARG H 646 -28.88 -54.12 -71.74
CA ARG H 646 -27.50 -53.68 -71.61
C ARG H 646 -27.40 -52.25 -71.13
N ALA H 647 -28.45 -51.45 -71.31
CA ALA H 647 -28.47 -50.05 -70.88
C ALA H 647 -28.95 -49.89 -69.45
N GLY H 648 -29.28 -50.99 -68.77
CA GLY H 648 -29.86 -50.95 -67.45
C GLY H 648 -31.05 -51.88 -67.36
N CYS H 649 -32.10 -51.49 -66.63
CA CYS H 649 -33.31 -52.30 -66.62
C CYS H 649 -34.53 -51.39 -66.72
N LEU H 650 -35.60 -51.95 -67.27
CA LEU H 650 -36.84 -51.24 -67.49
C LEU H 650 -37.90 -51.72 -66.51
N ILE H 651 -38.58 -50.77 -65.88
CA ILE H 651 -39.72 -51.05 -65.00
C ILE H 651 -40.93 -50.32 -65.56
N GLY H 652 -42.01 -51.06 -65.76
CA GLY H 652 -43.23 -50.52 -66.31
C GLY H 652 -43.46 -50.83 -67.78
N ALA H 653 -42.47 -51.40 -68.46
CA ALA H 653 -42.58 -51.80 -69.84
C ALA H 653 -42.35 -53.30 -69.95
N GLU H 654 -43.15 -53.97 -70.75
CA GLU H 654 -43.04 -55.42 -70.93
C GLU H 654 -42.36 -55.73 -72.25
N HIS H 655 -41.45 -56.70 -72.22
CA HIS H 655 -40.68 -57.06 -73.39
C HIS H 655 -41.50 -57.92 -74.35
N VAL H 656 -41.37 -57.64 -75.64
CA VAL H 656 -42.07 -58.41 -76.67
C VAL H 656 -41.04 -58.93 -77.67
N ASN H 657 -41.37 -60.05 -78.31
CA ASN H 657 -40.45 -60.67 -79.26
C ASN H 657 -40.50 -60.02 -80.63
N ASN H 658 -41.60 -59.36 -80.98
CA ASN H 658 -41.74 -58.77 -82.30
C ASN H 658 -40.81 -57.57 -82.45
N SER H 659 -40.54 -57.20 -83.71
CA SER H 659 -39.68 -56.09 -84.03
C SER H 659 -40.45 -55.10 -84.90
N TYR H 660 -40.34 -53.82 -84.57
CA TYR H 660 -40.96 -52.75 -85.33
C TYR H 660 -39.97 -51.61 -85.52
N GLU H 661 -40.34 -50.69 -86.39
CA GLU H 661 -39.57 -49.46 -86.57
C GLU H 661 -39.81 -48.69 -85.28
N CYS H 662 -38.87 -48.75 -84.34
CA CYS H 662 -39.22 -48.25 -83.02
C CYS H 662 -39.20 -46.72 -82.97
N ASP H 663 -39.87 -46.18 -81.95
CA ASP H 663 -40.09 -44.76 -81.80
C ASP H 663 -39.21 -44.11 -80.75
N ILE H 664 -39.19 -44.63 -79.52
CA ILE H 664 -38.45 -44.03 -78.42
C ILE H 664 -37.17 -44.84 -78.21
N PRO H 665 -36.01 -44.31 -78.59
CA PRO H 665 -34.77 -45.09 -78.44
C PRO H 665 -34.33 -45.14 -76.98
N ILE H 666 -33.93 -46.33 -76.54
CA ILE H 666 -33.49 -46.56 -75.18
C ILE H 666 -31.98 -46.80 -75.12
N GLY H 667 -31.49 -47.73 -75.92
CA GLY H 667 -30.07 -47.99 -76.00
C GLY H 667 -29.80 -49.47 -76.23
N ALA H 668 -28.59 -49.75 -76.73
CA ALA H 668 -28.13 -51.12 -76.95
C ALA H 668 -29.09 -51.91 -77.84
N GLY H 669 -29.74 -51.23 -78.78
CA GLY H 669 -30.66 -51.88 -79.68
C GLY H 669 -32.04 -52.11 -79.12
N ILE H 670 -32.26 -51.84 -77.84
CA ILE H 670 -33.55 -51.99 -77.20
C ILE H 670 -34.21 -50.62 -77.18
N CYS H 671 -35.50 -50.58 -77.53
CA CYS H 671 -36.24 -49.34 -77.51
C CYS H 671 -37.72 -49.65 -77.35
N ALA H 672 -38.47 -48.64 -76.90
CA ALA H 672 -39.85 -48.83 -76.48
C ALA H 672 -40.81 -48.05 -77.36
N SER H 673 -42.08 -48.44 -77.29
CA SER H 673 -43.15 -47.81 -78.05
C SER H 673 -44.46 -48.08 -77.33
N TYR H 674 -45.55 -47.55 -77.90
CA TYR H 674 -46.88 -47.70 -77.31
C TYR H 674 -47.78 -48.55 -78.19
N SER H 691 -50.37 -49.97 -73.80
CA SER H 691 -49.31 -50.34 -72.88
C SER H 691 -47.93 -50.06 -73.49
N ILE H 692 -46.93 -49.88 -72.64
CA ILE H 692 -45.57 -49.60 -73.09
C ILE H 692 -44.85 -50.92 -73.30
N ILE H 693 -44.35 -51.13 -74.51
CA ILE H 693 -43.69 -52.37 -74.89
C ILE H 693 -42.25 -52.06 -75.29
N ALA H 694 -41.34 -52.94 -74.88
CA ALA H 694 -39.92 -52.81 -75.18
C ALA H 694 -39.50 -53.96 -76.09
N TYR H 695 -38.70 -53.66 -77.11
CA TYR H 695 -38.32 -54.66 -78.08
C TYR H 695 -37.03 -54.23 -78.78
N THR H 696 -36.47 -55.16 -79.54
CA THR H 696 -35.33 -54.86 -80.38
C THR H 696 -35.80 -54.24 -81.69
N MET H 697 -35.23 -53.09 -82.04
CA MET H 697 -35.71 -52.36 -83.20
C MET H 697 -35.46 -53.13 -84.49
N SER H 698 -36.37 -52.97 -85.43
CA SER H 698 -36.26 -53.59 -86.75
C SER H 698 -35.66 -52.57 -87.71
N LEU H 699 -34.65 -52.99 -88.46
CA LEU H 699 -33.96 -52.05 -89.35
C LEU H 699 -34.83 -51.65 -90.54
N GLY H 700 -35.72 -52.53 -90.97
CA GLY H 700 -36.64 -52.18 -92.03
C GLY H 700 -37.17 -53.43 -92.71
N ALA H 701 -37.80 -53.20 -93.86
CA ALA H 701 -38.30 -54.31 -94.66
C ALA H 701 -37.14 -55.21 -95.07
N GLU H 702 -37.35 -56.52 -94.99
CA GLU H 702 -36.29 -57.49 -95.19
C GLU H 702 -36.61 -58.28 -96.47
N ASN H 703 -35.99 -57.87 -97.58
CA ASN H 703 -36.28 -58.45 -98.89
C ASN H 703 -35.00 -58.83 -99.61
N SER H 704 -35.12 -59.79 -100.53
CA SER H 704 -34.00 -60.25 -101.35
C SER H 704 -34.29 -59.99 -102.82
N VAL H 705 -33.37 -59.30 -103.50
CA VAL H 705 -33.54 -59.00 -104.92
C VAL H 705 -33.34 -60.27 -105.76
N ALA H 706 -34.13 -60.40 -106.83
CA ALA H 706 -34.11 -61.57 -107.72
C ALA H 706 -32.96 -61.47 -108.75
N TYR H 707 -31.75 -61.65 -108.25
CA TYR H 707 -30.55 -61.52 -109.07
C TYR H 707 -30.32 -62.78 -109.93
N SER H 708 -30.01 -62.58 -111.21
CA SER H 708 -29.72 -63.65 -112.19
C SER H 708 -28.72 -63.12 -113.21
N ASN H 709 -28.01 -64.00 -113.95
CA ASN H 709 -27.02 -63.41 -114.85
C ASN H 709 -27.68 -62.70 -116.00
N ASN H 710 -28.92 -63.04 -116.28
CA ASN H 710 -29.62 -62.57 -117.47
C ASN H 710 -30.97 -62.02 -117.14
N SER H 711 -31.05 -61.25 -116.05
CA SER H 711 -32.32 -60.71 -115.61
C SER H 711 -32.03 -59.27 -115.22
N ILE H 712 -32.88 -58.36 -115.71
CA ILE H 712 -32.78 -56.96 -115.38
C ILE H 712 -34.18 -56.47 -115.03
N ALA H 713 -34.23 -55.37 -114.30
CA ALA H 713 -35.48 -54.69 -114.00
C ALA H 713 -35.37 -53.28 -114.53
N ILE H 714 -36.29 -52.91 -115.41
CA ILE H 714 -36.31 -51.59 -116.03
C ILE H 714 -37.63 -50.93 -115.68
N PRO H 715 -37.62 -49.68 -115.23
CA PRO H 715 -38.88 -49.00 -114.95
C PRO H 715 -39.62 -48.65 -116.24
N THR H 716 -40.95 -48.69 -116.17
CA THR H 716 -41.79 -48.33 -117.28
C THR H 716 -42.60 -47.07 -117.01
N ASN H 717 -42.38 -46.45 -115.86
CA ASN H 717 -43.12 -45.26 -115.46
C ASN H 717 -42.23 -44.51 -114.47
N PHE H 718 -42.66 -43.31 -114.10
CA PHE H 718 -41.85 -42.46 -113.23
C PHE H 718 -42.76 -41.66 -112.31
N THR H 719 -42.16 -41.17 -111.23
CA THR H 719 -42.85 -40.29 -110.29
C THR H 719 -41.99 -39.06 -110.07
N ILE H 720 -42.61 -37.88 -110.14
CA ILE H 720 -41.92 -36.62 -109.87
C ILE H 720 -42.15 -36.29 -108.39
N SER H 721 -41.11 -36.46 -107.58
CA SER H 721 -41.21 -36.26 -106.15
C SER H 721 -40.62 -34.90 -105.78
N VAL H 722 -41.26 -34.23 -104.82
CA VAL H 722 -40.77 -32.97 -104.28
C VAL H 722 -40.50 -33.19 -102.80
N THR H 723 -39.26 -32.91 -102.39
CA THR H 723 -38.81 -33.14 -101.03
C THR H 723 -38.43 -31.81 -100.39
N THR H 724 -38.68 -31.69 -99.09
CA THR H 724 -38.40 -30.48 -98.34
C THR H 724 -37.15 -30.69 -97.49
N GLU H 725 -36.21 -29.76 -97.56
CA GLU H 725 -35.00 -29.78 -96.75
C GLU H 725 -34.87 -28.45 -96.01
N ILE H 726 -34.69 -28.52 -94.70
CA ILE H 726 -34.57 -27.34 -93.85
C ILE H 726 -33.12 -27.19 -93.45
N LEU H 727 -32.59 -25.97 -93.60
CA LEU H 727 -31.21 -25.71 -93.22
C LEU H 727 -31.10 -24.40 -92.45
N PRO H 728 -30.59 -24.41 -91.23
CA PRO H 728 -30.32 -23.14 -90.54
C PRO H 728 -29.25 -22.36 -91.28
N VAL H 729 -29.39 -21.03 -91.29
CA VAL H 729 -28.46 -20.15 -91.97
C VAL H 729 -27.79 -19.20 -90.99
N SER H 730 -28.56 -18.57 -90.11
CA SER H 730 -28.03 -17.62 -89.16
C SER H 730 -28.81 -17.70 -87.87
N MET H 731 -28.22 -17.17 -86.80
CA MET H 731 -28.90 -17.10 -85.52
C MET H 731 -28.95 -15.65 -85.09
N THR H 732 -29.70 -15.39 -84.02
CA THR H 732 -29.88 -14.01 -83.56
C THR H 732 -28.55 -13.41 -83.13
N LYS H 733 -28.34 -12.14 -83.50
CA LYS H 733 -27.12 -11.44 -83.17
C LYS H 733 -27.28 -10.80 -81.79
N THR H 734 -26.52 -11.29 -80.82
CA THR H 734 -26.61 -10.81 -79.45
C THR H 734 -25.27 -10.23 -79.03
N SER H 735 -25.29 -9.03 -78.46
CA SER H 735 -24.11 -8.40 -77.89
C SER H 735 -24.41 -8.06 -76.44
N VAL H 736 -23.49 -8.40 -75.56
CA VAL H 736 -23.65 -8.22 -74.12
C VAL H 736 -22.60 -7.24 -73.63
N ASP H 737 -23.04 -6.19 -72.95
CA ASP H 737 -22.10 -5.25 -72.35
C ASP H 737 -21.50 -5.95 -71.14
N CYS H 738 -20.21 -6.27 -71.22
CA CYS H 738 -19.58 -7.02 -70.15
C CYS H 738 -19.52 -6.20 -68.86
N THR H 739 -19.13 -4.94 -68.94
CA THR H 739 -18.99 -4.13 -67.73
C THR H 739 -20.32 -3.92 -67.03
N MET H 740 -21.36 -3.54 -67.79
CA MET H 740 -22.63 -3.25 -67.15
C MET H 740 -23.25 -4.52 -66.58
N TYR H 741 -23.11 -5.65 -67.29
CA TYR H 741 -23.66 -6.92 -66.82
C TYR H 741 -22.99 -7.38 -65.54
N ILE H 742 -21.65 -7.29 -65.48
CA ILE H 742 -20.92 -7.80 -64.34
C ILE H 742 -21.18 -6.93 -63.12
N CYS H 743 -21.16 -5.61 -63.29
CA CYS H 743 -21.21 -4.67 -62.18
C CYS H 743 -22.59 -4.04 -62.02
N GLY H 744 -23.14 -3.45 -63.08
CA GLY H 744 -24.39 -2.73 -62.93
C GLY H 744 -24.22 -1.33 -62.39
N ASP H 745 -23.57 -0.48 -63.19
CA ASP H 745 -23.40 0.97 -62.95
C ASP H 745 -23.00 1.29 -61.50
N SER H 746 -21.93 0.64 -61.05
CA SER H 746 -21.32 0.95 -59.76
C SER H 746 -19.84 1.22 -59.99
N THR H 747 -19.40 2.44 -59.64
CA THR H 747 -18.06 2.89 -59.99
C THR H 747 -16.98 2.05 -59.31
N GLU H 748 -17.19 1.71 -58.04
CA GLU H 748 -16.19 0.92 -57.30
C GLU H 748 -16.04 -0.46 -57.90
N CYS H 749 -17.16 -1.09 -58.25
CA CYS H 749 -17.10 -2.39 -58.92
C CYS H 749 -16.36 -2.26 -60.24
N SER H 750 -16.65 -1.20 -60.99
CA SER H 750 -15.93 -0.96 -62.24
C SER H 750 -14.46 -0.73 -61.98
N ASN H 751 -14.13 -0.03 -60.89
CA ASN H 751 -12.74 0.28 -60.58
C ASN H 751 -11.95 -1.00 -60.32
N LEU H 752 -12.52 -1.93 -59.54
CA LEU H 752 -11.82 -3.19 -59.32
C LEU H 752 -11.86 -4.08 -60.57
N LEU H 753 -12.94 -4.03 -61.34
CA LEU H 753 -13.03 -4.83 -62.56
C LEU H 753 -11.96 -4.45 -63.58
N LEU H 754 -11.72 -3.14 -63.75
CA LEU H 754 -10.76 -2.71 -64.77
C LEU H 754 -9.35 -3.18 -64.43
N GLN H 755 -8.99 -3.16 -63.15
CA GLN H 755 -7.70 -3.71 -62.73
C GLN H 755 -7.66 -5.23 -62.88
N TYR H 756 -8.82 -5.88 -63.00
CA TYR H 756 -8.90 -7.32 -63.00
C TYR H 756 -8.68 -7.93 -64.38
N GLY H 757 -8.60 -7.12 -65.43
CA GLY H 757 -8.21 -7.62 -66.73
C GLY H 757 -8.85 -6.85 -67.86
N SER H 758 -8.70 -7.41 -69.06
CA SER H 758 -9.27 -6.89 -70.30
C SER H 758 -10.26 -7.89 -70.89
N PHE H 759 -10.85 -8.70 -70.02
CA PHE H 759 -11.81 -9.71 -70.46
C PHE H 759 -13.01 -9.09 -71.17
N CYS H 760 -13.42 -7.89 -70.75
CA CYS H 760 -14.56 -7.24 -71.39
C CYS H 760 -14.31 -7.00 -72.87
N THR H 761 -13.10 -6.53 -73.22
CA THR H 761 -12.78 -6.30 -74.62
C THR H 761 -12.79 -7.62 -75.39
N GLN H 762 -12.23 -8.68 -74.81
CA GLN H 762 -12.18 -9.96 -75.50
C GLN H 762 -13.58 -10.47 -75.80
N LEU H 763 -14.44 -10.45 -74.78
CA LEU H 763 -15.80 -10.96 -74.97
C LEU H 763 -16.57 -10.10 -75.97
N ASN H 764 -16.39 -8.78 -75.89
CA ASN H 764 -17.12 -7.89 -76.78
C ASN H 764 -16.69 -8.12 -78.22
N ARG H 765 -15.38 -8.26 -78.48
CA ARG H 765 -14.94 -8.52 -79.84
C ARG H 765 -15.40 -9.89 -80.31
N ALA H 766 -15.45 -10.88 -79.42
CA ALA H 766 -15.93 -12.20 -79.81
C ALA H 766 -17.38 -12.14 -80.26
N LEU H 767 -18.22 -11.46 -79.48
CA LEU H 767 -19.63 -11.35 -79.85
C LEU H 767 -19.80 -10.54 -81.12
N THR H 768 -19.02 -9.47 -81.29
CA THR H 768 -19.11 -8.68 -82.51
C THR H 768 -18.72 -9.51 -83.73
N GLY H 769 -17.67 -10.32 -83.59
CA GLY H 769 -17.29 -11.20 -84.69
C GLY H 769 -18.37 -12.22 -85.00
N ILE H 770 -19.02 -12.74 -83.96
CA ILE H 770 -20.12 -13.68 -84.19
C ILE H 770 -21.24 -13.01 -84.97
N ALA H 771 -21.60 -11.78 -84.59
CA ALA H 771 -22.68 -11.09 -85.29
C ALA H 771 -22.32 -10.81 -86.74
N VAL H 772 -21.09 -10.34 -86.97
CA VAL H 772 -20.65 -10.08 -88.34
C VAL H 772 -20.65 -11.36 -89.15
N GLU H 773 -20.27 -12.48 -88.51
CA GLU H 773 -20.27 -13.76 -89.20
C GLU H 773 -21.69 -14.18 -89.55
N GLN H 774 -22.66 -13.90 -88.67
CA GLN H 774 -24.06 -14.21 -89.00
C GLN H 774 -24.51 -13.42 -90.21
N ASP H 775 -24.17 -12.13 -90.25
CA ASP H 775 -24.53 -11.32 -91.41
C ASP H 775 -23.87 -11.86 -92.67
N LYS H 776 -22.60 -12.26 -92.57
CA LYS H 776 -21.90 -12.81 -93.72
C LYS H 776 -22.55 -14.10 -94.17
N ASN H 777 -22.99 -14.94 -93.22
CA ASN H 777 -23.64 -16.19 -93.58
C ASN H 777 -24.91 -15.92 -94.37
N THR H 778 -25.74 -15.00 -93.88
CA THR H 778 -26.99 -14.70 -94.57
C THR H 778 -26.71 -14.14 -95.96
N GLN H 779 -25.76 -13.22 -96.07
CA GLN H 779 -25.45 -12.63 -97.37
C GLN H 779 -24.92 -13.68 -98.33
N GLU H 780 -24.03 -14.55 -97.86
CA GLU H 780 -23.43 -15.57 -98.71
C GLU H 780 -24.47 -16.57 -99.21
N VAL H 781 -25.39 -16.97 -98.35
CA VAL H 781 -26.37 -17.98 -98.75
C VAL H 781 -27.34 -17.43 -99.78
N PHE H 782 -27.85 -16.22 -99.56
CA PHE H 782 -28.93 -15.70 -100.40
C PHE H 782 -28.46 -14.80 -101.54
N ALA H 783 -27.47 -13.94 -101.30
CA ALA H 783 -27.05 -12.97 -102.32
C ALA H 783 -26.12 -13.66 -103.32
N GLN H 784 -26.72 -14.50 -104.15
CA GLN H 784 -26.00 -15.20 -105.21
C GLN H 784 -26.10 -14.50 -106.55
N VAL H 785 -27.27 -13.96 -106.87
CA VAL H 785 -27.50 -13.31 -108.15
C VAL H 785 -27.11 -11.85 -108.06
N LYS H 786 -26.76 -11.26 -109.20
CA LYS H 786 -26.46 -9.84 -109.27
C LYS H 786 -27.63 -9.01 -109.79
N GLN H 787 -28.67 -9.65 -110.31
CA GLN H 787 -29.83 -8.97 -110.86
C GLN H 787 -31.09 -9.55 -110.25
N ILE H 788 -32.05 -8.69 -109.93
CA ILE H 788 -33.32 -9.14 -109.38
C ILE H 788 -34.22 -9.50 -110.56
N TYR H 789 -34.36 -10.80 -110.83
CA TYR H 789 -35.17 -11.25 -111.95
C TYR H 789 -36.65 -11.25 -111.57
N LYS H 790 -37.49 -11.18 -112.59
CA LYS H 790 -38.94 -11.17 -112.42
C LYS H 790 -39.60 -12.16 -113.35
N THR H 791 -40.62 -12.82 -112.85
CA THR H 791 -41.41 -13.69 -113.70
C THR H 791 -42.33 -12.85 -114.57
N PRO H 792 -42.62 -13.28 -115.80
CA PRO H 792 -43.50 -12.50 -116.67
C PRO H 792 -44.93 -12.54 -116.15
N PRO H 793 -45.75 -11.54 -116.49
CA PRO H 793 -47.15 -11.55 -116.05
C PRO H 793 -47.93 -12.74 -116.57
N ILE H 794 -47.61 -13.24 -117.76
CA ILE H 794 -48.29 -14.39 -118.35
C ILE H 794 -47.60 -15.65 -117.85
N LYS H 795 -48.29 -16.42 -117.00
CA LYS H 795 -47.73 -17.63 -116.40
C LYS H 795 -48.17 -18.84 -117.21
N ASP H 796 -47.44 -19.08 -118.30
CA ASP H 796 -47.71 -20.21 -119.18
C ASP H 796 -46.51 -21.16 -119.21
N PHE H 797 -45.98 -21.50 -118.04
CA PHE H 797 -44.77 -22.31 -117.95
C PHE H 797 -45.11 -23.78 -118.14
N GLY H 798 -45.60 -24.10 -119.35
CA GLY H 798 -45.83 -25.51 -119.61
C GLY H 798 -47.03 -26.08 -118.88
N GLY H 799 -47.83 -25.23 -118.27
CA GLY H 799 -48.95 -25.67 -117.46
C GLY H 799 -48.58 -26.04 -116.04
N PHE H 800 -47.30 -25.93 -115.69
CA PHE H 800 -46.86 -26.18 -114.33
C PHE H 800 -47.31 -25.03 -113.45
N ASN H 801 -47.64 -25.33 -112.19
CA ASN H 801 -48.15 -24.32 -111.27
C ASN H 801 -47.05 -23.94 -110.29
N PHE H 802 -46.76 -22.65 -110.22
CA PHE H 802 -45.74 -22.13 -109.31
C PHE H 802 -46.30 -21.07 -108.38
N SER H 803 -47.63 -20.91 -108.35
CA SER H 803 -48.24 -19.86 -107.55
C SER H 803 -47.87 -19.98 -106.08
N GLN H 804 -47.83 -21.22 -105.57
CA GLN H 804 -47.53 -21.41 -104.15
C GLN H 804 -46.14 -20.93 -103.79
N ILE H 805 -45.18 -21.02 -104.72
CA ILE H 805 -43.80 -20.64 -104.46
C ILE H 805 -43.45 -19.26 -105.03
N LEU H 806 -44.41 -18.59 -105.67
CA LEU H 806 -44.16 -17.30 -106.30
C LEU H 806 -44.85 -16.18 -105.54
N PRO H 807 -44.17 -15.06 -105.33
CA PRO H 807 -44.78 -13.93 -104.62
C PRO H 807 -46.15 -13.58 -105.17
N ASP H 808 -47.10 -13.35 -104.26
CA ASP H 808 -48.48 -13.08 -104.63
C ASP H 808 -48.78 -11.59 -104.62
N PRO H 809 -49.74 -11.14 -105.44
CA PRO H 809 -50.12 -9.72 -105.43
C PRO H 809 -50.77 -9.27 -104.13
N SER H 810 -51.18 -10.19 -103.26
CA SER H 810 -51.88 -9.83 -102.03
C SER H 810 -51.02 -9.00 -101.08
N LYS H 811 -49.70 -8.97 -101.29
CA LYS H 811 -48.77 -8.15 -100.52
C LYS H 811 -48.72 -8.53 -99.04
N PRO H 812 -48.55 -9.82 -98.69
CA PRO H 812 -48.26 -10.13 -97.28
C PRO H 812 -46.75 -10.16 -97.08
N SER H 813 -46.13 -8.98 -97.10
CA SER H 813 -44.67 -8.84 -97.01
C SER H 813 -44.00 -9.49 -98.22
N LYS H 814 -44.70 -9.47 -99.36
CA LYS H 814 -44.22 -10.02 -100.63
C LYS H 814 -43.87 -11.50 -100.51
N ARG H 815 -44.64 -12.25 -99.72
CA ARG H 815 -44.34 -13.65 -99.46
C ARG H 815 -45.41 -14.59 -100.00
N SER H 816 -44.99 -15.73 -100.51
CA SER H 816 -45.80 -16.83 -101.03
C SER H 816 -46.37 -17.66 -99.88
N PHE H 817 -47.21 -18.66 -100.18
CA PHE H 817 -47.71 -19.52 -99.11
C PHE H 817 -46.59 -20.25 -98.38
N ILE H 818 -45.65 -20.83 -99.12
CA ILE H 818 -44.67 -21.64 -98.43
C ILE H 818 -43.86 -20.77 -97.50
N GLU H 819 -43.46 -19.59 -97.97
CA GLU H 819 -42.75 -18.67 -97.08
C GLU H 819 -43.66 -18.19 -95.95
N ASP H 820 -44.92 -17.89 -96.28
CA ASP H 820 -45.88 -17.49 -95.25
C ASP H 820 -46.17 -18.62 -94.28
N LEU H 821 -46.33 -19.85 -94.79
CA LEU H 821 -46.58 -20.98 -93.91
C LEU H 821 -45.41 -21.19 -92.97
N LEU H 822 -44.18 -21.12 -93.49
CA LEU H 822 -43.02 -21.34 -92.64
C LEU H 822 -42.89 -20.24 -91.60
N PHE H 823 -43.10 -18.99 -91.99
CA PHE H 823 -42.97 -17.88 -91.05
C PHE H 823 -44.02 -17.99 -89.95
N ASN H 824 -45.26 -18.34 -90.32
CA ASN H 824 -46.30 -18.55 -89.31
C ASN H 824 -46.00 -19.76 -88.45
N LYS H 825 -45.44 -20.81 -89.05
CA LYS H 825 -45.20 -22.05 -88.32
C LYS H 825 -44.21 -21.84 -87.18
N VAL H 826 -43.16 -21.06 -87.42
CA VAL H 826 -42.14 -20.81 -86.40
C VAL H 826 -42.58 -19.64 -85.54
N THR H 827 -42.66 -19.86 -84.24
CA THR H 827 -43.04 -18.84 -83.28
C THR H 827 -41.88 -18.59 -82.33
N LEU H 828 -41.59 -17.32 -82.08
CA LEU H 828 -40.48 -16.95 -81.21
C LEU H 828 -40.87 -17.07 -79.74
N PHE H 855 -31.79 -7.37 -70.65
CA PHE H 855 -32.20 -6.03 -70.25
C PHE H 855 -31.29 -5.50 -69.16
N ASN H 856 -30.21 -6.22 -68.89
CA ASN H 856 -29.19 -5.82 -67.94
C ASN H 856 -27.81 -5.89 -68.57
N GLY H 857 -27.70 -5.31 -69.76
CA GLY H 857 -26.45 -5.28 -70.51
C GLY H 857 -26.47 -6.09 -71.78
N LEU H 858 -27.47 -6.94 -71.99
CA LEU H 858 -27.61 -7.71 -73.21
C LEU H 858 -28.57 -7.01 -74.16
N THR H 859 -28.25 -7.04 -75.45
CA THR H 859 -29.09 -6.47 -76.48
C THR H 859 -29.01 -7.33 -77.72
N VAL H 860 -30.02 -7.20 -78.57
CA VAL H 860 -30.12 -7.97 -79.81
C VAL H 860 -30.01 -7.03 -80.99
N LEU H 861 -28.99 -7.22 -81.82
CA LEU H 861 -28.82 -6.39 -82.99
C LEU H 861 -29.68 -6.93 -84.14
N PRO H 862 -30.38 -6.06 -84.86
CA PRO H 862 -31.21 -6.53 -85.96
C PRO H 862 -30.34 -7.04 -87.10
N PRO H 863 -30.83 -8.01 -87.87
CA PRO H 863 -30.06 -8.49 -89.02
C PRO H 863 -29.95 -7.41 -90.09
N LEU H 864 -28.85 -7.46 -90.84
CA LEU H 864 -28.65 -6.48 -91.90
C LEU H 864 -29.72 -6.61 -92.98
N LEU H 865 -30.06 -7.83 -93.35
CA LEU H 865 -31.05 -8.10 -94.39
C LEU H 865 -32.39 -8.39 -93.73
N THR H 866 -33.41 -7.63 -94.09
CA THR H 866 -34.75 -7.86 -93.56
C THR H 866 -35.40 -9.07 -94.23
N ASP H 867 -36.49 -9.55 -93.62
CA ASP H 867 -37.22 -10.67 -94.19
C ASP H 867 -37.75 -10.34 -95.57
N GLU H 868 -38.17 -9.09 -95.79
CA GLU H 868 -38.66 -8.69 -97.11
C GLU H 868 -37.57 -8.81 -98.16
N MET H 869 -36.36 -8.37 -97.82
CA MET H 869 -35.25 -8.42 -98.75
C MET H 869 -34.80 -9.85 -99.03
N ILE H 870 -34.83 -10.70 -98.01
CA ILE H 870 -34.51 -12.11 -98.22
C ILE H 870 -35.55 -12.75 -99.12
N ALA H 871 -36.82 -12.40 -98.91
CA ALA H 871 -37.88 -12.91 -99.78
C ALA H 871 -37.69 -12.43 -101.20
N GLN H 872 -37.27 -11.17 -101.38
CA GLN H 872 -37.01 -10.66 -102.72
C GLN H 872 -35.87 -11.41 -103.38
N TYR H 873 -34.80 -11.70 -102.62
CA TYR H 873 -33.71 -12.49 -103.16
C TYR H 873 -34.19 -13.87 -103.59
N THR H 874 -35.01 -14.50 -102.77
CA THR H 874 -35.54 -15.82 -103.10
C THR H 874 -36.41 -15.77 -104.35
N SER H 875 -37.24 -14.74 -104.45
CA SER H 875 -38.08 -14.58 -105.64
C SER H 875 -37.23 -14.38 -106.88
N ALA H 876 -36.16 -13.59 -106.77
CA ALA H 876 -35.27 -13.38 -107.91
C ALA H 876 -34.64 -14.70 -108.33
N LEU H 877 -34.18 -15.49 -107.37
CA LEU H 877 -33.55 -16.77 -107.70
C LEU H 877 -34.54 -17.69 -108.37
N LEU H 878 -35.77 -17.76 -107.85
CA LEU H 878 -36.75 -18.69 -108.40
C LEU H 878 -37.18 -18.25 -109.79
N ALA H 879 -37.41 -16.96 -109.98
CA ALA H 879 -37.80 -16.46 -111.29
C ALA H 879 -36.70 -16.70 -112.31
N GLY H 880 -35.44 -16.48 -111.91
CA GLY H 880 -34.34 -16.77 -112.82
C GLY H 880 -34.29 -18.23 -113.18
N THR H 881 -34.53 -19.11 -112.20
CA THR H 881 -34.46 -20.55 -112.46
C THR H 881 -35.52 -20.97 -113.45
N ILE H 882 -36.77 -20.53 -113.24
CA ILE H 882 -37.85 -20.97 -114.12
C ILE H 882 -37.71 -20.35 -115.51
N THR H 883 -37.43 -19.05 -115.59
CA THR H 883 -37.33 -18.39 -116.88
C THR H 883 -36.07 -18.77 -117.63
N SER H 884 -34.91 -18.82 -116.96
CA SER H 884 -33.64 -18.99 -117.64
C SER H 884 -32.92 -20.30 -117.33
N GLY H 885 -33.54 -21.22 -116.61
CA GLY H 885 -32.84 -22.44 -116.23
C GLY H 885 -31.60 -22.14 -115.41
N TRP H 886 -30.48 -22.76 -115.78
CA TRP H 886 -29.24 -22.59 -115.02
C TRP H 886 -28.34 -21.52 -115.61
N THR H 887 -28.73 -20.90 -116.73
CA THR H 887 -27.86 -19.94 -117.40
C THR H 887 -27.59 -18.73 -116.53
N PHE H 888 -28.58 -18.28 -115.76
CA PHE H 888 -28.40 -17.06 -114.97
C PHE H 888 -27.30 -17.21 -113.92
N GLY H 889 -26.99 -18.44 -113.51
CA GLY H 889 -25.96 -18.66 -112.51
C GLY H 889 -24.56 -18.79 -113.07
N ALA H 890 -24.43 -18.86 -114.40
CA ALA H 890 -23.13 -18.98 -115.05
C ALA H 890 -22.86 -17.82 -116.01
N GLY H 891 -23.61 -16.74 -115.90
CA GLY H 891 -23.41 -15.58 -116.74
C GLY H 891 -24.74 -14.89 -117.02
N ALA H 892 -24.85 -14.33 -118.23
CA ALA H 892 -26.07 -13.65 -118.62
C ALA H 892 -27.24 -14.63 -118.65
N ALA H 893 -28.39 -14.18 -118.14
CA ALA H 893 -29.58 -15.02 -118.15
C ALA H 893 -30.04 -15.21 -119.58
N LEU H 894 -30.36 -16.45 -119.93
CA LEU H 894 -30.85 -16.78 -121.27
C LEU H 894 -32.24 -17.39 -121.15
N GLN H 895 -33.21 -16.75 -121.79
CA GLN H 895 -34.58 -17.20 -121.71
C GLN H 895 -34.70 -18.58 -122.35
N ILE H 896 -35.56 -19.43 -121.79
CA ILE H 896 -35.80 -20.75 -122.36
C ILE H 896 -37.21 -21.23 -122.00
N PRO H 897 -37.94 -21.84 -122.94
CA PRO H 897 -39.24 -22.41 -122.58
C PRO H 897 -39.08 -23.46 -121.50
N PHE H 898 -40.00 -23.45 -120.54
CA PHE H 898 -39.87 -24.34 -119.39
C PHE H 898 -39.82 -25.80 -119.82
N PRO H 899 -40.62 -26.16 -120.82
CA PRO H 899 -40.60 -27.54 -121.31
C PRO H 899 -39.21 -27.92 -121.81
N MET H 900 -38.55 -27.03 -122.55
CA MET H 900 -37.18 -27.32 -122.99
C MET H 900 -36.24 -27.46 -121.81
N GLN H 901 -36.40 -26.61 -120.79
CA GLN H 901 -35.55 -26.73 -119.62
C GLN H 901 -35.75 -28.07 -118.92
N MET H 902 -37.02 -28.50 -118.82
CA MET H 902 -37.32 -29.78 -118.20
C MET H 902 -36.71 -30.92 -119.01
N ALA H 903 -36.71 -30.77 -120.34
CA ALA H 903 -36.16 -31.83 -121.19
C ALA H 903 -34.66 -31.87 -121.09
N TYR H 904 -34.03 -30.70 -120.97
CA TYR H 904 -32.58 -30.65 -120.75
C TYR H 904 -32.23 -31.34 -119.45
N ARG H 905 -33.03 -31.11 -118.41
CA ARG H 905 -32.76 -31.76 -117.13
C ARG H 905 -32.96 -33.27 -117.22
N PHE H 906 -33.95 -33.73 -117.97
CA PHE H 906 -34.07 -35.18 -118.19
C PHE H 906 -32.85 -35.72 -118.93
N ASN H 907 -32.36 -34.98 -119.93
CA ASN H 907 -31.15 -35.41 -120.61
C ASN H 907 -29.99 -35.49 -119.62
N GLY H 908 -29.96 -34.58 -118.66
CA GLY H 908 -28.91 -34.63 -117.64
C GLY H 908 -28.96 -35.89 -116.79
N ILE H 909 -30.16 -36.37 -116.47
CA ILE H 909 -30.30 -37.58 -115.66
C ILE H 909 -30.34 -38.81 -116.53
N GLY H 910 -30.13 -38.65 -117.83
CA GLY H 910 -30.02 -39.80 -118.71
C GLY H 910 -31.30 -40.28 -119.35
N VAL H 911 -32.36 -39.46 -119.36
CA VAL H 911 -33.61 -39.80 -120.01
C VAL H 911 -33.78 -38.87 -121.21
N THR H 912 -34.17 -39.45 -122.35
CA THR H 912 -34.28 -38.68 -123.58
C THR H 912 -35.44 -37.68 -123.48
N GLN H 913 -35.36 -36.64 -124.31
CA GLN H 913 -36.35 -35.57 -124.28
C GLN H 913 -37.74 -36.06 -124.66
N ASN H 914 -37.81 -37.14 -125.44
CA ASN H 914 -39.10 -37.64 -125.88
C ASN H 914 -40.01 -38.01 -124.73
N VAL H 915 -39.44 -38.51 -123.63
CA VAL H 915 -40.26 -38.93 -122.50
C VAL H 915 -41.02 -37.74 -121.93
N LEU H 916 -40.34 -36.61 -121.74
CA LEU H 916 -41.02 -35.42 -121.26
C LEU H 916 -42.02 -34.90 -122.29
N TYR H 917 -41.61 -34.83 -123.55
CA TYR H 917 -42.48 -34.23 -124.55
C TYR H 917 -43.71 -35.08 -124.81
N GLU H 918 -43.67 -36.36 -124.46
CA GLU H 918 -44.82 -37.23 -124.63
C GLU H 918 -45.63 -37.41 -123.35
N ASN H 919 -45.04 -37.12 -122.19
CA ASN H 919 -45.75 -37.22 -120.91
C ASN H 919 -45.81 -35.89 -120.18
N GLN H 920 -45.84 -34.78 -120.94
CA GLN H 920 -45.80 -33.46 -120.33
C GLN H 920 -47.01 -33.22 -119.43
N LYS H 921 -48.21 -33.64 -119.85
CA LYS H 921 -49.38 -33.46 -119.00
C LYS H 921 -49.24 -34.25 -117.71
N LEU H 922 -48.79 -35.50 -117.80
CA LEU H 922 -48.63 -36.31 -116.60
C LEU H 922 -47.59 -35.71 -115.67
N ILE H 923 -46.48 -35.22 -116.24
CA ILE H 923 -45.41 -34.65 -115.42
C ILE H 923 -45.87 -33.37 -114.73
N ALA H 924 -46.58 -32.51 -115.48
CA ALA H 924 -47.08 -31.28 -114.87
C ALA H 924 -48.08 -31.59 -113.76
N ASN H 925 -48.97 -32.56 -113.99
CA ASN H 925 -49.94 -32.92 -112.97
C ASN H 925 -49.24 -33.47 -111.74
N GLN H 926 -48.24 -34.32 -111.93
CA GLN H 926 -47.51 -34.88 -110.80
C GLN H 926 -46.78 -33.79 -110.03
N PHE H 927 -46.17 -32.84 -110.74
CA PHE H 927 -45.46 -31.76 -110.06
C PHE H 927 -46.42 -30.91 -109.24
N ASN H 928 -47.57 -30.56 -109.83
CA ASN H 928 -48.55 -29.76 -109.10
C ASN H 928 -49.07 -30.51 -107.89
N SER H 929 -49.33 -31.82 -108.04
CA SER H 929 -49.81 -32.61 -106.93
C SER H 929 -48.76 -32.67 -105.83
N ALA H 930 -47.49 -32.82 -106.19
CA ALA H 930 -46.43 -32.85 -105.19
C ALA H 930 -46.32 -31.54 -104.45
N ILE H 931 -46.45 -30.42 -105.17
CA ILE H 931 -46.42 -29.12 -104.50
C ILE H 931 -47.59 -28.99 -103.54
N GLY H 932 -48.77 -29.43 -103.97
CA GLY H 932 -49.92 -29.41 -103.07
C GLY H 932 -49.72 -30.28 -101.85
N LYS H 933 -49.09 -31.43 -102.02
CA LYS H 933 -48.80 -32.32 -100.90
C LYS H 933 -47.83 -31.65 -99.93
N ILE H 934 -46.82 -30.95 -100.45
CA ILE H 934 -45.90 -30.23 -99.58
C ILE H 934 -46.65 -29.15 -98.80
N GLN H 935 -47.55 -28.45 -99.46
CA GLN H 935 -48.33 -27.41 -98.79
C GLN H 935 -49.19 -28.02 -97.70
N ASP H 936 -49.83 -29.16 -97.98
CA ASP H 936 -50.65 -29.84 -96.98
C ASP H 936 -49.80 -30.28 -95.79
N SER H 937 -48.61 -30.83 -96.05
CA SER H 937 -47.75 -31.28 -94.97
C SER H 937 -47.33 -30.11 -94.09
N LEU H 938 -46.98 -28.98 -94.71
CA LEU H 938 -46.61 -27.80 -93.94
C LEU H 938 -47.79 -27.28 -93.12
N SER H 939 -48.99 -27.29 -93.71
CA SER H 939 -50.15 -26.75 -93.02
C SER H 939 -50.55 -27.61 -91.83
N SER H 940 -50.57 -28.94 -92.01
CA SER H 940 -51.10 -29.83 -90.97
C SER H 940 -49.99 -30.44 -90.12
N THR H 941 -49.02 -31.10 -90.74
CA THR H 941 -47.99 -31.80 -89.98
C THR H 941 -47.08 -30.81 -89.26
N PRO H 942 -46.84 -31.05 -87.98
CA PRO H 942 -45.98 -30.21 -87.18
C PRO H 942 -44.60 -30.84 -87.06
N SER H 943 -43.72 -30.14 -86.35
CA SER H 943 -42.35 -30.62 -86.08
C SER H 943 -41.54 -30.79 -87.37
N PRO H 944 -41.90 -30.04 -88.41
CA PRO H 944 -41.17 -30.09 -89.67
C PRO H 944 -40.02 -29.11 -89.71
N LEU H 945 -40.01 -28.12 -88.84
CA LEU H 945 -38.97 -27.09 -88.78
C LEU H 945 -38.20 -27.21 -87.47
N GLY H 946 -37.92 -28.44 -87.06
CA GLY H 946 -37.27 -28.67 -85.78
C GLY H 946 -35.91 -28.01 -85.67
N LYS H 947 -35.15 -27.98 -86.77
CA LYS H 947 -33.80 -27.44 -86.71
C LYS H 947 -33.80 -25.96 -86.35
N LEU H 948 -34.65 -25.17 -87.02
CA LEU H 948 -34.72 -23.75 -86.70
C LEU H 948 -35.26 -23.54 -85.29
N GLN H 949 -36.28 -24.32 -84.92
CA GLN H 949 -36.83 -24.24 -83.57
C GLN H 949 -35.78 -24.60 -82.54
N ASP H 950 -34.98 -25.64 -82.82
CA ASP H 950 -33.95 -26.04 -81.87
C ASP H 950 -32.89 -24.95 -81.72
N VAL H 951 -32.50 -24.32 -82.82
CA VAL H 951 -31.50 -23.25 -82.74
C VAL H 951 -32.03 -22.10 -81.90
N VAL H 952 -33.28 -21.71 -82.14
CA VAL H 952 -33.87 -20.60 -81.39
C VAL H 952 -33.97 -20.97 -79.92
N ASN H 953 -34.38 -22.21 -79.63
CA ASN H 953 -34.52 -22.64 -78.25
C ASN H 953 -33.17 -22.66 -77.54
N GLN H 954 -32.12 -23.11 -78.23
CA GLN H 954 -30.80 -23.12 -77.61
C GLN H 954 -30.33 -21.72 -77.29
N ASN H 955 -30.54 -20.78 -78.22
CA ASN H 955 -30.13 -19.40 -77.95
C ASN H 955 -30.91 -18.84 -76.77
N ALA H 956 -32.23 -19.08 -76.73
CA ALA H 956 -33.05 -18.58 -75.63
C ALA H 956 -32.62 -19.19 -74.31
N GLN H 957 -32.31 -20.48 -74.31
CA GLN H 957 -31.89 -21.15 -73.09
C GLN H 957 -30.57 -20.59 -72.59
N ALA H 958 -29.63 -20.32 -73.51
CA ALA H 958 -28.36 -19.74 -73.10
C ALA H 958 -28.58 -18.37 -72.49
N LEU H 959 -29.42 -17.54 -73.12
CA LEU H 959 -29.67 -16.21 -72.55
C LEU H 959 -30.33 -16.31 -71.19
N ASN H 960 -31.33 -17.19 -71.06
CA ASN H 960 -32.04 -17.31 -69.80
C ASN H 960 -31.12 -17.80 -68.68
N THR H 961 -30.28 -18.80 -68.97
CA THR H 961 -29.37 -19.28 -67.94
C THR H 961 -28.34 -18.23 -67.58
N LEU H 962 -27.91 -17.41 -68.54
CA LEU H 962 -27.01 -16.32 -68.22
C LEU H 962 -27.68 -15.32 -67.28
N VAL H 963 -28.93 -14.96 -67.58
CA VAL H 963 -29.64 -13.99 -66.73
C VAL H 963 -29.87 -14.56 -65.34
N LYS H 964 -30.20 -15.84 -65.25
CA LYS H 964 -30.38 -16.47 -63.95
C LYS H 964 -29.07 -16.51 -63.17
N GLN H 965 -27.96 -16.80 -63.84
CA GLN H 965 -26.67 -16.82 -63.17
C GLN H 965 -26.33 -15.46 -62.58
N LEU H 966 -26.85 -14.38 -63.17
CA LEU H 966 -26.66 -13.05 -62.58
C LEU H 966 -27.24 -12.97 -61.19
N SER H 967 -28.24 -13.80 -60.88
CA SER H 967 -28.92 -13.77 -59.59
C SER H 967 -28.41 -14.82 -58.63
N SER H 968 -27.12 -15.13 -58.66
CA SER H 968 -26.50 -16.07 -57.75
C SER H 968 -25.42 -15.37 -56.95
N ASN H 969 -25.35 -15.69 -55.66
CA ASN H 969 -24.40 -15.01 -54.77
C ASN H 969 -22.97 -15.48 -54.97
N PHE H 970 -22.76 -16.68 -55.52
CA PHE H 970 -21.43 -17.25 -55.71
C PHE H 970 -20.67 -17.36 -54.39
N GLY H 971 -21.39 -17.71 -53.32
CA GLY H 971 -20.80 -17.91 -52.02
C GLY H 971 -20.64 -16.66 -51.18
N ALA H 972 -21.11 -15.51 -51.64
CA ALA H 972 -21.05 -14.29 -50.86
C ALA H 972 -22.28 -14.15 -49.97
N ILE H 973 -22.32 -13.04 -49.22
CA ILE H 973 -23.43 -12.79 -48.32
C ILE H 973 -24.72 -12.60 -49.11
N SER H 974 -24.66 -11.82 -50.19
CA SER H 974 -25.84 -11.54 -50.99
C SER H 974 -25.44 -11.51 -52.47
N SER H 975 -26.43 -11.74 -53.33
CA SER H 975 -26.21 -11.71 -54.76
C SER H 975 -26.32 -10.31 -55.37
N VAL H 976 -26.78 -9.32 -54.60
CA VAL H 976 -26.97 -7.97 -55.09
C VAL H 976 -25.88 -7.08 -54.50
N LEU H 977 -25.27 -6.25 -55.35
CA LEU H 977 -24.16 -5.42 -54.90
C LEU H 977 -24.64 -4.32 -53.95
N ASN H 978 -25.82 -3.77 -54.19
CA ASN H 978 -26.28 -2.63 -53.38
C ASN H 978 -26.38 -3.01 -51.91
N ASP H 979 -26.94 -4.18 -51.62
CA ASP H 979 -27.05 -4.62 -50.23
C ASP H 979 -25.68 -4.79 -49.59
N ILE H 980 -24.73 -5.39 -50.33
CA ILE H 980 -23.40 -5.63 -49.79
C ILE H 980 -22.73 -4.31 -49.43
N LEU H 981 -22.80 -3.33 -50.33
CA LEU H 981 -22.19 -2.04 -50.05
C LEU H 981 -22.89 -1.34 -48.89
N SER H 982 -24.21 -1.42 -48.83
CA SER H 982 -24.96 -0.70 -47.81
C SER H 982 -24.88 -1.35 -46.44
N ARG H 983 -24.43 -2.61 -46.34
CA ARG H 983 -24.39 -3.29 -45.06
C ARG H 983 -22.98 -3.60 -44.55
N LEU H 984 -21.96 -3.60 -45.41
CA LEU H 984 -20.67 -4.13 -45.04
C LEU H 984 -19.57 -3.08 -45.13
N ASP H 985 -18.53 -3.27 -44.31
CA ASP H 985 -17.36 -2.42 -44.36
C ASP H 985 -16.58 -2.67 -45.64
N PRO H 986 -15.80 -1.70 -46.10
CA PRO H 986 -15.16 -1.79 -47.43
C PRO H 986 -14.30 -3.02 -47.65
N PRO H 987 -13.45 -3.48 -46.68
CA PRO H 987 -12.61 -4.64 -47.02
C PRO H 987 -13.33 -5.96 -47.32
N GLU H 988 -14.14 -6.48 -46.40
CA GLU H 988 -14.89 -7.68 -46.76
C GLU H 988 -15.96 -7.39 -47.80
N ALA H 989 -16.57 -6.20 -47.79
CA ALA H 989 -17.53 -5.91 -48.85
C ALA H 989 -16.85 -6.01 -50.21
N GLU H 990 -15.64 -5.46 -50.34
CA GLU H 990 -14.95 -5.54 -51.62
C GLU H 990 -14.54 -6.98 -51.91
N VAL H 991 -14.24 -7.76 -50.87
CA VAL H 991 -13.92 -9.18 -51.07
C VAL H 991 -15.12 -9.92 -51.66
N GLN H 992 -16.31 -9.66 -51.10
CA GLN H 992 -17.52 -10.27 -51.64
C GLN H 992 -17.76 -9.81 -53.06
N ILE H 993 -17.54 -8.51 -53.32
CA ILE H 993 -17.72 -8.00 -54.67
C ILE H 993 -16.77 -8.72 -55.62
N ASP H 994 -15.53 -8.95 -55.19
CA ASP H 994 -14.55 -9.62 -56.03
C ASP H 994 -14.97 -11.05 -56.34
N ARG H 995 -15.52 -11.76 -55.34
CA ARG H 995 -15.96 -13.12 -55.61
C ARG H 995 -17.15 -13.13 -56.56
N LEU H 996 -18.07 -12.16 -56.45
CA LEU H 996 -19.13 -12.04 -57.45
C LEU H 996 -18.54 -11.75 -58.81
N ILE H 997 -17.50 -10.91 -58.88
CA ILE H 997 -16.89 -10.59 -60.15
C ILE H 997 -16.34 -11.84 -60.79
N THR H 998 -15.65 -12.65 -60.00
CA THR H 998 -15.07 -13.88 -60.53
C THR H 998 -16.17 -14.80 -61.05
N GLY H 999 -17.22 -15.01 -60.25
CA GLY H 999 -18.27 -15.92 -60.66
C GLY H 999 -18.98 -15.45 -61.91
N ARG H 1000 -19.38 -14.17 -61.93
CA ARG H 1000 -20.13 -13.65 -63.07
C ARG H 1000 -19.27 -13.61 -64.32
N LEU H 1001 -18.01 -13.19 -64.20
CA LEU H 1001 -17.13 -13.14 -65.36
C LEU H 1001 -16.90 -14.53 -65.91
N GLN H 1002 -16.72 -15.52 -65.03
CA GLN H 1002 -16.51 -16.88 -65.51
C GLN H 1002 -17.77 -17.40 -66.21
N SER H 1003 -18.94 -17.11 -65.65
CA SER H 1003 -20.19 -17.53 -66.30
C SER H 1003 -20.33 -16.87 -67.67
N LEU H 1004 -19.99 -15.58 -67.76
CA LEU H 1004 -20.06 -14.88 -69.03
C LEU H 1004 -19.11 -15.50 -70.04
N GLN H 1005 -17.91 -15.87 -69.61
CA GLN H 1005 -16.97 -16.52 -70.51
C GLN H 1005 -17.51 -17.87 -70.98
N THR H 1006 -18.15 -18.62 -70.08
CA THR H 1006 -18.75 -19.88 -70.48
C THR H 1006 -19.82 -19.66 -71.54
N TYR H 1007 -20.65 -18.63 -71.35
CA TYR H 1007 -21.68 -18.32 -72.32
C TYR H 1007 -21.06 -17.94 -73.66
N VAL H 1008 -19.99 -17.14 -73.62
CA VAL H 1008 -19.34 -16.70 -74.86
C VAL H 1008 -18.74 -17.89 -75.58
N THR H 1009 -18.11 -18.80 -74.84
CA THR H 1009 -17.49 -19.96 -75.48
C THR H 1009 -18.54 -20.84 -76.13
N GLN H 1010 -19.66 -21.08 -75.44
CA GLN H 1010 -20.71 -21.90 -76.03
C GLN H 1010 -21.31 -21.19 -77.25
N GLN H 1011 -21.45 -19.86 -77.19
CA GLN H 1011 -21.93 -19.12 -78.33
C GLN H 1011 -20.98 -19.24 -79.50
N LEU H 1012 -19.67 -19.22 -79.25
CA LEU H 1012 -18.69 -19.38 -80.31
C LEU H 1012 -18.81 -20.75 -80.96
N ILE H 1013 -18.97 -21.80 -80.15
CA ILE H 1013 -19.11 -23.14 -80.71
C ILE H 1013 -20.37 -23.24 -81.55
N ARG H 1014 -21.48 -22.69 -81.04
CA ARG H 1014 -22.73 -22.70 -81.80
C ARG H 1014 -22.58 -21.91 -83.09
N ALA H 1015 -21.85 -20.79 -83.03
CA ALA H 1015 -21.62 -20.00 -84.23
C ALA H 1015 -20.84 -20.78 -85.27
N ALA H 1016 -19.83 -21.54 -84.83
CA ALA H 1016 -19.07 -22.36 -85.77
C ALA H 1016 -19.98 -23.41 -86.41
N GLU H 1017 -20.83 -24.04 -85.61
CA GLU H 1017 -21.73 -25.05 -86.17
C GLU H 1017 -22.71 -24.42 -87.16
N ILE H 1018 -23.26 -23.26 -86.81
CA ILE H 1018 -24.18 -22.56 -87.69
C ILE H 1018 -23.48 -22.13 -88.96
N ARG H 1019 -22.21 -21.71 -88.86
CA ARG H 1019 -21.46 -21.35 -90.05
C ARG H 1019 -21.25 -22.54 -90.95
N ALA H 1020 -20.99 -23.72 -90.37
CA ALA H 1020 -20.89 -24.92 -91.19
C ALA H 1020 -22.20 -25.21 -91.90
N SER H 1021 -23.32 -25.07 -91.18
CA SER H 1021 -24.63 -25.28 -91.80
C SER H 1021 -24.89 -24.27 -92.91
N ALA H 1022 -24.50 -23.01 -92.69
CA ALA H 1022 -24.70 -21.97 -93.69
C ALA H 1022 -23.84 -22.22 -94.93
N ASN H 1023 -22.62 -22.71 -94.73
CA ASN H 1023 -21.78 -23.06 -95.87
C ASN H 1023 -22.40 -24.19 -96.65
N LEU H 1024 -22.97 -25.18 -95.95
CA LEU H 1024 -23.66 -26.26 -96.64
C LEU H 1024 -24.86 -25.73 -97.42
N ALA H 1025 -25.60 -24.81 -96.82
CA ALA H 1025 -26.77 -24.24 -97.49
C ALA H 1025 -26.36 -23.45 -98.73
N ALA H 1026 -25.27 -22.69 -98.64
CA ALA H 1026 -24.78 -21.95 -99.79
C ALA H 1026 -24.35 -22.90 -100.90
N THR H 1027 -23.67 -23.98 -100.52
CA THR H 1027 -23.26 -24.97 -101.52
C THR H 1027 -24.48 -25.59 -102.18
N LYS H 1028 -25.51 -25.91 -101.40
CA LYS H 1028 -26.71 -26.49 -101.97
C LYS H 1028 -27.40 -25.51 -102.91
N MET H 1029 -27.46 -24.25 -102.53
CA MET H 1029 -28.10 -23.26 -103.39
C MET H 1029 -27.34 -23.11 -104.70
N SER H 1030 -26.02 -23.06 -104.62
CA SER H 1030 -25.21 -22.89 -105.83
C SER H 1030 -25.28 -24.12 -106.73
N GLU H 1031 -25.29 -25.31 -106.14
CA GLU H 1031 -25.16 -26.53 -106.93
C GLU H 1031 -26.49 -27.16 -107.30
N CYS H 1032 -27.60 -26.68 -106.75
CA CYS H 1032 -28.88 -27.30 -107.04
C CYS H 1032 -29.91 -26.29 -107.51
N VAL H 1033 -29.80 -25.04 -107.05
CA VAL H 1033 -30.70 -24.01 -107.54
C VAL H 1033 -30.16 -23.38 -108.82
N LEU H 1034 -28.87 -23.09 -108.85
CA LEU H 1034 -28.24 -22.47 -110.01
C LEU H 1034 -27.80 -23.49 -111.05
N GLY H 1035 -28.05 -24.77 -110.80
CA GLY H 1035 -27.64 -25.80 -111.74
C GLY H 1035 -28.23 -27.14 -111.33
N GLN H 1036 -27.87 -28.16 -112.09
CA GLN H 1036 -28.32 -29.52 -111.83
C GLN H 1036 -27.14 -30.32 -111.30
N SER H 1037 -27.36 -31.07 -110.22
CA SER H 1037 -26.30 -31.78 -109.53
C SER H 1037 -26.39 -33.27 -109.80
N LYS H 1038 -25.25 -33.88 -110.13
CA LYS H 1038 -25.17 -35.33 -110.30
C LYS H 1038 -24.81 -36.05 -109.02
N ARG H 1039 -24.54 -35.31 -107.95
CA ARG H 1039 -24.20 -35.94 -106.67
C ARG H 1039 -25.41 -36.66 -106.11
N VAL H 1040 -25.22 -37.90 -105.70
CA VAL H 1040 -26.32 -38.74 -105.24
C VAL H 1040 -26.73 -38.31 -103.84
N ASP H 1041 -28.04 -38.13 -103.63
CA ASP H 1041 -28.64 -37.82 -102.35
C ASP H 1041 -28.21 -36.48 -101.79
N PHE H 1042 -27.48 -35.68 -102.57
CA PHE H 1042 -27.09 -34.35 -102.11
C PHE H 1042 -28.30 -33.42 -102.04
N CYS H 1043 -29.20 -33.53 -103.01
CA CYS H 1043 -30.38 -32.67 -103.09
C CYS H 1043 -31.65 -33.51 -103.27
N GLY H 1044 -31.84 -34.48 -102.40
CA GLY H 1044 -33.06 -35.24 -102.41
C GLY H 1044 -32.84 -36.68 -102.83
N LYS H 1045 -33.80 -37.53 -102.45
CA LYS H 1045 -33.75 -38.95 -102.80
C LYS H 1045 -34.28 -39.12 -104.21
N GLY H 1046 -33.45 -39.62 -105.11
CA GLY H 1046 -33.79 -39.78 -106.49
C GLY H 1046 -32.89 -38.96 -107.39
N TYR H 1047 -33.10 -39.10 -108.69
CA TYR H 1047 -32.29 -38.36 -109.65
C TYR H 1047 -32.73 -36.91 -109.61
N HIS H 1048 -31.82 -36.02 -109.22
CA HIS H 1048 -32.19 -34.63 -109.01
C HIS H 1048 -32.55 -33.98 -110.33
N LEU H 1049 -33.68 -33.25 -110.34
CA LEU H 1049 -34.06 -32.52 -111.54
C LEU H 1049 -33.81 -31.04 -111.37
N MET H 1050 -34.55 -30.40 -110.47
CA MET H 1050 -34.42 -28.97 -110.26
C MET H 1050 -34.75 -28.69 -108.81
N SER H 1051 -34.31 -27.52 -108.31
CA SER H 1051 -34.57 -27.14 -106.92
C SER H 1051 -35.12 -25.72 -106.82
N PHE H 1052 -35.95 -25.51 -105.79
CA PHE H 1052 -36.55 -24.21 -105.50
C PHE H 1052 -36.23 -23.77 -104.08
N PRO H 1053 -35.67 -22.58 -103.88
CA PRO H 1053 -35.43 -22.08 -102.53
C PRO H 1053 -36.63 -21.35 -101.96
N GLN H 1054 -36.73 -21.36 -100.63
CA GLN H 1054 -37.74 -20.60 -99.91
C GLN H 1054 -37.13 -20.06 -98.63
N SER H 1055 -37.59 -18.88 -98.23
CA SER H 1055 -37.06 -18.27 -97.02
C SER H 1055 -37.66 -18.90 -95.78
N ALA H 1056 -36.96 -18.73 -94.66
CA ALA H 1056 -37.39 -19.17 -93.35
C ALA H 1056 -36.93 -18.14 -92.34
N PRO H 1057 -37.51 -18.13 -91.13
CA PRO H 1057 -37.18 -17.07 -90.17
C PRO H 1057 -35.69 -16.91 -89.88
N HIS H 1058 -34.96 -18.01 -89.73
CA HIS H 1058 -33.51 -17.94 -89.58
C HIS H 1058 -32.83 -19.00 -90.42
N GLY H 1059 -33.37 -19.28 -91.59
CA GLY H 1059 -32.83 -20.34 -92.41
C GLY H 1059 -33.44 -20.33 -93.80
N VAL H 1060 -33.19 -21.40 -94.53
CA VAL H 1060 -33.68 -21.55 -95.89
C VAL H 1060 -34.32 -22.92 -96.02
N VAL H 1061 -35.28 -23.02 -96.94
CA VAL H 1061 -35.98 -24.27 -97.20
C VAL H 1061 -35.85 -24.58 -98.68
N PHE H 1062 -35.37 -25.78 -99.00
CA PHE H 1062 -35.19 -26.21 -100.37
C PHE H 1062 -36.26 -27.22 -100.74
N LEU H 1063 -36.97 -26.95 -101.83
CA LEU H 1063 -37.91 -27.90 -102.40
C LEU H 1063 -37.18 -28.59 -103.55
N HIS H 1064 -36.81 -29.85 -103.34
CA HIS H 1064 -36.05 -30.60 -104.33
C HIS H 1064 -37.00 -31.38 -105.23
N VAL H 1065 -37.01 -31.04 -106.51
CA VAL H 1065 -37.79 -31.78 -107.49
C VAL H 1065 -36.89 -32.88 -108.04
N THR H 1066 -37.29 -34.13 -107.87
CA THR H 1066 -36.48 -35.27 -108.26
C THR H 1066 -37.31 -36.23 -109.08
N TYR H 1067 -36.61 -37.11 -109.78
CA TYR H 1067 -37.20 -38.12 -110.65
C TYR H 1067 -37.02 -39.47 -109.98
N VAL H 1068 -38.11 -40.20 -109.81
CA VAL H 1068 -38.09 -41.50 -109.16
C VAL H 1068 -38.71 -42.54 -110.09
N PRO H 1069 -37.95 -43.54 -110.51
CA PRO H 1069 -38.52 -44.59 -111.36
C PRO H 1069 -39.56 -45.42 -110.60
N ALA H 1070 -40.54 -45.93 -111.35
CA ALA H 1070 -41.60 -46.73 -110.75
C ALA H 1070 -42.17 -47.66 -111.81
N GLN H 1071 -42.95 -48.64 -111.35
CA GLN H 1071 -43.59 -49.63 -112.22
C GLN H 1071 -42.54 -50.38 -113.05
N GLU H 1072 -41.68 -51.10 -112.35
CA GLU H 1072 -40.60 -51.82 -112.99
C GLU H 1072 -41.10 -53.13 -113.57
N LYS H 1073 -40.37 -53.64 -114.56
CA LYS H 1073 -40.69 -54.91 -115.19
C LYS H 1073 -39.41 -55.70 -115.41
N ASN H 1074 -39.52 -57.02 -115.35
CA ASN H 1074 -38.38 -57.89 -115.55
C ASN H 1074 -38.14 -58.13 -117.03
N PHE H 1075 -36.88 -58.33 -117.39
CA PHE H 1075 -36.51 -58.64 -118.76
C PHE H 1075 -35.28 -59.52 -118.75
N THR H 1076 -35.04 -60.19 -119.87
CA THR H 1076 -33.84 -60.99 -120.06
C THR H 1076 -32.88 -60.20 -120.92
N THR H 1077 -31.64 -60.07 -120.47
CA THR H 1077 -30.65 -59.23 -121.12
C THR H 1077 -29.51 -60.07 -121.68
N ALA H 1078 -28.56 -59.39 -122.35
CA ALA H 1078 -27.38 -60.02 -122.90
C ALA H 1078 -26.31 -58.95 -123.03
N PRO H 1079 -25.04 -59.27 -122.76
CA PRO H 1079 -23.98 -58.27 -122.93
C PRO H 1079 -23.85 -57.73 -124.35
N ALA H 1080 -24.02 -58.59 -125.36
CA ALA H 1080 -23.85 -58.17 -126.74
C ALA H 1080 -24.65 -59.09 -127.65
N ILE H 1081 -24.74 -58.70 -128.92
CA ILE H 1081 -25.45 -59.48 -129.94
C ILE H 1081 -24.44 -59.93 -130.97
N CYS H 1082 -24.39 -61.23 -131.23
CA CYS H 1082 -23.53 -61.79 -132.27
C CYS H 1082 -24.34 -61.88 -133.56
N HIS H 1083 -24.00 -61.03 -134.52
CA HIS H 1083 -24.64 -61.05 -135.84
C HIS H 1083 -23.55 -61.03 -136.89
N ASP H 1084 -23.67 -61.92 -137.88
CA ASP H 1084 -22.70 -62.02 -138.97
C ASP H 1084 -21.29 -62.28 -138.45
N GLY H 1085 -21.20 -63.00 -137.33
CA GLY H 1085 -19.92 -63.34 -136.76
C GLY H 1085 -19.20 -62.21 -136.06
N LYS H 1086 -19.88 -61.10 -135.78
CA LYS H 1086 -19.29 -59.98 -135.08
C LYS H 1086 -20.20 -59.56 -133.93
N ALA H 1087 -19.59 -58.98 -132.90
CA ALA H 1087 -20.29 -58.61 -131.67
C ALA H 1087 -20.73 -57.15 -131.74
N HIS H 1088 -21.99 -56.91 -131.39
CA HIS H 1088 -22.56 -55.56 -131.39
C HIS H 1088 -22.91 -55.16 -129.97
N PHE H 1089 -22.50 -53.94 -129.58
CA PHE H 1089 -22.79 -53.41 -128.26
C PHE H 1089 -23.65 -52.16 -128.37
N PRO H 1090 -24.52 -51.92 -127.39
CA PRO H 1090 -25.37 -50.72 -127.45
C PRO H 1090 -24.52 -49.47 -127.31
N ARG H 1091 -24.92 -48.41 -128.03
CA ARG H 1091 -24.19 -47.16 -127.89
C ARG H 1091 -24.42 -46.56 -126.51
N GLU H 1092 -25.69 -46.32 -126.16
CA GLU H 1092 -26.05 -45.85 -124.82
C GLU H 1092 -27.42 -46.45 -124.49
N GLY H 1093 -27.41 -47.59 -123.83
CA GLY H 1093 -28.62 -48.31 -123.52
C GLY H 1093 -28.32 -49.76 -123.17
N VAL H 1094 -29.33 -50.61 -123.29
CA VAL H 1094 -29.22 -52.00 -122.87
C VAL H 1094 -30.05 -52.87 -123.78
N PHE H 1095 -29.57 -54.09 -124.04
CA PHE H 1095 -30.32 -55.07 -124.80
C PHE H 1095 -31.27 -55.84 -123.89
N VAL H 1096 -32.56 -55.84 -124.21
CA VAL H 1096 -33.56 -56.59 -123.48
C VAL H 1096 -34.35 -57.44 -124.47
N SER H 1097 -34.94 -58.52 -123.96
CA SER H 1097 -35.80 -59.38 -124.77
C SER H 1097 -37.16 -59.49 -124.11
N ASN H 1098 -38.22 -59.28 -124.89
CA ASN H 1098 -39.58 -59.49 -124.39
C ASN H 1098 -39.95 -60.96 -124.55
N GLY H 1099 -39.16 -61.79 -123.88
CA GLY H 1099 -39.25 -63.23 -123.98
C GLY H 1099 -38.67 -63.80 -125.25
N THR H 1100 -39.17 -63.38 -126.41
CA THR H 1100 -38.73 -63.96 -127.67
C THR H 1100 -38.00 -63.00 -128.60
N HIS H 1101 -38.22 -61.70 -128.49
CA HIS H 1101 -37.64 -60.72 -129.40
C HIS H 1101 -36.73 -59.76 -128.65
N TRP H 1102 -35.48 -59.65 -129.10
CA TRP H 1102 -34.52 -58.75 -128.52
C TRP H 1102 -34.74 -57.30 -128.97
N PHE H 1103 -34.48 -56.37 -128.06
CA PHE H 1103 -34.60 -54.94 -128.32
C PHE H 1103 -33.46 -54.21 -127.65
N VAL H 1104 -33.40 -52.90 -127.91
CA VAL H 1104 -32.47 -52.01 -127.24
C VAL H 1104 -33.24 -50.82 -126.69
N THR H 1105 -33.05 -50.51 -125.41
CA THR H 1105 -33.78 -49.44 -124.75
C THR H 1105 -32.82 -48.65 -123.87
N GLN H 1106 -33.31 -47.55 -123.31
CA GLN H 1106 -32.53 -46.76 -122.38
C GLN H 1106 -32.64 -47.34 -120.98
N ARG H 1107 -31.60 -47.11 -120.17
CA ARG H 1107 -31.53 -47.75 -118.86
C ARG H 1107 -32.62 -47.28 -117.92
N ASN H 1108 -32.95 -45.99 -117.95
CA ASN H 1108 -33.85 -45.43 -116.94
C ASN H 1108 -35.31 -45.38 -117.37
N PHE H 1109 -35.63 -45.81 -118.59
CA PHE H 1109 -37.02 -45.84 -119.02
C PHE H 1109 -37.19 -46.96 -120.04
N TYR H 1110 -38.33 -47.62 -120.02
CA TYR H 1110 -38.59 -48.73 -120.94
C TYR H 1110 -39.17 -48.17 -122.22
N GLU H 1111 -38.30 -47.96 -123.21
CA GLU H 1111 -38.71 -47.56 -124.55
C GLU H 1111 -38.01 -48.49 -125.53
N PRO H 1112 -38.56 -49.69 -125.75
CA PRO H 1112 -37.88 -50.66 -126.60
C PRO H 1112 -37.76 -50.17 -128.03
N GLN H 1113 -36.64 -50.52 -128.66
CA GLN H 1113 -36.39 -50.17 -130.05
C GLN H 1113 -35.78 -51.35 -130.77
N ILE H 1114 -36.01 -51.42 -132.08
CA ILE H 1114 -35.44 -52.49 -132.88
C ILE H 1114 -33.93 -52.32 -132.92
N ILE H 1115 -33.20 -53.42 -132.71
CA ILE H 1115 -31.75 -53.37 -132.75
C ILE H 1115 -31.30 -53.01 -134.15
N THR H 1116 -30.42 -52.02 -134.25
CA THR H 1116 -29.98 -51.51 -135.54
C THR H 1116 -28.51 -51.13 -135.45
N THR H 1117 -27.85 -51.06 -136.60
CA THR H 1117 -26.49 -50.56 -136.63
C THR H 1117 -26.43 -49.09 -136.27
N ASP H 1118 -27.55 -48.39 -136.35
CA ASP H 1118 -27.59 -46.98 -135.97
C ASP H 1118 -27.32 -46.78 -134.49
N ASN H 1119 -27.85 -47.66 -133.65
CA ASN H 1119 -27.70 -47.51 -132.20
C ASN H 1119 -26.79 -48.56 -131.58
N THR H 1120 -26.01 -49.27 -132.40
CA THR H 1120 -25.05 -50.25 -131.91
C THR H 1120 -23.73 -50.06 -132.62
N PHE H 1121 -22.64 -50.51 -131.99
CA PHE H 1121 -21.32 -50.47 -132.59
C PHE H 1121 -20.65 -51.83 -132.47
N VAL H 1122 -19.83 -52.17 -133.46
CA VAL H 1122 -19.17 -53.47 -133.54
C VAL H 1122 -17.79 -53.37 -132.92
N SER H 1123 -17.39 -54.40 -132.18
CA SER H 1123 -16.09 -54.43 -131.52
C SER H 1123 -15.43 -55.79 -131.66
N GLY H 1124 -15.48 -56.38 -132.85
CA GLY H 1124 -14.83 -57.65 -133.09
C GLY H 1124 -15.81 -58.80 -133.24
N ASN H 1125 -15.29 -60.01 -133.04
CA ASN H 1125 -16.09 -61.22 -133.21
C ASN H 1125 -16.82 -61.54 -131.91
N CYS H 1126 -17.63 -62.60 -131.94
CA CYS H 1126 -18.48 -62.96 -130.80
C CYS H 1126 -18.03 -64.24 -130.11
N ASP H 1127 -16.72 -64.48 -130.05
CA ASP H 1127 -16.19 -65.65 -129.37
C ASP H 1127 -15.48 -65.31 -128.06
N VAL H 1128 -15.45 -64.04 -127.68
CA VAL H 1128 -14.76 -63.61 -126.47
C VAL H 1128 -15.71 -63.05 -125.42
N VAL H 1129 -16.90 -62.61 -125.82
CA VAL H 1129 -17.85 -62.03 -124.87
C VAL H 1129 -18.60 -63.16 -124.17
N ILE H 1130 -18.65 -63.10 -122.85
CA ILE H 1130 -19.30 -64.14 -122.06
C ILE H 1130 -20.77 -63.76 -121.91
N GLY H 1131 -21.65 -64.59 -122.47
CA GLY H 1131 -23.09 -64.37 -122.42
C GLY H 1131 -23.70 -63.91 -123.71
N ILE H 1132 -22.92 -63.75 -124.78
CA ILE H 1132 -23.45 -63.23 -126.03
C ILE H 1132 -24.47 -64.21 -126.60
N VAL H 1133 -25.46 -63.67 -127.30
CA VAL H 1133 -26.50 -64.45 -127.97
C VAL H 1133 -26.48 -64.26 -129.47
N ASN H 1134 -27.35 -64.98 -130.18
CA ASN H 1134 -27.52 -64.88 -131.63
C ASN H 1134 -28.79 -64.10 -131.91
N ASN H 1135 -28.66 -63.01 -132.67
CA ASN H 1135 -29.81 -62.23 -133.06
C ASN H 1135 -29.44 -61.44 -134.31
N THR H 1136 -30.45 -60.99 -135.03
CA THR H 1136 -30.24 -60.20 -136.23
C THR H 1136 -30.12 -58.73 -135.88
N VAL H 1137 -29.20 -58.03 -136.54
CA VAL H 1137 -29.05 -56.60 -136.40
C VAL H 1137 -29.58 -55.97 -137.67
N TYR H 1138 -30.72 -55.28 -137.57
CA TYR H 1138 -31.35 -54.70 -138.75
C TYR H 1138 -30.44 -53.64 -139.35
N ASP H 1139 -30.28 -53.68 -140.66
CA ASP H 1139 -29.52 -52.68 -141.39
C ASP H 1139 -30.47 -51.81 -142.18
N PRO H 1140 -30.54 -50.50 -141.91
CA PRO H 1140 -31.49 -49.62 -142.61
C PRO H 1140 -30.95 -49.12 -143.95
N LEU H 1141 -30.46 -50.03 -144.76
CA LEU H 1141 -29.93 -49.70 -146.08
C LEU H 1141 -30.53 -50.56 -147.18
N GLN H 1142 -30.79 -51.83 -146.91
CA GLN H 1142 -31.31 -52.72 -147.95
C GLN H 1142 -32.68 -52.30 -148.45
N PRO H 1143 -33.66 -51.96 -147.61
CA PRO H 1143 -34.95 -51.48 -148.16
C PRO H 1143 -34.79 -50.23 -148.99
N GLU H 1144 -33.88 -49.34 -148.60
CA GLU H 1144 -33.60 -48.16 -149.40
C GLU H 1144 -33.01 -48.55 -150.76
N LEU H 1145 -32.15 -49.56 -150.78
CA LEU H 1145 -31.55 -50.01 -152.03
C LEU H 1145 -32.61 -50.50 -153.02
N ASP H 1146 -33.60 -51.25 -152.53
CA ASP H 1146 -34.68 -51.74 -153.38
C ASP H 1146 -35.70 -50.65 -153.65
N GLN I 14 34.85 -50.33 -21.88
CA GLN I 14 35.76 -49.29 -22.36
C GLN I 14 36.32 -49.67 -23.72
N CYS I 15 36.63 -48.67 -24.54
CA CYS I 15 37.18 -48.88 -25.87
C CYS I 15 38.55 -48.21 -25.97
N VAL I 16 39.49 -48.88 -26.62
CA VAL I 16 40.85 -48.39 -26.78
C VAL I 16 41.10 -48.17 -28.26
N ASN I 17 41.83 -47.10 -28.58
CA ASN I 17 42.10 -46.76 -29.96
C ASN I 17 42.92 -47.85 -30.64
N LEU I 18 42.57 -48.15 -31.89
CA LEU I 18 43.22 -49.22 -32.63
C LEU I 18 44.24 -48.66 -33.61
N ALA I 27 38.40 -45.71 -52.69
CA ALA I 27 38.06 -46.27 -54.00
C ALA I 27 36.61 -45.98 -54.35
N TYR I 28 36.33 -45.85 -55.64
CA TYR I 28 34.98 -45.60 -56.14
C TYR I 28 34.56 -46.74 -57.04
N THR I 29 33.25 -46.98 -57.10
CA THR I 29 32.69 -47.98 -58.01
C THR I 29 31.39 -47.44 -58.60
N ASN I 30 30.95 -48.07 -59.68
CA ASN I 30 29.78 -47.63 -60.42
C ASN I 30 28.59 -48.52 -60.10
N SER I 31 27.57 -47.96 -59.45
CA SER I 31 26.34 -48.68 -59.19
C SER I 31 25.49 -48.71 -60.45
N PHE I 32 25.07 -49.89 -60.88
CA PHE I 32 24.32 -50.05 -62.11
C PHE I 32 22.87 -50.40 -61.79
N THR I 33 21.98 -49.42 -61.93
CA THR I 33 20.53 -49.61 -61.76
C THR I 33 20.22 -50.25 -60.40
N ARG I 34 20.85 -49.73 -59.36
CA ARG I 34 20.68 -50.26 -58.01
C ARG I 34 20.19 -49.15 -57.09
N GLY I 35 19.57 -49.57 -55.98
CA GLY I 35 19.07 -48.62 -55.01
C GLY I 35 17.65 -48.18 -55.26
N VAL I 36 16.79 -49.10 -55.68
CA VAL I 36 15.36 -48.82 -55.90
C VAL I 36 14.56 -49.53 -54.82
N TYR I 37 13.72 -48.77 -54.14
CA TYR I 37 12.83 -49.28 -53.10
C TYR I 37 11.39 -48.92 -53.44
N TYR I 38 10.45 -49.71 -52.93
CA TYR I 38 9.05 -49.35 -53.11
C TYR I 38 8.80 -48.06 -52.36
N PRO I 39 8.38 -46.97 -53.02
CA PRO I 39 8.25 -45.69 -52.32
C PRO I 39 7.17 -45.71 -51.25
N ASP I 40 6.00 -46.21 -51.59
CA ASP I 40 4.85 -46.17 -50.70
C ASP I 40 4.36 -47.59 -50.39
N LYS I 41 3.22 -47.68 -49.71
CA LYS I 41 2.60 -48.94 -49.35
C LYS I 41 1.52 -49.37 -50.34
N VAL I 42 1.35 -48.63 -51.44
CA VAL I 42 0.29 -48.91 -52.40
C VAL I 42 0.65 -50.11 -53.25
N PHE I 43 -0.38 -50.83 -53.70
CA PHE I 43 -0.21 -51.97 -54.61
C PHE I 43 -0.74 -51.60 -55.98
N ARG I 44 0.09 -51.78 -57.00
CA ARG I 44 -0.30 -51.52 -58.38
C ARG I 44 -0.03 -52.76 -59.21
N SER I 45 -1.01 -53.18 -60.00
CA SER I 45 -0.89 -54.34 -60.89
C SER I 45 -0.86 -53.87 -62.34
N SER I 46 0.28 -54.08 -63.00
CA SER I 46 0.45 -53.75 -64.42
C SER I 46 0.26 -52.25 -64.68
N VAL I 47 0.50 -51.42 -63.68
CA VAL I 47 0.35 -49.97 -63.80
C VAL I 47 1.73 -49.33 -63.67
N LEU I 48 2.07 -48.47 -64.63
CA LEU I 48 3.31 -47.71 -64.54
C LEU I 48 3.08 -46.50 -63.65
N HIS I 49 3.95 -46.31 -62.66
CA HIS I 49 3.79 -45.22 -61.71
C HIS I 49 5.09 -44.42 -61.65
N SER I 50 4.97 -43.09 -61.72
CA SER I 50 6.12 -42.20 -61.59
C SER I 50 6.04 -41.48 -60.24
N THR I 51 7.10 -41.62 -59.44
CA THR I 51 7.17 -41.02 -58.12
C THR I 51 8.42 -40.16 -57.99
N GLN I 52 8.24 -38.93 -57.50
CA GLN I 52 9.36 -38.04 -57.22
C GLN I 52 9.74 -38.21 -55.75
N ASP I 53 10.83 -38.93 -55.50
CA ASP I 53 11.24 -39.26 -54.14
C ASP I 53 12.76 -39.30 -54.06
N LEU I 54 13.27 -39.51 -52.85
CA LEU I 54 14.70 -39.57 -52.61
C LEU I 54 15.20 -40.92 -53.09
N PHE I 55 15.89 -40.95 -54.23
CA PHE I 55 16.30 -42.20 -54.86
C PHE I 55 17.79 -42.15 -55.19
N LEU I 56 18.33 -43.32 -55.48
CA LEU I 56 19.74 -43.44 -55.85
C LEU I 56 19.88 -43.31 -57.37
N PRO I 57 20.57 -42.30 -57.88
CA PRO I 57 20.66 -42.13 -59.34
C PRO I 57 21.29 -43.34 -60.00
N PHE I 58 20.80 -43.67 -61.20
CA PHE I 58 21.35 -44.79 -61.94
C PHE I 58 22.75 -44.48 -62.44
N PHE I 59 23.58 -45.51 -62.52
CA PHE I 59 24.94 -45.40 -63.03
C PHE I 59 25.72 -44.29 -62.32
N SER I 60 25.77 -44.42 -61.00
CA SER I 60 26.37 -43.39 -60.15
C SER I 60 27.63 -43.92 -59.47
N ASN I 61 28.47 -42.99 -59.04
CA ASN I 61 29.69 -43.32 -58.32
C ASN I 61 29.38 -43.47 -56.83
N VAL I 62 29.55 -44.67 -56.31
CA VAL I 62 29.34 -44.94 -54.89
C VAL I 62 30.68 -45.33 -54.27
N THR I 63 30.95 -44.82 -53.08
CA THR I 63 32.22 -45.09 -52.42
C THR I 63 32.33 -46.55 -52.05
N TRP I 64 33.52 -47.11 -52.25
CA TRP I 64 33.79 -48.51 -51.94
C TRP I 64 34.78 -48.58 -50.79
N PHE I 65 34.44 -49.36 -49.77
CA PHE I 65 35.31 -49.59 -48.63
C PHE I 65 35.60 -51.09 -48.51
N HIS I 66 36.86 -51.45 -48.38
CA HIS I 66 37.29 -52.83 -48.35
C HIS I 66 37.53 -53.30 -46.92
N ALA I 67 37.66 -54.62 -46.78
CA ALA I 67 38.09 -55.25 -45.54
C ALA I 67 38.79 -56.54 -45.93
N ILE I 68 40.12 -56.52 -45.92
CA ILE I 68 40.91 -57.67 -46.38
C ILE I 68 42.16 -57.79 -45.51
N HIS I 69 42.53 -59.03 -45.18
CA HIS I 69 43.71 -59.26 -44.35
C HIS I 69 44.98 -58.80 -45.05
N VAL I 70 45.13 -59.10 -46.34
CA VAL I 70 46.31 -58.75 -47.12
C VAL I 70 47.55 -59.38 -46.53
N THR I 76 48.64 -52.75 -42.86
CA THR I 76 47.40 -52.29 -43.49
C THR I 76 46.18 -52.93 -42.83
N LYS I 77 45.78 -54.10 -43.34
CA LYS I 77 44.68 -54.94 -42.89
C LYS I 77 43.34 -54.35 -43.31
N ARG I 78 43.32 -53.14 -43.86
CA ARG I 78 42.12 -52.49 -44.40
C ARG I 78 40.94 -52.54 -43.43
N PHE I 79 41.17 -52.03 -42.23
CA PHE I 79 40.09 -51.86 -41.25
C PHE I 79 39.56 -50.44 -41.46
N ASP I 80 38.50 -50.31 -42.24
CA ASP I 80 37.99 -49.00 -42.65
C ASP I 80 36.58 -48.80 -42.09
N ASN I 81 36.45 -47.94 -41.09
CA ASN I 81 35.16 -47.51 -40.56
C ASN I 81 35.16 -46.00 -40.39
N PRO I 82 35.16 -45.24 -41.49
CA PRO I 82 35.25 -43.79 -41.38
C PRO I 82 33.91 -43.20 -40.96
N VAL I 83 33.93 -41.90 -40.72
CA VAL I 83 32.73 -41.15 -40.38
C VAL I 83 32.22 -40.49 -41.66
N LEU I 84 30.95 -40.71 -41.99
CA LEU I 84 30.41 -40.23 -43.24
C LEU I 84 29.18 -39.36 -42.99
N PRO I 85 29.04 -38.26 -43.72
CA PRO I 85 27.83 -37.43 -43.54
C PRO I 85 26.58 -38.15 -44.00
N PHE I 86 25.47 -37.79 -43.38
CA PHE I 86 24.14 -38.32 -43.68
C PHE I 86 23.26 -37.11 -44.02
N ASN I 87 23.24 -36.71 -45.28
CA ASN I 87 22.55 -35.46 -45.60
C ASN I 87 21.05 -35.65 -45.67
N ASP I 88 20.58 -36.50 -46.60
CA ASP I 88 19.15 -36.71 -46.79
C ASP I 88 18.81 -38.17 -47.09
N GLY I 89 19.68 -39.11 -46.71
CA GLY I 89 19.49 -40.52 -46.98
C GLY I 89 20.67 -41.23 -47.62
N VAL I 90 20.92 -42.46 -47.20
CA VAL I 90 22.10 -43.23 -47.57
C VAL I 90 21.67 -44.62 -48.06
N TYR I 91 22.26 -45.06 -49.17
CA TYR I 91 22.10 -46.42 -49.66
C TYR I 91 23.34 -47.21 -49.23
N PHE I 92 23.11 -48.40 -48.66
CA PHE I 92 24.20 -49.20 -48.10
C PHE I 92 24.13 -50.63 -48.64
N ALA I 93 25.12 -51.00 -49.44
CA ALA I 93 25.25 -52.36 -49.96
C ALA I 93 26.40 -53.07 -49.24
N SER I 94 26.24 -54.37 -49.03
CA SER I 94 27.26 -55.17 -48.35
C SER I 94 27.46 -56.50 -49.06
N THR I 95 28.67 -56.75 -49.55
CA THR I 95 29.03 -58.03 -50.12
C THR I 95 29.84 -58.78 -49.06
N GLU I 96 29.33 -59.93 -48.63
CA GLU I 96 29.94 -60.65 -47.52
C GLU I 96 29.91 -62.15 -47.76
N LYS I 97 30.74 -62.85 -47.00
CA LYS I 97 30.71 -64.31 -46.94
C LYS I 97 30.80 -64.84 -45.51
N SER I 98 31.10 -63.98 -44.53
CA SER I 98 31.29 -64.43 -43.15
C SER I 98 30.61 -63.51 -42.14
N ASN I 99 29.69 -62.64 -42.59
CA ASN I 99 28.93 -61.75 -41.70
C ASN I 99 29.85 -60.85 -40.87
N ILE I 100 30.72 -60.11 -41.57
CA ILE I 100 31.62 -59.19 -40.88
C ILE I 100 30.87 -57.95 -40.39
N ILE I 101 29.95 -57.42 -41.21
CA ILE I 101 29.21 -56.23 -40.82
C ILE I 101 28.34 -56.53 -39.60
N ARG I 102 28.29 -55.58 -38.67
CA ARG I 102 27.48 -55.70 -37.47
C ARG I 102 26.33 -54.71 -37.39
N GLY I 103 26.55 -53.46 -37.78
CA GLY I 103 25.50 -52.46 -37.62
C GLY I 103 25.99 -51.07 -37.98
N TRP I 104 25.26 -50.07 -37.48
CA TRP I 104 25.53 -48.68 -37.83
C TRP I 104 25.29 -47.79 -36.62
N ILE I 105 25.88 -46.60 -36.67
CA ILE I 105 25.68 -45.55 -35.68
C ILE I 105 25.24 -44.30 -36.41
N PHE I 106 24.21 -43.64 -35.89
CA PHE I 106 23.72 -42.39 -36.46
C PHE I 106 23.73 -41.31 -35.39
N GLY I 107 23.94 -40.07 -35.81
CA GLY I 107 23.90 -38.96 -34.88
C GLY I 107 24.42 -37.70 -35.52
N THR I 108 24.59 -36.67 -34.68
CA THR I 108 25.10 -35.38 -35.11
C THR I 108 26.47 -35.08 -34.51
N THR I 109 26.61 -35.22 -33.19
CA THR I 109 27.88 -34.96 -32.52
C THR I 109 28.61 -36.21 -32.08
N LEU I 110 27.88 -37.28 -31.72
CA LEU I 110 28.45 -38.56 -31.30
C LEU I 110 29.35 -38.39 -30.08
N ASP I 111 29.07 -37.40 -29.23
CA ASP I 111 29.87 -37.16 -28.04
C ASP I 111 28.98 -37.02 -26.80
N SER I 112 27.82 -37.67 -26.82
CA SER I 112 26.85 -37.75 -25.75
C SER I 112 26.13 -36.44 -25.44
N LYS I 113 26.40 -35.35 -26.18
CA LYS I 113 25.63 -34.14 -25.92
C LYS I 113 24.30 -34.14 -26.66
N THR I 114 24.18 -34.92 -27.73
CA THR I 114 22.93 -35.03 -28.47
C THR I 114 22.63 -36.50 -28.68
N GLN I 115 21.35 -36.83 -28.72
CA GLN I 115 20.92 -38.22 -28.83
C GLN I 115 21.40 -38.84 -30.15
N SER I 116 21.87 -40.08 -30.07
CA SER I 116 22.35 -40.82 -31.22
C SER I 116 21.49 -42.07 -31.41
N LEU I 117 21.71 -42.76 -32.52
CA LEU I 117 21.02 -43.99 -32.83
C LEU I 117 22.03 -45.11 -33.03
N LEU I 118 21.70 -46.30 -32.55
CA LEU I 118 22.59 -47.45 -32.62
C LEU I 118 21.83 -48.69 -33.03
N ILE I 119 22.29 -49.35 -34.09
CA ILE I 119 21.75 -50.63 -34.53
C ILE I 119 22.91 -51.62 -34.55
N VAL I 120 22.75 -52.73 -33.83
CA VAL I 120 23.79 -53.75 -33.74
C VAL I 120 23.15 -55.13 -33.82
N ASN I 121 23.68 -55.98 -34.68
CA ASN I 121 23.32 -57.40 -34.72
C ASN I 121 24.51 -58.17 -34.16
N ASN I 122 24.57 -58.26 -32.83
CA ASN I 122 25.73 -58.83 -32.14
C ASN I 122 25.65 -60.34 -31.97
N ALA I 123 25.31 -61.04 -33.06
CA ALA I 123 25.37 -62.50 -33.13
C ALA I 123 24.26 -63.17 -32.33
N THR I 124 23.53 -62.39 -31.54
CA THR I 124 22.47 -62.93 -30.69
C THR I 124 21.11 -62.32 -31.02
N ASN I 125 21.01 -60.99 -31.02
CA ASN I 125 19.76 -60.30 -31.25
C ASN I 125 20.00 -59.13 -32.19
N VAL I 126 18.94 -58.39 -32.46
CA VAL I 126 19.03 -57.14 -33.19
C VAL I 126 18.67 -56.03 -32.21
N VAL I 127 19.60 -55.13 -31.97
CA VAL I 127 19.43 -54.07 -30.97
C VAL I 127 19.30 -52.75 -31.71
N ILE I 128 18.21 -52.03 -31.44
CA ILE I 128 17.98 -50.71 -32.00
C ILE I 128 17.74 -49.77 -30.84
N LYS I 129 18.68 -48.84 -30.63
CA LYS I 129 18.59 -47.89 -29.53
C LYS I 129 18.73 -46.47 -30.06
N VAL I 130 17.99 -45.56 -29.44
CA VAL I 130 18.16 -44.13 -29.65
C VAL I 130 18.50 -43.59 -28.27
N CYS I 131 19.74 -43.12 -28.10
CA CYS I 131 20.21 -42.89 -26.76
C CYS I 131 21.49 -42.06 -26.86
N GLU I 132 21.88 -41.46 -25.75
CA GLU I 132 23.08 -40.62 -25.72
C GLU I 132 24.27 -41.50 -25.32
N PHE I 133 25.25 -41.59 -26.20
CA PHE I 133 26.41 -42.44 -25.97
C PHE I 133 27.70 -41.65 -26.10
N GLN I 134 28.69 -42.02 -25.28
CA GLN I 134 30.02 -41.44 -25.38
C GLN I 134 30.86 -42.26 -26.37
N PHE I 135 30.55 -42.06 -27.65
CA PHE I 135 31.24 -42.81 -28.69
C PHE I 135 32.71 -42.41 -28.75
N CYS I 136 33.58 -43.39 -28.90
CA CYS I 136 35.00 -43.13 -29.08
C CYS I 136 35.35 -43.13 -30.57
N ASN I 137 36.63 -42.88 -30.86
CA ASN I 137 37.07 -42.75 -32.25
C ASN I 137 36.91 -44.06 -33.02
N ASP I 138 37.15 -45.20 -32.38
CA ASP I 138 37.15 -46.49 -33.06
C ASP I 138 36.17 -47.44 -32.39
N PRO I 139 34.88 -47.36 -32.74
CA PRO I 139 33.91 -48.34 -32.25
C PRO I 139 33.83 -49.53 -33.19
N PHE I 140 33.78 -50.73 -32.60
CA PHE I 140 33.81 -51.95 -33.40
C PHE I 140 33.37 -53.12 -32.54
N LEU I 141 33.34 -54.29 -33.16
CA LEU I 141 33.06 -55.56 -32.49
C LEU I 141 34.21 -56.51 -32.75
N GLY I 142 34.41 -57.45 -31.82
CA GLY I 142 35.45 -58.45 -32.00
C GLY I 142 35.02 -59.85 -31.66
N VAL I 143 35.15 -60.77 -32.62
CA VAL I 143 34.87 -62.18 -32.39
C VAL I 143 36.21 -62.88 -32.14
N TYR I 144 36.26 -63.70 -31.10
CA TYR I 144 37.50 -64.31 -30.67
C TYR I 144 37.45 -65.80 -31.01
N TYR I 145 38.49 -66.28 -31.70
CA TYR I 145 38.52 -67.64 -32.25
C TYR I 145 39.49 -68.48 -31.44
N HIS I 146 39.06 -69.67 -31.06
CA HIS I 146 39.87 -70.60 -30.27
C HIS I 146 40.32 -71.73 -31.17
N LYS I 147 41.63 -72.03 -31.14
CA LYS I 147 42.17 -73.11 -31.95
C LYS I 147 41.82 -74.49 -31.41
N ASN I 148 41.63 -74.61 -30.09
CA ASN I 148 41.38 -75.93 -29.51
C ASN I 148 40.03 -76.49 -29.94
N ASN I 149 39.00 -75.65 -30.00
CA ASN I 149 37.66 -76.11 -30.34
C ASN I 149 37.12 -75.27 -31.49
N LYS I 150 36.28 -75.90 -32.33
CA LYS I 150 35.72 -75.24 -33.50
C LYS I 150 34.49 -74.43 -33.10
N SER I 151 34.73 -73.36 -32.36
CA SER I 151 33.65 -72.50 -31.87
C SER I 151 34.05 -71.04 -32.01
N TRP I 152 33.10 -70.22 -32.45
CA TRP I 152 33.28 -68.78 -32.55
C TRP I 152 32.21 -68.08 -31.73
N MET I 153 32.63 -67.17 -30.85
CA MET I 153 31.70 -66.32 -30.12
C MET I 153 32.30 -64.92 -30.00
N GLU I 154 31.41 -63.92 -30.02
CA GLU I 154 31.85 -62.54 -29.89
C GLU I 154 32.41 -62.28 -28.50
N SER I 155 33.56 -61.63 -28.43
CA SER I 155 34.23 -61.36 -27.17
C SER I 155 34.28 -59.88 -26.82
N GLU I 156 34.59 -59.01 -27.78
CA GLU I 156 34.78 -57.59 -27.52
C GLU I 156 33.64 -56.80 -28.15
N PHE I 157 33.11 -55.84 -27.39
CA PHE I 157 32.09 -54.92 -27.88
C PHE I 157 32.49 -53.54 -27.38
N ARG I 158 33.20 -52.79 -28.21
CA ARG I 158 33.76 -51.49 -27.82
C ARG I 158 33.10 -50.42 -28.67
N VAL I 159 31.99 -49.85 -28.18
CA VAL I 159 31.28 -48.84 -28.93
C VAL I 159 31.03 -47.59 -28.09
N TYR I 160 30.40 -47.77 -26.93
CA TYR I 160 30.02 -46.66 -26.07
C TYR I 160 30.42 -46.96 -24.63
N SER I 161 30.34 -45.94 -23.80
CA SER I 161 30.69 -46.06 -22.39
C SER I 161 29.56 -45.76 -21.43
N SER I 162 28.66 -44.82 -21.74
CA SER I 162 27.65 -44.41 -20.78
C SER I 162 26.35 -44.06 -21.50
N ALA I 163 25.25 -44.14 -20.76
CA ALA I 163 23.93 -43.72 -21.24
C ALA I 163 23.13 -43.21 -20.04
N ASN I 164 22.90 -41.89 -19.97
CA ASN I 164 22.25 -41.29 -18.80
C ASN I 164 20.77 -40.98 -19.05
N ASN I 165 20.48 -40.16 -20.06
CA ASN I 165 19.10 -39.86 -20.45
C ASN I 165 18.84 -40.64 -21.73
N CYS I 166 17.93 -41.60 -21.66
CA CYS I 166 17.75 -42.51 -22.78
C CYS I 166 16.27 -42.68 -23.05
N THR I 167 15.88 -42.73 -24.32
CA THR I 167 14.45 -42.74 -24.65
C THR I 167 13.97 -43.96 -25.42
N PHE I 168 14.75 -44.47 -26.37
CA PHE I 168 14.30 -45.56 -27.23
C PHE I 168 15.19 -46.77 -27.08
N GLU I 169 14.57 -47.93 -26.89
CA GLU I 169 15.28 -49.20 -26.80
C GLU I 169 14.46 -50.28 -27.49
N TYR I 170 15.14 -51.16 -28.22
CA TYR I 170 14.47 -52.30 -28.85
C TYR I 170 15.46 -53.43 -29.02
N VAL I 171 15.04 -54.64 -28.65
CA VAL I 171 15.83 -55.85 -28.86
C VAL I 171 14.93 -56.92 -29.49
N SER I 172 15.38 -57.48 -30.61
CA SER I 172 14.64 -58.56 -31.26
C SER I 172 14.91 -59.88 -30.54
N GLN I 173 14.13 -60.90 -30.91
CA GLN I 173 14.28 -62.20 -30.26
C GLN I 173 15.61 -62.84 -30.65
N PRO I 174 16.20 -63.62 -29.75
CA PRO I 174 17.56 -64.16 -29.99
C PRO I 174 17.61 -65.13 -31.17
N PHE I 175 18.78 -65.14 -31.82
CA PHE I 175 19.06 -66.02 -32.95
C PHE I 175 20.57 -66.17 -33.06
N LEU I 176 21.00 -67.19 -33.82
CA LEU I 176 22.40 -67.54 -33.94
C LEU I 176 22.79 -67.72 -35.40
N MET I 177 24.05 -67.39 -35.71
CA MET I 177 24.56 -67.57 -37.06
C MET I 177 25.89 -68.31 -37.07
N ASP I 178 26.51 -68.41 -38.25
CA ASP I 178 27.72 -69.22 -38.40
C ASP I 178 28.88 -68.65 -37.59
N LEU I 179 29.09 -67.34 -37.67
CA LEU I 179 30.20 -66.64 -37.00
C LEU I 179 31.55 -67.09 -37.58
N ASN I 185 34.64 -66.88 -52.29
CA ASN I 185 34.26 -65.52 -52.62
C ASN I 185 32.99 -65.12 -51.88
N PHE I 186 32.59 -63.86 -52.03
CA PHE I 186 31.41 -63.37 -51.33
C PHE I 186 30.17 -64.07 -51.88
N LYS I 187 29.24 -64.41 -50.99
CA LYS I 187 28.03 -65.10 -51.39
C LYS I 187 26.75 -64.36 -51.08
N ASN I 188 26.76 -63.38 -50.18
CA ASN I 188 25.56 -62.67 -49.78
C ASN I 188 25.70 -61.20 -50.10
N LEU I 189 24.62 -60.61 -50.61
CA LEU I 189 24.55 -59.17 -50.88
C LEU I 189 23.37 -58.61 -50.11
N ARG I 190 23.65 -57.75 -49.14
CA ARG I 190 22.62 -57.12 -48.32
C ARG I 190 22.53 -55.65 -48.73
N GLU I 191 21.34 -55.24 -49.17
CA GLU I 191 21.11 -53.87 -49.62
C GLU I 191 20.14 -53.19 -48.66
N PHE I 192 20.52 -52.02 -48.17
CA PHE I 192 19.70 -51.27 -47.23
C PHE I 192 19.59 -49.83 -47.69
N VAL I 193 18.48 -49.18 -47.31
CA VAL I 193 18.26 -47.77 -47.56
C VAL I 193 17.80 -47.14 -46.25
N PHE I 194 18.47 -46.09 -45.82
CA PHE I 194 18.15 -45.40 -44.60
C PHE I 194 17.69 -43.98 -44.92
N LYS I 195 16.51 -43.60 -44.42
CA LYS I 195 16.00 -42.25 -44.64
C LYS I 195 15.49 -41.70 -43.32
N ASN I 196 15.60 -40.38 -43.16
CA ASN I 196 15.05 -39.69 -42.01
C ASN I 196 14.39 -38.41 -42.50
N ILE I 197 13.06 -38.38 -42.51
CA ILE I 197 12.32 -37.18 -42.91
C ILE I 197 11.01 -37.15 -42.16
N ASP I 198 10.54 -35.94 -41.85
CA ASP I 198 9.24 -35.73 -41.23
C ASP I 198 9.17 -36.44 -39.88
N GLY I 199 10.33 -36.54 -39.21
CA GLY I 199 10.48 -37.18 -37.92
C GLY I 199 10.42 -38.69 -37.92
N TYR I 200 10.40 -39.33 -39.09
CA TYR I 200 10.36 -40.78 -39.21
C TYR I 200 11.68 -41.27 -39.78
N PHE I 201 12.28 -42.27 -39.13
CA PHE I 201 13.49 -42.90 -39.63
C PHE I 201 13.07 -44.23 -40.26
N LYS I 202 13.18 -44.33 -41.58
CA LYS I 202 12.70 -45.48 -42.34
C LYS I 202 13.87 -46.31 -42.83
N ILE I 203 13.78 -47.62 -42.65
CA ILE I 203 14.78 -48.57 -43.13
C ILE I 203 14.14 -49.49 -44.16
N TYR I 204 14.76 -49.59 -45.34
CA TYR I 204 14.36 -50.54 -46.36
C TYR I 204 15.47 -51.56 -46.52
N SER I 205 15.09 -52.82 -46.75
CA SER I 205 16.07 -53.89 -46.80
C SER I 205 15.80 -54.84 -47.95
N LYS I 206 16.85 -55.54 -48.37
CA LYS I 206 16.75 -56.60 -49.36
C LYS I 206 17.97 -57.50 -49.21
N HIS I 207 17.77 -58.80 -49.42
CA HIS I 207 18.85 -59.78 -49.40
C HIS I 207 18.91 -60.48 -50.74
N THR I 208 20.14 -60.79 -51.18
CA THR I 208 20.31 -61.41 -52.47
C THR I 208 21.49 -62.39 -52.46
N PRO I 209 21.30 -63.59 -53.01
CA PRO I 209 22.45 -64.50 -53.16
C PRO I 209 23.23 -64.15 -54.42
N ILE I 210 24.55 -64.05 -54.28
CA ILE I 210 25.43 -63.72 -55.38
C ILE I 210 26.59 -64.70 -55.39
N ASN I 211 27.20 -64.87 -56.55
CA ASN I 211 28.33 -65.77 -56.69
C ASN I 211 29.45 -65.13 -57.47
N LEU I 212 29.73 -63.85 -57.21
CA LEU I 212 30.87 -63.20 -57.82
C LEU I 212 31.98 -63.02 -56.79
N VAL I 213 33.15 -62.63 -57.30
CA VAL I 213 34.36 -62.46 -56.52
C VAL I 213 34.61 -61.04 -56.03
N ARG I 214 34.65 -60.11 -56.97
CA ARG I 214 35.08 -58.71 -56.81
C ARG I 214 34.40 -57.80 -57.83
N ASP I 215 33.24 -57.26 -57.44
CA ASP I 215 32.45 -56.28 -58.19
C ASP I 215 31.16 -55.86 -57.47
N LEU I 216 30.35 -55.02 -58.12
CA LEU I 216 28.99 -54.73 -57.69
C LEU I 216 28.05 -55.48 -58.62
N PRO I 217 27.18 -56.37 -58.14
CA PRO I 217 26.37 -57.18 -59.06
C PRO I 217 25.41 -56.33 -59.88
N GLN I 218 25.17 -56.76 -61.11
CA GLN I 218 24.24 -56.07 -62.00
C GLN I 218 22.81 -56.55 -61.70
N GLY I 219 21.87 -56.20 -62.58
CA GLY I 219 20.50 -56.59 -62.41
C GLY I 219 19.69 -55.55 -61.66
N PHE I 220 18.37 -55.74 -61.65
CA PHE I 220 17.45 -54.82 -61.00
C PHE I 220 16.71 -55.55 -59.90
N SER I 221 16.80 -55.04 -58.67
CA SER I 221 16.07 -55.58 -57.55
C SER I 221 15.47 -54.46 -56.73
N ALA I 222 14.19 -54.57 -56.38
CA ALA I 222 13.52 -53.60 -55.54
C ALA I 222 13.74 -53.94 -54.07
N LEU I 223 13.83 -52.90 -53.25
CA LEU I 223 14.09 -53.06 -51.81
C LEU I 223 12.79 -52.89 -51.04
N GLU I 224 12.41 -53.94 -50.31
CA GLU I 224 11.19 -53.89 -49.51
C GLU I 224 11.42 -53.09 -48.23
N PRO I 225 10.40 -52.36 -47.77
CA PRO I 225 10.52 -51.67 -46.48
C PRO I 225 10.72 -52.66 -45.34
N LEU I 226 11.54 -52.27 -44.38
CA LEU I 226 11.83 -53.10 -43.22
C LEU I 226 11.18 -52.59 -41.95
N VAL I 227 11.35 -51.30 -41.64
CA VAL I 227 10.78 -50.72 -40.43
C VAL I 227 10.68 -49.22 -40.62
N ASP I 228 9.75 -48.60 -39.90
CA ASP I 228 9.60 -47.15 -39.86
C ASP I 228 9.72 -46.74 -38.40
N LEU I 229 10.94 -46.47 -37.96
CA LEU I 229 11.18 -46.17 -36.55
C LEU I 229 10.73 -44.75 -36.23
N PRO I 230 9.96 -44.55 -35.16
CA PRO I 230 9.54 -43.21 -34.70
C PRO I 230 10.60 -42.54 -33.84
N ILE I 231 11.65 -42.02 -34.47
CA ILE I 231 12.80 -41.50 -33.76
C ILE I 231 12.76 -39.98 -33.61
N GLY I 232 12.47 -39.27 -34.69
CA GLY I 232 12.33 -37.81 -34.61
C GLY I 232 13.53 -37.07 -34.07
N ILE I 233 14.74 -37.44 -34.51
CA ILE I 233 15.95 -36.74 -34.10
C ILE I 233 16.68 -36.23 -35.34
N ASN I 234 17.69 -35.40 -35.10
CA ASN I 234 18.53 -34.87 -36.18
C ASN I 234 19.72 -35.79 -36.38
N ILE I 235 19.84 -36.37 -37.57
CA ILE I 235 20.96 -37.21 -37.96
C ILE I 235 21.67 -36.55 -39.13
N THR I 236 22.93 -36.16 -38.94
CA THR I 236 23.66 -35.52 -40.02
C THR I 236 24.89 -36.28 -40.48
N ARG I 237 25.37 -37.26 -39.70
CA ARG I 237 26.55 -38.02 -40.08
C ARG I 237 26.42 -39.39 -39.41
N PHE I 238 27.16 -40.36 -39.94
CA PHE I 238 26.98 -41.73 -39.52
C PHE I 238 28.25 -42.54 -39.74
N GLN I 239 28.27 -43.74 -39.16
CA GLN I 239 29.39 -44.65 -39.25
C GLN I 239 28.86 -46.07 -39.36
N THR I 240 29.77 -47.00 -39.66
CA THR I 240 29.44 -48.41 -39.77
C THR I 240 30.20 -49.20 -38.71
N LEU I 241 29.74 -50.42 -38.46
CA LEU I 241 30.34 -51.30 -37.47
C LEU I 241 30.85 -52.56 -38.15
N LEU I 242 32.06 -52.97 -37.76
CA LEU I 242 32.69 -54.16 -38.31
C LEU I 242 33.09 -55.10 -37.17
N ALA I 243 33.13 -56.39 -37.47
CA ALA I 243 33.58 -57.41 -36.54
C ALA I 243 34.94 -57.93 -36.99
N LEU I 244 35.92 -57.91 -36.09
CA LEU I 244 37.24 -58.42 -36.40
C LEU I 244 37.42 -59.82 -35.82
N HIS I 245 38.52 -60.46 -36.21
CA HIS I 245 38.85 -61.80 -35.75
C HIS I 245 40.11 -61.74 -34.89
N ARG I 246 40.09 -62.43 -33.76
CA ARG I 246 41.25 -62.54 -32.88
C ARG I 246 41.57 -64.01 -32.64
N SER I 247 42.86 -64.31 -32.57
CA SER I 247 43.31 -65.67 -32.30
C SER I 247 44.45 -65.68 -31.28
N GLY I 252 48.86 -61.66 -30.10
CA GLY I 252 49.73 -60.52 -29.87
C GLY I 252 49.06 -59.42 -29.05
N ASP I 253 49.43 -58.18 -29.33
CA ASP I 253 48.87 -57.05 -28.60
C ASP I 253 47.42 -56.83 -29.00
N SER I 254 46.66 -56.21 -28.09
CA SER I 254 45.25 -55.94 -28.36
C SER I 254 45.09 -55.01 -29.55
N SER I 255 45.97 -54.02 -29.68
CA SER I 255 45.88 -53.05 -30.77
C SER I 255 46.49 -53.56 -32.07
N SER I 256 47.13 -54.73 -32.07
CA SER I 256 47.80 -55.22 -33.26
C SER I 256 47.31 -56.61 -33.66
N GLY I 257 46.97 -57.43 -32.68
CA GLY I 257 46.56 -58.80 -32.96
C GLY I 257 45.10 -58.93 -33.32
N TRP I 258 44.74 -58.48 -34.52
CA TRP I 258 43.37 -58.52 -34.98
C TRP I 258 43.34 -58.77 -36.48
N THR I 259 42.35 -59.53 -36.93
CA THR I 259 42.14 -59.80 -38.35
C THR I 259 40.76 -59.27 -38.74
N ALA I 260 40.74 -58.40 -39.75
CA ALA I 260 39.49 -57.78 -40.17
C ALA I 260 38.53 -58.79 -40.79
N GLY I 261 39.04 -59.64 -41.67
CA GLY I 261 38.18 -60.56 -42.39
C GLY I 261 37.71 -60.00 -43.71
N ALA I 262 37.45 -60.89 -44.66
CA ALA I 262 37.11 -60.45 -46.01
C ALA I 262 35.68 -59.95 -46.06
N ALA I 263 35.50 -58.71 -46.48
CA ALA I 263 34.18 -58.10 -46.66
C ALA I 263 34.34 -56.83 -47.47
N ALA I 264 33.23 -56.36 -48.02
CA ALA I 264 33.19 -55.08 -48.72
C ALA I 264 31.83 -54.45 -48.51
N TYR I 265 31.80 -53.13 -48.33
CA TYR I 265 30.55 -52.40 -48.22
C TYR I 265 30.62 -51.13 -49.05
N TYR I 266 29.51 -50.83 -49.72
CA TYR I 266 29.40 -49.69 -50.62
C TYR I 266 28.40 -48.69 -50.07
N VAL I 267 28.75 -47.40 -50.13
CA VAL I 267 27.90 -46.34 -49.61
C VAL I 267 27.54 -45.39 -50.73
N GLY I 268 26.24 -45.11 -50.87
CA GLY I 268 25.78 -44.12 -51.82
C GLY I 268 24.82 -43.16 -51.14
N TYR I 269 24.60 -42.03 -51.80
CA TYR I 269 23.76 -40.98 -51.24
C TYR I 269 22.49 -40.83 -52.07
N LEU I 270 21.38 -40.56 -51.39
CA LEU I 270 20.09 -40.40 -52.04
C LEU I 270 19.87 -38.95 -52.42
N GLN I 271 19.26 -38.73 -53.58
CA GLN I 271 18.94 -37.39 -54.04
C GLN I 271 17.47 -37.34 -54.46
N PRO I 272 16.84 -36.18 -54.39
CA PRO I 272 15.46 -36.07 -54.84
C PRO I 272 15.36 -36.14 -56.36
N ARG I 273 14.80 -37.24 -56.86
CA ARG I 273 14.70 -37.49 -58.28
C ARG I 273 13.38 -38.18 -58.55
N THR I 274 12.97 -38.21 -59.81
CA THR I 274 11.74 -38.88 -60.21
C THR I 274 12.08 -40.12 -61.01
N PHE I 275 11.52 -41.25 -60.61
CA PHE I 275 11.77 -42.54 -61.24
C PHE I 275 10.45 -43.11 -61.72
N LEU I 276 10.40 -43.52 -62.98
CA LEU I 276 9.23 -44.22 -63.48
C LEU I 276 9.35 -45.69 -63.11
N LEU I 277 8.37 -46.22 -62.41
CA LEU I 277 8.42 -47.61 -61.97
C LEU I 277 7.52 -48.46 -62.85
N LYS I 278 7.91 -49.72 -63.04
CA LYS I 278 7.10 -50.67 -63.78
C LYS I 278 6.68 -51.78 -62.84
N TYR I 279 5.38 -52.04 -62.81
CA TYR I 279 4.79 -53.02 -61.90
C TYR I 279 4.22 -54.16 -62.74
N ASN I 280 4.49 -55.38 -62.33
CA ASN I 280 3.88 -56.51 -63.00
C ASN I 280 2.52 -56.72 -62.35
N GLU I 281 1.83 -57.80 -62.72
CA GLU I 281 0.51 -58.00 -62.14
C GLU I 281 0.61 -58.42 -60.67
N ASN I 282 1.70 -59.09 -60.32
CA ASN I 282 1.94 -59.48 -58.93
C ASN I 282 2.10 -58.25 -58.04
N GLY I 283 2.63 -57.16 -58.60
CA GLY I 283 2.92 -55.94 -57.88
C GLY I 283 4.38 -55.67 -57.61
N THR I 284 5.29 -56.54 -58.05
CA THR I 284 6.71 -56.27 -57.89
C THR I 284 7.14 -55.20 -58.90
N ILE I 285 8.19 -54.46 -58.56
CA ILE I 285 8.75 -53.48 -59.47
C ILE I 285 9.75 -54.21 -60.35
N THR I 286 9.31 -54.59 -61.56
CA THR I 286 10.18 -55.32 -62.48
C THR I 286 11.35 -54.46 -62.94
N ASP I 287 11.09 -53.20 -63.28
CA ASP I 287 12.13 -52.33 -63.80
C ASP I 287 11.76 -50.88 -63.51
N ALA I 288 12.77 -50.02 -63.56
CA ALA I 288 12.58 -48.58 -63.37
C ALA I 288 13.54 -47.82 -64.29
N VAL I 289 13.18 -46.57 -64.56
CA VAL I 289 14.00 -45.69 -65.38
C VAL I 289 14.05 -44.31 -64.73
N ASP I 290 15.20 -43.66 -64.83
CA ASP I 290 15.34 -42.30 -64.32
C ASP I 290 14.63 -41.31 -65.23
N CYS I 291 14.39 -40.12 -64.70
CA CYS I 291 13.88 -39.02 -65.49
C CYS I 291 14.92 -37.94 -65.72
N ALA I 292 16.13 -38.10 -65.17
CA ALA I 292 17.19 -37.10 -65.34
C ALA I 292 18.53 -37.75 -65.65
N LEU I 293 18.52 -38.91 -66.30
CA LEU I 293 19.75 -39.59 -66.65
C LEU I 293 20.23 -39.23 -68.05
N ASP I 294 19.38 -39.40 -69.05
CA ASP I 294 19.73 -39.13 -70.43
C ASP I 294 18.44 -38.79 -71.17
N PRO I 295 18.54 -38.19 -72.36
CA PRO I 295 17.32 -37.76 -73.06
C PRO I 295 16.31 -38.86 -73.31
N LEU I 296 16.76 -40.09 -73.61
CA LEU I 296 15.81 -41.17 -73.85
C LEU I 296 15.02 -41.50 -72.59
N SER I 297 15.69 -41.55 -71.44
CA SER I 297 14.97 -41.82 -70.19
C SER I 297 13.99 -40.69 -69.89
N GLU I 298 14.39 -39.45 -70.15
CA GLU I 298 13.49 -38.33 -69.93
C GLU I 298 12.27 -38.44 -70.84
N THR I 299 12.48 -38.84 -72.09
CA THR I 299 11.37 -39.03 -73.01
C THR I 299 10.44 -40.13 -72.53
N LYS I 300 11.01 -41.23 -72.03
CA LYS I 300 10.19 -42.31 -71.50
C LYS I 300 9.38 -41.83 -70.31
N CYS I 301 9.99 -41.01 -69.45
CA CYS I 301 9.26 -40.46 -68.30
C CYS I 301 8.11 -39.58 -68.76
N THR I 302 8.35 -38.75 -69.78
CA THR I 302 7.27 -37.88 -70.28
C THR I 302 6.14 -38.71 -70.87
N LEU I 303 6.46 -39.77 -71.60
CA LEU I 303 5.44 -40.57 -72.27
C LEU I 303 4.80 -41.60 -71.35
N LYS I 304 5.35 -41.80 -70.15
CA LYS I 304 4.86 -42.81 -69.21
C LYS I 304 4.87 -44.19 -69.84
N SER I 305 5.90 -44.49 -70.62
CA SER I 305 6.03 -45.79 -71.24
C SER I 305 7.51 -46.16 -71.35
N PHE I 306 7.81 -47.45 -71.15
CA PHE I 306 9.17 -47.92 -71.30
C PHE I 306 9.61 -47.98 -72.75
N THR I 307 8.66 -48.07 -73.69
CA THR I 307 8.93 -48.08 -75.11
C THR I 307 8.43 -46.78 -75.73
N VAL I 308 9.25 -46.19 -76.59
CA VAL I 308 8.92 -44.94 -77.27
C VAL I 308 8.88 -45.19 -78.78
N GLU I 309 7.86 -44.64 -79.42
CA GLU I 309 7.70 -44.77 -80.85
C GLU I 309 8.63 -43.81 -81.57
N LYS I 310 8.86 -44.09 -82.85
CA LYS I 310 9.74 -43.22 -83.63
C LYS I 310 9.12 -41.84 -83.76
N GLY I 311 9.92 -40.80 -83.63
CA GLY I 311 9.43 -39.45 -83.79
C GLY I 311 10.21 -38.49 -82.92
N ILE I 312 9.69 -37.27 -82.83
CA ILE I 312 10.28 -36.20 -82.05
C ILE I 312 9.29 -35.80 -80.96
N TYR I 313 9.78 -35.70 -79.73
CA TYR I 313 8.94 -35.45 -78.57
C TYR I 313 9.42 -34.21 -77.81
N GLN I 314 8.48 -33.36 -77.43
CA GLN I 314 8.79 -32.15 -76.66
C GLN I 314 9.03 -32.57 -75.21
N THR I 315 10.29 -32.78 -74.86
CA THR I 315 10.61 -33.36 -73.56
C THR I 315 10.54 -32.32 -72.43
N SER I 316 11.28 -31.23 -72.55
CA SER I 316 11.36 -30.26 -71.46
C SER I 316 11.83 -28.92 -72.00
N ASN I 317 12.23 -28.03 -71.10
CA ASN I 317 12.64 -26.68 -71.45
C ASN I 317 14.03 -26.38 -70.90
N PHE I 318 14.75 -25.49 -71.57
CA PHE I 318 16.09 -25.07 -71.19
C PHE I 318 16.09 -23.56 -70.97
N ARG I 319 16.56 -23.12 -69.80
CA ARG I 319 16.68 -21.70 -69.50
C ARG I 319 18.07 -21.41 -68.93
N VAL I 320 18.80 -20.50 -69.57
CA VAL I 320 20.10 -20.08 -69.08
C VAL I 320 19.93 -19.35 -67.76
N GLN I 321 20.66 -19.80 -66.72
CA GLN I 321 20.53 -19.21 -65.40
C GLN I 321 21.51 -18.04 -65.24
N PRO I 322 21.02 -16.84 -64.91
CA PRO I 322 21.92 -15.70 -64.76
C PRO I 322 22.76 -15.78 -63.50
N THR I 323 23.95 -15.17 -63.54
CA THR I 323 24.82 -15.10 -62.36
C THR I 323 25.39 -13.70 -62.22
N GLU I 324 25.92 -13.42 -61.02
CA GLU I 324 26.55 -12.15 -60.65
C GLU I 324 25.59 -10.98 -60.90
N SER I 325 24.51 -11.00 -60.12
CA SER I 325 23.52 -9.93 -60.18
C SER I 325 24.19 -8.58 -59.95
N ILE I 326 23.82 -7.61 -60.79
CA ILE I 326 24.42 -6.28 -60.77
C ILE I 326 23.34 -5.25 -60.52
N VAL I 327 23.67 -4.24 -59.71
CA VAL I 327 22.80 -3.13 -59.41
C VAL I 327 23.55 -1.85 -59.75
N ARG I 328 22.89 -0.93 -60.45
CA ARG I 328 23.47 0.34 -60.82
C ARG I 328 22.59 1.49 -60.35
N PHE I 329 23.21 2.49 -59.73
CA PHE I 329 22.53 3.69 -59.29
C PHE I 329 23.34 4.89 -59.77
N PRO I 330 22.68 6.05 -59.90
CA PRO I 330 23.35 7.23 -60.49
C PRO I 330 24.64 7.64 -59.78
N ASN I 331 25.65 8.02 -60.58
CA ASN I 331 26.90 8.52 -60.00
C ASN I 331 26.79 10.02 -59.86
N ILE I 332 26.59 10.48 -58.64
CA ILE I 332 26.50 11.88 -58.33
C ILE I 332 27.56 12.27 -57.31
N THR I 333 27.80 11.38 -56.34
CA THR I 333 28.79 11.57 -55.29
C THR I 333 28.53 12.87 -54.55
N ASN I 334 27.27 13.32 -54.57
CA ASN I 334 26.92 14.50 -53.82
C ASN I 334 27.10 14.16 -52.35
N LEU I 335 27.76 15.03 -51.62
CA LEU I 335 28.07 14.77 -50.24
C LEU I 335 27.26 15.75 -49.40
N CYS I 336 26.42 15.22 -48.53
CA CYS I 336 25.70 16.09 -47.64
C CYS I 336 26.75 16.70 -46.70
N PRO I 337 26.55 17.92 -46.25
CA PRO I 337 27.64 18.57 -45.49
C PRO I 337 27.79 18.09 -44.05
N PHE I 338 28.00 16.78 -43.89
CA PHE I 338 28.31 16.26 -42.56
C PHE I 338 29.67 16.72 -42.06
N GLY I 339 30.69 16.73 -42.92
CA GLY I 339 32.00 17.09 -42.44
C GLY I 339 32.21 18.56 -42.13
N GLU I 340 31.48 19.46 -42.80
CA GLU I 340 31.59 20.87 -42.44
C GLU I 340 30.88 21.16 -41.10
N VAL I 341 29.71 20.58 -40.86
CA VAL I 341 29.13 20.75 -39.53
C VAL I 341 29.99 20.05 -38.48
N PHE I 342 30.45 18.82 -38.76
CA PHE I 342 31.29 18.11 -37.79
C PHE I 342 32.62 18.82 -37.58
N ASN I 343 33.25 19.29 -38.65
CA ASN I 343 34.47 20.07 -38.55
C ASN I 343 34.06 21.53 -38.69
N ALA I 344 33.82 22.18 -37.56
CA ALA I 344 33.43 23.58 -37.53
C ALA I 344 34.35 24.30 -36.56
N THR I 345 34.90 25.44 -36.99
CA THR I 345 35.78 26.19 -36.10
C THR I 345 35.04 26.67 -34.87
N ARG I 346 33.79 27.12 -35.04
CA ARG I 346 32.99 27.65 -33.95
C ARG I 346 31.77 26.78 -33.64
N PHE I 347 31.60 26.43 -32.38
CA PHE I 347 30.44 25.70 -31.87
C PHE I 347 29.69 26.54 -30.85
N ALA I 348 28.38 26.54 -30.98
CA ALA I 348 27.52 27.34 -30.14
C ALA I 348 27.50 26.76 -28.72
N SER I 349 27.01 27.57 -27.79
CA SER I 349 26.93 27.15 -26.40
C SER I 349 25.81 26.13 -26.23
N VAL I 350 25.91 25.36 -25.14
CA VAL I 350 24.99 24.26 -24.92
C VAL I 350 23.56 24.78 -24.73
N TYR I 351 23.39 25.87 -23.98
CA TYR I 351 22.05 26.40 -23.80
C TYR I 351 21.48 26.89 -25.13
N ALA I 352 22.31 27.58 -25.93
CA ALA I 352 21.90 28.03 -27.25
C ALA I 352 22.39 27.05 -28.32
N TRP I 353 21.91 25.81 -28.23
CA TRP I 353 22.38 24.78 -29.15
C TRP I 353 21.93 25.11 -30.57
N ASN I 354 22.86 24.95 -31.52
CA ASN I 354 22.62 25.31 -32.90
C ASN I 354 22.15 24.09 -33.68
N ARG I 355 21.00 24.22 -34.32
CA ARG I 355 20.41 23.13 -35.10
C ARG I 355 20.56 23.45 -36.58
N LYS I 356 21.01 22.45 -37.34
CA LYS I 356 21.23 22.60 -38.78
C LYS I 356 20.36 21.59 -39.51
N ARG I 357 19.54 22.06 -40.45
CA ARG I 357 18.63 21.21 -41.20
C ARG I 357 19.24 20.93 -42.57
N ILE I 358 19.46 19.65 -42.86
CA ILE I 358 20.09 19.22 -44.11
C ILE I 358 19.17 18.25 -44.82
N SER I 359 18.92 18.52 -46.10
CA SER I 359 18.03 17.70 -46.92
C SER I 359 18.48 17.81 -48.36
N ASN I 360 17.98 16.91 -49.20
CA ASN I 360 18.30 16.89 -50.63
C ASN I 360 19.79 16.69 -50.85
N CYS I 361 20.40 15.90 -49.97
CA CYS I 361 21.83 15.59 -50.04
C CYS I 361 22.01 14.11 -49.76
N VAL I 362 22.97 13.49 -50.42
CA VAL I 362 23.29 12.10 -50.11
C VAL I 362 24.21 12.11 -48.89
N ALA I 363 23.73 11.57 -47.78
CA ALA I 363 24.45 11.64 -46.53
C ALA I 363 25.17 10.34 -46.26
N ASP I 364 26.50 10.41 -46.14
CA ASP I 364 27.32 9.22 -45.92
C ASP I 364 27.45 8.98 -44.43
N TYR I 365 26.48 8.26 -43.86
CA TYR I 365 26.57 7.92 -42.45
C TYR I 365 27.74 6.98 -42.19
N SER I 366 28.26 6.33 -43.24
CA SER I 366 29.35 5.38 -43.08
C SER I 366 30.66 6.09 -42.79
N VAL I 367 30.88 7.26 -43.40
CA VAL I 367 32.17 7.94 -43.27
C VAL I 367 32.42 8.35 -41.83
N LEU I 368 31.43 8.98 -41.19
CA LEU I 368 31.60 9.35 -39.80
C LEU I 368 31.68 8.10 -38.92
N TYR I 369 30.86 7.09 -39.21
CA TYR I 369 30.88 5.87 -38.42
C TYR I 369 32.22 5.16 -38.54
N ASN I 370 32.78 5.11 -39.74
CA ASN I 370 34.07 4.46 -39.94
C ASN I 370 35.16 5.18 -39.18
N SER I 371 35.13 6.51 -39.18
CA SER I 371 36.09 7.28 -38.40
C SER I 371 35.92 6.96 -36.92
N ALA I 372 37.05 6.70 -36.25
CA ALA I 372 37.04 6.27 -34.86
C ALA I 372 37.49 7.37 -33.91
N SER I 373 37.69 8.59 -34.41
CA SER I 373 38.20 9.67 -33.58
C SER I 373 37.22 10.02 -32.46
N PHE I 374 35.93 9.91 -32.72
CA PHE I 374 34.92 10.36 -31.76
C PHE I 374 34.88 9.44 -30.55
N SER I 375 34.94 10.03 -29.37
CA SER I 375 34.96 9.24 -28.14
C SER I 375 33.63 8.53 -27.90
N THR I 376 32.51 9.21 -28.10
CA THR I 376 31.20 8.65 -27.79
C THR I 376 30.37 8.57 -29.06
N PHE I 377 29.87 7.37 -29.36
CA PHE I 377 29.00 7.14 -30.51
C PHE I 377 27.80 6.32 -30.03
N LYS I 378 26.80 6.98 -29.45
CA LYS I 378 25.63 6.30 -28.93
C LYS I 378 24.44 6.59 -29.84
N CYS I 379 23.93 5.55 -30.49
CA CYS I 379 22.84 5.66 -31.45
C CYS I 379 21.63 4.89 -30.90
N TYR I 380 20.49 5.56 -30.85
CA TYR I 380 19.27 4.98 -30.30
C TYR I 380 18.26 4.84 -31.44
N GLY I 381 17.76 3.62 -31.63
CA GLY I 381 16.74 3.36 -32.62
C GLY I 381 17.23 3.28 -34.04
N VAL I 382 18.54 3.38 -34.27
CA VAL I 382 19.11 3.24 -35.61
C VAL I 382 20.56 2.81 -35.47
N SER I 383 21.02 2.02 -36.44
CA SER I 383 22.40 1.57 -36.52
C SER I 383 23.10 2.24 -37.70
N PRO I 384 24.38 2.55 -37.57
CA PRO I 384 25.06 3.28 -38.67
C PRO I 384 25.05 2.52 -39.98
N THR I 385 25.28 1.19 -39.94
CA THR I 385 25.22 0.40 -41.16
C THR I 385 23.83 0.46 -41.77
N LYS I 386 22.80 0.37 -40.91
CA LYS I 386 21.43 0.49 -41.39
C LYS I 386 21.14 1.92 -41.85
N LEU I 387 21.80 2.92 -41.26
CA LEU I 387 21.55 4.30 -41.65
C LEU I 387 21.88 4.54 -43.11
N ASN I 388 22.98 3.95 -43.59
CA ASN I 388 23.38 4.14 -44.98
C ASN I 388 22.30 3.63 -45.93
N ASP I 389 21.74 2.45 -45.65
CA ASP I 389 20.67 1.93 -46.48
C ASP I 389 19.38 2.71 -46.30
N LEU I 390 19.05 3.09 -45.06
CA LEU I 390 17.78 3.74 -44.80
C LEU I 390 17.77 5.14 -45.38
N CYS I 391 16.57 5.64 -45.65
CA CYS I 391 16.41 6.96 -46.24
C CYS I 391 15.50 7.82 -45.37
N PHE I 392 15.95 9.04 -45.05
CA PHE I 392 15.26 9.92 -44.12
C PHE I 392 14.93 11.25 -44.79
N THR I 393 13.75 11.79 -44.46
CA THR I 393 13.31 13.03 -45.08
C THR I 393 14.18 14.22 -44.69
N ASN I 394 14.50 14.35 -43.40
CA ASN I 394 15.28 15.49 -42.93
C ASN I 394 16.19 15.07 -41.78
N VAL I 395 17.37 15.69 -41.71
CA VAL I 395 18.33 15.46 -40.64
C VAL I 395 18.63 16.80 -39.98
N TYR I 396 18.53 16.84 -38.65
CA TYR I 396 18.86 18.03 -37.86
C TYR I 396 20.05 17.73 -36.97
N ALA I 397 21.16 18.45 -37.18
CA ALA I 397 22.39 18.25 -36.43
C ALA I 397 22.57 19.38 -35.42
N ASP I 398 22.69 19.03 -34.13
CA ASP I 398 22.79 20.00 -33.05
C ASP I 398 24.21 20.00 -32.49
N SER I 399 24.93 21.10 -32.68
CA SER I 399 26.34 21.20 -32.31
C SER I 399 26.49 22.07 -31.06
N PHE I 400 27.13 21.52 -30.03
CA PHE I 400 27.37 22.26 -28.79
C PHE I 400 28.59 21.69 -28.08
N VAL I 401 29.21 22.52 -27.26
CA VAL I 401 30.40 22.15 -26.48
C VAL I 401 30.01 22.06 -25.01
N ILE I 402 30.28 20.91 -24.40
CA ILE I 402 29.94 20.65 -23.00
C ILE I 402 31.08 19.89 -22.33
N ARG I 403 31.00 19.81 -21.01
CA ARG I 403 31.98 19.05 -20.23
C ARG I 403 31.82 17.55 -20.46
N GLY I 404 32.90 16.82 -20.22
CA GLY I 404 32.85 15.38 -20.35
C GLY I 404 31.83 14.74 -19.42
N ASP I 405 31.71 15.27 -18.21
CA ASP I 405 30.69 14.76 -17.28
C ASP I 405 29.30 14.95 -17.84
N GLU I 406 29.05 16.10 -18.47
CA GLU I 406 27.73 16.41 -18.99
C GLU I 406 27.41 15.65 -20.27
N VAL I 407 28.41 15.04 -20.90
CA VAL I 407 28.16 14.17 -22.05
C VAL I 407 27.21 13.05 -21.64
N ARG I 408 27.37 12.56 -20.41
CA ARG I 408 26.45 11.57 -19.88
C ARG I 408 25.02 12.11 -19.82
N GLN I 409 24.86 13.36 -19.37
CA GLN I 409 23.53 13.90 -19.16
C GLN I 409 22.76 14.02 -20.47
N ILE I 410 23.44 14.33 -21.57
CA ILE I 410 22.74 14.54 -22.84
C ILE I 410 22.51 13.20 -23.52
N ALA I 411 21.43 12.53 -23.12
CA ALA I 411 21.04 11.26 -23.72
C ALA I 411 19.55 11.06 -23.50
N PRO I 412 18.88 10.29 -24.36
CA PRO I 412 17.48 9.97 -24.08
C PRO I 412 17.35 9.21 -22.78
N GLY I 413 16.33 9.57 -21.99
CA GLY I 413 16.12 8.91 -20.72
C GLY I 413 17.15 9.25 -19.66
N GLN I 414 17.85 10.37 -19.82
CA GLN I 414 18.89 10.78 -18.88
C GLN I 414 18.51 12.11 -18.25
N THR I 415 18.61 12.19 -16.93
CA THR I 415 18.29 13.40 -16.19
C THR I 415 19.57 14.08 -15.73
N GLY I 416 19.69 15.37 -16.05
CA GLY I 416 20.83 16.16 -15.64
C GLY I 416 20.45 17.62 -15.64
N LYS I 417 21.22 18.41 -14.89
CA LYS I 417 20.99 19.86 -14.88
C LYS I 417 21.25 20.46 -16.25
N ILE I 418 22.30 20.00 -16.95
CA ILE I 418 22.55 20.48 -18.30
C ILE I 418 21.42 20.05 -19.22
N ALA I 419 20.97 18.80 -19.10
CA ALA I 419 19.87 18.32 -19.93
C ALA I 419 18.59 19.09 -19.65
N ASP I 420 18.31 19.39 -18.38
CA ASP I 420 17.06 20.04 -18.03
C ASP I 420 17.01 21.48 -18.52
N TYR I 421 18.11 22.22 -18.40
CA TYR I 421 18.08 23.64 -18.66
C TYR I 421 18.77 24.08 -19.95
N ASN I 422 19.45 23.18 -20.66
CA ASN I 422 20.18 23.58 -21.86
C ASN I 422 19.68 22.86 -23.10
N TYR I 423 19.76 21.53 -23.13
CA TYR I 423 19.32 20.75 -24.29
C TYR I 423 18.66 19.47 -23.80
N LYS I 424 17.44 19.22 -24.24
CA LYS I 424 16.65 18.08 -23.78
C LYS I 424 16.49 17.08 -24.92
N LEU I 425 16.73 15.80 -24.64
CA LEU I 425 16.62 14.75 -25.63
C LEU I 425 15.43 13.87 -25.31
N PRO I 426 14.47 13.72 -26.23
CA PRO I 426 13.33 12.83 -25.96
C PRO I 426 13.77 11.38 -25.88
N ASP I 427 13.10 10.62 -25.01
CA ASP I 427 13.46 9.22 -24.82
C ASP I 427 13.09 8.40 -26.06
N ASP I 428 11.89 8.63 -26.61
CA ASP I 428 11.44 7.86 -27.76
C ASP I 428 12.25 8.17 -29.01
N PHE I 429 12.95 9.30 -29.02
CA PHE I 429 13.59 9.76 -30.24
C PHE I 429 14.69 8.81 -30.72
N THR I 430 14.81 8.70 -32.04
CA THR I 430 15.83 7.89 -32.68
C THR I 430 16.86 8.79 -33.35
N GLY I 431 18.11 8.65 -32.93
CA GLY I 431 19.18 9.48 -33.46
C GLY I 431 20.52 9.03 -32.92
N CYS I 432 21.57 9.70 -33.39
CA CYS I 432 22.94 9.38 -33.01
C CYS I 432 23.57 10.56 -32.30
N VAL I 433 24.15 10.30 -31.13
CA VAL I 433 24.87 11.31 -30.36
C VAL I 433 26.36 11.04 -30.51
N ILE I 434 27.11 12.04 -30.98
CA ILE I 434 28.52 11.90 -31.25
C ILE I 434 29.29 12.93 -30.43
N ALA I 435 30.28 12.47 -29.67
CA ALA I 435 31.09 13.34 -28.82
C ALA I 435 32.57 13.07 -29.07
N TRP I 436 33.32 14.13 -29.34
CA TRP I 436 34.77 14.03 -29.48
C TRP I 436 35.42 15.10 -28.62
N ASN I 437 36.54 14.75 -27.99
CA ASN I 437 37.21 15.68 -27.08
C ASN I 437 37.73 16.89 -27.83
N SER I 438 37.45 18.08 -27.28
CA SER I 438 37.89 19.34 -27.88
C SER I 438 38.87 20.08 -26.99
N ASN I 439 39.53 19.38 -26.08
CA ASN I 439 40.40 20.04 -25.09
C ASN I 439 41.67 20.55 -25.74
N LEU I 441 41.47 22.21 -28.65
CA LEU I 441 41.48 23.45 -29.42
C LEU I 441 40.63 24.52 -28.73
N ASP I 442 39.53 24.10 -28.11
CA ASP I 442 38.69 25.04 -27.38
C ASP I 442 39.44 25.64 -26.18
N SER I 443 40.19 24.82 -25.47
CA SER I 443 40.86 25.29 -24.26
C SER I 443 42.03 26.21 -24.60
N LYS I 444 42.18 27.26 -23.80
CA LYS I 444 43.32 28.16 -23.88
C LYS I 444 43.89 28.33 -22.47
N VAL I 445 45.16 28.75 -22.41
CA VAL I 445 45.88 28.78 -21.14
C VAL I 445 45.14 29.64 -20.12
N GLY I 446 44.63 30.79 -20.56
CA GLY I 446 43.80 31.59 -19.66
C GLY I 446 42.49 30.90 -19.33
N GLY I 447 41.94 30.17 -20.28
CA GLY I 447 40.66 29.51 -20.13
C GLY I 447 39.59 30.17 -20.99
N ASN I 448 38.80 29.36 -21.69
CA ASN I 448 37.76 29.88 -22.57
C ASN I 448 36.45 29.87 -21.81
N TYR I 449 36.01 31.05 -21.37
CA TYR I 449 34.75 31.19 -20.65
C TYR I 449 33.63 31.66 -21.56
N ASN I 450 33.89 31.73 -22.87
CA ASN I 450 32.85 32.12 -23.82
C ASN I 450 31.70 31.13 -23.84
N TYR I 451 31.98 29.85 -23.58
CA TYR I 451 30.93 28.85 -23.51
C TYR I 451 30.15 29.03 -22.22
N LEU I 452 28.83 29.12 -22.33
CA LEU I 452 27.97 29.36 -21.18
C LEU I 452 26.93 28.26 -21.11
N TYR I 453 26.43 28.01 -19.90
CA TYR I 453 25.36 27.04 -19.71
C TYR I 453 24.40 27.57 -18.66
N ARG I 454 23.15 27.11 -18.75
CA ARG I 454 22.10 27.53 -17.83
C ARG I 454 22.18 26.73 -16.53
N LEU I 455 22.73 27.34 -15.47
CA LEU I 455 22.80 26.65 -14.18
C LEU I 455 21.42 26.33 -13.65
N PHE I 456 20.54 27.31 -13.62
CA PHE I 456 19.22 27.15 -13.03
C PHE I 456 18.20 27.91 -13.85
N ARG I 457 17.06 27.26 -14.08
CA ARG I 457 15.97 27.80 -14.86
C ARG I 457 14.67 27.51 -14.13
N LYS I 458 13.65 28.33 -14.39
CA LYS I 458 12.39 28.19 -13.68
C LYS I 458 11.76 26.83 -13.94
N SER I 459 11.82 26.37 -15.18
CA SER I 459 11.25 25.08 -15.57
C SER I 459 12.24 24.33 -16.43
N ASN I 460 12.11 23.00 -16.43
CA ASN I 460 12.93 22.18 -17.30
C ASN I 460 12.57 22.45 -18.76
N LEU I 461 13.59 22.49 -19.61
CA LEU I 461 13.35 22.72 -21.04
C LEU I 461 12.59 21.54 -21.65
N LYS I 462 11.66 21.86 -22.53
CA LYS I 462 10.93 20.82 -23.23
C LYS I 462 11.86 20.16 -24.25
N PRO I 463 11.55 18.93 -24.68
CA PRO I 463 12.44 18.24 -25.62
C PRO I 463 12.65 19.03 -26.89
N PHE I 464 13.90 19.08 -27.34
CA PHE I 464 14.29 19.80 -28.55
C PHE I 464 13.90 21.28 -28.50
N GLU I 465 14.03 21.88 -27.32
CA GLU I 465 13.71 23.30 -27.13
C GLU I 465 14.96 24.03 -26.68
N ARG I 466 15.17 25.21 -27.23
CA ARG I 466 16.33 26.04 -26.93
C ARG I 466 15.87 27.35 -26.31
N ASP I 467 16.47 27.73 -25.20
CA ASP I 467 16.13 28.94 -24.47
C ASP I 467 17.28 29.93 -24.54
N ILE I 468 17.01 31.14 -25.01
CA ILE I 468 18.00 32.21 -25.09
C ILE I 468 17.71 33.31 -24.07
N SER I 469 16.76 33.10 -23.17
CA SER I 469 16.40 34.13 -22.21
C SER I 469 17.60 34.45 -21.31
N THR I 470 17.86 35.74 -21.13
CA THR I 470 18.90 36.20 -20.20
C THR I 470 18.24 37.15 -19.21
N GLU I 471 17.58 36.56 -18.21
CA GLU I 471 16.90 37.30 -17.15
C GLU I 471 17.35 36.73 -15.83
N ILE I 472 17.57 37.60 -14.84
CA ILE I 472 18.08 37.14 -13.56
C ILE I 472 17.08 36.16 -12.95
N TYR I 473 17.56 34.97 -12.61
CA TYR I 473 16.68 33.95 -12.06
C TYR I 473 16.21 34.37 -10.68
N GLN I 474 14.94 34.12 -10.39
CA GLN I 474 14.32 34.57 -9.14
C GLN I 474 14.12 33.38 -8.22
N ALA I 475 14.85 33.36 -7.12
CA ALA I 475 14.71 32.36 -6.08
C ALA I 475 14.12 33.02 -4.84
N GLY I 476 13.16 32.35 -4.21
CA GLY I 476 12.54 32.92 -3.04
C GLY I 476 11.40 33.86 -3.39
N SER I 477 10.73 34.33 -2.33
CA SER I 477 9.55 35.18 -2.53
C SER I 477 9.92 36.54 -3.12
N THR I 478 11.05 37.11 -2.71
CA THR I 478 11.37 38.47 -3.11
C THR I 478 11.59 38.55 -4.62
N PRO I 479 11.02 39.56 -5.29
CA PRO I 479 11.23 39.67 -6.75
C PRO I 479 12.63 40.18 -7.08
N CYS I 480 13.18 39.63 -8.16
CA CYS I 480 14.50 40.08 -8.61
C CYS I 480 14.47 41.52 -9.08
N ASN I 481 13.42 41.92 -9.80
CA ASN I 481 13.30 43.24 -10.40
C ASN I 481 14.36 43.48 -11.47
N GLY I 482 14.94 42.41 -12.00
CA GLY I 482 15.97 42.52 -13.02
C GLY I 482 17.28 43.06 -12.52
N VAL I 483 17.50 43.04 -11.20
CA VAL I 483 18.70 43.60 -10.59
C VAL I 483 19.33 42.52 -9.72
N GLU I 484 20.67 42.51 -9.68
CA GLU I 484 21.37 41.56 -8.84
C GLU I 484 21.05 41.78 -7.37
N GLY I 485 20.80 40.68 -6.66
CA GLY I 485 20.46 40.73 -5.26
C GLY I 485 20.58 39.34 -4.66
N PHE I 486 20.38 39.27 -3.34
CA PHE I 486 20.38 37.97 -2.68
C PHE I 486 19.25 37.13 -3.25
N ASN I 487 19.56 35.86 -3.53
CA ASN I 487 18.65 34.89 -4.13
C ASN I 487 18.35 35.21 -5.59
N CYS I 488 19.08 36.15 -6.18
CA CYS I 488 18.90 36.54 -7.58
C CYS I 488 20.24 36.43 -8.28
N TYR I 489 20.31 35.57 -9.30
CA TYR I 489 21.57 35.32 -9.99
C TYR I 489 21.31 35.12 -11.46
N PHE I 490 22.32 35.46 -12.27
CA PHE I 490 22.22 35.30 -13.71
C PHE I 490 22.21 33.80 -14.04
N PRO I 491 21.30 33.34 -14.89
CA PRO I 491 21.22 31.89 -15.15
C PRO I 491 22.46 31.32 -15.82
N LEU I 492 23.06 32.06 -16.75
CA LEU I 492 24.20 31.53 -17.50
C LEU I 492 25.45 31.49 -16.65
N GLN I 493 26.22 30.40 -16.78
CA GLN I 493 27.47 30.22 -16.08
C GLN I 493 28.55 29.76 -17.07
N SER I 494 29.73 30.36 -16.95
CA SER I 494 30.81 30.08 -17.88
C SER I 494 31.47 28.73 -17.56
N TYR I 495 32.13 28.18 -18.57
CA TYR I 495 32.93 26.97 -18.42
C TYR I 495 34.39 27.38 -18.34
N GLY I 496 35.13 26.79 -17.39
CA GLY I 496 36.54 27.11 -17.28
C GLY I 496 37.34 26.65 -18.48
N PHE I 497 37.21 25.37 -18.84
CA PHE I 497 37.84 24.81 -20.04
C PHE I 497 39.33 25.13 -20.11
N GLN I 498 40.01 24.90 -18.99
CA GLN I 498 41.45 25.11 -18.95
C GLN I 498 42.17 23.98 -19.70
N PRO I 499 43.37 24.25 -20.23
CA PRO I 499 44.07 23.21 -20.99
C PRO I 499 44.42 21.98 -20.15
N THR I 500 44.80 22.19 -18.89
CA THR I 500 45.17 21.10 -18.00
C THR I 500 43.99 20.58 -17.20
N ASN I 501 42.79 21.04 -17.50
CA ASN I 501 41.61 20.65 -16.76
C ASN I 501 41.37 19.15 -16.88
N GLY I 502 40.71 18.58 -15.88
CA GLY I 502 40.46 17.16 -15.88
C GLY I 502 39.60 16.73 -17.06
N VAL I 503 39.77 15.47 -17.46
CA VAL I 503 39.06 14.97 -18.64
C VAL I 503 37.56 15.06 -18.45
N GLY I 504 37.08 14.81 -17.22
CA GLY I 504 35.67 14.99 -16.94
C GLY I 504 35.21 16.41 -17.15
N TYR I 505 36.06 17.37 -16.81
CA TYR I 505 35.78 18.78 -17.03
C TYR I 505 36.27 19.29 -18.37
N GLN I 506 36.97 18.45 -19.14
CA GLN I 506 37.53 18.89 -20.40
C GLN I 506 36.40 19.19 -21.39
N PRO I 507 36.56 20.20 -22.23
CA PRO I 507 35.52 20.50 -23.22
C PRO I 507 35.38 19.38 -24.23
N TYR I 508 34.14 19.01 -24.53
CA TYR I 508 33.84 17.97 -25.50
C TYR I 508 32.83 18.52 -26.49
N ARG I 509 33.13 18.35 -27.78
CA ARG I 509 32.22 18.79 -28.83
C ARG I 509 31.26 17.67 -29.18
N VAL I 510 29.96 17.97 -29.10
CA VAL I 510 28.93 16.96 -29.32
C VAL I 510 27.98 17.41 -30.42
N VAL I 511 27.69 16.50 -31.35
CA VAL I 511 26.69 16.71 -32.40
C VAL I 511 25.64 15.64 -32.26
N VAL I 512 24.37 16.06 -32.19
CA VAL I 512 23.24 15.15 -32.09
C VAL I 512 22.53 15.12 -33.43
N LEU I 513 22.66 14.01 -34.16
CA LEU I 513 21.99 13.84 -35.44
C LEU I 513 20.59 13.30 -35.21
N SER I 514 19.60 14.01 -35.75
CA SER I 514 18.20 13.65 -35.56
C SER I 514 17.56 13.35 -36.91
N PHE I 515 16.94 12.17 -37.02
CA PHE I 515 16.34 11.72 -38.27
C PHE I 515 14.84 11.94 -38.19
N GLU I 516 14.30 12.74 -39.12
CA GLU I 516 12.89 13.07 -39.17
C GLU I 516 12.26 12.41 -40.39
N LEU I 517 11.30 11.51 -40.16
CA LEU I 517 10.57 10.85 -41.23
C LEU I 517 9.16 11.40 -41.40
N LEU I 518 8.86 12.55 -40.79
CA LEU I 518 7.51 13.09 -40.83
C LEU I 518 7.08 13.40 -42.27
N HIS I 519 8.01 13.89 -43.08
CA HIS I 519 7.67 14.32 -44.43
C HIS I 519 7.64 13.13 -45.37
N ALA I 520 6.68 13.14 -46.29
CA ALA I 520 6.44 11.97 -47.13
C ALA I 520 7.64 11.60 -48.00
N PRO I 521 8.28 12.52 -48.73
CA PRO I 521 9.43 12.12 -49.56
C PRO I 521 10.73 12.19 -48.79
N ALA I 522 11.55 11.15 -48.94
CA ALA I 522 12.86 11.09 -48.30
C ALA I 522 13.86 11.83 -49.18
N THR I 523 14.39 12.94 -48.68
CA THR I 523 15.33 13.74 -49.46
C THR I 523 16.78 13.34 -49.21
N VAL I 524 17.21 13.34 -47.94
CA VAL I 524 18.61 13.02 -47.65
C VAL I 524 18.93 11.59 -48.06
N CYS I 525 18.03 10.66 -47.76
CA CYS I 525 18.10 9.25 -48.14
C CYS I 525 19.48 8.71 -47.79
N GLY I 526 20.19 8.04 -48.69
CA GLY I 526 21.50 7.51 -48.37
C GLY I 526 22.35 7.19 -49.59
N PRO I 527 23.65 6.97 -49.38
CA PRO I 527 24.53 6.60 -50.49
C PRO I 527 24.25 5.19 -50.98
N LYS I 528 24.26 5.04 -52.30
CA LYS I 528 24.06 3.75 -52.96
C LYS I 528 25.33 3.34 -53.70
N LYS I 529 26.00 2.29 -53.24
CA LYS I 529 27.21 1.85 -53.94
C LYS I 529 26.80 0.96 -55.10
N SER I 530 27.31 1.27 -56.28
CA SER I 530 26.95 0.58 -57.52
C SER I 530 28.00 -0.48 -57.84
N THR I 531 27.54 -1.68 -58.17
CA THR I 531 28.44 -2.75 -58.59
C THR I 531 28.92 -2.50 -60.02
N ASN I 532 29.98 -3.21 -60.39
CA ASN I 532 30.57 -3.04 -61.71
C ASN I 532 29.61 -3.52 -62.79
N LEU I 533 29.70 -2.89 -63.95
CA LEU I 533 28.87 -3.25 -65.08
C LEU I 533 29.45 -4.44 -65.84
N VAL I 534 28.59 -5.39 -66.19
CA VAL I 534 28.97 -6.53 -67.01
C VAL I 534 27.93 -6.69 -68.12
N LYS I 535 28.41 -6.94 -69.34
CA LYS I 535 27.55 -7.08 -70.50
C LYS I 535 27.88 -8.38 -71.22
N ASN I 536 27.09 -8.67 -72.25
CA ASN I 536 27.24 -9.87 -73.09
C ASN I 536 27.08 -11.15 -72.29
N LYS I 537 26.37 -11.10 -71.17
CA LYS I 537 26.10 -12.27 -70.36
C LYS I 537 24.77 -12.10 -69.65
N CYS I 538 23.96 -13.15 -69.63
CA CYS I 538 22.64 -13.07 -69.01
C CYS I 538 22.83 -12.89 -67.51
N VAL I 539 22.43 -11.73 -66.98
CA VAL I 539 22.61 -11.39 -65.58
C VAL I 539 21.31 -10.81 -65.04
N ASN I 540 21.23 -10.76 -63.71
CA ASN I 540 20.11 -10.14 -63.02
C ASN I 540 20.49 -8.69 -62.72
N PHE I 541 19.73 -7.76 -63.27
CA PHE I 541 20.06 -6.34 -63.17
C PHE I 541 19.00 -5.59 -62.38
N ASN I 542 19.45 -4.55 -61.68
CA ASN I 542 18.57 -3.64 -60.93
C ASN I 542 19.01 -2.23 -61.28
N PHE I 543 18.34 -1.60 -62.24
CA PHE I 543 18.68 -0.26 -62.70
C PHE I 543 17.67 0.73 -62.14
N ASN I 544 18.12 1.60 -61.23
CA ASN I 544 17.27 2.64 -60.66
C ASN I 544 16.00 2.07 -60.04
N GLY I 545 16.12 0.87 -59.46
CA GLY I 545 14.99 0.19 -58.87
C GLY I 545 14.21 -0.66 -59.84
N LEU I 546 14.54 -0.64 -61.13
CA LEU I 546 13.91 -1.49 -62.13
C LEU I 546 14.67 -2.81 -62.16
N THR I 547 14.02 -3.89 -61.76
CA THR I 547 14.66 -5.20 -61.71
C THR I 547 14.29 -6.02 -62.94
N GLY I 548 15.24 -6.85 -63.36
CA GLY I 548 15.00 -7.74 -64.48
C GLY I 548 16.16 -8.70 -64.64
N THR I 549 15.99 -9.62 -65.58
CA THR I 549 17.04 -10.57 -65.93
C THR I 549 17.19 -10.61 -67.45
N GLY I 550 18.43 -10.63 -67.91
CA GLY I 550 18.70 -10.69 -69.33
C GLY I 550 20.15 -10.38 -69.60
N VAL I 551 20.48 -10.35 -70.89
CA VAL I 551 21.84 -10.07 -71.33
C VAL I 551 21.90 -8.61 -71.81
N LEU I 552 22.90 -7.88 -71.34
CA LEU I 552 23.08 -6.49 -71.70
C LEU I 552 24.00 -6.40 -72.92
N THR I 553 23.70 -5.46 -73.81
CA THR I 553 24.54 -5.25 -74.99
C THR I 553 24.48 -3.80 -75.41
N GLU I 554 25.49 -3.39 -76.16
CA GLU I 554 25.54 -2.02 -76.66
C GLU I 554 24.41 -1.79 -77.65
N SER I 555 23.82 -0.60 -77.60
CA SER I 555 22.69 -0.24 -78.45
C SER I 555 23.01 1.03 -79.23
N ASN I 556 22.52 1.09 -80.47
CA ASN I 556 22.71 2.26 -81.31
C ASN I 556 21.51 3.20 -81.30
N LYS I 557 20.41 2.81 -80.65
CA LYS I 557 19.25 3.68 -80.56
C LYS I 557 19.58 4.89 -79.69
N LYS I 558 19.01 6.03 -80.04
CA LYS I 558 19.29 7.28 -79.35
C LYS I 558 18.09 7.69 -78.51
N PHE I 559 18.31 7.85 -77.22
CA PHE I 559 17.27 8.29 -76.28
C PHE I 559 17.23 9.81 -76.26
N LEU I 560 16.43 10.37 -75.37
CA LEU I 560 16.41 11.79 -75.11
C LEU I 560 17.07 12.07 -73.77
N PRO I 561 17.58 13.28 -73.54
CA PRO I 561 18.37 13.52 -72.31
C PRO I 561 17.63 13.20 -71.02
N PHE I 562 16.33 13.47 -70.96
CA PHE I 562 15.54 13.24 -69.75
C PHE I 562 15.00 11.82 -69.68
N GLN I 563 15.24 11.00 -70.70
CA GLN I 563 14.54 9.74 -70.89
C GLN I 563 15.45 8.60 -70.44
N GLN I 564 14.97 7.77 -69.52
CA GLN I 564 15.84 6.76 -68.90
C GLN I 564 15.81 5.42 -69.62
N PHE I 565 14.64 4.79 -69.71
CA PHE I 565 14.56 3.47 -70.30
C PHE I 565 13.47 3.46 -71.36
N GLY I 566 13.35 2.32 -72.06
CA GLY I 566 12.44 2.22 -73.18
C GLY I 566 11.63 0.94 -73.13
N ARG I 567 10.47 1.00 -73.77
CA ARG I 567 9.57 -0.13 -73.87
C ARG I 567 9.16 -0.33 -75.31
N ASP I 568 9.06 -1.58 -75.73
CA ASP I 568 8.58 -1.92 -77.06
C ASP I 568 7.06 -2.03 -77.03
N ILE I 569 6.48 -2.57 -78.10
CA ILE I 569 5.04 -2.82 -78.08
C ILE I 569 4.77 -3.85 -76.99
N ALA I 570 3.59 -3.73 -76.37
CA ALA I 570 3.09 -4.59 -75.30
C ALA I 570 3.77 -4.26 -73.98
N ASP I 571 4.48 -3.12 -73.89
CA ASP I 571 5.07 -2.63 -72.64
C ASP I 571 6.07 -3.62 -72.05
N THR I 572 7.08 -3.97 -72.84
CA THR I 572 8.18 -4.80 -72.38
C THR I 572 9.47 -4.00 -72.52
N THR I 573 10.30 -4.04 -71.47
CA THR I 573 11.52 -3.26 -71.45
C THR I 573 12.50 -3.74 -72.52
N ASP I 574 13.08 -2.80 -73.25
CA ASP I 574 14.01 -3.12 -74.32
C ASP I 574 15.38 -2.49 -74.15
N ALA I 575 15.46 -1.30 -73.57
CA ALA I 575 16.74 -0.63 -73.37
C ALA I 575 16.66 0.20 -72.10
N VAL I 576 17.81 0.40 -71.46
CA VAL I 576 17.92 1.23 -70.28
C VAL I 576 19.18 2.08 -70.39
N ARG I 577 19.15 3.25 -69.77
CA ARG I 577 20.32 4.12 -69.72
C ARG I 577 21.12 3.88 -68.44
N ILE I 584 23.45 4.11 -73.24
CA ILE I 584 22.26 3.34 -73.55
C ILE I 584 22.63 1.89 -73.81
N LEU I 585 21.97 0.97 -73.12
CA LEU I 585 22.23 -0.46 -73.24
C LEU I 585 20.97 -1.18 -73.69
N ASP I 586 21.12 -2.04 -74.69
CA ASP I 586 20.01 -2.84 -75.16
C ASP I 586 19.85 -4.07 -74.29
N ILE I 587 18.60 -4.43 -73.99
CA ILE I 587 18.30 -5.58 -73.14
C ILE I 587 17.52 -6.60 -73.94
N THR I 588 18.03 -7.82 -74.00
CA THR I 588 17.35 -8.96 -74.59
C THR I 588 17.41 -10.12 -73.60
N PRO I 589 16.31 -10.82 -73.39
CA PRO I 589 16.37 -11.96 -72.47
C PRO I 589 17.27 -13.05 -73.02
N CYS I 590 17.95 -13.75 -72.11
CA CYS I 590 18.78 -14.86 -72.57
C CYS I 590 17.91 -15.97 -73.14
N SER I 591 18.55 -16.90 -73.85
CA SER I 591 17.81 -17.90 -74.62
C SER I 591 17.10 -18.93 -73.74
N PHE I 592 15.81 -19.13 -74.02
CA PHE I 592 15.00 -20.16 -73.41
C PHE I 592 14.31 -20.94 -74.52
N GLY I 593 14.49 -22.26 -74.54
CA GLY I 593 13.96 -23.06 -75.63
C GLY I 593 13.50 -24.42 -75.18
N GLY I 594 12.46 -24.92 -75.85
CA GLY I 594 11.95 -26.25 -75.58
C GLY I 594 12.87 -27.32 -76.16
N VAL I 595 13.41 -28.19 -75.31
CA VAL I 595 14.29 -29.26 -75.77
C VAL I 595 13.45 -30.44 -76.24
N SER I 596 13.73 -30.92 -77.44
CA SER I 596 13.01 -32.04 -78.03
C SER I 596 13.97 -33.18 -78.30
N VAL I 597 13.50 -34.40 -78.09
CA VAL I 597 14.29 -35.60 -78.32
C VAL I 597 13.80 -36.29 -79.58
N ILE I 598 14.71 -36.51 -80.53
CA ILE I 598 14.41 -37.20 -81.76
C ILE I 598 14.91 -38.64 -81.63
N THR I 599 14.01 -39.61 -81.77
CA THR I 599 14.40 -40.99 -81.62
C THR I 599 13.87 -41.83 -82.77
N PRO I 600 14.63 -42.84 -83.21
CA PRO I 600 14.11 -43.78 -84.22
C PRO I 600 13.31 -44.93 -83.62
N GLY I 601 13.04 -44.90 -82.33
CA GLY I 601 12.28 -45.95 -81.67
C GLY I 601 13.18 -46.90 -80.90
N THR I 602 12.82 -47.22 -79.66
CA THR I 602 13.61 -48.16 -78.88
C THR I 602 13.62 -49.54 -79.54
N ASN I 603 12.57 -49.87 -80.28
CA ASN I 603 12.53 -51.15 -80.98
C ASN I 603 13.66 -51.24 -82.01
N THR I 604 14.10 -50.11 -82.56
CA THR I 604 15.12 -50.09 -83.59
C THR I 604 16.52 -49.82 -83.03
N SER I 605 16.68 -48.77 -82.24
CA SER I 605 17.99 -48.38 -81.75
C SER I 605 17.84 -47.67 -80.41
N ASN I 606 18.98 -47.39 -79.79
CA ASN I 606 19.03 -46.71 -78.51
C ASN I 606 19.51 -45.27 -78.62
N GLN I 607 20.10 -44.87 -79.74
CA GLN I 607 20.63 -43.53 -79.89
C GLN I 607 19.50 -42.51 -80.04
N VAL I 608 19.74 -41.30 -79.55
CA VAL I 608 18.78 -40.22 -79.66
C VAL I 608 19.52 -38.94 -80.05
N ALA I 609 18.75 -37.98 -80.58
CA ALA I 609 19.24 -36.66 -80.91
C ALA I 609 18.45 -35.63 -80.10
N VAL I 610 19.08 -34.51 -79.81
CA VAL I 610 18.49 -33.45 -79.00
C VAL I 610 18.40 -32.18 -79.84
N LEU I 611 17.23 -31.54 -79.84
CA LEU I 611 17.02 -30.27 -80.50
C LEU I 611 16.58 -29.23 -79.50
N TYR I 612 17.25 -28.07 -79.50
CA TYR I 612 16.87 -26.94 -78.68
C TYR I 612 16.23 -25.90 -79.57
N GLN I 613 14.94 -25.61 -79.34
CA GLN I 613 14.23 -24.71 -80.23
C GLN I 613 14.68 -23.27 -80.03
N ASP I 614 15.07 -22.62 -81.15
CA ASP I 614 15.44 -21.20 -81.20
C ASP I 614 16.58 -20.84 -80.24
N VAL I 615 17.51 -21.75 -79.98
CA VAL I 615 18.68 -21.48 -79.14
C VAL I 615 19.95 -21.90 -79.85
N ASN I 616 20.99 -21.04 -79.83
CA ASN I 616 22.26 -21.53 -80.36
C ASN I 616 22.91 -22.61 -79.53
N CYS I 617 23.73 -23.37 -80.24
CA CYS I 617 24.55 -24.40 -79.64
C CYS I 617 25.49 -23.77 -78.62
N THR I 618 26.01 -22.58 -78.96
CA THR I 618 26.91 -21.87 -78.05
C THR I 618 26.21 -21.51 -76.75
N GLU I 619 24.93 -21.14 -76.83
CA GLU I 619 24.20 -20.76 -75.63
C GLU I 619 24.14 -21.93 -74.66
N VAL I 620 23.97 -23.14 -75.17
CA VAL I 620 23.87 -24.33 -74.34
C VAL I 620 25.23 -24.65 -73.73
N ASN I 641 29.13 -33.84 -83.65
CA ASN I 641 27.88 -33.88 -84.40
C ASN I 641 26.90 -32.81 -83.93
N VAL I 642 27.23 -31.56 -84.22
CA VAL I 642 26.42 -30.40 -83.83
C VAL I 642 26.01 -29.67 -85.10
N PHE I 643 24.70 -29.47 -85.27
CA PHE I 643 24.16 -28.78 -86.43
C PHE I 643 23.20 -27.70 -85.97
N GLN I 644 23.34 -26.49 -86.52
CA GLN I 644 22.45 -25.38 -86.23
C GLN I 644 21.51 -25.17 -87.42
N THR I 645 20.20 -25.24 -87.17
CA THR I 645 19.18 -25.06 -88.18
C THR I 645 18.34 -23.83 -87.86
N ARG I 646 17.38 -23.53 -88.75
CA ARG I 646 16.45 -22.44 -88.47
C ARG I 646 15.55 -22.76 -87.29
N ALA I 647 15.32 -24.04 -87.02
CA ALA I 647 14.44 -24.48 -85.95
C ALA I 647 15.18 -24.72 -84.64
N GLY I 648 16.50 -24.58 -84.63
CA GLY I 648 17.24 -24.71 -83.39
C GLY I 648 18.38 -25.70 -83.44
N CYS I 649 19.29 -25.59 -82.46
CA CYS I 649 20.49 -26.42 -82.43
C CYS I 649 20.16 -27.90 -82.31
N LEU I 650 20.91 -28.72 -83.05
CA LEU I 650 20.80 -30.17 -83.02
C LEU I 650 22.11 -30.75 -82.51
N ILE I 651 22.00 -31.77 -81.66
CA ILE I 651 23.17 -32.45 -81.11
C ILE I 651 22.92 -33.95 -81.19
N GLY I 652 23.89 -34.68 -81.73
CA GLY I 652 23.78 -36.12 -81.88
C GLY I 652 23.41 -36.58 -83.27
N ALA I 653 23.06 -35.67 -84.17
CA ALA I 653 22.77 -36.00 -85.55
C ALA I 653 23.72 -35.25 -86.47
N GLU I 654 24.21 -35.94 -87.48
CA GLU I 654 25.17 -35.34 -88.41
C GLU I 654 24.47 -34.97 -89.71
N HIS I 655 24.79 -33.79 -90.23
CA HIS I 655 24.16 -33.28 -91.43
C HIS I 655 24.73 -33.95 -92.67
N VAL I 656 23.85 -34.29 -93.61
CA VAL I 656 24.25 -34.90 -94.87
C VAL I 656 23.69 -34.06 -96.01
N ASN I 657 24.39 -34.10 -97.15
CA ASN I 657 23.97 -33.29 -98.29
C ASN I 657 22.85 -33.95 -99.08
N ASN I 658 22.70 -35.27 -98.98
CA ASN I 658 21.70 -35.96 -99.77
C ASN I 658 20.31 -35.63 -99.25
N SER I 659 19.30 -35.84 -100.11
CA SER I 659 17.92 -35.59 -99.77
C SER I 659 17.10 -36.85 -99.98
N TYR I 660 16.26 -37.17 -99.00
CA TYR I 660 15.35 -38.29 -99.09
C TYR I 660 13.99 -37.85 -98.57
N GLU I 661 12.97 -38.67 -98.83
CA GLU I 661 11.67 -38.40 -98.23
C GLU I 661 11.82 -38.71 -96.75
N CYS I 662 11.97 -37.67 -95.94
CA CYS I 662 12.36 -37.88 -94.56
C CYS I 662 11.21 -38.41 -93.72
N ASP I 663 11.57 -38.98 -92.58
CA ASP I 663 10.65 -39.66 -91.69
C ASP I 663 10.26 -38.84 -90.47
N ILE I 664 11.24 -38.31 -89.73
CA ILE I 664 10.97 -37.58 -88.49
C ILE I 664 11.10 -36.09 -88.80
N PRO I 665 9.99 -35.34 -88.84
CA PRO I 665 10.07 -33.91 -89.17
C PRO I 665 10.62 -33.10 -88.01
N ILE I 666 11.55 -32.20 -88.31
CA ILE I 666 12.17 -31.34 -87.31
C ILE I 666 11.68 -29.90 -87.44
N GLY I 667 11.73 -29.34 -88.64
CA GLY I 667 11.23 -28.01 -88.88
C GLY I 667 12.07 -27.28 -89.92
N ALA I 668 11.45 -26.27 -90.53
CA ALA I 668 12.11 -25.40 -91.51
C ALA I 668 12.72 -26.20 -92.65
N GLY I 669 12.09 -27.30 -93.03
CA GLY I 669 12.57 -28.11 -94.13
C GLY I 669 13.68 -29.06 -93.75
N ILE I 670 14.19 -28.98 -92.53
CA ILE I 670 15.22 -29.88 -92.04
C ILE I 670 14.54 -30.97 -91.23
N CYS I 671 14.94 -32.21 -91.46
CA CYS I 671 14.38 -33.33 -90.72
C CYS I 671 15.36 -34.49 -90.72
N ALA I 672 15.17 -35.40 -89.78
CA ALA I 672 16.14 -36.45 -89.51
C ALA I 672 15.58 -37.84 -89.79
N SER I 673 16.49 -38.79 -89.91
CA SER I 673 16.15 -40.19 -90.17
C SER I 673 17.29 -41.07 -89.69
N TYR I 674 17.13 -42.37 -89.84
CA TYR I 674 18.13 -43.34 -89.39
C TYR I 674 18.77 -44.07 -90.57
N SER I 691 23.16 -44.65 -87.63
CA SER I 691 23.36 -43.32 -87.07
C SER I 691 22.24 -42.37 -87.48
N ILE I 692 22.03 -41.32 -86.69
CA ILE I 692 20.96 -40.36 -86.95
C ILE I 692 21.51 -39.27 -87.86
N ILE I 693 20.87 -39.08 -89.02
CA ILE I 693 21.30 -38.13 -90.03
C ILE I 693 20.22 -37.08 -90.21
N ALA I 694 20.64 -35.82 -90.35
CA ALA I 694 19.74 -34.71 -90.57
C ALA I 694 19.97 -34.13 -91.95
N TYR I 695 18.90 -33.81 -92.66
CA TYR I 695 19.01 -33.36 -94.04
C TYR I 695 17.77 -32.59 -94.42
N THR I 696 17.83 -31.94 -95.59
CA THR I 696 16.67 -31.27 -96.15
C THR I 696 15.83 -32.30 -96.90
N MET I 697 14.53 -32.33 -96.59
CA MET I 697 13.66 -33.35 -97.16
C MET I 697 13.52 -33.18 -98.66
N SER I 698 13.39 -34.30 -99.35
CA SER I 698 13.17 -34.32 -100.79
C SER I 698 11.68 -34.44 -101.06
N LEU I 699 11.16 -33.57 -101.92
CA LEU I 699 9.73 -33.55 -102.18
C LEU I 699 9.27 -34.79 -102.93
N GLY I 700 10.12 -35.36 -103.76
CA GLY I 700 9.80 -36.60 -104.45
C GLY I 700 10.67 -36.77 -105.67
N ALA I 701 10.27 -37.73 -106.50
CA ALA I 701 10.98 -37.95 -107.76
C ALA I 701 10.91 -36.69 -108.61
N GLU I 702 12.03 -36.34 -109.22
CA GLU I 702 12.14 -35.09 -109.97
C GLU I 702 12.27 -35.45 -111.44
N ASN I 703 11.15 -35.35 -112.17
CA ASN I 703 11.09 -35.76 -113.56
C ASN I 703 10.43 -34.67 -114.39
N SER I 704 10.76 -34.65 -115.68
CA SER I 704 10.18 -33.70 -116.62
C SER I 704 9.40 -34.48 -117.67
N VAL I 705 8.14 -34.10 -117.88
CA VAL I 705 7.32 -34.77 -118.86
C VAL I 705 7.81 -34.43 -120.26
N ALA I 706 7.77 -35.40 -121.16
CA ALA I 706 8.26 -35.21 -122.52
C ALA I 706 7.20 -34.47 -123.34
N TYR I 707 7.05 -33.19 -123.03
CA TYR I 707 6.02 -32.40 -123.69
C TYR I 707 6.47 -32.13 -125.11
N SER I 708 5.51 -32.17 -126.04
CA SER I 708 5.81 -31.88 -127.44
C SER I 708 4.56 -31.39 -128.12
N ASN I 709 4.77 -30.56 -129.14
CA ASN I 709 3.68 -29.90 -129.82
C ASN I 709 2.74 -30.92 -130.48
N ASN I 710 3.31 -31.93 -131.11
CA ASN I 710 2.57 -32.95 -131.85
C ASN I 710 2.47 -34.29 -131.14
N SER I 711 2.87 -34.38 -129.87
CA SER I 711 2.94 -35.68 -129.21
C SER I 711 1.89 -35.82 -128.12
N ILE I 712 1.48 -37.09 -127.93
CA ILE I 712 0.55 -37.48 -126.88
C ILE I 712 1.01 -38.81 -126.31
N ALA I 713 0.57 -39.09 -125.09
CA ALA I 713 0.80 -40.38 -124.45
C ALA I 713 -0.53 -40.98 -124.06
N ILE I 714 -0.80 -42.19 -124.54
CA ILE I 714 -2.06 -42.89 -124.29
C ILE I 714 -1.75 -44.20 -123.60
N PRO I 715 -2.43 -44.54 -122.51
CA PRO I 715 -2.21 -45.83 -121.87
C PRO I 715 -2.77 -46.96 -122.71
N THR I 716 -2.10 -48.10 -122.66
CA THR I 716 -2.60 -49.25 -123.39
C THR I 716 -3.07 -50.38 -122.48
N ASN I 717 -3.02 -50.20 -121.16
CA ASN I 717 -3.42 -51.28 -120.28
C ASN I 717 -3.85 -50.59 -118.99
N PHE I 718 -4.41 -51.34 -118.04
CA PHE I 718 -4.93 -50.69 -116.85
C PHE I 718 -4.72 -51.54 -115.60
N THR I 719 -4.82 -50.87 -114.46
CA THR I 719 -4.75 -51.53 -113.16
C THR I 719 -5.95 -51.12 -112.33
N ILE I 720 -6.60 -52.09 -111.71
CA ILE I 720 -7.71 -51.87 -110.80
C ILE I 720 -7.18 -51.80 -109.39
N SER I 721 -7.15 -50.60 -108.82
CA SER I 721 -6.59 -50.37 -107.49
C SER I 721 -7.70 -50.26 -106.46
N VAL I 722 -7.48 -50.84 -105.28
CA VAL I 722 -8.40 -50.72 -104.15
C VAL I 722 -7.67 -50.00 -103.04
N THR I 723 -8.26 -48.90 -102.56
CA THR I 723 -7.66 -48.05 -101.55
C THR I 723 -8.54 -48.04 -100.31
N THR I 724 -7.90 -47.96 -99.14
CA THR I 724 -8.59 -47.96 -97.87
C THR I 724 -8.60 -46.56 -97.28
N GLU I 725 -9.78 -46.10 -96.87
CA GLU I 725 -9.93 -44.80 -96.22
C GLU I 725 -10.64 -44.98 -94.88
N ILE I 726 -10.05 -44.43 -93.83
CA ILE I 726 -10.59 -44.54 -92.47
C ILE I 726 -11.18 -43.19 -92.10
N LEU I 727 -12.41 -43.20 -91.59
CA LEU I 727 -13.07 -41.97 -91.16
C LEU I 727 -13.74 -42.17 -89.80
N PRO I 728 -13.39 -41.38 -88.79
CA PRO I 728 -14.14 -41.44 -87.53
C PRO I 728 -15.57 -40.99 -87.75
N VAL I 729 -16.50 -41.62 -87.04
CA VAL I 729 -17.93 -41.31 -87.16
C VAL I 729 -18.49 -40.81 -85.84
N SER I 730 -18.18 -41.50 -84.74
CA SER I 730 -18.70 -41.12 -83.44
C SER I 730 -17.65 -41.42 -82.38
N MET I 731 -17.81 -40.81 -81.22
CA MET I 731 -16.94 -41.07 -80.09
C MET I 731 -17.80 -41.54 -78.92
N THR I 732 -17.14 -42.02 -77.88
CA THR I 732 -17.86 -42.56 -76.74
C THR I 732 -18.73 -41.49 -76.09
N LYS I 733 -19.94 -41.89 -75.69
CA LYS I 733 -20.88 -40.97 -75.06
C LYS I 733 -20.63 -40.97 -73.56
N THR I 734 -20.17 -39.85 -73.03
CA THR I 734 -19.83 -39.74 -71.62
C THR I 734 -20.69 -38.66 -70.98
N SER I 735 -21.30 -38.99 -69.84
CA SER I 735 -22.05 -38.03 -69.06
C SER I 735 -21.47 -38.01 -67.65
N VAL I 736 -21.24 -36.83 -67.12
CA VAL I 736 -20.60 -36.66 -65.82
C VAL I 736 -21.60 -35.97 -64.88
N ASP I 737 -21.82 -36.58 -63.72
CA ASP I 737 -22.68 -35.96 -62.72
C ASP I 737 -21.87 -34.84 -62.08
N CYS I 738 -22.28 -33.60 -62.34
CA CYS I 738 -21.50 -32.46 -61.85
C CYS I 738 -21.49 -32.41 -60.33
N THR I 739 -22.64 -32.63 -59.69
CA THR I 739 -22.70 -32.52 -58.24
C THR I 739 -21.82 -33.54 -57.55
N MET I 740 -21.91 -34.81 -57.98
CA MET I 740 -21.12 -35.85 -57.34
C MET I 740 -19.64 -35.66 -57.59
N TYR I 741 -19.25 -35.26 -58.80
CA TYR I 741 -17.84 -35.09 -59.10
C TYR I 741 -17.25 -33.96 -58.27
N ILE I 742 -17.96 -32.83 -58.17
CA ILE I 742 -17.44 -31.68 -57.47
C ILE I 742 -17.40 -31.93 -55.97
N CYS I 743 -18.47 -32.48 -55.41
CA CYS I 743 -18.60 -32.60 -53.96
C CYS I 743 -18.35 -34.02 -53.44
N GLY I 744 -19.02 -35.02 -54.00
CA GLY I 744 -18.89 -36.36 -53.45
C GLY I 744 -19.76 -36.61 -52.23
N ASP I 745 -21.08 -36.58 -52.43
CA ASP I 745 -22.11 -36.93 -51.44
C ASP I 745 -21.86 -36.29 -50.07
N SER I 746 -21.67 -34.98 -50.07
CA SER I 746 -21.58 -34.20 -48.84
C SER I 746 -22.60 -33.06 -48.91
N THR I 747 -23.54 -33.05 -47.97
CA THR I 747 -24.66 -32.12 -48.03
C THR I 747 -24.22 -30.66 -47.95
N GLU I 748 -23.28 -30.37 -47.04
CA GLU I 748 -22.80 -28.99 -46.87
C GLU I 748 -22.11 -28.50 -48.13
N CYS I 749 -21.30 -29.36 -48.76
CA CYS I 749 -20.66 -28.98 -50.01
C CYS I 749 -21.73 -28.73 -51.07
N SER I 750 -22.75 -29.59 -51.11
CA SER I 750 -23.86 -29.37 -52.04
C SER I 750 -24.58 -28.06 -51.72
N ASN I 751 -24.73 -27.75 -50.44
CA ASN I 751 -25.45 -26.55 -50.04
C ASN I 751 -24.73 -25.30 -50.54
N LEU I 752 -23.41 -25.25 -50.37
CA LEU I 752 -22.67 -24.11 -50.90
C LEU I 752 -22.60 -24.14 -52.43
N LEU I 753 -22.51 -25.33 -53.03
CA LEU I 753 -22.46 -25.44 -54.48
C LEU I 753 -23.73 -24.89 -55.13
N LEU I 754 -24.89 -25.20 -54.57
CA LEU I 754 -26.14 -24.76 -55.19
C LEU I 754 -26.24 -23.24 -55.20
N GLN I 755 -25.75 -22.58 -54.14
CA GLN I 755 -25.71 -21.13 -54.14
C GLN I 755 -24.70 -20.60 -55.15
N TYR I 756 -23.79 -21.46 -55.63
CA TYR I 756 -22.72 -21.03 -56.53
C TYR I 756 -23.14 -20.97 -57.99
N GLY I 757 -24.29 -21.46 -58.37
CA GLY I 757 -24.75 -21.23 -59.73
C GLY I 757 -25.55 -22.40 -60.25
N SER I 758 -25.79 -22.36 -61.55
CA SER I 758 -26.50 -23.39 -62.30
C SER I 758 -25.55 -24.03 -63.31
N PHE I 759 -24.25 -24.01 -62.99
CA PHE I 759 -23.25 -24.60 -63.87
C PHE I 759 -23.49 -26.08 -64.08
N CYS I 760 -24.00 -26.78 -63.06
CA CYS I 760 -24.26 -28.20 -63.19
C CYS I 760 -25.24 -28.48 -64.31
N THR I 761 -26.32 -27.69 -64.38
CA THR I 761 -27.30 -27.87 -65.45
C THR I 761 -26.68 -27.60 -66.81
N GLN I 762 -25.86 -26.55 -66.92
CA GLN I 762 -25.26 -26.19 -68.20
C GLN I 762 -24.37 -27.33 -68.69
N LEU I 763 -23.50 -27.83 -67.82
CA LEU I 763 -22.59 -28.89 -68.22
C LEU I 763 -23.34 -30.16 -68.56
N ASN I 764 -24.37 -30.48 -67.77
CA ASN I 764 -25.13 -31.69 -68.03
C ASN I 764 -25.85 -31.63 -69.37
N ARG I 765 -26.47 -30.49 -69.68
CA ARG I 765 -27.13 -30.37 -70.97
C ARG I 765 -26.12 -30.41 -72.11
N ALA I 766 -24.94 -29.83 -71.90
CA ALA I 766 -23.93 -29.86 -72.95
C ALA I 766 -23.50 -31.28 -73.25
N LEU I 767 -23.24 -32.07 -72.21
CA LEU I 767 -22.85 -33.46 -72.42
C LEU I 767 -23.98 -34.27 -73.05
N THR I 768 -25.22 -34.02 -72.62
CA THR I 768 -26.35 -34.74 -73.20
C THR I 768 -26.49 -34.41 -74.68
N GLY I 769 -26.32 -33.14 -75.05
CA GLY I 769 -26.36 -32.78 -76.45
C GLY I 769 -25.25 -33.44 -77.23
N ILE I 770 -24.05 -33.54 -76.64
CA ILE I 770 -22.95 -34.22 -77.31
C ILE I 770 -23.30 -35.68 -77.58
N ALA I 771 -23.88 -36.35 -76.58
CA ALA I 771 -24.21 -37.76 -76.76
C ALA I 771 -25.28 -37.95 -77.82
N VAL I 772 -26.31 -37.10 -77.80
CA VAL I 772 -27.37 -37.19 -78.81
C VAL I 772 -26.78 -36.94 -80.18
N GLU I 773 -25.85 -36.00 -80.28
CA GLU I 773 -25.21 -35.70 -81.55
C GLU I 773 -24.40 -36.90 -82.05
N GLN I 774 -23.74 -37.62 -81.13
CA GLN I 774 -23.01 -38.82 -81.54
C GLN I 774 -23.96 -39.86 -82.10
N ASP I 775 -25.11 -40.05 -81.45
CA ASP I 775 -26.09 -41.00 -81.96
C ASP I 775 -26.59 -40.57 -83.33
N LYS I 776 -26.84 -39.26 -83.49
CA LYS I 776 -27.30 -38.75 -84.78
C LYS I 776 -26.25 -38.96 -85.86
N ASN I 777 -24.97 -38.78 -85.51
CA ASN I 777 -23.90 -38.97 -86.48
C ASN I 777 -23.88 -40.41 -86.96
N THR I 778 -23.96 -41.35 -86.01
CA THR I 778 -23.91 -42.76 -86.40
C THR I 778 -25.11 -43.11 -87.26
N GLN I 779 -26.30 -42.65 -86.88
CA GLN I 779 -27.49 -42.97 -87.65
C GLN I 779 -27.42 -42.37 -89.05
N GLU I 780 -26.95 -41.12 -89.14
CA GLU I 780 -26.88 -40.44 -90.43
C GLU I 780 -25.89 -41.11 -91.37
N VAL I 781 -24.74 -41.54 -90.85
CA VAL I 781 -23.71 -42.12 -91.71
C VAL I 781 -24.17 -43.47 -92.26
N PHE I 782 -24.72 -44.33 -91.41
CA PHE I 782 -25.00 -45.71 -91.80
C PHE I 782 -26.42 -45.93 -92.28
N ALA I 783 -27.42 -45.32 -91.63
CA ALA I 783 -28.82 -45.59 -91.96
C ALA I 783 -29.21 -44.78 -93.20
N GLN I 784 -28.69 -45.21 -94.34
CA GLN I 784 -29.01 -44.57 -95.62
C GLN I 784 -30.12 -45.31 -96.36
N VAL I 785 -30.12 -46.63 -96.30
CA VAL I 785 -31.10 -47.44 -97.01
C VAL I 785 -32.32 -47.62 -96.13
N LYS I 786 -33.48 -47.85 -96.77
CA LYS I 786 -34.70 -48.13 -96.05
C LYS I 786 -35.03 -49.61 -96.00
N GLN I 787 -34.32 -50.44 -96.77
CA GLN I 787 -34.56 -51.87 -96.84
C GLN I 787 -33.25 -52.61 -96.62
N ILE I 788 -33.30 -53.70 -95.87
CA ILE I 788 -32.13 -54.53 -95.63
C ILE I 788 -32.02 -55.51 -96.79
N TYR I 789 -31.11 -55.22 -97.72
CA TYR I 789 -30.92 -56.06 -98.88
C TYR I 789 -30.04 -57.26 -98.54
N LYS I 790 -30.18 -58.33 -99.33
CA LYS I 790 -29.43 -59.54 -99.13
C LYS I 790 -28.81 -60.01 -100.44
N THR I 791 -27.60 -60.53 -100.35
CA THR I 791 -26.98 -61.13 -101.51
C THR I 791 -27.60 -62.50 -101.77
N PRO I 792 -27.74 -62.91 -103.02
CA PRO I 792 -28.32 -64.22 -103.32
C PRO I 792 -27.40 -65.34 -102.87
N PRO I 793 -27.94 -66.52 -102.59
CA PRO I 793 -27.08 -67.64 -102.19
C PRO I 793 -26.08 -68.03 -103.26
N ILE I 794 -26.42 -67.90 -104.53
CA ILE I 794 -25.53 -68.24 -105.63
C ILE I 794 -24.68 -67.00 -105.94
N LYS I 795 -23.38 -67.08 -105.62
CA LYS I 795 -22.47 -65.96 -105.81
C LYS I 795 -21.75 -66.12 -107.15
N ASP I 796 -22.46 -65.76 -108.23
CA ASP I 796 -21.89 -65.78 -109.57
C ASP I 796 -21.85 -64.32 -110.06
N PHE I 797 -20.72 -63.67 -109.83
CA PHE I 797 -20.56 -62.25 -110.16
C PHE I 797 -19.58 -62.03 -111.31
N GLY I 798 -19.42 -63.03 -112.18
CA GLY I 798 -18.49 -62.89 -113.27
C GLY I 798 -17.05 -63.09 -112.87
N GLY I 799 -16.82 -63.79 -111.75
CA GLY I 799 -15.49 -64.05 -111.26
C GLY I 799 -15.00 -63.06 -110.24
N PHE I 800 -15.74 -61.98 -109.99
CA PHE I 800 -15.38 -61.06 -108.93
C PHE I 800 -15.67 -61.74 -107.60
N ASN I 801 -14.72 -61.67 -106.68
CA ASN I 801 -14.87 -62.40 -105.42
C ASN I 801 -15.09 -61.39 -104.31
N PHE I 802 -16.16 -61.58 -103.53
CA PHE I 802 -16.49 -60.68 -102.42
C PHE I 802 -16.61 -61.41 -101.10
N SER I 803 -16.12 -62.65 -101.02
CA SER I 803 -16.31 -63.43 -99.80
C SER I 803 -15.53 -62.87 -98.62
N GLN I 804 -14.61 -61.94 -98.85
CA GLN I 804 -13.87 -61.31 -97.76
C GLN I 804 -14.61 -60.13 -97.16
N ILE I 805 -15.49 -59.48 -97.93
CA ILE I 805 -16.21 -58.31 -97.44
C ILE I 805 -17.67 -58.61 -97.14
N LEU I 806 -18.21 -59.72 -97.62
CA LEU I 806 -19.57 -60.12 -97.29
C LEU I 806 -19.59 -60.82 -95.95
N PRO I 807 -20.73 -60.81 -95.26
CA PRO I 807 -20.83 -61.56 -94.00
C PRO I 807 -20.69 -63.05 -94.24
N ASP I 808 -20.18 -63.75 -93.23
CA ASP I 808 -19.90 -65.16 -93.36
C ASP I 808 -20.87 -65.99 -92.54
N PRO I 809 -21.15 -67.23 -92.95
CA PRO I 809 -22.03 -68.11 -92.16
C PRO I 809 -21.45 -68.49 -90.80
N SER I 810 -20.17 -68.25 -90.56
CA SER I 810 -19.54 -68.66 -89.30
C SER I 810 -20.11 -67.94 -88.09
N LYS I 811 -20.86 -66.86 -88.29
CA LYS I 811 -21.55 -66.11 -87.25
C LYS I 811 -20.58 -65.51 -86.22
N PRO I 812 -19.51 -64.80 -86.64
CA PRO I 812 -18.75 -64.03 -85.64
C PRO I 812 -19.32 -62.63 -85.53
N SER I 813 -20.49 -62.53 -84.92
CA SER I 813 -21.22 -61.26 -84.81
C SER I 813 -21.61 -60.75 -86.20
N LYS I 814 -21.85 -61.69 -87.13
CA LYS I 814 -22.25 -61.40 -88.50
C LYS I 814 -21.24 -60.50 -89.22
N ARG I 815 -19.95 -60.70 -88.95
CA ARG I 815 -18.91 -59.84 -89.50
C ARG I 815 -17.96 -60.60 -90.43
N SER I 816 -17.53 -59.93 -91.49
CA SER I 816 -16.59 -60.37 -92.50
C SER I 816 -15.15 -60.26 -91.97
N PHE I 817 -14.15 -60.72 -92.75
CA PHE I 817 -12.77 -60.55 -92.30
C PHE I 817 -12.41 -59.08 -92.11
N ILE I 818 -12.76 -58.24 -93.07
CA ILE I 818 -12.28 -56.87 -92.96
C ILE I 818 -12.88 -56.23 -91.72
N GLU I 819 -14.17 -56.45 -91.48
CA GLU I 819 -14.76 -55.93 -90.26
C GLU I 819 -14.16 -56.61 -89.03
N ASP I 820 -13.96 -57.92 -89.10
CA ASP I 820 -13.33 -58.66 -88.01
C ASP I 820 -11.88 -58.20 -87.80
N LEU I 821 -11.14 -58.04 -88.89
CA LEU I 821 -9.76 -57.58 -88.77
C LEU I 821 -9.70 -56.21 -88.13
N LEU I 822 -10.57 -55.29 -88.55
CA LEU I 822 -10.55 -53.95 -88.01
C LEU I 822 -10.93 -53.97 -86.53
N PHE I 823 -11.95 -54.74 -86.16
CA PHE I 823 -12.38 -54.78 -84.77
C PHE I 823 -11.29 -55.37 -83.89
N ASN I 824 -10.63 -56.42 -84.36
CA ASN I 824 -9.52 -57.00 -83.59
C ASN I 824 -8.34 -56.04 -83.55
N LYS I 825 -8.09 -55.31 -84.64
CA LYS I 825 -6.93 -54.43 -84.72
C LYS I 825 -7.02 -53.32 -83.68
N VAL I 826 -8.20 -52.75 -83.47
CA VAL I 826 -8.39 -51.66 -82.51
C VAL I 826 -8.65 -52.25 -81.14
N THR I 827 -7.81 -51.88 -80.17
CA THR I 827 -7.94 -52.35 -78.80
C THR I 827 -8.22 -51.16 -77.89
N LEU I 828 -9.18 -51.32 -76.99
CA LEU I 828 -9.55 -50.25 -76.07
C LEU I 828 -8.58 -50.17 -74.91
N PHE I 855 -15.81 -43.25 -62.30
CA PHE I 855 -16.36 -44.04 -61.20
C PHE I 855 -16.64 -43.15 -60.00
N ASN I 856 -16.51 -41.84 -60.19
CA ASN I 856 -16.82 -40.85 -59.17
C ASN I 856 -17.73 -39.78 -59.75
N GLY I 857 -18.79 -40.22 -60.43
CA GLY I 857 -19.75 -39.34 -61.05
C GLY I 857 -19.75 -39.36 -62.56
N LEU I 858 -18.75 -39.97 -63.19
CA LEU I 858 -18.71 -40.10 -64.64
C LEU I 858 -19.22 -41.48 -65.04
N THR I 859 -19.98 -41.52 -66.13
CA THR I 859 -20.50 -42.77 -66.68
C THR I 859 -20.49 -42.70 -68.20
N VAL I 860 -20.50 -43.87 -68.82
CA VAL I 860 -20.47 -44.00 -70.27
C VAL I 860 -21.79 -44.60 -70.75
N LEU I 861 -22.51 -43.86 -71.57
CA LEU I 861 -23.77 -44.34 -72.12
C LEU I 861 -23.51 -45.20 -73.35
N PRO I 862 -24.19 -46.36 -73.46
CA PRO I 862 -23.97 -47.20 -74.63
C PRO I 862 -24.55 -46.57 -75.87
N PRO I 863 -23.96 -46.83 -77.04
CA PRO I 863 -24.52 -46.29 -78.28
C PRO I 863 -25.87 -46.91 -78.60
N LEU I 864 -26.71 -46.13 -79.29
CA LEU I 864 -28.03 -46.62 -79.66
C LEU I 864 -27.92 -47.81 -80.61
N LEU I 865 -27.01 -47.74 -81.57
CA LEU I 865 -26.84 -48.80 -82.56
C LEU I 865 -25.68 -49.68 -82.12
N THR I 866 -25.94 -50.97 -81.97
CA THR I 866 -24.90 -51.91 -81.59
C THR I 866 -24.02 -52.21 -82.80
N ASP I 867 -22.88 -52.83 -82.53
CA ASP I 867 -21.98 -53.21 -83.60
C ASP I 867 -22.69 -54.16 -84.57
N GLU I 868 -23.54 -55.04 -84.05
CA GLU I 868 -24.24 -55.98 -84.92
C GLU I 868 -25.15 -55.25 -85.91
N MET I 869 -25.91 -54.24 -85.46
CA MET I 869 -26.77 -53.54 -86.40
C MET I 869 -25.96 -52.72 -87.39
N ILE I 870 -24.86 -52.11 -86.95
CA ILE I 870 -24.03 -51.37 -87.88
C ILE I 870 -23.48 -52.31 -88.95
N ALA I 871 -23.06 -53.51 -88.54
CA ALA I 871 -22.60 -54.49 -89.51
C ALA I 871 -23.71 -54.90 -90.46
N GLN I 872 -24.94 -55.05 -89.93
CA GLN I 872 -26.07 -55.38 -90.78
C GLN I 872 -26.37 -54.28 -91.78
N TYR I 873 -26.29 -53.02 -91.35
CA TYR I 873 -26.46 -51.89 -92.26
C TYR I 873 -25.41 -51.92 -93.35
N THR I 874 -24.17 -52.19 -92.98
CA THR I 874 -23.09 -52.23 -93.96
C THR I 874 -23.32 -53.36 -94.96
N SER I 875 -23.76 -54.52 -94.46
CA SER I 875 -24.05 -55.65 -95.34
C SER I 875 -25.17 -55.32 -96.30
N ALA I 876 -26.21 -54.64 -95.80
CA ALA I 876 -27.31 -54.25 -96.66
C ALA I 876 -26.84 -53.30 -97.75
N LEU I 877 -26.01 -52.34 -97.39
CA LEU I 877 -25.51 -51.39 -98.37
C LEU I 877 -24.67 -52.09 -99.43
N LEU I 878 -23.79 -52.99 -99.00
CA LEU I 878 -22.90 -53.66 -99.94
C LEU I 878 -23.69 -54.59 -100.86
N ALA I 879 -24.66 -55.32 -100.30
CA ALA I 879 -25.50 -56.19 -101.12
C ALA I 879 -26.30 -55.39 -102.14
N GLY I 880 -26.86 -54.25 -101.72
CA GLY I 880 -27.55 -53.41 -102.67
C GLY I 880 -26.63 -52.91 -103.76
N THR I 881 -25.39 -52.58 -103.38
CA THR I 881 -24.42 -52.11 -104.36
C THR I 881 -24.16 -53.16 -105.43
N ILE I 882 -23.80 -54.37 -105.01
CA ILE I 882 -23.42 -55.39 -105.99
C ILE I 882 -24.63 -55.88 -106.78
N THR I 883 -25.79 -55.98 -106.14
CA THR I 883 -26.96 -56.53 -106.81
C THR I 883 -27.78 -55.49 -107.59
N SER I 884 -27.56 -54.20 -107.37
CA SER I 884 -28.37 -53.20 -108.04
C SER I 884 -27.60 -52.02 -108.59
N GLY I 885 -26.36 -51.79 -108.19
CA GLY I 885 -25.64 -50.61 -108.63
C GLY I 885 -26.04 -49.39 -107.84
N TRP I 886 -26.31 -48.29 -108.53
CA TRP I 886 -26.66 -47.05 -107.87
C TRP I 886 -28.16 -46.82 -107.82
N THR I 887 -28.96 -47.75 -108.36
CA THR I 887 -30.40 -47.54 -108.44
C THR I 887 -31.04 -47.52 -107.05
N PHE I 888 -30.58 -48.37 -106.15
CA PHE I 888 -31.21 -48.46 -104.84
C PHE I 888 -30.99 -47.21 -104.01
N GLY I 889 -29.98 -46.40 -104.33
CA GLY I 889 -29.80 -45.14 -103.66
C GLY I 889 -30.65 -44.01 -104.21
N ALA I 890 -31.24 -44.20 -105.38
CA ALA I 890 -32.08 -43.19 -106.01
C ALA I 890 -33.51 -43.66 -106.21
N GLY I 891 -33.91 -44.75 -105.55
CA GLY I 891 -35.25 -45.27 -105.65
C GLY I 891 -35.33 -46.72 -105.22
N ALA I 892 -36.01 -47.55 -106.00
CA ALA I 892 -36.11 -48.96 -105.69
C ALA I 892 -34.96 -49.72 -106.33
N ALA I 893 -34.50 -50.76 -105.62
CA ALA I 893 -33.37 -51.54 -106.11
C ALA I 893 -33.78 -52.30 -107.37
N LEU I 894 -32.94 -52.20 -108.41
CA LEU I 894 -33.19 -52.88 -109.68
C LEU I 894 -32.01 -53.80 -109.96
N GLN I 895 -32.30 -55.09 -110.11
CA GLN I 895 -31.23 -56.06 -110.30
C GLN I 895 -30.53 -55.85 -111.63
N ILE I 896 -29.22 -56.05 -111.63
CA ILE I 896 -28.40 -55.89 -112.83
C ILE I 896 -27.34 -56.97 -112.85
N PRO I 897 -26.94 -57.42 -114.03
CA PRO I 897 -25.79 -58.32 -114.09
C PRO I 897 -24.55 -57.55 -113.66
N PHE I 898 -23.68 -58.22 -112.91
CA PHE I 898 -22.53 -57.50 -112.36
C PHE I 898 -21.65 -56.96 -113.48
N PRO I 899 -21.50 -57.73 -114.55
CA PRO I 899 -20.69 -57.25 -115.67
C PRO I 899 -21.27 -55.98 -116.27
N MET I 900 -22.59 -55.92 -116.40
CA MET I 900 -23.22 -54.70 -116.92
C MET I 900 -22.97 -53.52 -115.99
N GLN I 901 -23.02 -53.75 -114.68
CA GLN I 901 -22.76 -52.65 -113.73
C GLN I 901 -21.34 -52.13 -113.91
N MET I 902 -20.38 -53.04 -114.05
CA MET I 902 -18.99 -52.62 -114.22
C MET I 902 -18.81 -51.90 -115.55
N ALA I 903 -19.55 -52.32 -116.58
CA ALA I 903 -19.44 -51.66 -117.87
C ALA I 903 -20.03 -50.26 -117.80
N TYR I 904 -21.15 -50.11 -117.10
CA TYR I 904 -21.73 -48.78 -116.91
C TYR I 904 -20.76 -47.87 -116.18
N ARG I 905 -20.07 -48.40 -115.17
CA ARG I 905 -19.10 -47.60 -114.45
C ARG I 905 -17.91 -47.23 -115.33
N PHE I 906 -17.47 -48.14 -116.20
CA PHE I 906 -16.42 -47.78 -117.16
C PHE I 906 -16.89 -46.68 -118.08
N ASN I 907 -18.14 -46.76 -118.54
CA ASN I 907 -18.68 -45.70 -119.37
C ASN I 907 -18.68 -44.38 -118.62
N GLY I 908 -18.94 -44.42 -117.32
CA GLY I 908 -18.90 -43.21 -116.52
C GLY I 908 -17.54 -42.55 -116.51
N ILE I 909 -16.47 -43.35 -116.46
CA ILE I 909 -15.12 -42.80 -116.43
C ILE I 909 -14.58 -42.60 -117.84
N GLY I 910 -15.42 -42.82 -118.85
CA GLY I 910 -15.02 -42.52 -120.21
C GLY I 910 -14.38 -43.65 -120.97
N VAL I 911 -14.51 -44.89 -120.51
CA VAL I 911 -13.99 -46.07 -121.21
C VAL I 911 -15.18 -46.88 -121.71
N THR I 912 -15.12 -47.31 -122.97
CA THR I 912 -16.22 -48.04 -123.58
C THR I 912 -16.39 -49.41 -122.94
N GLN I 913 -17.60 -49.95 -123.07
CA GLN I 913 -17.93 -51.23 -122.44
C GLN I 913 -17.11 -52.37 -123.01
N ASN I 914 -16.63 -52.25 -124.25
CA ASN I 914 -15.89 -53.34 -124.88
C ASN I 914 -14.65 -53.70 -124.08
N VAL I 915 -14.01 -52.72 -123.46
CA VAL I 915 -12.78 -52.98 -122.71
C VAL I 915 -13.05 -53.96 -121.58
N LEU I 916 -14.12 -53.72 -120.82
CA LEU I 916 -14.48 -54.64 -119.74
C LEU I 916 -14.89 -55.99 -120.29
N TYR I 917 -15.74 -56.00 -121.32
CA TYR I 917 -16.25 -57.28 -121.79
C TYR I 917 -15.17 -58.13 -122.42
N GLU I 918 -14.06 -57.51 -122.86
CA GLU I 918 -12.96 -58.25 -123.44
C GLU I 918 -11.85 -58.55 -122.44
N ASN I 919 -11.78 -57.81 -121.33
CA ASN I 919 -10.76 -58.04 -120.31
C ASN I 919 -11.38 -58.40 -118.97
N GLN I 920 -12.56 -59.02 -118.99
CA GLN I 920 -13.27 -59.32 -117.74
C GLN I 920 -12.47 -60.24 -116.83
N LYS I 921 -11.81 -61.26 -117.40
CA LYS I 921 -11.01 -62.16 -116.57
C LYS I 921 -9.88 -61.40 -115.90
N LEU I 922 -9.18 -60.54 -116.66
CA LEU I 922 -8.08 -59.78 -116.10
C LEU I 922 -8.57 -58.83 -115.02
N ILE I 923 -9.71 -58.18 -115.25
CA ILE I 923 -10.23 -57.22 -114.29
C ILE I 923 -10.65 -57.94 -113.01
N ALA I 924 -11.31 -59.08 -113.14
CA ALA I 924 -11.72 -59.83 -111.95
C ALA I 924 -10.50 -60.30 -111.17
N ASN I 925 -9.47 -60.78 -111.87
CA ASN I 925 -8.26 -61.22 -111.19
C ASN I 925 -7.60 -60.06 -110.46
N GLN I 926 -7.52 -58.90 -111.12
CA GLN I 926 -6.90 -57.74 -110.49
C GLN I 926 -7.69 -57.30 -109.26
N PHE I 927 -9.02 -57.32 -109.35
CA PHE I 927 -9.85 -56.90 -108.22
C PHE I 927 -9.65 -57.86 -107.04
N ASN I 928 -9.65 -59.17 -107.32
CA ASN I 928 -9.46 -60.14 -106.25
C ASN I 928 -8.08 -60.00 -105.63
N SER I 929 -7.06 -59.78 -106.46
CA SER I 929 -5.71 -59.59 -105.95
C SER I 929 -5.62 -58.35 -105.08
N ALA I 930 -6.28 -57.26 -105.50
CA ALA I 930 -6.27 -56.03 -104.71
C ALA I 930 -6.96 -56.24 -103.37
N ILE I 931 -8.08 -56.97 -103.36
CA ILE I 931 -8.76 -57.24 -102.10
C ILE I 931 -7.86 -58.07 -101.19
N GLY I 932 -7.17 -59.07 -101.76
CA GLY I 932 -6.24 -59.85 -100.98
C GLY I 932 -5.10 -59.01 -100.42
N LYS I 933 -4.61 -58.06 -101.21
CA LYS I 933 -3.55 -57.18 -100.75
C LYS I 933 -4.04 -56.31 -99.60
N ILE I 934 -5.28 -55.82 -99.68
CA ILE I 934 -5.84 -55.04 -98.58
C ILE I 934 -5.94 -55.91 -97.33
N GLN I 935 -6.36 -57.15 -97.48
CA GLN I 935 -6.45 -58.05 -96.34
C GLN I 935 -5.08 -58.29 -95.72
N ASP I 936 -4.06 -58.49 -96.57
CA ASP I 936 -2.71 -58.69 -96.07
C ASP I 936 -2.20 -57.45 -95.33
N SER I 937 -2.48 -56.27 -95.89
CA SER I 937 -2.02 -55.04 -95.25
C SER I 937 -2.67 -54.87 -93.89
N LEU I 938 -3.97 -55.16 -93.80
CA LEU I 938 -4.66 -55.05 -92.52
C LEU I 938 -4.11 -56.08 -91.52
N SER I 939 -3.84 -57.29 -92.00
CA SER I 939 -3.36 -58.35 -91.10
C SER I 939 -1.97 -58.05 -90.57
N SER I 940 -1.05 -57.62 -91.43
CA SER I 940 0.34 -57.45 -91.05
C SER I 940 0.69 -56.01 -90.69
N THR I 941 0.43 -55.06 -91.60
CA THR I 941 0.85 -53.69 -91.38
C THR I 941 0.04 -53.07 -90.26
N PRO I 942 0.72 -52.40 -89.34
CA PRO I 942 0.07 -51.74 -88.22
C PRO I 942 -0.05 -50.24 -88.51
N SER I 943 -0.65 -49.52 -87.56
CA SER I 943 -0.80 -48.07 -87.64
C SER I 943 -1.67 -47.65 -88.83
N PRO I 944 -2.57 -48.54 -89.27
CA PRO I 944 -3.47 -48.21 -90.35
C PRO I 944 -4.76 -47.56 -89.88
N LEU I 945 -5.08 -47.69 -88.59
CA LEU I 945 -6.30 -47.14 -88.01
C LEU I 945 -5.96 -46.06 -87.00
N GLY I 946 -4.96 -45.23 -87.32
CA GLY I 946 -4.51 -44.21 -86.39
C GLY I 946 -5.58 -43.23 -85.99
N LYS I 947 -6.48 -42.88 -86.91
CA LYS I 947 -7.49 -41.86 -86.61
C LYS I 947 -8.41 -42.33 -85.49
N LEU I 948 -8.93 -43.55 -85.60
CA LEU I 948 -9.81 -44.07 -84.55
C LEU I 948 -9.05 -44.23 -83.25
N GLN I 949 -7.81 -44.73 -83.34
CA GLN I 949 -6.99 -44.89 -82.15
C GLN I 949 -6.71 -43.53 -81.51
N ASP I 950 -6.44 -42.52 -82.33
CA ASP I 950 -6.17 -41.19 -81.79
C ASP I 950 -7.40 -40.63 -81.09
N VAL I 951 -8.58 -40.82 -81.68
CA VAL I 951 -9.81 -40.31 -81.05
C VAL I 951 -10.02 -40.99 -79.70
N VAL I 952 -9.86 -42.31 -79.66
CA VAL I 952 -10.05 -43.04 -78.41
C VAL I 952 -9.03 -42.59 -77.37
N ASN I 953 -7.78 -42.41 -77.80
CA ASN I 953 -6.73 -41.99 -76.87
C ASN I 953 -7.02 -40.60 -76.33
N GLN I 954 -7.48 -39.69 -77.17
CA GLN I 954 -7.79 -38.34 -76.70
C GLN I 954 -8.91 -38.37 -75.68
N ASN I 955 -9.95 -39.16 -75.93
CA ASN I 955 -11.05 -39.24 -74.97
C ASN I 955 -10.56 -39.82 -73.65
N ALA I 956 -9.75 -40.89 -73.72
CA ALA I 956 -9.24 -41.50 -72.50
C ALA I 956 -8.35 -40.55 -71.73
N GLN I 957 -7.51 -39.79 -72.46
CA GLN I 957 -6.63 -38.84 -71.80
C GLN I 957 -7.42 -37.75 -71.11
N ALA I 958 -8.48 -37.25 -71.76
CA ALA I 958 -9.31 -36.24 -71.13
C ALA I 958 -9.95 -36.77 -69.85
N LEU I 959 -10.48 -38.00 -69.92
CA LEU I 959 -11.10 -38.57 -68.72
C LEU I 959 -10.08 -38.76 -67.61
N ASN I 960 -8.89 -39.27 -67.96
CA ASN I 960 -7.86 -39.53 -66.96
C ASN I 960 -7.39 -38.23 -66.31
N THR I 961 -7.17 -37.18 -67.11
CA THR I 961 -6.74 -35.92 -66.55
C THR I 961 -7.83 -35.32 -65.68
N LEU I 962 -9.10 -35.51 -66.05
CA LEU I 962 -10.18 -35.03 -65.19
C LEU I 962 -10.16 -35.75 -63.85
N VAL I 963 -9.98 -37.07 -63.87
CA VAL I 963 -9.97 -37.83 -62.63
C VAL I 963 -8.78 -37.44 -61.76
N LYS I 964 -7.62 -37.22 -62.39
CA LYS I 964 -6.45 -36.78 -61.65
C LYS I 964 -6.66 -35.40 -61.04
N GLN I 965 -7.29 -34.49 -61.79
CA GLN I 965 -7.55 -33.16 -61.26
C GLN I 965 -8.45 -33.22 -60.02
N LEU I 966 -9.29 -34.24 -59.91
CA LEU I 966 -10.10 -34.42 -58.71
C LEU I 966 -9.22 -34.59 -57.48
N SER I 967 -7.99 -35.09 -57.66
CA SER I 967 -7.09 -35.37 -56.56
C SER I 967 -6.07 -34.25 -56.35
N SER I 968 -6.46 -33.00 -56.59
CA SER I 968 -5.58 -31.85 -56.37
C SER I 968 -6.21 -30.94 -55.33
N ASN I 969 -5.37 -30.42 -54.44
CA ASN I 969 -5.86 -29.58 -53.34
C ASN I 969 -6.28 -28.20 -53.81
N PHE I 970 -5.75 -27.72 -54.93
CA PHE I 970 -6.05 -26.37 -55.43
C PHE I 970 -5.65 -25.31 -54.41
N GLY I 971 -4.54 -25.53 -53.73
CA GLY I 971 -4.00 -24.58 -52.79
C GLY I 971 -4.56 -24.67 -51.39
N ALA I 972 -5.43 -25.63 -51.10
CA ALA I 972 -5.92 -25.81 -49.74
C ALA I 972 -4.99 -26.74 -48.97
N ILE I 973 -5.31 -26.95 -47.70
CA ILE I 973 -4.51 -27.86 -46.88
C ILE I 973 -4.58 -29.29 -47.40
N SER I 974 -5.78 -29.75 -47.78
CA SER I 974 -5.91 -31.12 -48.25
C SER I 974 -6.87 -31.17 -49.44
N SER I 975 -6.70 -32.20 -50.26
CA SER I 975 -7.53 -32.41 -51.45
C SER I 975 -8.81 -33.19 -51.18
N VAL I 976 -8.97 -33.76 -49.98
CA VAL I 976 -10.13 -34.58 -49.65
C VAL I 976 -11.00 -33.79 -48.69
N LEU I 977 -12.31 -33.78 -48.97
CA LEU I 977 -13.23 -32.99 -48.15
C LEU I 977 -13.37 -33.56 -46.74
N ASN I 978 -13.36 -34.90 -46.61
CA ASN I 978 -13.59 -35.50 -45.31
C ASN I 978 -12.54 -35.07 -44.30
N ASP I 979 -11.27 -35.05 -44.72
CA ASP I 979 -10.21 -34.63 -43.82
C ASP I 979 -10.36 -33.17 -43.42
N ILE I 980 -10.73 -32.30 -44.37
CA ILE I 980 -10.87 -30.88 -44.07
C ILE I 980 -11.98 -30.68 -43.04
N LEU I 981 -13.12 -31.34 -43.23
CA LEU I 981 -14.21 -31.20 -42.29
C LEU I 981 -13.83 -31.76 -40.92
N SER I 982 -13.12 -32.89 -40.90
CA SER I 982 -12.81 -33.53 -39.63
C SER I 982 -11.73 -32.81 -38.83
N ARG I 983 -10.94 -31.91 -39.44
CA ARG I 983 -9.88 -31.27 -38.69
C ARG I 983 -10.06 -29.76 -38.50
N LEU I 984 -10.93 -29.12 -39.28
CA LEU I 984 -10.95 -27.67 -39.30
C LEU I 984 -12.30 -27.13 -38.84
N ASP I 985 -12.27 -25.91 -38.29
CA ASP I 985 -13.47 -25.21 -37.88
C ASP I 985 -14.27 -24.79 -39.12
N PRO I 986 -15.58 -24.62 -38.97
CA PRO I 986 -16.45 -24.39 -40.14
C PRO I 986 -16.05 -23.21 -41.02
N PRO I 987 -15.65 -22.02 -40.48
CA PRO I 987 -15.34 -20.92 -41.41
C PRO I 987 -14.16 -21.11 -42.36
N GLU I 988 -12.96 -21.38 -41.86
CA GLU I 988 -11.89 -21.66 -42.82
C GLU I 988 -12.09 -23.01 -43.50
N ALA I 989 -12.66 -24.00 -42.82
CA ALA I 989 -12.92 -25.27 -43.52
C ALA I 989 -13.82 -25.02 -44.71
N GLU I 990 -14.87 -24.19 -44.54
CA GLU I 990 -15.76 -23.91 -45.67
C GLU I 990 -15.02 -23.09 -46.72
N VAL I 991 -14.09 -22.23 -46.29
CA VAL I 991 -13.30 -21.47 -47.26
C VAL I 991 -12.47 -22.42 -48.12
N GLN I 992 -11.83 -23.41 -47.49
CA GLN I 992 -11.08 -24.40 -48.24
C GLN I 992 -12.00 -25.18 -49.17
N ILE I 993 -13.18 -25.53 -48.68
CA ILE I 993 -14.14 -26.24 -49.52
C ILE I 993 -14.49 -25.40 -50.73
N ASP I 994 -14.68 -24.10 -50.52
CA ASP I 994 -15.04 -23.21 -51.62
C ASP I 994 -13.93 -23.13 -52.64
N ARG I 995 -12.67 -23.07 -52.20
CA ARG I 995 -11.57 -23.03 -53.16
C ARG I 995 -11.49 -24.34 -53.94
N LEU I 996 -11.73 -25.48 -53.28
CA LEU I 996 -11.80 -26.74 -54.01
C LEU I 996 -12.95 -26.71 -55.01
N ILE I 997 -14.07 -26.12 -54.63
CA ILE I 997 -15.22 -26.04 -55.53
C ILE I 997 -14.85 -25.26 -56.77
N THR I 998 -14.17 -24.13 -56.58
CA THR I 998 -13.78 -23.30 -57.71
C THR I 998 -12.85 -24.06 -58.62
N GLY I 999 -11.83 -24.71 -58.05
CA GLY I 999 -10.87 -25.41 -58.88
C GLY I 999 -11.49 -26.56 -59.65
N ARG I 1000 -12.28 -27.38 -58.96
CA ARG I 1000 -12.89 -28.54 -59.60
C ARG I 1000 -13.90 -28.12 -60.65
N LEU I 1001 -14.72 -27.11 -60.34
CA LEU I 1001 -15.71 -26.65 -61.31
C LEU I 1001 -15.04 -26.09 -62.55
N GLN I 1002 -13.95 -25.33 -62.36
CA GLN I 1002 -13.24 -24.78 -63.50
C GLN I 1002 -12.63 -25.90 -64.35
N SER I 1003 -12.06 -26.92 -63.69
CA SER I 1003 -11.51 -28.04 -64.44
C SER I 1003 -12.60 -28.78 -65.21
N LEU I 1004 -13.77 -28.97 -64.59
CA LEU I 1004 -14.86 -29.65 -65.26
C LEU I 1004 -15.32 -28.84 -66.47
N GLN I 1005 -15.40 -27.52 -66.33
CA GLN I 1005 -15.79 -26.69 -67.47
C GLN I 1005 -14.77 -26.78 -68.58
N THR I 1006 -13.48 -26.81 -68.23
CA THR I 1006 -12.45 -26.95 -69.26
C THR I 1006 -12.63 -28.27 -70.00
N TYR I 1007 -12.90 -29.34 -69.26
CA TYR I 1007 -13.12 -30.65 -69.89
C TYR I 1007 -14.33 -30.61 -70.80
N VAL I 1008 -15.41 -29.96 -70.35
CA VAL I 1008 -16.62 -29.90 -71.15
C VAL I 1008 -16.39 -29.11 -72.42
N THR I 1009 -15.66 -28.00 -72.32
CA THR I 1009 -15.39 -27.19 -73.51
C THR I 1009 -14.55 -27.95 -74.52
N GLN I 1010 -13.51 -28.64 -74.04
CA GLN I 1010 -12.69 -29.43 -74.96
C GLN I 1010 -13.51 -30.56 -75.57
N GLN I 1011 -14.40 -31.17 -74.79
CA GLN I 1011 -15.28 -32.20 -75.33
C GLN I 1011 -16.20 -31.63 -76.40
N LEU I 1012 -16.69 -30.42 -76.19
CA LEU I 1012 -17.55 -29.78 -77.20
C LEU I 1012 -16.78 -29.55 -78.50
N ILE I 1013 -15.54 -29.07 -78.38
CA ILE I 1013 -14.75 -28.83 -79.58
C ILE I 1013 -14.47 -30.14 -80.32
N ARG I 1014 -14.12 -31.18 -79.56
CA ARG I 1014 -13.88 -32.49 -80.17
C ARG I 1014 -15.15 -33.01 -80.81
N ALA I 1015 -16.30 -32.78 -80.19
CA ALA I 1015 -17.57 -33.21 -80.75
C ALA I 1015 -17.84 -32.51 -82.06
N ALA I 1016 -17.54 -31.22 -82.14
CA ALA I 1016 -17.73 -30.49 -83.39
C ALA I 1016 -16.83 -31.06 -84.48
N GLU I 1017 -15.57 -31.35 -84.14
CA GLU I 1017 -14.67 -31.92 -85.13
C GLU I 1017 -15.15 -33.30 -85.59
N ILE I 1018 -15.60 -34.12 -84.65
CA ILE I 1018 -16.11 -35.45 -84.99
C ILE I 1018 -17.36 -35.33 -85.85
N ARG I 1019 -18.21 -34.34 -85.57
CA ARG I 1019 -19.39 -34.13 -86.38
C ARG I 1019 -19.02 -33.75 -87.80
N ALA I 1020 -17.98 -32.92 -87.95
CA ALA I 1020 -17.51 -32.59 -89.29
C ALA I 1020 -17.02 -33.84 -90.01
N SER I 1021 -16.27 -34.69 -89.30
CA SER I 1021 -15.78 -35.92 -89.90
C SER I 1021 -16.94 -36.84 -90.28
N ALA I 1022 -17.96 -36.92 -89.42
CA ALA I 1022 -19.11 -37.78 -89.69
C ALA I 1022 -19.91 -37.26 -90.88
N ASN I 1023 -20.03 -35.94 -91.01
CA ASN I 1023 -20.70 -35.37 -92.18
C ASN I 1023 -19.92 -35.70 -93.44
N LEU I 1024 -18.59 -35.64 -93.37
CA LEU I 1024 -17.78 -36.01 -94.53
C LEU I 1024 -17.98 -37.48 -94.86
N ALA I 1025 -18.03 -38.35 -93.84
CA ALA I 1025 -18.22 -39.77 -94.08
C ALA I 1025 -19.59 -40.05 -94.70
N ALA I 1026 -20.62 -39.37 -94.23
CA ALA I 1026 -21.95 -39.54 -94.81
C ALA I 1026 -21.98 -39.09 -96.26
N THR I 1027 -21.32 -37.96 -96.55
CA THR I 1027 -21.24 -37.48 -97.92
C THR I 1027 -20.51 -38.48 -98.81
N LYS I 1028 -19.41 -39.04 -98.30
CA LYS I 1028 -18.67 -40.03 -99.09
C LYS I 1028 -19.51 -41.26 -99.34
N MET I 1029 -20.22 -41.74 -98.33
CA MET I 1029 -21.03 -42.94 -98.52
C MET I 1029 -22.15 -42.68 -99.54
N SER I 1030 -22.79 -41.52 -99.45
CA SER I 1030 -23.88 -41.22 -100.37
C SER I 1030 -23.37 -41.04 -101.79
N GLU I 1031 -22.21 -40.41 -101.95
CA GLU I 1031 -21.75 -40.05 -103.29
C GLU I 1031 -20.83 -41.09 -103.91
N CYS I 1032 -20.39 -42.10 -103.16
CA CYS I 1032 -19.47 -43.07 -103.71
C CYS I 1032 -19.95 -44.50 -103.52
N VAL I 1033 -20.71 -44.76 -102.45
CA VAL I 1033 -21.29 -46.08 -102.28
C VAL I 1033 -22.63 -46.18 -103.02
N LEU I 1034 -23.46 -45.15 -102.91
CA LEU I 1034 -24.76 -45.15 -103.55
C LEU I 1034 -24.69 -44.65 -104.98
N GLY I 1035 -23.51 -44.29 -105.47
CA GLY I 1035 -23.38 -43.75 -106.80
C GLY I 1035 -21.92 -43.73 -107.20
N GLN I 1036 -21.67 -43.25 -108.41
CA GLN I 1036 -20.32 -43.05 -108.91
C GLN I 1036 -20.01 -41.57 -108.95
N SER I 1037 -18.86 -41.19 -108.42
CA SER I 1037 -18.48 -39.79 -108.26
C SER I 1037 -17.45 -39.39 -109.30
N LYS I 1038 -17.68 -38.25 -109.95
CA LYS I 1038 -16.73 -37.69 -110.90
C LYS I 1038 -15.78 -36.71 -110.24
N ARG I 1039 -15.95 -36.44 -108.94
CA ARG I 1039 -15.03 -35.57 -108.22
C ARG I 1039 -13.66 -36.23 -108.13
N VAL I 1040 -12.62 -35.48 -108.47
CA VAL I 1040 -11.27 -36.02 -108.51
C VAL I 1040 -10.74 -36.14 -107.09
N ASP I 1041 -10.19 -37.32 -106.77
CA ASP I 1041 -9.52 -37.61 -105.50
C ASP I 1041 -10.47 -37.59 -104.31
N PHE I 1042 -11.77 -37.45 -104.55
CA PHE I 1042 -12.72 -37.49 -103.44
C PHE I 1042 -12.81 -38.89 -102.84
N CYS I 1043 -12.77 -39.92 -103.68
CA CYS I 1043 -12.88 -41.30 -103.24
C CYS I 1043 -11.76 -42.16 -103.80
N GLY I 1044 -10.53 -41.73 -103.58
CA GLY I 1044 -9.39 -42.54 -103.98
C GLY I 1044 -8.61 -41.90 -105.12
N LYS I 1045 -7.35 -42.32 -105.24
CA LYS I 1045 -6.49 -41.84 -106.31
C LYS I 1045 -6.78 -42.64 -107.57
N GLY I 1046 -7.23 -41.96 -108.62
CA GLY I 1046 -7.60 -42.61 -109.86
C GLY I 1046 -9.06 -42.36 -110.18
N TYR I 1047 -9.46 -42.83 -111.36
CA TYR I 1047 -10.84 -42.68 -111.79
C TYR I 1047 -11.70 -43.60 -110.95
N HIS I 1048 -12.61 -43.03 -110.17
CA HIS I 1048 -13.41 -43.84 -109.24
C HIS I 1048 -14.34 -44.78 -109.99
N LEU I 1049 -14.34 -46.05 -109.56
CA LEU I 1049 -15.22 -47.07 -110.10
C LEU I 1049 -16.35 -47.40 -109.13
N MET I 1050 -16.03 -48.01 -107.99
CA MET I 1050 -17.01 -48.37 -106.98
C MET I 1050 -16.39 -48.20 -105.61
N SER I 1051 -17.24 -48.21 -104.59
CA SER I 1051 -16.78 -48.13 -103.22
C SER I 1051 -17.53 -49.15 -102.37
N PHE I 1052 -16.86 -49.65 -101.34
CA PHE I 1052 -17.45 -50.61 -100.42
C PHE I 1052 -17.29 -50.11 -98.99
N PRO I 1053 -18.36 -50.02 -98.22
CA PRO I 1053 -18.24 -49.62 -96.82
C PRO I 1053 -17.96 -50.82 -95.93
N GLN I 1054 -17.27 -50.54 -94.82
CA GLN I 1054 -17.01 -51.54 -93.79
C GLN I 1054 -17.11 -50.87 -92.43
N SER I 1055 -17.58 -51.63 -91.44
CA SER I 1055 -17.72 -51.05 -90.12
C SER I 1055 -16.38 -51.00 -89.40
N ALA I 1056 -16.31 -50.12 -88.42
CA ALA I 1056 -15.15 -49.98 -87.55
C ALA I 1056 -15.65 -49.68 -86.14
N PRO I 1057 -14.81 -49.86 -85.13
CA PRO I 1057 -15.31 -49.71 -83.74
C PRO I 1057 -15.99 -48.37 -83.46
N HIS I 1058 -15.45 -47.27 -83.96
CA HIS I 1058 -16.11 -45.98 -83.82
C HIS I 1058 -16.05 -45.20 -85.13
N GLY I 1059 -16.13 -45.91 -86.24
CA GLY I 1059 -15.98 -45.24 -87.52
C GLY I 1059 -16.37 -46.16 -88.65
N VAL I 1060 -16.02 -45.74 -89.86
CA VAL I 1060 -16.31 -46.49 -91.07
C VAL I 1060 -15.05 -46.58 -91.91
N VAL I 1061 -14.95 -47.63 -92.70
CA VAL I 1061 -13.81 -47.85 -93.58
C VAL I 1061 -14.34 -48.01 -95.00
N PHE I 1062 -13.80 -47.22 -95.92
CA PHE I 1062 -14.21 -47.27 -97.32
C PHE I 1062 -13.14 -47.94 -98.15
N LEU I 1063 -13.52 -48.96 -98.89
CA LEU I 1063 -12.64 -49.59 -99.88
C LEU I 1063 -13.00 -48.99 -101.23
N HIS I 1064 -12.13 -48.13 -101.74
CA HIS I 1064 -12.39 -47.45 -102.99
C HIS I 1064 -11.78 -48.24 -104.14
N VAL I 1065 -12.64 -48.73 -105.04
CA VAL I 1065 -12.17 -49.40 -106.25
C VAL I 1065 -12.04 -48.35 -107.34
N THR I 1066 -10.82 -48.19 -107.85
CA THR I 1066 -10.53 -47.16 -108.83
C THR I 1066 -9.80 -47.75 -110.03
N TYR I 1067 -9.80 -46.99 -111.12
CA TYR I 1067 -9.18 -47.37 -112.37
C TYR I 1067 -7.93 -46.52 -112.56
N VAL I 1068 -6.80 -47.16 -112.80
CA VAL I 1068 -5.53 -46.46 -112.95
C VAL I 1068 -4.91 -46.87 -114.28
N PRO I 1069 -4.71 -45.93 -115.21
CA PRO I 1069 -4.05 -46.26 -116.48
C PRO I 1069 -2.59 -46.66 -116.28
N ALA I 1070 -2.10 -47.51 -117.16
CA ALA I 1070 -0.72 -47.98 -117.09
C ALA I 1070 -0.27 -48.41 -118.48
N GLN I 1071 1.05 -48.61 -118.63
CA GLN I 1071 1.66 -49.04 -119.88
C GLN I 1071 1.35 -48.07 -121.01
N GLU I 1072 1.82 -46.83 -120.86
CA GLU I 1072 1.55 -45.78 -121.82
C GLU I 1072 2.47 -45.90 -123.02
N LYS I 1073 2.08 -45.27 -124.12
CA LYS I 1073 2.88 -45.26 -125.34
C LYS I 1073 2.76 -43.91 -126.02
N ASN I 1074 3.88 -43.40 -126.54
CA ASN I 1074 3.88 -42.13 -127.24
C ASN I 1074 3.20 -42.27 -128.60
N PHE I 1075 2.44 -41.24 -128.99
CA PHE I 1075 1.80 -41.20 -130.28
C PHE I 1075 1.78 -39.77 -130.80
N THR I 1076 1.96 -39.60 -132.10
CA THR I 1076 1.82 -38.26 -132.66
C THR I 1076 0.33 -37.91 -132.72
N THR I 1077 0.04 -36.61 -132.75
CA THR I 1077 -1.34 -36.16 -132.70
C THR I 1077 -1.56 -34.96 -133.62
N ALA I 1078 -2.78 -34.85 -134.15
CA ALA I 1078 -3.20 -33.72 -134.96
C ALA I 1078 -4.56 -33.24 -134.49
N PRO I 1079 -4.78 -31.93 -134.43
CA PRO I 1079 -6.10 -31.43 -134.03
C PRO I 1079 -7.24 -31.90 -134.94
N ALA I 1080 -7.01 -31.97 -136.24
CA ALA I 1080 -8.06 -32.36 -137.17
C ALA I 1080 -7.44 -32.95 -138.41
N ILE I 1081 -8.29 -33.52 -139.26
CA ILE I 1081 -7.88 -34.12 -140.53
C ILE I 1081 -8.51 -33.34 -141.67
N CYS I 1082 -7.68 -32.87 -142.60
CA CYS I 1082 -8.16 -32.17 -143.79
C CYS I 1082 -8.34 -33.19 -144.90
N HIS I 1083 -9.58 -33.48 -145.25
CA HIS I 1083 -9.90 -34.39 -146.34
C HIS I 1083 -10.93 -33.72 -147.25
N ASP I 1084 -10.68 -33.75 -148.56
CA ASP I 1084 -11.57 -33.15 -149.54
C ASP I 1084 -11.77 -31.66 -149.27
N GLY I 1085 -10.75 -31.02 -148.73
CA GLY I 1085 -10.81 -29.59 -148.48
C GLY I 1085 -11.66 -29.19 -147.29
N LYS I 1086 -12.05 -30.14 -146.43
CA LYS I 1086 -12.82 -29.85 -145.25
C LYS I 1086 -12.16 -30.50 -144.03
N ALA I 1087 -12.38 -29.90 -142.87
CA ALA I 1087 -11.74 -30.34 -141.64
C ALA I 1087 -12.65 -31.30 -140.88
N HIS I 1088 -12.07 -32.41 -140.43
CA HIS I 1088 -12.80 -33.43 -139.68
C HIS I 1088 -12.27 -33.51 -138.27
N PHE I 1089 -13.17 -33.49 -137.29
CA PHE I 1089 -12.79 -33.59 -135.89
C PHE I 1089 -13.39 -34.86 -135.27
N PRO I 1090 -12.70 -35.47 -134.31
CA PRO I 1090 -13.24 -36.68 -133.68
C PRO I 1090 -14.50 -36.34 -132.90
N ARG I 1091 -15.46 -37.26 -132.92
CA ARG I 1091 -16.67 -37.03 -132.13
C ARG I 1091 -16.34 -37.09 -130.65
N GLU I 1092 -15.77 -38.21 -130.21
CA GLU I 1092 -15.29 -38.38 -128.84
C GLU I 1092 -14.09 -39.34 -128.89
N GLY I 1093 -12.90 -38.75 -128.99
CA GLY I 1093 -11.68 -39.53 -129.15
C GLY I 1093 -10.54 -38.63 -129.61
N VAL I 1094 -9.48 -39.26 -130.11
CA VAL I 1094 -8.24 -38.56 -130.45
C VAL I 1094 -7.57 -39.16 -131.69
N PHE I 1095 -7.17 -38.28 -132.60
CA PHE I 1095 -6.49 -38.67 -133.84
C PHE I 1095 -5.03 -38.96 -133.56
N VAL I 1096 -4.75 -40.17 -133.07
CA VAL I 1096 -3.36 -40.56 -132.86
C VAL I 1096 -2.71 -40.91 -134.20
N SER I 1097 -1.38 -40.82 -134.23
CA SER I 1097 -0.61 -41.14 -135.44
C SER I 1097 0.40 -42.26 -135.23
N ASN I 1098 0.16 -43.36 -135.92
CA ASN I 1098 1.05 -44.48 -136.16
C ASN I 1098 2.02 -44.04 -137.25
N GLY I 1099 3.17 -44.70 -137.35
CA GLY I 1099 4.07 -44.32 -138.43
C GLY I 1099 3.43 -44.58 -139.78
N THR I 1100 2.77 -45.73 -139.89
CA THR I 1100 2.09 -46.13 -141.12
C THR I 1100 0.87 -45.27 -141.43
N HIS I 1101 0.03 -45.00 -140.43
CA HIS I 1101 -1.25 -44.36 -140.71
C HIS I 1101 -1.78 -43.62 -139.49
N TRP I 1102 -2.75 -42.74 -139.73
CA TRP I 1102 -3.46 -42.03 -138.68
C TRP I 1102 -4.64 -42.85 -138.17
N PHE I 1103 -4.87 -42.81 -136.86
CA PHE I 1103 -5.94 -43.59 -136.24
C PHE I 1103 -6.69 -42.74 -135.23
N VAL I 1104 -7.97 -43.06 -135.04
CA VAL I 1104 -8.82 -42.42 -134.03
C VAL I 1104 -9.08 -43.42 -132.90
N THR I 1105 -8.80 -43.00 -131.67
CA THR I 1105 -8.97 -43.88 -130.51
C THR I 1105 -9.57 -43.07 -129.37
N GLN I 1106 -9.92 -43.77 -128.29
CA GLN I 1106 -10.43 -43.12 -127.09
C GLN I 1106 -9.29 -42.62 -126.22
N ARG I 1107 -9.57 -41.57 -125.45
CA ARG I 1107 -8.51 -40.91 -124.69
C ARG I 1107 -7.92 -41.80 -123.61
N ASN I 1108 -8.74 -42.58 -122.91
CA ASN I 1108 -8.27 -43.32 -121.75
C ASN I 1108 -7.83 -44.75 -122.05
N PHE I 1109 -7.95 -45.20 -123.29
CA PHE I 1109 -7.47 -46.53 -123.64
C PHE I 1109 -7.05 -46.53 -125.10
N TYR I 1110 -6.01 -47.30 -125.41
CA TYR I 1110 -5.50 -47.34 -126.78
C TYR I 1110 -6.27 -48.42 -127.55
N GLU I 1111 -7.28 -47.99 -128.29
CA GLU I 1111 -8.05 -48.87 -129.18
C GLU I 1111 -8.14 -48.16 -130.52
N PRO I 1112 -7.10 -48.25 -131.35
CA PRO I 1112 -7.10 -47.51 -132.61
C PRO I 1112 -8.21 -47.97 -133.54
N GLN I 1113 -8.76 -47.03 -134.29
CA GLN I 1113 -9.81 -47.32 -135.25
C GLN I 1113 -9.56 -46.51 -136.52
N ILE I 1114 -10.03 -47.05 -137.64
CA ILE I 1114 -9.86 -46.37 -138.91
C ILE I 1114 -10.72 -45.10 -138.90
N ILE I 1115 -10.13 -43.99 -139.36
CA ILE I 1115 -10.87 -42.74 -139.40
C ILE I 1115 -12.02 -42.86 -140.38
N THR I 1116 -13.21 -42.47 -139.95
CA THR I 1116 -14.42 -42.63 -140.74
C THR I 1116 -15.33 -41.45 -140.49
N THR I 1117 -16.24 -41.19 -141.44
CA THR I 1117 -17.26 -40.18 -141.21
C THR I 1117 -18.21 -40.57 -140.09
N ASP I 1118 -18.27 -41.87 -139.75
CA ASP I 1118 -19.12 -42.32 -138.68
C ASP I 1118 -18.68 -41.75 -137.33
N ASN I 1119 -17.38 -41.67 -137.10
CA ASN I 1119 -16.86 -41.21 -135.80
C ASN I 1119 -16.20 -39.84 -135.89
N THR I 1120 -16.41 -39.10 -136.98
CA THR I 1120 -15.88 -37.76 -137.12
C THR I 1120 -16.98 -36.85 -137.65
N PHE I 1121 -16.83 -35.54 -137.38
CA PHE I 1121 -17.76 -34.54 -137.89
C PHE I 1121 -16.98 -33.41 -138.56
N VAL I 1122 -17.60 -32.83 -139.58
CA VAL I 1122 -16.97 -31.78 -140.38
C VAL I 1122 -17.39 -30.42 -139.84
N SER I 1123 -16.45 -29.48 -139.80
CA SER I 1123 -16.71 -28.14 -139.29
C SER I 1123 -16.08 -27.07 -140.19
N GLY I 1124 -16.19 -27.23 -141.50
CA GLY I 1124 -15.69 -26.25 -142.43
C GLY I 1124 -14.43 -26.72 -143.14
N ASN I 1125 -13.69 -25.75 -143.67
CA ASN I 1125 -12.48 -26.04 -144.43
C ASN I 1125 -11.30 -26.22 -143.49
N CYS I 1126 -10.14 -26.54 -144.07
CA CYS I 1126 -8.94 -26.86 -143.30
C CYS I 1126 -7.86 -25.78 -143.40
N ASP I 1127 -8.26 -24.52 -143.54
CA ASP I 1127 -7.31 -23.42 -143.60
C ASP I 1127 -7.27 -22.58 -142.33
N VAL I 1128 -8.06 -22.94 -141.32
CA VAL I 1128 -8.13 -22.16 -140.09
C VAL I 1128 -7.60 -22.93 -138.89
N VAL I 1129 -7.54 -24.25 -138.96
CA VAL I 1129 -7.08 -25.06 -137.84
C VAL I 1129 -5.55 -25.10 -137.85
N ILE I 1130 -4.94 -24.81 -136.71
CA ILE I 1130 -3.49 -24.78 -136.59
C ILE I 1130 -3.01 -26.18 -136.22
N GLY I 1131 -2.20 -26.77 -137.11
CA GLY I 1131 -1.69 -28.11 -136.90
C GLY I 1131 -2.44 -29.20 -137.61
N ILE I 1132 -3.41 -28.85 -138.47
CA ILE I 1132 -4.13 -29.87 -139.22
C ILE I 1132 -3.20 -30.59 -140.18
N VAL I 1133 -3.46 -31.86 -140.42
CA VAL I 1133 -2.71 -32.68 -141.37
C VAL I 1133 -3.66 -33.13 -142.46
N ASN I 1134 -3.10 -33.71 -143.51
CA ASN I 1134 -3.86 -34.21 -144.64
C ASN I 1134 -3.91 -35.73 -144.59
N ASN I 1135 -5.11 -36.29 -144.55
CA ASN I 1135 -5.30 -37.73 -144.51
C ASN I 1135 -6.67 -38.04 -145.09
N THR I 1136 -6.86 -39.29 -145.50
CA THR I 1136 -8.13 -39.73 -146.07
C THR I 1136 -9.10 -40.12 -144.96
N VAL I 1137 -10.36 -39.76 -145.14
CA VAL I 1137 -11.44 -40.15 -144.24
C VAL I 1137 -12.28 -41.19 -144.97
N TYR I 1138 -12.22 -42.43 -144.48
CA TYR I 1138 -12.93 -43.51 -145.14
C TYR I 1138 -14.44 -43.28 -145.08
N ASP I 1139 -15.11 -43.47 -146.20
CA ASP I 1139 -16.56 -43.36 -146.26
C ASP I 1139 -17.15 -44.75 -146.45
N PRO I 1140 -17.96 -45.24 -145.51
CA PRO I 1140 -18.52 -46.61 -145.60
C PRO I 1140 -19.79 -46.66 -146.44
N LEU I 1141 -19.74 -46.08 -147.63
CA LEU I 1141 -20.89 -46.10 -148.53
C LEU I 1141 -20.51 -46.61 -149.91
N GLN I 1142 -19.30 -46.28 -150.35
CA GLN I 1142 -18.88 -46.68 -151.70
C GLN I 1142 -18.81 -48.19 -151.87
N PRO I 1143 -18.22 -48.96 -150.94
CA PRO I 1143 -18.25 -50.43 -151.12
C PRO I 1143 -19.66 -50.98 -151.15
N GLU I 1144 -20.57 -50.40 -150.36
CA GLU I 1144 -21.96 -50.82 -150.40
C GLU I 1144 -22.58 -50.50 -151.76
N LEU I 1145 -22.21 -49.36 -152.35
CA LEU I 1145 -22.75 -48.99 -153.66
C LEU I 1145 -22.37 -50.01 -154.73
N ASP I 1146 -21.13 -50.46 -154.71
CA ASP I 1146 -20.67 -51.45 -155.68
C ASP I 1146 -21.15 -52.85 -155.30
N GLN J 23 -54.26 8.93 58.49
CA GLN J 23 -52.97 9.62 58.56
C GLN J 23 -52.83 10.36 59.88
N LEU J 24 -51.71 10.15 60.57
CA LEU J 24 -51.45 10.81 61.84
C LEU J 24 -50.01 11.31 61.84
N PRO J 25 -49.76 12.50 62.39
CA PRO J 25 -48.39 13.05 62.37
C PRO J 25 -47.44 12.18 63.16
N PRO J 26 -46.18 12.06 62.71
CA PRO J 26 -45.23 11.18 63.39
C PRO J 26 -44.95 11.63 64.81
N ALA J 27 -44.76 10.67 65.70
CA ALA J 27 -44.48 10.93 67.10
C ALA J 27 -42.97 10.88 67.36
N TYR J 28 -42.51 11.70 68.30
CA TYR J 28 -41.10 11.73 68.68
C TYR J 28 -40.97 11.33 70.14
N THR J 29 -39.82 10.75 70.47
CA THR J 29 -39.50 10.40 71.84
C THR J 29 -38.04 10.72 72.11
N ASN J 30 -37.69 10.77 73.39
CA ASN J 30 -36.34 11.17 73.82
C ASN J 30 -35.56 9.92 74.24
N SER J 31 -34.51 9.60 73.50
CA SER J 31 -33.62 8.51 73.87
C SER J 31 -32.66 8.99 74.95
N PHE J 32 -32.60 8.25 76.06
CA PHE J 32 -31.77 8.65 77.20
C PHE J 32 -30.57 7.72 77.31
N THR J 33 -29.40 8.22 76.93
CA THR J 33 -28.14 7.49 77.05
C THR J 33 -28.22 6.11 76.41
N ARG J 34 -28.78 6.05 75.21
CA ARG J 34 -28.96 4.80 74.51
C ARG J 34 -28.28 4.88 73.14
N GLY J 35 -27.96 3.70 72.59
CA GLY J 35 -27.31 3.64 71.30
C GLY J 35 -25.79 3.65 71.39
N VAL J 36 -25.24 2.95 72.37
CA VAL J 36 -23.80 2.82 72.53
C VAL J 36 -23.39 1.39 72.18
N TYR J 37 -22.42 1.25 71.28
CA TYR J 37 -21.93 -0.03 70.83
C TYR J 37 -20.42 -0.06 70.98
N TYR J 38 -19.86 -1.26 70.95
CA TYR J 38 -18.42 -1.40 71.05
C TYR J 38 -17.79 -0.95 69.74
N PRO J 39 -16.96 0.10 69.74
CA PRO J 39 -16.44 0.61 68.46
C PRO J 39 -15.39 -0.28 67.83
N ASP J 40 -14.79 -1.20 68.58
CA ASP J 40 -13.69 -2.01 68.07
C ASP J 40 -13.69 -3.37 68.75
N LYS J 41 -12.84 -4.25 68.25
CA LYS J 41 -12.67 -5.60 68.78
C LYS J 41 -11.65 -5.64 69.91
N VAL J 42 -11.16 -4.49 70.35
CA VAL J 42 -10.08 -4.41 71.32
C VAL J 42 -10.63 -4.61 72.73
N PHE J 43 -9.94 -5.42 73.52
CA PHE J 43 -10.28 -5.58 74.92
C PHE J 43 -9.65 -4.45 75.74
N ARG J 44 -10.39 -3.96 76.72
CA ARG J 44 -9.89 -2.92 77.61
C ARG J 44 -10.46 -3.15 79.00
N SER J 45 -9.61 -3.07 80.02
CA SER J 45 -9.99 -3.37 81.40
C SER J 45 -9.67 -2.19 82.30
N SER J 46 -10.69 -1.73 83.04
CA SER J 46 -10.52 -0.70 84.08
C SER J 46 -9.83 0.54 83.54
N VAL J 47 -10.27 0.98 82.36
CA VAL J 47 -9.65 2.10 81.66
C VAL J 47 -10.75 3.01 81.11
N LEU J 48 -10.36 4.20 80.70
CA LEU J 48 -11.24 5.15 80.03
C LEU J 48 -10.72 5.39 78.63
N HIS J 49 -11.53 5.10 77.62
CA HIS J 49 -11.13 5.24 76.22
C HIS J 49 -12.00 6.27 75.54
N SER J 50 -11.37 7.25 74.90
CA SER J 50 -12.07 8.26 74.12
C SER J 50 -11.97 7.91 72.64
N THR J 51 -13.11 7.69 72.00
CA THR J 51 -13.14 7.31 70.59
C THR J 51 -14.12 8.19 69.84
N GLN J 52 -13.75 8.56 68.62
CA GLN J 52 -14.61 9.33 67.73
C GLN J 52 -15.13 8.39 66.64
N ASP J 53 -16.43 8.17 66.62
CA ASP J 53 -17.04 7.25 65.68
C ASP J 53 -18.50 7.66 65.47
N LEU J 54 -19.20 6.90 64.62
CA LEU J 54 -20.60 7.16 64.32
C LEU J 54 -21.42 6.65 65.50
N PHE J 55 -21.88 7.56 66.35
CA PHE J 55 -22.65 7.22 67.54
C PHE J 55 -23.99 7.94 67.52
N LEU J 56 -24.85 7.54 68.46
CA LEU J 56 -26.14 8.19 68.63
C LEU J 56 -26.02 9.20 69.76
N PRO J 57 -26.33 10.48 69.51
CA PRO J 57 -26.18 11.49 70.57
C PRO J 57 -27.06 11.20 71.77
N PHE J 58 -26.54 11.52 72.96
CA PHE J 58 -27.31 11.33 74.18
C PHE J 58 -28.46 12.33 74.22
N PHE J 59 -29.56 11.91 74.83
CA PHE J 59 -30.74 12.76 75.02
C PHE J 59 -31.21 13.37 73.71
N SER J 60 -31.47 12.50 72.74
CA SER J 60 -31.80 12.91 71.39
C SER J 60 -33.24 12.53 71.04
N ASN J 61 -33.79 13.22 70.05
CA ASN J 61 -35.12 12.96 69.55
C ASN J 61 -35.07 11.84 68.52
N VAL J 62 -35.70 10.71 68.82
CA VAL J 62 -35.78 9.58 67.91
C VAL J 62 -37.23 9.38 67.52
N THR J 63 -37.47 9.08 66.25
CA THR J 63 -38.84 8.92 65.77
C THR J 63 -39.46 7.67 66.37
N TRP J 64 -40.74 7.77 66.74
CA TRP J 64 -41.48 6.68 67.33
C TRP J 64 -42.57 6.24 66.35
N PHE J 65 -42.64 4.94 66.09
CA PHE J 65 -43.69 4.37 65.26
C PHE J 65 -44.44 3.32 66.06
N HIS J 66 -45.77 3.41 66.04
CA HIS J 66 -46.62 2.52 66.83
C HIS J 66 -47.18 1.39 65.97
N ALA J 67 -47.74 0.40 66.66
CA ALA J 67 -48.51 -0.67 66.04
C ALA J 67 -49.53 -1.13 67.07
N ILE J 68 -50.78 -0.68 66.92
CA ILE J 68 -51.82 -0.97 67.89
C ILE J 68 -53.14 -1.18 67.16
N HIS J 69 -53.94 -2.14 67.63
CA HIS J 69 -55.22 -2.43 67.00
C HIS J 69 -56.18 -1.26 67.13
N VAL J 70 -56.24 -0.64 68.31
CA VAL J 70 -57.14 0.49 68.58
C VAL J 70 -58.60 0.07 68.36
N THR J 76 -57.95 2.96 61.32
CA THR J 76 -56.57 3.26 61.65
C THR J 76 -55.72 2.00 61.65
N LYS J 77 -55.65 1.34 62.81
CA LYS J 77 -54.94 0.09 63.09
C LYS J 77 -53.44 0.33 63.20
N ARG J 78 -52.96 1.53 62.89
CA ARG J 78 -51.56 1.93 63.03
C ARG J 78 -50.59 0.91 62.42
N PHE J 79 -50.80 0.63 61.13
CA PHE J 79 -49.86 -0.20 60.39
C PHE J 79 -48.89 0.77 59.73
N ASP J 80 -47.74 0.99 60.37
CA ASP J 80 -46.79 2.01 59.94
C ASP J 80 -45.49 1.35 59.53
N ASN J 81 -45.22 1.32 58.23
CA ASN J 81 -43.93 0.87 57.69
C ASN J 81 -43.47 1.86 56.62
N PRO J 82 -43.11 3.08 57.01
CA PRO J 82 -42.75 4.09 56.02
C PRO J 82 -41.36 3.83 55.47
N VAL J 83 -40.99 4.62 54.47
CA VAL J 83 -39.66 4.55 53.88
C VAL J 83 -38.82 5.65 54.50
N LEU J 84 -37.64 5.27 55.00
CA LEU J 84 -36.80 6.22 55.71
C LEU J 84 -35.42 6.25 55.08
N PRO J 85 -34.82 7.43 54.94
CA PRO J 85 -33.47 7.50 54.39
C PRO J 85 -32.45 6.86 55.32
N PHE J 86 -31.39 6.33 54.71
CA PHE J 86 -30.27 5.73 55.43
C PHE J 86 -29.01 6.46 54.97
N ASN J 87 -28.69 7.58 55.60
CA ASN J 87 -27.57 8.38 55.10
C ASN J 87 -26.23 7.84 55.61
N ASP J 88 -26.03 7.79 56.93
CA ASP J 88 -24.74 7.33 57.43
C ASP J 88 -24.84 6.42 58.65
N GLY J 89 -25.99 5.76 58.86
CA GLY J 89 -26.22 4.88 60.00
C GLY J 89 -27.48 5.12 60.80
N VAL J 90 -28.12 4.03 61.23
CA VAL J 90 -29.42 4.05 61.88
C VAL J 90 -29.39 3.22 63.15
N TYR J 91 -29.95 3.76 64.24
CA TYR J 91 -30.17 3.01 65.48
C TYR J 91 -31.63 2.57 65.49
N PHE J 92 -31.87 1.30 65.82
CA PHE J 92 -33.20 0.72 65.75
C PHE J 92 -33.54 0.00 67.05
N ALA J 93 -34.50 0.54 67.80
CA ALA J 93 -34.98 -0.08 69.02
C ALA J 93 -36.38 -0.65 68.79
N SER J 94 -36.67 -1.78 69.44
CA SER J 94 -37.96 -2.43 69.29
C SER J 94 -38.48 -2.90 70.65
N THR J 95 -39.64 -2.38 71.05
CA THR J 95 -40.32 -2.84 72.25
C THR J 95 -41.45 -3.77 71.80
N GLU J 96 -41.39 -5.03 72.23
CA GLU J 96 -42.33 -6.03 71.75
C GLU J 96 -42.77 -6.96 72.87
N LYS J 97 -43.87 -7.66 72.62
CA LYS J 97 -44.32 -8.75 73.48
C LYS J 97 -44.74 -9.97 72.69
N SER J 98 -44.90 -9.86 71.36
CA SER J 98 -45.40 -10.96 70.55
C SER J 98 -44.59 -11.15 69.26
N ASN J 99 -43.40 -10.56 69.16
CA ASN J 99 -42.51 -10.71 68.01
C ASN J 99 -43.20 -10.27 66.71
N ILE J 100 -43.68 -9.03 66.70
CA ILE J 100 -44.32 -8.49 65.50
C ILE J 100 -43.28 -8.15 64.43
N ILE J 101 -42.15 -7.56 64.83
CA ILE J 101 -41.12 -7.19 63.87
C ILE J 101 -40.56 -8.44 63.19
N ARG J 102 -40.33 -8.34 61.88
CA ARG J 102 -39.76 -9.44 61.10
C ARG J 102 -38.37 -9.14 60.56
N GLY J 103 -38.13 -7.94 60.06
CA GLY J 103 -36.84 -7.66 59.45
C GLY J 103 -36.82 -6.28 58.82
N TRP J 104 -35.88 -6.10 57.89
CA TRP J 104 -35.64 -4.80 57.27
C TRP J 104 -35.29 -4.98 55.79
N ILE J 105 -35.46 -3.89 55.05
CA ILE J 105 -35.05 -3.81 53.65
C ILE J 105 -34.15 -2.60 53.49
N PHE J 106 -33.04 -2.78 52.78
CA PHE J 106 -32.09 -1.71 52.51
C PHE J 106 -31.89 -1.59 51.01
N GLY J 107 -31.63 -0.36 50.55
CA GLY J 107 -31.36 -0.15 49.14
C GLY J 107 -31.36 1.33 48.80
N THR J 108 -31.29 1.59 47.50
CA THR J 108 -31.31 2.95 46.97
C THR J 108 -32.56 3.24 46.17
N THR J 109 -32.92 2.36 45.23
CA THR J 109 -34.09 2.54 44.39
C THR J 109 -35.25 1.63 44.75
N LEU J 110 -34.94 0.42 45.24
CA LEU J 110 -35.95 -0.56 45.66
C LEU J 110 -36.90 -0.94 44.52
N ASP J 111 -36.41 -0.88 43.28
CA ASP J 111 -37.23 -1.20 42.12
C ASP J 111 -36.51 -2.17 41.19
N SER J 112 -35.62 -3.00 41.74
CA SER J 112 -34.88 -4.04 41.03
C SER J 112 -33.85 -3.47 40.07
N LYS J 113 -33.69 -2.15 40.01
CA LYS J 113 -32.70 -1.54 39.15
C LYS J 113 -31.32 -1.50 39.80
N THR J 114 -31.27 -1.52 41.13
CA THR J 114 -30.03 -1.58 41.89
C THR J 114 -30.17 -2.65 42.96
N GLN J 115 -29.06 -3.29 43.30
CA GLN J 115 -29.10 -4.37 44.27
C GLN J 115 -29.56 -3.85 45.62
N SER J 116 -30.41 -4.63 46.28
CA SER J 116 -30.95 -4.30 47.59
C SER J 116 -30.55 -5.35 48.60
N LEU J 117 -30.82 -5.08 49.86
CA LEU J 117 -30.54 -6.01 50.95
C LEU J 117 -31.83 -6.34 51.69
N LEU J 118 -31.96 -7.60 52.09
CA LEU J 118 -33.17 -8.09 52.74
C LEU J 118 -32.80 -8.97 53.92
N ILE J 119 -33.32 -8.63 55.10
CA ILE J 119 -33.17 -9.45 56.30
C ILE J 119 -34.57 -9.79 56.80
N VAL J 120 -34.86 -11.08 56.94
CA VAL J 120 -36.17 -11.54 57.40
C VAL J 120 -35.99 -12.69 58.37
N ASN J 121 -36.66 -12.60 59.52
CA ASN J 121 -36.76 -13.72 60.46
C ASN J 121 -38.20 -14.22 60.39
N ASN J 122 -38.46 -15.09 59.40
CA ASN J 122 -39.83 -15.53 59.11
C ASN J 122 -40.25 -16.74 59.92
N ALA J 123 -40.01 -16.69 61.24
CA ALA J 123 -40.52 -17.67 62.20
C ALA J 123 -39.81 -19.02 62.09
N THR J 124 -38.99 -19.19 61.06
CA THR J 124 -38.29 -20.45 60.82
C THR J 124 -36.78 -20.27 60.83
N ASN J 125 -36.26 -19.35 60.02
CA ASN J 125 -34.83 -19.14 59.89
C ASN J 125 -34.56 -17.64 59.89
N VAL J 126 -33.29 -17.28 59.76
CA VAL J 126 -32.88 -15.90 59.55
C VAL J 126 -32.31 -15.82 58.15
N VAL J 127 -32.93 -15.00 57.30
CA VAL J 127 -32.56 -14.89 55.90
C VAL J 127 -31.92 -13.53 55.68
N ILE J 128 -30.70 -13.53 55.14
CA ILE J 128 -29.98 -12.32 54.79
C ILE J 128 -29.61 -12.42 53.33
N LYS J 129 -30.20 -11.58 52.50
CA LYS J 129 -29.96 -11.61 51.06
C LYS J 129 -29.56 -10.22 50.58
N VAL J 130 -28.65 -10.19 49.62
CA VAL J 130 -28.31 -8.98 48.87
C VAL J 130 -28.63 -9.34 47.43
N CYS J 131 -29.66 -8.70 46.88
CA CYS J 131 -30.22 -9.19 45.64
C CYS J 131 -31.13 -8.12 45.07
N GLU J 132 -31.44 -8.24 43.78
CA GLU J 132 -32.30 -7.27 43.11
C GLU J 132 -33.74 -7.75 43.23
N PHE J 133 -34.58 -6.94 43.87
CA PHE J 133 -35.97 -7.32 44.09
C PHE J 133 -36.91 -6.24 43.57
N GLN J 134 -38.05 -6.70 43.06
CA GLN J 134 -39.12 -5.79 42.63
C GLN J 134 -40.04 -5.50 43.82
N PHE J 135 -39.52 -4.67 44.73
CA PHE J 135 -40.26 -4.34 45.94
C PHE J 135 -41.52 -3.55 45.59
N CYS J 136 -42.62 -3.89 46.25
CA CYS J 136 -43.87 -3.15 46.08
C CYS J 136 -43.99 -2.09 47.18
N ASN J 137 -45.06 -1.31 47.11
CA ASN J 137 -45.24 -0.19 48.04
C ASN J 137 -45.41 -0.68 49.48
N ASP J 138 -46.09 -1.82 49.67
CA ASP J 138 -46.42 -2.32 51.00
C ASP J 138 -45.89 -3.74 51.18
N PRO J 139 -44.61 -3.88 51.53
CA PRO J 139 -44.09 -5.22 51.86
C PRO J 139 -44.27 -5.52 53.33
N PHE J 140 -44.68 -6.75 53.62
CA PHE J 140 -45.00 -7.13 55.00
C PHE J 140 -45.09 -8.65 55.07
N LEU J 141 -45.35 -9.14 56.28
CA LEU J 141 -45.58 -10.54 56.57
C LEU J 141 -46.95 -10.69 57.23
N GLY J 142 -47.55 -11.86 57.07
CA GLY J 142 -48.82 -12.13 57.71
C GLY J 142 -48.93 -13.49 58.35
N VAL J 143 -49.21 -13.54 59.65
CA VAL J 143 -49.44 -14.79 60.36
C VAL J 143 -50.95 -14.99 60.46
N TYR J 144 -51.42 -16.19 60.15
CA TYR J 144 -52.84 -16.47 60.07
C TYR J 144 -53.22 -17.36 61.25
N TYR J 145 -54.25 -16.94 61.99
CA TYR J 145 -54.65 -17.58 63.23
C TYR J 145 -55.94 -18.36 63.02
N HIS J 146 -55.98 -19.59 63.50
CA HIS J 146 -57.14 -20.46 63.38
C HIS J 146 -57.82 -20.58 64.73
N LYS J 147 -59.15 -20.38 64.75
CA LYS J 147 -59.89 -20.46 66.00
C LYS J 147 -60.08 -21.91 66.46
N ASN J 148 -60.11 -22.86 65.53
CA ASN J 148 -60.38 -24.25 65.91
C ASN J 148 -59.25 -24.84 66.75
N ASN J 149 -57.99 -24.52 66.40
CA ASN J 149 -56.85 -25.09 67.10
C ASN J 149 -55.93 -23.97 67.55
N LYS J 150 -55.26 -24.20 68.68
CA LYS J 150 -54.38 -23.19 69.29
C LYS J 150 -53.00 -23.26 68.62
N SER J 151 -52.97 -22.83 67.37
CA SER J 151 -51.75 -22.84 66.58
C SER J 151 -51.65 -21.53 65.79
N TRP J 152 -50.44 -21.00 65.72
CA TRP J 152 -50.14 -19.83 64.92
C TRP J 152 -49.05 -20.23 63.93
N MET J 153 -49.32 -19.96 62.66
CA MET J 153 -48.35 -20.19 61.60
C MET J 153 -48.43 -19.10 60.55
N GLU J 154 -47.27 -18.75 59.99
CA GLU J 154 -47.18 -17.69 58.98
C GLU J 154 -47.81 -18.12 57.67
N SER J 155 -48.65 -17.26 57.10
CA SER J 155 -49.34 -17.58 55.86
C SER J 155 -48.92 -16.72 54.68
N GLU J 156 -48.78 -15.41 54.87
CA GLU J 156 -48.51 -14.49 53.78
C GLU J 156 -47.11 -13.91 53.90
N PHE J 157 -46.41 -13.84 52.76
CA PHE J 157 -45.09 -13.22 52.68
C PHE J 157 -45.08 -12.40 51.39
N ARG J 158 -45.39 -11.11 51.50
CA ARG J 158 -45.54 -10.24 50.34
C ARG J 158 -44.45 -9.16 50.42
N VAL J 159 -43.30 -9.42 49.81
CA VAL J 159 -42.20 -8.46 49.85
C VAL J 159 -41.68 -8.17 48.44
N TYR J 160 -41.30 -9.22 47.71
CA TYR J 160 -40.70 -9.08 46.40
C TYR J 160 -41.38 -10.05 45.43
N SER J 161 -41.09 -9.87 44.15
CA SER J 161 -41.68 -10.71 43.12
C SER J 161 -40.67 -11.50 42.29
N SER J 162 -39.48 -10.96 42.03
CA SER J 162 -38.53 -11.65 41.16
C SER J 162 -37.11 -11.38 41.61
N ALA J 163 -36.21 -12.29 41.24
CA ALA J 163 -34.77 -12.13 41.47
C ALA J 163 -34.03 -12.86 40.37
N ASN J 164 -33.44 -12.12 39.43
CA ASN J 164 -32.76 -12.71 38.28
C ASN J 164 -31.23 -12.67 38.42
N ASN J 165 -30.63 -11.50 38.64
CA ASN J 165 -29.19 -11.41 38.88
C ASN J 165 -29.01 -11.21 40.38
N CYS J 166 -28.44 -12.22 41.05
CA CYS J 166 -28.39 -12.21 42.50
C CYS J 166 -27.00 -12.65 42.98
N THR J 167 -26.49 -12.02 44.03
CA THR J 167 -25.11 -12.30 44.43
C THR J 167 -24.95 -12.86 45.84
N PHE J 168 -25.72 -12.38 46.82
CA PHE J 168 -25.52 -12.78 48.22
C PHE J 168 -26.77 -13.45 48.76
N GLU J 169 -26.58 -14.61 49.40
CA GLU J 169 -27.66 -15.34 50.04
C GLU J 169 -27.15 -15.96 51.33
N TYR J 170 -27.98 -15.93 52.37
CA TYR J 170 -27.64 -16.58 53.64
C TYR J 170 -28.92 -16.98 54.36
N VAL J 171 -28.96 -18.21 54.87
CA VAL J 171 -30.06 -18.70 55.69
C VAL J 171 -29.50 -19.38 56.92
N SER J 172 -29.95 -18.97 58.11
CA SER J 172 -29.54 -19.61 59.35
C SER J 172 -30.31 -20.91 59.57
N GLN J 173 -29.88 -21.68 60.56
CA GLN J 173 -30.51 -22.96 60.84
C GLN J 173 -31.91 -22.76 61.43
N PRO J 174 -32.83 -23.69 61.14
CA PRO J 174 -34.24 -23.49 61.54
C PRO J 174 -34.44 -23.46 63.05
N PHE J 175 -35.45 -22.70 63.47
CA PHE J 175 -35.83 -22.56 64.87
C PHE J 175 -37.29 -22.12 64.96
N LEU J 176 -37.86 -22.22 66.17
CA LEU J 176 -39.26 -21.94 66.42
C LEU J 176 -39.40 -20.96 67.58
N MET J 177 -40.43 -20.13 67.49
CA MET J 177 -40.78 -19.17 68.53
C MET J 177 -42.28 -19.28 68.83
N ASP J 178 -42.76 -18.40 69.71
CA ASP J 178 -44.14 -18.51 70.20
C ASP J 178 -45.18 -18.27 69.10
N LEU J 179 -45.03 -17.17 68.35
CA LEU J 179 -45.91 -16.71 67.27
C LEU J 179 -47.25 -16.17 67.76
N GLU J 180 -47.52 -16.16 69.07
CA GLU J 180 -48.83 -15.74 69.55
C GLU J 180 -48.78 -14.32 70.10
N ASN J 185 -48.15 -6.08 78.79
CA ASN J 185 -47.29 -5.02 78.28
C ASN J 185 -46.06 -5.60 77.60
N PHE J 186 -45.28 -4.74 76.94
CA PHE J 186 -44.10 -5.19 76.22
C PHE J 186 -43.10 -5.76 77.21
N LYS J 187 -42.45 -6.87 76.82
CA LYS J 187 -41.50 -7.53 77.70
C LYS J 187 -40.09 -7.61 77.12
N ASN J 188 -39.91 -7.45 75.82
CA ASN J 188 -38.61 -7.58 75.18
C ASN J 188 -38.22 -6.27 74.52
N LEU J 189 -36.96 -5.88 74.67
CA LEU J 189 -36.40 -4.71 74.01
C LEU J 189 -35.21 -5.15 73.17
N ARG J 190 -35.33 -5.03 71.85
CA ARG J 190 -34.27 -5.39 70.93
C ARG J 190 -33.66 -4.11 70.37
N GLU J 191 -32.35 -3.93 70.58
CA GLU J 191 -31.64 -2.75 70.12
C GLU J 191 -30.64 -3.17 69.06
N PHE J 192 -30.67 -2.48 67.92
CA PHE J 192 -29.79 -2.79 66.80
C PHE J 192 -29.16 -1.50 66.28
N VAL J 193 -27.97 -1.64 65.71
CA VAL J 193 -27.27 -0.54 65.05
C VAL J 193 -26.80 -1.03 63.69
N PHE J 194 -27.15 -0.31 62.64
CA PHE J 194 -26.78 -0.67 61.29
C PHE J 194 -25.85 0.40 60.71
N LYS J 195 -24.70 -0.02 60.21
CA LYS J 195 -23.75 0.89 59.60
C LYS J 195 -23.25 0.30 58.29
N ASN J 196 -22.95 1.18 57.34
CA ASN J 196 -22.37 0.78 56.06
C ASN J 196 -21.25 1.77 55.72
N ILE J 197 -20.00 1.34 55.84
CA ILE J 197 -18.87 2.20 55.49
C ILE J 197 -17.73 1.31 55.02
N ASP J 198 -16.94 1.83 54.10
CA ASP J 198 -15.73 1.16 53.61
C ASP J 198 -16.08 -0.19 53.00
N GLY J 199 -17.28 -0.29 52.42
CA GLY J 199 -17.79 -1.49 51.80
C GLY J 199 -18.23 -2.59 52.74
N TYR J 200 -18.26 -2.33 54.05
CA TYR J 200 -18.69 -3.31 55.03
C TYR J 200 -20.00 -2.87 55.65
N PHE J 201 -20.97 -3.78 55.69
CA PHE J 201 -22.25 -3.52 56.37
C PHE J 201 -22.20 -4.23 57.72
N LYS J 202 -22.15 -3.45 58.79
CA LYS J 202 -21.99 -3.96 60.14
C LYS J 202 -23.30 -3.86 60.91
N ILE J 203 -23.66 -4.93 61.59
CA ILE J 203 -24.85 -4.99 62.45
C ILE J 203 -24.41 -5.22 63.88
N TYR J 204 -24.88 -4.37 64.79
CA TYR J 204 -24.67 -4.55 66.22
C TYR J 204 -26.01 -4.84 66.87
N SER J 205 -26.04 -5.73 67.85
CA SER J 205 -27.30 -6.15 68.43
C SER J 205 -27.20 -6.23 69.95
N LYS J 206 -28.36 -6.12 70.60
CA LYS J 206 -28.47 -6.32 72.04
C LYS J 206 -29.92 -6.67 72.36
N HIS J 207 -30.13 -7.55 73.34
CA HIS J 207 -31.45 -7.92 73.79
C HIS J 207 -31.57 -7.59 75.28
N THR J 208 -32.77 -7.13 75.68
CA THR J 208 -32.97 -6.75 77.07
C THR J 208 -34.39 -7.07 77.53
N PRO J 209 -34.54 -7.67 78.71
CA PRO J 209 -35.89 -7.86 79.27
C PRO J 209 -36.34 -6.58 79.97
N ILE J 210 -37.57 -6.15 79.66
CA ILE J 210 -38.14 -4.95 80.25
C ILE J 210 -39.55 -5.26 80.75
N ASN J 211 -40.00 -4.47 81.71
CA ASN J 211 -41.33 -4.64 82.27
C ASN J 211 -42.05 -3.30 82.41
N LEU J 212 -41.95 -2.46 81.39
CA LEU J 212 -42.69 -1.20 81.36
C LEU J 212 -43.83 -1.30 80.35
N VAL J 213 -44.69 -0.29 80.35
CA VAL J 213 -45.87 -0.32 79.51
C VAL J 213 -45.62 0.33 78.14
N ARG J 214 -45.25 1.62 78.13
CA ARG J 214 -45.07 2.32 76.85
C ARG J 214 -44.11 3.48 77.06
N ASP J 215 -42.83 3.24 76.75
CA ASP J 215 -41.77 4.26 76.83
C ASP J 215 -40.47 3.69 76.29
N LEU J 216 -39.39 4.47 76.38
CA LEU J 216 -38.06 3.99 76.10
C LEU J 216 -37.35 3.76 77.43
N PRO J 217 -36.89 2.55 77.73
CA PRO J 217 -36.31 2.29 79.05
C PRO J 217 -35.05 3.10 79.27
N GLN J 218 -34.84 3.49 80.53
CA GLN J 218 -33.65 4.25 80.89
C GLN J 218 -32.49 3.28 81.11
N GLY J 219 -31.39 3.77 81.65
CA GLY J 219 -30.25 2.91 81.94
C GLY J 219 -29.30 2.85 80.76
N PHE J 220 -28.20 2.13 80.96
CA PHE J 220 -27.14 2.05 79.96
C PHE J 220 -26.89 0.59 79.62
N SER J 221 -26.75 0.31 78.32
CA SER J 221 -26.44 -1.03 77.85
C SER J 221 -25.65 -0.94 76.56
N ALA J 222 -24.42 -1.45 76.58
CA ALA J 222 -23.62 -1.48 75.37
C ALA J 222 -24.13 -2.55 74.41
N LEU J 223 -24.00 -2.28 73.11
CA LEU J 223 -24.49 -3.17 72.07
C LEU J 223 -23.33 -3.97 71.50
N GLU J 224 -23.40 -5.29 71.62
CA GLU J 224 -22.36 -6.14 71.07
C GLU J 224 -22.48 -6.25 69.55
N PRO J 225 -21.37 -6.34 68.84
CA PRO J 225 -21.44 -6.58 67.40
C PRO J 225 -22.10 -7.92 67.10
N LEU J 226 -22.87 -7.96 66.02
CA LEU J 226 -23.56 -9.18 65.61
C LEU J 226 -22.93 -9.81 64.37
N VAL J 227 -22.71 -9.02 63.31
CA VAL J 227 -22.14 -9.55 62.08
C VAL J 227 -21.53 -8.38 61.32
N ASP J 228 -20.54 -8.68 60.48
CA ASP J 228 -19.92 -7.71 59.57
C ASP J 228 -20.08 -8.29 58.17
N LEU J 229 -21.19 -7.97 57.53
CA LEU J 229 -21.48 -8.54 56.22
C LEU J 229 -20.64 -7.86 55.15
N PRO J 230 -19.97 -8.61 54.28
CA PRO J 230 -19.20 -8.03 53.16
C PRO J 230 -20.11 -7.75 51.96
N ILE J 231 -20.85 -6.64 52.04
CA ILE J 231 -21.88 -6.33 51.05
C ILE J 231 -21.36 -5.35 50.01
N GLY J 232 -20.72 -4.26 50.43
CA GLY J 232 -20.15 -3.32 49.49
C GLY J 232 -21.11 -2.73 48.48
N ILE J 233 -22.29 -2.33 48.91
CA ILE J 233 -23.26 -1.69 48.04
C ILE J 233 -23.61 -0.32 48.62
N ASN J 234 -24.33 0.46 47.82
CA ASN J 234 -24.78 1.77 48.24
C ASN J 234 -26.16 1.63 48.86
N ILE J 235 -26.30 2.00 50.12
CA ILE J 235 -27.57 1.99 50.83
C ILE J 235 -27.88 3.42 51.24
N THR J 236 -28.95 3.97 50.68
CA THR J 236 -29.36 5.34 50.98
C THR J 236 -30.74 5.43 51.59
N ARG J 237 -31.53 4.35 51.56
CA ARG J 237 -32.90 4.39 52.02
C ARG J 237 -33.25 3.00 52.55
N PHE J 238 -34.25 2.94 53.44
CA PHE J 238 -34.55 1.66 54.07
C PHE J 238 -35.98 1.64 54.57
N GLN J 239 -36.44 0.44 54.91
CA GLN J 239 -37.78 0.21 55.45
C GLN J 239 -37.71 -0.88 56.50
N THR J 240 -38.82 -1.06 57.21
CA THR J 240 -38.95 -2.11 58.22
C THR J 240 -40.05 -3.09 57.80
N LEU J 241 -40.04 -4.26 58.42
CA LEU J 241 -41.01 -5.30 58.14
C LEU J 241 -41.82 -5.63 59.38
N LEU J 242 -43.13 -5.77 59.20
CA LEU J 242 -44.04 -6.09 60.28
C LEU J 242 -44.86 -7.32 59.93
N ALA J 243 -45.28 -8.06 60.96
CA ALA J 243 -46.15 -9.21 60.80
C ALA J 243 -47.52 -8.87 61.34
N LEU J 244 -48.55 -9.08 60.52
CA LEU J 244 -49.92 -8.82 60.94
C LEU J 244 -50.61 -10.13 61.34
N HIS J 245 -51.79 -9.98 61.91
CA HIS J 245 -52.61 -11.12 62.33
C HIS J 245 -53.88 -11.18 61.51
N ARG J 246 -54.23 -12.38 61.05
CA ARG J 246 -55.46 -12.59 60.31
C ARG J 246 -56.27 -13.70 60.99
N SER J 247 -57.58 -13.53 60.99
CA SER J 247 -58.48 -14.53 61.56
C SER J 247 -59.68 -14.77 60.67
N GLY J 252 -62.84 -11.24 56.76
CA GLY J 252 -63.17 -10.13 55.88
C GLY J 252 -62.32 -10.08 54.63
N ASP J 253 -62.23 -8.91 54.01
CA ASP J 253 -61.44 -8.74 52.81
C ASP J 253 -59.95 -8.83 53.14
N SER J 254 -59.16 -9.19 52.13
CA SER J 254 -57.72 -9.32 52.32
C SER J 254 -57.10 -7.98 52.70
N SER J 255 -57.58 -6.88 52.10
CA SER J 255 -57.04 -5.57 52.35
C SER J 255 -57.60 -4.92 53.62
N SER J 256 -58.57 -5.55 54.27
CA SER J 256 -59.21 -4.94 55.44
C SER J 256 -59.14 -5.86 56.65
N GLY J 257 -59.23 -7.17 56.44
CA GLY J 257 -59.26 -8.10 57.54
C GLY J 257 -57.88 -8.47 58.05
N TRP J 258 -57.23 -7.53 58.74
CA TRP J 258 -55.90 -7.74 59.26
C TRP J 258 -55.76 -7.01 60.59
N THR J 259 -55.01 -7.61 61.52
CA THR J 259 -54.72 -7.01 62.80
C THR J 259 -53.20 -6.84 62.92
N ALA J 260 -52.77 -5.59 63.17
CA ALA J 260 -51.34 -5.31 63.23
C ALA J 260 -50.68 -5.97 64.45
N GLY J 261 -51.32 -5.88 65.60
CA GLY J 261 -50.70 -6.39 66.83
C GLY J 261 -49.92 -5.32 67.55
N ALA J 262 -49.85 -5.46 68.87
CA ALA J 262 -49.22 -4.45 69.70
C ALA J 262 -47.70 -4.54 69.58
N ALA J 263 -47.08 -3.43 69.17
CA ALA J 263 -45.63 -3.33 69.07
C ALA J 263 -45.26 -1.86 68.90
N ALA J 264 -43.99 -1.54 69.18
CA ALA J 264 -43.46 -0.21 68.93
C ALA J 264 -42.00 -0.33 68.53
N TYR J 265 -41.59 0.51 67.58
CA TYR J 265 -40.19 0.56 67.17
C TYR J 265 -39.74 2.00 67.02
N TYR J 266 -38.52 2.28 67.49
CA TYR J 266 -37.95 3.62 67.49
C TYR J 266 -36.75 3.65 66.55
N VAL J 267 -36.66 4.73 65.77
CA VAL J 267 -35.59 4.89 64.79
C VAL J 267 -34.80 6.16 65.11
N GLY J 268 -33.48 6.01 65.18
CA GLY J 268 -32.60 7.15 65.35
C GLY J 268 -31.48 7.10 64.34
N TYR J 269 -30.82 8.25 64.16
CA TYR J 269 -29.76 8.37 63.18
C TYR J 269 -28.42 8.57 63.87
N LEU J 270 -27.37 7.97 63.30
CA LEU J 270 -26.03 8.06 63.86
C LEU J 270 -25.30 9.26 63.28
N GLN J 271 -24.51 9.92 64.12
CA GLN J 271 -23.70 11.05 63.69
C GLN J 271 -22.26 10.86 64.15
N PRO J 272 -21.30 11.44 63.43
CA PRO J 272 -19.91 11.32 63.87
C PRO J 272 -19.65 12.17 65.10
N ARG J 273 -19.39 11.51 66.24
CA ARG J 273 -19.20 12.21 67.49
C ARG J 273 -18.13 11.48 68.29
N THR J 274 -17.60 12.17 69.30
CA THR J 274 -16.58 11.62 70.17
C THR J 274 -17.21 11.21 71.50
N PHE J 275 -16.95 9.99 71.93
CA PHE J 275 -17.52 9.44 73.15
C PHE J 275 -16.39 8.95 74.06
N LEU J 276 -16.56 9.15 75.36
CA LEU J 276 -15.65 8.62 76.36
C LEU J 276 -16.32 7.43 77.02
N LEU J 277 -15.73 6.25 76.87
CA LEU J 277 -16.30 5.01 77.38
C LEU J 277 -15.49 4.51 78.56
N LYS J 278 -16.18 4.01 79.58
CA LYS J 278 -15.54 3.48 80.78
C LYS J 278 -15.61 1.96 80.73
N TYR J 279 -14.45 1.32 80.54
CA TYR J 279 -14.36 -0.13 80.56
C TYR J 279 -14.11 -0.58 82.00
N ASN J 280 -14.93 -1.50 82.49
CA ASN J 280 -14.75 -2.00 83.85
C ASN J 280 -13.67 -3.07 83.85
N GLU J 281 -13.53 -3.79 84.97
CA GLU J 281 -12.52 -4.84 85.05
C GLU J 281 -12.82 -5.97 84.08
N ASN J 282 -14.10 -6.29 83.88
CA ASN J 282 -14.49 -7.39 83.02
C ASN J 282 -14.35 -7.07 81.55
N GLY J 283 -14.15 -5.80 81.19
CA GLY J 283 -14.05 -5.39 79.81
C GLY J 283 -15.33 -4.87 79.18
N THR J 284 -16.39 -4.74 79.96
CA THR J 284 -17.66 -4.21 79.45
C THR J 284 -17.70 -2.70 79.59
N ILE J 285 -18.45 -2.06 78.69
CA ILE J 285 -18.61 -0.61 78.70
C ILE J 285 -19.68 -0.29 79.74
N THR J 286 -19.24 0.02 80.97
CA THR J 286 -20.18 0.32 82.04
C THR J 286 -20.87 1.66 81.84
N ASP J 287 -20.13 2.68 81.44
CA ASP J 287 -20.68 4.03 81.32
C ASP J 287 -20.05 4.75 80.15
N ALA J 288 -20.71 5.83 79.72
CA ALA J 288 -20.21 6.65 78.62
C ALA J 288 -20.71 8.07 78.78
N VAL J 289 -19.94 9.01 78.24
CA VAL J 289 -20.31 10.43 78.20
C VAL J 289 -20.02 10.98 76.83
N ASP J 290 -20.83 11.94 76.41
CA ASP J 290 -20.58 12.63 75.16
C ASP J 290 -19.46 13.65 75.32
N CYS J 291 -18.93 14.10 74.20
CA CYS J 291 -17.98 15.21 74.19
C CYS J 291 -18.56 16.47 73.60
N ALA J 292 -19.81 16.43 73.14
CA ALA J 292 -20.46 17.59 72.53
C ALA J 292 -21.88 17.77 73.04
N LEU J 293 -22.17 17.33 74.26
CA LEU J 293 -23.52 17.46 74.81
C LEU J 293 -23.67 18.73 75.64
N ASP J 294 -22.81 18.93 76.62
CA ASP J 294 -22.86 20.08 77.51
C ASP J 294 -21.46 20.34 78.02
N PRO J 295 -21.20 21.53 78.58
CA PRO J 295 -19.82 21.86 78.99
C PRO J 295 -19.21 20.86 79.97
N LEU J 296 -19.99 20.33 80.91
CA LEU J 296 -19.41 19.37 81.85
C LEU J 296 -18.95 18.10 81.16
N SER J 297 -19.75 17.58 80.22
CA SER J 297 -19.32 16.39 79.48
C SER J 297 -18.07 16.69 78.66
N GLU J 298 -18.01 17.88 78.05
CA GLU J 298 -16.83 18.26 77.29
C GLU J 298 -15.60 18.33 78.20
N THR J 299 -15.77 18.87 79.40
CA THR J 299 -14.67 18.93 80.36
C THR J 299 -14.22 17.53 80.75
N LYS J 300 -15.19 16.62 80.97
CA LYS J 300 -14.83 15.24 81.30
C LYS J 300 -14.07 14.60 80.16
N CYS J 301 -14.48 14.87 78.92
CA CYS J 301 -13.78 14.33 77.77
C CYS J 301 -12.35 14.85 77.70
N THR J 302 -12.16 16.15 77.96
CA THR J 302 -10.83 16.72 77.93
C THR J 302 -9.95 16.11 79.02
N LEU J 303 -10.49 15.90 80.21
CA LEU J 303 -9.71 15.39 81.33
C LEU J 303 -9.57 13.88 81.30
N LYS J 304 -10.29 13.19 80.42
CA LYS J 304 -10.29 11.73 80.35
C LYS J 304 -10.67 11.10 81.69
N SER J 305 -11.64 11.71 82.37
CA SER J 305 -12.11 11.18 83.65
C SER J 305 -13.60 11.49 83.79
N PHE J 306 -14.33 10.54 84.39
CA PHE J 306 -15.75 10.75 84.64
C PHE J 306 -16.00 11.74 85.77
N THR J 307 -15.03 11.91 86.67
CA THR J 307 -15.14 12.87 87.76
C THR J 307 -14.15 14.01 87.54
N VAL J 308 -14.62 15.24 87.73
CA VAL J 308 -13.79 16.42 87.58
C VAL J 308 -13.73 17.15 88.90
N GLU J 309 -12.52 17.56 89.30
CA GLU J 309 -12.35 18.29 90.54
C GLU J 309 -12.68 19.76 90.33
N LYS J 310 -12.87 20.47 91.44
CA LYS J 310 -13.24 21.87 91.39
C LYS J 310 -12.13 22.69 90.75
N GLY J 311 -12.52 23.64 89.91
CA GLY J 311 -11.58 24.53 89.27
C GLY J 311 -12.10 24.97 87.92
N ILE J 312 -11.22 25.62 87.16
CA ILE J 312 -11.54 26.11 85.82
C ILE J 312 -10.63 25.39 84.82
N TYR J 313 -11.23 24.88 83.74
CA TYR J 313 -10.51 24.08 82.77
C TYR J 313 -10.66 24.67 81.38
N GLN J 314 -9.55 24.73 80.64
CA GLN J 314 -9.55 25.23 79.27
C GLN J 314 -10.11 24.12 78.38
N THR J 315 -11.42 24.18 78.11
CA THR J 315 -12.06 23.08 77.42
C THR J 315 -11.82 23.11 75.91
N SER J 316 -12.13 24.21 75.25
CA SER J 316 -12.03 24.24 73.79
C SER J 316 -11.94 25.70 73.34
N ASN J 317 -12.15 25.93 72.05
CA ASN J 317 -12.05 27.24 71.43
C ASN J 317 -13.36 27.64 70.76
N PHE J 318 -13.68 28.92 70.85
CA PHE J 318 -14.87 29.49 70.21
C PHE J 318 -14.44 30.38 69.06
N ARG J 319 -15.11 30.24 67.91
CA ARG J 319 -14.84 31.07 66.76
C ARG J 319 -16.14 31.39 66.06
N VAL J 320 -16.17 32.51 65.35
CA VAL J 320 -17.32 32.92 64.55
C VAL J 320 -17.04 32.56 63.10
N GLN J 321 -17.95 31.80 62.49
CA GLN J 321 -17.75 31.35 61.11
C GLN J 321 -18.30 32.39 60.15
N PRO J 322 -17.50 32.90 59.22
CA PRO J 322 -17.98 33.93 58.31
C PRO J 322 -18.96 33.36 57.28
N THR J 323 -19.86 34.21 56.83
CA THR J 323 -20.83 33.87 55.80
C THR J 323 -20.91 35.01 54.81
N GLU J 324 -21.56 34.75 53.67
CA GLU J 324 -21.77 35.75 52.63
C GLU J 324 -20.44 36.30 52.11
N SER J 325 -19.66 35.41 51.49
CA SER J 325 -18.40 35.83 50.90
C SER J 325 -18.63 36.93 49.89
N ILE J 326 -17.83 37.99 49.98
CA ILE J 326 -17.94 39.16 49.11
C ILE J 326 -16.64 39.35 48.36
N VAL J 327 -16.75 39.70 47.08
CA VAL J 327 -15.61 40.01 46.23
C VAL J 327 -15.82 41.39 45.63
N ARG J 328 -14.79 42.22 45.68
CA ARG J 328 -14.86 43.56 45.11
C ARG J 328 -13.71 43.78 44.15
N PHE J 329 -14.02 44.37 43.01
CA PHE J 329 -13.06 44.78 42.01
C PHE J 329 -13.44 46.18 41.56
N PRO J 330 -12.52 46.94 40.98
CA PRO J 330 -12.84 48.32 40.61
C PRO J 330 -14.01 48.36 39.65
N ASN J 331 -15.02 49.17 40.01
CA ASN J 331 -16.21 49.29 39.17
C ASN J 331 -15.85 49.92 37.82
N ILE J 332 -14.96 50.90 37.85
CA ILE J 332 -14.56 51.64 36.65
C ILE J 332 -13.89 50.69 35.67
N THR J 333 -14.34 50.77 34.42
CA THR J 333 -13.81 49.97 33.33
C THR J 333 -13.85 50.83 32.08
N ASN J 334 -12.98 50.53 31.15
CA ASN J 334 -12.98 51.18 29.85
C ASN J 334 -13.60 50.18 28.88
N LEU J 335 -14.78 50.50 28.37
CA LEU J 335 -15.50 49.55 27.53
C LEU J 335 -14.70 49.30 26.27
N CYS J 336 -14.39 48.03 26.02
CA CYS J 336 -13.71 47.67 24.79
C CYS J 336 -14.68 47.90 23.63
N PRO J 337 -14.20 48.35 22.47
CA PRO J 337 -15.11 48.69 21.37
C PRO J 337 -15.64 47.52 20.55
N PHE J 338 -16.16 46.49 21.23
CA PHE J 338 -16.82 45.41 20.51
C PHE J 338 -18.09 45.90 19.84
N GLY J 339 -18.83 46.78 20.51
CA GLY J 339 -20.06 47.29 19.92
C GLY J 339 -19.81 48.04 18.62
N GLU J 340 -18.75 48.87 18.61
CA GLU J 340 -18.45 49.67 17.43
C GLU J 340 -18.12 48.78 16.24
N VAL J 341 -17.27 47.77 16.44
CA VAL J 341 -16.81 46.93 15.33
C VAL J 341 -17.94 46.05 14.80
N PHE J 342 -18.72 45.41 15.68
CA PHE J 342 -19.74 44.47 15.20
C PHE J 342 -20.85 45.17 14.44
N ASN J 343 -21.42 46.24 15.01
CA ASN J 343 -22.46 47.01 14.34
C ASN J 343 -21.86 48.36 13.91
N ALA J 344 -21.18 48.30 12.76
CA ALA J 344 -20.49 49.40 12.11
C ALA J 344 -21.10 49.61 10.73
N THR J 345 -20.72 50.71 10.07
CA THR J 345 -21.33 51.03 8.79
C THR J 345 -20.66 50.35 7.60
N ARG J 346 -19.33 50.27 7.59
CA ARG J 346 -18.60 49.72 6.46
C ARG J 346 -17.70 48.57 6.91
N PHE J 347 -17.72 47.48 6.14
CA PHE J 347 -16.83 46.36 6.37
C PHE J 347 -15.94 46.15 5.15
N ALA J 348 -14.71 45.72 5.41
CA ALA J 348 -13.76 45.48 4.34
C ALA J 348 -14.15 44.24 3.53
N SER J 349 -13.62 44.16 2.32
CA SER J 349 -13.88 43.01 1.47
C SER J 349 -13.20 41.77 2.06
N VAL J 350 -13.68 40.60 1.64
CA VAL J 350 -13.21 39.35 2.22
C VAL J 350 -11.73 39.12 1.91
N TYR J 351 -11.31 39.40 0.67
CA TYR J 351 -9.89 39.22 0.34
C TYR J 351 -9.03 40.19 1.15
N ALA J 352 -9.48 41.43 1.26
CA ALA J 352 -8.78 42.44 2.06
C ALA J 352 -9.40 42.55 3.45
N TRP J 353 -9.37 41.44 4.19
CA TRP J 353 -10.02 41.42 5.49
C TRP J 353 -9.33 42.39 6.44
N ASN J 354 -10.12 43.15 7.17
CA ASN J 354 -9.60 44.20 8.04
C ASN J 354 -9.42 43.64 9.44
N ARG J 355 -8.21 43.78 9.98
CA ARG J 355 -7.86 43.26 11.30
C ARG J 355 -7.70 44.42 12.27
N LYS J 356 -8.33 44.30 13.42
CA LYS J 356 -8.33 45.34 14.44
C LYS J 356 -7.90 44.72 15.77
N ARG J 357 -6.85 45.27 16.37
CA ARG J 357 -6.30 44.74 17.61
C ARG J 357 -6.80 45.59 18.77
N ILE J 358 -7.38 44.94 19.77
CA ILE J 358 -7.94 45.62 20.93
C ILE J 358 -7.28 45.09 22.19
N SER J 359 -6.63 45.99 22.92
CA SER J 359 -5.95 45.65 24.17
C SER J 359 -6.27 46.72 25.19
N ASN J 360 -5.84 46.49 26.43
CA ASN J 360 -6.00 47.47 27.51
C ASN J 360 -7.44 47.94 27.64
N CYS J 361 -8.39 47.04 27.36
CA CYS J 361 -9.80 47.37 27.32
C CYS J 361 -10.58 46.33 28.11
N VAL J 362 -11.74 46.72 28.61
CA VAL J 362 -12.64 45.80 29.29
C VAL J 362 -13.58 45.23 28.23
N ALA J 363 -13.43 43.95 27.94
CA ALA J 363 -14.16 43.30 26.85
C ALA J 363 -15.36 42.56 27.41
N ASP J 364 -16.57 42.99 27.01
CA ASP J 364 -17.80 42.35 27.46
C ASP J 364 -18.16 41.23 26.50
N TYR J 365 -17.53 40.07 26.70
CA TYR J 365 -17.84 38.91 25.89
C TYR J 365 -19.28 38.48 26.07
N SER J 366 -19.80 38.61 27.30
CA SER J 366 -21.17 38.19 27.57
C SER J 366 -22.17 38.98 26.74
N VAL J 367 -21.94 40.29 26.58
CA VAL J 367 -22.92 41.15 25.89
C VAL J 367 -23.11 40.69 24.45
N LEU J 368 -22.01 40.42 23.74
CA LEU J 368 -22.15 39.89 22.39
C LEU J 368 -22.76 38.50 22.41
N TYR J 369 -22.34 37.68 23.37
CA TYR J 369 -22.91 36.34 23.51
C TYR J 369 -24.40 36.41 23.83
N ASN J 370 -24.76 37.26 24.79
CA ASN J 370 -26.17 37.35 25.21
C ASN J 370 -27.06 37.79 24.05
N SER J 371 -26.58 38.73 23.24
CA SER J 371 -27.32 39.14 22.05
C SER J 371 -27.48 37.94 21.11
N ALA J 372 -28.71 37.74 20.63
CA ALA J 372 -29.04 36.59 19.80
C ALA J 372 -29.24 36.95 18.33
N SER J 373 -28.95 38.19 17.94
CA SER J 373 -29.19 38.61 16.56
C SER J 373 -28.32 37.85 15.57
N PHE J 374 -27.11 37.50 15.98
CA PHE J 374 -26.15 36.89 15.05
C PHE J 374 -26.58 35.47 14.69
N SER J 375 -26.60 35.19 13.39
CA SER J 375 -27.03 33.87 12.93
C SER J 375 -26.05 32.77 13.33
N THR J 376 -24.75 33.01 13.17
CA THR J 376 -23.74 32.00 13.42
C THR J 376 -22.83 32.44 14.55
N PHE J 377 -22.70 31.60 15.57
CA PHE J 377 -21.80 31.84 16.70
C PHE J 377 -21.01 30.57 16.96
N LYS J 378 -19.93 30.35 16.20
CA LYS J 378 -19.11 29.15 16.34
C LYS J 378 -17.79 29.52 16.99
N CYS J 379 -17.57 29.01 18.19
CA CYS J 379 -16.38 29.29 18.98
C CYS J 379 -15.57 28.01 19.16
N TYR J 380 -14.29 28.07 18.83
CA TYR J 380 -13.41 26.92 18.88
C TYR J 380 -12.36 27.16 19.96
N GLY J 381 -12.26 26.23 20.90
CA GLY J 381 -11.26 26.30 21.95
C GLY J 381 -11.58 27.26 23.07
N VAL J 382 -12.73 27.92 23.04
CA VAL J 382 -13.12 28.84 24.10
C VAL J 382 -14.64 28.93 24.12
N SER J 383 -15.19 29.11 25.31
CA SER J 383 -16.62 29.30 25.51
C SER J 383 -16.90 30.73 25.96
N PRO J 384 -18.02 31.32 25.53
CA PRO J 384 -18.27 32.73 25.88
C PRO J 384 -18.33 32.98 27.37
N THR J 385 -18.99 32.08 28.12
CA THR J 385 -19.04 32.22 29.57
C THR J 385 -17.63 32.17 30.16
N LYS J 386 -16.81 31.25 29.66
CA LYS J 386 -15.41 31.17 30.08
C LYS J 386 -14.63 32.38 29.62
N LEU J 387 -15.00 32.97 28.47
CA LEU J 387 -14.26 34.11 27.94
C LEU J 387 -14.31 35.28 28.91
N ASN J 388 -15.47 35.52 29.52
CA ASN J 388 -15.60 36.63 30.45
C ASN J 388 -14.64 36.49 31.63
N ASP J 389 -14.53 35.28 32.19
CA ASP J 389 -13.58 35.06 33.27
C ASP J 389 -12.14 35.09 32.78
N LEU J 390 -11.87 34.51 31.61
CA LEU J 390 -10.51 34.38 31.14
C LEU J 390 -9.97 35.75 30.71
N CYS J 391 -8.64 35.86 30.73
CA CYS J 391 -7.96 37.10 30.39
C CYS J 391 -6.96 36.86 29.27
N PHE J 392 -7.03 37.70 28.23
CA PHE J 392 -6.23 37.54 27.02
C PHE J 392 -5.39 38.78 26.78
N THR J 393 -4.16 38.55 26.31
CA THR J 393 -3.23 39.66 26.08
C THR J 393 -3.72 40.60 24.97
N ASN J 394 -4.19 40.04 23.86
CA ASN J 394 -4.71 40.87 22.77
C ASN J 394 -5.62 40.03 21.88
N VAL J 395 -6.75 40.61 21.49
CA VAL J 395 -7.73 39.97 20.61
C VAL J 395 -7.82 40.76 19.32
N TYR J 396 -7.71 40.08 18.18
CA TYR J 396 -7.73 40.72 16.87
C TYR J 396 -9.04 40.40 16.17
N ALA J 397 -9.83 41.42 15.88
CA ALA J 397 -11.14 41.26 15.24
C ALA J 397 -11.01 41.49 13.74
N ASP J 398 -11.47 40.51 12.95
CA ASP J 398 -11.46 40.61 11.50
C ASP J 398 -12.89 40.78 10.99
N SER J 399 -13.14 41.84 10.23
CA SER J 399 -14.47 42.15 9.72
C SER J 399 -14.50 42.05 8.20
N PHE J 400 -15.42 41.24 7.67
CA PHE J 400 -15.56 41.09 6.23
C PHE J 400 -16.99 40.67 5.90
N VAL J 401 -17.41 40.97 4.67
CA VAL J 401 -18.74 40.65 4.17
C VAL J 401 -18.61 39.55 3.12
N ILE J 402 -19.32 38.43 3.32
CA ILE J 402 -19.27 37.29 2.42
C ILE J 402 -20.67 36.70 2.25
N ARG J 403 -20.80 35.81 1.27
CA ARG J 403 -22.05 35.12 1.02
C ARG J 403 -22.36 34.13 2.14
N GLY J 404 -23.64 33.81 2.29
CA GLY J 404 -24.05 32.84 3.30
C GLY J 404 -23.43 31.47 3.06
N ASP J 405 -23.29 31.07 1.80
CA ASP J 405 -22.63 29.80 1.49
C ASP J 405 -21.18 29.82 1.96
N GLU J 406 -20.49 30.94 1.77
CA GLU J 406 -19.09 31.03 2.13
C GLU J 406 -18.88 31.17 3.63
N VAL J 407 -19.94 31.45 4.39
CA VAL J 407 -19.84 31.44 5.85
C VAL J 407 -19.38 30.07 6.32
N ARG J 408 -19.84 29.02 5.64
CA ARG J 408 -19.38 27.68 5.94
C ARG J 408 -17.88 27.55 5.71
N GLN J 409 -17.37 28.09 4.60
CA GLN J 409 -15.97 27.92 4.26
C GLN J 409 -15.04 28.56 5.28
N ILE J 410 -15.43 29.68 5.87
CA ILE J 410 -14.54 30.37 6.79
C ILE J 410 -14.66 29.75 8.18
N ALA J 411 -13.92 28.67 8.41
CA ALA J 411 -13.89 28.02 9.70
C ALA J 411 -12.59 27.23 9.81
N PRO J 412 -12.10 26.99 11.02
CA PRO J 412 -10.93 26.12 11.16
C PRO J 412 -11.23 24.73 10.62
N GLY J 413 -10.28 24.16 9.90
CA GLY J 413 -10.45 22.84 9.34
C GLY J 413 -11.45 22.78 8.20
N GLN J 414 -11.73 23.91 7.56
CA GLN J 414 -12.69 23.97 6.47
C GLN J 414 -11.98 24.40 5.19
N THR J 415 -12.23 23.69 4.10
CA THR J 415 -11.62 24.00 2.82
C THR J 415 -12.66 24.65 1.90
N GLY J 416 -12.31 25.80 1.35
CA GLY J 416 -13.17 26.50 0.41
C GLY J 416 -12.34 27.42 -0.45
N LYS J 417 -12.89 27.79 -1.60
CA LYS J 417 -12.20 28.73 -2.48
C LYS J 417 -12.06 30.10 -1.80
N ILE J 418 -13.10 30.54 -1.10
CA ILE J 418 -13.01 31.80 -0.36
C ILE J 418 -11.96 31.67 0.75
N ALA J 419 -11.98 30.55 1.47
CA ALA J 419 -11.01 30.34 2.52
C ALA J 419 -9.58 30.29 1.97
N ASP J 420 -9.40 29.63 0.83
CA ASP J 420 -8.05 29.47 0.28
C ASP J 420 -7.47 30.78 -0.21
N TYR J 421 -8.28 31.61 -0.88
CA TYR J 421 -7.75 32.79 -1.55
C TYR J 421 -8.09 34.11 -0.89
N ASN J 422 -8.92 34.12 0.15
CA ASN J 422 -9.33 35.38 0.76
C ASN J 422 -8.94 35.46 2.23
N TYR J 423 -9.44 34.56 3.07
CA TYR J 423 -9.13 34.56 4.49
C TYR J 423 -9.00 33.13 4.97
N LYS J 424 -7.88 32.81 5.60
CA LYS J 424 -7.57 31.45 6.03
C LYS J 424 -7.59 31.37 7.55
N LEU J 425 -8.27 30.37 8.09
CA LEU J 425 -8.38 30.18 9.52
C LEU J 425 -7.60 28.95 9.95
N PRO J 426 -6.63 29.07 10.86
CA PRO J 426 -5.89 27.89 11.31
C PRO J 426 -6.79 26.94 12.10
N ASP J 427 -6.52 25.64 11.94
CA ASP J 427 -7.33 24.64 12.63
C ASP J 427 -7.09 24.67 14.13
N ASP J 428 -5.82 24.76 14.54
CA ASP J 428 -5.49 24.75 15.97
C ASP J 428 -5.98 26.01 16.67
N PHE J 429 -6.26 27.07 15.92
CA PHE J 429 -6.54 28.36 16.51
C PHE J 429 -7.81 28.35 17.35
N THR J 430 -7.79 29.11 18.43
CA THR J 430 -8.92 29.26 19.34
C THR J 430 -9.51 30.66 19.19
N GLY J 431 -10.79 30.72 18.84
CA GLY J 431 -11.44 32.01 18.62
C GLY J 431 -12.92 31.80 18.33
N CYS J 432 -13.61 32.92 18.18
CA CYS J 432 -15.05 32.94 17.94
C CYS J 432 -15.35 33.57 16.58
N VAL J 433 -16.12 32.86 15.76
CA VAL J 433 -16.57 33.36 14.46
C VAL J 433 -18.03 33.75 14.59
N ILE J 434 -18.35 35.00 14.25
CA ILE J 434 -19.69 35.55 14.40
C ILE J 434 -20.18 36.03 13.05
N ALA J 435 -21.36 35.57 12.63
CA ALA J 435 -21.95 35.95 11.36
C ALA J 435 -23.38 36.41 11.55
N TRP J 436 -23.72 37.59 11.03
CA TRP J 436 -25.08 38.11 11.04
C TRP J 436 -25.45 38.58 9.65
N ASN J 437 -26.69 38.31 9.26
CA ASN J 437 -27.15 38.65 7.91
C ASN J 437 -27.12 40.14 7.68
N SER J 438 -26.55 40.56 6.55
CA SER J 438 -26.47 41.97 6.18
C SER J 438 -27.26 42.28 4.92
N ASN J 439 -28.20 41.41 4.55
CA ASN J 439 -28.92 41.55 3.28
C ASN J 439 -29.75 42.82 3.21
N ASN J 440 -30.15 43.40 4.34
CA ASN J 440 -31.03 44.56 4.28
C ASN J 440 -30.30 45.88 4.17
N LEU J 441 -29.07 45.98 4.65
CA LEU J 441 -28.32 47.23 4.51
C LEU J 441 -27.29 47.19 3.39
N ASP J 442 -26.53 46.10 3.26
CA ASP J 442 -25.51 46.03 2.24
C ASP J 442 -26.12 45.99 0.84
N SER J 443 -27.18 45.21 0.66
CA SER J 443 -27.79 45.04 -0.65
C SER J 443 -28.54 46.29 -1.08
N LYS J 444 -28.44 46.60 -2.36
CA LYS J 444 -29.20 47.68 -2.98
C LYS J 444 -29.86 47.13 -4.23
N VAL J 445 -30.92 47.81 -4.68
CA VAL J 445 -31.74 47.28 -5.77
C VAL J 445 -30.90 47.04 -7.02
N GLY J 446 -29.98 47.96 -7.33
CA GLY J 446 -29.06 47.72 -8.42
C GLY J 446 -28.10 46.59 -8.11
N GLY J 447 -27.70 46.46 -6.85
CA GLY J 447 -26.74 45.47 -6.43
C GLY J 447 -25.42 46.11 -6.05
N ASN J 448 -24.85 45.70 -4.91
CA ASN J 448 -23.60 46.25 -4.42
C ASN J 448 -22.46 45.34 -4.87
N TYR J 449 -21.74 45.77 -5.89
CA TYR J 449 -20.60 45.02 -6.41
C TYR J 449 -19.29 45.54 -5.86
N ASN J 450 -19.33 46.47 -4.92
CA ASN J 450 -18.11 46.99 -4.30
C ASN J 450 -17.36 45.90 -3.55
N TYR J 451 -18.07 44.93 -3.00
CA TYR J 451 -17.42 43.81 -2.32
C TYR J 451 -16.80 42.89 -3.36
N LEU J 452 -15.52 42.58 -3.19
CA LEU J 452 -14.79 41.77 -4.14
C LEU J 452 -14.18 40.58 -3.42
N TYR J 453 -13.96 39.49 -4.17
CA TYR J 453 -13.30 38.33 -3.61
C TYR J 453 -12.36 37.73 -4.64
N ARG J 454 -11.33 37.04 -4.16
CA ARG J 454 -10.34 36.43 -5.03
C ARG J 454 -10.85 35.08 -5.54
N LEU J 455 -11.33 35.04 -6.79
CA LEU J 455 -11.78 33.77 -7.36
C LEU J 455 -10.66 32.76 -7.43
N PHE J 456 -9.52 33.15 -7.97
CA PHE J 456 -8.40 32.26 -8.20
C PHE J 456 -7.09 32.96 -7.96
N ARG J 457 -6.20 32.26 -7.26
CA ARG J 457 -4.89 32.75 -6.87
C ARG J 457 -3.88 31.65 -7.12
N LYS J 458 -2.61 32.06 -7.31
CA LYS J 458 -1.58 31.08 -7.65
C LYS J 458 -1.40 30.07 -6.53
N SER J 459 -1.45 30.51 -5.28
CA SER J 459 -1.28 29.63 -4.14
C SER J 459 -2.35 29.95 -3.09
N ASN J 460 -2.67 28.96 -2.27
CA ASN J 460 -3.59 29.18 -1.17
C ASN J 460 -2.98 30.14 -0.16
N LEU J 461 -3.80 31.03 0.37
CA LEU J 461 -3.32 31.99 1.36
C LEU J 461 -2.92 31.26 2.65
N LYS J 462 -1.82 31.71 3.25
CA LYS J 462 -1.39 31.14 4.51
C LYS J 462 -2.33 31.61 5.62
N PRO J 463 -2.40 30.88 6.74
CA PRO J 463 -3.33 31.26 7.80
C PRO J 463 -3.10 32.68 8.28
N PHE J 464 -4.20 33.41 8.47
CA PHE J 464 -4.18 34.80 8.94
C PHE J 464 -3.33 35.69 8.03
N GLU J 465 -3.41 35.45 6.72
CA GLU J 465 -2.68 36.24 5.74
C GLU J 465 -3.66 36.91 4.80
N ARG J 466 -3.40 38.18 4.48
CA ARG J 466 -4.24 38.97 3.62
C ARG J 466 -3.46 39.38 2.38
N ASP J 467 -4.05 39.17 1.20
CA ASP J 467 -3.42 39.48 -0.08
C ASP J 467 -4.17 40.62 -0.75
N ILE J 468 -3.45 41.69 -1.09
CA ILE J 468 -4.02 42.83 -1.80
C ILE J 468 -3.53 42.91 -3.23
N SER J 469 -2.81 41.89 -3.71
CA SER J 469 -2.27 41.92 -5.05
C SER J 469 -3.39 42.02 -6.08
N THR J 470 -3.23 42.91 -7.04
CA THR J 470 -4.17 43.03 -8.16
C THR J 470 -3.39 42.88 -9.45
N GLU J 471 -3.09 41.63 -9.79
CA GLU J 471 -2.36 41.30 -11.01
C GLU J 471 -3.14 40.22 -11.75
N ILE J 472 -3.18 40.31 -13.08
CA ILE J 472 -3.97 39.37 -13.86
C ILE J 472 -3.43 37.97 -13.61
N TYR J 473 -4.31 37.07 -13.19
CA TYR J 473 -3.89 35.71 -12.91
C TYR J 473 -3.50 35.00 -14.20
N GLN J 474 -2.41 34.22 -14.13
CA GLN J 474 -1.86 33.57 -15.31
C GLN J 474 -2.17 32.09 -15.27
N ALA J 475 -3.00 31.64 -16.20
CA ALA J 475 -3.33 30.24 -16.37
C ALA J 475 -2.72 29.76 -17.68
N GLY J 476 -2.13 28.57 -17.65
CA GLY J 476 -1.51 28.05 -18.85
C GLY J 476 -0.09 28.56 -19.04
N SER J 477 0.55 28.03 -20.08
CA SER J 477 1.94 28.37 -20.34
C SER J 477 2.11 29.82 -20.75
N THR J 478 1.18 30.35 -21.55
CA THR J 478 1.34 31.68 -22.11
C THR J 478 1.37 32.74 -21.01
N PRO J 479 2.32 33.69 -21.05
CA PRO J 479 2.37 34.74 -20.02
C PRO J 479 1.27 35.77 -20.21
N CYS J 480 0.73 36.23 -19.08
CA CYS J 480 -0.30 37.26 -19.13
C CYS J 480 0.25 38.58 -19.67
N ASN J 481 1.46 38.95 -19.25
CA ASN J 481 2.09 40.22 -19.58
C ASN J 481 1.31 41.40 -19.01
N GLY J 482 0.50 41.16 -17.98
CA GLY J 482 -0.29 42.21 -17.38
C GLY J 482 -1.43 42.72 -18.23
N VAL J 483 -1.81 41.97 -19.26
CA VAL J 483 -2.84 42.39 -20.21
C VAL J 483 -3.89 41.30 -20.29
N GLU J 484 -5.15 41.71 -20.45
CA GLU J 484 -6.23 40.75 -20.59
C GLU J 484 -6.04 39.89 -21.84
N GLY J 485 -6.25 38.59 -21.67
CA GLY J 485 -6.10 37.65 -22.76
C GLY J 485 -6.73 36.33 -22.38
N PHE J 486 -6.74 35.41 -23.34
CA PHE J 486 -7.24 34.08 -23.05
C PHE J 486 -6.39 33.45 -21.95
N ASN J 487 -7.06 32.81 -20.99
CA ASN J 487 -6.44 32.18 -19.83
C ASN J 487 -5.87 33.21 -18.86
N CYS J 488 -6.17 34.49 -19.06
CA CYS J 488 -5.69 35.57 -18.21
C CYS J 488 -6.89 36.37 -17.74
N TYR J 489 -7.11 36.40 -16.42
CA TYR J 489 -8.28 37.06 -15.88
C TYR J 489 -7.92 37.74 -14.57
N PHE J 490 -8.63 38.82 -14.26
CA PHE J 490 -8.41 39.54 -13.01
C PHE J 490 -8.86 38.67 -11.84
N PRO J 491 -8.04 38.53 -10.79
CA PRO J 491 -8.42 37.63 -9.69
C PRO J 491 -9.68 38.04 -8.95
N LEU J 492 -9.88 39.34 -8.75
CA LEU J 492 -11.02 39.80 -7.96
C LEU J 492 -12.32 39.67 -8.73
N GLN J 493 -13.37 39.24 -8.03
CA GLN J 493 -14.70 39.11 -8.61
C GLN J 493 -15.72 39.73 -7.67
N SER J 494 -16.65 40.49 -8.25
CA SER J 494 -17.64 41.22 -7.46
C SER J 494 -18.73 40.28 -6.96
N TYR J 495 -19.40 40.72 -5.90
CA TYR J 495 -20.57 40.04 -5.36
C TYR J 495 -21.82 40.76 -5.83
N GLY J 496 -22.81 40.00 -6.31
CA GLY J 496 -24.05 40.64 -6.75
C GLY J 496 -24.80 41.31 -5.61
N PHE J 497 -25.04 40.57 -4.54
CA PHE J 497 -25.67 41.10 -3.32
C PHE J 497 -26.96 41.86 -3.63
N GLN J 498 -27.81 41.24 -4.43
CA GLN J 498 -29.10 41.84 -4.75
C GLN J 498 -30.03 41.75 -3.54
N PRO J 499 -31.00 42.66 -3.42
CA PRO J 499 -31.89 42.63 -2.25
C PRO J 499 -32.72 41.36 -2.15
N THR J 500 -33.21 40.85 -3.28
CA THR J 500 -34.02 39.64 -3.28
C THR J 500 -33.20 38.39 -3.48
N ASN J 501 -31.87 38.50 -3.46
CA ASN J 501 -31.01 37.36 -3.69
C ASN J 501 -31.24 36.29 -2.63
N GLY J 502 -30.96 35.04 -2.99
CA GLY J 502 -31.20 33.95 -2.06
C GLY J 502 -30.35 34.08 -0.81
N VAL J 503 -30.85 33.50 0.27
CA VAL J 503 -30.20 33.64 1.57
C VAL J 503 -28.79 33.07 1.52
N GLY J 504 -28.59 31.98 0.77
CA GLY J 504 -27.25 31.46 0.60
C GLY J 504 -26.32 32.45 -0.07
N TYR J 505 -26.85 33.21 -1.03
CA TYR J 505 -26.11 34.24 -1.73
C TYR J 505 -26.23 35.60 -1.06
N GLN J 506 -27.06 35.70 -0.02
CA GLN J 506 -27.27 36.98 0.63
C GLN J 506 -25.99 37.42 1.35
N PRO J 507 -25.70 38.72 1.36
CA PRO J 507 -24.50 39.19 2.07
C PRO J 507 -24.61 38.97 3.56
N TYR J 508 -23.53 38.46 4.15
CA TYR J 508 -23.45 38.21 5.59
C TYR J 508 -22.20 38.88 6.13
N ARG J 509 -22.36 39.64 7.20
CA ARG J 509 -21.24 40.30 7.86
C ARG J 509 -20.66 39.36 8.90
N VAL J 510 -19.37 39.04 8.79
CA VAL J 510 -18.71 38.11 9.68
C VAL J 510 -17.56 38.80 10.38
N VAL J 511 -17.50 38.68 11.70
CA VAL J 511 -16.38 39.14 12.51
C VAL J 511 -15.81 37.94 13.24
N VAL J 512 -14.49 37.76 13.13
CA VAL J 512 -13.79 36.67 13.79
C VAL J 512 -12.89 37.26 14.87
N LEU J 513 -12.95 36.67 16.06
CA LEU J 513 -12.15 37.12 17.19
C LEU J 513 -10.99 36.15 17.38
N SER J 514 -9.77 36.70 17.46
CA SER J 514 -8.58 35.88 17.63
C SER J 514 -7.87 36.24 18.93
N PHE J 515 -8.02 35.38 19.94
CA PHE J 515 -7.43 35.62 21.26
C PHE J 515 -5.96 35.24 21.23
N GLU J 516 -5.07 36.19 21.53
CA GLU J 516 -3.64 35.97 21.52
C GLU J 516 -3.09 36.04 22.95
N LEU J 517 -2.53 34.93 23.42
CA LEU J 517 -1.92 34.87 24.74
C LEU J 517 -0.40 34.89 24.68
N LEU J 518 0.18 35.23 23.52
CA LEU J 518 1.63 35.19 23.38
C LEU J 518 2.32 36.14 24.34
N HIS J 519 1.73 37.30 24.58
CA HIS J 519 2.36 38.33 25.39
C HIS J 519 2.13 38.05 26.87
N ALA J 520 3.15 38.29 27.67
CA ALA J 520 3.09 37.90 29.08
C ALA J 520 1.96 38.58 29.85
N PRO J 521 1.78 39.90 29.80
CA PRO J 521 0.69 40.51 30.58
C PRO J 521 -0.62 40.54 29.82
N ALA J 522 -1.70 40.17 30.50
CA ALA J 522 -3.03 40.19 29.93
C ALA J 522 -3.61 41.59 30.08
N THR J 523 -3.86 42.27 28.96
CA THR J 523 -4.34 43.63 28.99
C THR J 523 -5.85 43.74 28.77
N VAL J 524 -6.41 43.01 27.80
CA VAL J 524 -7.85 43.01 27.60
C VAL J 524 -8.54 42.39 28.82
N CYS J 525 -8.07 41.23 29.23
CA CYS J 525 -8.57 40.51 30.42
C CYS J 525 -10.09 40.38 30.30
N GLY J 526 -10.86 40.66 31.35
CA GLY J 526 -12.29 40.47 31.30
C GLY J 526 -13.03 41.32 32.31
N PRO J 527 -14.34 41.44 32.15
CA PRO J 527 -15.14 42.20 33.12
C PRO J 527 -15.25 41.43 34.43
N LYS J 528 -15.16 42.16 35.54
CA LYS J 528 -15.27 41.59 36.87
C LYS J 528 -16.52 42.14 37.54
N LYS J 529 -17.51 41.28 37.77
CA LYS J 529 -18.74 41.70 38.41
C LYS J 529 -18.55 41.64 39.93
N SER J 530 -18.85 42.74 40.59
CA SER J 530 -18.61 42.89 42.03
C SER J 530 -19.89 42.64 42.82
N THR J 531 -19.78 41.86 43.88
CA THR J 531 -20.90 41.64 44.79
C THR J 531 -21.09 42.86 45.68
N ASN J 532 -22.27 42.93 46.30
CA ASN J 532 -22.59 44.06 47.16
C ASN J 532 -21.70 44.07 48.40
N LEU J 533 -21.44 45.27 48.91
CA LEU J 533 -20.62 45.43 50.10
C LEU J 533 -21.47 45.25 51.36
N VAL J 534 -20.93 44.50 52.31
CA VAL J 534 -21.56 44.32 53.62
C VAL J 534 -20.50 44.55 54.69
N LYS J 535 -20.88 45.27 55.75
CA LYS J 535 -19.98 45.60 56.84
C LYS J 535 -20.63 45.21 58.17
N ASN J 536 -19.84 45.34 59.25
CA ASN J 536 -20.28 45.05 60.60
C ASN J 536 -20.66 43.57 60.78
N LYS J 537 -20.11 42.70 59.94
CA LYS J 537 -20.35 41.27 60.03
C LYS J 537 -19.14 40.53 59.52
N CYS J 538 -18.72 39.48 60.22
CA CYS J 538 -17.54 38.71 59.84
C CYS J 538 -17.84 37.98 58.54
N VAL J 539 -17.14 38.37 57.47
CA VAL J 539 -17.36 37.82 56.14
C VAL J 539 -16.02 37.48 55.51
N ASN J 540 -16.09 36.68 54.44
CA ASN J 540 -14.93 36.34 53.65
C ASN J 540 -14.84 37.33 52.49
N PHE J 541 -13.76 38.08 52.43
CA PHE J 541 -13.62 39.15 51.46
C PHE J 541 -12.47 38.86 50.50
N ASN J 542 -12.63 39.31 49.25
CA ASN J 542 -11.61 39.21 48.22
C ASN J 542 -11.51 40.57 47.56
N PHE J 543 -10.55 41.38 47.99
CA PHE J 543 -10.37 42.73 47.48
C PHE J 543 -9.17 42.76 46.55
N ASN J 544 -9.41 42.94 45.24
CA ASN J 544 -8.35 43.05 44.25
C ASN J 544 -7.42 41.84 44.28
N GLY J 545 -7.98 40.67 44.56
CA GLY J 545 -7.19 39.46 44.67
C GLY J 545 -6.61 39.21 46.04
N LEU J 546 -6.77 40.14 46.98
CA LEU J 546 -6.33 39.97 48.36
C LEU J 546 -7.46 39.27 49.10
N THR J 547 -7.20 38.06 49.55
CA THR J 547 -8.22 37.25 50.22
C THR J 547 -8.06 37.34 51.73
N GLY J 548 -9.19 37.29 52.44
CA GLY J 548 -9.15 37.30 53.89
C GLY J 548 -10.52 37.06 54.47
N THR J 549 -10.56 36.93 55.78
CA THR J 549 -11.81 36.79 56.54
C THR J 549 -11.79 37.74 57.72
N GLY J 550 -12.91 38.40 57.95
CA GLY J 550 -13.01 39.33 59.07
C GLY J 550 -14.23 40.21 58.92
N VAL J 551 -14.38 41.12 59.88
CA VAL J 551 -15.49 42.07 59.91
C VAL J 551 -14.98 43.41 59.42
N LEU J 552 -15.71 44.01 58.47
CA LEU J 552 -15.34 45.31 57.94
C LEU J 552 -16.04 46.42 58.71
N THR J 553 -15.35 47.54 58.88
CA THR J 553 -15.92 48.69 59.56
C THR J 553 -15.29 49.96 59.01
N GLU J 554 -15.97 51.08 59.22
CA GLU J 554 -15.44 52.37 58.80
C GLU J 554 -14.21 52.72 59.63
N SER J 555 -13.16 53.19 58.95
CA SER J 555 -11.90 53.51 59.58
C SER J 555 -11.55 54.97 59.38
N ASN J 556 -11.15 55.63 60.47
CA ASN J 556 -10.77 57.05 60.40
C ASN J 556 -9.53 57.24 59.54
N LYS J 557 -8.60 56.29 59.57
CA LYS J 557 -7.33 56.46 58.85
C LYS J 557 -7.59 56.65 57.35
N LYS J 558 -6.83 57.55 56.75
CA LYS J 558 -6.96 57.86 55.33
C LYS J 558 -5.69 57.49 54.58
N PHE J 559 -5.84 56.68 53.54
CA PHE J 559 -4.71 56.25 52.73
C PHE J 559 -4.39 57.29 51.67
N LEU J 560 -3.18 57.23 51.14
CA LEU J 560 -2.80 58.11 50.04
C LEU J 560 -3.54 57.71 48.78
N PRO J 561 -3.68 58.64 47.82
CA PRO J 561 -4.52 58.35 46.64
C PRO J 561 -4.10 57.10 45.88
N PHE J 562 -2.80 56.84 45.78
CA PHE J 562 -2.29 55.69 45.06
C PHE J 562 -2.26 54.44 45.91
N GLN J 563 -2.60 54.55 47.19
CA GLN J 563 -2.34 53.51 48.17
C GLN J 563 -3.61 52.73 48.42
N GLN J 564 -3.54 51.41 48.29
CA GLN J 564 -4.76 50.59 48.31
C GLN J 564 -5.08 50.05 49.69
N PHE J 565 -4.18 49.27 50.28
CA PHE J 565 -4.45 48.64 51.57
C PHE J 565 -3.30 48.94 52.53
N GLY J 566 -3.45 48.50 53.78
CA GLY J 566 -2.49 48.82 54.81
C GLY J 566 -2.12 47.61 55.65
N ARG J 567 -0.94 47.69 56.24
CA ARG J 567 -0.42 46.64 57.11
C ARG J 567 0.10 47.27 58.40
N ASP J 568 -0.14 46.58 59.50
CA ASP J 568 0.38 47.01 60.80
C ASP J 568 1.78 46.42 61.00
N ILE J 569 2.29 46.50 62.22
CA ILE J 569 3.56 45.85 62.52
C ILE J 569 3.37 44.34 62.35
N ALA J 570 4.43 43.66 61.92
CA ALA J 570 4.49 42.22 61.67
C ALA J 570 3.79 41.87 60.37
N ASP J 571 3.49 42.85 59.52
CA ASP J 571 2.93 42.65 58.19
C ASP J 571 1.60 41.89 58.23
N THR J 572 0.65 42.46 58.96
CA THR J 572 -0.72 41.95 59.00
C THR J 572 -1.66 43.04 58.50
N THR J 573 -2.58 42.65 57.63
CA THR J 573 -3.49 43.61 57.01
C THR J 573 -4.41 44.24 58.04
N ASP J 574 -4.47 45.57 58.03
CA ASP J 574 -5.33 46.31 58.96
C ASP J 574 -6.60 46.79 58.27
N ALA J 575 -6.46 47.59 57.21
CA ALA J 575 -7.61 48.14 56.50
C ALA J 575 -7.32 48.12 55.00
N VAL J 576 -8.39 47.90 54.22
CA VAL J 576 -8.30 47.93 52.76
C VAL J 576 -9.39 48.86 52.24
N ARG J 577 -8.98 49.90 51.51
CA ARG J 577 -9.96 50.78 50.87
C ARG J 577 -10.71 50.01 49.79
N ASP J 578 -12.03 50.10 49.79
CA ASP J 578 -12.77 49.47 48.71
C ASP J 578 -12.68 50.33 47.45
N PRO J 579 -12.37 49.75 46.30
CA PRO J 579 -12.12 50.58 45.10
C PRO J 579 -13.30 51.40 44.61
N GLN J 580 -14.50 50.82 44.60
CA GLN J 580 -15.65 51.53 44.00
C GLN J 580 -16.03 52.78 44.77
N THR J 581 -16.12 52.71 46.10
CA THR J 581 -16.59 53.84 46.89
C THR J 581 -15.45 54.70 47.44
N LEU J 582 -14.20 54.31 47.25
CA LEU J 582 -13.04 55.06 47.71
C LEU J 582 -13.11 55.33 49.22
N GLU J 583 -13.60 54.35 49.97
CA GLU J 583 -13.77 54.49 51.41
C GLU J 583 -12.87 53.51 52.14
N ILE J 584 -12.05 54.03 53.05
CA ILE J 584 -11.17 53.17 53.84
C ILE J 584 -12.03 52.32 54.77
N LEU J 585 -11.75 51.02 54.83
CA LEU J 585 -12.53 50.09 55.65
C LEU J 585 -11.62 49.25 56.52
N ASP J 586 -11.69 49.46 57.84
CA ASP J 586 -10.85 48.70 58.75
C ASP J 586 -11.26 47.24 58.74
N ILE J 587 -10.28 46.34 58.80
CA ILE J 587 -10.53 44.91 58.79
C ILE J 587 -10.01 44.30 60.09
N THR J 588 -10.90 44.07 61.03
CA THR J 588 -10.52 43.42 62.26
C THR J 588 -11.03 41.98 62.24
N PRO J 589 -10.23 41.00 62.64
CA PRO J 589 -10.75 39.62 62.65
C PRO J 589 -11.91 39.49 63.63
N CYS J 590 -12.91 38.71 63.23
CA CYS J 590 -14.07 38.53 64.08
C CYS J 590 -13.70 37.72 65.33
N SER J 591 -14.53 37.86 66.36
CA SER J 591 -14.21 37.33 67.68
C SER J 591 -13.87 35.86 67.67
N PHE J 592 -12.75 35.52 68.30
CA PHE J 592 -12.33 34.15 68.53
C PHE J 592 -11.62 34.10 69.88
N GLY J 593 -11.56 32.90 70.45
CA GLY J 593 -10.94 32.76 71.76
C GLY J 593 -11.16 31.37 72.32
N GLY J 594 -10.86 31.24 73.60
CA GLY J 594 -10.98 30.00 74.31
C GLY J 594 -12.23 29.97 75.17
N VAL J 595 -12.76 28.76 75.38
CA VAL J 595 -13.90 28.56 76.27
C VAL J 595 -13.44 27.73 77.46
N SER J 596 -13.71 28.23 78.66
CA SER J 596 -13.31 27.56 79.89
C SER J 596 -14.55 27.22 80.68
N VAL J 597 -14.53 26.05 81.32
CA VAL J 597 -15.64 25.58 82.14
C VAL J 597 -15.24 25.70 83.59
N ILE J 598 -16.04 26.42 84.37
CA ILE J 598 -15.83 26.58 85.81
C ILE J 598 -16.78 25.64 86.51
N THR J 599 -16.25 24.73 87.31
CA THR J 599 -17.07 23.76 88.00
C THR J 599 -16.69 23.68 89.47
N PRO J 600 -17.66 23.47 90.35
CA PRO J 600 -17.35 23.22 91.76
C PRO J 600 -17.05 21.76 92.09
N GLY J 601 -16.96 20.91 91.07
CA GLY J 601 -16.67 19.50 91.27
C GLY J 601 -17.92 18.66 91.15
N THR J 602 -17.84 17.55 90.40
CA THR J 602 -18.99 16.66 90.29
C THR J 602 -19.36 16.07 91.64
N ASN J 603 -18.38 15.92 92.53
CA ASN J 603 -18.67 15.41 93.87
C ASN J 603 -19.63 16.33 94.62
N THR J 604 -19.60 17.63 94.32
CA THR J 604 -20.43 18.61 95.02
C THR J 604 -21.73 18.93 94.27
N SER J 605 -21.64 19.26 92.99
CA SER J 605 -22.81 19.68 92.23
C SER J 605 -22.61 19.33 90.76
N ASN J 606 -23.68 19.53 89.99
CA ASN J 606 -23.65 19.28 88.55
C ASN J 606 -23.62 20.54 87.71
N GLN J 607 -23.90 21.71 88.30
CA GLN J 607 -23.93 22.95 87.54
C GLN J 607 -22.53 23.39 87.17
N VAL J 608 -22.41 24.04 86.02
CA VAL J 608 -21.16 24.59 85.54
C VAL J 608 -21.38 26.00 84.99
N ALA J 609 -20.29 26.74 84.89
CA ALA J 609 -20.30 28.06 84.28
C ALA J 609 -19.32 28.07 83.11
N VAL J 610 -19.61 28.91 82.11
CA VAL J 610 -18.80 28.99 80.91
C VAL J 610 -18.21 30.38 80.80
N LEU J 611 -16.90 30.46 80.62
CA LEU J 611 -16.19 31.71 80.40
C LEU J 611 -15.67 31.74 78.97
N TYR J 612 -16.07 32.76 78.21
CA TYR J 612 -15.56 32.99 76.87
C TYR J 612 -14.47 34.05 76.99
N GLN J 613 -13.22 33.66 76.75
CA GLN J 613 -12.10 34.56 76.98
C GLN J 613 -11.95 35.56 75.85
N ASP J 614 -11.77 36.84 76.22
CA ASP J 614 -11.48 37.92 75.28
C ASP J 614 -12.54 38.02 74.19
N VAL J 615 -13.79 37.75 74.54
CA VAL J 615 -14.90 37.84 73.60
C VAL J 615 -16.00 38.68 74.21
N ASN J 616 -16.47 39.69 73.47
CA ASN J 616 -17.63 40.46 73.88
C ASN J 616 -18.84 39.64 73.43
N CYS J 617 -19.47 38.93 74.38
CA CYS J 617 -20.49 37.95 74.04
C CYS J 617 -21.89 38.55 73.95
N THR J 618 -21.99 39.84 73.58
CA THR J 618 -23.29 40.41 73.30
C THR J 618 -23.93 39.78 72.07
N GLU J 619 -23.13 39.09 71.25
CA GLU J 619 -23.58 38.51 70.00
C GLU J 619 -23.46 36.99 69.96
N VAL J 620 -23.25 36.35 71.11
CA VAL J 620 -23.05 34.90 71.13
C VAL J 620 -24.37 34.16 71.05
N ASN J 641 -28.46 35.60 83.14
CA ASN J 641 -27.30 35.77 84.01
C ASN J 641 -26.00 35.79 83.21
N VAL J 642 -25.77 36.87 82.47
CA VAL J 642 -24.55 37.07 81.71
C VAL J 642 -23.78 38.22 82.34
N PHE J 643 -22.52 37.98 82.67
CA PHE J 643 -21.66 38.96 83.32
C PHE J 643 -20.44 39.20 82.45
N GLN J 644 -20.09 40.47 82.25
CA GLN J 644 -18.95 40.85 81.42
C GLN J 644 -17.77 41.23 82.31
N THR J 645 -16.63 40.60 82.07
CA THR J 645 -15.41 40.85 82.84
C THR J 645 -14.28 41.21 81.89
N ARG J 646 -13.16 41.67 82.46
CA ARG J 646 -11.99 41.96 81.64
C ARG J 646 -11.42 40.71 81.00
N ALA J 647 -11.68 39.53 81.59
CA ALA J 647 -11.19 38.26 81.07
C ALA J 647 -12.14 37.65 80.04
N GLY J 648 -13.25 38.33 79.74
CA GLY J 648 -14.25 37.79 78.85
C GLY J 648 -15.63 37.97 79.45
N CYS J 649 -16.52 37.00 79.27
CA CYS J 649 -17.82 37.08 79.92
C CYS J 649 -18.19 35.73 80.50
N LEU J 650 -19.02 35.77 81.53
CA LEU J 650 -19.46 34.57 82.24
C LEU J 650 -20.91 34.29 81.95
N ILE J 651 -21.22 33.03 81.62
CA ILE J 651 -22.58 32.57 81.43
C ILE J 651 -22.84 31.43 82.41
N GLY J 652 -23.91 31.54 83.18
CA GLY J 652 -24.26 30.55 84.17
C GLY J 652 -23.89 30.94 85.59
N ALA J 653 -23.16 32.02 85.78
CA ALA J 653 -22.80 32.53 87.09
C ALA J 653 -23.33 33.94 87.25
N GLU J 654 -23.87 34.24 88.43
CA GLU J 654 -24.44 35.56 88.69
C GLU J 654 -23.49 36.37 89.55
N HIS J 655 -23.34 37.65 89.19
CA HIS J 655 -22.42 38.53 89.88
C HIS J 655 -23.01 38.99 91.20
N VAL J 656 -22.18 39.04 92.23
CA VAL J 656 -22.59 39.50 93.55
C VAL J 656 -21.64 40.62 93.99
N ASN J 657 -22.14 41.52 94.82
CA ASN J 657 -21.35 42.65 95.28
C ASN J 657 -20.41 42.29 96.42
N ASN J 658 -20.69 41.22 97.16
CA ASN J 658 -19.88 40.88 98.31
C ASN J 658 -18.52 40.34 97.85
N SER J 659 -17.55 40.40 98.75
CA SER J 659 -16.20 39.90 98.47
C SER J 659 -15.82 38.85 99.49
N TYR J 660 -15.25 37.75 99.02
CA TYR J 660 -14.74 36.69 99.87
C TYR J 660 -13.40 36.25 99.34
N GLU J 661 -12.67 35.47 100.14
CA GLU J 661 -11.44 34.87 99.63
C GLU J 661 -11.89 33.78 98.66
N CYS J 662 -11.82 34.08 97.37
CA CYS J 662 -12.44 33.21 96.38
C CYS J 662 -11.64 31.93 96.17
N ASP J 663 -12.31 30.95 95.60
CA ASP J 663 -11.77 29.60 95.43
C ASP J 663 -11.30 29.33 94.01
N ILE J 664 -12.14 29.58 93.01
CA ILE J 664 -11.82 29.27 91.62
C ILE J 664 -11.41 30.56 90.93
N PRO J 665 -10.12 30.76 90.62
CA PRO J 665 -9.71 32.01 89.99
C PRO J 665 -10.11 32.07 88.53
N ILE J 666 -10.64 33.22 88.12
CA ILE J 666 -11.07 33.43 86.73
C ILE J 666 -10.14 34.39 86.00
N GLY J 667 -9.85 35.53 86.58
CA GLY J 667 -8.92 36.48 86.01
C GLY J 667 -9.36 37.92 86.25
N ALA J 668 -8.40 38.83 86.14
CA ALA J 668 -8.63 40.27 86.29
C ALA J 668 -9.29 40.61 87.62
N GLY J 669 -8.98 39.84 88.66
CA GLY J 669 -9.54 40.08 89.97
C GLY J 669 -10.93 39.53 90.16
N ILE J 670 -11.55 39.00 89.11
CA ILE J 670 -12.87 38.39 89.19
C ILE J 670 -12.69 36.90 89.30
N CYS J 671 -13.44 36.27 90.20
CA CYS J 671 -13.38 34.83 90.36
C CYS J 671 -14.68 34.34 90.98
N ALA J 672 -14.93 33.05 90.83
CA ALA J 672 -16.21 32.45 91.16
C ALA J 672 -16.09 31.44 92.30
N SER J 673 -17.23 31.13 92.90
CA SER J 673 -17.31 30.17 94.00
C SER J 673 -18.74 29.63 94.05
N TYR J 674 -18.98 28.72 94.98
CA TYR J 674 -20.28 28.08 95.13
C TYR J 674 -20.95 28.47 96.44
N SER J 691 -25.62 27.71 94.03
CA SER J 691 -25.46 28.39 92.75
C SER J 691 -24.05 28.95 92.61
N ILE J 692 -23.62 29.15 91.36
CA ILE J 692 -22.28 29.66 91.07
C ILE J 692 -22.35 31.18 91.07
N ILE J 693 -21.54 31.81 91.92
CA ILE J 693 -21.53 33.26 92.08
C ILE J 693 -20.15 33.78 91.70
N ALA J 694 -20.11 34.91 91.00
CA ALA J 694 -18.87 35.54 90.58
C ALA J 694 -18.73 36.88 91.29
N TYR J 695 -17.52 37.18 91.76
CA TYR J 695 -17.29 38.38 92.54
C TYR J 695 -15.81 38.72 92.50
N THR J 696 -15.49 39.91 93.00
CA THR J 696 -14.11 40.33 93.14
C THR J 696 -13.56 39.77 94.46
N MET J 697 -12.41 39.08 94.40
CA MET J 697 -11.90 38.44 95.60
C MET J 697 -11.50 39.46 96.65
N SER J 698 -11.66 39.07 97.91
CA SER J 698 -11.25 39.89 99.04
C SER J 698 -9.86 39.44 99.46
N LEU J 699 -8.96 40.41 99.63
CA LEU J 699 -7.58 40.09 99.96
C LEU J 699 -7.43 39.50 101.35
N GLY J 700 -8.31 39.88 102.27
CA GLY J 700 -8.30 39.31 103.60
C GLY J 700 -9.00 40.23 104.56
N ALA J 701 -8.82 39.93 105.85
CA ALA J 701 -9.37 40.78 106.89
C ALA J 701 -8.78 42.18 106.77
N GLU J 702 -9.62 43.19 106.89
CA GLU J 702 -9.23 44.57 106.68
C GLU J 702 -9.27 45.28 108.03
N ASN J 703 -8.11 45.42 108.66
CA ASN J 703 -8.01 45.96 110.01
C ASN J 703 -6.93 47.02 110.07
N SER J 704 -7.07 47.92 111.04
CA SER J 704 -6.10 48.99 111.27
C SER J 704 -5.45 48.79 112.63
N VAL J 705 -4.12 48.79 112.66
CA VAL J 705 -3.41 48.64 113.93
C VAL J 705 -3.56 49.94 114.71
N ALA J 706 -3.71 49.80 116.04
CA ALA J 706 -3.91 50.95 116.91
C ALA J 706 -2.55 51.57 117.25
N TYR J 707 -1.93 52.20 116.25
CA TYR J 707 -0.62 52.77 116.49
C TYR J 707 -0.78 54.00 117.36
N SER J 708 0.01 54.06 118.43
CA SER J 708 -0.04 55.18 119.35
C SER J 708 1.33 55.74 119.67
N ASN J 709 1.30 56.94 120.23
CA ASN J 709 2.47 57.74 120.52
C ASN J 709 3.44 57.01 121.43
N ASN J 710 2.90 56.47 122.51
CA ASN J 710 3.62 55.80 123.59
C ASN J 710 3.12 54.39 123.85
N SER J 711 2.65 53.66 122.84
CA SER J 711 2.03 52.35 123.08
C SER J 711 2.73 51.19 122.40
N ILE J 712 2.85 50.10 123.18
CA ILE J 712 3.40 48.81 122.79
C ILE J 712 2.40 47.73 123.19
N ALA J 713 2.37 46.65 122.42
CA ALA J 713 1.59 45.45 122.73
C ALA J 713 2.57 44.33 122.99
N ILE J 714 2.54 43.77 124.19
CA ILE J 714 3.44 42.69 124.60
C ILE J 714 2.62 41.41 124.78
N PRO J 715 3.01 40.31 124.14
CA PRO J 715 2.31 39.03 124.34
C PRO J 715 2.57 38.41 125.70
N THR J 716 1.52 37.85 126.32
CA THR J 716 1.65 37.17 127.60
C THR J 716 1.73 35.66 127.46
N ASN J 717 1.63 35.16 126.23
CA ASN J 717 1.69 33.76 125.80
C ASN J 717 2.34 33.58 124.45
N PHE J 718 2.63 32.29 124.22
CA PHE J 718 3.29 31.76 123.06
C PHE J 718 2.52 30.52 122.64
N THR J 719 2.49 30.27 121.35
CA THR J 719 1.90 29.06 120.78
C THR J 719 3.00 28.33 120.05
N ILE J 720 3.20 27.05 120.38
CA ILE J 720 4.19 26.24 119.70
C ILE J 720 3.49 25.60 118.50
N SER J 721 3.79 26.12 117.32
CA SER J 721 3.14 25.67 116.09
C SER J 721 4.09 24.75 115.33
N VAL J 722 3.52 23.70 114.74
CA VAL J 722 4.27 22.79 113.88
C VAL J 722 3.69 22.89 112.49
N THR J 723 4.53 23.21 111.51
CA THR J 723 4.11 23.42 110.14
C THR J 723 4.76 22.38 109.25
N THR J 724 4.03 21.95 108.22
CA THR J 724 4.50 20.96 107.29
C THR J 724 4.89 21.62 105.98
N GLU J 725 6.08 21.31 105.48
CA GLU J 725 6.56 21.82 104.21
C GLU J 725 6.99 20.65 103.34
N ILE J 726 6.48 20.59 102.11
CA ILE J 726 6.77 19.52 101.17
C ILE J 726 7.71 20.08 100.12
N LEU J 727 8.80 19.35 99.85
CA LEU J 727 9.75 19.76 98.82
C LEU J 727 10.13 18.57 97.95
N PRO J 728 9.94 18.64 96.64
CA PRO J 728 10.45 17.58 95.76
C PRO J 728 11.97 17.56 95.81
N VAL J 729 12.54 16.37 95.73
CA VAL J 729 13.99 16.19 95.77
C VAL J 729 14.50 15.55 94.48
N SER J 730 13.84 14.49 94.03
CA SER J 730 14.27 13.80 92.83
C SER J 730 13.05 13.29 92.08
N MET J 731 13.24 12.97 90.81
CA MET J 731 12.20 12.39 89.98
C MET J 731 12.70 11.06 89.42
N THR J 732 11.79 10.31 88.82
CA THR J 732 12.13 8.98 88.33
C THR J 732 13.21 9.07 87.25
N LYS J 733 14.16 8.15 87.32
CA LYS J 733 15.26 8.10 86.35
C LYS J 733 14.82 7.26 85.17
N THR J 734 14.67 7.90 84.01
CA THR J 734 14.20 7.22 82.81
C THR J 734 15.26 7.33 81.72
N SER J 735 15.58 6.19 81.11
CA SER J 735 16.50 6.15 79.98
C SER J 735 15.77 5.48 78.83
N VAL J 736 15.85 6.08 77.64
CA VAL J 736 15.14 5.61 76.46
C VAL J 736 16.16 5.20 75.42
N ASP J 737 16.03 3.97 74.92
CA ASP J 737 16.90 3.51 73.84
C ASP J 737 16.41 4.18 72.58
N CYS J 738 17.23 5.08 72.04
CA CYS J 738 16.82 5.85 70.87
C CYS J 738 16.62 4.96 69.65
N THR J 739 17.55 4.03 69.41
CA THR J 739 17.46 3.19 68.21
C THR J 739 16.21 2.33 68.24
N MET J 740 15.95 1.66 69.37
CA MET J 740 14.80 0.77 69.44
C MET J 740 13.49 1.55 69.38
N TYR J 741 13.43 2.71 70.03
CA TYR J 741 12.20 3.49 70.01
C TYR J 741 11.88 3.98 68.61
N ILE J 742 12.90 4.50 67.91
CA ILE J 742 12.67 5.08 66.59
C ILE J 742 12.36 3.99 65.58
N CYS J 743 13.12 2.89 65.59
CA CYS J 743 13.01 1.87 64.55
C CYS J 743 12.27 0.61 65.00
N GLY J 744 12.66 0.02 66.12
CA GLY J 744 12.05 -1.24 66.51
C GLY J 744 12.63 -2.46 65.82
N ASP J 745 13.91 -2.73 66.09
CA ASP J 745 14.65 -3.93 65.65
C ASP J 745 14.45 -4.26 64.17
N SER J 746 14.67 -3.25 63.32
CA SER J 746 14.68 -3.42 61.87
C SER J 746 16.00 -2.90 61.32
N THR J 747 16.77 -3.79 60.68
CA THR J 747 18.13 -3.45 60.27
C THR J 747 18.15 -2.32 59.25
N GLU J 748 17.25 -2.35 58.28
CA GLU J 748 17.21 -1.32 57.24
C GLU J 748 16.87 0.04 57.84
N CYS J 749 15.92 0.08 58.78
CA CYS J 749 15.60 1.34 59.45
C CYS J 749 16.82 1.82 60.22
N SER J 750 17.51 0.90 60.89
CA SER J 750 18.73 1.26 61.60
C SER J 750 19.78 1.75 60.61
N ASN J 751 19.86 1.13 59.43
CA ASN J 751 20.87 1.51 58.46
C ASN J 751 20.67 2.94 58.00
N LEU J 752 19.42 3.32 57.70
CA LEU J 752 19.17 4.70 57.33
C LEU J 752 19.30 5.65 58.52
N LEU J 753 18.91 5.19 59.72
CA LEU J 753 19.02 6.04 60.91
C LEU J 753 20.46 6.41 61.22
N LEU J 754 21.38 5.44 61.11
CA LEU J 754 22.78 5.72 61.47
C LEU J 754 23.39 6.76 60.55
N GLN J 755 23.05 6.71 59.26
CA GLN J 755 23.51 7.76 58.35
C GLN J 755 22.85 9.09 58.63
N TYR J 756 21.73 9.09 59.37
CA TYR J 756 20.96 10.30 59.58
C TYR J 756 21.48 11.15 60.74
N GLY J 757 22.43 10.67 61.51
CA GLY J 757 23.08 11.51 62.51
C GLY J 757 23.50 10.70 63.72
N SER J 758 23.91 11.45 64.75
CA SER J 758 24.34 10.92 66.03
C SER J 758 23.40 11.38 67.15
N PHE J 759 22.15 11.65 66.79
CA PHE J 759 21.16 12.10 67.76
C PHE J 759 20.96 11.11 68.89
N CYS J 760 21.08 9.81 68.59
CA CYS J 760 20.88 8.80 69.62
C CYS J 760 21.88 8.96 70.77
N THR J 761 23.15 9.21 70.43
CA THR J 761 24.16 9.40 71.47
C THR J 761 23.85 10.63 72.30
N GLN J 762 23.45 11.73 71.65
CA GLN J 762 23.18 12.96 72.37
C GLN J 762 22.04 12.77 73.37
N LEU J 763 20.95 12.17 72.92
CA LEU J 763 19.79 11.98 73.79
C LEU J 763 20.14 11.03 74.92
N ASN J 764 20.89 9.97 74.61
CA ASN J 764 21.23 8.99 75.63
C ASN J 764 22.11 9.62 76.71
N ARG J 765 23.10 10.42 76.30
CA ARG J 765 23.94 11.07 77.30
C ARG J 765 23.14 12.09 78.11
N ALA J 766 22.18 12.78 77.47
CA ALA J 766 21.37 13.74 78.20
C ALA J 766 20.56 13.05 79.28
N LEU J 767 19.92 11.94 78.93
CA LEU J 767 19.13 11.20 79.92
C LEU J 767 20.01 10.63 81.02
N THR J 768 21.19 10.13 80.65
CA THR J 768 22.10 9.60 81.66
C THR J 768 22.54 10.68 82.64
N GLY J 769 22.82 11.88 82.10
CA GLY J 769 23.17 12.99 82.97
C GLY J 769 22.03 13.36 83.89
N ILE J 770 20.79 13.33 83.37
CA ILE J 770 19.64 13.62 84.21
C ILE J 770 19.54 12.62 85.35
N ALA J 771 19.72 11.33 85.04
CA ALA J 771 19.62 10.31 86.09
C ALA J 771 20.71 10.47 87.14
N VAL J 772 21.94 10.73 86.69
CA VAL J 772 23.03 10.93 87.63
C VAL J 772 22.76 12.15 88.49
N GLU J 773 22.19 13.19 87.89
CA GLU J 773 21.85 14.39 88.65
C GLU J 773 20.77 14.10 89.70
N GLN J 774 19.80 13.25 89.35
CA GLN J 774 18.79 12.88 90.34
C GLN J 774 19.43 12.15 91.52
N ASP J 775 20.35 11.23 91.23
CA ASP J 775 21.03 10.54 92.32
C ASP J 775 21.83 11.52 93.16
N LYS J 776 22.51 12.47 92.52
CA LYS J 776 23.28 13.46 93.25
C LYS J 776 22.37 14.33 94.11
N ASN J 777 21.18 14.68 93.61
CA ASN J 777 20.25 15.48 94.38
C ASN J 777 19.82 14.74 95.64
N THR J 778 19.47 13.46 95.49
CA THR J 778 19.03 12.69 96.64
C THR J 778 20.15 12.57 97.66
N GLN J 779 21.37 12.27 97.19
CA GLN J 779 22.49 12.12 98.10
C GLN J 779 22.81 13.43 98.81
N GLU J 780 22.79 14.54 98.09
CA GLU J 780 23.11 15.83 98.67
C GLU J 780 22.08 16.25 99.71
N VAL J 781 20.80 16.01 99.44
CA VAL J 781 19.77 16.45 100.37
C VAL J 781 19.83 15.67 101.68
N PHE J 782 19.96 14.34 101.59
CA PHE J 782 19.83 13.49 102.77
C PHE J 782 21.16 13.14 103.43
N ALA J 783 22.20 12.86 102.64
CA ALA J 783 23.47 12.39 103.19
C ALA J 783 24.27 13.60 103.71
N GLN J 784 23.80 14.15 104.82
CA GLN J 784 24.48 15.25 105.48
C GLN J 784 25.38 14.80 106.61
N VAL J 785 24.96 13.82 107.38
CA VAL J 785 25.72 13.34 108.53
C VAL J 785 26.69 12.26 108.09
N LYS J 786 27.78 12.11 108.84
CA LYS J 786 28.74 11.05 108.59
C LYS J 786 28.56 9.85 109.50
N GLN J 787 27.73 9.96 110.53
CA GLN J 787 27.49 8.89 111.48
C GLN J 787 26.00 8.67 111.62
N ILE J 788 25.60 7.40 111.70
CA ILE J 788 24.20 7.04 111.89
C ILE J 788 23.93 7.07 113.38
N TYR J 789 23.28 8.15 113.85
CA TYR J 789 22.99 8.31 115.26
C TYR J 789 21.74 7.52 115.65
N LYS J 790 21.66 7.19 116.93
CA LYS J 790 20.53 6.43 117.46
C LYS J 790 19.99 7.11 118.71
N THR J 791 18.67 7.10 118.85
CA THR J 791 18.06 7.58 120.07
C THR J 791 18.23 6.53 121.18
N PRO J 792 18.39 6.95 122.42
CA PRO J 792 18.56 6.00 123.52
C PRO J 792 17.27 5.22 123.76
N PRO J 793 17.38 4.02 124.33
CA PRO J 793 16.15 3.25 124.63
C PRO J 793 15.22 3.96 125.61
N ILE J 794 15.77 4.72 126.55
CA ILE J 794 14.97 5.46 127.51
C ILE J 794 14.61 6.81 126.90
N LYS J 795 13.32 6.97 126.56
CA LYS J 795 12.86 8.19 125.89
C LYS J 795 12.52 9.26 126.94
N ASP J 796 13.55 9.73 127.64
CA ASP J 796 13.39 10.83 128.59
C ASP J 796 13.78 12.12 127.87
N PHE J 797 12.76 12.87 127.46
CA PHE J 797 12.97 14.13 126.74
C PHE J 797 12.21 15.27 127.39
N GLY J 798 11.91 15.16 128.68
CA GLY J 798 11.18 16.22 129.37
C GLY J 798 9.72 16.33 128.99
N GLY J 799 9.06 15.21 128.68
CA GLY J 799 7.65 15.20 128.38
C GLY J 799 7.32 15.23 126.91
N PHE J 800 8.34 15.43 126.07
CA PHE J 800 8.19 15.48 124.62
C PHE J 800 8.11 14.09 123.99
N ASN J 801 7.13 13.92 123.09
CA ASN J 801 6.86 12.70 122.33
C ASN J 801 7.34 12.81 120.90
N PHE J 802 8.30 11.96 120.55
CA PHE J 802 8.85 11.89 119.21
C PHE J 802 8.49 10.55 118.60
N SER J 803 7.57 9.82 119.25
CA SER J 803 7.22 8.47 118.81
C SER J 803 6.65 8.49 117.41
N GLN J 804 5.85 9.50 117.08
CA GLN J 804 5.20 9.52 115.79
C GLN J 804 6.22 9.74 114.67
N ILE J 805 7.32 10.40 114.98
CA ILE J 805 8.34 10.70 113.97
C ILE J 805 9.57 9.83 114.10
N LEU J 806 9.75 9.14 115.23
CA LEU J 806 10.85 8.20 115.36
C LEU J 806 10.47 6.86 114.74
N PRO J 807 11.47 6.07 114.34
CA PRO J 807 11.15 4.73 113.84
C PRO J 807 10.55 3.86 114.93
N ASP J 808 9.71 2.91 114.51
CA ASP J 808 8.99 2.09 115.46
C ASP J 808 9.52 0.65 115.44
N PRO J 809 9.40 -0.07 116.56
CA PRO J 809 9.83 -1.48 116.56
C PRO J 809 8.99 -2.39 115.68
N SER J 810 7.83 -1.93 115.21
CA SER J 810 6.95 -2.77 114.40
C SER J 810 7.57 -3.18 113.07
N LYS J 811 8.65 -2.54 112.66
CA LYS J 811 9.40 -2.87 111.45
C LYS J 811 8.57 -2.74 110.17
N PRO J 812 7.85 -1.61 109.95
CA PRO J 812 7.25 -1.42 108.62
C PRO J 812 8.23 -0.66 107.72
N SER J 813 9.29 -1.35 107.30
CA SER J 813 10.36 -0.75 106.52
C SER J 813 11.07 0.33 107.32
N LYS J 814 11.12 0.15 108.64
CA LYS J 814 11.78 1.07 109.58
C LYS J 814 11.22 2.49 109.47
N ARG J 815 9.90 2.61 109.27
CA ARG J 815 9.28 3.92 109.05
C ARG J 815 8.28 4.27 110.16
N SER J 816 8.23 5.55 110.51
CA SER J 816 7.33 6.17 111.49
C SER J 816 5.95 6.38 110.85
N PHE J 817 4.96 6.85 111.63
CA PHE J 817 3.66 7.11 111.02
C PHE J 817 3.74 8.14 109.92
N ILE J 818 4.42 9.26 110.16
CA ILE J 818 4.40 10.31 109.16
C ILE J 818 5.08 9.81 107.89
N GLU J 819 6.19 9.09 108.02
CA GLU J 819 6.78 8.53 106.81
C GLU J 819 5.84 7.50 106.20
N ASP J 820 5.23 6.65 107.05
CA ASP J 820 4.26 5.67 106.56
C ASP J 820 3.02 6.35 105.98
N LEU J 821 2.53 7.39 106.65
CA LEU J 821 1.35 8.10 106.14
C LEU J 821 1.64 8.71 104.79
N LEU J 822 2.80 9.35 104.65
CA LEU J 822 3.14 9.99 103.38
C LEU J 822 3.30 8.95 102.28
N PHE J 823 3.97 7.84 102.58
CA PHE J 823 4.18 6.81 101.56
C PHE J 823 2.85 6.21 101.13
N ASN J 824 1.95 5.96 102.08
CA ASN J 824 0.62 5.46 101.73
C ASN J 824 -0.18 6.52 100.99
N LYS J 825 -0.03 7.78 101.38
CA LYS J 825 -0.82 8.86 100.78
C LYS J 825 -0.53 8.99 99.29
N VAL J 826 0.74 8.88 98.89
CA VAL J 826 1.14 9.02 97.50
C VAL J 826 1.00 7.66 96.81
N THR J 827 0.22 7.63 95.74
CA THR J 827 -0.01 6.42 94.97
C THR J 827 0.52 6.61 93.55
N LEU J 828 1.22 5.62 93.05
CA LEU J 828 1.78 5.67 91.70
C LEU J 828 0.72 5.33 90.65
N PHE J 855 8.12 0.24 77.36
CA PHE J 855 8.22 -1.17 77.01
C PHE J 855 8.61 -1.34 75.55
N ASN J 856 8.92 -0.24 74.89
CA ASN J 856 9.39 -0.22 73.50
C ASN J 856 10.66 0.60 73.39
N GLY J 857 11.60 0.34 74.29
CA GLY J 857 12.87 1.04 74.31
C GLY J 857 13.07 1.93 75.52
N LEU J 858 12.02 2.22 76.29
CA LEU J 858 12.14 3.01 77.49
C LEU J 858 12.24 2.10 78.71
N THR J 859 13.10 2.49 79.65
CA THR J 859 13.25 1.75 80.90
C THR J 859 13.45 2.74 82.04
N VAL J 860 13.18 2.27 83.25
CA VAL J 860 13.29 3.09 84.45
C VAL J 860 14.40 2.51 85.32
N LEU J 861 15.42 3.32 85.58
CA LEU J 861 16.53 2.88 86.42
C LEU J 861 16.16 3.08 87.89
N PRO J 862 16.44 2.09 88.75
CA PRO J 862 16.11 2.25 90.16
C PRO J 862 17.02 3.28 90.81
N PRO J 863 16.52 3.99 91.83
CA PRO J 863 17.38 4.97 92.52
C PRO J 863 18.50 4.28 93.27
N LEU J 864 19.62 4.97 93.39
CA LEU J 864 20.76 4.42 94.11
C LEU J 864 20.42 4.18 95.57
N LEU J 865 19.73 5.12 96.21
CA LEU J 865 19.38 5.04 97.61
C LEU J 865 17.96 4.49 97.73
N THR J 866 17.82 3.39 98.45
CA THR J 866 16.49 2.81 98.64
C THR J 866 15.71 3.62 99.67
N ASP J 867 14.39 3.37 99.73
CA ASP J 867 13.56 4.05 100.71
C ASP J 867 13.99 3.72 102.14
N GLU J 868 14.42 2.48 102.37
CA GLU J 868 14.83 2.08 103.72
C GLU J 868 16.05 2.87 104.17
N MET J 869 17.06 3.00 103.31
CA MET J 869 18.26 3.72 103.70
C MET J 869 17.99 5.22 103.81
N ILE J 870 17.14 5.77 102.94
CA ILE J 870 16.77 7.18 103.08
C ILE J 870 16.08 7.40 104.42
N ALA J 871 15.20 6.47 104.80
CA ALA J 871 14.54 6.54 106.10
C ALA J 871 15.56 6.45 107.23
N GLN J 872 16.58 5.61 107.05
CA GLN J 872 17.64 5.51 108.05
C GLN J 872 18.41 6.82 108.18
N TYR J 873 18.67 7.47 107.05
CA TYR J 873 19.33 8.77 107.09
C TYR J 873 18.47 9.78 107.84
N THR J 874 17.17 9.77 107.58
CA THR J 874 16.26 10.69 108.26
C THR J 874 16.24 10.41 109.76
N SER J 875 16.21 9.14 110.14
CA SER J 875 16.23 8.77 111.55
C SER J 875 17.51 9.22 112.22
N ALA J 876 18.65 9.05 111.52
CA ALA J 876 19.92 9.49 112.08
C ALA J 876 19.91 10.99 112.30
N LEU J 877 19.41 11.75 111.32
CA LEU J 877 19.38 13.20 111.46
C LEU J 877 18.50 13.61 112.63
N LEU J 878 17.32 12.99 112.74
CA LEU J 878 16.38 13.38 113.80
C LEU J 878 16.94 13.02 115.18
N ALA J 879 17.55 11.84 115.29
CA ALA J 879 18.15 11.44 116.55
C ALA J 879 19.28 12.38 116.94
N GLY J 880 20.13 12.76 115.99
CA GLY J 880 21.17 13.73 116.28
C GLY J 880 20.60 15.06 116.72
N THR J 881 19.53 15.50 116.06
CA THR J 881 18.93 16.79 116.39
C THR J 881 18.38 16.78 117.82
N ILE J 882 17.68 15.71 118.19
CA ILE J 882 17.05 15.70 119.51
C ILE J 882 18.04 15.35 120.62
N THR J 883 19.13 14.66 120.30
CA THR J 883 20.07 14.23 121.33
C THR J 883 21.24 15.18 121.51
N SER J 884 21.58 15.96 120.47
CA SER J 884 22.76 16.81 120.49
C SER J 884 22.49 18.26 120.13
N GLY J 885 21.34 18.58 119.55
CA GLY J 885 21.08 19.95 119.11
C GLY J 885 21.75 20.20 117.77
N TRP J 886 22.44 21.32 117.65
CA TRP J 886 23.08 21.70 116.41
C TRP J 886 24.57 21.33 116.38
N THR J 887 25.08 20.73 117.45
CA THR J 887 26.52 20.45 117.52
C THR J 887 26.93 19.41 116.48
N PHE J 888 26.11 18.39 116.26
CA PHE J 888 26.50 17.31 115.35
C PHE J 888 26.59 17.79 113.91
N GLY J 889 25.94 18.90 113.58
CA GLY J 889 26.08 19.47 112.25
C GLY J 889 27.31 20.31 112.05
N ALA J 890 27.99 20.68 113.14
CA ALA J 890 29.19 21.51 113.09
C ALA J 890 30.41 20.78 113.65
N GLY J 891 30.32 19.46 113.79
CA GLY J 891 31.40 18.69 114.38
C GLY J 891 30.94 17.37 114.94
N ALA J 892 31.42 17.00 116.11
CA ALA J 892 31.01 15.76 116.76
C ALA J 892 29.78 15.99 117.60
N ALA J 893 28.89 14.99 117.63
CA ALA J 893 27.66 15.11 118.40
C ALA J 893 27.97 15.20 119.89
N LEU J 894 27.37 16.18 120.55
CA LEU J 894 27.56 16.39 121.99
C LEU J 894 26.20 16.30 122.66
N GLN J 895 26.05 15.37 123.59
CA GLN J 895 24.75 15.16 124.21
C GLN J 895 24.35 16.39 125.00
N ILE J 896 23.04 16.64 125.05
CA ILE J 896 22.52 17.82 125.73
C ILE J 896 21.16 17.50 126.33
N PRO J 897 20.86 17.96 127.54
CA PRO J 897 19.50 17.79 128.06
C PRO J 897 18.54 18.48 127.10
N PHE J 898 17.40 17.84 126.82
CA PHE J 898 16.51 18.40 125.84
C PHE J 898 15.86 19.69 126.34
N PRO J 899 15.64 19.81 127.64
CA PRO J 899 15.16 21.07 128.18
C PRO J 899 16.18 22.17 127.95
N MET J 900 17.46 21.89 128.17
CA MET J 900 18.50 22.90 127.92
C MET J 900 18.55 23.26 126.45
N GLN J 901 18.38 22.27 125.56
CA GLN J 901 18.41 22.54 124.12
C GLN J 901 17.28 23.51 123.75
N MET J 902 16.10 23.29 124.30
CA MET J 902 14.97 24.17 124.02
C MET J 902 15.22 25.55 124.61
N ALA J 903 15.84 25.60 125.79
CA ALA J 903 16.18 26.89 126.39
C ALA J 903 17.13 27.66 125.51
N TYR J 904 18.12 26.96 124.94
CA TYR J 904 19.06 27.62 124.02
C TYR J 904 18.34 28.16 122.80
N ARG J 905 17.40 27.38 122.27
CA ARG J 905 16.66 27.85 121.10
C ARG J 905 15.80 29.07 121.44
N PHE J 906 15.19 29.09 122.63
CA PHE J 906 14.48 30.29 123.04
C PHE J 906 15.42 31.48 123.17
N ASN J 907 16.62 31.26 123.70
CA ASN J 907 17.60 32.35 123.76
C ASN J 907 17.93 32.84 122.36
N GLY J 908 17.99 31.93 121.39
CA GLY J 908 18.24 32.33 120.02
C GLY J 908 17.16 33.25 119.46
N ILE J 909 15.90 33.00 119.81
CA ILE J 909 14.80 33.82 119.31
C ILE J 909 14.53 34.99 120.24
N GLY J 910 15.38 35.18 121.24
CA GLY J 910 15.28 36.35 122.09
C GLY J 910 14.40 36.21 123.31
N VAL J 911 14.06 34.99 123.73
CA VAL J 911 13.29 34.75 124.93
C VAL J 911 14.20 34.07 125.95
N THR J 912 14.15 34.54 127.20
CA THR J 912 15.02 34.03 128.24
C THR J 912 14.66 32.59 128.60
N GLN J 913 15.64 31.88 129.17
CA GLN J 913 15.44 30.48 129.49
C GLN J 913 14.39 30.27 130.56
N ASN J 914 14.13 31.27 131.40
CA ASN J 914 13.17 31.11 132.49
C ASN J 914 11.78 30.77 131.96
N VAL J 915 11.41 31.32 130.80
CA VAL J 915 10.08 31.08 130.26
C VAL J 915 9.87 29.60 129.99
N LEU J 916 10.85 28.95 129.36
CA LEU J 916 10.74 27.52 129.12
C LEU J 916 10.77 26.73 130.42
N TYR J 917 11.69 27.07 131.31
CA TYR J 917 11.83 26.28 132.53
C TYR J 917 10.61 26.41 133.44
N GLU J 918 9.83 27.49 133.28
CA GLU J 918 8.63 27.68 134.07
C GLU J 918 7.37 27.22 133.36
N ASN J 919 7.40 27.09 132.03
CA ASN J 919 6.24 26.65 131.26
C ASN J 919 6.53 25.37 130.49
N GLN J 920 7.44 24.54 131.01
CA GLN J 920 7.84 23.33 130.30
C GLN J 920 6.67 22.39 130.06
N LYS J 921 5.80 22.22 131.05
CA LYS J 921 4.65 21.33 130.87
C LYS J 921 3.74 21.84 129.77
N LEU J 922 3.46 23.14 129.78
CA LEU J 922 2.60 23.72 128.75
C LEU J 922 3.23 23.58 127.37
N ILE J 923 4.54 23.83 127.28
CA ILE J 923 5.22 23.76 125.99
C ILE J 923 5.22 22.33 125.47
N ALA J 924 5.50 21.36 126.33
CA ALA J 924 5.49 19.96 125.91
C ALA J 924 4.09 19.55 125.45
N ASN J 925 3.07 19.96 126.20
CA ASN J 925 1.70 19.62 125.81
C ASN J 925 1.34 20.24 124.47
N GLN J 926 1.73 21.50 124.26
CA GLN J 926 1.44 22.16 122.99
C GLN J 926 2.15 21.46 121.84
N PHE J 927 3.41 21.07 122.06
CA PHE J 927 4.17 20.40 121.00
C PHE J 927 3.52 19.06 120.66
N ASN J 928 3.13 18.29 121.67
CA ASN J 928 2.49 17.00 121.41
C ASN J 928 1.16 17.19 120.69
N SER J 929 0.40 18.20 121.10
CA SER J 929 -0.89 18.47 120.45
C SER J 929 -0.67 18.86 118.99
N ALA J 930 0.35 19.68 118.72
CA ALA J 930 0.64 20.08 117.35
C ALA J 930 1.04 18.89 116.50
N ILE J 931 1.86 17.98 117.05
CA ILE J 931 2.24 16.79 116.31
C ILE J 931 1.01 15.94 116.01
N GLY J 932 0.12 15.81 117.00
CA GLY J 932 -1.11 15.07 116.77
C GLY J 932 -1.98 15.72 115.70
N LYS J 933 -2.03 17.06 115.70
CA LYS J 933 -2.80 17.76 114.68
C LYS J 933 -2.21 17.54 113.29
N ILE J 934 -0.88 17.52 113.18
CA ILE J 934 -0.24 17.23 111.91
C ILE J 934 -0.59 15.82 111.45
N GLN J 935 -0.58 14.86 112.39
CA GLN J 935 -0.94 13.49 112.06
C GLN J 935 -2.38 13.41 111.58
N ASP J 936 -3.29 14.12 112.25
CA ASP J 936 -4.69 14.12 111.84
C ASP J 936 -4.86 14.73 110.46
N SER J 937 -4.15 15.84 110.19
CA SER J 937 -4.25 16.48 108.90
C SER J 937 -3.76 15.56 107.79
N LEU J 938 -2.65 14.86 108.03
CA LEU J 938 -2.14 13.93 107.03
C LEU J 938 -3.11 12.77 106.83
N SER J 939 -3.70 12.26 107.92
CA SER J 939 -4.61 11.12 107.80
C SER J 939 -5.88 11.48 107.06
N SER J 940 -6.48 12.63 107.38
CA SER J 940 -7.78 12.98 106.84
C SER J 940 -7.70 13.93 105.64
N THR J 941 -7.04 15.07 105.80
CA THR J 941 -7.01 16.07 104.74
C THR J 941 -6.20 15.55 103.56
N PRO J 942 -6.74 15.69 102.36
CA PRO J 942 -6.07 15.27 101.15
C PRO J 942 -5.45 16.48 100.46
N SER J 943 -4.77 16.21 99.34
CA SER J 943 -4.14 17.26 98.52
C SER J 943 -3.06 18.00 99.29
N PRO J 944 -2.45 17.34 100.27
CA PRO J 944 -1.36 17.94 101.02
C PRO J 944 0.01 17.69 100.39
N LEU J 945 0.10 16.71 99.50
CA LEU J 945 1.35 16.35 98.82
C LEU J 945 1.23 16.62 97.33
N GLY J 946 0.61 17.76 96.98
CA GLY J 946 0.38 18.07 95.58
C GLY J 946 1.65 18.16 94.75
N LYS J 947 2.72 18.68 95.36
CA LYS J 947 3.94 18.89 94.59
C LYS J 947 4.52 17.57 94.10
N LEU J 948 4.62 16.58 94.99
CA LEU J 948 5.13 15.28 94.58
C LEU J 948 4.18 14.63 93.58
N GLN J 949 2.88 14.73 93.84
CA GLN J 949 1.90 14.16 92.93
C GLN J 949 1.98 14.83 91.58
N ASP J 950 2.17 16.16 91.55
CA ASP J 950 2.27 16.87 90.29
C ASP J 950 3.50 16.44 89.52
N VAL J 951 4.63 16.27 90.22
CA VAL J 951 5.85 15.85 89.54
C VAL J 951 5.67 14.47 88.92
N VAL J 952 5.08 13.54 89.69
CA VAL J 952 4.87 12.20 89.18
C VAL J 952 3.92 12.22 87.99
N ASN J 953 2.86 13.03 88.09
CA ASN J 953 1.89 13.12 87.01
C ASN J 953 2.52 13.69 85.75
N GLN J 954 3.37 14.71 85.89
CA GLN J 954 4.02 15.28 84.72
C GLN J 954 4.94 14.27 84.06
N ASN J 955 5.70 13.51 84.85
CA ASN J 955 6.56 12.50 84.26
C ASN J 955 5.74 11.43 83.54
N ALA J 956 4.66 10.98 84.17
CA ALA J 956 3.81 9.96 83.56
C ALA J 956 3.18 10.48 82.27
N GLN J 957 2.73 11.73 82.28
CA GLN J 957 2.12 12.32 81.10
C GLN J 957 3.12 12.42 79.97
N ALA J 958 4.36 12.82 80.28
CA ALA J 958 5.38 12.89 79.24
C ALA J 958 5.64 11.51 78.64
N LEU J 959 5.76 10.50 79.50
CA LEU J 959 6.01 9.15 78.97
C LEU J 959 4.83 8.67 78.13
N ASN J 960 3.60 8.91 78.60
CA ASN J 960 2.43 8.46 77.87
C ASN J 960 2.31 9.14 76.52
N THR J 961 2.55 10.46 76.48
CA THR J 961 2.46 11.16 75.20
C THR J 961 3.56 10.71 74.26
N LEU J 962 4.74 10.38 74.79
CA LEU J 962 5.80 9.85 73.94
C LEU J 962 5.38 8.51 73.34
N VAL J 963 4.80 7.63 74.16
CA VAL J 963 4.40 6.33 73.66
C VAL J 963 3.29 6.46 72.63
N LYS J 964 2.34 7.38 72.86
CA LYS J 964 1.28 7.63 71.90
C LYS J 964 1.84 8.17 70.59
N GLN J 965 2.82 9.08 70.67
CA GLN J 965 3.43 9.62 69.46
C GLN J 965 4.07 8.54 68.62
N LEU J 966 4.53 7.46 69.25
CA LEU J 966 5.08 6.33 68.50
C LEU J 966 4.04 5.74 67.56
N SER J 967 2.76 5.90 67.88
CA SER J 967 1.67 5.32 67.10
C SER J 967 1.05 6.31 66.14
N SER J 968 1.83 7.24 65.60
CA SER J 968 1.36 8.20 64.62
C SER J 968 2.10 8.01 63.30
N ASN J 969 1.37 8.10 62.20
CA ASN J 969 1.96 7.87 60.89
C ASN J 969 2.84 9.00 60.42
N PHE J 970 2.64 10.22 60.93
CA PHE J 970 3.40 11.40 60.51
C PHE J 970 3.25 11.64 59.01
N GLY J 971 2.05 11.41 58.49
CA GLY J 971 1.76 11.67 57.10
C GLY J 971 2.12 10.56 56.14
N ALA J 972 2.59 9.41 56.64
CA ALA J 972 2.89 8.28 55.78
C ALA J 972 1.65 7.42 55.58
N ILE J 973 1.82 6.34 54.81
CA ILE J 973 0.72 5.42 54.54
C ILE J 973 0.27 4.76 55.84
N SER J 974 1.22 4.29 56.65
CA SER J 974 0.91 3.59 57.88
C SER J 974 1.91 3.98 58.96
N SER J 975 1.49 3.82 60.22
CA SER J 975 2.35 4.13 61.35
C SER J 975 3.26 2.98 61.75
N VAL J 976 3.07 1.79 61.19
CA VAL J 976 3.85 0.61 61.54
C VAL J 976 4.80 0.30 60.39
N LEU J 977 6.07 0.05 60.72
CA LEU J 977 7.08 -0.19 59.68
C LEU J 977 6.83 -1.51 58.96
N ASN J 978 6.38 -2.54 59.66
CA ASN J 978 6.25 -3.86 59.05
C ASN J 978 5.27 -3.83 57.89
N ASP J 979 4.13 -3.16 58.06
CA ASP J 979 3.15 -3.07 56.99
C ASP J 979 3.70 -2.33 55.78
N ILE J 980 4.42 -1.22 56.03
CA ILE J 980 4.96 -0.43 54.92
C ILE J 980 5.93 -1.27 54.11
N LEU J 981 6.82 -1.98 54.80
CA LEU J 981 7.79 -2.83 54.11
C LEU J 981 7.11 -3.96 53.35
N SER J 982 6.08 -4.57 53.95
CA SER J 982 5.52 -5.75 53.30
C SER J 982 4.70 -5.48 52.06
N ARG J 983 4.19 -4.27 51.82
CA ARG J 983 3.42 -4.11 50.59
C ARG J 983 4.03 -3.12 49.59
N LEU J 984 5.02 -2.32 49.97
CA LEU J 984 5.47 -1.23 49.13
C LEU J 984 6.89 -1.48 48.66
N ASP J 985 7.22 -0.91 47.49
CA ASP J 985 8.55 -1.01 46.91
C ASP J 985 9.55 -0.20 47.73
N PRO J 986 10.84 -0.57 47.66
CA PRO J 986 11.84 0.03 48.53
C PRO J 986 11.95 1.55 48.44
N PRO J 987 11.88 2.19 47.24
CA PRO J 987 12.04 3.65 47.23
C PRO J 987 10.98 4.46 47.98
N GLU J 988 9.70 4.33 47.65
CA GLU J 988 8.71 5.06 48.45
C GLU J 988 8.59 4.46 49.85
N ALA J 989 8.74 3.14 50.00
CA ALA J 989 8.70 2.59 51.35
C ALA J 989 9.79 3.22 52.21
N GLU J 990 11.01 3.37 51.66
CA GLU J 990 12.08 3.98 52.44
C GLU J 990 11.79 5.45 52.67
N VAL J 991 11.12 6.12 51.72
CA VAL J 991 10.74 7.53 51.92
C VAL J 991 9.79 7.65 53.09
N GLN J 992 8.79 6.76 53.15
CA GLN J 992 7.86 6.77 54.27
C GLN J 992 8.59 6.47 55.57
N ILE J 993 9.53 5.52 55.53
CA ILE J 993 10.30 5.20 56.72
C ILE J 993 11.05 6.43 57.18
N ASP J 994 11.64 7.17 56.24
CA ASP J 994 12.40 8.36 56.58
C ASP J 994 11.52 9.42 57.21
N ARG J 995 10.30 9.60 56.69
CA ARG J 995 9.41 10.59 57.30
C ARG J 995 9.01 10.17 58.72
N LEU J 996 8.78 8.86 58.93
CA LEU J 996 8.54 8.39 60.30
C LEU J 996 9.75 8.65 61.17
N ILE J 997 10.95 8.45 60.62
CA ILE J 997 12.17 8.67 61.40
C ILE J 997 12.24 10.12 61.84
N THR J 998 11.96 11.03 60.91
CA THR J 998 12.01 12.46 61.25
C THR J 998 11.00 12.79 62.33
N GLY J 999 9.77 12.32 62.17
CA GLY J 999 8.73 12.65 63.14
C GLY J 999 9.05 12.10 64.52
N ARG J 1000 9.42 10.82 64.57
CA ARG J 1000 9.69 10.18 65.86
C ARG J 1000 10.91 10.79 66.53
N LEU J 1001 11.97 11.05 65.75
CA LEU J 1001 13.18 11.65 66.32
C LEU J 1001 12.89 13.02 66.86
N GLN J 1002 12.09 13.82 66.14
CA GLN J 1002 11.76 15.16 66.61
C GLN J 1002 10.94 15.08 67.90
N SER J 1003 9.98 14.14 67.96
CA SER J 1003 9.20 13.99 69.18
C SER J 1003 10.09 13.57 70.34
N LEU J 1004 11.03 12.67 70.10
CA LEU J 1004 11.94 12.24 71.15
C LEU J 1004 12.78 13.40 71.64
N GLN J 1005 13.26 14.25 70.72
CA GLN J 1005 14.03 15.42 71.12
C GLN J 1005 13.19 16.37 71.95
N THR J 1006 11.92 16.54 71.58
CA THR J 1006 11.04 17.40 72.36
C THR J 1006 10.89 16.85 73.78
N TYR J 1007 10.70 15.53 73.88
CA TYR J 1007 10.57 14.91 75.20
C TYR J 1007 11.84 15.11 76.01
N VAL J 1008 13.00 14.93 75.38
CA VAL J 1008 14.27 15.06 76.08
C VAL J 1008 14.46 16.50 76.57
N THR J 1009 14.10 17.47 75.74
CA THR J 1009 14.26 18.87 76.14
C THR J 1009 13.36 19.21 77.31
N GLN J 1010 12.11 18.75 77.27
CA GLN J 1010 11.21 19.02 78.39
C GLN J 1010 11.69 18.32 79.64
N GLN J 1011 12.24 17.11 79.49
CA GLN J 1011 12.81 16.40 80.64
C GLN J 1011 13.98 17.17 81.22
N LEU J 1012 14.82 17.76 80.36
CA LEU J 1012 15.95 18.55 80.84
C LEU J 1012 15.48 19.75 81.63
N ILE J 1013 14.45 20.44 81.14
CA ILE J 1013 13.94 21.62 81.84
C ILE J 1013 13.36 21.20 83.19
N ARG J 1014 12.59 20.11 83.21
CA ARG J 1014 12.03 19.63 84.46
C ARG J 1014 13.14 19.22 85.43
N ALA J 1015 14.20 18.60 84.90
CA ALA J 1015 15.33 18.21 85.74
C ALA J 1015 16.00 19.43 86.35
N ALA J 1016 16.14 20.51 85.59
CA ALA J 1016 16.73 21.72 86.13
C ALA J 1016 15.85 22.28 87.25
N GLU J 1017 14.54 22.29 87.04
CA GLU J 1017 13.63 22.80 88.07
C GLU J 1017 13.71 21.93 89.33
N ILE J 1018 13.73 20.61 89.15
CA ILE J 1018 13.82 19.69 90.28
C ILE J 1018 15.15 19.88 91.00
N ARG J 1019 16.22 20.14 90.26
CA ARG J 1019 17.52 20.37 90.88
C ARG J 1019 17.49 21.65 91.72
N ALA J 1020 16.80 22.68 91.23
CA ALA J 1020 16.64 23.89 92.02
C ALA J 1020 15.88 23.60 93.31
N SER J 1021 14.82 22.81 93.20
CA SER J 1021 14.04 22.45 94.39
C SER J 1021 14.88 21.64 95.37
N ALA J 1022 15.69 20.72 94.85
CA ALA J 1022 16.54 19.89 95.70
C ALA J 1022 17.60 20.72 96.38
N ASN J 1023 18.17 21.71 95.68
CA ASN J 1023 19.13 22.60 96.31
C ASN J 1023 18.47 23.39 97.43
N LEU J 1024 17.23 23.84 97.20
CA LEU J 1024 16.52 24.53 98.27
C LEU J 1024 16.27 23.62 99.45
N ALA J 1025 15.91 22.36 99.19
CA ALA J 1025 15.65 21.43 100.27
C ALA J 1025 16.93 21.14 101.06
N ALA J 1026 18.05 20.99 100.36
CA ALA J 1026 19.32 20.76 101.06
C ALA J 1026 19.69 21.96 101.92
N THR J 1027 19.47 23.17 101.39
CA THR J 1027 19.75 24.37 102.17
C THR J 1027 18.86 24.43 103.39
N LYS J 1028 17.57 24.09 103.25
CA LYS J 1028 16.68 24.11 104.40
C LYS J 1028 17.10 23.09 105.44
N MET J 1029 17.47 21.89 105.01
CA MET J 1029 17.87 20.88 105.97
C MET J 1029 19.13 21.31 106.72
N SER J 1030 20.10 21.88 105.99
CA SER J 1030 21.35 22.28 106.62
C SER J 1030 21.13 23.44 107.57
N GLU J 1031 20.26 24.38 107.21
CA GLU J 1031 20.12 25.61 107.98
C GLU J 1031 19.02 25.55 109.04
N CYS J 1032 18.19 24.51 109.04
CA CYS J 1032 17.07 24.45 109.97
C CYS J 1032 17.05 23.14 110.76
N VAL J 1033 17.54 22.06 110.15
CA VAL J 1033 17.65 20.80 110.89
C VAL J 1033 18.95 20.73 111.66
N LEU J 1034 20.05 21.13 111.04
CA LEU J 1034 21.37 21.09 111.65
C LEU J 1034 21.66 22.34 112.47
N GLY J 1035 20.73 23.28 112.51
CA GLY J 1035 20.95 24.53 113.21
C GLY J 1035 19.64 25.28 113.35
N GLN J 1036 19.72 26.46 113.96
CA GLN J 1036 18.58 27.34 114.11
C GLN J 1036 18.77 28.53 113.17
N SER J 1037 17.73 28.87 112.42
CA SER J 1037 17.80 29.90 111.39
C SER J 1037 17.08 31.15 111.86
N LYS J 1038 17.72 32.31 111.67
CA LYS J 1038 17.10 33.59 111.97
C LYS J 1038 16.41 34.20 110.76
N ARG J 1039 16.50 33.55 109.59
CA ARG J 1039 15.81 34.04 108.41
C ARG J 1039 14.30 33.96 108.61
N VAL J 1040 13.61 35.04 108.30
CA VAL J 1040 12.17 35.11 108.54
C VAL J 1040 11.45 34.32 107.46
N ASP J 1041 10.51 33.47 107.87
CA ASP J 1041 9.63 32.72 106.98
C ASP J 1041 10.38 31.69 106.14
N PHE J 1042 11.68 31.51 106.36
CA PHE J 1042 12.43 30.50 105.63
C PHE J 1042 12.00 29.09 106.04
N CYS J 1043 11.74 28.88 107.32
CA CYS J 1043 11.38 27.58 107.85
C CYS J 1043 10.13 27.68 108.73
N GLY J 1044 9.08 28.25 108.18
CA GLY J 1044 7.80 28.29 108.87
C GLY J 1044 7.43 29.71 109.29
N LYS J 1045 6.13 29.90 109.52
CA LYS J 1045 5.61 31.18 109.96
C LYS J 1045 5.78 31.28 111.47
N GLY J 1046 6.53 32.27 111.91
CA GLY J 1046 6.84 32.44 113.32
C GLY J 1046 8.33 32.32 113.57
N TYR J 1047 8.70 32.55 114.83
CA TYR J 1047 10.11 32.46 115.18
C TYR J 1047 10.54 31.00 115.20
N HIS J 1048 11.47 30.65 114.31
CA HIS J 1048 11.85 29.25 114.14
C HIS J 1048 12.56 28.72 115.37
N LEU J 1049 12.15 27.54 115.82
CA LEU J 1049 12.80 26.85 116.92
C LEU J 1049 13.63 25.67 116.44
N MET J 1050 13.00 24.71 115.76
CA MET J 1050 13.66 23.51 115.28
C MET J 1050 12.86 22.95 114.11
N SER J 1051 13.47 22.01 113.41
CA SER J 1051 12.84 21.31 112.31
C SER J 1051 13.15 19.83 112.37
N PHE J 1052 12.23 19.02 111.87
CA PHE J 1052 12.39 17.59 111.82
C PHE J 1052 12.16 17.14 110.39
N PRO J 1053 13.09 16.41 109.79
CA PRO J 1053 12.89 15.88 108.44
C PRO J 1053 12.14 14.56 108.44
N GLN J 1054 11.43 14.32 107.35
CA GLN J 1054 10.75 13.06 107.12
C GLN J 1054 10.87 12.70 105.65
N SER J 1055 10.94 11.40 105.37
CA SER J 1055 11.08 10.97 104.00
C SER J 1055 9.74 11.02 103.28
N ALA J 1056 9.82 11.07 101.95
CA ALA J 1056 8.67 11.05 101.07
C ALA J 1056 9.05 10.24 99.85
N PRO J 1057 8.07 9.76 99.07
CA PRO J 1057 8.41 8.87 97.95
C PRO J 1057 9.43 9.44 96.97
N HIS J 1058 9.34 10.72 96.64
CA HIS J 1058 10.34 11.37 95.81
C HIS J 1058 10.71 12.73 96.35
N GLY J 1059 10.71 12.87 97.68
CA GLY J 1059 10.94 14.18 98.26
C GLY J 1059 11.16 14.08 99.75
N VAL J 1060 11.13 15.24 100.40
CA VAL J 1060 11.33 15.34 101.83
C VAL J 1060 10.24 16.21 102.41
N VAL J 1061 9.91 15.96 103.69
CA VAL J 1061 8.89 16.71 104.41
C VAL J 1061 9.52 17.28 105.67
N PHE J 1062 9.39 18.59 105.86
CA PHE J 1062 9.94 19.28 107.02
C PHE J 1062 8.82 19.65 107.97
N LEU J 1063 8.96 19.24 109.22
CA LEU J 1063 8.06 19.66 110.29
C LEU J 1063 8.77 20.80 111.02
N HIS J 1064 8.29 22.02 110.81
CA HIS J 1064 8.92 23.20 111.39
C HIS J 1064 8.26 23.52 112.72
N VAL J 1065 9.02 23.44 113.79
CA VAL J 1065 8.55 23.84 115.11
C VAL J 1065 8.88 25.31 115.29
N THR J 1066 7.87 26.14 115.50
CA THR J 1066 8.06 27.58 115.58
C THR J 1066 7.36 28.12 116.81
N TYR J 1067 7.76 29.33 117.18
CA TYR J 1067 7.22 30.03 118.34
C TYR J 1067 6.34 31.15 117.83
N VAL J 1068 5.10 31.20 118.29
CA VAL J 1068 4.13 32.20 117.86
C VAL J 1068 3.61 32.92 119.09
N PRO J 1069 3.82 34.23 119.22
CA PRO J 1069 3.26 34.97 120.35
C PRO J 1069 1.74 35.03 120.27
N ALA J 1070 1.11 35.09 121.43
CA ALA J 1070 -0.33 35.18 121.52
C ALA J 1070 -0.70 35.81 122.86
N GLN J 1071 -1.96 36.24 122.97
CA GLN J 1071 -2.49 36.86 124.19
C GLN J 1071 -1.71 38.13 124.49
N GLU J 1072 -1.70 39.03 123.51
CA GLU J 1072 -0.90 40.24 123.61
C GLU J 1072 -1.67 41.32 124.37
N LYS J 1073 -0.95 42.07 125.20
CA LYS J 1073 -1.57 43.16 125.91
C LYS J 1073 -0.79 44.44 125.64
N ASN J 1074 -1.51 45.49 125.24
CA ASN J 1074 -0.92 46.79 125.03
C ASN J 1074 -0.68 47.59 126.32
N PHE J 1075 0.48 48.27 126.34
CA PHE J 1075 0.99 49.03 127.47
C PHE J 1075 1.58 50.34 126.98
N THR J 1076 1.69 51.31 127.90
CA THR J 1076 2.30 52.61 127.60
C THR J 1076 3.80 52.54 127.84
N THR J 1077 4.57 53.06 126.88
CA THR J 1077 6.03 53.01 126.92
C THR J 1077 6.66 54.40 126.89
N ALA J 1078 7.99 54.41 126.99
CA ALA J 1078 8.83 55.61 126.93
C ALA J 1078 10.20 55.21 126.41
N PRO J 1079 10.82 56.03 125.58
CA PRO J 1079 12.18 55.70 125.10
C PRO J 1079 13.21 55.53 126.21
N ALA J 1080 13.14 56.37 127.25
CA ALA J 1080 14.14 56.30 128.31
C ALA J 1080 13.53 56.86 129.59
N ILE J 1081 14.26 56.68 130.69
CA ILE J 1081 13.86 57.18 132.00
C ILE J 1081 14.86 58.22 132.46
N CYS J 1082 14.38 59.40 132.80
CA CYS J 1082 15.21 60.47 133.33
C CYS J 1082 15.22 60.36 134.85
N HIS J 1083 16.35 59.96 135.43
CA HIS J 1083 16.50 59.86 136.87
C HIS J 1083 17.78 60.57 137.26
N ASP J 1084 17.71 61.43 138.28
CA ASP J 1084 18.87 62.18 138.77
C ASP J 1084 19.50 63.02 137.66
N GLY J 1085 18.67 63.50 136.74
CA GLY J 1085 19.15 64.35 135.66
C GLY J 1085 19.90 63.62 134.58
N LYS J 1086 19.84 62.29 134.54
CA LYS J 1086 20.49 61.51 133.51
C LYS J 1086 19.50 60.51 132.92
N ALA J 1087 19.73 60.15 131.66
CA ALA J 1087 18.83 59.28 130.91
C ALA J 1087 19.27 57.84 131.03
N HIS J 1088 18.33 56.94 131.31
CA HIS J 1088 18.59 55.52 131.44
C HIS J 1088 17.87 54.76 130.33
N PHE J 1089 18.61 53.87 129.66
CA PHE J 1089 18.04 53.07 128.58
C PHE J 1089 18.11 51.59 128.94
N PRO J 1090 17.15 50.79 128.49
CA PRO J 1090 17.20 49.35 128.79
C PRO J 1090 18.39 48.72 128.09
N ARG J 1091 19.01 47.74 128.74
CA ARG J 1091 20.12 47.06 128.10
C ARG J 1091 19.63 46.23 126.91
N GLU J 1092 18.70 45.31 127.16
CA GLU J 1092 18.04 44.55 126.10
C GLU J 1092 16.63 44.24 126.59
N GLY J 1093 15.69 45.10 126.21
CA GLY J 1093 14.30 45.03 126.66
C GLY J 1093 13.60 46.35 126.41
N VAL J 1094 12.49 46.56 127.12
CA VAL J 1094 11.65 47.72 126.89
C VAL J 1094 11.03 48.21 128.20
N PHE J 1095 10.86 49.52 128.31
CA PHE J 1095 10.21 50.16 129.45
C PHE J 1095 8.71 50.18 129.19
N VAL J 1096 7.95 49.43 129.99
CA VAL J 1096 6.50 49.32 129.86
C VAL J 1096 5.87 49.89 131.12
N SER J 1097 4.68 50.48 130.97
CA SER J 1097 4.02 51.16 132.06
C SER J 1097 2.75 50.46 132.50
N ASN J 1098 2.67 50.26 133.80
CA ASN J 1098 1.61 49.74 134.65
C ASN J 1098 0.64 50.86 134.99
N GLY J 1099 -0.35 50.58 135.83
CA GLY J 1099 -1.31 51.62 136.16
C GLY J 1099 -0.63 52.72 136.93
N THR J 1100 0.17 52.33 137.90
CA THR J 1100 0.85 53.21 138.85
C THR J 1100 2.37 53.04 138.83
N HIS J 1101 2.91 52.14 138.01
CA HIS J 1101 4.33 51.83 138.06
C HIS J 1101 4.91 51.67 136.67
N TRP J 1102 6.23 51.79 136.59
CA TRP J 1102 7.00 51.60 135.36
C TRP J 1102 7.85 50.34 135.49
N PHE J 1103 7.84 49.51 134.45
CA PHE J 1103 8.57 48.24 134.49
C PHE J 1103 9.38 48.06 133.22
N VAL J 1104 10.43 47.25 133.34
CA VAL J 1104 11.27 46.84 132.22
C VAL J 1104 11.05 45.36 131.94
N THR J 1105 10.73 45.02 130.69
CA THR J 1105 10.45 43.65 130.31
C THR J 1105 11.14 43.33 129.00
N GLN J 1106 11.09 42.06 128.62
CA GLN J 1106 11.63 41.63 127.34
C GLN J 1106 10.59 41.85 126.24
N ARG J 1107 11.08 42.06 125.01
CA ARG J 1107 10.19 42.43 123.92
C ARG J 1107 9.20 41.32 123.57
N ASN J 1108 9.64 40.07 123.59
CA ASN J 1108 8.81 38.98 123.08
C ASN J 1108 8.00 38.27 124.15
N PHE J 1109 8.16 38.62 125.43
CA PHE J 1109 7.35 38.02 126.48
C PHE J 1109 7.13 39.06 127.57
N TYR J 1110 5.93 39.06 128.15
CA TYR J 1110 5.61 40.01 129.21
C TYR J 1110 6.09 39.47 130.54
N GLU J 1111 7.28 39.89 130.96
CA GLU J 1111 7.82 39.56 132.28
C GLU J 1111 8.31 40.86 132.90
N PRO J 1112 7.41 41.64 133.50
CA PRO J 1112 7.80 42.95 134.02
C PRO J 1112 8.82 42.82 135.16
N GLN J 1113 9.73 43.77 135.21
CA GLN J 1113 10.75 43.82 136.25
C GLN J 1113 10.92 45.26 136.71
N ILE J 1114 11.33 45.42 137.96
CA ILE J 1114 11.58 46.74 138.52
C ILE J 1114 12.77 47.37 137.81
N ILE J 1115 12.64 48.63 137.41
CA ILE J 1115 13.73 49.31 136.74
C ILE J 1115 14.91 49.44 137.70
N THR J 1116 16.09 49.07 137.23
CA THR J 1116 17.27 49.03 138.08
C THR J 1116 18.48 49.42 137.24
N THR J 1117 19.53 49.88 137.93
CA THR J 1117 20.79 50.14 137.23
C THR J 1117 21.42 48.85 136.71
N ASP J 1118 21.00 47.70 137.24
CA ASP J 1118 21.53 46.42 136.76
C ASP J 1118 21.12 46.16 135.32
N ASN J 1119 19.89 46.51 134.94
CA ASN J 1119 19.38 46.24 133.61
C ASN J 1119 19.21 47.49 132.76
N THR J 1120 19.79 48.61 133.18
CA THR J 1120 19.76 49.85 132.41
C THR J 1120 21.15 50.45 132.37
N PHE J 1121 21.38 51.28 131.35
CA PHE J 1121 22.64 51.99 131.21
C PHE J 1121 22.38 53.47 130.95
N VAL J 1122 23.27 54.31 131.44
CA VAL J 1122 23.13 55.76 131.34
C VAL J 1122 23.88 56.25 130.11
N SER J 1123 23.29 57.20 129.40
CA SER J 1123 23.90 57.78 128.20
C SER J 1123 23.76 59.29 128.17
N GLY J 1124 24.00 59.95 129.30
CA GLY J 1124 23.95 61.40 129.35
C GLY J 1124 22.74 61.91 130.09
N ASN J 1125 22.42 63.17 129.83
CA ASN J 1125 21.30 63.84 130.49
C ASN J 1125 20.00 63.55 129.75
N CYS J 1126 18.89 64.04 130.28
CA CYS J 1126 17.56 63.75 129.75
C CYS J 1126 16.91 64.95 129.07
N ASP J 1127 17.71 65.81 128.44
CA ASP J 1127 17.18 66.97 127.73
C ASP J 1127 17.24 66.80 126.22
N VAL J 1128 17.73 65.67 125.72
CA VAL J 1128 17.88 65.46 124.28
C VAL J 1128 16.97 64.35 123.77
N VAL J 1129 16.50 63.45 124.63
CA VAL J 1129 15.67 62.34 124.19
C VAL J 1129 14.23 62.82 124.07
N ILE J 1130 13.63 62.55 122.91
CA ILE J 1130 12.25 62.97 122.64
C ILE J 1130 11.31 61.89 123.13
N GLY J 1131 10.45 62.24 124.07
CA GLY J 1131 9.50 61.31 124.66
C GLY J 1131 9.95 60.70 125.96
N ILE J 1132 11.08 61.14 126.52
CA ILE J 1132 11.53 60.62 127.79
C ILE J 1132 10.54 60.99 128.88
N VAL J 1133 10.43 60.13 129.89
CA VAL J 1133 9.53 60.39 131.00
C VAL J 1133 10.37 60.36 132.27
N ASN J 1134 9.81 60.94 133.32
CA ASN J 1134 10.51 61.06 134.59
C ASN J 1134 10.03 60.01 135.58
N ASN J 1135 11.00 59.26 136.13
CA ASN J 1135 10.76 58.19 137.09
C ASN J 1135 12.05 57.88 137.83
N THR J 1136 11.93 57.11 138.92
CA THR J 1136 13.07 56.69 139.73
C THR J 1136 13.66 55.36 139.25
N VAL J 1137 14.99 55.28 139.27
CA VAL J 1137 15.72 54.06 138.94
C VAL J 1137 16.28 53.47 140.23
N TYR J 1138 15.76 52.31 140.63
CA TYR J 1138 16.17 51.69 141.87
C TYR J 1138 17.65 51.29 141.82
N ASP J 1139 18.38 51.61 142.89
CA ASP J 1139 19.78 51.21 143.01
C ASP J 1139 19.91 50.13 144.06
N PRO J 1140 20.38 48.92 143.72
CA PRO J 1140 20.49 47.82 144.67
C PRO J 1140 21.78 47.84 145.50
N LEU J 1141 22.09 49.01 146.07
CA LEU J 1141 23.29 49.15 146.88
C LEU J 1141 22.97 49.76 148.23
N GLN J 1142 22.00 50.67 148.27
CA GLN J 1142 21.66 51.34 149.53
C GLN J 1142 21.13 50.37 150.59
N PRO J 1143 20.20 49.45 150.28
CA PRO J 1143 19.79 48.50 151.33
C PRO J 1143 20.93 47.64 151.83
N GLU J 1144 21.87 47.28 150.95
CA GLU J 1144 23.06 46.54 151.37
C GLU J 1144 23.90 47.39 152.31
N LEU J 1145 24.02 48.69 152.03
CA LEU J 1145 24.82 49.56 152.88
C LEU J 1145 24.27 49.62 154.30
N ASP J 1146 22.95 49.70 154.43
CA ASP J 1146 22.32 49.73 155.75
C ASP J 1146 22.27 48.34 156.37
N GLN K 14 10.89 62.04 8.87
CA GLN K 14 12.30 61.88 8.60
C GLN K 14 12.97 63.11 9.25
N CYS K 15 14.14 62.89 9.88
CA CYS K 15 14.84 63.95 10.59
C CYS K 15 16.22 64.18 9.98
N VAL K 16 16.80 65.33 10.33
CA VAL K 16 18.12 65.72 9.87
C VAL K 16 19.02 65.85 11.09
N ASN K 17 20.22 65.30 11.00
CA ASN K 17 21.19 65.35 12.09
C ASN K 17 21.52 66.79 12.46
N LEU K 18 21.54 67.08 13.75
CA LEU K 18 21.76 68.43 14.23
C LEU K 18 23.25 68.66 14.48
N THR K 19 23.78 69.74 13.91
CA THR K 19 25.17 70.12 14.10
C THR K 19 25.26 71.08 15.29
N THR K 20 26.39 71.78 15.42
CA THR K 20 26.61 72.78 16.46
C THR K 20 26.40 72.17 17.85
N ARG K 21 27.21 71.15 18.14
CA ARG K 21 27.23 70.52 19.46
C ARG K 21 28.67 70.20 19.82
N THR K 22 29.33 71.13 20.50
CA THR K 22 30.73 70.93 20.86
C THR K 22 30.85 69.77 21.84
N GLN K 23 31.93 69.01 21.73
CA GLN K 23 32.10 67.85 22.60
C GLN K 23 32.72 68.30 23.92
N LEU K 24 32.07 67.94 25.03
CA LEU K 24 32.53 68.29 26.36
C LEU K 24 32.40 67.06 27.24
N PRO K 25 33.35 66.82 28.14
CA PRO K 25 33.28 65.62 29.00
C PRO K 25 32.05 65.67 29.89
N PRO K 26 31.43 64.53 30.15
CA PRO K 26 30.18 64.53 30.94
C PRO K 26 30.42 65.04 32.36
N ALA K 27 29.44 65.76 32.88
CA ALA K 27 29.50 66.31 34.22
C ALA K 27 28.78 65.40 35.20
N TYR K 28 29.30 65.34 36.42
CA TYR K 28 28.70 64.53 37.48
C TYR K 28 28.25 65.44 38.62
N THR K 29 27.22 64.99 39.33
CA THR K 29 26.73 65.69 40.51
C THR K 29 26.38 64.67 41.58
N ASN K 30 26.25 65.16 42.81
CA ASN K 30 26.01 64.30 43.97
C ASN K 30 24.55 64.40 44.39
N SER K 31 23.82 63.30 44.25
CA SER K 31 22.44 63.23 44.72
C SER K 31 22.44 63.01 46.23
N PHE K 32 21.72 63.86 46.95
CA PHE K 32 21.69 63.80 48.41
C PHE K 32 20.33 63.30 48.87
N THR K 33 20.27 62.04 49.31
CA THR K 33 19.06 61.44 49.87
C THR K 33 17.86 61.62 48.93
N ARG K 34 18.08 61.35 47.64
CA ARG K 34 17.05 61.49 46.64
C ARG K 34 16.85 60.17 45.92
N GLY K 35 15.67 60.02 45.32
CA GLY K 35 15.35 58.80 44.60
C GLY K 35 14.70 57.74 45.46
N VAL K 36 13.81 58.15 46.36
CA VAL K 36 13.05 57.23 47.20
C VAL K 36 11.60 57.24 46.75
N TYR K 37 11.07 56.05 46.50
CA TYR K 37 9.70 55.86 46.05
C TYR K 37 9.01 54.86 46.95
N TYR K 38 7.68 54.84 46.89
CA TYR K 38 6.94 53.90 47.70
C TYR K 38 7.09 52.51 47.09
N PRO K 39 7.66 51.55 47.80
CA PRO K 39 7.92 50.24 47.19
C PRO K 39 6.68 49.39 46.99
N ASP K 40 5.58 49.72 47.65
CA ASP K 40 4.39 48.88 47.59
C ASP K 40 3.15 49.75 47.76
N LYS K 41 1.99 49.13 47.57
CA LYS K 41 0.70 49.80 47.71
C LYS K 41 0.21 49.76 49.15
N VAL K 42 1.03 49.28 50.08
CA VAL K 42 0.62 49.07 51.45
C VAL K 42 0.68 50.38 52.23
N PHE K 43 -0.37 50.62 53.02
CA PHE K 43 -0.40 51.76 53.92
C PHE K 43 0.30 51.41 55.22
N ARG K 44 1.06 52.36 55.76
CA ARG K 44 1.74 52.15 57.04
C ARG K 44 1.76 53.46 57.80
N SER K 45 1.42 53.41 59.09
CA SER K 45 1.30 54.61 59.92
C SER K 45 2.20 54.50 61.14
N SER K 46 3.04 55.51 61.34
CA SER K 46 3.88 55.65 62.53
C SER K 46 4.69 54.39 62.80
N VAL K 47 5.30 53.85 61.75
CA VAL K 47 6.04 52.60 61.82
C VAL K 47 7.34 52.76 61.04
N LEU K 48 8.25 51.81 61.25
CA LEU K 48 9.50 51.74 60.50
C LEU K 48 9.51 50.43 59.72
N HIS K 49 9.63 50.53 58.40
CA HIS K 49 9.60 49.36 57.53
C HIS K 49 10.92 49.23 56.79
N SER K 50 11.52 48.05 56.87
CA SER K 50 12.76 47.75 56.15
C SER K 50 12.42 46.92 54.93
N THR K 51 12.74 47.44 53.75
CA THR K 51 12.43 46.78 52.49
C THR K 51 13.66 46.74 51.60
N GLN K 52 13.85 45.61 50.91
CA GLN K 52 14.93 45.45 49.94
C GLN K 52 14.33 45.51 48.55
N ASP K 53 14.71 46.53 47.78
CA ASP K 53 14.17 46.73 46.45
C ASP K 53 15.18 47.52 45.63
N LEU K 54 14.81 47.81 44.38
CA LEU K 54 15.67 48.56 43.48
C LEU K 54 15.56 50.03 43.85
N PHE K 55 16.58 50.54 44.55
CA PHE K 55 16.58 51.92 45.01
C PHE K 55 17.81 52.64 44.48
N LEU K 56 17.83 53.96 44.68
CA LEU K 56 18.98 54.78 44.33
C LEU K 56 19.82 55.01 45.57
N PRO K 57 21.11 54.66 45.56
CA PRO K 57 21.92 54.81 46.76
C PRO K 57 22.04 56.27 47.19
N PHE K 58 22.08 56.47 48.50
CA PHE K 58 22.22 57.82 49.03
C PHE K 58 23.61 58.36 48.74
N PHE K 59 23.71 59.66 48.53
CA PHE K 59 24.98 60.35 48.31
C PHE K 59 25.76 59.70 47.16
N SER K 60 25.11 59.63 46.01
CA SER K 60 25.65 58.94 44.85
C SER K 60 25.94 59.91 43.73
N ASN K 61 26.82 59.48 42.82
CA ASN K 61 27.17 60.27 41.64
C ASN K 61 26.16 59.99 40.53
N VAL K 62 25.42 61.02 40.14
CA VAL K 62 24.45 60.92 39.05
C VAL K 62 24.91 61.83 37.93
N THR K 63 24.79 61.35 36.70
CA THR K 63 25.25 62.12 35.54
C THR K 63 24.38 63.36 35.36
N TRP K 64 25.03 64.48 35.01
CA TRP K 64 24.36 65.75 34.80
C TRP K 64 24.47 66.11 33.33
N PHE K 65 23.34 66.45 32.72
CA PHE K 65 23.29 66.92 31.34
C PHE K 65 22.66 68.30 31.30
N HIS K 66 23.31 69.23 30.61
CA HIS K 66 22.88 70.61 30.56
C HIS K 66 22.12 70.91 29.26
N ALA K 67 21.46 72.07 29.26
CA ALA K 67 20.85 72.63 28.06
C ALA K 67 20.87 74.14 28.22
N ILE K 68 21.81 74.80 27.57
CA ILE K 68 21.99 76.24 27.73
C ILE K 68 22.40 76.85 26.39
N HIS K 69 21.86 78.04 26.10
CA HIS K 69 22.18 78.70 24.83
C HIS K 69 23.65 79.08 24.76
N VAL K 70 24.20 79.62 25.85
CA VAL K 70 25.60 80.05 25.90
C VAL K 70 25.87 81.13 24.85
N THR K 76 28.36 75.61 20.43
CA THR K 76 28.03 74.68 21.50
C THR K 76 26.52 74.45 21.59
N LYS K 77 25.84 75.30 22.35
CA LYS K 77 24.39 75.34 22.57
C LYS K 77 23.95 74.21 23.50
N ARG K 78 24.83 73.27 23.83
CA ARG K 78 24.58 72.19 24.79
C ARG K 78 23.25 71.47 24.52
N PHE K 79 23.12 70.96 23.29
CA PHE K 79 21.98 70.10 22.95
C PHE K 79 22.45 68.68 23.18
N ASP K 80 22.12 68.13 24.36
CA ASP K 80 22.63 66.84 24.79
C ASP K 80 21.47 65.86 24.96
N ASN K 81 21.35 64.92 24.04
CA ASN K 81 20.39 63.81 24.16
C ASN K 81 21.10 62.50 23.80
N PRO K 82 22.02 62.04 24.65
CA PRO K 82 22.78 60.84 24.32
C PRO K 82 21.94 59.60 24.52
N VAL K 83 22.50 58.46 24.14
CA VAL K 83 21.87 57.17 24.33
C VAL K 83 22.46 56.54 25.59
N LEU K 84 21.59 56.11 26.51
CA LEU K 84 22.06 55.61 27.79
C LEU K 84 21.51 54.22 28.05
N PRO K 85 22.33 53.33 28.61
CA PRO K 85 21.83 51.98 28.94
C PRO K 85 20.79 52.03 30.04
N PHE K 86 19.90 51.04 30.03
CA PHE K 86 18.84 50.88 31.02
C PHE K 86 19.02 49.50 31.63
N ASN K 87 19.84 49.41 32.69
CA ASN K 87 20.20 48.10 33.23
C ASN K 87 19.12 47.54 34.15
N ASP K 88 18.81 48.25 35.24
CA ASP K 88 17.86 47.73 36.21
C ASP K 88 16.91 48.80 36.74
N GLY K 89 16.77 49.92 36.02
CA GLY K 89 15.94 51.01 36.50
C GLY K 89 16.70 52.31 36.51
N VAL K 90 16.02 53.40 36.16
CA VAL K 90 16.66 54.70 35.99
C VAL K 90 15.90 55.74 36.79
N TYR K 91 16.63 56.58 37.53
CA TYR K 91 16.07 57.72 38.21
C TYR K 91 16.33 58.95 37.34
N PHE K 92 15.31 59.76 37.12
CA PHE K 92 15.40 60.89 36.20
C PHE K 92 14.89 62.14 36.88
N ALA K 93 15.78 63.09 37.15
CA ALA K 93 15.42 64.38 37.71
C ALA K 93 15.52 65.45 36.63
N SER K 94 14.62 66.43 36.69
CA SER K 94 14.61 67.51 35.71
C SER K 94 14.39 68.84 36.41
N THR K 95 15.36 69.75 36.27
CA THR K 95 15.22 71.12 36.76
C THR K 95 14.90 71.99 35.56
N GLU K 96 13.73 72.64 35.58
CA GLU K 96 13.25 73.37 34.42
C GLU K 96 12.58 74.67 34.85
N LYS K 97 12.45 75.57 33.88
CA LYS K 97 11.66 76.78 34.04
C LYS K 97 10.75 77.04 32.85
N SER K 98 10.93 76.32 31.73
CA SER K 98 10.18 76.57 30.51
C SER K 98 9.67 75.30 29.84
N ASN K 99 9.68 74.17 30.56
CA ASN K 99 9.18 72.89 30.04
C ASN K 99 9.90 72.46 28.76
N ILE K 100 11.23 72.38 28.84
CA ILE K 100 12.02 71.95 27.68
C ILE K 100 11.89 70.45 27.47
N ILE K 101 11.90 69.66 28.54
CA ILE K 101 11.80 68.21 28.40
C ILE K 101 10.45 67.84 27.81
N ARG K 102 10.47 66.86 26.90
CA ARG K 102 9.25 66.36 26.27
C ARG K 102 8.91 64.94 26.63
N GLY K 103 9.89 64.05 26.70
CA GLY K 103 9.59 62.64 26.95
C GLY K 103 10.84 61.78 26.84
N TRP K 104 10.60 60.49 26.63
CA TRP K 104 11.67 59.49 26.62
C TRP K 104 11.39 58.43 25.56
N ILE K 105 12.44 57.73 25.17
CA ILE K 105 12.36 56.58 24.27
C ILE K 105 13.04 55.40 24.95
N PHE K 106 12.39 54.24 24.92
CA PHE K 106 12.95 53.02 25.48
C PHE K 106 12.99 51.94 24.42
N GLY K 107 13.98 51.06 24.51
CA GLY K 107 14.08 49.95 23.59
C GLY K 107 15.41 49.24 23.72
N THR K 108 15.64 48.33 22.79
CA THR K 108 16.87 47.55 22.74
C THR K 108 17.72 47.88 21.51
N THR K 109 17.12 47.86 20.32
CA THR K 109 17.83 48.16 19.08
C THR K 109 17.51 49.53 18.51
N LEU K 110 16.28 50.02 18.72
CA LEU K 110 15.85 51.33 18.24
C LEU K 110 15.97 51.47 16.72
N ASP K 111 15.85 50.34 16.00
CA ASP K 111 15.96 50.34 14.55
C ASP K 111 14.80 49.60 13.90
N SER K 112 13.66 49.57 14.58
CA SER K 112 12.39 48.98 14.13
C SER K 112 12.40 47.46 14.05
N LYS K 113 13.50 46.78 14.42
CA LYS K 113 13.45 45.32 14.39
C LYS K 113 12.85 44.76 15.69
N THR K 114 12.89 45.53 16.77
CA THR K 114 12.29 45.11 18.03
C THR K 114 11.42 46.25 18.55
N GLN K 115 10.35 45.89 19.25
CA GLN K 115 9.41 46.88 19.73
C GLN K 115 10.06 47.84 20.72
N SER K 116 9.73 49.12 20.58
CA SER K 116 10.26 50.18 21.42
C SER K 116 9.11 50.84 22.18
N LEU K 117 9.48 51.71 23.12
CA LEU K 117 8.51 52.46 23.90
C LEU K 117 8.77 53.95 23.71
N LEU K 118 7.69 54.73 23.64
CA LEU K 118 7.77 56.16 23.39
C LEU K 118 6.85 56.90 24.34
N ILE K 119 7.40 57.88 25.05
CA ILE K 119 6.63 58.76 25.93
C ILE K 119 6.84 60.17 25.43
N VAL K 120 5.75 60.87 25.10
CA VAL K 120 5.85 62.25 24.61
C VAL K 120 4.73 63.08 25.20
N ASN K 121 5.09 64.24 25.76
CA ASN K 121 4.12 65.25 26.17
C ASN K 121 4.27 66.42 25.19
N ASN K 122 3.61 66.31 24.04
CA ASN K 122 3.82 67.27 22.96
C ASN K 122 2.89 68.48 23.05
N ALA K 123 2.82 69.09 24.24
CA ALA K 123 2.15 70.36 24.47
C ALA K 123 0.63 70.25 24.40
N THR K 124 0.13 69.11 23.97
CA THR K 124 -1.31 68.89 23.82
C THR K 124 -1.81 67.73 24.68
N ASN K 125 -1.19 66.56 24.55
CA ASN K 125 -1.62 65.37 25.27
C ASN K 125 -0.39 64.66 25.81
N VAL K 126 -0.62 63.53 26.47
CA VAL K 126 0.44 62.63 26.89
C VAL K 126 0.28 61.37 26.08
N VAL K 127 1.31 61.02 25.31
CA VAL K 127 1.26 59.89 24.39
C VAL K 127 2.18 58.81 24.93
N ILE K 128 1.62 57.61 25.11
CA ILE K 128 2.39 56.46 25.56
C ILE K 128 2.18 55.37 24.53
N LYS K 129 3.24 55.03 23.80
CA LYS K 129 3.17 54.02 22.76
C LYS K 129 4.24 52.96 22.97
N VAL K 130 3.88 51.71 22.68
CA VAL K 130 4.83 50.61 22.57
C VAL K 130 4.68 50.11 21.16
N CYS K 131 5.72 50.32 20.35
CA CYS K 131 5.54 50.15 18.91
C CYS K 131 6.91 50.11 18.27
N GLU K 132 6.96 49.62 17.04
CA GLU K 132 8.22 49.51 16.31
C GLU K 132 8.42 50.80 15.51
N PHE K 133 9.50 51.52 15.80
CA PHE K 133 9.78 52.78 15.15
C PHE K 133 11.16 52.79 14.53
N GLN K 134 11.29 53.47 13.40
CA GLN K 134 12.58 53.67 12.75
C GLN K 134 13.21 54.95 13.31
N PHE K 135 13.71 54.84 14.54
CA PHE K 135 14.30 55.98 15.20
C PHE K 135 15.57 56.41 14.49
N CYS K 136 15.75 57.71 14.33
CA CYS K 136 16.96 58.24 13.75
C CYS K 136 17.94 58.65 14.85
N ASN K 137 19.12 59.13 14.44
CA ASN K 137 20.17 59.46 15.40
C ASN K 137 19.78 60.60 16.33
N ASP K 138 19.05 61.59 15.81
CA ASP K 138 18.72 62.80 16.57
C ASP K 138 17.22 63.00 16.60
N PRO K 139 16.51 62.33 17.53
CA PRO K 139 15.08 62.59 17.70
C PRO K 139 14.86 63.71 18.71
N PHE K 140 13.93 64.60 18.39
CA PHE K 140 13.71 65.78 19.22
C PHE K 140 12.38 66.41 18.84
N LEU K 141 12.04 67.49 19.54
CA LEU K 141 10.87 68.31 19.26
C LEU K 141 11.32 69.75 19.03
N GLY K 142 10.53 70.48 18.26
CA GLY K 142 10.82 71.89 18.03
C GLY K 142 9.63 72.80 18.12
N VAL K 143 9.72 73.80 19.00
CA VAL K 143 8.68 74.83 19.13
C VAL K 143 9.16 76.04 18.35
N TYR K 144 8.28 76.61 17.55
CA TYR K 144 8.64 77.69 16.64
C TYR K 144 8.02 78.98 17.18
N TYR K 145 8.84 80.02 17.33
CA TYR K 145 8.44 81.27 17.96
C TYR K 145 8.31 82.35 16.91
N HIS K 146 7.20 83.08 16.93
CA HIS K 146 6.93 84.16 15.99
C HIS K 146 7.12 85.50 16.69
N LYS K 147 7.87 86.39 16.06
CA LYS K 147 8.11 87.71 16.64
C LYS K 147 6.89 88.62 16.52
N ASN K 148 6.06 88.43 15.49
CA ASN K 148 4.93 89.33 15.29
C ASN K 148 3.88 89.20 16.39
N ASN K 149 3.61 87.98 16.86
CA ASN K 149 2.59 87.76 17.87
C ASN K 149 3.18 86.96 19.03
N LYS K 150 2.65 87.22 20.23
CA LYS K 150 3.15 86.58 21.45
C LYS K 150 2.49 85.21 21.62
N SER K 151 2.87 84.30 20.73
CA SER K 151 2.33 82.95 20.75
C SER K 151 3.44 81.94 20.52
N TRP K 152 3.40 80.83 21.25
CA TRP K 152 4.33 79.72 21.06
C TRP K 152 3.51 78.48 20.76
N MET K 153 3.86 77.82 19.66
CA MET K 153 3.27 76.53 19.30
C MET K 153 4.32 75.63 18.68
N GLU K 154 4.19 74.33 18.94
CA GLU K 154 5.13 73.32 18.45
C GLU K 154 5.01 73.15 16.94
N SER K 155 6.14 73.14 16.25
CA SER K 155 6.18 73.02 14.80
C SER K 155 6.80 71.72 14.31
N GLU K 156 7.92 71.29 14.90
CA GLU K 156 8.66 70.13 14.41
C GLU K 156 8.56 68.98 15.41
N PHE K 157 8.33 67.78 14.88
CA PHE K 157 8.32 66.55 15.67
C PHE K 157 9.07 65.50 14.86
N ARG K 158 10.36 65.35 15.13
CA ARG K 158 11.24 64.47 14.36
C ARG K 158 11.73 63.36 15.28
N VAL K 159 11.00 62.25 15.31
CA VAL K 159 11.38 61.14 16.19
C VAL K 159 11.44 59.83 15.41
N TYR K 160 10.34 59.48 14.74
CA TYR K 160 10.23 58.21 14.04
C TYR K 160 9.68 58.44 12.63
N SER K 161 9.75 57.40 11.81
CA SER K 161 9.27 57.46 10.44
C SER K 161 8.16 56.48 10.12
N SER K 162 8.16 55.28 10.69
CA SER K 162 7.18 54.27 10.32
C SER K 162 6.79 53.43 11.52
N ALA K 163 5.60 52.82 11.42
CA ALA K 163 5.11 51.88 12.42
C ALA K 163 4.22 50.87 11.71
N ASN K 164 4.69 49.62 11.58
CA ASN K 164 3.96 48.60 10.82
C ASN K 164 3.20 47.63 11.71
N ASN K 165 3.88 46.95 12.62
CA ASN K 165 3.25 46.05 13.58
C ASN K 165 3.27 46.77 14.91
N CYS K 166 2.10 47.13 15.43
CA CYS K 166 2.05 47.97 16.61
C CYS K 166 1.02 47.41 17.58
N THR K 167 1.33 47.44 18.88
CA THR K 167 0.45 46.78 19.85
C THR K 167 -0.13 47.70 20.91
N PHE K 168 0.63 48.66 21.42
CA PHE K 168 0.18 49.49 22.54
C PHE K 168 0.13 50.95 22.12
N GLU K 169 -1.00 51.59 22.40
CA GLU K 169 -1.19 53.01 22.14
C GLU K 169 -1.99 53.63 23.28
N TYR K 170 -1.60 54.83 23.69
CA TYR K 170 -2.35 55.55 24.70
C TYR K 170 -2.15 57.05 24.50
N VAL K 171 -3.25 57.80 24.56
CA VAL K 171 -3.21 59.26 24.52
C VAL K 171 -4.11 59.79 25.63
N SER K 172 -3.57 60.66 26.47
CA SER K 172 -4.37 61.27 27.52
C SER K 172 -5.22 62.41 26.95
N GLN K 173 -6.16 62.88 27.76
CA GLN K 173 -7.04 63.95 27.31
C GLN K 173 -6.27 65.26 27.16
N PRO K 174 -6.65 66.09 26.18
CA PRO K 174 -5.85 67.27 25.85
C PRO K 174 -5.76 68.32 26.96
N PHE K 175 -4.62 69.02 26.97
CA PHE K 175 -4.34 70.09 27.92
C PHE K 175 -3.28 71.00 27.30
N LEU K 176 -3.15 72.20 27.88
CA LEU K 176 -2.26 73.22 27.34
C LEU K 176 -1.40 73.82 28.44
N MET K 177 -0.17 74.22 28.08
CA MET K 177 0.72 74.89 29.03
C MET K 177 1.32 76.15 28.42
N ASP K 178 2.25 76.78 29.16
CA ASP K 178 2.76 78.10 28.78
C ASP K 178 3.50 78.09 27.45
N LEU K 179 4.45 77.16 27.28
CA LEU K 179 5.29 76.97 26.09
C LEU K 179 6.35 78.05 25.92
N GLU K 180 6.44 79.05 26.80
CA GLU K 180 7.37 80.14 26.60
C GLU K 180 8.61 79.95 27.47
N GLY K 181 9.71 80.56 27.03
CA GLY K 181 10.98 80.48 27.74
C GLY K 181 11.17 81.59 28.75
N PHE K 186 15.63 78.14 37.38
CA PHE K 186 14.70 77.01 37.32
C PHE K 186 13.72 77.06 38.48
N LYS K 187 12.45 76.75 38.19
CA LYS K 187 11.40 76.79 39.20
C LYS K 187 10.73 75.45 39.47
N ASN K 188 10.85 74.48 38.56
CA ASN K 188 10.17 73.20 38.71
C ASN K 188 11.19 72.08 38.74
N LEU K 189 10.97 71.12 39.64
CA LEU K 189 11.80 69.92 39.74
C LEU K 189 10.89 68.71 39.57
N ARG K 190 11.08 67.97 38.48
CA ARG K 190 10.30 66.78 38.19
C ARG K 190 11.20 65.56 38.40
N GLU K 191 10.78 64.67 39.30
CA GLU K 191 11.53 63.46 39.62
C GLU K 191 10.73 62.25 39.18
N PHE K 192 11.38 61.37 38.42
CA PHE K 192 10.74 60.17 37.90
C PHE K 192 11.62 58.96 38.15
N VAL K 193 10.98 57.80 38.29
CA VAL K 193 11.67 56.52 38.43
C VAL K 193 11.04 55.54 37.44
N PHE K 194 11.87 54.92 36.61
CA PHE K 194 11.41 53.96 35.62
C PHE K 194 11.97 52.59 35.96
N LYS K 195 11.10 51.59 36.04
CA LYS K 195 11.50 50.22 36.33
C LYS K 195 10.81 49.28 35.37
N ASN K 196 11.48 48.17 35.06
CA ASN K 196 10.90 47.10 34.23
C ASN K 196 11.24 45.77 34.88
N ILE K 197 10.25 45.13 35.49
CA ILE K 197 10.42 43.84 36.16
C ILE K 197 9.11 43.06 36.06
N ASP K 198 9.26 41.74 35.92
CA ASP K 198 8.14 40.79 35.93
C ASP K 198 7.15 41.12 34.82
N GLY K 199 7.67 41.67 33.71
CA GLY K 199 6.87 42.09 32.58
C GLY K 199 6.05 43.35 32.77
N TYR K 200 6.26 44.06 33.88
CA TYR K 200 5.55 45.29 34.17
C TYR K 200 6.52 46.47 34.10
N PHE K 201 6.14 47.51 33.37
CA PHE K 201 6.93 48.74 33.31
C PHE K 201 6.25 49.76 34.21
N LYS K 202 6.90 50.10 35.32
CA LYS K 202 6.34 50.96 36.35
C LYS K 202 7.00 52.33 36.32
N ILE K 203 6.19 53.37 36.37
CA ILE K 203 6.66 54.76 36.41
C ILE K 203 6.23 55.38 37.74
N TYR K 204 7.19 55.96 38.46
CA TYR K 204 6.92 56.72 39.66
C TYR K 204 7.26 58.18 39.40
N SER K 205 6.45 59.09 39.94
CA SER K 205 6.62 60.51 39.63
C SER K 205 6.47 61.35 40.89
N LYS K 206 7.06 62.55 40.84
CA LYS K 206 6.92 63.55 41.88
C LYS K 206 7.24 64.92 41.28
N HIS K 207 6.52 65.94 41.72
CA HIS K 207 6.75 67.31 41.30
C HIS K 207 7.09 68.18 42.51
N THR K 208 7.99 69.13 42.33
CA THR K 208 8.41 69.99 43.43
C THR K 208 8.72 71.41 42.98
N PRO K 209 8.22 72.42 43.69
CA PRO K 209 8.62 73.81 43.40
C PRO K 209 9.95 74.14 44.06
N ILE K 210 10.86 74.72 43.28
CA ILE K 210 12.18 75.09 43.78
C ILE K 210 12.52 76.51 43.36
N ASN K 211 13.43 77.12 44.11
CA ASN K 211 13.93 78.47 43.87
C ASN K 211 15.45 78.52 43.93
N LEU K 212 16.10 77.51 43.37
CA LEU K 212 17.54 77.60 43.28
C LEU K 212 17.93 77.86 41.83
N VAL K 213 19.20 78.20 41.67
CA VAL K 213 19.81 78.60 40.41
C VAL K 213 20.45 77.45 39.63
N ARG K 214 21.36 76.77 40.32
CA ARG K 214 22.25 75.73 39.81
C ARG K 214 22.64 74.72 40.87
N ASP K 215 21.87 73.63 40.98
CA ASP K 215 22.16 72.51 41.87
C ASP K 215 21.15 71.38 41.81
N LEU K 216 21.33 70.37 42.67
CA LEU K 216 20.33 69.36 42.92
C LEU K 216 19.74 69.69 44.28
N PRO K 217 18.44 69.94 44.42
CA PRO K 217 17.92 70.38 45.72
C PRO K 217 18.09 69.33 46.80
N GLN K 218 18.32 69.79 48.02
CA GLN K 218 18.49 68.89 49.17
C GLN K 218 17.10 68.51 49.69
N GLY K 219 17.06 67.87 50.85
CA GLY K 219 15.79 67.49 51.43
C GLY K 219 15.36 66.12 50.97
N PHE K 220 14.23 65.68 51.51
CA PHE K 220 13.72 64.34 51.25
C PHE K 220 12.31 64.45 50.69
N SER K 221 12.03 63.67 49.64
CA SER K 221 10.70 63.64 49.05
C SER K 221 10.44 62.26 48.45
N ALA K 222 9.45 61.56 48.97
CA ALA K 222 9.08 60.27 48.41
C ALA K 222 8.37 60.45 47.07
N LEU K 223 8.58 59.50 46.17
CA LEU K 223 8.01 59.55 44.83
C LEU K 223 6.79 58.64 44.76
N GLU K 224 5.64 59.23 44.45
CA GLU K 224 4.43 58.45 44.32
C GLU K 224 4.41 57.69 43.00
N PRO K 225 3.85 56.47 43.00
CA PRO K 225 3.68 55.75 41.73
C PRO K 225 2.76 56.51 40.79
N LEU K 226 3.08 56.47 39.49
CA LEU K 226 2.29 57.14 38.48
C LEU K 226 1.47 56.17 37.63
N VAL K 227 2.09 55.11 37.12
CA VAL K 227 1.40 54.14 36.28
C VAL K 227 2.18 52.85 36.31
N ASP K 228 1.49 51.73 36.08
CA ASP K 228 2.10 50.41 35.94
C ASP K 228 1.67 49.89 34.57
N LEU K 229 2.45 50.20 33.56
CA LEU K 229 2.10 49.82 32.20
C LEU K 229 2.35 48.34 31.96
N PRO K 230 1.38 47.60 31.42
CA PRO K 230 1.59 46.17 31.08
C PRO K 230 2.25 46.01 29.71
N ILE K 231 3.56 46.21 29.67
CA ILE K 231 4.29 46.25 28.41
C ILE K 231 4.97 44.92 28.11
N GLY K 232 5.68 44.35 29.09
CA GLY K 232 6.29 43.04 28.90
C GLY K 232 7.25 42.94 27.75
N ILE K 233 8.13 43.93 27.58
CA ILE K 233 9.16 43.90 26.55
C ILE K 233 10.52 44.03 27.20
N ASN K 234 11.56 43.81 26.40
CA ASN K 234 12.93 43.96 26.86
C ASN K 234 13.42 45.37 26.58
N ILE K 235 13.76 46.10 27.64
CA ILE K 235 14.31 47.44 27.53
C ILE K 235 15.72 47.43 28.09
N THR K 236 16.71 47.68 27.22
CA THR K 236 18.10 47.69 27.63
C THR K 236 18.79 49.03 27.41
N ARG K 237 18.17 49.94 26.69
CA ARG K 237 18.80 51.22 26.35
C ARG K 237 17.69 52.25 26.20
N PHE K 238 18.05 53.52 26.38
CA PHE K 238 17.03 54.55 26.37
C PHE K 238 17.63 55.90 26.02
N GLN K 239 16.74 56.86 25.72
CA GLN K 239 17.11 58.22 25.37
C GLN K 239 16.09 59.18 25.96
N THR K 240 16.40 60.47 25.89
CA THR K 240 15.52 61.53 26.35
C THR K 240 15.13 62.41 25.17
N LEU K 241 14.06 63.19 25.36
CA LEU K 241 13.56 64.09 24.33
C LEU K 241 13.60 65.53 24.82
N LEU K 242 14.06 66.43 23.96
CA LEU K 242 14.16 67.84 24.27
C LEU K 242 13.41 68.66 23.22
N ALA K 243 12.92 69.82 23.64
CA ALA K 243 12.28 70.77 22.74
C ALA K 243 13.17 71.98 22.54
N LEU K 244 13.44 72.32 21.28
CA LEU K 244 14.23 73.49 20.95
C LEU K 244 13.33 74.65 20.56
N HIS K 245 13.94 75.83 20.40
CA HIS K 245 13.22 77.02 19.98
C HIS K 245 13.80 77.51 18.65
N ARG K 246 12.91 77.84 17.72
CA ARG K 246 13.30 78.41 16.44
C ARG K 246 12.64 79.79 16.30
N SER K 247 13.44 80.79 15.97
CA SER K 247 12.92 82.14 15.73
C SER K 247 12.94 82.48 14.24
N GLY K 252 17.82 80.98 10.42
CA GLY K 252 18.85 80.52 9.51
C GLY K 252 18.58 79.14 8.95
N ASP K 253 19.63 78.32 8.87
CA ASP K 253 19.47 76.95 8.40
C ASP K 253 18.74 76.11 9.45
N SER K 254 18.10 75.03 8.98
CA SER K 254 17.41 74.13 9.89
C SER K 254 18.37 73.49 10.88
N SER K 255 19.56 73.09 10.41
CA SER K 255 20.53 72.42 11.27
C SER K 255 21.28 73.39 12.17
N SER K 256 21.22 74.69 11.88
CA SER K 256 21.96 75.69 12.65
C SER K 256 21.09 76.68 13.39
N GLY K 257 19.90 77.00 12.88
CA GLY K 257 19.05 78.01 13.50
C GLY K 257 18.11 77.43 14.55
N TRP K 258 18.63 77.14 15.73
CA TRP K 258 17.82 76.60 16.81
C TRP K 258 18.37 77.08 18.14
N THR K 259 17.50 77.13 19.15
CA THR K 259 17.86 77.53 20.51
C THR K 259 17.37 76.47 21.48
N ALA K 260 18.30 75.78 22.14
CA ALA K 260 17.94 74.67 23.01
C ALA K 260 17.05 75.11 24.16
N GLY K 261 17.40 76.22 24.81
CA GLY K 261 16.65 76.67 25.97
C GLY K 261 17.25 76.15 27.26
N ALA K 262 17.07 76.92 28.33
CA ALA K 262 17.70 76.59 29.60
C ALA K 262 16.96 75.46 30.28
N ALA K 263 17.69 74.38 30.58
CA ALA K 263 17.16 73.23 31.29
C ALA K 263 18.31 72.36 31.74
N ALA K 264 18.04 71.49 32.72
CA ALA K 264 19.02 70.50 33.16
C ALA K 264 18.28 69.24 33.56
N TYR K 265 18.87 68.09 33.25
CA TYR K 265 18.31 66.80 33.67
C TYR K 265 19.41 65.89 34.18
N TYR K 266 19.11 65.18 35.27
CA TYR K 266 20.06 64.30 35.94
C TYR K 266 19.59 62.87 35.82
N VAL K 267 20.52 61.96 35.53
CA VAL K 267 20.21 60.55 35.35
C VAL K 267 20.98 59.72 36.36
N GLY K 268 20.27 58.85 37.08
CA GLY K 268 20.90 57.92 37.99
C GLY K 268 20.37 56.53 37.76
N TYR K 269 21.11 55.54 38.28
CA TYR K 269 20.78 54.14 38.08
C TYR K 269 20.35 53.51 39.40
N LEU K 270 19.37 52.61 39.32
CA LEU K 270 18.86 51.93 40.50
C LEU K 270 19.63 50.64 40.74
N GLN K 271 19.86 50.33 42.02
CA GLN K 271 20.54 49.12 42.40
C GLN K 271 19.73 48.40 43.47
N PRO K 272 19.84 47.07 43.56
CA PRO K 272 19.12 46.35 44.61
C PRO K 272 19.75 46.59 45.97
N ARG K 273 19.04 47.30 46.84
CA ARG K 273 19.54 47.66 48.15
C ARG K 273 18.41 47.61 49.17
N THR K 274 18.78 47.58 50.44
CA THR K 274 17.82 47.54 51.53
C THR K 274 17.71 48.92 52.15
N PHE K 275 16.48 49.40 52.31
CA PHE K 275 16.21 50.73 52.84
C PHE K 275 15.27 50.62 54.04
N LEU K 276 15.51 51.45 55.04
CA LEU K 276 14.60 51.55 56.18
C LEU K 276 13.82 52.85 56.03
N LEU K 277 12.50 52.73 55.90
CA LEU K 277 11.64 53.88 55.67
C LEU K 277 10.81 54.17 56.90
N LYS K 278 10.65 55.45 57.22
CA LYS K 278 9.88 55.87 58.38
C LYS K 278 8.54 56.43 57.89
N TYR K 279 7.46 55.70 58.16
CA TYR K 279 6.12 56.15 57.85
C TYR K 279 5.59 56.97 59.01
N ASN K 280 5.11 58.18 58.72
CA ASN K 280 4.56 59.03 59.77
C ASN K 280 3.12 58.61 60.04
N GLU K 281 2.40 59.43 60.82
CA GLU K 281 1.02 59.10 61.13
C GLU K 281 0.14 59.14 59.89
N ASN K 282 0.42 60.05 58.97
CA ASN K 282 -0.38 60.20 57.77
C ASN K 282 -0.14 59.10 56.75
N GLY K 283 0.93 58.32 56.91
CA GLY K 283 1.27 57.28 55.96
C GLY K 283 2.30 57.66 54.93
N THR K 284 2.89 58.85 55.03
CA THR K 284 3.92 59.29 54.11
C THR K 284 5.30 58.87 54.60
N ILE K 285 6.22 58.68 53.65
CA ILE K 285 7.58 58.29 53.98
C ILE K 285 8.33 59.58 54.35
N THR K 286 8.40 59.87 55.65
CA THR K 286 9.06 61.09 56.10
C THR K 286 10.57 61.01 55.93
N ASP K 287 11.17 59.87 56.28
CA ASP K 287 12.62 59.75 56.26
C ASP K 287 13.01 58.34 55.84
N ALA K 288 14.28 58.19 55.45
CA ALA K 288 14.80 56.90 55.04
C ALA K 288 16.30 56.86 55.30
N VAL K 289 16.82 55.65 55.53
CA VAL K 289 18.25 55.43 55.68
C VAL K 289 18.65 54.20 54.88
N ASP K 290 19.88 54.21 54.38
CA ASP K 290 20.41 53.05 53.69
C ASP K 290 20.83 51.99 54.70
N CYS K 291 21.02 50.77 54.20
CA CYS K 291 21.59 49.70 55.00
C CYS K 291 23.00 49.33 54.56
N ALA K 292 23.52 49.99 53.51
CA ALA K 292 24.86 49.69 53.01
C ALA K 292 25.64 50.98 52.71
N LEU K 293 25.36 52.06 53.43
CA LEU K 293 26.05 53.31 53.20
C LEU K 293 27.25 53.47 54.13
N ASP K 294 27.03 53.36 55.43
CA ASP K 294 28.07 53.53 56.43
C ASP K 294 27.69 52.70 57.65
N PRO K 295 28.63 52.44 58.56
CA PRO K 295 28.31 51.57 59.70
C PRO K 295 27.13 52.05 60.54
N LEU K 296 26.98 53.35 60.74
CA LEU K 296 25.86 53.83 61.55
C LEU K 296 24.52 53.52 60.88
N SER K 297 24.42 53.72 59.56
CA SER K 297 23.18 53.38 58.87
C SER K 297 22.91 51.89 58.94
N GLU K 298 23.96 51.07 58.81
CA GLU K 298 23.79 49.63 58.93
C GLU K 298 23.30 49.26 60.32
N THR K 299 23.84 49.90 61.36
CA THR K 299 23.39 49.65 62.72
C THR K 299 21.93 50.05 62.89
N LYS K 300 21.54 51.19 62.32
CA LYS K 300 20.14 51.60 62.39
C LYS K 300 19.24 50.60 61.70
N CYS K 301 19.69 50.07 60.55
CA CYS K 301 18.91 49.06 59.84
C CYS K 301 18.76 47.80 60.68
N THR K 302 19.83 47.37 61.34
CA THR K 302 19.75 46.18 62.19
C THR K 302 18.78 46.39 63.35
N LEU K 303 18.83 47.57 63.97
CA LEU K 303 18.00 47.84 65.14
C LEU K 303 16.58 48.26 64.78
N LYS K 304 16.30 48.50 63.50
CA LYS K 304 14.99 48.96 63.05
C LYS K 304 14.58 50.25 63.76
N SER K 305 15.54 51.14 63.97
CA SER K 305 15.25 52.42 64.61
C SER K 305 16.17 53.48 64.02
N PHE K 306 15.64 54.70 63.85
CA PHE K 306 16.45 55.81 63.37
C PHE K 306 17.44 56.30 64.42
N THR K 307 17.16 56.08 65.69
CA THR K 307 18.04 56.47 66.78
C THR K 307 18.62 55.22 67.43
N VAL K 308 19.93 55.25 67.68
CA VAL K 308 20.63 54.13 68.32
C VAL K 308 21.22 54.63 69.62
N GLU K 309 21.05 53.85 70.68
CA GLU K 309 21.60 54.21 71.97
C GLU K 309 23.08 53.83 72.05
N LYS K 310 23.76 54.38 73.04
CA LYS K 310 25.19 54.13 73.19
C LYS K 310 25.45 52.67 73.47
N GLY K 311 26.50 52.13 72.86
CA GLY K 311 26.89 50.75 73.08
C GLY K 311 27.54 50.19 71.83
N ILE K 312 27.76 48.88 71.86
CA ILE K 312 28.36 48.15 70.75
C ILE K 312 27.34 47.15 70.23
N TYR K 313 27.16 47.12 68.91
CA TYR K 313 26.14 46.28 68.28
C TYR K 313 26.76 45.37 67.24
N GLN K 314 26.34 44.11 67.25
CA GLN K 314 26.81 43.12 66.28
C GLN K 314 26.09 43.38 64.97
N THR K 315 26.72 44.15 64.09
CA THR K 315 26.03 44.59 62.88
C THR K 315 25.98 43.51 61.81
N SER K 316 27.13 42.96 61.41
CA SER K 316 27.14 42.01 60.31
C SER K 316 28.42 41.16 60.40
N ASN K 317 28.74 40.48 59.31
CA ASN K 317 29.89 39.58 59.24
C ASN K 317 30.84 40.00 58.15
N PHE K 318 32.14 39.84 58.40
CA PHE K 318 33.19 40.12 57.43
C PHE K 318 33.82 38.82 56.98
N ARG K 319 34.01 38.67 55.66
CA ARG K 319 34.65 37.51 55.09
C ARG K 319 35.53 37.94 53.93
N VAL K 320 36.57 37.15 53.66
CA VAL K 320 37.46 37.38 52.53
C VAL K 320 37.05 36.45 51.39
N GLN K 321 36.80 37.03 50.22
CA GLN K 321 36.35 36.24 49.07
C GLN K 321 37.56 35.74 48.29
N PRO K 322 37.70 34.43 48.10
CA PRO K 322 38.87 33.91 47.39
C PRO K 322 38.82 34.18 45.89
N THR K 323 40.00 34.29 45.27
CA THR K 323 40.07 34.49 43.82
C THR K 323 41.14 33.58 43.23
N GLU K 324 41.08 33.42 41.90
CA GLU K 324 42.00 32.61 41.09
C GLU K 324 42.05 31.17 41.63
N SER K 325 40.89 30.51 41.48
CA SER K 325 40.77 29.12 41.88
C SER K 325 41.82 28.27 41.18
N ILE K 326 42.47 27.40 41.95
CA ILE K 326 43.56 26.56 41.47
C ILE K 326 43.18 25.10 41.64
N VAL K 327 43.53 24.28 40.65
CA VAL K 327 43.31 22.84 40.67
C VAL K 327 44.65 22.16 40.41
N ARG K 328 44.97 21.15 41.22
CA ARG K 328 46.20 20.40 41.06
C ARG K 328 45.88 18.91 40.96
N PHE K 329 46.49 18.26 39.99
CA PHE K 329 46.39 16.82 39.80
C PHE K 329 47.79 16.27 39.59
N PRO K 330 48.02 14.99 39.89
CA PRO K 330 49.39 14.46 39.82
C PRO K 330 49.92 14.43 38.40
N ASN K 331 51.13 14.95 38.20
CA ASN K 331 51.78 14.84 36.91
C ASN K 331 52.07 13.38 36.63
N ILE K 332 51.76 12.93 35.41
CA ILE K 332 51.88 11.53 35.06
C ILE K 332 52.82 11.37 33.88
N THR K 333 53.81 10.50 34.02
CA THR K 333 54.77 10.20 32.96
C THR K 333 54.36 8.99 32.14
N ASN K 334 53.27 8.32 32.52
CA ASN K 334 52.78 7.13 31.82
C ASN K 334 51.90 7.55 30.64
N LEU K 335 52.55 8.15 29.65
CA LEU K 335 51.83 8.52 28.44
C LEU K 335 51.41 7.27 27.69
N CYS K 336 50.21 7.30 27.15
CA CYS K 336 49.67 6.11 26.52
C CYS K 336 50.21 6.02 25.09
N PRO K 337 50.45 4.81 24.58
CA PRO K 337 51.14 4.69 23.29
C PRO K 337 50.31 5.08 22.07
N PHE K 338 49.71 6.27 22.10
CA PHE K 338 49.07 6.79 20.89
C PHE K 338 50.09 7.02 19.79
N GLY K 339 51.26 7.56 20.15
CA GLY K 339 52.29 7.78 19.16
C GLY K 339 52.76 6.50 18.51
N GLU K 340 52.90 5.43 19.30
CA GLU K 340 53.31 4.15 18.73
C GLU K 340 52.27 3.59 17.78
N VAL K 341 51.00 3.59 18.19
CA VAL K 341 49.97 2.97 17.36
C VAL K 341 49.76 3.78 16.08
N PHE K 342 49.79 5.11 16.18
CA PHE K 342 49.65 5.94 14.99
C PHE K 342 50.88 5.87 14.12
N ASN K 343 52.06 5.93 14.73
CA ASN K 343 53.33 5.90 14.00
C ASN K 343 53.95 4.51 14.18
N ALA K 344 53.67 3.62 13.23
CA ALA K 344 54.24 2.28 13.22
C ALA K 344 54.76 1.99 11.82
N THR K 345 55.90 1.30 11.75
CA THR K 345 56.49 0.98 10.45
C THR K 345 55.55 0.10 9.62
N ARG K 346 54.91 -0.87 10.25
CA ARG K 346 54.07 -1.84 9.56
C ARG K 346 52.66 -1.82 10.13
N PHE K 347 51.67 -1.84 9.24
CA PHE K 347 50.28 -1.98 9.61
C PHE K 347 49.71 -3.28 9.03
N ALA K 348 48.79 -3.88 9.77
CA ALA K 348 48.18 -5.12 9.33
C ALA K 348 47.25 -4.87 8.15
N SER K 349 46.97 -5.94 7.42
CA SER K 349 46.05 -5.85 6.30
C SER K 349 44.63 -5.57 6.79
N VAL K 350 43.80 -5.04 5.90
CA VAL K 350 42.46 -4.62 6.28
C VAL K 350 41.62 -5.80 6.75
N TYR K 351 41.70 -6.94 6.04
CA TYR K 351 40.94 -8.10 6.46
C TYR K 351 41.42 -8.60 7.82
N ALA K 352 42.73 -8.64 8.02
CA ALA K 352 43.31 -9.04 9.30
C ALA K 352 43.66 -7.80 10.13
N TRP K 353 42.64 -7.00 10.44
CA TRP K 353 42.88 -5.75 11.14
C TRP K 353 43.43 -6.04 12.54
N ASN K 354 44.46 -5.29 12.93
CA ASN K 354 45.15 -5.51 14.18
C ASN K 354 44.53 -4.63 15.26
N ARG K 355 44.12 -5.25 16.36
CA ARG K 355 43.48 -4.55 17.47
C ARG K 355 44.45 -4.50 18.64
N LYS K 356 44.60 -3.32 19.23
CA LYS K 356 45.53 -3.09 20.32
C LYS K 356 44.76 -2.47 21.47
N ARG K 357 44.83 -3.10 22.65
CA ARG K 357 44.08 -2.66 23.82
C ARG K 357 45.03 -1.90 24.74
N ILE K 358 44.66 -0.66 25.06
CA ILE K 358 45.46 0.20 25.93
C ILE K 358 44.63 0.60 27.14
N SER K 359 45.19 0.41 28.33
CA SER K 359 44.55 0.80 29.57
C SER K 359 45.63 1.16 30.58
N ASN K 360 45.21 1.83 31.65
CA ASN K 360 46.12 2.28 32.71
C ASN K 360 47.17 3.24 32.15
N CYS K 361 46.79 4.02 31.14
CA CYS K 361 47.68 4.95 30.47
C CYS K 361 46.97 6.29 30.30
N VAL K 362 47.67 7.37 30.61
CA VAL K 362 47.10 8.71 30.47
C VAL K 362 47.15 9.09 29.01
N ALA K 363 46.08 8.80 28.28
CA ALA K 363 46.06 8.98 26.84
C ALA K 363 45.92 10.45 26.48
N ASP K 364 46.78 10.93 25.59
CA ASP K 364 46.76 12.32 25.14
C ASP K 364 45.98 12.41 23.83
N TYR K 365 44.66 12.51 23.95
CA TYR K 365 43.83 12.70 22.77
C TYR K 365 44.11 14.04 22.11
N SER K 366 44.42 15.06 22.91
CA SER K 366 44.62 16.40 22.38
C SER K 366 45.78 16.45 21.39
N VAL K 367 46.83 15.66 21.66
CA VAL K 367 48.04 15.72 20.83
C VAL K 367 47.73 15.29 19.40
N LEU K 368 47.05 14.15 19.24
CA LEU K 368 46.68 13.71 17.91
C LEU K 368 45.68 14.67 17.28
N TYR K 369 44.73 15.15 18.07
CA TYR K 369 43.72 16.07 17.54
C TYR K 369 44.36 17.37 17.08
N ASN K 370 45.32 17.89 17.86
CA ASN K 370 46.00 19.12 17.48
C ASN K 370 46.79 18.93 16.19
N SER K 371 47.45 17.78 16.04
CA SER K 371 48.16 17.48 14.81
C SER K 371 47.17 17.45 13.64
N ALA K 372 47.52 18.13 12.55
CA ALA K 372 46.64 18.28 11.40
C ALA K 372 47.07 17.43 10.22
N SER K 373 48.07 16.56 10.39
CA SER K 373 48.57 15.78 9.27
C SER K 373 47.52 14.82 8.73
N PHE K 374 46.66 14.29 9.60
CA PHE K 374 45.71 13.25 9.20
C PHE K 374 44.63 13.83 8.30
N SER K 375 44.39 13.18 7.17
CA SER K 375 43.41 13.66 6.21
C SER K 375 41.99 13.55 6.75
N THR K 376 41.65 12.43 7.38
CA THR K 376 40.29 12.19 7.84
C THR K 376 40.28 12.04 9.34
N PHE K 377 39.45 12.85 10.01
CA PHE K 377 39.25 12.79 11.45
C PHE K 377 37.75 12.81 11.72
N LYS K 378 37.10 11.65 11.64
CA LYS K 378 35.66 11.55 11.84
C LYS K 378 35.40 10.85 13.16
N CYS K 379 34.81 11.58 14.11
CA CYS K 379 34.54 11.07 15.45
C CYS K 379 33.04 11.03 15.66
N TYR K 380 32.54 9.87 16.08
CA TYR K 380 31.11 9.66 16.27
C TYR K 380 30.84 9.45 17.76
N GLY K 381 29.95 10.26 18.31
CA GLY K 381 29.56 10.12 19.70
C GLY K 381 30.55 10.67 20.71
N VAL K 382 31.64 11.27 20.26
CA VAL K 382 32.62 11.87 21.16
C VAL K 382 33.37 12.97 20.41
N SER K 383 33.76 14.01 21.15
CA SER K 383 34.56 15.09 20.61
C SER K 383 35.96 15.06 21.19
N PRO K 384 36.98 15.41 20.41
CA PRO K 384 38.36 15.32 20.93
C PRO K 384 38.58 16.18 22.16
N THR K 385 38.05 17.40 22.17
CA THR K 385 38.18 18.24 23.34
C THR K 385 37.50 17.60 24.54
N LYS K 386 36.31 17.02 24.32
CA LYS K 386 35.63 16.28 25.38
C LYS K 386 36.38 15.01 25.74
N LEU K 387 37.09 14.40 24.77
CA LEU K 387 37.80 13.16 25.05
C LEU K 387 38.87 13.36 26.12
N ASN K 388 39.58 14.49 26.07
CA ASN K 388 40.62 14.75 27.03
C ASN K 388 40.08 14.78 28.45
N ASP K 389 38.94 15.46 28.65
CA ASP K 389 38.32 15.48 29.97
C ASP K 389 37.71 14.13 30.35
N LEU K 390 37.08 13.46 29.38
CA LEU K 390 36.38 12.22 29.70
C LEU K 390 37.37 11.11 30.01
N CYS K 391 36.90 10.12 30.76
CA CYS K 391 37.72 8.99 31.18
C CYS K 391 37.07 7.68 30.75
N PHE K 392 37.85 6.82 30.10
CA PHE K 392 37.36 5.58 29.51
C PHE K 392 38.10 4.39 30.10
N THR K 393 37.36 3.31 30.34
CA THR K 393 37.95 2.11 30.94
C THR K 393 39.02 1.50 30.02
N ASN K 394 38.72 1.37 28.73
CA ASN K 394 39.67 0.78 27.79
C ASN K 394 39.53 1.46 26.44
N VAL K 395 40.63 1.49 25.70
CA VAL K 395 40.66 2.00 24.33
C VAL K 395 41.26 0.93 23.43
N TYR K 396 40.58 0.61 22.34
CA TYR K 396 41.08 -0.35 21.36
C TYR K 396 41.38 0.39 20.06
N ALA K 397 42.61 0.25 19.57
CA ALA K 397 43.05 0.89 18.34
C ALA K 397 43.24 -0.16 17.26
N ASP K 398 42.58 0.02 16.12
CA ASP K 398 42.69 -0.88 14.98
C ASP K 398 43.48 -0.19 13.88
N SER K 399 44.56 -0.81 13.42
CA SER K 399 45.45 -0.25 12.41
C SER K 399 45.39 -1.09 11.15
N PHE K 400 45.08 -0.46 10.02
CA PHE K 400 45.02 -1.15 8.74
C PHE K 400 45.27 -0.15 7.61
N VAL K 401 45.74 -0.67 6.48
CA VAL K 401 46.04 0.13 5.30
C VAL K 401 45.01 -0.20 4.23
N ILE K 402 44.32 0.83 3.72
CA ILE K 402 43.28 0.65 2.71
C ILE K 402 43.37 1.79 1.69
N ARG K 403 42.63 1.61 0.60
CA ARG K 403 42.56 2.61 -0.46
C ARG K 403 41.80 3.84 0.03
N GLY K 404 42.07 4.98 -0.61
CA GLY K 404 41.35 6.20 -0.28
C GLY K 404 39.86 6.09 -0.50
N ASP K 405 39.45 5.37 -1.56
CA ASP K 405 38.04 5.14 -1.81
C ASP K 405 37.40 4.35 -0.66
N GLU K 406 38.12 3.36 -0.15
CA GLU K 406 37.58 2.51 0.90
C GLU K 406 37.59 3.19 2.26
N VAL K 407 38.29 4.31 2.40
CA VAL K 407 38.21 5.09 3.64
C VAL K 407 36.77 5.51 3.89
N ARG K 408 36.04 5.81 2.81
CA ARG K 408 34.62 6.11 2.93
C ARG K 408 33.86 4.92 3.49
N GLN K 409 34.15 3.72 3.00
CA GLN K 409 33.39 2.54 3.39
C GLN K 409 33.53 2.25 4.88
N ILE K 410 34.71 2.49 5.45
CA ILE K 410 34.92 2.15 6.86
C ILE K 410 34.39 3.27 7.75
N ALA K 411 33.08 3.23 8.01
CA ALA K 411 32.46 4.20 8.90
C ALA K 411 31.18 3.60 9.44
N PRO K 412 30.72 4.04 10.60
CA PRO K 412 29.42 3.57 11.10
C PRO K 412 28.32 3.95 10.13
N GLY K 413 27.40 3.01 9.89
CA GLY K 413 26.31 3.27 8.98
C GLY K 413 26.71 3.34 7.53
N GLN K 414 27.85 2.77 7.17
CA GLN K 414 28.35 2.80 5.81
C GLN K 414 28.46 1.38 5.27
N THR K 415 27.94 1.15 4.08
CA THR K 415 27.98 -0.16 3.43
C THR K 415 29.02 -0.16 2.33
N GLY K 416 29.92 -1.14 2.37
CA GLY K 416 30.95 -1.30 1.35
C GLY K 416 31.42 -2.73 1.35
N LYS K 417 32.01 -3.12 0.21
CA LYS K 417 32.58 -4.46 0.13
C LYS K 417 33.73 -4.63 1.11
N ILE K 418 34.58 -3.62 1.26
CA ILE K 418 35.65 -3.69 2.25
C ILE K 418 35.06 -3.76 3.65
N ALA K 419 34.04 -2.94 3.92
CA ALA K 419 33.40 -2.96 5.23
C ALA K 419 32.76 -4.30 5.51
N ASP K 420 32.10 -4.89 4.51
CA ASP K 420 31.38 -6.14 4.73
C ASP K 420 32.32 -7.31 4.99
N TYR K 421 33.43 -7.39 4.25
CA TYR K 421 34.26 -8.59 4.30
C TYR K 421 35.59 -8.39 5.02
N ASN K 422 35.95 -7.18 5.43
CA ASN K 422 37.24 -6.96 6.05
C ASN K 422 37.12 -6.40 7.47
N TYR K 423 36.51 -5.23 7.63
CA TYR K 423 36.36 -4.61 8.95
C TYR K 423 35.00 -3.93 9.01
N LYS K 424 34.20 -4.27 10.03
CA LYS K 424 32.85 -3.77 10.15
C LYS K 424 32.76 -2.84 11.36
N LEU K 425 32.15 -1.68 11.16
CA LEU K 425 32.00 -0.67 12.21
C LEU K 425 30.54 -0.58 12.63
N PRO K 426 30.22 -0.80 13.91
CA PRO K 426 28.83 -0.66 14.34
C PRO K 426 28.35 0.78 14.26
N ASP K 427 27.07 0.95 13.91
CA ASP K 427 26.52 2.29 13.77
C ASP K 427 26.42 2.99 15.12
N ASP K 428 25.95 2.28 16.14
CA ASP K 428 25.77 2.87 17.46
C ASP K 428 27.11 3.21 18.11
N PHE K 429 28.19 2.61 17.64
CA PHE K 429 29.47 2.72 18.32
C PHE K 429 29.99 4.15 18.33
N THR K 430 30.65 4.52 19.43
CA THR K 430 31.27 5.82 19.60
C THR K 430 32.78 5.68 19.56
N GLY K 431 33.41 6.38 18.62
CA GLY K 431 34.85 6.30 18.46
C GLY K 431 35.33 7.28 17.41
N CYS K 432 36.64 7.31 17.22
CA CYS K 432 37.28 8.22 16.27
C CYS K 432 38.00 7.42 15.20
N VAL K 433 37.73 7.75 13.94
CA VAL K 433 38.39 7.13 12.79
C VAL K 433 39.38 8.13 12.24
N ILE K 434 40.65 7.73 12.15
CA ILE K 434 41.73 8.61 11.70
C ILE K 434 42.40 7.99 10.50
N ALA K 435 42.51 8.76 9.41
CA ALA K 435 43.13 8.31 8.18
C ALA K 435 44.16 9.31 7.70
N TRP K 436 45.38 8.85 7.42
CA TRP K 436 46.42 9.68 6.85
C TRP K 436 47.02 8.97 5.64
N ASN K 437 47.32 9.73 4.60
CA ASN K 437 47.84 9.16 3.36
C ASN K 437 49.18 8.48 3.60
N SER K 438 49.32 7.25 3.11
CA SER K 438 50.56 6.50 3.24
C SER K 438 51.22 6.23 1.90
N ASN K 439 50.85 6.99 0.86
CA ASN K 439 51.35 6.72 -0.48
C ASN K 439 52.86 6.93 -0.58
N ASN K 440 53.42 7.75 0.30
CA ASN K 440 54.85 8.04 0.23
C ASN K 440 55.71 6.87 0.71
N LEU K 441 55.27 6.15 1.75
CA LEU K 441 56.09 5.10 2.31
C LEU K 441 55.63 3.70 1.92
N ASP K 442 54.33 3.43 1.96
CA ASP K 442 53.85 2.09 1.65
C ASP K 442 54.10 1.74 0.19
N SER K 443 53.87 2.69 -0.71
CA SER K 443 54.00 2.43 -2.14
C SER K 443 55.46 2.28 -2.54
N LYS K 444 55.72 1.35 -3.45
CA LYS K 444 57.02 1.18 -4.06
C LYS K 444 56.84 1.12 -5.57
N VAL K 445 57.93 1.39 -6.30
CA VAL K 445 57.83 1.53 -7.76
C VAL K 445 57.26 0.27 -8.39
N GLY K 446 57.71 -0.90 -7.91
CA GLY K 446 57.10 -2.14 -8.37
C GLY K 446 55.66 -2.27 -7.93
N GLY K 447 55.35 -1.78 -6.73
CA GLY K 447 54.03 -1.90 -6.16
C GLY K 447 54.03 -2.85 -4.99
N ASN K 448 53.39 -2.45 -3.88
CA ASN K 448 53.34 -3.28 -2.68
C ASN K 448 52.03 -4.06 -2.69
N TYR K 449 52.12 -5.34 -3.01
CA TYR K 449 50.96 -6.22 -3.04
C TYR K 449 50.84 -7.04 -1.77
N ASN K 450 51.69 -6.77 -0.77
CA ASN K 450 51.61 -7.49 0.50
C ASN K 450 50.29 -7.21 1.20
N TYR K 451 49.72 -6.03 1.01
CA TYR K 451 48.42 -5.73 1.60
C TYR K 451 47.33 -6.47 0.84
N LEU K 452 46.49 -7.19 1.57
CA LEU K 452 45.45 -8.02 0.96
C LEU K 452 44.11 -7.61 1.55
N TYR K 453 43.05 -7.86 0.78
CA TYR K 453 41.70 -7.60 1.26
C TYR K 453 40.78 -8.70 0.75
N ARG K 454 39.71 -8.93 1.49
CA ARG K 454 38.73 -9.97 1.14
C ARG K 454 37.77 -9.44 0.09
N LEU K 455 37.97 -9.83 -1.17
CA LEU K 455 37.06 -9.39 -2.24
C LEU K 455 35.65 -9.89 -1.99
N PHE K 456 35.50 -11.18 -1.73
CA PHE K 456 34.20 -11.82 -1.58
C PHE K 456 34.25 -12.88 -0.49
N ARG K 457 33.22 -12.87 0.34
CA ARG K 457 33.08 -13.77 1.47
C ARG K 457 31.65 -14.28 1.50
N LYS K 458 31.46 -15.46 2.11
CA LYS K 458 30.14 -16.08 2.12
C LYS K 458 29.12 -15.20 2.85
N SER K 459 29.52 -14.59 3.95
CA SER K 459 28.64 -13.73 4.73
C SER K 459 29.38 -12.46 5.11
N ASN K 460 28.61 -11.39 5.34
CA ASN K 460 29.19 -10.15 5.81
C ASN K 460 29.76 -10.33 7.20
N LEU K 461 30.92 -9.73 7.45
CA LEU K 461 31.54 -9.82 8.76
C LEU K 461 30.70 -9.10 9.81
N LYS K 462 30.60 -9.71 11.00
CA LYS K 462 29.89 -9.08 12.08
C LYS K 462 30.71 -7.89 12.61
N PRO K 463 30.05 -6.94 13.29
CA PRO K 463 30.79 -5.76 13.76
C PRO K 463 31.95 -6.15 14.65
N PHE K 464 33.09 -5.48 14.44
CA PHE K 464 34.31 -5.70 15.20
C PHE K 464 34.76 -7.16 15.15
N GLU K 465 34.59 -7.80 13.99
CA GLU K 465 35.00 -9.18 13.79
C GLU K 465 36.05 -9.24 12.69
N ARG K 466 37.08 -10.06 12.92
CA ARG K 466 38.18 -10.21 11.99
C ARG K 466 38.23 -11.66 11.50
N ASP K 467 38.33 -11.85 10.19
CA ASP K 467 38.35 -13.17 9.58
C ASP K 467 39.72 -13.41 8.94
N ILE K 468 40.36 -14.51 9.33
CA ILE K 468 41.65 -14.90 8.78
C ILE K 468 41.53 -16.14 7.90
N SER K 469 40.31 -16.58 7.61
CA SER K 469 40.12 -17.79 6.81
C SER K 469 40.72 -17.59 5.42
N THR K 470 41.47 -18.58 4.97
CA THR K 470 42.02 -18.60 3.61
C THR K 470 41.55 -19.88 2.93
N GLU K 471 40.32 -19.87 2.47
CA GLU K 471 39.71 -21.01 1.79
C GLU K 471 39.10 -20.50 0.49
N ILE K 472 39.23 -21.28 -0.58
CA ILE K 472 38.75 -20.83 -1.88
C ILE K 472 37.24 -20.61 -1.79
N TYR K 473 36.81 -19.40 -2.15
CA TYR K 473 35.39 -19.08 -2.07
C TYR K 473 34.61 -19.88 -3.10
N GLN K 474 33.45 -20.36 -2.70
CA GLN K 474 32.64 -21.25 -3.53
C GLN K 474 31.45 -20.48 -4.08
N ALA K 475 31.43 -20.27 -5.39
CA ALA K 475 30.32 -19.65 -6.09
C ALA K 475 29.65 -20.71 -6.96
N GLY K 476 28.32 -20.73 -6.94
CA GLY K 476 27.60 -21.70 -7.73
C GLY K 476 27.45 -23.02 -7.00
N SER K 477 26.71 -23.93 -7.65
CA SER K 477 26.41 -25.22 -7.02
C SER K 477 27.66 -26.08 -6.87
N THR K 478 28.55 -26.05 -7.85
CA THR K 478 29.69 -26.97 -7.85
C THR K 478 30.61 -26.70 -6.66
N PRO K 479 31.03 -27.73 -5.94
CA PRO K 479 31.93 -27.52 -4.79
C PRO K 479 33.35 -27.18 -5.24
N CYS K 480 33.98 -26.27 -4.49
CA CYS K 480 35.36 -25.91 -4.80
C CYS K 480 36.31 -27.07 -4.57
N ASN K 481 36.11 -27.84 -3.50
CA ASN K 481 36.98 -28.92 -3.08
C ASN K 481 38.37 -28.41 -2.71
N GLY K 482 38.48 -27.13 -2.38
CA GLY K 482 39.75 -26.55 -2.01
C GLY K 482 40.73 -26.41 -3.15
N VAL K 483 40.26 -26.49 -4.39
CA VAL K 483 41.10 -26.45 -5.58
C VAL K 483 40.60 -25.36 -6.50
N GLU K 484 41.52 -24.68 -7.18
CA GLU K 484 41.14 -23.65 -8.14
C GLU K 484 40.30 -24.24 -9.27
N GLY K 485 39.22 -23.53 -9.61
CA GLY K 485 38.34 -23.97 -10.67
C GLY K 485 37.42 -22.83 -11.06
N PHE K 486 36.62 -23.08 -12.09
CA PHE K 486 35.63 -22.09 -12.50
C PHE K 486 34.67 -21.85 -11.35
N ASN K 487 34.37 -20.57 -11.10
CA ASN K 487 33.51 -20.11 -10.01
C ASN K 487 34.16 -20.30 -8.64
N CYS K 488 35.45 -20.64 -8.61
CA CYS K 488 36.18 -20.84 -7.37
C CYS K 488 37.41 -19.96 -7.40
N TYR K 489 37.51 -19.03 -6.44
CA TYR K 489 38.60 -18.07 -6.43
C TYR K 489 39.03 -17.79 -4.99
N PHE K 490 40.30 -17.46 -4.82
CA PHE K 490 40.82 -17.14 -3.50
C PHE K 490 40.21 -15.82 -3.02
N PRO K 491 39.71 -15.75 -1.78
CA PRO K 491 39.04 -14.53 -1.33
C PRO K 491 39.95 -13.31 -1.27
N LEU K 492 41.20 -13.49 -0.86
CA LEU K 492 42.11 -12.36 -0.68
C LEU K 492 42.58 -11.81 -2.03
N GLN K 493 42.63 -10.48 -2.13
CA GLN K 493 43.11 -9.80 -3.32
C GLN K 493 44.10 -8.72 -2.93
N SER K 494 45.20 -8.65 -3.67
CA SER K 494 46.27 -7.71 -3.36
C SER K 494 45.89 -6.29 -3.77
N TYR K 495 46.56 -5.33 -3.15
CA TYR K 495 46.45 -3.92 -3.51
C TYR K 495 47.65 -3.54 -4.36
N GLY K 496 47.40 -2.83 -5.46
CA GLY K 496 48.51 -2.40 -6.30
C GLY K 496 49.42 -1.41 -5.60
N PHE K 497 48.85 -0.34 -5.04
CA PHE K 497 49.58 0.64 -4.25
C PHE K 497 50.83 1.15 -4.97
N GLN K 498 50.67 1.50 -6.24
CA GLN K 498 51.77 2.07 -6.99
C GLN K 498 52.07 3.49 -6.52
N PRO K 499 53.31 3.96 -6.67
CA PRO K 499 53.64 5.31 -6.21
C PRO K 499 52.87 6.40 -6.93
N THR K 500 52.66 6.25 -8.24
CA THR K 500 51.95 7.24 -9.03
C THR K 500 50.47 6.94 -9.12
N ASN K 501 49.98 5.97 -8.35
CA ASN K 501 48.58 5.59 -8.38
C ASN K 501 47.71 6.76 -7.95
N GLY K 502 46.46 6.75 -8.42
CA GLY K 502 45.55 7.84 -8.10
C GLY K 502 45.28 7.93 -6.61
N VAL K 503 44.94 9.14 -6.17
CA VAL K 503 44.75 9.39 -4.74
C VAL K 503 43.62 8.52 -4.19
N GLY K 504 42.58 8.30 -4.99
CA GLY K 504 41.52 7.40 -4.56
C GLY K 504 42.03 5.99 -4.33
N TYR K 505 42.96 5.55 -5.17
CA TYR K 505 43.60 4.25 -5.02
C TYR K 505 44.85 4.29 -4.18
N GLN K 506 45.28 5.47 -3.74
CA GLN K 506 46.51 5.58 -2.98
C GLN K 506 46.34 4.91 -1.62
N PRO K 507 47.38 4.26 -1.11
CA PRO K 507 47.27 3.62 0.21
C PRO K 507 47.10 4.66 1.31
N TYR K 508 46.17 4.39 2.21
CA TYR K 508 45.89 5.27 3.34
C TYR K 508 45.94 4.44 4.61
N ARG K 509 46.69 4.91 5.61
CA ARG K 509 46.78 4.23 6.89
C ARG K 509 45.67 4.76 7.78
N VAL K 510 44.83 3.86 8.27
CA VAL K 510 43.68 4.23 9.09
C VAL K 510 43.78 3.55 10.44
N VAL K 511 43.63 4.33 11.51
CA VAL K 511 43.53 3.82 12.87
C VAL K 511 42.18 4.24 13.43
N VAL K 512 41.44 3.27 13.96
CA VAL K 512 40.15 3.51 14.58
C VAL K 512 40.31 3.34 16.08
N LEU K 513 39.97 4.38 16.84
CA LEU K 513 40.03 4.34 18.29
C LEU K 513 38.64 4.07 18.83
N SER K 514 38.54 3.04 19.67
CA SER K 514 37.27 2.60 20.22
C SER K 514 37.31 2.74 21.73
N PHE K 515 36.33 3.44 22.29
CA PHE K 515 36.27 3.70 23.72
C PHE K 515 35.27 2.74 24.35
N GLU K 516 35.73 1.94 25.30
CA GLU K 516 34.91 0.96 25.98
C GLU K 516 34.72 1.38 27.43
N LEU K 517 33.46 1.64 27.80
CA LEU K 517 33.12 2.00 29.17
C LEU K 517 32.47 0.85 29.92
N LEU K 518 32.53 -0.37 29.37
CA LEU K 518 31.87 -1.50 29.99
C LEU K 518 32.41 -1.77 31.38
N HIS K 519 33.71 -1.59 31.58
CA HIS K 519 34.35 -1.93 32.84
C HIS K 519 34.17 -0.79 33.83
N ALA K 520 33.93 -1.15 35.09
CA ALA K 520 33.56 -0.15 36.09
C ALA K 520 34.64 0.90 36.31
N PRO K 521 35.91 0.56 36.53
CA PRO K 521 36.92 1.61 36.75
C PRO K 521 37.55 2.10 35.46
N ALA K 522 37.67 3.42 35.36
CA ALA K 522 38.30 4.04 34.20
C ALA K 522 39.81 4.06 34.41
N THR K 523 40.54 3.34 33.56
CA THR K 523 41.99 3.22 33.70
C THR K 523 42.75 4.15 32.76
N VAL K 524 42.35 4.23 31.49
CA VAL K 524 43.01 5.15 30.58
C VAL K 524 42.77 6.59 31.02
N CYS K 525 41.51 6.93 31.29
CA CYS K 525 41.08 8.23 31.78
C CYS K 525 41.62 9.30 30.84
N GLY K 526 42.20 10.40 31.34
CA GLY K 526 42.65 11.47 30.50
C GLY K 526 43.70 12.34 31.15
N PRO K 527 44.37 13.16 30.35
CA PRO K 527 45.36 14.09 30.92
C PRO K 527 44.68 15.18 31.73
N LYS K 528 45.27 15.52 32.86
CA LYS K 528 44.75 16.55 33.75
C LYS K 528 45.73 17.72 33.76
N LYS K 529 45.30 18.87 33.24
CA LYS K 529 46.15 20.04 33.17
C LYS K 529 46.08 20.79 34.50
N SER K 530 47.24 21.04 35.10
CA SER K 530 47.32 21.64 36.42
C SER K 530 47.63 23.14 36.32
N THR K 531 46.86 23.94 37.05
CA THR K 531 47.13 25.37 37.15
C THR K 531 48.31 25.62 38.08
N ASN K 532 48.86 26.83 37.99
CA ASN K 532 50.00 27.19 38.81
C ASN K 532 49.62 27.25 40.28
N LEU K 533 50.58 26.95 41.15
CA LEU K 533 50.36 27.00 42.58
C LEU K 533 50.54 28.43 43.11
N VAL K 534 49.61 28.84 43.97
CA VAL K 534 49.68 30.12 44.65
C VAL K 534 49.42 29.90 46.13
N LYS K 535 50.21 30.55 46.98
CA LYS K 535 50.09 30.42 48.42
C LYS K 535 50.01 31.79 49.06
N ASN K 536 49.77 31.80 50.37
CA ASN K 536 49.67 33.02 51.18
C ASN K 536 48.52 33.91 50.74
N LYS K 537 47.51 33.32 50.10
CA LYS K 537 46.32 34.05 49.67
C LYS K 537 45.14 33.09 49.68
N CYS K 538 44.00 33.56 50.18
CA CYS K 538 42.81 32.73 50.27
C CYS K 538 42.31 32.43 48.86
N VAL K 539 42.38 31.17 48.46
CA VAL K 539 42.00 30.74 47.12
C VAL K 539 41.12 29.51 47.22
N ASN K 540 40.44 29.22 46.12
CA ASN K 540 39.62 28.01 46.00
C ASN K 540 40.50 26.92 45.38
N PHE K 541 40.71 25.84 46.12
CA PHE K 541 41.62 24.79 45.69
C PHE K 541 40.88 23.48 45.44
N ASN K 542 41.38 22.71 44.48
CA ASN K 542 40.86 21.39 44.15
C ASN K 542 42.07 20.47 44.05
N PHE K 543 42.35 19.75 45.13
CA PHE K 543 43.51 18.85 45.19
C PHE K 543 43.01 17.41 45.10
N ASN K 544 43.34 16.75 43.98
CA ASN K 544 42.99 15.34 43.77
C ASN K 544 41.49 15.11 43.92
N GLY K 545 40.69 16.09 43.50
CA GLY K 545 39.26 16.02 43.63
C GLY K 545 38.73 16.51 44.95
N LEU K 546 39.60 16.85 45.90
CA LEU K 546 39.20 17.42 47.18
C LEU K 546 39.09 18.94 47.01
N THR K 547 37.89 19.46 47.12
CA THR K 547 37.63 20.88 46.93
C THR K 547 37.55 21.59 48.27
N GLY K 548 37.99 22.84 48.29
CA GLY K 548 37.90 23.65 49.49
C GLY K 548 38.32 25.07 49.18
N THR K 549 38.18 25.93 50.19
CA THR K 549 38.60 27.32 50.10
C THR K 549 39.41 27.68 51.33
N GLY K 550 40.50 28.39 51.12
CA GLY K 550 41.34 28.81 52.21
C GLY K 550 42.68 29.31 51.69
N VAL K 551 43.55 29.67 52.64
CA VAL K 551 44.88 30.16 52.32
C VAL K 551 45.88 29.03 52.56
N LEU K 552 46.75 28.80 51.58
CA LEU K 552 47.77 27.78 51.69
C LEU K 552 49.06 28.38 52.24
N THR K 553 49.76 27.60 53.05
CA THR K 553 51.03 28.05 53.61
C THR K 553 51.93 26.85 53.83
N GLU K 554 53.23 27.14 53.94
CA GLU K 554 54.21 26.08 54.16
C GLU K 554 53.99 25.45 55.54
N SER K 555 54.17 24.14 55.62
CA SER K 555 53.96 23.39 56.84
C SER K 555 55.21 22.59 57.19
N ASN K 556 55.49 22.47 58.48
CA ASN K 556 56.62 21.70 58.96
C ASN K 556 56.25 20.29 59.38
N LYS K 557 54.96 19.95 59.41
CA LYS K 557 54.54 18.62 59.78
C LYS K 557 54.97 17.63 58.71
N LYS K 558 55.32 16.42 59.14
CA LYS K 558 55.83 15.40 58.24
C LYS K 558 54.77 14.32 58.05
N PHE K 559 54.39 14.09 56.80
CA PHE K 559 53.43 13.06 56.44
C PHE K 559 54.17 11.73 56.24
N LEU K 560 53.44 10.73 55.77
CA LEU K 560 54.04 9.47 55.35
C LEU K 560 54.01 9.39 53.83
N PRO K 561 54.89 8.58 53.22
CA PRO K 561 54.99 8.60 51.74
C PRO K 561 53.68 8.30 51.04
N PHE K 562 52.87 7.40 51.56
CA PHE K 562 51.61 7.02 50.94
C PHE K 562 50.45 7.93 51.32
N GLN K 563 50.70 8.89 52.22
CA GLN K 563 49.64 9.63 52.88
C GLN K 563 49.49 11.00 52.22
N GLN K 564 48.28 11.33 51.78
CA GLN K 564 48.09 12.52 50.96
C GLN K 564 47.72 13.75 51.79
N PHE K 565 46.61 13.69 52.52
CA PHE K 565 46.16 14.86 53.27
C PHE K 565 45.88 14.46 54.71
N GLY K 566 45.56 15.46 55.53
CA GLY K 566 45.40 15.25 56.95
C GLY K 566 44.15 15.92 57.48
N ARG K 567 43.67 15.38 58.59
CA ARG K 567 42.48 15.90 59.26
C ARG K 567 42.78 16.08 60.75
N ASP K 568 42.26 17.16 61.31
CA ASP K 568 42.37 17.41 62.75
C ASP K 568 41.21 16.72 63.46
N ILE K 569 41.01 17.07 64.74
CA ILE K 569 39.86 16.55 65.44
C ILE K 569 38.61 17.09 64.76
N ALA K 570 37.53 16.29 64.79
CA ALA K 570 36.24 16.59 64.20
C ALA K 570 36.26 16.45 62.68
N ASP K 571 37.30 15.83 62.13
CA ASP K 571 37.39 15.52 60.69
C ASP K 571 37.30 16.79 59.83
N THR K 572 38.22 17.71 60.09
CA THR K 572 38.37 18.91 59.27
C THR K 572 39.76 18.92 58.66
N THR K 573 39.83 19.23 57.36
CA THR K 573 41.10 19.19 56.65
C THR K 573 42.04 20.26 57.18
N ASP K 574 43.30 19.87 57.39
CA ASP K 574 44.31 20.79 57.93
C ASP K 574 45.53 20.93 57.03
N ALA K 575 45.92 19.88 56.32
CA ALA K 575 47.07 19.93 55.44
C ALA K 575 46.83 18.98 54.28
N VAL K 576 47.41 19.29 53.13
CA VAL K 576 47.33 18.45 51.96
C VAL K 576 48.72 18.41 51.31
N ARG K 577 49.00 17.30 50.63
CA ARG K 577 50.22 17.13 49.88
C ARG K 577 49.94 17.49 48.42
N ASP K 578 50.83 18.28 47.82
CA ASP K 578 50.65 18.68 46.44
C ASP K 578 50.68 17.45 45.52
N PRO K 579 49.68 17.26 44.67
CA PRO K 579 49.71 16.10 43.76
C PRO K 579 50.92 16.07 42.85
N GLN K 580 51.41 17.23 42.41
CA GLN K 580 52.54 17.27 41.47
C GLN K 580 53.86 17.02 42.17
N THR K 581 54.21 17.89 43.12
CA THR K 581 55.54 17.91 43.71
C THR K 581 55.62 17.16 45.04
N LEU K 582 54.52 16.57 45.49
CA LEU K 582 54.53 15.70 46.68
C LEU K 582 55.00 16.47 47.91
N GLU K 583 54.57 17.73 48.02
CA GLU K 583 55.00 18.64 49.08
C GLU K 583 53.82 18.98 49.98
N ILE K 584 54.09 19.15 51.27
CA ILE K 584 53.05 19.31 52.28
C ILE K 584 52.74 20.79 52.47
N LEU K 585 51.46 21.14 52.36
CA LEU K 585 50.98 22.51 52.49
C LEU K 585 49.96 22.57 53.62
N ASP K 586 50.12 23.55 54.52
CA ASP K 586 49.15 23.74 55.59
C ASP K 586 47.97 24.55 55.06
N ILE K 587 46.77 24.18 55.49
CA ILE K 587 45.55 24.86 55.05
C ILE K 587 44.87 25.47 56.27
N THR K 588 44.63 26.78 56.21
CA THR K 588 43.87 27.50 57.21
C THR K 588 42.81 28.34 56.50
N PRO K 589 41.58 28.36 56.99
CA PRO K 589 40.56 29.20 56.37
C PRO K 589 40.93 30.68 56.48
N CYS K 590 40.64 31.42 55.41
CA CYS K 590 40.99 32.83 55.42
C CYS K 590 40.11 33.58 56.42
N SER K 591 40.59 34.76 56.83
CA SER K 591 39.97 35.48 57.93
C SER K 591 38.48 35.73 57.71
N PHE K 592 37.69 35.40 58.73
CA PHE K 592 36.28 35.70 58.77
C PHE K 592 35.89 36.01 60.21
N GLY K 593 34.77 36.70 60.37
CA GLY K 593 34.33 37.08 61.70
C GLY K 593 33.17 38.04 61.63
N GLY K 594 32.89 38.63 62.78
CA GLY K 594 31.81 39.59 62.93
C GLY K 594 32.32 41.01 62.93
N VAL K 595 31.48 41.94 62.48
CA VAL K 595 31.78 43.36 62.53
C VAL K 595 30.81 44.02 63.50
N SER K 596 31.35 44.75 64.46
CA SER K 596 30.56 45.43 65.46
C SER K 596 30.78 46.93 65.35
N VAL K 597 29.72 47.69 65.55
CA VAL K 597 29.77 49.15 65.49
C VAL K 597 29.67 49.68 66.91
N ILE K 598 30.66 50.48 67.30
CA ILE K 598 30.67 51.11 68.61
C ILE K 598 30.23 52.55 68.43
N THR K 599 29.15 52.94 69.12
CA THR K 599 28.65 54.28 68.96
C THR K 599 28.37 54.90 70.33
N PRO K 600 28.59 56.21 70.48
CA PRO K 600 28.21 56.90 71.71
C PRO K 600 26.76 57.37 71.72
N GLY K 601 25.97 56.99 70.72
CA GLY K 601 24.59 57.39 70.64
C GLY K 601 24.38 58.51 69.65
N THR K 602 23.37 58.39 68.79
CA THR K 602 23.08 59.46 67.86
C THR K 602 22.68 60.74 68.58
N ASN K 603 22.10 60.61 69.78
CA ASN K 603 21.75 61.78 70.57
C ASN K 603 22.98 62.59 70.93
N THR K 604 24.14 61.95 71.06
CA THR K 604 25.37 62.62 71.45
C THR K 604 26.25 63.01 70.27
N SER K 605 26.53 62.08 69.37
CA SER K 605 27.43 62.34 68.26
C SER K 605 27.04 61.45 67.08
N ASN K 606 27.69 61.70 65.94
CA ASN K 606 27.44 60.93 64.74
C ASN K 606 28.58 59.98 64.41
N GLN K 607 29.73 60.13 65.04
CA GLN K 607 30.89 59.29 64.74
C GLN K 607 30.70 57.89 65.29
N VAL K 608 31.25 56.90 64.59
CA VAL K 608 31.21 55.52 65.02
C VAL K 608 32.59 54.88 64.84
N ALA K 609 32.79 53.77 65.54
CA ALA K 609 33.99 52.95 65.40
C ALA K 609 33.58 51.55 64.98
N VAL K 610 34.48 50.87 64.27
CA VAL K 610 34.20 49.54 63.75
C VAL K 610 35.20 48.56 64.35
N LEU K 611 34.68 47.48 64.93
CA LEU K 611 35.51 46.40 65.47
C LEU K 611 35.33 45.16 64.61
N TYR K 612 36.45 44.66 64.08
CA TYR K 612 36.48 43.39 63.36
C TYR K 612 36.97 42.35 64.36
N GLN K 613 36.11 41.42 64.74
CA GLN K 613 36.45 40.51 65.84
C GLN K 613 37.38 39.40 65.37
N ASP K 614 38.46 39.19 66.13
CA ASP K 614 39.42 38.09 65.98
C ASP K 614 39.94 37.98 64.56
N VAL K 615 40.14 39.13 63.92
CA VAL K 615 40.66 39.23 62.56
C VAL K 615 41.85 40.18 62.60
N ASN K 616 42.97 39.74 62.05
CA ASN K 616 44.14 40.60 61.90
C ASN K 616 43.93 41.47 60.67
N CYS K 617 43.54 42.73 60.89
CA CYS K 617 43.10 43.61 59.81
C CYS K 617 44.25 44.37 59.17
N THR K 618 45.45 43.80 59.16
CA THR K 618 46.54 44.40 58.41
C THR K 618 46.28 44.35 56.91
N GLU K 619 45.32 43.53 56.48
CA GLU K 619 45.02 43.32 55.07
C GLU K 619 43.60 43.75 54.69
N VAL K 620 42.92 44.49 55.56
CA VAL K 620 41.53 44.86 55.30
C VAL K 620 41.47 46.04 54.34
N ASN K 641 44.37 55.64 62.32
CA ASN K 641 43.99 55.25 63.67
C ASN K 641 43.45 53.82 63.71
N VAL K 642 44.34 52.85 63.53
CA VAL K 642 44.00 51.43 63.61
C VAL K 642 44.68 50.86 64.84
N PHE K 643 43.90 50.21 65.70
CA PHE K 643 44.39 49.64 66.95
C PHE K 643 44.08 48.14 66.94
N GLN K 644 45.06 47.33 67.32
CA GLN K 644 44.93 45.89 67.36
C GLN K 644 44.75 45.43 68.80
N THR K 645 43.68 44.66 69.05
CA THR K 645 43.38 44.15 70.37
C THR K 645 43.21 42.63 70.30
N ARG K 646 43.13 42.01 71.49
CA ARG K 646 42.90 40.57 71.53
C ARG K 646 41.53 40.19 70.98
N ALA K 647 40.59 41.12 71.00
CA ALA K 647 39.24 40.90 70.50
C ALA K 647 39.12 41.18 69.01
N GLY K 648 40.21 41.58 68.35
CA GLY K 648 40.18 41.98 66.96
C GLY K 648 40.94 43.27 66.75
N CYS K 649 40.45 44.15 65.87
CA CYS K 649 41.08 45.44 65.72
C CYS K 649 40.01 46.53 65.63
N LEU K 650 40.39 47.73 66.02
CA LEU K 650 39.50 48.88 66.05
C LEU K 650 39.89 49.86 64.96
N ILE K 651 38.89 50.32 64.19
CA ILE K 651 39.08 51.36 63.19
C ILE K 651 38.15 52.51 63.53
N GLY K 652 38.70 53.72 63.60
CA GLY K 652 37.94 54.90 63.96
C GLY K 652 38.10 55.34 65.39
N ALA K 653 38.76 54.54 66.23
CA ALA K 653 39.04 54.89 67.61
C ALA K 653 40.54 54.89 67.84
N GLU K 654 41.03 55.87 68.58
CA GLU K 654 42.45 56.00 68.85
C GLU K 654 42.76 55.53 70.26
N HIS K 655 43.84 54.77 70.40
CA HIS K 655 44.22 54.21 71.69
C HIS K 655 44.87 55.27 72.56
N VAL K 656 44.53 55.27 73.84
CA VAL K 656 45.11 56.20 74.81
C VAL K 656 45.69 55.39 75.96
N ASN K 657 46.71 55.96 76.60
CA ASN K 657 47.37 55.26 77.69
C ASN K 657 46.62 55.39 79.01
N ASN K 658 45.79 56.40 79.16
CA ASN K 658 45.10 56.59 80.43
C ASN K 658 44.05 55.50 80.60
N SER K 659 43.67 55.27 81.86
CA SER K 659 42.67 54.27 82.19
C SER K 659 41.55 54.91 83.00
N TYR K 660 40.31 54.59 82.62
CA TYR K 660 39.15 55.03 83.40
C TYR K 660 38.23 53.83 83.51
N GLU K 661 37.30 53.87 84.46
CA GLU K 661 36.29 52.82 84.49
C GLU K 661 35.30 53.14 83.37
N CYS K 662 35.47 52.41 82.27
CA CYS K 662 34.90 52.63 80.94
C CYS K 662 33.41 52.29 80.84
N ASP K 663 32.81 52.81 79.77
CA ASP K 663 31.38 52.77 79.48
C ASP K 663 30.98 51.71 78.46
N ILE K 664 31.62 51.67 77.29
CA ILE K 664 31.24 50.74 76.24
C ILE K 664 32.24 49.58 76.25
N PRO K 665 31.85 48.38 76.70
CA PRO K 665 32.79 47.27 76.76
C PRO K 665 33.04 46.68 75.37
N ILE K 666 34.30 46.41 75.07
CA ILE K 666 34.71 45.84 73.79
C ILE K 666 35.17 44.40 73.95
N GLY K 667 36.06 44.14 74.88
CA GLY K 667 36.51 42.79 75.17
C GLY K 667 37.99 42.76 75.53
N ALA K 668 38.39 41.68 76.20
CA ALA K 668 39.77 41.45 76.59
C ALA K 668 40.35 42.61 77.40
N GLY K 669 39.51 43.27 78.18
CA GLY K 669 39.95 44.37 79.01
C GLY K 669 40.07 45.69 78.28
N ILE K 670 39.87 45.69 76.97
CA ILE K 670 39.91 46.91 76.17
C ILE K 670 38.48 47.36 75.95
N CYS K 671 38.24 48.66 76.10
CA CYS K 671 36.92 49.21 75.89
C CYS K 671 37.03 50.68 75.54
N ALA K 672 35.98 51.22 74.93
CA ALA K 672 36.01 52.54 74.34
C ALA K 672 35.02 53.48 75.05
N SER K 673 35.24 54.77 74.83
CA SER K 673 34.40 55.83 75.40
C SER K 673 34.52 57.06 74.53
N TYR K 674 33.80 58.11 74.91
CA TYR K 674 33.80 59.36 74.15
C TYR K 674 34.43 60.49 74.96
N SER K 691 35.87 62.74 70.39
CA SER K 691 36.42 61.63 69.64
C SER K 691 36.31 60.33 70.41
N ILE K 692 36.33 59.21 69.69
CA ILE K 692 36.20 57.89 70.29
C ILE K 692 37.59 57.39 70.68
N ILE K 693 37.78 57.10 71.97
CA ILE K 693 39.05 56.68 72.51
C ILE K 693 38.92 55.27 73.07
N ALA K 694 39.93 54.45 72.83
CA ALA K 694 39.97 53.07 73.32
C ALA K 694 41.09 52.92 74.34
N TYR K 695 40.81 52.22 75.43
CA TYR K 695 41.78 52.10 76.51
C TYR K 695 41.47 50.86 77.34
N THR K 696 42.40 50.53 78.23
CA THR K 696 42.20 49.46 79.20
C THR K 696 41.42 50.01 80.39
N MET K 697 40.34 49.33 80.75
CA MET K 697 39.47 49.82 81.80
C MET K 697 40.18 49.86 83.15
N SER K 698 39.82 50.84 83.96
CA SER K 698 40.34 50.98 85.32
C SER K 698 39.34 50.36 86.28
N LEU K 699 39.84 49.50 87.18
CA LEU K 699 38.93 48.79 88.09
C LEU K 699 38.30 49.74 89.10
N GLY K 700 39.01 50.79 89.49
CA GLY K 700 38.45 51.78 90.39
C GLY K 700 39.56 52.56 91.06
N ALA K 701 39.17 53.28 92.10
CA ALA K 701 40.16 54.02 92.88
C ALA K 701 41.16 53.04 93.49
N GLU K 702 42.44 53.39 93.44
CA GLU K 702 43.51 52.51 93.86
C GLU K 702 44.14 53.10 95.12
N ASN K 703 43.74 52.58 96.28
CA ASN K 703 44.17 53.11 97.56
C ASN K 703 44.65 51.98 98.47
N SER K 704 45.51 52.34 99.42
CA SER K 704 46.04 51.40 100.40
C SER K 704 45.59 51.83 101.79
N VAL K 705 44.98 50.89 102.54
CA VAL K 705 44.54 51.19 103.89
C VAL K 705 45.75 51.32 104.82
N ALA K 706 45.67 52.24 105.78
CA ALA K 706 46.76 52.50 106.71
C ALA K 706 46.76 51.47 107.84
N TYR K 707 47.13 50.23 107.49
CA TYR K 707 47.11 49.14 108.44
C TYR K 707 48.29 49.23 109.41
N SER K 708 48.03 49.01 110.70
CA SER K 708 49.07 49.02 111.73
C SER K 708 48.69 48.11 112.90
N ASN K 709 49.69 47.75 113.74
CA ASN K 709 49.42 46.82 114.85
C ASN K 709 48.66 47.44 115.99
N ASN K 710 48.57 48.75 116.06
CA ASN K 710 47.83 49.37 117.13
C ASN K 710 47.01 50.55 116.61
N SER K 711 46.46 50.42 115.41
CA SER K 711 45.69 51.51 114.84
C SER K 711 44.34 50.97 114.39
N ILE K 712 43.29 51.72 114.71
CA ILE K 712 41.93 51.41 114.31
C ILE K 712 41.31 52.69 113.76
N ALA K 713 40.27 52.51 112.95
CA ALA K 713 39.47 53.62 112.45
C ALA K 713 38.04 53.39 112.90
N ILE K 714 37.48 54.35 113.63
CA ILE K 714 36.13 54.25 114.16
C ILE K 714 35.31 55.40 113.59
N PRO K 715 34.12 55.15 113.06
CA PRO K 715 33.28 56.24 112.58
C PRO K 715 32.72 57.07 113.72
N THR K 716 32.59 58.37 113.47
CA THR K 716 32.01 59.29 114.43
C THR K 716 30.68 59.84 113.95
N ASN K 717 30.20 59.38 112.80
CA ASN K 717 28.96 59.87 112.23
C ASN K 717 28.41 58.79 111.31
N PHE K 718 27.20 59.01 110.81
CA PHE K 718 26.55 57.99 110.00
C PHE K 718 25.70 58.65 108.92
N THR K 719 25.37 57.84 107.91
CA THR K 719 24.47 58.26 106.84
C THR K 719 23.39 57.20 106.66
N ILE K 720 22.14 57.64 106.58
CA ILE K 720 21.02 56.76 106.32
C ILE K 720 20.77 56.75 104.82
N SER K 721 21.13 55.65 104.16
CA SER K 721 21.03 55.54 102.71
C SER K 721 19.80 54.72 102.34
N VAL K 722 19.13 55.14 101.28
CA VAL K 722 18.00 54.39 100.72
C VAL K 722 18.38 53.97 99.31
N THR K 723 18.32 52.67 99.05
CA THR K 723 18.71 52.11 97.78
C THR K 723 17.51 51.44 97.12
N THR K 724 17.47 51.52 95.79
CA THR K 724 16.38 50.96 95.01
C THR K 724 16.84 49.67 94.34
N GLU K 725 16.04 48.62 94.48
CA GLU K 725 16.30 47.33 93.84
C GLU K 725 15.07 46.91 93.04
N ILE K 726 15.28 46.58 91.78
CA ILE K 726 14.20 46.17 90.87
C ILE K 726 14.30 44.67 90.68
N LEU K 727 13.18 43.97 90.84
CA LEU K 727 13.14 42.53 90.63
C LEU K 727 11.91 42.15 89.81
N PRO K 728 12.08 41.48 88.67
CA PRO K 728 10.92 40.95 87.95
C PRO K 728 10.23 39.89 88.78
N VAL K 729 8.91 39.84 88.70
CA VAL K 729 8.11 38.87 89.45
C VAL K 729 7.34 37.95 88.51
N SER K 730 6.68 38.52 87.50
CA SER K 730 5.89 37.73 86.57
C SER K 730 5.99 38.36 85.19
N MET K 731 5.65 37.57 84.18
CA MET K 731 5.60 38.04 82.81
C MET K 731 4.19 37.82 82.27
N THR K 732 3.93 38.39 81.10
CA THR K 732 2.59 38.32 80.52
C THR K 732 2.21 36.87 80.24
N LYS K 733 0.96 36.53 80.54
CA LYS K 733 0.45 35.18 80.33
C LYS K 733 -0.09 35.10 78.91
N THR K 734 0.57 34.30 78.07
CA THR K 734 0.18 34.17 76.67
C THR K 734 -0.17 32.72 76.39
N SER K 735 -1.32 32.51 75.76
CA SER K 735 -1.75 31.20 75.31
C SER K 735 -2.01 31.27 73.81
N VAL K 736 -1.50 30.30 73.07
CA VAL K 736 -1.58 30.28 71.63
C VAL K 736 -2.39 29.06 71.21
N ASP K 737 -3.42 29.28 70.40
CA ASP K 737 -4.19 28.16 69.87
C ASP K 737 -3.34 27.52 68.78
N CYS K 738 -2.88 26.30 69.05
CA CYS K 738 -1.97 25.63 68.12
C CYS K 738 -2.66 25.32 66.79
N THR K 739 -3.87 24.79 66.84
CA THR K 739 -4.53 24.39 65.60
C THR K 739 -4.86 25.57 64.70
N MET K 740 -5.46 26.62 65.25
CA MET K 740 -5.87 27.72 64.39
C MET K 740 -4.64 28.47 63.86
N TYR K 741 -3.59 28.59 64.69
CA TYR K 741 -2.37 29.29 64.27
C TYR K 741 -1.70 28.54 63.12
N ILE K 742 -1.59 27.22 63.24
CA ILE K 742 -0.87 26.44 62.22
C ILE K 742 -1.67 26.43 60.92
N CYS K 743 -2.99 26.23 61.01
CA CYS K 743 -3.83 26.03 59.84
C CYS K 743 -4.64 27.26 59.46
N GLY K 744 -5.36 27.86 60.41
CA GLY K 744 -6.23 28.96 60.06
C GLY K 744 -7.57 28.54 59.49
N ASP K 745 -8.38 27.87 60.32
CA ASP K 745 -9.77 27.49 60.03
C ASP K 745 -9.94 26.87 58.64
N SER K 746 -9.13 25.86 58.35
CA SER K 746 -9.25 25.05 57.15
C SER K 746 -9.35 23.58 57.57
N THR K 747 -10.47 22.94 57.22
CA THR K 747 -10.76 21.60 57.71
C THR K 747 -9.73 20.58 57.23
N GLU K 748 -9.35 20.66 55.94
CA GLU K 748 -8.39 19.73 55.38
C GLU K 748 -7.03 19.86 56.05
N CYS K 749 -6.59 21.10 56.29
CA CYS K 749 -5.33 21.30 57.00
C CYS K 749 -5.44 20.72 58.40
N SER K 750 -6.58 20.94 59.06
CA SER K 750 -6.80 20.34 60.37
C SER K 750 -6.80 18.83 60.28
N ASN K 751 -7.37 18.28 59.21
CA ASN K 751 -7.46 16.84 59.08
C ASN K 751 -6.08 16.21 58.99
N LEU K 752 -5.19 16.81 58.19
CA LEU K 752 -3.83 16.29 58.14
C LEU K 752 -3.05 16.59 59.42
N LEU K 753 -3.31 17.74 60.05
CA LEU K 753 -2.62 18.09 61.30
C LEU K 753 -2.94 17.10 62.41
N LEU K 754 -4.19 16.69 62.55
CA LEU K 754 -4.56 15.80 63.64
C LEU K 754 -3.88 14.45 63.52
N GLN K 755 -3.74 13.94 62.29
CA GLN K 755 -2.99 12.71 62.08
C GLN K 755 -1.51 12.90 62.33
N TYR K 756 -1.03 14.15 62.33
CA TYR K 756 0.39 14.42 62.43
C TYR K 756 0.91 14.44 63.87
N GLY K 757 0.04 14.35 64.86
CA GLY K 757 0.50 14.19 66.22
C GLY K 757 -0.43 14.87 67.21
N SER K 758 0.04 14.92 68.46
CA SER K 758 -0.65 15.55 69.58
C SER K 758 0.16 16.74 70.10
N PHE K 759 0.96 17.34 69.22
CA PHE K 759 1.79 18.48 69.61
C PHE K 759 0.94 19.64 70.12
N CYS K 760 -0.26 19.82 69.59
CA CYS K 760 -1.11 20.92 70.02
C CYS K 760 -1.43 20.81 71.51
N THR K 761 -1.76 19.60 71.97
CA THR K 761 -2.05 19.41 73.39
C THR K 761 -0.82 19.69 74.24
N GLN K 762 0.35 19.23 73.80
CA GLN K 762 1.57 19.43 74.58
C GLN K 762 1.87 20.92 74.72
N LEU K 763 1.81 21.66 73.61
CA LEU K 763 2.13 23.08 73.66
C LEU K 763 1.11 23.83 74.50
N ASN K 764 -0.17 23.46 74.34
CA ASN K 764 -1.22 24.15 75.09
C ASN K 764 -1.06 23.94 76.58
N ARG K 765 -0.76 22.70 77.01
CA ARG K 765 -0.56 22.46 78.43
C ARG K 765 0.70 23.16 78.92
N ALA K 766 1.73 23.24 78.10
CA ALA K 766 2.95 23.94 78.51
C ALA K 766 2.67 25.41 78.77
N LEU K 767 1.96 26.05 77.85
CA LEU K 767 1.62 27.46 78.01
C LEU K 767 0.70 27.67 79.21
N THR K 768 -0.26 26.77 79.41
CA THR K 768 -1.15 26.89 80.55
C THR K 768 -0.39 26.78 81.85
N GLY K 769 0.56 25.84 81.92
CA GLY K 769 1.40 25.72 83.10
C GLY K 769 2.23 26.96 83.33
N ILE K 770 2.75 27.56 82.25
CA ILE K 770 3.51 28.79 82.39
C ILE K 770 2.62 29.89 82.99
N ALA K 771 1.39 30.02 82.49
CA ALA K 771 0.51 31.08 82.99
C ALA K 771 0.16 30.85 84.45
N VAL K 772 -0.14 29.60 84.81
CA VAL K 772 -0.46 29.29 86.20
C VAL K 772 0.74 29.58 87.09
N GLU K 773 1.94 29.28 86.59
CA GLU K 773 3.15 29.56 87.35
C GLU K 773 3.34 31.06 87.54
N GLN K 774 3.01 31.86 86.52
CA GLN K 774 3.10 33.32 86.68
C GLN K 774 2.15 33.79 87.77
N ASP K 775 0.93 33.27 87.77
CA ASP K 775 -0.02 33.65 88.81
C ASP K 775 0.50 33.23 90.19
N LYS K 776 1.07 32.04 90.27
CA LYS K 776 1.62 31.57 91.54
C LYS K 776 2.77 32.45 91.99
N ASN K 777 3.61 32.88 91.05
CA ASN K 777 4.73 33.76 91.40
C ASN K 777 4.23 35.05 91.99
N THR K 778 3.24 35.67 91.33
CA THR K 778 2.72 36.93 91.82
C THR K 778 2.09 36.76 93.19
N GLN K 779 1.29 35.70 93.37
CA GLN K 779 0.64 35.48 94.66
C GLN K 779 1.68 35.23 95.76
N GLU K 780 2.69 34.42 95.46
CA GLU K 780 3.71 34.08 96.46
C GLU K 780 4.51 35.31 96.87
N VAL K 781 4.86 36.17 95.92
CA VAL K 781 5.71 37.31 96.23
C VAL K 781 4.95 38.31 97.10
N PHE K 782 3.71 38.63 96.73
CA PHE K 782 2.98 39.71 97.38
C PHE K 782 2.06 39.26 98.51
N ALA K 783 1.37 38.13 98.36
CA ALA K 783 0.38 37.70 99.35
C ALA K 783 1.09 37.02 100.52
N GLN K 784 1.77 37.84 101.32
CA GLN K 784 2.46 37.37 102.51
C GLN K 784 1.64 37.54 103.78
N VAL K 785 0.93 38.65 103.90
CA VAL K 785 0.15 38.96 105.09
C VAL K 785 -1.24 38.35 104.96
N LYS K 786 -1.86 38.08 106.10
CA LYS K 786 -3.23 37.58 106.11
C LYS K 786 -4.25 38.67 106.41
N GLN K 787 -3.80 39.86 106.83
CA GLN K 787 -4.69 40.96 107.17
C GLN K 787 -4.24 42.20 106.43
N ILE K 788 -5.19 42.98 105.91
CA ILE K 788 -4.88 44.23 105.23
C ILE K 788 -4.79 45.32 106.29
N TYR K 789 -3.58 45.69 106.66
CA TYR K 789 -3.37 46.70 107.67
C TYR K 789 -3.47 48.09 107.06
N LYS K 790 -3.84 49.08 107.88
CA LYS K 790 -3.95 50.46 107.42
C LYS K 790 -3.13 51.37 108.32
N THR K 791 -2.39 52.29 107.71
CA THR K 791 -1.65 53.28 108.46
C THR K 791 -2.62 54.19 109.21
N PRO K 792 -2.27 54.62 110.42
CA PRO K 792 -3.18 55.46 111.19
C PRO K 792 -3.46 56.76 110.48
N PRO K 793 -4.66 57.32 110.63
CA PRO K 793 -5.01 58.54 109.88
C PRO K 793 -4.07 59.69 110.17
N ILE K 794 -3.67 59.86 111.42
CA ILE K 794 -2.68 60.87 111.79
C ILE K 794 -1.30 60.23 111.74
N LYS K 795 -0.40 60.83 110.97
CA LYS K 795 0.95 60.30 110.81
C LYS K 795 1.89 61.06 111.74
N ASP K 796 2.29 60.40 112.81
CA ASP K 796 3.24 60.94 113.78
C ASP K 796 4.28 59.86 114.14
N PHE K 797 5.02 59.40 113.15
CA PHE K 797 5.99 58.33 113.33
C PHE K 797 7.36 58.89 113.74
N GLY K 798 7.37 59.55 114.89
CA GLY K 798 8.62 60.08 115.43
C GLY K 798 9.30 61.01 114.45
N GLY K 799 8.51 61.78 113.71
CA GLY K 799 9.02 62.72 112.76
C GLY K 799 9.45 62.12 111.44
N PHE K 800 9.20 60.82 111.23
CA PHE K 800 9.49 60.17 109.97
C PHE K 800 8.19 60.09 109.19
N ASN K 801 8.19 60.62 107.97
CA ASN K 801 7.00 60.59 107.12
C ASN K 801 7.25 59.72 105.90
N PHE K 802 6.27 58.89 105.57
CA PHE K 802 6.34 57.94 104.47
C PHE K 802 5.27 58.25 103.43
N SER K 803 4.89 59.53 103.31
CA SER K 803 3.79 59.91 102.45
C SER K 803 4.10 59.67 100.97
N GLN K 804 5.38 59.78 100.56
CA GLN K 804 5.71 59.47 99.18
C GLN K 804 5.46 58.00 98.88
N ILE K 805 5.79 57.11 99.84
CA ILE K 805 5.67 55.68 99.62
C ILE K 805 4.33 55.13 100.10
N LEU K 806 3.47 55.99 100.66
CA LEU K 806 2.18 55.59 101.22
C LEU K 806 1.05 56.04 100.31
N PRO K 807 0.01 55.21 100.14
CA PRO K 807 -1.13 55.61 99.30
C PRO K 807 -1.69 56.96 99.70
N ASP K 808 -2.23 57.67 98.71
CA ASP K 808 -2.71 59.04 98.88
C ASP K 808 -4.23 59.11 98.74
N PRO K 809 -4.85 60.09 99.40
CA PRO K 809 -6.31 60.26 99.25
C PRO K 809 -6.75 60.68 97.85
N SER K 810 -5.82 61.11 96.99
CA SER K 810 -6.18 61.59 95.66
C SER K 810 -6.81 60.51 94.79
N LYS K 811 -6.68 59.23 95.18
CA LYS K 811 -7.29 58.09 94.50
C LYS K 811 -6.80 57.92 93.06
N PRO K 812 -5.48 57.93 92.81
CA PRO K 812 -5.02 57.53 91.46
C PRO K 812 -4.76 56.02 91.45
N SER K 813 -5.84 55.24 91.44
CA SER K 813 -5.76 53.79 91.52
C SER K 813 -5.13 53.34 92.84
N LYS K 814 -5.34 54.14 93.89
CA LYS K 814 -4.82 53.87 95.24
C LYS K 814 -3.30 53.72 95.25
N ARG K 815 -2.61 54.52 94.43
CA ARG K 815 -1.16 54.40 94.29
C ARG K 815 -0.44 55.67 94.76
N SER K 816 0.73 55.46 95.38
CA SER K 816 1.66 56.48 95.87
C SER K 816 2.48 57.05 94.71
N PHE K 817 3.33 58.06 95.00
CA PHE K 817 4.19 58.57 93.93
C PHE K 817 5.11 57.51 93.37
N ILE K 818 5.76 56.74 94.25
CA ILE K 818 6.75 55.81 93.73
C ILE K 818 6.08 54.78 92.86
N GLU K 819 4.93 54.26 93.30
CA GLU K 819 4.20 53.33 92.45
C GLU K 819 3.70 54.02 91.18
N ASP K 820 3.18 55.25 91.33
CA ASP K 820 2.74 56.02 90.16
C ASP K 820 3.90 56.34 89.24
N LEU K 821 5.04 56.74 89.80
CA LEU K 821 6.20 57.05 88.98
C LEU K 821 6.65 55.83 88.20
N LEU K 822 6.71 54.67 88.87
CA LEU K 822 7.16 53.46 88.21
C LEU K 822 6.18 53.05 87.12
N PHE K 823 4.87 53.12 87.40
CA PHE K 823 3.88 52.71 86.40
C PHE K 823 3.93 53.63 85.19
N ASN K 824 4.08 54.94 85.42
CA ASN K 824 4.22 55.87 84.31
C ASN K 824 5.53 55.67 83.56
N LYS K 825 6.60 55.34 84.30
CA LYS K 825 7.91 55.20 83.68
C LYS K 825 7.93 54.07 82.68
N VAL K 826 7.28 52.95 82.99
CA VAL K 826 7.26 51.79 82.11
C VAL K 826 6.11 51.93 81.13
N THR K 827 6.43 51.90 79.84
CA THR K 827 5.44 52.02 78.77
C THR K 827 5.43 50.73 77.96
N LEU K 828 4.23 50.24 77.67
CA LEU K 828 4.07 49.00 76.92
C LEU K 828 4.24 49.24 75.42
N PHE K 855 -3.31 37.77 67.19
CA PHE K 855 -4.63 37.96 66.60
C PHE K 855 -4.93 36.86 65.58
N ASN K 856 -4.03 35.89 65.52
CA ASN K 856 -4.18 34.71 64.67
C ASN K 856 -3.95 33.44 65.47
N GLY K 857 -4.60 33.35 66.63
CA GLY K 857 -4.50 32.22 67.52
C GLY K 857 -3.82 32.50 68.83
N LEU K 858 -3.12 33.63 68.95
CA LEU K 858 -2.49 34.01 70.20
C LEU K 858 -3.40 34.96 70.97
N THR K 859 -3.46 34.78 72.29
CA THR K 859 -4.23 35.65 73.15
C THR K 859 -3.46 35.84 74.45
N VAL K 860 -3.79 36.92 75.15
CA VAL K 860 -3.13 37.27 76.41
C VAL K 860 -4.16 37.15 77.53
N LEU K 861 -3.89 36.27 78.49
CA LEU K 861 -4.77 36.12 79.62
C LEU K 861 -4.46 37.17 80.67
N PRO K 862 -5.47 37.82 81.25
CA PRO K 862 -5.21 38.84 82.26
C PRO K 862 -4.69 38.20 83.54
N PRO K 863 -3.86 38.91 84.28
CA PRO K 863 -3.37 38.38 85.56
C PRO K 863 -4.51 38.25 86.56
N LEU K 864 -4.38 37.27 87.45
CA LEU K 864 -5.41 37.07 88.46
C LEU K 864 -5.51 38.28 89.38
N LEU K 865 -4.36 38.83 89.78
CA LEU K 865 -4.32 39.97 90.69
C LEU K 865 -4.16 41.25 89.87
N THR K 866 -5.09 42.19 90.03
CA THR K 866 -4.99 43.46 89.33
C THR K 866 -3.96 44.35 89.99
N ASP K 867 -3.58 45.42 89.28
CA ASP K 867 -2.61 46.38 89.82
C ASP K 867 -3.12 47.00 91.11
N GLU K 868 -4.43 47.27 91.18
CA GLU K 868 -5.01 47.86 92.39
C GLU K 868 -4.84 46.92 93.58
N MET K 869 -5.08 45.63 93.35
CA MET K 869 -5.00 44.63 94.41
C MET K 869 -3.55 44.44 94.86
N ILE K 870 -2.61 44.45 93.91
CA ILE K 870 -1.19 44.38 94.26
C ILE K 870 -0.78 45.60 95.06
N ALA K 871 -1.28 46.77 94.66
CA ALA K 871 -0.98 47.99 95.41
C ALA K 871 -1.56 47.91 96.82
N GLN K 872 -2.76 47.33 96.96
CA GLN K 872 -3.34 47.17 98.29
C GLN K 872 -2.50 46.24 99.14
N TYR K 873 -1.99 45.16 98.55
CA TYR K 873 -1.11 44.26 99.29
C TYR K 873 0.15 44.99 99.75
N THR K 874 0.73 45.79 98.86
CA THR K 874 1.93 46.54 99.19
C THR K 874 1.66 47.55 100.30
N SER K 875 0.51 48.22 100.23
CA SER K 875 0.15 49.18 101.27
C SER K 875 -0.03 48.47 102.60
N ALA K 876 -0.65 47.30 102.59
CA ALA K 876 -0.83 46.54 103.83
C ALA K 876 0.51 46.18 104.42
N LEU K 877 1.44 45.71 103.58
CA LEU K 877 2.76 45.33 104.06
C LEU K 877 3.48 46.52 104.66
N LEU K 878 3.43 47.66 103.98
CA LEU K 878 4.18 48.83 104.46
C LEU K 878 3.57 49.36 105.75
N ALA K 879 2.24 49.41 105.83
CA ALA K 879 1.58 49.87 107.04
C ALA K 879 1.91 48.95 108.20
N GLY K 880 1.90 47.64 107.96
CA GLY K 880 2.25 46.70 109.01
C GLY K 880 3.68 46.92 109.47
N THR K 881 4.58 47.20 108.53
CA THR K 881 5.98 47.40 108.87
C THR K 881 6.14 48.61 109.78
N ILE K 882 5.61 49.76 109.36
CA ILE K 882 5.82 50.97 110.15
C ILE K 882 5.08 50.89 111.49
N THR K 883 3.83 50.43 111.48
CA THR K 883 3.04 50.38 112.72
C THR K 883 3.54 49.32 113.70
N SER K 884 3.94 48.15 113.20
CA SER K 884 4.25 47.03 114.09
C SER K 884 5.65 46.45 113.94
N GLY K 885 6.53 47.10 113.18
CA GLY K 885 7.85 46.54 112.98
C GLY K 885 7.79 45.18 112.30
N TRP K 886 8.50 44.20 112.85
CA TRP K 886 8.57 42.87 112.26
C TRP K 886 7.59 41.89 112.91
N THR K 887 6.84 42.33 113.91
CA THR K 887 5.95 41.41 114.64
C THR K 887 4.87 40.83 113.75
N PHE K 888 4.33 41.63 112.82
CA PHE K 888 3.20 41.14 112.01
C PHE K 888 3.59 39.93 111.19
N GLY K 889 4.85 39.84 110.76
CA GLY K 889 5.29 38.74 109.93
C GLY K 889 5.64 37.48 110.68
N ALA K 890 5.60 37.52 112.01
CA ALA K 890 5.84 36.35 112.84
C ALA K 890 4.66 36.07 113.78
N GLY K 891 3.51 36.68 113.53
CA GLY K 891 2.33 36.46 114.32
C GLY K 891 1.32 37.58 114.13
N ALA K 892 0.75 38.08 115.21
CA ALA K 892 -0.19 39.19 115.13
C ALA K 892 0.55 40.51 115.28
N ALA K 893 0.11 41.51 114.53
CA ALA K 893 0.78 42.81 114.55
C ALA K 893 0.69 43.44 115.93
N LEU K 894 1.82 43.95 116.42
CA LEU K 894 1.87 44.61 117.72
C LEU K 894 2.32 46.04 117.50
N GLN K 895 1.46 47.00 117.83
CA GLN K 895 1.81 48.39 117.56
C GLN K 895 3.03 48.78 118.38
N ILE K 896 3.89 49.60 117.78
CA ILE K 896 5.12 50.03 118.43
C ILE K 896 5.46 51.46 118.02
N PRO K 897 5.89 52.31 118.93
CA PRO K 897 6.30 53.66 118.52
C PRO K 897 7.49 53.51 117.60
N PHE K 898 7.46 54.30 116.52
CA PHE K 898 8.47 54.14 115.48
C PHE K 898 9.87 54.33 116.04
N PRO K 899 10.04 55.25 116.99
CA PRO K 899 11.36 55.45 117.60
C PRO K 899 11.92 54.16 118.21
N MET K 900 11.13 53.44 119.02
CA MET K 900 11.66 52.17 119.53
C MET K 900 11.92 51.16 118.42
N GLN K 901 11.06 51.11 117.40
CA GLN K 901 11.31 50.16 116.33
C GLN K 901 12.65 50.45 115.66
N MET K 902 12.94 51.73 115.41
CA MET K 902 14.20 52.10 114.78
C MET K 902 15.35 51.82 115.72
N ALA K 903 15.14 52.00 117.03
CA ALA K 903 16.21 51.73 118.00
C ALA K 903 16.49 50.25 118.08
N TYR K 904 15.44 49.42 118.01
CA TYR K 904 15.61 47.98 117.97
C TYR K 904 16.43 47.59 116.75
N ARG K 905 16.16 48.22 115.61
CA ARG K 905 16.92 47.91 114.41
C ARG K 905 18.37 48.32 114.57
N PHE K 906 18.64 49.47 115.22
CA PHE K 906 20.02 49.82 115.50
C PHE K 906 20.69 48.80 116.42
N ASN K 907 19.95 48.32 117.43
CA ASN K 907 20.50 47.28 118.29
C ASN K 907 20.82 46.03 117.48
N GLY K 908 20.00 45.73 116.48
CA GLY K 908 20.29 44.60 115.61
C GLY K 908 21.59 44.74 114.85
N ILE K 909 21.90 45.95 114.40
CA ILE K 909 23.13 46.17 113.65
C ILE K 909 24.29 46.52 114.59
N GLY K 910 24.05 46.43 115.89
CA GLY K 910 25.13 46.60 116.85
C GLY K 910 25.36 48.01 117.34
N VAL K 911 24.41 48.92 117.16
CA VAL K 911 24.52 50.28 117.66
C VAL K 911 23.48 50.47 118.77
N THR K 912 23.91 51.06 119.87
CA THR K 912 23.04 51.22 121.03
C THR K 912 21.91 52.20 120.73
N GLN K 913 20.82 52.07 121.50
CA GLN K 913 19.63 52.88 121.28
C GLN K 913 19.89 54.37 121.51
N ASN K 914 20.89 54.69 122.33
CA ASN K 914 21.15 56.09 122.66
C ASN K 914 21.47 56.92 121.41
N VAL K 915 22.15 56.31 120.43
CA VAL K 915 22.52 57.04 119.23
C VAL K 915 21.29 57.55 118.50
N LEU K 916 20.30 56.69 118.33
CA LEU K 916 19.05 57.12 117.69
C LEU K 916 18.32 58.14 118.54
N TYR K 917 18.20 57.88 119.85
CA TYR K 917 17.42 58.77 120.68
C TYR K 917 18.06 60.14 120.81
N GLU K 918 19.37 60.25 120.56
CA GLU K 918 20.05 61.53 120.62
C GLU K 918 20.20 62.18 119.25
N ASN K 919 20.08 61.41 118.16
CA ASN K 919 20.21 61.96 116.81
C ASN K 919 18.94 61.73 115.99
N GLN K 920 17.78 61.67 116.66
CA GLN K 920 16.54 61.36 115.97
C GLN K 920 16.21 62.40 114.90
N LYS K 921 16.42 63.68 115.21
CA LYS K 921 16.13 64.71 114.22
C LYS K 921 17.02 64.55 113.00
N LEU K 922 18.31 64.31 113.21
CA LEU K 922 19.23 64.13 112.10
C LEU K 922 18.85 62.91 111.27
N ILE K 923 18.48 61.83 111.94
CA ILE K 923 18.13 60.60 111.21
C ILE K 923 16.86 60.82 110.41
N ALA K 924 15.87 61.50 110.98
CA ALA K 924 14.62 61.75 110.26
C ALA K 924 14.89 62.62 109.04
N ASN K 925 15.72 63.65 109.20
CA ASN K 925 16.05 64.52 108.07
C ASN K 925 16.78 63.73 107.00
N GLN K 926 17.71 62.85 107.41
CA GLN K 926 18.44 62.03 106.46
C GLN K 926 17.47 61.14 105.69
N PHE K 927 16.48 60.58 106.39
CA PHE K 927 15.50 59.73 105.74
C PHE K 927 14.73 60.54 104.71
N ASN K 928 14.38 61.80 105.06
CA ASN K 928 13.73 62.67 104.08
C ASN K 928 14.59 62.92 102.87
N SER K 929 15.87 63.19 103.10
CA SER K 929 16.75 63.49 101.98
C SER K 929 16.87 62.28 101.06
N ALA K 930 17.00 61.09 101.64
CA ALA K 930 17.15 59.89 100.84
C ALA K 930 15.88 59.58 100.05
N ILE K 931 14.70 59.71 100.68
CA ILE K 931 13.46 59.45 99.96
C ILE K 931 13.25 60.47 98.84
N GLY K 932 13.54 61.74 99.13
CA GLY K 932 13.45 62.75 98.09
C GLY K 932 14.40 62.51 96.94
N LYS K 933 15.62 62.06 97.25
CA LYS K 933 16.60 61.74 96.22
C LYS K 933 16.12 60.57 95.36
N ILE K 934 15.52 59.56 95.99
CA ILE K 934 14.97 58.44 95.22
C ILE K 934 13.87 58.93 94.30
N GLN K 935 13.00 59.81 94.80
CA GLN K 935 11.92 60.34 93.98
C GLN K 935 12.47 61.14 92.81
N ASP K 936 13.50 61.96 93.07
CA ASP K 936 14.13 62.74 92.00
C ASP K 936 14.76 61.84 90.96
N SER K 937 15.44 60.79 91.41
CA SER K 937 16.10 59.87 90.48
C SER K 937 15.06 59.17 89.60
N LEU K 938 13.95 58.74 90.19
CA LEU K 938 12.90 58.11 89.41
C LEU K 938 12.28 59.11 88.42
N SER K 939 12.08 60.35 88.86
CA SER K 939 11.45 61.34 88.00
C SER K 939 12.35 61.72 86.82
N SER K 940 13.63 61.95 87.08
CA SER K 940 14.54 62.46 86.05
C SER K 940 15.37 61.37 85.39
N THR K 941 16.09 60.57 86.18
CA THR K 941 17.00 59.60 85.60
C THR K 941 16.21 58.48 84.93
N PRO K 942 16.61 58.12 83.72
CA PRO K 942 15.94 57.06 82.97
C PRO K 942 16.76 55.77 83.08
N SER K 943 16.25 54.71 82.45
CA SER K 943 16.92 53.41 82.40
C SER K 943 17.10 52.80 83.78
N PRO K 944 16.22 53.16 84.72
CA PRO K 944 16.27 52.60 86.07
C PRO K 944 15.47 51.31 86.19
N LEU K 945 14.57 51.04 85.26
CA LEU K 945 13.72 49.86 85.28
C LEU K 945 14.04 48.95 84.10
N GLY K 946 15.33 48.83 83.80
CA GLY K 946 15.75 48.06 82.63
C GLY K 946 15.30 46.61 82.66
N LYS K 947 15.29 46.00 83.85
CA LYS K 947 14.95 44.57 83.93
C LYS K 947 13.53 44.31 83.49
N LEU K 948 12.58 45.10 83.99
CA LEU K 948 11.19 44.92 83.57
C LEU K 948 11.02 45.25 82.10
N GLN K 949 11.68 46.32 81.66
CA GLN K 949 11.61 46.69 80.25
C GLN K 949 12.21 45.60 79.38
N ASP K 950 13.32 45.02 79.82
CA ASP K 950 13.95 43.95 79.05
C ASP K 950 13.03 42.73 78.96
N VAL K 951 12.38 42.37 80.07
CA VAL K 951 11.48 41.22 80.04
C VAL K 951 10.33 41.47 79.07
N VAL K 952 9.74 42.67 79.14
CA VAL K 952 8.63 42.99 78.26
C VAL K 952 9.09 42.97 76.81
N ASN K 953 10.28 43.53 76.54
CA ASN K 953 10.79 43.57 75.18
C ASN K 953 11.05 42.17 74.65
N GLN K 954 11.60 41.28 75.50
CA GLN K 954 11.85 39.91 75.06
C GLN K 954 10.55 39.21 74.72
N ASN K 955 9.53 39.37 75.55
CA ASN K 955 8.24 38.74 75.26
C ASN K 955 7.67 39.28 73.95
N ALA K 956 7.72 40.60 73.77
CA ALA K 956 7.18 41.20 72.56
C ALA K 956 7.95 40.73 71.33
N GLN K 957 9.28 40.63 71.44
CA GLN K 957 10.08 40.17 70.32
C GLN K 957 9.76 38.73 69.97
N ALA K 958 9.57 37.88 70.98
CA ALA K 958 9.20 36.50 70.70
C ALA K 958 7.87 36.42 69.99
N LEU K 959 6.88 37.19 70.46
CA LEU K 959 5.58 37.18 69.80
C LEU K 959 5.68 37.70 68.37
N ASN K 960 6.43 38.78 68.17
CA ASN K 960 6.55 39.37 66.84
C ASN K 960 7.24 38.42 65.88
N THR K 961 8.31 37.76 66.32
CA THR K 961 9.01 36.83 65.44
C THR K 961 8.13 35.63 65.14
N LEU K 962 7.32 35.20 66.11
CA LEU K 962 6.38 34.11 65.84
C LEU K 962 5.38 34.52 64.76
N VAL K 963 4.83 35.73 64.89
CA VAL K 963 3.85 36.19 63.91
C VAL K 963 4.48 36.33 62.53
N LYS K 964 5.72 36.83 62.47
CA LYS K 964 6.42 36.94 61.20
C LYS K 964 6.68 35.57 60.60
N GLN K 965 7.06 34.59 61.43
CA GLN K 965 7.29 33.24 60.93
C GLN K 965 6.04 32.65 60.31
N LEU K 966 4.85 33.07 60.76
CA LEU K 966 3.63 32.61 60.13
C LEU K 966 3.57 33.03 58.66
N SER K 967 4.27 34.10 58.30
CA SER K 967 4.25 34.63 56.94
C SER K 967 5.45 34.18 56.12
N SER K 968 5.92 32.95 56.35
CA SER K 968 7.03 32.39 55.59
C SER K 968 6.56 31.13 54.87
N ASN K 969 7.00 30.98 53.62
CA ASN K 969 6.56 29.85 52.80
C ASN K 969 7.20 28.53 53.23
N PHE K 970 8.36 28.58 53.88
CA PHE K 970 9.09 27.38 54.29
C PHE K 970 9.45 26.52 53.08
N GLY K 971 9.80 27.17 51.98
CA GLY K 971 10.22 26.48 50.77
C GLY K 971 9.11 26.05 49.85
N ALA K 972 7.87 26.38 50.16
CA ALA K 972 6.77 26.05 49.25
C ALA K 972 6.59 27.18 48.24
N ILE K 973 5.63 26.98 47.34
CA ILE K 973 5.31 27.99 46.34
C ILE K 973 4.75 29.25 47.00
N SER K 974 3.86 29.11 47.97
CA SER K 974 3.28 30.28 48.62
C SER K 974 3.13 30.03 50.12
N SER K 975 3.11 31.14 50.88
CA SER K 975 2.98 31.09 52.33
C SER K 975 1.53 31.06 52.80
N VAL K 976 0.56 31.28 51.93
CA VAL K 976 -0.84 31.33 52.31
C VAL K 976 -1.53 30.07 51.79
N LEU K 977 -2.32 29.44 52.67
CA LEU K 977 -2.96 28.18 52.30
C LEU K 977 -4.04 28.39 51.24
N ASN K 978 -4.78 29.49 51.31
CA ASN K 978 -5.90 29.68 50.39
C ASN K 978 -5.43 29.69 48.95
N ASP K 979 -4.33 30.40 48.67
CA ASP K 979 -3.81 30.45 47.31
C ASP K 979 -3.37 29.09 46.84
N ILE K 980 -2.70 28.32 47.70
CA ILE K 980 -2.19 27.01 47.30
C ILE K 980 -3.34 26.09 46.94
N LEU K 981 -4.39 26.07 47.77
CA LEU K 981 -5.54 25.23 47.49
C LEU K 981 -6.27 25.67 46.23
N SER K 982 -6.42 26.98 46.02
CA SER K 982 -7.25 27.38 44.90
C SER K 982 -6.60 27.22 43.53
N ARG K 983 -5.28 27.08 43.40
CA ARG K 983 -4.74 26.95 42.05
C ARG K 983 -4.03 25.62 41.80
N LEU K 984 -3.74 24.82 42.82
CA LEU K 984 -2.91 23.63 42.70
C LEU K 984 -3.75 22.39 42.99
N ASP K 985 -3.35 21.27 42.38
CA ASP K 985 -4.03 19.98 42.58
C ASP K 985 -3.81 19.45 44.00
N PRO K 986 -4.73 18.61 44.48
CA PRO K 986 -4.68 18.14 45.88
C PRO K 986 -3.36 17.48 46.27
N PRO K 987 -2.75 16.63 45.43
CA PRO K 987 -1.48 16.02 45.86
C PRO K 987 -0.36 17.02 46.10
N GLU K 988 -0.08 17.88 45.11
CA GLU K 988 0.94 18.90 45.32
C GLU K 988 0.50 19.90 46.37
N ALA K 989 -0.79 20.26 46.37
CA ALA K 989 -1.29 21.18 47.39
C ALA K 989 -1.10 20.60 48.79
N GLU K 990 -1.42 19.32 48.97
CA GLU K 990 -1.26 18.73 50.29
C GLU K 990 0.21 18.60 50.67
N VAL K 991 1.09 18.35 49.70
CA VAL K 991 2.52 18.28 50.01
C VAL K 991 3.01 19.64 50.49
N GLN K 992 2.62 20.71 49.79
CA GLN K 992 3.01 22.05 50.23
C GLN K 992 2.42 22.36 51.60
N ILE K 993 1.16 21.98 51.81
CA ILE K 993 0.53 22.22 53.10
C ILE K 993 1.31 21.51 54.20
N ASP K 994 1.73 20.27 53.93
CA ASP K 994 2.46 19.49 54.92
C ASP K 994 3.80 20.16 55.26
N ARG K 995 4.50 20.67 54.24
CA ARG K 995 5.77 21.34 54.55
C ARG K 995 5.53 22.61 55.36
N LEU K 996 4.46 23.36 55.05
CA LEU K 996 4.12 24.51 55.89
C LEU K 996 3.80 24.06 57.30
N ILE K 997 3.12 22.92 57.44
CA ILE K 997 2.76 22.43 58.77
C ILE K 997 4.01 22.13 59.57
N THR K 998 4.98 21.47 58.92
CA THR K 998 6.22 21.14 59.60
C THR K 998 6.94 22.41 60.04
N GLY K 999 7.07 23.38 59.13
CA GLY K 999 7.80 24.59 59.46
C GLY K 999 7.14 25.38 60.58
N ARG K 1000 5.83 25.57 60.48
CA ARG K 1000 5.11 26.35 61.47
C ARG K 1000 5.10 25.65 62.82
N LEU K 1001 4.90 24.33 62.82
CA LEU K 1001 4.89 23.59 64.08
C LEU K 1001 6.25 23.65 64.75
N GLN K 1002 7.32 23.52 63.96
CA GLN K 1002 8.66 23.59 64.52
C GLN K 1002 8.93 24.98 65.10
N SER K 1003 8.51 26.03 64.40
CA SER K 1003 8.69 27.38 64.91
C SER K 1003 7.92 27.57 66.21
N LEU K 1004 6.69 27.05 66.26
CA LEU K 1004 5.89 27.16 67.47
C LEU K 1004 6.55 26.43 68.63
N GLN K 1005 7.12 25.25 68.37
CA GLN K 1005 7.81 24.52 69.42
C GLN K 1005 9.03 25.29 69.90
N THR K 1006 9.76 25.93 68.98
CA THR K 1006 10.90 26.74 69.39
C THR K 1006 10.45 27.88 70.30
N TYR K 1007 9.34 28.54 69.92
CA TYR K 1007 8.82 29.62 70.74
C TYR K 1007 8.41 29.11 72.11
N VAL K 1008 7.76 27.94 72.17
CA VAL K 1008 7.31 27.39 73.43
C VAL K 1008 8.50 27.05 74.32
N THR K 1009 9.55 26.47 73.74
CA THR K 1009 10.72 26.10 74.52
C THR K 1009 11.41 27.35 75.09
N GLN K 1010 11.55 28.39 74.27
CA GLN K 1010 12.15 29.62 74.76
C GLN K 1010 11.29 30.24 75.84
N GLN K 1011 9.96 30.18 75.68
CA GLN K 1011 9.07 30.69 76.71
C GLN K 1011 9.23 29.91 78.00
N LEU K 1012 9.41 28.59 77.91
CA LEU K 1012 9.60 27.77 79.10
C LEU K 1012 10.89 28.17 79.82
N ILE K 1013 11.97 28.39 79.07
CA ILE K 1013 13.23 28.77 79.70
C ILE K 1013 13.10 30.14 80.36
N ARG K 1014 12.45 31.08 79.67
CA ARG K 1014 12.25 32.40 80.25
C ARG K 1014 11.37 32.31 81.50
N ALA K 1015 10.36 31.44 81.47
CA ALA K 1015 9.49 31.25 82.62
C ALA K 1015 10.29 30.71 83.81
N ALA K 1016 11.21 29.77 83.55
CA ALA K 1016 12.04 29.25 84.64
C ALA K 1016 12.90 30.35 85.23
N GLU K 1017 13.48 31.19 84.37
CA GLU K 1017 14.32 32.28 84.86
C GLU K 1017 13.49 33.27 85.67
N ILE K 1018 12.29 33.60 85.19
CA ILE K 1018 11.41 34.52 85.89
C ILE K 1018 10.99 33.92 87.22
N ARG K 1019 10.75 32.61 87.26
CA ARG K 1019 10.39 31.96 88.52
C ARG K 1019 11.54 32.04 89.51
N ALA K 1020 12.78 31.89 89.04
CA ALA K 1020 13.92 32.05 89.93
C ALA K 1020 13.96 33.46 90.48
N SER K 1021 13.73 34.45 89.62
CA SER K 1021 13.73 35.84 90.08
C SER K 1021 12.61 36.08 91.08
N ALA K 1022 11.44 35.51 90.83
CA ALA K 1022 10.30 35.68 91.73
C ALA K 1022 10.56 35.03 93.07
N ASN K 1023 11.22 33.86 93.08
CA ASN K 1023 11.59 33.23 94.33
C ASN K 1023 12.56 34.11 95.10
N LEU K 1024 13.51 34.72 94.40
CA LEU K 1024 14.44 35.63 95.07
C LEU K 1024 13.68 36.82 95.64
N ALA K 1025 12.72 37.37 94.89
CA ALA K 1025 11.96 38.51 95.36
C ALA K 1025 11.14 38.15 96.59
N ALA K 1026 10.52 36.96 96.59
CA ALA K 1026 9.75 36.53 97.74
C ALA K 1026 10.65 36.36 98.96
N THR K 1027 11.84 35.80 98.75
CA THR K 1027 12.79 35.66 99.85
C THR K 1027 13.20 37.02 100.40
N LYS K 1028 13.45 37.98 99.51
CA LYS K 1028 13.82 39.32 99.95
C LYS K 1028 12.69 39.96 100.74
N MET K 1029 11.45 39.82 100.27
CA MET K 1029 10.33 40.43 100.98
C MET K 1029 10.17 39.81 102.36
N SER K 1030 10.30 38.49 102.44
CA SER K 1030 10.12 37.82 103.73
C SER K 1030 11.25 38.16 104.69
N GLU K 1031 12.48 38.27 104.20
CA GLU K 1031 13.62 38.41 105.08
C GLU K 1031 14.02 39.86 105.33
N CYS K 1032 13.46 40.82 104.59
CA CYS K 1032 13.89 42.20 104.75
C CYS K 1032 12.70 43.13 105.00
N VAL K 1033 11.52 42.79 104.48
CA VAL K 1033 10.33 43.57 104.78
C VAL K 1033 9.68 43.09 106.07
N LEU K 1034 9.58 41.77 106.24
CA LEU K 1034 8.94 41.21 107.42
C LEU K 1034 9.92 41.06 108.58
N GLY K 1035 11.17 41.46 108.40
CA GLY K 1035 12.17 41.31 109.44
C GLY K 1035 13.42 42.06 109.06
N GLN K 1036 14.42 41.98 109.93
CA GLN K 1036 15.72 42.59 109.68
C GLN K 1036 16.72 41.48 109.37
N SER K 1037 17.50 41.67 108.31
CA SER K 1037 18.41 40.65 107.81
C SER K 1037 19.85 41.02 108.15
N LYS K 1038 20.59 40.05 108.67
CA LYS K 1038 22.02 40.22 108.93
C LYS K 1038 22.89 39.78 107.76
N ARG K 1039 22.29 39.25 106.70
CA ARG K 1039 23.06 38.87 105.53
C ARG K 1039 23.65 40.11 104.86
N VAL K 1040 24.93 40.05 104.55
CA VAL K 1040 25.63 41.21 103.99
C VAL K 1040 25.27 41.36 102.52
N ASP K 1041 24.91 42.58 102.13
CA ASP K 1041 24.63 42.96 100.74
C ASP K 1041 23.40 42.27 100.18
N PHE K 1042 22.67 41.52 100.99
CA PHE K 1042 21.44 40.88 100.50
C PHE K 1042 20.36 41.93 100.21
N CYS K 1043 20.27 42.95 101.05
CA CYS K 1043 19.25 44.00 100.91
C CYS K 1043 19.88 45.38 100.98
N GLY K 1044 20.88 45.61 100.15
CA GLY K 1044 21.46 46.93 100.04
C GLY K 1044 22.88 46.98 100.58
N LYS K 1045 23.61 47.99 100.12
CA LYS K 1045 24.99 48.19 100.55
C LYS K 1045 24.99 48.93 101.89
N GLY K 1046 25.54 48.30 102.91
CA GLY K 1046 25.54 48.84 104.25
C GLY K 1046 24.78 47.94 105.21
N TYR K 1047 24.81 48.33 106.48
CA TYR K 1047 24.11 47.54 107.48
C TYR K 1047 22.62 47.76 107.30
N HIS K 1048 21.89 46.70 106.98
CA HIS K 1048 20.49 46.82 106.64
C HIS K 1048 19.69 47.25 107.86
N LEU K 1049 18.82 48.25 107.68
CA LEU K 1049 17.96 48.67 108.76
C LEU K 1049 16.54 48.16 108.54
N MET K 1050 15.87 48.68 107.53
CA MET K 1050 14.51 48.25 107.25
C MET K 1050 14.31 48.35 105.74
N SER K 1051 13.23 47.73 105.23
CA SER K 1051 12.94 47.77 103.80
C SER K 1051 11.46 48.07 103.53
N PHE K 1052 11.22 48.72 102.39
CA PHE K 1052 9.88 49.07 101.93
C PHE K 1052 9.62 48.51 100.54
N PRO K 1053 8.54 47.76 100.35
CA PRO K 1053 8.19 47.27 99.02
C PRO K 1053 7.33 48.27 98.25
N GLN K 1054 7.45 48.21 96.93
CA GLN K 1054 6.61 49.01 96.04
C GLN K 1054 6.26 48.18 94.81
N SER K 1055 5.07 48.40 94.29
CA SER K 1055 4.62 47.65 93.13
C SER K 1055 5.25 48.18 91.86
N ALA K 1056 5.28 47.33 90.84
CA ALA K 1056 5.76 47.66 89.52
C ALA K 1056 4.88 46.93 88.51
N PRO K 1057 4.88 47.36 87.24
CA PRO K 1057 3.95 46.77 86.27
C PRO K 1057 4.03 45.25 86.18
N HIS K 1058 5.23 44.68 86.19
CA HIS K 1058 5.38 43.23 86.23
C HIS K 1058 6.45 42.80 87.23
N GLY K 1059 6.58 43.53 88.33
CA GLY K 1059 7.63 43.24 89.28
C GLY K 1059 7.44 44.00 90.56
N VAL K 1060 8.48 44.00 91.38
CA VAL K 1060 8.45 44.68 92.67
C VAL K 1060 9.69 45.53 92.79
N VAL K 1061 9.60 46.60 93.58
CA VAL K 1061 10.70 47.51 93.82
C VAL K 1061 10.91 47.61 95.32
N PHE K 1062 12.13 47.36 95.76
CA PHE K 1062 12.49 47.41 97.17
C PHE K 1062 13.29 48.67 97.46
N LEU K 1063 12.82 49.46 98.43
CA LEU K 1063 13.58 50.59 98.93
C LEU K 1063 14.27 50.13 100.20
N HIS K 1064 15.58 49.94 100.13
CA HIS K 1064 16.34 49.42 101.26
C HIS K 1064 16.89 50.58 102.07
N VAL K 1065 16.46 50.70 103.31
CA VAL K 1065 17.01 51.69 104.23
C VAL K 1065 18.16 51.05 104.96
N THR K 1066 19.36 51.62 104.81
CA THR K 1066 20.57 51.03 105.37
C THR K 1066 21.35 52.09 106.14
N TYR K 1067 22.26 51.60 106.98
CA TYR K 1067 23.09 52.44 107.82
C TYR K 1067 24.51 52.39 107.28
N VAL K 1068 25.09 53.56 107.02
CA VAL K 1068 26.43 53.65 106.46
C VAL K 1068 27.28 54.51 107.37
N PRO K 1069 28.35 53.97 107.95
CA PRO K 1069 29.24 54.80 108.78
C PRO K 1069 29.97 55.84 107.95
N ALA K 1070 30.28 56.97 108.59
CA ALA K 1070 30.97 58.05 107.92
C ALA K 1070 31.74 58.88 108.96
N GLN K 1071 32.62 59.74 108.47
CA GLN K 1071 33.45 60.61 109.30
C GLN K 1071 34.28 59.80 110.30
N GLU K 1072 35.13 58.94 109.76
CA GLU K 1072 35.95 58.07 110.59
C GLU K 1072 37.14 58.82 111.16
N LYS K 1073 37.66 58.32 112.28
CA LYS K 1073 38.83 58.89 112.93
C LYS K 1073 39.75 57.77 113.37
N ASN K 1074 41.06 58.06 113.38
CA ASN K 1074 42.05 57.09 113.78
C ASN K 1074 42.19 57.06 115.30
N PHE K 1075 42.54 55.89 115.82
CA PHE K 1075 42.79 55.72 117.25
C PHE K 1075 43.81 54.62 117.45
N THR K 1076 44.41 54.63 118.63
CA THR K 1076 45.35 53.59 119.03
C THR K 1076 44.64 52.62 119.98
N THR K 1077 44.74 51.33 119.69
CA THR K 1077 44.01 50.32 120.44
C THR K 1077 44.96 49.40 121.19
N ALA K 1078 44.37 48.47 121.94
CA ALA K 1078 45.09 47.46 122.69
C ALA K 1078 44.16 46.28 122.87
N PRO K 1079 44.68 45.05 122.78
CA PRO K 1079 43.81 43.88 123.01
C PRO K 1079 43.18 43.86 124.39
N ALA K 1080 43.91 44.27 125.42
CA ALA K 1080 43.39 44.21 126.79
C ALA K 1080 44.13 45.23 127.63
N ILE K 1081 43.63 45.42 128.85
CA ILE K 1081 44.22 46.34 129.82
C ILE K 1081 44.72 45.53 131.01
N CYS K 1082 46.00 45.69 131.34
CA CYS K 1082 46.58 45.05 132.51
C CYS K 1082 46.46 45.99 133.69
N HIS K 1083 45.59 45.66 134.65
CA HIS K 1083 45.41 46.44 135.86
C HIS K 1083 45.48 45.50 137.04
N ASP K 1084 46.26 45.87 138.05
CA ASP K 1084 46.41 45.07 139.27
C ASP K 1084 46.93 43.67 138.95
N GLY K 1085 47.73 43.54 137.89
CA GLY K 1085 48.30 42.27 137.52
C GLY K 1085 47.33 41.32 136.86
N LYS K 1086 46.17 41.79 136.43
CA LYS K 1086 45.20 40.96 135.72
C LYS K 1086 44.76 41.67 134.45
N ALA K 1087 44.34 40.87 133.46
CA ALA K 1087 43.98 41.38 132.15
C ALA K 1087 42.48 41.60 132.07
N HIS K 1088 42.09 42.76 131.55
CA HIS K 1088 40.69 43.14 131.40
C HIS K 1088 40.36 43.26 129.92
N PHE K 1089 39.25 42.64 129.52
CA PHE K 1089 38.80 42.69 128.14
C PHE K 1089 37.44 43.38 128.07
N PRO K 1090 37.15 44.09 126.99
CA PRO K 1090 35.85 44.76 126.87
C PRO K 1090 34.72 43.75 126.77
N ARG K 1091 33.59 44.08 127.40
CA ARG K 1091 32.44 43.21 127.29
C ARG K 1091 31.86 43.25 125.89
N GLU K 1092 31.54 44.45 125.40
CA GLU K 1092 31.04 44.64 124.04
C GLU K 1092 31.57 45.97 123.55
N GLY K 1093 32.73 45.95 122.90
CA GLY K 1093 33.36 47.18 122.47
C GLY K 1093 34.84 46.98 122.20
N VAL K 1094 35.55 48.11 122.20
CA VAL K 1094 36.97 48.16 121.88
C VAL K 1094 37.63 49.23 122.74
N PHE K 1095 38.87 48.99 123.15
CA PHE K 1095 39.64 49.97 123.88
C PHE K 1095 40.30 50.95 122.90
N VAL K 1096 40.14 52.24 123.14
CA VAL K 1096 40.75 53.26 122.30
C VAL K 1096 41.56 54.19 123.18
N SER K 1097 42.55 54.84 122.57
CA SER K 1097 43.48 55.70 123.30
C SER K 1097 43.00 57.16 123.30
N ASN K 1098 43.04 57.76 124.47
CA ASN K 1098 42.72 59.17 124.69
C ASN K 1098 43.82 59.78 125.55
N GLY K 1099 44.01 61.09 125.41
CA GLY K 1099 45.13 61.73 126.08
C GLY K 1099 45.08 61.59 127.60
N THR K 1100 43.92 61.84 128.20
CA THR K 1100 43.84 61.78 129.65
C THR K 1100 44.00 60.34 130.14
N HIS K 1101 43.26 59.41 129.55
CA HIS K 1101 43.36 58.00 129.88
C HIS K 1101 42.65 57.21 128.78
N TRP K 1102 42.92 55.90 128.76
CA TRP K 1102 42.31 55.03 127.75
C TRP K 1102 40.79 54.98 127.91
N PHE K 1103 40.10 54.88 126.77
CA PHE K 1103 38.65 54.90 126.71
C PHE K 1103 38.13 53.66 126.00
N VAL K 1104 36.93 53.22 126.40
CA VAL K 1104 36.25 52.10 125.76
C VAL K 1104 35.05 52.64 125.00
N THR K 1105 34.78 52.06 123.82
CA THR K 1105 33.68 52.52 122.99
C THR K 1105 33.12 51.34 122.20
N GLN K 1106 32.00 51.59 121.51
CA GLN K 1106 31.40 50.59 120.64
C GLN K 1106 32.07 50.61 119.28
N ARG K 1107 32.04 49.46 118.60
CA ARG K 1107 32.78 49.31 117.35
C ARG K 1107 32.22 50.20 116.23
N ASN K 1108 30.90 50.32 116.13
CA ASN K 1108 30.30 50.99 115.00
C ASN K 1108 30.01 52.47 115.23
N PHE K 1109 30.27 53.00 116.42
CA PHE K 1109 30.09 54.42 116.66
C PHE K 1109 31.08 54.88 117.72
N TYR K 1110 31.57 56.09 117.58
CA TYR K 1110 32.55 56.63 118.51
C TYR K 1110 31.82 57.26 119.69
N GLU K 1111 31.67 56.50 120.76
CA GLU K 1111 31.09 56.99 122.01
C GLU K 1111 32.03 56.56 123.12
N PRO K 1112 33.11 57.31 123.35
CA PRO K 1112 34.11 56.90 124.34
C PRO K 1112 33.53 56.88 125.75
N GLN K 1113 34.03 55.94 126.55
CA GLN K 1113 33.57 55.77 127.92
C GLN K 1113 34.79 55.64 128.83
N ILE K 1114 34.53 55.38 130.10
CA ILE K 1114 35.60 55.15 131.08
C ILE K 1114 35.81 53.64 131.20
N ILE K 1115 37.07 53.23 131.25
CA ILE K 1115 37.36 51.80 131.45
C ILE K 1115 36.93 51.45 132.87
N THR K 1116 35.89 50.64 132.99
CA THR K 1116 35.32 50.28 134.27
C THR K 1116 35.15 48.77 134.36
N THR K 1117 35.10 48.25 135.58
CA THR K 1117 34.79 46.84 135.76
C THR K 1117 33.37 46.51 135.32
N ASP K 1118 32.51 47.52 135.22
CA ASP K 1118 31.14 47.30 134.77
C ASP K 1118 31.11 46.82 133.31
N ASN K 1119 31.97 47.38 132.46
CA ASN K 1119 31.96 47.04 131.04
C ASN K 1119 33.18 46.24 130.62
N THR K 1120 33.93 45.68 131.56
CA THR K 1120 35.06 44.83 131.27
C THR K 1120 35.00 43.58 132.14
N PHE K 1121 35.65 42.52 131.68
CA PHE K 1121 35.75 41.28 132.42
C PHE K 1121 37.20 40.81 132.47
N VAL K 1122 37.55 40.16 133.58
CA VAL K 1122 38.92 39.71 133.81
C VAL K 1122 39.06 38.27 133.36
N SER K 1123 40.19 37.95 132.73
CA SER K 1123 40.45 36.60 132.23
C SER K 1123 41.88 36.17 132.54
N GLY K 1124 42.35 36.43 133.75
CA GLY K 1124 43.67 36.01 134.17
C GLY K 1124 44.65 37.16 134.26
N ASN K 1125 45.93 36.81 134.24
CA ASN K 1125 47.00 37.79 134.36
C ASN K 1125 47.33 38.39 133.00
N CYS K 1126 48.25 39.36 132.97
CA CYS K 1126 48.57 40.11 131.77
C CYS K 1126 49.95 39.75 131.21
N ASP K 1127 50.39 38.51 131.36
CA ASP K 1127 51.68 38.08 130.83
C ASP K 1127 51.52 37.19 129.60
N VAL K 1128 50.30 36.92 129.16
CA VAL K 1128 50.07 36.03 128.03
C VAL K 1128 49.47 36.75 126.83
N VAL K 1129 48.86 37.91 127.03
CA VAL K 1129 48.23 38.65 125.93
C VAL K 1129 49.30 39.43 125.19
N ILE K 1130 49.33 39.29 123.87
CA ILE K 1130 50.33 39.97 123.04
C ILE K 1130 49.75 41.32 122.62
N GLY K 1131 50.44 42.38 123.01
CA GLY K 1131 50.00 43.73 122.70
C GLY K 1131 49.26 44.42 123.83
N ILE K 1132 49.19 43.80 125.00
CA ILE K 1132 48.45 44.38 126.12
C ILE K 1132 49.15 45.65 126.58
N VAL K 1133 48.36 46.59 127.09
CA VAL K 1133 48.92 47.80 127.65
C VAL K 1133 48.46 47.87 129.10
N ASN K 1134 49.22 48.60 129.89
CA ASN K 1134 48.94 48.76 131.31
C ASN K 1134 48.25 50.11 131.55
N ASN K 1135 47.09 50.06 132.22
CA ASN K 1135 46.27 51.22 132.56
C ASN K 1135 45.38 50.91 133.75
N THR K 1136 44.88 51.98 134.39
CA THR K 1136 44.05 51.86 135.58
C THR K 1136 42.58 51.61 135.21
N VAL K 1137 42.00 50.53 135.74
CA VAL K 1137 40.58 50.22 135.55
C VAL K 1137 39.77 50.79 136.72
N TYR K 1138 38.96 51.80 136.44
CA TYR K 1138 38.18 52.45 137.48
C TYR K 1138 37.18 51.48 138.10
N ASP K 1139 37.10 51.47 139.43
CA ASP K 1139 36.14 50.65 140.17
C ASP K 1139 35.07 51.55 140.77
N PRO K 1140 33.79 51.40 140.42
CA PRO K 1140 32.72 52.28 140.93
C PRO K 1140 32.18 51.82 142.29
N LEU K 1141 33.07 51.55 143.22
CA LEU K 1141 32.69 51.15 144.57
C LEU K 1141 33.35 51.98 145.65
N GLN K 1142 34.60 52.41 145.44
CA GLN K 1142 35.31 53.16 146.48
C GLN K 1142 34.66 54.51 146.78
N PRO K 1143 34.26 55.32 145.79
CA PRO K 1143 33.58 56.57 146.14
C PRO K 1143 32.29 56.34 146.92
N GLU K 1144 31.55 55.27 146.58
CA GLU K 1144 30.36 54.92 147.35
C GLU K 1144 30.72 54.55 148.77
N LEU K 1145 31.83 53.85 148.97
CA LEU K 1145 32.26 53.47 150.31
C LEU K 1145 32.51 54.70 151.18
N ASP K 1146 33.17 55.70 150.64
CA ASP K 1146 33.46 56.93 151.37
C ASP K 1146 32.23 57.82 151.45
N GLN L 14 51.98 -27.47 30.97
CA GLN L 14 51.25 -28.61 31.50
C GLN L 14 51.71 -28.93 32.92
N CYS L 15 50.77 -29.27 33.79
CA CYS L 15 51.07 -29.62 35.17
C CYS L 15 50.54 -31.01 35.46
N VAL L 16 51.13 -31.66 36.46
CA VAL L 16 50.78 -33.03 36.81
C VAL L 16 50.41 -33.07 38.29
N ASN L 17 49.44 -33.93 38.62
CA ASN L 17 49.03 -34.07 40.01
C ASN L 17 50.21 -34.59 40.84
N LEU L 18 50.34 -34.03 42.04
CA LEU L 18 51.46 -34.36 42.93
C LEU L 18 51.00 -35.41 43.92
N THR L 19 51.58 -36.60 43.84
CA THR L 19 51.27 -37.69 44.76
C THR L 19 52.23 -37.64 45.95
N THR L 20 52.23 -38.71 46.75
CA THR L 20 53.07 -38.82 47.94
C THR L 20 52.85 -37.65 48.89
N ARG L 21 51.58 -37.42 49.24
CA ARG L 21 51.20 -36.41 50.21
C ARG L 21 50.27 -37.05 51.24
N THR L 22 50.76 -37.20 52.46
CA THR L 22 49.92 -37.74 53.53
C THR L 22 48.91 -36.68 53.96
N GLN L 23 47.62 -37.00 53.83
CA GLN L 23 46.58 -36.07 54.26
C GLN L 23 46.66 -35.87 55.77
N LEU L 24 46.63 -34.62 56.21
CA LEU L 24 46.73 -34.29 57.62
C LEU L 24 45.70 -33.22 57.93
N PRO L 25 45.04 -33.29 59.09
CA PRO L 25 44.01 -32.30 59.43
C PRO L 25 44.61 -30.91 59.53
N PRO L 26 43.87 -29.88 59.11
CA PRO L 26 44.43 -28.52 59.11
C PRO L 26 44.77 -28.05 60.52
N ALA L 27 45.86 -27.31 60.62
CA ALA L 27 46.31 -26.77 61.90
C ALA L 27 45.81 -25.34 62.06
N TYR L 28 45.51 -24.96 63.30
CA TYR L 28 45.05 -23.63 63.62
C TYR L 28 46.05 -22.95 64.56
N THR L 29 46.12 -21.63 64.46
CA THR L 29 46.95 -20.83 65.35
C THR L 29 46.21 -19.57 65.74
N ASN L 30 46.69 -18.92 66.80
CA ASN L 30 46.03 -17.75 67.36
C ASN L 30 46.79 -16.48 66.96
N SER L 31 46.15 -15.64 66.16
CA SER L 31 46.71 -14.35 65.80
C SER L 31 46.52 -13.37 66.95
N PHE L 32 47.60 -12.74 67.40
CA PHE L 32 47.54 -11.83 68.54
C PHE L 32 47.73 -10.40 68.06
N THR L 33 46.63 -9.64 68.04
CA THR L 33 46.65 -8.21 67.70
C THR L 33 47.34 -7.97 66.36
N ARG L 34 47.01 -8.80 65.36
CA ARG L 34 47.61 -8.70 64.04
C ARG L 34 46.52 -8.50 62.99
N GLY L 35 46.94 -7.96 61.85
CA GLY L 35 46.01 -7.71 60.76
C GLY L 35 45.35 -6.34 60.82
N VAL L 36 46.13 -5.32 61.19
CA VAL L 36 45.64 -3.95 61.22
C VAL L 36 46.32 -3.17 60.10
N TYR L 37 45.50 -2.50 59.28
CA TYR L 37 45.96 -1.72 58.15
C TYR L 37 45.38 -0.32 58.25
N TYR L 38 45.97 0.60 57.51
CA TYR L 38 45.46 1.97 57.51
C TYR L 38 44.16 2.00 56.72
N PRO L 39 43.04 2.36 57.33
CA PRO L 39 41.75 2.30 56.61
C PRO L 39 41.58 3.39 55.57
N ASP L 40 42.38 4.46 55.63
CA ASP L 40 42.20 5.58 54.73
C ASP L 40 43.54 6.26 54.48
N LYS L 41 43.54 7.19 53.53
CA LYS L 41 44.74 7.94 53.18
C LYS L 41 44.89 9.20 54.03
N VAL L 42 44.06 9.36 55.05
CA VAL L 42 44.03 10.56 55.86
C VAL L 42 45.15 10.53 56.89
N PHE L 43 45.85 11.65 57.04
CA PHE L 43 46.85 11.77 58.08
C PHE L 43 46.20 12.16 59.40
N ARG L 44 46.69 11.59 60.49
CA ARG L 44 46.19 11.91 61.82
C ARG L 44 47.35 11.86 62.80
N SER L 45 47.44 12.87 63.67
CA SER L 45 48.56 13.01 64.59
C SER L 45 48.05 13.11 66.02
N SER L 46 48.58 12.25 66.89
CA SER L 46 48.33 12.30 68.33
C SER L 46 46.82 12.33 68.64
N VAL L 47 46.08 11.46 67.96
CA VAL L 47 44.63 11.42 68.07
C VAL L 47 44.18 9.97 68.17
N LEU L 48 42.93 9.78 68.56
CA LEU L 48 42.30 8.47 68.59
C LEU L 48 41.14 8.48 67.61
N HIS L 49 41.18 7.58 66.63
CA HIS L 49 40.16 7.51 65.59
C HIS L 49 39.45 6.18 65.67
N SER L 50 38.11 6.22 65.73
CA SER L 50 37.29 5.03 65.73
C SER L 50 36.72 4.84 64.33
N THR L 51 37.04 3.73 63.68
CA THR L 51 36.60 3.46 62.33
C THR L 51 36.01 2.06 62.25
N GLN L 52 34.93 1.94 61.48
CA GLN L 52 34.29 0.66 61.23
C GLN L 52 34.63 0.24 59.81
N ASP L 53 35.37 -0.85 59.67
CA ASP L 53 35.82 -1.31 58.36
C ASP L 53 36.06 -2.80 58.42
N LEU L 54 36.47 -3.37 57.30
CA LEU L 54 36.73 -4.80 57.20
C LEU L 54 38.08 -5.07 57.84
N PHE L 55 38.06 -5.58 59.07
CA PHE L 55 39.28 -5.84 59.83
C PHE L 55 39.36 -7.30 60.25
N LEU L 56 40.53 -7.67 60.78
CA LEU L 56 40.75 -9.01 61.31
C LEU L 56 40.57 -8.96 62.83
N PRO L 57 39.69 -9.77 63.39
CA PRO L 57 39.44 -9.71 64.84
C PRO L 57 40.69 -10.06 65.64
N PHE L 58 40.85 -9.39 66.79
CA PHE L 58 41.98 -9.66 67.65
C PHE L 58 41.82 -11.03 68.30
N PHE L 59 42.94 -11.70 68.55
CA PHE L 59 42.97 -12.99 69.23
C PHE L 59 42.04 -14.00 68.53
N SER L 60 42.28 -14.18 67.24
CA SER L 60 41.42 -15.00 66.41
C SER L 60 42.17 -16.24 65.92
N ASN L 61 41.39 -17.25 65.54
CA ASN L 61 41.93 -18.48 64.99
C ASN L 61 42.14 -18.33 63.49
N VAL L 62 43.41 -18.39 63.06
CA VAL L 62 43.76 -18.31 61.66
C VAL L 62 44.37 -19.64 61.24
N THR L 63 44.01 -20.11 60.04
CA THR L 63 44.49 -21.39 59.57
C THR L 63 45.99 -21.33 59.31
N TRP L 64 46.70 -22.41 59.67
CA TRP L 64 48.13 -22.51 59.50
C TRP L 64 48.41 -23.59 58.47
N PHE L 65 49.24 -23.26 57.47
CA PHE L 65 49.68 -24.20 56.47
C PHE L 65 51.21 -24.28 56.49
N HIS L 66 51.74 -25.50 56.52
CA HIS L 66 53.17 -25.72 56.63
C HIS L 66 53.78 -26.04 55.27
N ALA L 67 55.11 -26.00 55.24
CA ALA L 67 55.89 -26.46 54.10
C ALA L 67 57.24 -26.93 54.65
N ILE L 68 57.40 -28.24 54.81
CA ILE L 68 58.60 -28.80 55.42
C ILE L 68 58.95 -30.10 54.72
N HIS L 69 60.27 -30.32 54.53
CA HIS L 69 60.72 -31.53 53.85
C HIS L 69 60.38 -32.78 54.67
N VAL L 70 60.60 -32.74 55.98
CA VAL L 70 60.36 -33.86 56.87
C VAL L 70 61.20 -35.07 56.47
N THR L 76 55.09 -37.50 52.64
CA THR L 76 54.42 -36.27 53.06
C THR L 76 54.94 -35.07 52.27
N LYS L 77 55.99 -34.44 52.80
CA LYS L 77 56.71 -33.29 52.26
C LYS L 77 55.91 -32.00 52.46
N ARG L 78 54.66 -32.09 52.92
CA ARG L 78 53.82 -30.94 53.25
C ARG L 78 53.80 -29.88 52.15
N PHE L 79 53.41 -30.32 50.95
CA PHE L 79 53.18 -29.39 49.85
C PHE L 79 51.70 -29.05 49.90
N ASP L 80 51.36 -27.93 50.54
CA ASP L 80 49.97 -27.57 50.80
C ASP L 80 49.63 -26.28 50.07
N ASN L 81 48.84 -26.39 49.00
CA ASN L 81 48.29 -25.24 48.30
C ASN L 81 46.80 -25.48 48.03
N PRO L 82 45.97 -25.49 49.08
CA PRO L 82 44.57 -25.82 48.89
C PRO L 82 43.84 -24.63 48.26
N VAL L 83 42.57 -24.88 47.93
CA VAL L 83 41.71 -23.83 47.39
C VAL L 83 40.87 -23.30 48.53
N LEU L 84 40.88 -21.97 48.70
CA LEU L 84 40.21 -21.38 49.84
C LEU L 84 39.22 -20.32 49.34
N PRO L 85 38.03 -20.25 49.92
CA PRO L 85 37.08 -19.22 49.50
C PRO L 85 37.58 -17.84 49.84
N PHE L 86 37.17 -16.87 49.03
CA PHE L 86 37.49 -15.46 49.26
C PHE L 86 36.14 -14.76 49.29
N ASN L 87 35.51 -14.74 50.47
CA ASN L 87 34.15 -14.20 50.53
C ASN L 87 34.18 -12.67 50.61
N ASP L 88 34.81 -12.11 51.65
CA ASP L 88 34.79 -10.65 51.75
C ASP L 88 36.14 -10.07 52.20
N GLY L 89 37.25 -10.79 52.00
CA GLY L 89 38.58 -10.36 52.40
C GLY L 89 39.41 -11.33 53.21
N VAL L 90 40.72 -11.36 52.91
CA VAL L 90 41.66 -12.34 53.45
C VAL L 90 42.91 -11.65 53.98
N TYR L 91 43.35 -12.05 55.18
CA TYR L 91 44.64 -11.63 55.73
C TYR L 91 45.63 -12.76 55.48
N PHE L 92 46.83 -12.41 54.99
CA PHE L 92 47.81 -13.42 54.60
C PHE L 92 49.17 -13.10 55.22
N ALA L 93 49.61 -13.94 56.15
CA ALA L 93 50.93 -13.81 56.77
C ALA L 93 51.84 -14.92 56.24
N SER L 94 53.13 -14.58 56.09
CA SER L 94 54.11 -15.55 55.59
C SER L 94 55.39 -15.47 56.40
N THR L 95 55.76 -16.58 57.04
CA THR L 95 57.04 -16.69 57.73
C THR L 95 57.98 -17.49 56.83
N GLU L 96 59.08 -16.87 56.41
CA GLU L 96 59.97 -17.50 55.44
C GLU L 96 61.42 -17.23 55.78
N LYS L 97 62.30 -18.04 55.18
CA LYS L 97 63.73 -17.81 55.22
C LYS L 97 64.38 -17.98 53.85
N SER L 98 63.66 -18.52 52.85
CA SER L 98 64.25 -18.79 51.55
C SER L 98 63.35 -18.35 50.40
N ASN L 99 62.33 -17.51 50.66
CA ASN L 99 61.44 -16.99 49.63
C ASN L 99 60.73 -18.11 48.86
N ILE L 100 60.05 -18.99 49.60
CA ILE L 100 59.31 -20.08 48.98
C ILE L 100 58.04 -19.57 48.31
N ILE L 101 57.32 -18.66 48.97
CA ILE L 101 56.07 -18.13 48.41
C ILE L 101 56.36 -17.38 47.12
N ARG L 102 55.50 -17.58 46.12
CA ARG L 102 55.61 -16.89 44.84
C ARG L 102 54.49 -15.91 44.56
N GLY L 103 53.25 -16.25 44.89
CA GLY L 103 52.14 -15.39 44.55
C GLY L 103 50.80 -16.03 44.88
N TRP L 104 49.76 -15.52 44.23
CA TRP L 104 48.40 -15.95 44.51
C TRP L 104 47.58 -15.98 43.22
N ILE L 105 46.48 -16.72 43.26
CA ILE L 105 45.50 -16.77 42.17
C ILE L 105 44.14 -16.43 42.76
N PHE L 106 43.39 -15.57 42.08
CA PHE L 106 42.05 -15.20 42.50
C PHE L 106 41.08 -15.47 41.36
N GLY L 107 39.85 -15.80 41.72
CA GLY L 107 38.82 -16.01 40.72
C GLY L 107 37.57 -16.63 41.33
N THR L 108 36.66 -17.02 40.45
CA THR L 108 35.42 -17.66 40.82
C THR L 108 35.34 -19.10 40.36
N THR L 109 35.63 -19.36 39.09
CA THR L 109 35.59 -20.71 38.54
C THR L 109 36.96 -21.31 38.30
N LEU L 110 37.95 -20.48 37.97
CA LEU L 110 39.33 -20.92 37.73
C LEU L 110 39.42 -21.94 36.60
N ASP L 111 38.50 -21.87 35.63
CA ASP L 111 38.47 -22.79 34.51
C ASP L 111 38.36 -22.07 33.18
N SER L 112 38.85 -20.83 33.12
CA SER L 112 38.88 -19.99 31.92
C SER L 112 37.50 -19.53 31.49
N LYS L 113 36.45 -19.88 32.23
CA LYS L 113 35.10 -19.44 31.90
C LYS L 113 34.81 -18.04 32.44
N THR L 114 35.50 -17.63 33.49
CA THR L 114 35.38 -16.30 34.04
C THR L 114 36.78 -15.74 34.27
N GLN L 115 36.92 -14.42 34.15
CA GLN L 115 38.23 -13.80 34.29
C GLN L 115 38.79 -14.03 35.69
N SER L 116 40.07 -14.34 35.75
CA SER L 116 40.77 -14.59 37.00
C SER L 116 41.88 -13.57 37.18
N LEU L 117 42.49 -13.57 38.37
CA LEU L 117 43.60 -12.69 38.68
C LEU L 117 44.81 -13.52 39.08
N LEU L 118 45.99 -13.08 38.64
CA LEU L 118 47.24 -13.80 38.89
C LEU L 118 48.33 -12.83 39.30
N ILE L 119 48.94 -13.09 40.45
CA ILE L 119 50.10 -12.34 40.92
C ILE L 119 51.24 -13.33 41.13
N VAL L 120 52.38 -13.08 40.47
CA VAL L 120 53.53 -13.96 40.58
C VAL L 120 54.80 -13.13 40.67
N ASN L 121 55.66 -13.43 41.65
CA ASN L 121 56.99 -12.86 41.74
C ASN L 121 57.96 -13.98 41.37
N ASN L 122 58.17 -14.17 40.08
CA ASN L 122 58.95 -15.32 39.58
C ASN L 122 60.45 -15.03 39.49
N ALA L 123 61.00 -14.48 40.58
CA ALA L 123 62.45 -14.33 40.75
C ALA L 123 63.03 -13.23 39.88
N THR L 124 62.24 -12.71 38.93
CA THR L 124 62.70 -11.68 38.01
C THR L 124 61.89 -10.40 38.12
N ASN L 125 60.56 -10.49 38.03
CA ASN L 125 59.69 -9.32 38.05
C ASN L 125 58.49 -9.63 38.94
N VAL L 126 57.59 -8.67 39.04
CA VAL L 126 56.31 -8.85 39.70
C VAL L 126 55.25 -8.77 38.61
N VAL L 127 54.49 -9.84 38.43
CA VAL L 127 53.51 -9.93 37.36
C VAL L 127 52.12 -9.91 37.98
N ILE L 128 51.29 -8.97 37.55
CA ILE L 128 49.92 -8.87 37.99
C ILE L 128 49.04 -8.89 36.75
N LYS L 129 48.27 -9.96 36.59
CA LYS L 129 47.42 -10.12 35.42
C LYS L 129 45.99 -10.41 35.85
N VAL L 130 45.04 -9.86 35.10
CA VAL L 130 43.64 -10.19 35.22
C VAL L 130 43.27 -10.74 33.85
N CYS L 131 42.99 -12.03 33.80
CA CYS L 131 42.93 -12.69 32.50
C CYS L 131 42.26 -14.05 32.69
N GLU L 132 41.81 -14.64 31.59
CA GLU L 132 41.14 -15.93 31.64
C GLU L 132 42.20 -17.01 31.46
N PHE L 133 42.35 -17.88 32.46
CA PHE L 133 43.37 -18.92 32.42
C PHE L 133 42.74 -20.29 32.65
N GLN L 134 43.30 -21.29 31.99
CA GLN L 134 42.89 -22.68 32.21
C GLN L 134 43.73 -23.28 33.34
N PHE L 135 43.40 -22.86 34.56
CA PHE L 135 44.14 -23.32 35.72
C PHE L 135 43.94 -24.81 35.93
N CYS L 136 45.01 -25.51 36.24
CA CYS L 136 44.93 -26.93 36.56
C CYS L 136 44.84 -27.12 38.07
N ASN L 137 44.73 -28.38 38.49
CA ASN L 137 44.53 -28.68 39.92
C ASN L 137 45.73 -28.26 40.76
N ASP L 138 46.94 -28.41 40.24
CA ASP L 138 48.17 -28.16 41.00
C ASP L 138 49.04 -27.14 40.29
N PRO L 139 48.76 -25.84 40.48
CA PRO L 139 49.64 -24.80 39.95
C PRO L 139 50.72 -24.45 40.95
N PHE L 140 51.95 -24.31 40.45
CA PHE L 140 53.09 -24.06 41.33
C PHE L 140 54.26 -23.57 40.49
N LEU L 141 55.38 -23.31 41.18
CA LEU L 141 56.64 -22.93 40.57
C LEU L 141 57.72 -23.90 41.03
N GLY L 142 58.74 -24.07 40.19
CA GLY L 142 59.85 -24.93 40.56
C GLY L 142 61.21 -24.34 40.26
N VAL L 143 62.06 -24.24 41.28
CA VAL L 143 63.43 -23.79 41.12
C VAL L 143 64.31 -25.03 41.09
N TYR L 144 65.22 -25.09 40.12
CA TYR L 144 66.03 -26.28 39.89
C TYR L 144 67.46 -25.98 40.32
N TYR L 145 68.01 -26.85 41.17
CA TYR L 145 69.31 -26.64 41.79
C TYR L 145 70.33 -27.57 41.17
N HIS L 146 71.49 -27.02 40.82
CA HIS L 146 72.57 -27.78 40.21
C HIS L 146 73.68 -27.97 41.24
N LYS L 147 74.14 -29.22 41.37
CA LYS L 147 75.21 -29.51 42.33
C LYS L 147 76.57 -29.03 41.84
N ASN L 148 76.78 -28.99 40.52
CA ASN L 148 78.10 -28.62 40.00
C ASN L 148 78.45 -27.17 40.30
N ASN L 149 77.48 -26.26 40.18
CA ASN L 149 77.73 -24.84 40.39
C ASN L 149 76.74 -24.29 41.41
N LYS L 150 77.18 -23.30 42.18
CA LYS L 150 76.36 -22.70 43.23
C LYS L 150 75.45 -21.63 42.62
N SER L 151 74.48 -22.11 41.85
CA SER L 151 73.53 -21.21 41.19
C SER L 151 72.13 -21.79 41.28
N TRP L 152 71.15 -20.93 41.55
CA TRP L 152 69.74 -21.31 41.57
C TRP L 152 68.97 -20.43 40.58
N MET L 153 68.20 -21.06 39.70
CA MET L 153 67.30 -20.34 38.82
C MET L 153 66.00 -21.13 38.67
N GLU L 154 64.91 -20.40 38.50
CA GLU L 154 63.60 -21.03 38.33
C GLU L 154 63.54 -21.77 37.00
N SER L 155 63.05 -23.00 37.03
CA SER L 155 62.97 -23.83 35.84
C SER L 155 61.54 -24.13 35.40
N GLU L 156 60.65 -24.45 36.33
CA GLU L 156 59.30 -24.85 36.00
C GLU L 156 58.30 -23.79 36.44
N PHE L 157 57.35 -23.49 35.55
CA PHE L 157 56.27 -22.56 35.85
C PHE L 157 54.99 -23.20 35.31
N ARG L 158 54.27 -23.91 36.17
CA ARG L 158 53.10 -24.69 35.77
C ARG L 158 51.87 -24.10 36.45
N VAL L 159 51.21 -23.15 35.79
CA VAL L 159 50.04 -22.50 36.38
C VAL L 159 48.86 -22.54 35.42
N TYR L 160 49.05 -22.02 34.22
CA TYR L 160 47.98 -21.89 33.24
C TYR L 160 48.44 -22.41 31.88
N SER L 161 47.48 -22.56 30.98
CA SER L 161 47.78 -23.05 29.64
C SER L 161 47.42 -22.09 28.52
N SER L 162 46.35 -21.30 28.65
CA SER L 162 45.91 -20.46 27.54
C SER L 162 45.32 -19.15 28.07
N ALA L 163 45.33 -18.14 27.20
CA ALA L 163 44.71 -16.85 27.49
C ALA L 163 44.21 -16.26 26.17
N ASN L 164 42.90 -16.23 25.96
CA ASN L 164 42.34 -15.78 24.68
C ASN L 164 41.81 -14.35 24.74
N ASN L 165 40.87 -14.07 25.64
CA ASN L 165 40.35 -12.71 25.84
C ASN L 165 40.96 -12.20 27.14
N CYS L 166 41.80 -11.19 27.05
CA CYS L 166 42.58 -10.76 28.20
C CYS L 166 42.54 -9.24 28.30
N THR L 167 42.42 -8.72 29.52
CA THR L 167 42.23 -7.27 29.66
C THR L 167 43.30 -6.55 30.46
N PHE L 168 43.81 -7.15 31.54
CA PHE L 168 44.75 -6.47 32.42
C PHE L 168 46.08 -7.21 32.46
N GLU L 169 47.17 -6.46 32.28
CA GLU L 169 48.51 -7.00 32.36
C GLU L 169 49.41 -5.98 33.02
N TYR L 170 50.32 -6.44 33.89
CA TYR L 170 51.29 -5.55 34.51
C TYR L 170 52.54 -6.36 34.86
N VAL L 171 53.71 -5.81 34.54
CA VAL L 171 54.99 -6.38 34.92
C VAL L 171 55.87 -5.27 35.49
N SER L 172 56.39 -5.50 36.69
CA SER L 172 57.30 -4.55 37.31
C SER L 172 58.71 -4.70 36.72
N GLN L 173 59.58 -3.74 37.05
CA GLN L 173 60.93 -3.76 36.51
C GLN L 173 61.71 -4.94 37.10
N PRO L 174 62.64 -5.52 36.32
CA PRO L 174 63.31 -6.74 36.78
C PRO L 174 64.18 -6.53 38.01
N PHE L 175 64.28 -7.60 38.80
CA PHE L 175 65.09 -7.63 40.02
C PHE L 175 65.44 -9.07 40.32
N LEU L 176 66.42 -9.27 41.20
CA LEU L 176 66.96 -10.58 41.50
C LEU L 176 67.04 -10.81 43.01
N MET L 177 66.88 -12.07 43.43
CA MET L 177 67.00 -12.42 44.84
C MET L 177 67.95 -13.58 45.05
N ASP L 178 68.05 -14.04 46.30
CA ASP L 178 69.02 -15.07 46.66
C ASP L 178 68.71 -16.38 45.97
N LEU L 179 67.47 -16.83 46.06
CA LEU L 179 66.92 -18.06 45.48
C LEU L 179 67.39 -19.32 46.19
N GLU L 180 68.24 -19.23 47.22
CA GLU L 180 68.79 -20.41 47.86
C GLU L 180 68.04 -20.69 49.17
N GLY L 181 68.10 -21.94 49.59
CA GLY L 181 67.50 -22.34 50.85
C GLY L 181 68.48 -22.27 52.00
N LYS L 182 68.36 -21.24 52.83
CA LYS L 182 69.30 -21.04 53.93
C LYS L 182 68.99 -22.01 55.06
N GLN L 183 69.98 -22.20 55.93
CA GLN L 183 69.86 -23.11 57.06
C GLN L 183 69.62 -22.29 58.33
N GLY L 184 68.57 -22.64 59.06
CA GLY L 184 68.22 -21.94 60.28
C GLY L 184 66.72 -21.75 60.42
N ASN L 185 66.32 -20.73 61.17
CA ASN L 185 64.90 -20.46 61.40
C ASN L 185 64.42 -19.38 60.44
N PHE L 186 63.11 -19.18 60.42
CA PHE L 186 62.54 -18.15 59.56
C PHE L 186 63.01 -16.77 60.00
N LYS L 187 63.30 -15.91 59.03
CA LYS L 187 63.81 -14.58 59.32
C LYS L 187 62.93 -13.45 58.81
N ASN L 188 62.03 -13.71 57.86
CA ASN L 188 61.21 -12.67 57.25
C ASN L 188 59.74 -12.98 57.50
N LEU L 189 58.98 -11.95 57.84
CA LEU L 189 57.53 -12.06 58.01
C LEU L 189 56.87 -11.06 57.07
N ARG L 190 56.13 -11.57 56.08
CA ARG L 190 55.42 -10.75 55.12
C ARG L 190 53.93 -10.82 55.43
N GLU L 191 53.32 -9.67 55.69
CA GLU L 191 51.90 -9.58 56.01
C GLU L 191 51.18 -8.83 54.91
N PHE L 192 50.10 -9.44 54.40
CA PHE L 192 49.33 -8.84 53.32
C PHE L 192 47.85 -8.89 53.66
N VAL L 193 47.11 -7.92 53.11
CA VAL L 193 45.66 -7.86 53.23
C VAL L 193 45.07 -7.63 51.85
N PHE L 194 44.14 -8.48 51.45
CA PHE L 194 43.49 -8.38 50.14
C PHE L 194 42.02 -8.07 50.34
N LYS L 195 41.55 -7.00 49.67
CA LYS L 195 40.15 -6.60 49.72
C LYS L 195 39.65 -6.31 48.32
N ASN L 196 38.35 -6.53 48.11
CA ASN L 196 37.69 -6.22 46.86
C ASN L 196 36.33 -5.57 47.13
N ILE L 197 36.22 -4.26 46.87
CA ILE L 197 34.94 -3.57 47.06
C ILE L 197 34.87 -2.47 46.02
N ASP L 198 33.65 -2.19 45.55
CA ASP L 198 33.41 -1.10 44.60
C ASP L 198 34.19 -1.30 43.32
N GLY L 199 34.43 -2.56 42.95
CA GLY L 199 35.21 -2.83 41.76
C GLY L 199 36.69 -2.54 41.90
N TYR L 200 37.15 -2.25 43.10
CA TYR L 200 38.56 -1.98 43.37
C TYR L 200 39.14 -3.14 44.17
N PHE L 201 40.27 -3.67 43.71
CA PHE L 201 41.00 -4.71 44.44
C PHE L 201 42.19 -4.04 45.12
N LYS L 202 42.16 -3.97 46.44
CA LYS L 202 43.17 -3.27 47.23
C LYS L 202 44.08 -4.26 47.92
N ILE L 203 45.38 -4.01 47.84
CA ILE L 203 46.40 -4.82 48.51
C ILE L 203 47.14 -3.95 49.51
N TYR L 204 47.21 -4.42 50.75
CA TYR L 204 47.99 -3.78 51.79
C TYR L 204 49.15 -4.71 52.14
N SER L 205 50.33 -4.14 52.41
CA SER L 205 51.52 -4.95 52.62
C SER L 205 52.32 -4.42 53.79
N LYS L 206 53.11 -5.30 54.39
CA LYS L 206 54.08 -4.94 55.41
C LYS L 206 55.14 -6.02 55.47
N HIS L 207 56.38 -5.62 55.73
CA HIS L 207 57.50 -6.54 55.88
C HIS L 207 58.10 -6.37 57.27
N THR L 208 58.52 -7.49 57.87
CA THR L 208 59.07 -7.43 59.22
C THR L 208 60.18 -8.45 59.41
N PRO L 209 61.31 -8.05 60.00
CA PRO L 209 62.35 -9.03 60.36
C PRO L 209 62.01 -9.71 61.68
N ILE L 210 62.09 -11.03 61.70
CA ILE L 210 61.78 -11.82 62.89
C ILE L 210 62.90 -12.83 63.12
N ASN L 211 63.05 -13.24 64.37
CA ASN L 211 64.08 -14.22 64.74
C ASN L 211 63.52 -15.30 65.65
N LEU L 212 62.32 -15.79 65.35
CA LEU L 212 61.74 -16.91 66.08
C LEU L 212 61.79 -18.16 65.20
N VAL L 213 61.45 -19.30 65.80
CA VAL L 213 61.55 -20.56 65.09
C VAL L 213 60.25 -20.92 64.37
N ARG L 214 59.15 -21.06 65.11
CA ARG L 214 57.90 -21.49 64.50
C ARG L 214 56.74 -21.00 65.37
N ASP L 215 56.16 -19.87 64.98
CA ASP L 215 55.00 -19.27 65.64
C ASP L 215 54.52 -18.04 64.88
N LEU L 216 53.53 -17.35 65.42
CA LEU L 216 53.13 -16.05 64.89
C LEU L 216 53.68 -14.99 65.82
N PRO L 217 54.51 -14.07 65.34
CA PRO L 217 55.14 -13.09 66.24
C PRO L 217 54.10 -12.19 66.89
N GLN L 218 54.39 -11.80 68.13
CA GLN L 218 53.51 -10.91 68.87
C GLN L 218 53.81 -9.47 68.46
N GLY L 219 53.24 -8.51 69.18
CA GLY L 219 53.48 -7.11 68.88
C GLY L 219 52.47 -6.57 67.90
N PHE L 220 52.60 -5.27 67.62
CA PHE L 220 51.65 -4.58 66.76
C PHE L 220 52.39 -3.93 65.60
N SER L 221 51.84 -4.07 64.40
CA SER L 221 52.43 -3.44 63.22
C SER L 221 51.32 -3.12 62.22
N ALA L 222 51.14 -1.84 61.92
CA ALA L 222 50.16 -1.45 60.93
C ALA L 222 50.65 -1.79 59.52
N LEU L 223 49.71 -2.12 58.65
CA LEU L 223 50.02 -2.53 57.29
C LEU L 223 49.77 -1.36 56.34
N GLU L 224 50.81 -0.92 55.65
CA GLU L 224 50.66 0.17 54.70
C GLU L 224 49.99 -0.33 53.41
N PRO L 225 49.18 0.51 52.78
CA PRO L 225 48.62 0.15 51.47
C PRO L 225 49.72 -0.04 50.44
N LEU L 226 49.52 -1.01 49.56
CA LEU L 226 50.49 -1.30 48.51
C LEU L 226 50.00 -0.86 47.13
N VAL L 227 48.78 -1.24 46.74
CA VAL L 227 48.25 -0.88 45.44
C VAL L 227 46.73 -0.96 45.52
N ASP L 228 46.07 -0.20 44.65
CA ASP L 228 44.62 -0.25 44.50
C ASP L 228 44.35 -0.57 43.03
N LEU L 229 44.28 -1.85 42.72
CA LEU L 229 44.12 -2.26 41.33
C LEU L 229 42.69 -2.05 40.86
N PRO L 230 42.48 -1.42 39.72
CA PRO L 230 41.14 -1.24 39.14
C PRO L 230 40.69 -2.47 38.35
N ILE L 231 40.26 -3.50 39.06
CA ILE L 231 39.97 -4.80 38.45
C ILE L 231 38.49 -4.97 38.18
N GLY L 232 37.64 -4.68 39.16
CA GLY L 232 36.20 -4.76 38.95
C GLY L 232 35.67 -6.10 38.51
N ILE L 233 36.15 -7.18 39.12
CA ILE L 233 35.67 -8.52 38.82
C ILE L 233 35.15 -9.15 40.11
N ASN L 234 34.50 -10.30 39.96
CA ASN L 234 33.98 -11.06 41.09
C ASN L 234 35.03 -12.08 41.50
N ILE L 235 35.51 -11.98 42.74
CA ILE L 235 36.46 -12.92 43.30
C ILE L 235 35.80 -13.59 44.49
N THR L 236 35.58 -14.91 44.38
CA THR L 236 34.94 -15.67 45.44
C THR L 236 35.83 -16.78 46.00
N ARG L 237 36.94 -17.10 45.34
CA ARG L 237 37.79 -18.21 45.75
C ARG L 237 39.22 -17.89 45.34
N PHE L 238 40.18 -18.50 46.03
CA PHE L 238 41.57 -18.14 45.77
C PHE L 238 42.49 -19.29 46.18
N GLN L 239 43.74 -19.18 45.75
CA GLN L 239 44.79 -20.15 46.04
C GLN L 239 46.10 -19.40 46.23
N THR L 240 47.11 -20.14 46.71
CA THR L 240 48.45 -19.61 46.89
C THR L 240 49.43 -20.34 45.98
N LEU L 241 50.60 -19.74 45.78
CA LEU L 241 51.63 -20.31 44.93
C LEU L 241 52.89 -20.57 45.74
N LEU L 242 53.49 -21.74 45.52
CA LEU L 242 54.71 -22.13 46.22
C LEU L 242 55.77 -22.51 45.20
N ALA L 243 57.03 -22.33 45.59
CA ALA L 243 58.17 -22.74 44.78
C ALA L 243 58.84 -23.94 45.43
N LEU L 244 59.02 -25.00 44.66
CA LEU L 244 59.68 -26.21 45.14
C LEU L 244 61.14 -26.24 44.69
N HIS L 245 61.88 -27.19 45.24
CA HIS L 245 63.28 -27.38 44.92
C HIS L 245 63.46 -28.73 44.23
N ARG L 246 64.23 -28.73 43.14
CA ARG L 246 64.55 -29.96 42.42
C ARG L 246 66.06 -30.10 42.31
N SER L 247 66.54 -31.34 42.43
CA SER L 247 67.96 -31.62 42.29
C SER L 247 68.20 -32.85 41.44
N GLY L 252 65.10 -38.02 40.32
CA GLY L 252 63.95 -38.90 40.35
C GLY L 252 62.85 -38.48 39.41
N ASP L 253 61.65 -39.01 39.63
CA ASP L 253 60.52 -38.70 38.77
C ASP L 253 60.06 -37.27 38.97
N SER L 254 59.42 -36.71 37.94
CA SER L 254 58.93 -35.34 38.02
C SER L 254 57.90 -35.18 39.13
N SER L 255 57.04 -36.19 39.31
CA SER L 255 55.98 -36.13 40.31
C SER L 255 56.47 -36.51 41.70
N SER L 256 57.72 -36.95 41.85
CA SER L 256 58.21 -37.41 43.14
C SER L 256 59.47 -36.69 43.56
N GLY L 257 60.33 -36.34 42.60
CA GLY L 257 61.60 -35.71 42.92
C GLY L 257 61.50 -34.21 43.11
N TRP L 258 60.90 -33.79 44.22
CA TRP L 258 60.72 -32.37 44.50
C TRP L 258 60.84 -32.14 45.99
N THR L 259 61.43 -31.00 46.36
CA THR L 259 61.55 -30.58 47.76
C THR L 259 60.80 -29.28 47.94
N ALA L 260 59.85 -29.27 48.88
CA ALA L 260 59.03 -28.08 49.09
C ALA L 260 59.85 -26.92 49.67
N GLY L 261 60.68 -27.20 50.66
CA GLY L 261 61.42 -26.14 51.33
C GLY L 261 60.68 -25.63 52.54
N ALA L 262 61.45 -25.14 53.52
CA ALA L 262 60.87 -24.73 54.79
C ALA L 262 60.18 -23.37 54.64
N ALA L 263 58.89 -23.33 54.97
CA ALA L 263 58.10 -22.11 54.95
C ALA L 263 56.80 -22.36 55.68
N ALA L 264 56.14 -21.28 56.09
CA ALA L 264 54.81 -21.35 56.69
C ALA L 264 54.02 -20.12 56.28
N TYR L 265 52.73 -20.31 56.01
CA TYR L 265 51.84 -19.19 55.71
C TYR L 265 50.53 -19.36 56.45
N TYR L 266 50.01 -18.24 56.98
CA TYR L 266 48.80 -18.22 57.77
C TYR L 266 47.73 -17.43 57.03
N VAL L 267 46.51 -17.93 57.03
CA VAL L 267 45.39 -17.31 56.34
C VAL L 267 44.30 -16.97 57.34
N GLY L 268 43.84 -15.72 57.31
CA GLY L 268 42.72 -15.30 58.11
C GLY L 268 41.71 -14.55 57.26
N TYR L 269 40.50 -14.43 57.80
CA TYR L 269 39.41 -13.79 57.09
C TYR L 269 39.03 -12.49 57.76
N LEU L 270 38.68 -11.49 56.94
CA LEU L 270 38.29 -10.17 57.44
C LEU L 270 36.80 -10.12 57.69
N GLN L 271 36.41 -9.42 58.76
CA GLN L 271 35.02 -9.24 59.11
C GLN L 271 34.74 -7.76 59.34
N PRO L 272 33.48 -7.33 59.11
CA PRO L 272 33.16 -5.92 59.40
C PRO L 272 33.11 -5.65 60.89
N ARG L 273 34.07 -4.87 61.38
CA ARG L 273 34.16 -4.59 62.81
C ARG L 273 34.62 -3.15 63.00
N THR L 274 34.42 -2.66 64.22
CA THR L 274 34.82 -1.30 64.57
C THR L 274 36.10 -1.36 65.40
N PHE L 275 37.09 -0.56 65.00
CA PHE L 275 38.38 -0.54 65.66
C PHE L 275 38.71 0.88 66.10
N LEU L 276 39.34 1.01 67.26
CA LEU L 276 39.84 2.29 67.73
C LEU L 276 41.35 2.29 67.56
N LEU L 277 41.85 3.20 66.74
CA LEU L 277 43.26 3.27 66.40
C LEU L 277 43.89 4.49 67.04
N LYS L 278 45.10 4.34 67.57
CA LYS L 278 45.83 5.43 68.21
C LYS L 278 46.93 5.90 67.27
N TYR L 279 46.76 7.09 66.73
CA TYR L 279 47.78 7.71 65.89
C TYR L 279 48.74 8.49 66.77
N ASN L 280 50.03 8.23 66.63
CA ASN L 280 51.03 8.93 67.42
C ASN L 280 51.32 10.29 66.77
N GLU L 281 52.37 10.97 67.24
CA GLU L 281 52.70 12.28 66.69
C GLU L 281 53.14 12.16 65.23
N ASN L 282 53.83 11.07 64.89
CA ASN L 282 54.35 10.89 63.53
C ASN L 282 53.26 10.51 62.54
N GLY L 283 52.08 10.12 63.00
CA GLY L 283 51.01 9.69 62.14
C GLY L 283 50.89 8.20 61.95
N THR L 284 51.67 7.41 62.67
CA THR L 284 51.60 5.96 62.58
C THR L 284 50.60 5.41 63.58
N ILE L 285 50.02 4.26 63.25
CA ILE L 285 49.05 3.59 64.12
C ILE L 285 49.85 2.82 65.15
N THR L 286 50.06 3.43 66.33
CA THR L 286 50.85 2.77 67.37
C THR L 286 50.09 1.62 68.01
N ASP L 287 48.80 1.80 68.30
CA ASP L 287 48.02 0.80 69.01
C ASP L 287 46.60 0.78 68.50
N ALA L 288 45.90 -0.31 68.81
CA ALA L 288 44.51 -0.46 68.41
C ALA L 288 43.79 -1.38 69.39
N VAL L 289 42.48 -1.18 69.52
CA VAL L 289 41.62 -2.03 70.33
C VAL L 289 40.35 -2.34 69.55
N ASP L 290 39.80 -3.54 69.79
CA ASP L 290 38.54 -3.89 69.19
C ASP L 290 37.38 -3.21 69.92
N CYS L 291 36.23 -3.20 69.29
CA CYS L 291 35.00 -2.75 69.93
C CYS L 291 34.04 -3.89 70.20
N ALA L 292 34.38 -5.12 69.82
CA ALA L 292 33.50 -6.27 70.02
C ALA L 292 34.29 -7.48 70.54
N LEU L 293 35.38 -7.24 71.27
CA LEU L 293 36.18 -8.33 71.80
C LEU L 293 35.77 -8.70 73.22
N ASP L 294 35.78 -7.73 74.13
CA ASP L 294 35.45 -7.96 75.53
C ASP L 294 34.89 -6.65 76.08
N PRO L 295 34.22 -6.70 77.24
CA PRO L 295 33.59 -5.48 77.76
C PRO L 295 34.54 -4.31 77.95
N LEU L 296 35.78 -4.55 78.39
CA LEU L 296 36.70 -3.43 78.57
C LEU L 296 37.04 -2.76 77.25
N SER L 297 37.27 -3.53 76.19
CA SER L 297 37.53 -2.94 74.89
C SER L 297 36.33 -2.15 74.40
N GLU L 298 35.12 -2.69 74.63
CA GLU L 298 33.92 -1.98 74.22
C GLU L 298 33.80 -0.67 74.99
N THR L 299 34.12 -0.69 76.29
CA THR L 299 34.08 0.54 77.08
C THR L 299 35.10 1.56 76.56
N LYS L 300 36.29 1.09 76.21
CA LYS L 300 37.30 1.98 75.65
C LYS L 300 36.83 2.59 74.34
N CYS L 301 36.16 1.77 73.51
CA CYS L 301 35.61 2.28 72.25
C CYS L 301 34.56 3.35 72.51
N THR L 302 33.69 3.12 73.48
CA THR L 302 32.65 4.11 73.79
C THR L 302 33.27 5.40 74.29
N LEU L 303 34.30 5.32 75.14
CA LEU L 303 34.90 6.50 75.72
C LEU L 303 35.91 7.17 74.80
N LYS L 304 36.28 6.52 73.69
CA LYS L 304 37.29 7.04 72.76
C LYS L 304 38.61 7.30 73.47
N SER L 305 38.97 6.41 74.40
CA SER L 305 40.23 6.53 75.10
C SER L 305 40.76 5.14 75.42
N PHE L 306 42.09 4.98 75.35
CA PHE L 306 42.70 3.72 75.70
C PHE L 306 42.70 3.46 77.20
N THR L 307 42.63 4.51 78.01
CA THR L 307 42.59 4.38 79.46
C THR L 307 41.22 4.84 79.96
N VAL L 308 40.62 4.06 80.86
CA VAL L 308 39.33 4.37 81.45
C VAL L 308 39.49 4.51 82.96
N GLU L 309 38.90 5.54 83.54
CA GLU L 309 38.98 5.66 84.98
C GLU L 309 37.92 4.79 85.63
N LYS L 310 38.07 4.60 86.95
CA LYS L 310 37.17 3.74 87.70
C LYS L 310 35.74 4.28 87.67
N GLY L 311 34.79 3.37 87.56
CA GLY L 311 33.39 3.72 87.57
C GLY L 311 32.59 2.73 86.74
N ILE L 312 31.33 3.07 86.50
CA ILE L 312 30.41 2.25 85.72
C ILE L 312 29.99 3.04 84.49
N TYR L 313 30.06 2.40 83.33
CA TYR L 313 29.79 3.06 82.06
C TYR L 313 28.70 2.32 81.30
N GLN L 314 27.76 3.09 80.74
CA GLN L 314 26.67 2.55 79.92
C GLN L 314 27.25 2.19 78.56
N THR L 315 27.65 0.94 78.39
CA THR L 315 28.36 0.56 77.18
C THR L 315 27.42 0.36 75.98
N SER L 316 26.42 -0.50 76.12
CA SER L 316 25.57 -0.82 74.97
C SER L 316 24.25 -1.40 75.48
N ASN L 317 23.52 -2.06 74.60
CA ASN L 317 22.20 -2.61 74.90
C ASN L 317 22.16 -4.09 74.59
N PHE L 318 21.27 -4.80 75.30
CA PHE L 318 21.07 -6.23 75.12
C PHE L 318 19.63 -6.47 74.67
N ARG L 319 19.46 -7.16 73.55
CA ARG L 319 18.15 -7.51 73.03
C ARG L 319 18.09 -8.98 72.64
N VAL L 320 17.09 -9.69 73.17
CA VAL L 320 16.88 -11.09 72.81
C VAL L 320 16.25 -11.13 71.41
N GLN L 321 16.86 -11.89 70.50
CA GLN L 321 16.37 -11.96 69.13
C GLN L 321 15.32 -13.05 69.00
N PRO L 322 14.10 -12.74 68.56
CA PRO L 322 13.06 -13.76 68.48
C PRO L 322 13.34 -14.76 67.36
N THR L 323 13.07 -16.03 67.64
CA THR L 323 13.21 -17.11 66.68
C THR L 323 11.95 -17.97 66.72
N GLU L 324 11.80 -18.82 65.71
CA GLU L 324 10.61 -19.69 65.57
C GLU L 324 9.33 -18.87 65.50
N SER L 325 9.30 -17.88 64.60
CA SER L 325 8.09 -17.08 64.40
C SER L 325 6.92 -17.99 64.02
N ILE L 326 5.76 -17.74 64.64
CA ILE L 326 4.61 -18.61 64.51
C ILE L 326 3.34 -17.82 64.19
N VAL L 327 2.48 -18.42 63.37
CA VAL L 327 1.19 -17.85 62.99
C VAL L 327 0.07 -18.76 63.50
N ARG L 328 -0.97 -18.15 64.09
CA ARG L 328 -2.15 -18.85 64.58
C ARG L 328 -3.43 -18.29 63.96
N PHE L 329 -4.26 -19.17 63.43
CA PHE L 329 -5.51 -18.75 62.81
C PHE L 329 -6.73 -19.58 63.18
N PRO L 330 -7.89 -18.92 63.14
CA PRO L 330 -9.13 -19.63 63.42
C PRO L 330 -9.33 -20.69 62.35
N ASN L 331 -9.80 -21.83 62.77
CA ASN L 331 -10.07 -22.98 61.92
C ASN L 331 -11.20 -22.71 60.95
N ILE L 332 -11.01 -23.15 59.71
CA ILE L 332 -12.00 -22.86 58.67
C ILE L 332 -13.32 -23.50 59.00
N THR L 333 -14.39 -22.69 58.96
CA THR L 333 -15.72 -23.17 59.30
C THR L 333 -16.21 -24.21 58.29
N ASN L 334 -16.06 -23.91 57.00
CA ASN L 334 -16.46 -24.84 55.96
C ASN L 334 -15.70 -24.53 54.68
N LEU L 335 -15.45 -25.57 53.90
CA LEU L 335 -14.81 -25.39 52.61
C LEU L 335 -15.85 -24.95 51.58
N CYS L 336 -15.38 -24.27 50.54
CA CYS L 336 -16.26 -23.89 49.46
C CYS L 336 -16.66 -25.13 48.67
N PRO L 337 -17.86 -25.13 48.06
CA PRO L 337 -18.30 -26.36 47.37
C PRO L 337 -17.59 -26.62 46.04
N PHE L 338 -16.26 -26.60 46.06
CA PHE L 338 -15.51 -27.02 44.89
C PHE L 338 -15.77 -28.49 44.60
N GLY L 339 -15.83 -29.31 45.65
CA GLY L 339 -16.09 -30.73 45.47
C GLY L 339 -17.44 -30.99 44.82
N GLU L 340 -18.47 -30.24 45.24
CA GLU L 340 -19.79 -30.40 44.66
C GLU L 340 -19.80 -30.02 43.18
N VAL L 341 -19.23 -28.86 42.84
CA VAL L 341 -19.31 -28.40 41.46
C VAL L 341 -18.51 -29.30 40.53
N PHE L 342 -17.35 -29.79 40.98
CA PHE L 342 -16.57 -30.71 40.16
C PHE L 342 -17.17 -32.11 40.20
N ASN L 343 -17.22 -32.71 41.39
CA ASN L 343 -17.77 -34.06 41.52
C ASN L 343 -19.28 -33.92 41.69
N ALA L 344 -20.03 -34.30 40.65
CA ALA L 344 -21.48 -34.21 40.63
C ALA L 344 -22.01 -35.41 39.84
N THR L 345 -23.31 -35.42 39.61
CA THR L 345 -23.92 -36.46 38.76
C THR L 345 -24.32 -35.96 37.39
N ARG L 346 -24.89 -34.75 37.30
CA ARG L 346 -25.39 -34.22 36.04
C ARG L 346 -24.76 -32.86 35.75
N PHE L 347 -24.33 -32.67 34.51
CA PHE L 347 -23.85 -31.37 34.03
C PHE L 347 -24.75 -30.87 32.91
N ALA L 348 -24.89 -29.56 32.86
CA ALA L 348 -25.72 -28.93 31.84
C ALA L 348 -25.06 -29.04 30.47
N SER L 349 -25.87 -28.88 29.43
CA SER L 349 -25.36 -28.92 28.08
C SER L 349 -24.48 -27.70 27.82
N VAL L 350 -23.62 -27.82 26.79
CA VAL L 350 -22.64 -26.78 26.53
C VAL L 350 -23.31 -25.46 26.14
N TYR L 351 -24.36 -25.52 25.30
CA TYR L 351 -25.04 -24.29 24.93
C TYR L 351 -25.71 -23.66 26.14
N ALA L 352 -26.34 -24.47 26.98
CA ALA L 352 -26.96 -23.99 28.22
C ALA L 352 -26.02 -24.21 29.40
N TRP L 353 -24.84 -23.59 29.33
CA TRP L 353 -23.85 -23.80 30.37
C TRP L 353 -24.35 -23.27 31.71
N ASN L 354 -24.16 -24.06 32.76
CA ASN L 354 -24.68 -23.73 34.07
C ASN L 354 -23.62 -22.98 34.87
N ARG L 355 -23.99 -21.80 35.37
CA ARG L 355 -23.08 -20.95 36.12
C ARG L 355 -23.48 -20.96 37.59
N LYS L 356 -22.49 -21.16 38.46
CA LYS L 356 -22.71 -21.25 39.89
C LYS L 356 -21.81 -20.25 40.58
N ARG L 357 -22.40 -19.36 41.38
CA ARG L 357 -21.66 -18.30 42.07
C ARG L 357 -21.41 -18.71 43.50
N ILE L 358 -20.14 -18.70 43.91
CA ILE L 358 -19.76 -19.08 45.26
C ILE L 358 -19.01 -17.92 45.91
N SER L 359 -19.44 -17.56 47.12
CA SER L 359 -18.80 -16.50 47.89
C SER L 359 -18.98 -16.82 49.36
N ASN L 360 -18.20 -16.13 50.20
CA ASN L 360 -18.21 -16.34 51.65
C ASN L 360 -17.84 -17.78 52.00
N CYS L 361 -16.93 -18.36 51.24
CA CYS L 361 -16.53 -19.75 51.42
C CYS L 361 -15.02 -19.85 51.29
N VAL L 362 -14.42 -20.78 52.02
CA VAL L 362 -12.97 -20.96 52.03
C VAL L 362 -12.62 -21.87 50.86
N ALA L 363 -12.43 -21.27 49.69
CA ALA L 363 -12.19 -22.05 48.48
C ALA L 363 -10.84 -22.74 48.56
N ASP L 364 -10.86 -24.07 48.56
CA ASP L 364 -9.63 -24.87 48.57
C ASP L 364 -9.18 -25.13 47.14
N TYR L 365 -8.47 -24.15 46.58
CA TYR L 365 -7.91 -24.33 45.24
C TYR L 365 -6.84 -25.42 45.22
N SER L 366 -6.08 -25.54 46.31
CA SER L 366 -4.98 -26.49 46.36
C SER L 366 -5.47 -27.92 46.19
N VAL L 367 -6.66 -28.23 46.72
CA VAL L 367 -7.14 -29.62 46.70
C VAL L 367 -7.37 -30.08 45.26
N LEU L 368 -8.07 -29.27 44.46
CA LEU L 368 -8.28 -29.64 43.07
C LEU L 368 -6.95 -29.64 42.30
N TYR L 369 -6.09 -28.66 42.57
CA TYR L 369 -4.81 -28.59 41.87
C TYR L 369 -3.95 -29.79 42.19
N ASN L 370 -3.93 -30.21 43.46
CA ASN L 370 -3.14 -31.37 43.85
C ASN L 370 -3.65 -32.62 43.17
N SER L 371 -4.97 -32.78 43.08
CA SER L 371 -5.55 -33.90 42.36
C SER L 371 -5.12 -33.86 40.90
N ALA L 372 -4.67 -35.00 40.39
CA ALA L 372 -4.14 -35.09 39.03
C ALA L 372 -5.09 -35.80 38.07
N SER L 373 -6.32 -36.10 38.52
CA SER L 373 -7.24 -36.85 37.68
C SER L 373 -7.64 -36.06 36.43
N PHE L 374 -7.72 -34.73 36.54
CA PHE L 374 -8.22 -33.92 35.45
C PHE L 374 -7.21 -33.87 34.30
N SER L 375 -7.69 -34.14 33.09
CA SER L 375 -6.79 -34.17 31.93
C SER L 375 -6.25 -32.79 31.59
N THR L 376 -7.10 -31.77 31.61
CA THR L 376 -6.69 -30.44 31.20
C THR L 376 -6.82 -29.47 32.37
N PHE L 377 -5.73 -28.78 32.68
CA PHE L 377 -5.71 -27.76 33.74
C PHE L 377 -5.00 -26.54 33.17
N LYS L 378 -5.74 -25.71 32.44
CA LYS L 378 -5.16 -24.50 31.82
C LYS L 378 -5.69 -23.29 32.57
N CYS L 379 -4.78 -22.57 33.23
CA CYS L 379 -5.11 -21.41 34.03
C CYS L 379 -4.46 -20.18 33.41
N TYR L 380 -5.26 -19.15 33.16
CA TYR L 380 -4.80 -17.92 32.52
C TYR L 380 -4.88 -16.79 33.53
N GLY L 381 -3.75 -16.10 33.73
CA GLY L 381 -3.70 -14.96 34.62
C GLY L 381 -3.66 -15.28 36.09
N VAL L 382 -3.62 -16.55 36.47
CA VAL L 382 -3.53 -16.94 37.87
C VAL L 382 -2.90 -18.32 37.94
N SER L 383 -2.13 -18.56 39.00
CA SER L 383 -1.52 -19.85 39.26
C SER L 383 -2.18 -20.50 40.47
N PRO L 384 -2.31 -21.82 40.48
CA PRO L 384 -3.03 -22.46 41.61
C PRO L 384 -2.38 -22.21 42.95
N THR L 385 -1.05 -22.27 43.01
CA THR L 385 -0.36 -21.97 44.27
C THR L 385 -0.65 -20.54 44.70
N LYS L 386 -0.62 -19.60 43.74
CA LYS L 386 -0.97 -18.22 44.04
C LYS L 386 -2.44 -18.08 44.38
N LEU L 387 -3.31 -18.93 43.81
CA LEU L 387 -4.74 -18.83 44.06
C LEU L 387 -5.05 -19.03 45.54
N ASN L 388 -4.37 -19.98 46.19
CA ASN L 388 -4.62 -20.26 47.59
C ASN L 388 -4.34 -19.03 48.45
N ASP L 389 -3.22 -18.34 48.19
CA ASP L 389 -2.91 -17.12 48.93
C ASP L 389 -3.84 -15.99 48.54
N LEU L 390 -4.16 -15.85 47.26
CA LEU L 390 -4.94 -14.70 46.80
C LEU L 390 -6.38 -14.83 47.27
N CYS L 391 -7.05 -13.69 47.37
CA CYS L 391 -8.43 -13.63 47.82
C CYS L 391 -9.30 -12.94 46.79
N PHE L 392 -10.42 -13.57 46.43
CA PHE L 392 -11.29 -13.11 45.37
C PHE L 392 -12.70 -12.85 45.91
N THR L 393 -13.33 -11.79 45.41
CA THR L 393 -14.67 -11.43 45.88
C THR L 393 -15.69 -12.51 45.54
N ASN L 394 -15.66 -13.00 44.30
CA ASN L 394 -16.61 -14.02 43.87
C ASN L 394 -15.94 -14.98 42.91
N VAL L 395 -16.42 -16.22 42.89
CA VAL L 395 -15.98 -17.24 41.94
C VAL L 395 -17.20 -17.82 41.26
N TYR L 396 -17.17 -17.86 39.92
CA TYR L 396 -18.24 -18.44 39.12
C TYR L 396 -17.72 -19.70 38.44
N ALA L 397 -18.40 -20.82 38.65
CA ALA L 397 -18.02 -22.10 38.05
C ALA L 397 -19.06 -22.50 36.99
N ASP L 398 -18.59 -22.76 35.78
CA ASP L 398 -19.44 -23.18 34.67
C ASP L 398 -19.18 -24.65 34.38
N SER L 399 -20.23 -25.47 34.41
CA SER L 399 -20.12 -26.91 34.20
C SER L 399 -20.84 -27.31 32.92
N PHE L 400 -20.13 -27.97 32.02
CA PHE L 400 -20.72 -28.45 30.77
C PHE L 400 -19.94 -29.65 30.27
N VAL L 401 -20.61 -30.47 29.45
CA VAL L 401 -20.02 -31.68 28.86
C VAL L 401 -19.85 -31.44 27.38
N ILE L 402 -18.63 -31.62 26.87
CA ILE L 402 -18.30 -31.40 25.47
C ILE L 402 -17.33 -32.48 25.00
N ARG L 403 -17.15 -32.53 23.68
CA ARG L 403 -16.21 -33.47 23.08
C ARG L 403 -14.77 -33.07 23.39
N GLY L 404 -13.88 -34.06 23.33
CA GLY L 404 -12.47 -33.79 23.56
C GLY L 404 -11.89 -32.81 22.56
N ASP L 405 -12.33 -32.89 21.30
CA ASP L 405 -11.89 -31.92 20.30
C ASP L 405 -12.31 -30.51 20.67
N GLU L 406 -13.53 -30.36 21.17
CA GLU L 406 -14.05 -29.04 21.51
C GLU L 406 -13.46 -28.49 22.79
N VAL L 407 -12.77 -29.33 23.58
CA VAL L 407 -12.04 -28.82 24.75
C VAL L 407 -11.02 -27.79 24.30
N ARG L 408 -10.43 -28.00 23.14
CA ARG L 408 -9.52 -27.01 22.56
C ARG L 408 -10.24 -25.69 22.30
N GLN L 409 -11.45 -25.75 21.75
CA GLN L 409 -12.16 -24.53 21.36
C GLN L 409 -12.48 -23.65 22.57
N ILE L 410 -12.78 -24.25 23.70
CA ILE L 410 -13.18 -23.46 24.87
C ILE L 410 -11.94 -22.97 25.61
N ALA L 411 -11.38 -21.86 25.13
CA ALA L 411 -10.23 -21.25 25.77
C ALA L 411 -10.19 -19.78 25.39
N PRO L 412 -9.59 -18.92 26.22
CA PRO L 412 -9.43 -17.53 25.80
C PRO L 412 -8.59 -17.44 24.55
N GLY L 413 -9.01 -16.57 23.62
CA GLY L 413 -8.28 -16.41 22.39
C GLY L 413 -8.39 -17.59 21.44
N GLN L 414 -9.41 -18.43 21.60
CA GLN L 414 -9.61 -19.60 20.76
C GLN L 414 -10.93 -19.46 20.01
N THR L 415 -10.88 -19.72 18.70
CA THR L 415 -12.06 -19.64 17.85
C THR L 415 -12.54 -21.05 17.51
N GLY L 416 -13.82 -21.31 17.76
CA GLY L 416 -14.42 -22.59 17.42
C GLY L 416 -15.91 -22.42 17.29
N LYS L 417 -16.53 -23.36 16.56
CA LYS L 417 -17.98 -23.35 16.43
C LYS L 417 -18.66 -23.53 17.78
N ILE L 418 -18.13 -24.43 18.62
CA ILE L 418 -18.69 -24.59 19.96
C ILE L 418 -18.49 -23.31 20.76
N ALA L 419 -17.30 -22.72 20.66
CA ALA L 419 -17.03 -21.48 21.39
C ALA L 419 -17.94 -20.35 20.91
N ASP L 420 -18.16 -20.26 19.60
CA ASP L 420 -18.94 -19.15 19.05
C ASP L 420 -20.41 -19.24 19.44
N TYR L 421 -20.99 -20.45 19.41
CA TYR L 421 -22.43 -20.59 19.57
C TYR L 421 -22.88 -21.18 20.89
N ASN L 422 -21.95 -21.65 21.73
CA ASN L 422 -22.35 -22.29 22.98
C ASN L 422 -21.80 -21.57 24.21
N TYR L 423 -20.48 -21.46 24.34
CA TYR L 423 -19.87 -20.80 25.48
C TYR L 423 -18.64 -20.03 25.01
N LYS L 424 -18.59 -18.74 25.31
CA LYS L 424 -17.52 -17.86 24.85
C LYS L 424 -16.66 -17.43 26.03
N LEU L 425 -15.34 -17.54 25.85
CA LEU L 425 -14.39 -17.17 26.90
C LEU L 425 -13.63 -15.91 26.50
N PRO L 426 -13.68 -14.85 27.30
CA PRO L 426 -12.93 -13.64 26.96
C PRO L 426 -11.42 -13.88 27.04
N ASP L 427 -10.69 -13.21 26.14
CA ASP L 427 -9.25 -13.39 26.11
C ASP L 427 -8.58 -12.78 27.33
N ASP L 428 -9.00 -11.57 27.72
CA ASP L 428 -8.40 -10.89 28.85
C ASP L 428 -8.70 -11.58 30.16
N PHE L 429 -9.73 -12.43 30.19
CA PHE L 429 -10.21 -13.00 31.44
C PHE L 429 -9.18 -13.88 32.11
N THR L 430 -9.17 -13.84 33.44
CA THR L 430 -8.28 -14.67 34.25
C THR L 430 -9.09 -15.73 34.97
N GLY L 431 -8.76 -17.00 34.73
CA GLY L 431 -9.48 -18.09 35.33
C GLY L 431 -8.83 -19.41 34.97
N CYS L 432 -9.39 -20.49 35.52
CA CYS L 432 -8.88 -21.84 35.33
C CYS L 432 -9.91 -22.69 34.62
N VAL L 433 -9.50 -23.36 33.54
CA VAL L 433 -10.33 -24.28 32.79
C VAL L 433 -9.90 -25.70 33.14
N ILE L 434 -10.83 -26.51 33.61
CA ILE L 434 -10.54 -27.87 34.06
C ILE L 434 -11.38 -28.84 33.26
N ALA L 435 -10.74 -29.85 32.66
CA ALA L 435 -11.42 -30.86 31.86
C ALA L 435 -10.99 -32.24 32.29
N TRP L 436 -11.95 -33.11 32.57
CA TRP L 436 -11.68 -34.51 32.89
C TRP L 436 -12.58 -35.39 32.05
N ASN L 437 -12.04 -36.51 31.58
CA ASN L 437 -12.78 -37.41 30.69
C ASN L 437 -13.99 -37.99 31.41
N SER L 438 -15.14 -37.94 30.76
CA SER L 438 -16.38 -38.48 31.30
C SER L 438 -16.91 -39.65 30.48
N ASN L 439 -16.05 -40.27 29.66
CA ASN L 439 -16.51 -41.31 28.75
C ASN L 439 -17.07 -42.52 29.49
N ASN L 440 -16.62 -42.76 30.72
CA ASN L 440 -17.08 -43.96 31.42
C ASN L 440 -18.51 -43.80 31.96
N LEU L 441 -18.84 -42.64 32.51
CA LEU L 441 -20.16 -42.50 33.13
C LEU L 441 -21.18 -41.90 32.19
N ASP L 442 -20.82 -40.84 31.45
CA ASP L 442 -21.79 -40.20 30.57
C ASP L 442 -22.22 -41.11 29.43
N SER L 443 -21.26 -41.81 28.83
CA SER L 443 -21.56 -42.65 27.68
C SER L 443 -22.34 -43.89 28.08
N LYS L 444 -23.29 -44.27 27.23
CA LYS L 444 -24.03 -45.51 27.39
C LYS L 444 -24.01 -46.24 26.06
N VAL L 445 -24.26 -47.56 26.12
CA VAL L 445 -24.09 -48.40 24.93
C VAL L 445 -24.96 -47.91 23.79
N GLY L 446 -26.20 -47.51 24.09
CA GLY L 446 -27.02 -46.89 23.07
C GLY L 446 -26.48 -45.55 22.62
N GLY L 447 -25.90 -44.80 23.56
CA GLY L 447 -25.41 -43.47 23.29
C GLY L 447 -26.26 -42.42 23.98
N ASN L 448 -25.62 -41.46 24.64
CA ASN L 448 -26.33 -40.40 25.36
C ASN L 448 -26.43 -39.19 24.46
N TYR L 449 -27.62 -38.97 23.89
CA TYR L 449 -27.88 -37.84 23.02
C TYR L 449 -28.56 -36.70 23.77
N ASN L 450 -28.70 -36.82 25.08
CA ASN L 450 -29.31 -35.76 25.88
C ASN L 450 -28.49 -34.48 25.83
N TYR L 451 -27.16 -34.61 25.70
CA TYR L 451 -26.31 -33.43 25.57
C TYR L 451 -26.48 -32.83 24.19
N LEU L 452 -26.75 -31.53 24.13
CA LEU L 452 -27.02 -30.84 22.88
C LEU L 452 -26.05 -29.67 22.75
N TYR L 453 -25.78 -29.28 21.52
CA TYR L 453 -24.94 -28.12 21.26
C TYR L 453 -25.49 -27.36 20.06
N ARG L 454 -25.21 -26.06 20.03
CA ARG L 454 -25.68 -25.18 18.96
C ARG L 454 -24.74 -25.31 17.77
N LEU L 455 -25.16 -26.05 16.74
CA LEU L 455 -24.34 -26.18 15.54
C LEU L 455 -24.14 -24.82 14.87
N PHE L 456 -25.23 -24.11 14.65
CA PHE L 456 -25.21 -22.85 13.92
C PHE L 456 -26.21 -21.87 14.52
N ARG L 457 -25.75 -20.62 14.65
CA ARG L 457 -26.49 -19.52 15.24
C ARG L 457 -26.30 -18.28 14.38
N LYS L 458 -27.27 -17.36 14.46
CA LYS L 458 -27.23 -16.18 13.61
C LYS L 458 -25.99 -15.33 13.90
N SER L 459 -25.63 -15.19 15.18
CA SER L 459 -24.47 -14.41 15.57
C SER L 459 -23.66 -15.19 16.61
N ASN L 460 -22.37 -14.88 16.68
CA ASN L 460 -21.52 -15.47 17.70
C ASN L 460 -21.95 -14.99 19.08
N LEU L 461 -21.93 -15.91 20.04
CA LEU L 461 -22.31 -15.54 21.41
C LEU L 461 -21.28 -14.59 22.00
N LYS L 462 -21.78 -13.60 22.74
CA LYS L 462 -20.90 -12.67 23.43
C LYS L 462 -20.23 -13.37 24.59
N PRO L 463 -19.09 -12.86 25.05
CA PRO L 463 -18.37 -13.53 26.15
C PRO L 463 -19.24 -13.71 27.38
N PHE L 464 -19.17 -14.89 27.97
CA PHE L 464 -19.93 -15.25 29.17
C PHE L 464 -21.43 -15.07 28.98
N GLU L 465 -21.91 -15.41 27.78
CA GLU L 465 -23.33 -15.32 27.46
C GLU L 465 -23.87 -16.69 27.10
N ARG L 466 -25.05 -17.01 27.61
CA ARG L 466 -25.70 -18.29 27.39
C ARG L 466 -27.00 -18.08 26.64
N ASP L 467 -27.21 -18.85 25.57
CA ASP L 467 -28.39 -18.75 24.73
C ASP L 467 -29.23 -20.02 24.87
N ILE L 468 -30.51 -19.85 25.23
CA ILE L 468 -31.43 -20.96 25.34
C ILE L 468 -32.48 -20.94 24.24
N SER L 469 -32.32 -20.07 23.24
CA SER L 469 -33.31 -19.96 22.18
C SER L 469 -33.40 -21.28 21.41
N THR L 470 -34.63 -21.73 21.17
CA THR L 470 -34.87 -22.92 20.35
C THR L 470 -35.79 -22.51 19.21
N GLU L 471 -35.21 -21.90 18.19
CA GLU L 471 -35.94 -21.46 17.01
C GLU L 471 -35.21 -21.97 15.78
N ILE L 472 -35.97 -22.41 14.77
CA ILE L 472 -35.34 -22.99 13.59
C ILE L 472 -34.46 -21.94 12.94
N TYR L 473 -33.19 -22.28 12.75
CA TYR L 473 -32.25 -21.32 12.17
C TYR L 473 -32.61 -21.08 10.70
N GLN L 474 -32.51 -19.83 10.28
CA GLN L 474 -32.92 -19.42 8.95
C GLN L 474 -31.70 -19.16 8.09
N ALA L 475 -31.49 -20.01 7.08
CA ALA L 475 -30.42 -19.85 6.11
C ALA L 475 -31.05 -19.50 4.76
N GLY L 476 -30.46 -18.54 4.08
CA GLY L 476 -31.00 -18.13 2.79
C GLY L 476 -32.10 -17.10 2.94
N SER L 477 -32.56 -16.62 1.78
CA SER L 477 -33.58 -15.58 1.77
C SER L 477 -34.92 -16.07 2.31
N THR L 478 -35.29 -17.30 2.00
CA THR L 478 -36.62 -17.79 2.34
C THR L 478 -36.81 -17.83 3.85
N PRO L 479 -37.93 -17.35 4.37
CA PRO L 479 -38.16 -17.39 5.83
C PRO L 479 -38.50 -18.80 6.30
N CYS L 480 -37.99 -19.14 7.49
CA CYS L 480 -38.29 -20.45 8.07
C CYS L 480 -39.77 -20.57 8.42
N ASN L 481 -40.36 -19.51 8.97
CA ASN L 481 -41.74 -19.51 9.46
C ASN L 481 -41.92 -20.47 10.63
N GLY L 482 -40.83 -20.82 11.31
CA GLY L 482 -40.90 -21.74 12.43
C GLY L 482 -41.21 -23.17 12.06
N VAL L 483 -41.05 -23.52 10.79
CA VAL L 483 -41.39 -24.86 10.29
C VAL L 483 -40.17 -25.42 9.58
N GLU L 484 -39.98 -26.73 9.70
CA GLU L 484 -38.87 -27.39 9.01
C GLU L 484 -39.01 -27.25 7.51
N GLY L 485 -37.90 -26.92 6.85
CA GLY L 485 -37.88 -26.75 5.42
C GLY L 485 -36.45 -26.73 4.93
N PHE L 486 -36.30 -26.68 3.61
CA PHE L 486 -34.97 -26.56 3.04
C PHE L 486 -34.32 -25.27 3.54
N ASN L 487 -33.06 -25.38 3.94
CA ASN L 487 -32.26 -24.28 4.49
C ASN L 487 -32.73 -23.87 5.88
N CYS L 488 -33.62 -24.65 6.49
CA CYS L 488 -34.15 -24.38 7.82
C CYS L 488 -33.93 -25.60 8.69
N TYR L 489 -33.16 -25.44 9.76
CA TYR L 489 -32.81 -26.57 10.62
C TYR L 489 -32.76 -26.13 12.07
N PHE L 490 -33.05 -27.07 12.96
CA PHE L 490 -33.00 -26.79 14.39
C PHE L 490 -31.56 -26.56 14.82
N PRO L 491 -31.28 -25.49 15.57
CA PRO L 491 -29.87 -25.21 15.93
C PRO L 491 -29.21 -26.27 16.77
N LEU L 492 -29.94 -26.87 17.71
CA LEU L 492 -29.34 -27.83 18.62
C LEU L 492 -29.06 -29.16 17.93
N GLN L 493 -27.91 -29.75 18.24
CA GLN L 493 -27.51 -31.04 17.70
C GLN L 493 -27.00 -31.93 18.83
N SER L 494 -27.42 -33.18 18.82
CA SER L 494 -27.08 -34.11 19.90
C SER L 494 -25.63 -34.60 19.74
N TYR L 495 -25.08 -35.07 20.86
CA TYR L 495 -23.77 -35.71 20.89
C TYR L 495 -23.98 -37.22 20.94
N GLY L 496 -23.23 -37.95 20.11
CA GLY L 496 -23.35 -39.40 20.14
C GLY L 496 -22.89 -40.00 21.45
N PHE L 497 -21.68 -39.65 21.88
CA PHE L 497 -21.13 -40.06 23.17
C PHE L 497 -21.24 -41.57 23.38
N GLN L 498 -20.83 -42.33 22.36
CA GLN L 498 -20.85 -43.78 22.48
C GLN L 498 -19.71 -44.25 23.39
N PRO L 499 -19.86 -45.42 24.02
CA PRO L 499 -18.80 -45.89 24.93
C PRO L 499 -17.48 -46.14 24.24
N THR L 500 -17.51 -46.68 23.03
CA THR L 500 -16.30 -46.99 22.28
C THR L 500 -15.89 -45.85 21.37
N ASN L 501 -16.53 -44.69 21.48
CA ASN L 501 -16.22 -43.56 20.62
C ASN L 501 -14.79 -43.11 20.83
N GLY L 502 -14.23 -42.48 19.80
CA GLY L 502 -12.85 -42.04 19.87
C GLY L 502 -12.65 -41.00 20.97
N VAL L 503 -11.41 -40.94 21.47
CA VAL L 503 -11.12 -40.05 22.59
C VAL L 503 -11.38 -38.60 22.22
N GLY L 504 -11.11 -38.24 20.96
CA GLY L 504 -11.43 -36.89 20.50
C GLY L 504 -12.92 -36.62 20.57
N TYR L 505 -13.73 -37.63 20.27
CA TYR L 505 -15.18 -37.51 20.35
C TYR L 505 -15.73 -37.93 21.71
N GLN L 506 -14.87 -38.41 22.60
CA GLN L 506 -15.35 -38.89 23.89
C GLN L 506 -15.88 -37.71 24.72
N PRO L 507 -16.94 -37.92 25.49
CA PRO L 507 -17.44 -36.83 26.34
C PRO L 507 -16.44 -36.45 27.41
N TYR L 508 -16.27 -35.14 27.57
CA TYR L 508 -15.37 -34.59 28.57
C TYR L 508 -16.13 -33.57 29.40
N ARG L 509 -16.06 -33.69 30.73
CA ARG L 509 -16.70 -32.76 31.63
C ARG L 509 -15.74 -31.62 31.92
N VAL L 510 -16.17 -30.39 31.62
CA VAL L 510 -15.32 -29.22 31.79
C VAL L 510 -15.99 -28.25 32.76
N VAL L 511 -15.22 -27.80 33.75
CA VAL L 511 -15.63 -26.74 34.66
C VAL L 511 -14.65 -25.60 34.52
N VAL L 512 -15.17 -24.40 34.30
CA VAL L 512 -14.37 -23.18 34.19
C VAL L 512 -14.60 -22.36 35.45
N LEU L 513 -13.51 -22.05 36.16
CA LEU L 513 -13.58 -21.23 37.36
C LEU L 513 -13.20 -19.80 37.00
N SER L 514 -14.07 -18.86 37.34
CA SER L 514 -13.87 -17.46 37.00
C SER L 514 -13.78 -16.64 38.28
N PHE L 515 -12.71 -15.87 38.42
CA PHE L 515 -12.46 -15.07 39.61
C PHE L 515 -12.84 -13.63 39.32
N GLU L 516 -13.77 -13.10 40.11
CA GLU L 516 -14.26 -11.73 39.96
C GLU L 516 -13.80 -10.90 41.14
N LEU L 517 -12.99 -9.88 40.86
CA LEU L 517 -12.52 -8.95 41.89
C LEU L 517 -13.24 -7.61 41.83
N LEU L 518 -14.32 -7.52 41.06
CA LEU L 518 -15.01 -6.24 40.88
C LEU L 518 -15.53 -5.70 42.19
N HIS L 519 -16.02 -6.59 43.06
CA HIS L 519 -16.69 -6.17 44.28
C HIS L 519 -15.62 -5.90 45.34
N ALA L 520 -15.83 -4.86 46.14
CA ALA L 520 -14.78 -4.40 47.05
C ALA L 520 -14.35 -5.42 48.10
N PRO L 521 -15.23 -6.09 48.84
CA PRO L 521 -14.75 -7.05 49.84
C PRO L 521 -14.56 -8.45 49.27
N ALA L 522 -13.43 -9.06 49.62
CA ALA L 522 -13.14 -10.42 49.19
C ALA L 522 -13.78 -11.40 50.16
N THR L 523 -14.76 -12.17 49.68
CA THR L 523 -15.50 -13.08 50.53
C THR L 523 -15.01 -14.52 50.43
N VAL L 524 -14.76 -15.02 49.22
CA VAL L 524 -14.23 -16.37 49.09
C VAL L 524 -12.84 -16.46 49.69
N CYS L 525 -11.96 -15.53 49.31
CA CYS L 525 -10.60 -15.43 49.85
C CYS L 525 -9.88 -16.77 49.74
N GLY L 526 -9.16 -17.18 50.78
CA GLY L 526 -8.50 -18.46 50.78
C GLY L 526 -8.12 -18.94 52.16
N PRO L 527 -8.05 -20.26 52.35
CA PRO L 527 -7.71 -20.80 53.67
C PRO L 527 -6.28 -20.46 54.06
N LYS L 528 -6.08 -20.16 55.35
CA LYS L 528 -4.76 -19.84 55.89
C LYS L 528 -4.24 -21.01 56.71
N LYS L 529 -3.08 -21.52 56.33
CA LYS L 529 -2.43 -22.58 57.11
C LYS L 529 -1.75 -21.97 58.33
N SER L 530 -1.97 -22.56 59.50
CA SER L 530 -1.46 -22.05 60.76
C SER L 530 -0.37 -22.96 61.33
N THR L 531 0.78 -22.37 61.63
CA THR L 531 1.87 -23.09 62.26
C THR L 531 1.59 -23.31 63.74
N ASN L 532 2.20 -24.35 64.29
CA ASN L 532 2.00 -24.65 65.71
C ASN L 532 2.53 -23.52 66.58
N LEU L 533 1.78 -23.18 67.63
CA LEU L 533 2.18 -22.13 68.54
C LEU L 533 3.23 -22.63 69.53
N VAL L 534 4.27 -21.83 69.74
CA VAL L 534 5.29 -22.06 70.75
C VAL L 534 5.31 -20.87 71.70
N LYS L 535 5.07 -21.13 72.98
CA LYS L 535 4.99 -20.08 73.98
C LYS L 535 6.24 -20.11 74.86
N ASN L 536 6.26 -19.25 75.88
CA ASN L 536 7.38 -19.15 76.83
C ASN L 536 8.71 -18.91 76.11
N LYS L 537 8.65 -18.32 74.92
CA LYS L 537 9.83 -18.00 74.14
C LYS L 537 9.54 -16.79 73.27
N CYS L 538 10.48 -15.84 73.21
CA CYS L 538 10.30 -14.67 72.36
C CYS L 538 10.14 -15.14 70.91
N VAL L 539 9.02 -14.77 70.29
CA VAL L 539 8.69 -15.17 68.93
C VAL L 539 7.98 -14.02 68.24
N ASN L 540 8.04 -14.02 66.91
CA ASN L 540 7.28 -13.05 66.12
C ASN L 540 5.92 -13.66 65.82
N PHE L 541 4.86 -13.04 66.33
CA PHE L 541 3.50 -13.57 66.17
C PHE L 541 2.78 -12.85 65.04
N ASN L 542 1.97 -13.60 64.29
CA ASN L 542 1.23 -13.09 63.15
C ASN L 542 -0.25 -13.44 63.25
N PHE L 543 -0.85 -13.28 64.42
CA PHE L 543 -2.23 -13.69 64.63
C PHE L 543 -3.18 -12.65 64.06
N ASN L 544 -4.09 -13.10 63.18
CA ASN L 544 -5.14 -12.24 62.62
C ASN L 544 -4.55 -10.99 61.98
N GLY L 545 -3.40 -11.15 61.32
CA GLY L 545 -2.77 -10.05 60.64
C GLY L 545 -2.05 -9.09 61.56
N LEU L 546 -2.30 -9.16 62.87
CA LEU L 546 -1.64 -8.29 63.84
C LEU L 546 -0.23 -8.83 64.08
N THR L 547 0.78 -8.07 63.68
CA THR L 547 2.15 -8.52 63.79
C THR L 547 2.82 -7.92 65.02
N GLY L 548 3.72 -8.69 65.60
CA GLY L 548 4.49 -8.22 66.74
C GLY L 548 5.55 -9.24 67.10
N THR L 549 6.38 -8.86 68.07
CA THR L 549 7.41 -9.74 68.61
C THR L 549 7.34 -9.72 70.12
N GLY L 550 7.46 -10.90 70.72
CA GLY L 550 7.44 -11.01 72.17
C GLY L 550 7.27 -12.45 72.58
N VAL L 551 7.19 -12.65 73.90
CA VAL L 551 7.01 -13.97 74.48
C VAL L 551 5.56 -14.14 74.88
N LEU L 552 4.95 -15.25 74.47
CA LEU L 552 3.57 -15.56 74.81
C LEU L 552 3.51 -16.38 76.09
N THR L 553 2.48 -16.12 76.89
CA THR L 553 2.30 -16.86 78.13
C THR L 553 0.82 -16.96 78.44
N GLU L 554 0.48 -17.92 79.28
CA GLU L 554 -0.91 -18.11 79.69
C GLU L 554 -1.37 -16.91 80.52
N SER L 555 -2.63 -16.51 80.31
CA SER L 555 -3.21 -15.36 80.99
C SER L 555 -4.48 -15.76 81.70
N ASN L 556 -4.71 -15.15 82.86
CA ASN L 556 -5.92 -15.41 83.63
C ASN L 556 -7.00 -14.36 83.40
N LYS L 557 -6.72 -13.31 82.65
CA LYS L 557 -7.71 -12.30 82.36
C LYS L 557 -8.79 -12.88 81.45
N LYS L 558 -10.02 -12.44 81.65
CA LYS L 558 -11.16 -12.97 80.90
C LYS L 558 -11.62 -11.94 79.89
N PHE L 559 -11.64 -12.33 78.62
CA PHE L 559 -12.13 -11.48 77.54
C PHE L 559 -13.64 -11.65 77.40
N LEU L 560 -14.21 -11.03 76.39
CA LEU L 560 -15.59 -11.24 76.01
C LEU L 560 -15.65 -12.08 74.75
N PRO L 561 -16.75 -12.79 74.50
CA PRO L 561 -16.77 -13.74 73.37
C PRO L 561 -16.44 -13.11 72.02
N PHE L 562 -16.88 -11.87 71.79
CA PHE L 562 -16.65 -11.19 70.52
C PHE L 562 -15.32 -10.47 70.48
N GLN L 563 -14.58 -10.46 71.59
CA GLN L 563 -13.45 -9.57 71.77
C GLN L 563 -12.16 -10.35 71.53
N GLN L 564 -11.31 -9.84 70.63
CA GLN L 564 -10.16 -10.62 70.18
C GLN L 564 -8.89 -10.34 70.98
N PHE L 565 -8.42 -9.09 70.98
CA PHE L 565 -7.17 -8.77 71.65
C PHE L 565 -7.40 -7.58 72.57
N GLY L 566 -6.36 -7.22 73.34
CA GLY L 566 -6.48 -6.20 74.35
C GLY L 566 -5.32 -5.23 74.30
N ARG L 567 -5.60 -4.02 74.80
CA ARG L 567 -4.61 -2.96 74.87
C ARG L 567 -4.59 -2.36 76.28
N ASP L 568 -3.40 -2.03 76.75
CA ASP L 568 -3.24 -1.37 78.04
C ASP L 568 -3.34 0.14 77.83
N ILE L 569 -2.94 0.91 78.85
CA ILE L 569 -2.88 2.36 78.68
C ILE L 569 -1.83 2.65 77.63
N ALA L 570 -2.05 3.73 76.88
CA ALA L 570 -1.18 4.21 75.80
C ALA L 570 -1.31 3.35 74.55
N ASP L 571 -2.33 2.50 74.48
CA ASP L 571 -2.64 1.72 73.28
C ASP L 571 -1.49 0.81 72.88
N THR L 572 -1.08 -0.05 73.81
CA THR L 572 -0.07 -1.07 73.55
C THR L 572 -0.69 -2.45 73.79
N THR L 573 -0.45 -3.36 72.85
CA THR L 573 -1.06 -4.68 72.92
C THR L 573 -0.55 -5.45 74.13
N ASP L 574 -1.46 -6.10 74.85
CA ASP L 574 -1.12 -6.85 76.05
C ASP L 574 -1.54 -8.30 76.00
N ALA L 575 -2.64 -8.62 75.34
CA ALA L 575 -3.12 -9.99 75.24
C ALA L 575 -3.85 -10.17 73.92
N VAL L 576 -3.83 -11.40 73.42
CA VAL L 576 -4.52 -11.77 72.19
C VAL L 576 -5.21 -13.11 72.41
N ARG L 577 -6.31 -13.31 71.69
CA ARG L 577 -7.01 -14.59 71.70
C ARG L 577 -6.55 -15.48 70.55
N ILE L 584 -6.97 -17.27 75.60
CA ILE L 584 -6.40 -15.95 75.82
C ILE L 584 -4.94 -16.09 76.23
N LEU L 585 -4.06 -15.38 75.53
CA LEU L 585 -2.63 -15.45 75.78
C LEU L 585 -2.10 -14.06 76.13
N ASP L 586 -1.31 -13.97 77.20
CA ASP L 586 -0.69 -12.72 77.59
C ASP L 586 0.58 -12.50 76.78
N ILE L 587 0.80 -11.26 76.36
CA ILE L 587 1.97 -10.90 75.56
C ILE L 587 2.80 -9.91 76.35
N THR L 588 4.07 -10.25 76.56
CA THR L 588 5.04 -9.35 77.18
C THR L 588 6.27 -9.34 76.28
N PRO L 589 6.84 -8.18 75.98
CA PRO L 589 8.05 -8.16 75.15
C PRO L 589 9.18 -8.88 75.86
N CYS L 590 9.96 -9.64 75.12
CA CYS L 590 11.06 -10.37 75.73
C CYS L 590 12.09 -9.38 76.28
N SER L 591 12.85 -9.85 77.27
CA SER L 591 13.73 -8.98 78.04
C SER L 591 14.74 -8.23 77.18
N PHE L 592 14.80 -6.91 77.38
CA PHE L 592 15.75 -6.02 76.74
C PHE L 592 16.30 -5.09 77.81
N GLY L 593 17.37 -4.38 77.48
CA GLY L 593 17.89 -3.39 78.41
C GLY L 593 19.28 -2.94 78.02
N GLY L 594 19.92 -2.27 78.98
CA GLY L 594 21.26 -1.75 78.80
C GLY L 594 22.29 -2.64 79.48
N VAL L 595 23.51 -2.64 78.95
CA VAL L 595 24.63 -3.34 79.53
C VAL L 595 25.65 -2.31 79.99
N SER L 596 26.06 -2.42 81.25
CA SER L 596 27.01 -1.49 81.84
C SER L 596 28.24 -2.26 82.28
N VAL L 597 29.41 -1.66 82.10
CA VAL L 597 30.68 -2.26 82.48
C VAL L 597 31.19 -1.54 83.73
N ILE L 598 31.44 -2.30 84.78
CA ILE L 598 31.99 -1.77 86.02
C ILE L 598 33.49 -2.08 86.04
N THR L 599 34.31 -1.04 86.13
CA THR L 599 35.74 -1.23 86.12
C THR L 599 36.40 -0.44 87.25
N PRO L 600 37.46 -0.98 87.84
CA PRO L 600 38.24 -0.23 88.83
C PRO L 600 39.31 0.66 88.21
N GLY L 601 39.35 0.77 86.89
CA GLY L 601 40.34 1.58 86.21
C GLY L 601 41.45 0.75 85.62
N THR L 602 41.80 1.01 84.36
CA THR L 602 42.90 0.27 83.73
C THR L 602 44.22 0.53 84.46
N ASN L 603 44.36 1.71 85.09
CA ASN L 603 45.55 2.00 85.85
C ASN L 603 45.73 1.03 87.02
N THR L 604 44.63 0.51 87.55
CA THR L 604 44.66 -0.38 88.70
C THR L 604 44.61 -1.86 88.31
N SER L 605 43.66 -2.25 87.47
CA SER L 605 43.49 -3.66 87.14
C SER L 605 42.89 -3.78 85.74
N ASN L 606 42.83 -5.02 85.25
CA ASN L 606 42.25 -5.30 83.95
C ASN L 606 40.89 -5.97 84.02
N GLN L 607 40.50 -6.47 85.19
CA GLN L 607 39.22 -7.17 85.32
C GLN L 607 38.06 -6.18 85.27
N VAL L 608 36.93 -6.65 84.73
CA VAL L 608 35.71 -5.86 84.66
C VAL L 608 34.53 -6.73 85.06
N ALA L 609 33.44 -6.06 85.42
CA ALA L 609 32.18 -6.71 85.72
C ALA L 609 31.12 -6.17 84.78
N VAL L 610 30.11 -6.98 84.50
CA VAL L 610 29.04 -6.61 83.57
C VAL L 610 27.72 -6.60 84.32
N LEU L 611 26.99 -5.50 84.21
CA LEU L 611 25.66 -5.36 84.77
C LEU L 611 24.66 -5.28 83.63
N TYR L 612 23.70 -6.18 83.63
CA TYR L 612 22.60 -6.16 82.67
C TYR L 612 21.42 -5.51 83.37
N GLN L 613 21.04 -4.31 82.93
CA GLN L 613 20.00 -3.55 83.63
C GLN L 613 18.62 -4.09 83.30
N ASP L 614 17.79 -4.22 84.33
CA ASP L 614 16.42 -4.71 84.20
C ASP L 614 16.44 -6.08 83.52
N VAL L 615 17.45 -6.88 83.86
CA VAL L 615 17.62 -8.21 83.31
C VAL L 615 17.73 -9.16 84.48
N ASN L 616 17.29 -10.39 84.25
CA ASN L 616 17.31 -11.47 85.23
C ASN L 616 18.29 -12.53 84.78
N CYS L 617 19.12 -13.00 85.71
CA CYS L 617 20.12 -14.01 85.38
C CYS L 617 19.47 -15.31 84.92
N THR L 618 18.37 -15.72 85.55
CA THR L 618 17.77 -17.01 85.20
C THR L 618 17.04 -17.05 83.86
N GLU L 619 16.42 -15.97 83.38
CA GLU L 619 15.84 -16.10 82.04
C GLU L 619 16.94 -16.19 80.98
N VAL L 620 17.98 -15.38 81.14
CA VAL L 620 19.05 -15.33 80.14
C VAL L 620 20.29 -16.03 80.67
N ASN L 641 30.32 -16.55 89.91
CA ASN L 641 30.03 -15.39 90.76
C ASN L 641 29.00 -14.47 90.10
N VAL L 642 27.81 -15.03 89.84
CA VAL L 642 26.71 -14.29 89.24
C VAL L 642 25.69 -13.97 90.34
N PHE L 643 25.28 -12.71 90.43
CA PHE L 643 24.39 -12.25 91.47
C PHE L 643 23.22 -11.50 90.86
N GLN L 644 22.09 -11.52 91.53
CA GLN L 644 20.87 -10.86 91.07
C GLN L 644 20.53 -9.70 92.00
N THR L 645 20.38 -8.51 91.42
CA THR L 645 20.05 -7.30 92.15
C THR L 645 18.78 -6.68 91.58
N ARG L 646 18.25 -5.69 92.31
CA ARG L 646 17.07 -4.97 91.83
C ARG L 646 17.39 -4.18 90.56
N ALA L 647 18.65 -3.84 90.34
CA ALA L 647 19.08 -3.08 89.18
C ALA L 647 19.36 -3.97 87.98
N GLY L 648 19.23 -5.28 88.15
CA GLY L 648 19.44 -6.22 87.05
C GLY L 648 20.27 -7.42 87.46
N CYS L 649 21.04 -7.97 86.52
CA CYS L 649 21.86 -9.14 86.76
C CYS L 649 23.32 -8.76 86.76
N LEU L 650 24.04 -9.17 87.81
CA LEU L 650 25.46 -8.88 87.95
C LEU L 650 26.25 -10.15 87.64
N ILE L 651 27.18 -10.06 86.68
CA ILE L 651 28.04 -11.18 86.30
C ILE L 651 29.48 -10.77 86.52
N GLY L 652 30.26 -11.65 87.13
CA GLY L 652 31.66 -11.41 87.38
C GLY L 652 31.95 -10.67 88.67
N ALA L 653 30.92 -10.36 89.47
CA ALA L 653 31.09 -9.72 90.76
C ALA L 653 30.62 -10.67 91.85
N GLU L 654 31.49 -10.92 92.83
CA GLU L 654 31.18 -11.85 93.91
C GLU L 654 30.55 -11.07 95.06
N HIS L 655 29.31 -11.43 95.41
CA HIS L 655 28.60 -10.74 96.47
C HIS L 655 29.23 -11.06 97.82
N VAL L 656 29.34 -10.05 98.67
CA VAL L 656 29.88 -10.21 100.02
C VAL L 656 28.88 -9.65 101.01
N ASN L 657 28.90 -10.20 102.23
CA ASN L 657 27.96 -9.76 103.26
C ASN L 657 28.40 -8.47 103.95
N ASN L 658 29.69 -8.15 103.92
CA ASN L 658 30.18 -6.97 104.62
C ASN L 658 29.71 -5.69 103.93
N SER L 659 29.72 -4.60 104.67
CA SER L 659 29.33 -3.30 104.15
C SER L 659 30.45 -2.30 104.34
N TYR L 660 30.73 -1.53 103.29
CA TYR L 660 31.72 -0.47 103.34
C TYR L 660 31.14 0.75 102.63
N GLU L 661 31.79 1.90 102.81
CA GLU L 661 31.40 3.07 102.03
C GLU L 661 31.86 2.79 100.60
N CYS L 662 30.93 2.38 99.75
CA CYS L 662 31.31 1.86 98.44
C CYS L 662 31.74 2.97 97.50
N ASP L 663 32.45 2.58 96.45
CA ASP L 663 33.05 3.49 95.50
C ASP L 663 32.28 3.60 94.19
N ILE L 664 31.96 2.47 93.56
CA ILE L 664 31.30 2.46 92.25
C ILE L 664 29.82 2.16 92.48
N PRO L 665 28.93 3.14 92.33
CA PRO L 665 27.51 2.90 92.58
C PRO L 665 26.88 2.11 91.44
N ILE L 666 26.08 1.11 91.80
CA ILE L 666 25.40 0.25 90.83
C ILE L 666 23.90 0.54 90.80
N GLY L 667 23.27 0.55 91.95
CA GLY L 667 21.85 0.88 92.04
C GLY L 667 21.15 0.08 93.11
N ALA L 668 20.02 0.61 93.57
CA ALA L 668 19.17 -0.04 94.57
C ALA L 668 19.93 -0.40 95.83
N GLY L 669 20.90 0.43 96.20
CA GLY L 669 21.69 0.20 97.39
C GLY L 669 22.80 -0.81 97.23
N ILE L 670 22.89 -1.46 96.07
CA ILE L 670 23.96 -2.41 95.78
C ILE L 670 25.01 -1.68 94.97
N CYS L 671 26.27 -1.87 95.34
CA CYS L 671 27.36 -1.25 94.61
C CYS L 671 28.64 -2.05 94.83
N ALA L 672 29.60 -1.85 93.93
CA ALA L 672 30.79 -2.69 93.86
C ALA L 672 32.05 -1.89 94.16
N SER L 673 33.11 -2.63 94.47
CA SER L 673 34.41 -2.06 94.77
C SER L 673 35.49 -3.12 94.50
N TYR L 674 36.74 -2.74 94.70
CA TYR L 674 37.87 -3.63 94.44
C TYR L 674 38.57 -4.00 95.74
N SER L 691 39.96 -8.54 93.41
CA SER L 691 38.73 -9.02 92.80
C SER L 691 37.60 -8.01 92.99
N ILE L 692 36.60 -8.06 92.11
CA ILE L 692 35.47 -7.14 92.16
C ILE L 692 34.41 -7.73 93.08
N ILE L 693 34.04 -7.00 94.12
CA ILE L 693 33.08 -7.45 95.12
C ILE L 693 31.88 -6.51 95.11
N ALA L 694 30.68 -7.07 95.22
CA ALA L 694 29.45 -6.31 95.25
C ALA L 694 28.79 -6.44 96.62
N TYR L 695 28.28 -5.34 97.15
CA TYR L 695 27.73 -5.34 98.49
C TYR L 695 26.77 -4.16 98.65
N THR L 696 26.06 -4.18 99.77
CA THR L 696 25.19 -3.07 100.15
C THR L 696 26.03 -2.01 100.85
N MET L 697 25.91 -0.75 100.42
CA MET L 697 26.77 0.30 100.95
C MET L 697 26.48 0.53 102.43
N SER L 698 27.52 0.91 103.15
CA SER L 698 27.39 1.27 104.55
C SER L 698 27.27 2.78 104.63
N LEU L 699 26.26 3.26 105.36
CA LEU L 699 26.02 4.71 105.40
C LEU L 699 27.14 5.44 106.14
N GLY L 700 27.75 4.80 107.12
CA GLY L 700 28.86 5.39 107.82
C GLY L 700 29.06 4.72 109.16
N ALA L 701 29.88 5.36 110.00
CA ALA L 701 30.09 4.85 111.35
C ALA L 701 28.77 4.84 112.09
N GLU L 702 28.51 3.77 112.82
CA GLU L 702 27.22 3.57 113.48
C GLU L 702 27.45 3.65 114.99
N ASN L 703 27.15 4.82 115.57
CA ASN L 703 27.41 5.08 116.97
C ASN L 703 26.18 5.69 117.64
N SER L 704 26.09 5.51 118.95
CA SER L 704 25.01 6.05 119.76
C SER L 704 25.56 7.03 120.78
N VAL L 705 25.00 8.24 120.81
CA VAL L 705 25.45 9.26 121.75
C VAL L 705 24.99 8.91 123.16
N ALA L 706 25.84 9.20 124.15
CA ALA L 706 25.59 8.88 125.57
C ALA L 706 24.65 9.92 126.20
N TYR L 707 23.38 9.86 125.79
CA TYR L 707 22.38 10.82 126.28
C TYR L 707 22.10 10.59 127.76
N SER L 708 21.91 11.69 128.51
CA SER L 708 21.55 11.65 129.94
C SER L 708 20.85 12.94 130.36
N ASN L 709 20.09 12.86 131.48
CA ASN L 709 19.41 14.06 131.98
C ASN L 709 20.39 15.13 132.40
N ASN L 710 21.46 14.71 133.06
CA ASN L 710 22.42 15.61 133.67
C ASN L 710 23.79 15.58 133.01
N SER L 711 23.94 14.91 131.88
CA SER L 711 25.27 14.77 131.29
C SER L 711 25.36 15.66 130.06
N ILE L 712 26.48 16.35 129.94
CA ILE L 712 26.77 17.25 128.84
C ILE L 712 28.17 16.92 128.36
N ALA L 713 28.48 17.33 127.14
CA ALA L 713 29.81 17.19 126.58
C ALA L 713 30.26 18.57 126.13
N ILE L 714 31.38 19.04 126.66
CA ILE L 714 31.93 20.35 126.34
C ILE L 714 33.33 20.16 125.78
N PRO L 715 33.67 20.77 124.66
CA PRO L 715 35.04 20.67 124.15
C PRO L 715 36.01 21.46 125.00
N THR L 716 37.23 20.95 125.11
CA THR L 716 38.30 21.61 125.85
C THR L 716 39.40 22.12 124.92
N ASN L 717 39.25 21.92 123.62
CA ASN L 717 40.25 22.33 122.64
C ASN L 717 39.52 22.56 121.32
N PHE L 718 40.27 23.06 120.33
CA PHE L 718 39.65 23.42 119.06
C PHE L 718 40.62 23.14 117.92
N THR L 719 40.08 23.04 116.72
CA THR L 719 40.86 22.89 115.50
C THR L 719 40.41 23.95 114.50
N ILE L 720 41.38 24.63 113.89
CA ILE L 720 41.09 25.61 112.85
C ILE L 720 41.21 24.90 111.51
N SER L 721 40.08 24.65 110.88
CA SER L 721 40.03 23.91 109.62
C SER L 721 39.86 24.86 108.45
N VAL L 722 40.55 24.57 107.35
CA VAL L 722 40.42 25.32 106.11
C VAL L 722 39.87 24.37 105.06
N THR L 723 38.75 24.74 104.45
CA THR L 723 38.07 23.89 103.48
C THR L 723 38.05 24.60 102.12
N THR L 724 38.14 23.81 101.05
CA THR L 724 38.16 24.33 99.70
C THR L 724 36.81 24.07 99.04
N GLU L 725 36.23 25.11 98.45
CA GLU L 725 34.98 25.01 97.71
C GLU L 725 35.16 25.57 96.32
N ILE L 726 34.79 24.79 95.30
CA ILE L 726 34.92 25.17 93.91
C ILE L 726 33.54 25.53 93.38
N LEU L 727 33.43 26.68 92.73
CA LEU L 727 32.16 27.11 92.14
C LEU L 727 32.37 27.64 90.73
N PRO L 728 31.71 27.08 89.72
CA PRO L 728 31.77 27.68 88.39
C PRO L 728 31.12 29.06 88.40
N VAL L 729 31.69 29.97 87.62
CA VAL L 729 31.21 31.35 87.53
C VAL L 729 30.74 31.69 86.12
N SER L 730 31.54 31.33 85.12
CA SER L 730 31.22 31.64 83.74
C SER L 730 31.70 30.51 82.85
N MET L 731 31.16 30.48 81.64
CA MET L 731 31.55 29.52 80.61
C MET L 731 32.02 30.28 79.38
N THR L 732 32.63 29.55 78.45
CA THR L 732 33.20 30.19 77.27
C THR L 732 32.11 30.84 76.45
N LYS L 733 32.39 32.04 75.94
CA LYS L 733 31.44 32.77 75.13
C LYS L 733 31.62 32.35 73.68
N THR L 734 30.63 31.68 73.12
CA THR L 734 30.70 31.17 71.76
C THR L 734 29.58 31.79 70.94
N SER L 735 29.93 32.31 69.76
CA SER L 735 28.97 32.84 68.81
C SER L 735 29.18 32.11 67.49
N VAL L 736 28.09 31.65 66.89
CA VAL L 736 28.13 30.86 65.67
C VAL L 736 27.42 31.63 64.57
N ASP L 737 28.11 31.81 63.44
CA ASP L 737 27.46 32.46 62.30
C ASP L 737 26.54 31.42 61.70
N CYS L 738 25.24 31.67 61.83
CA CYS L 738 24.25 30.71 61.39
C CYS L 738 24.28 30.53 59.87
N THR L 739 24.34 31.63 59.11
CA THR L 739 24.25 31.52 57.65
C THR L 739 25.43 30.76 57.06
N MET L 740 26.66 31.12 57.45
CA MET L 740 27.82 30.46 56.85
C MET L 740 27.91 29.00 57.31
N TYR L 741 27.56 28.73 58.58
CA TYR L 741 27.62 27.37 59.08
C TYR L 741 26.65 26.48 58.32
N ILE L 742 25.42 26.95 58.09
CA ILE L 742 24.42 26.14 57.44
C ILE L 742 24.78 25.95 55.97
N CYS L 743 25.20 27.02 55.30
CA CYS L 743 25.42 27.01 53.86
C CYS L 743 26.89 26.92 53.47
N GLY L 744 27.74 27.78 54.01
CA GLY L 744 29.12 27.81 53.58
C GLY L 744 29.37 28.58 52.30
N ASP L 745 29.14 29.89 52.35
CA ASP L 745 29.43 30.87 51.29
C ASP L 745 28.97 30.41 49.91
N SER L 746 27.71 30.01 49.83
CA SER L 746 27.05 29.69 48.57
C SER L 746 25.79 30.54 48.45
N THR L 747 25.73 31.36 47.40
CA THR L 747 24.67 32.35 47.27
C THR L 747 23.30 31.69 47.14
N GLU L 748 23.22 30.63 46.33
CA GLU L 748 21.95 29.94 46.12
C GLU L 748 21.44 29.31 47.41
N CYS L 749 22.33 28.68 48.18
CA CYS L 749 21.93 28.13 49.47
C CYS L 749 21.45 29.25 50.37
N SER L 750 22.16 30.38 50.37
CA SER L 750 21.73 31.54 51.14
C SER L 750 20.38 32.03 50.65
N ASN L 751 20.16 32.01 49.33
CA ASN L 751 18.91 32.51 48.78
C ASN L 751 17.73 31.69 49.26
N LEU L 752 17.86 30.36 49.25
CA LEU L 752 16.78 29.53 49.79
C LEU L 752 16.69 29.64 51.31
N LEU L 753 17.82 29.78 51.99
CA LEU L 753 17.81 29.89 53.46
C LEU L 753 17.06 31.13 53.91
N LEU L 754 17.27 32.27 53.25
CA LEU L 754 16.65 33.51 53.69
C LEU L 754 15.12 33.44 53.57
N GLN L 755 14.63 32.79 52.52
CA GLN L 755 13.19 32.58 52.41
C GLN L 755 12.68 31.59 53.45
N TYR L 756 13.57 30.80 54.04
CA TYR L 756 13.17 29.71 54.93
C TYR L 756 12.94 30.20 56.37
N GLY L 757 13.25 31.44 56.69
CA GLY L 757 12.89 31.97 57.98
C GLY L 757 13.92 32.98 58.48
N SER L 758 13.75 33.36 59.74
CA SER L 758 14.61 34.28 60.46
C SER L 758 15.30 33.58 61.63
N PHE L 759 15.48 32.27 61.50
CA PHE L 759 16.12 31.49 62.55
C PHE L 759 17.53 31.97 62.85
N CYS L 760 18.25 32.47 61.84
CA CYS L 760 19.61 32.94 62.06
C CYS L 760 19.63 34.09 63.06
N THR L 761 18.70 35.05 62.92
CA THR L 761 18.64 36.15 63.86
C THR L 761 18.33 35.67 65.27
N GLN L 762 17.39 34.73 65.40
CA GLN L 762 17.00 34.24 66.72
C GLN L 762 18.18 33.57 67.40
N LEU L 763 18.88 32.69 66.69
CA LEU L 763 20.00 31.98 67.28
C LEU L 763 21.13 32.94 67.62
N ASN L 764 21.38 33.90 66.74
CA ASN L 764 22.46 34.85 66.98
C ASN L 764 22.18 35.69 68.21
N ARG L 765 20.94 36.18 68.35
CA ARG L 765 20.62 36.96 69.54
C ARG L 765 20.67 36.10 70.79
N ALA L 766 20.27 34.82 70.69
CA ALA L 766 20.33 33.95 71.86
C ALA L 766 21.77 33.77 72.32
N LEU L 767 22.68 33.51 71.38
CA LEU L 767 24.08 33.35 71.74
C LEU L 767 24.66 34.64 72.28
N THR L 768 24.29 35.78 71.69
CA THR L 768 24.80 37.06 72.17
C THR L 768 24.32 37.31 73.60
N GLY L 769 23.06 37.00 73.88
CA GLY L 769 22.56 37.13 75.23
C GLY L 769 23.29 36.23 76.21
N ILE L 770 23.60 35.01 75.77
CA ILE L 770 24.37 34.10 76.62
C ILE L 770 25.73 34.68 76.94
N ALA L 771 26.41 35.24 75.93
CA ALA L 771 27.75 35.79 76.16
C ALA L 771 27.68 36.99 77.10
N VAL L 772 26.69 37.87 76.89
CA VAL L 772 26.55 39.04 77.76
C VAL L 772 26.25 38.58 79.18
N GLU L 773 25.44 37.53 79.32
CA GLU L 773 25.14 37.00 80.64
C GLU L 773 26.39 36.45 81.31
N GLN L 774 27.26 35.79 80.54
CA GLN L 774 28.51 35.30 81.12
C GLN L 774 29.36 36.46 81.63
N ASP L 775 29.46 37.53 80.84
CA ASP L 775 30.21 38.70 81.28
C ASP L 775 29.59 39.28 82.55
N LYS L 776 28.26 39.35 82.59
CA LYS L 776 27.59 39.88 83.77
C LYS L 776 27.84 38.99 84.98
N ASN L 777 27.86 37.67 84.79
CA ASN L 777 28.11 36.76 85.90
C ASN L 777 29.50 37.01 86.46
N THR L 778 30.50 37.11 85.58
CA THR L 778 31.86 37.31 86.06
C THR L 778 31.98 38.64 86.78
N GLN L 779 31.39 39.70 86.22
CA GLN L 779 31.47 41.00 86.85
C GLN L 779 30.77 41.01 88.21
N GLU L 780 29.60 40.38 88.29
CA GLU L 780 28.83 40.36 89.52
C GLU L 780 29.55 39.59 90.62
N VAL L 781 30.16 38.46 90.27
CA VAL L 781 30.80 37.64 91.30
C VAL L 781 32.03 38.34 91.86
N PHE L 782 32.87 38.90 91.00
CA PHE L 782 34.16 39.43 91.44
C PHE L 782 34.16 40.92 91.74
N ALA L 783 33.47 41.73 90.94
CA ALA L 783 33.54 43.19 91.09
C ALA L 783 32.59 43.62 92.21
N GLN L 784 33.01 43.32 93.44
CA GLN L 784 32.26 43.71 94.63
C GLN L 784 32.78 44.99 95.26
N VAL L 785 34.09 45.18 95.29
CA VAL L 785 34.71 46.34 95.93
C VAL L 785 34.79 47.47 94.93
N LYS L 786 34.82 48.69 95.43
CA LYS L 786 35.00 49.88 94.59
C LYS L 786 36.43 50.39 94.62
N GLN L 787 37.27 49.89 95.52
CA GLN L 787 38.65 50.31 95.66
C GLN L 787 39.56 49.10 95.64
N ILE L 788 40.69 49.22 94.96
CA ILE L 788 41.68 48.14 94.90
C ILE L 788 42.58 48.30 96.13
N TYR L 789 42.34 47.47 97.14
CA TYR L 789 43.11 47.55 98.37
C TYR L 789 44.44 46.83 98.22
N LYS L 790 45.40 47.22 99.04
CA LYS L 790 46.74 46.63 99.03
C LYS L 790 47.18 46.27 100.43
N THR L 791 47.86 45.14 100.55
CA THR L 791 48.46 44.77 101.82
C THR L 791 49.70 45.62 102.08
N PRO L 792 49.98 45.95 103.34
CA PRO L 792 51.17 46.75 103.63
C PRO L 792 52.44 45.96 103.39
N PRO L 793 53.56 46.63 103.13
CA PRO L 793 54.83 45.91 102.93
C PRO L 793 55.23 45.09 104.14
N ILE L 794 54.94 45.56 105.34
CA ILE L 794 55.28 44.85 106.57
C ILE L 794 54.15 43.87 106.88
N LYS L 795 54.43 42.57 106.73
CA LYS L 795 53.44 41.53 106.95
C LYS L 795 53.56 41.01 108.37
N ASP L 796 52.98 41.74 109.31
CA ASP L 796 52.94 41.34 110.72
C ASP L 796 51.48 41.17 111.10
N PHE L 797 50.94 39.97 110.85
CA PHE L 797 49.54 39.69 111.10
C PHE L 797 49.34 38.81 112.34
N GLY L 798 50.18 39.00 113.35
CA GLY L 798 50.07 38.22 114.57
C GLY L 798 50.40 36.76 114.40
N GLY L 799 51.34 36.42 113.51
CA GLY L 799 51.75 35.06 113.31
C GLY L 799 51.06 34.35 112.16
N PHE L 800 50.04 34.98 111.58
CA PHE L 800 49.33 34.39 110.46
C PHE L 800 50.11 34.61 109.17
N ASN L 801 50.26 33.54 108.39
CA ASN L 801 51.05 33.56 107.17
C ASN L 801 50.11 33.56 105.98
N PHE L 802 50.14 34.62 105.18
CA PHE L 802 49.27 34.75 104.01
C PHE L 802 50.05 34.73 102.71
N SER L 803 51.33 34.35 102.75
CA SER L 803 52.17 34.42 101.55
C SER L 803 51.61 33.55 100.43
N GLN L 804 51.07 32.38 100.77
CA GLN L 804 50.62 31.45 99.75
C GLN L 804 49.41 31.97 98.98
N ILE L 805 48.58 32.80 99.61
CA ILE L 805 47.38 33.30 98.96
C ILE L 805 47.50 34.76 98.51
N LEU L 806 48.50 35.48 99.00
CA LEU L 806 48.74 36.83 98.53
C LEU L 806 49.54 36.81 97.23
N PRO L 807 49.44 37.86 96.40
CA PRO L 807 50.27 37.91 95.20
C PRO L 807 51.74 38.00 95.56
N ASP L 808 52.58 37.49 94.67
CA ASP L 808 54.00 37.42 94.93
C ASP L 808 54.78 38.40 94.05
N PRO L 809 55.94 38.88 94.52
CA PRO L 809 56.76 39.77 93.69
C PRO L 809 57.34 39.10 92.45
N SER L 810 57.28 37.77 92.36
CA SER L 810 57.87 37.05 91.22
C SER L 810 57.19 37.38 89.90
N LYS L 811 56.01 38.01 89.93
CA LYS L 811 55.29 38.46 88.75
C LYS L 811 54.89 37.31 87.82
N PRO L 812 54.26 36.23 88.33
CA PRO L 812 53.69 35.26 87.38
C PRO L 812 52.23 35.62 87.08
N SER L 813 52.06 36.68 86.28
CA SER L 813 50.75 37.22 85.95
C SER L 813 50.01 37.75 87.18
N LYS L 814 50.76 38.25 88.15
CA LYS L 814 50.21 38.82 89.39
C LYS L 814 49.30 37.83 90.11
N ARG L 815 49.68 36.56 90.12
CA ARG L 815 48.87 35.51 90.69
C ARG L 815 49.55 34.91 91.90
N SER L 816 48.74 34.51 92.89
CA SER L 816 49.29 33.91 94.09
C SER L 816 49.74 32.49 93.80
N PHE L 817 50.39 31.87 94.80
CA PHE L 817 50.88 30.51 94.63
C PHE L 817 49.72 29.56 94.40
N ILE L 818 48.64 29.68 95.20
CA ILE L 818 47.49 28.79 95.07
C ILE L 818 46.79 29.02 93.74
N GLU L 819 46.65 30.28 93.33
CA GLU L 819 46.02 30.58 92.04
C GLU L 819 46.84 29.98 90.91
N ASP L 820 48.16 30.05 91.01
CA ASP L 820 49.01 29.44 89.99
C ASP L 820 48.78 27.93 89.94
N LEU L 821 48.65 27.30 91.11
CA LEU L 821 48.39 25.87 91.15
C LEU L 821 47.07 25.54 90.46
N LEU L 822 46.04 26.34 90.73
CA LEU L 822 44.74 26.06 90.13
C LEU L 822 44.79 26.25 88.62
N PHE L 823 45.44 27.31 88.16
CA PHE L 823 45.51 27.58 86.72
C PHE L 823 46.30 26.49 86.00
N ASN L 824 47.40 26.04 86.61
CA ASN L 824 48.16 24.94 86.03
C ASN L 824 47.38 23.63 86.06
N LYS L 825 46.62 23.42 87.13
CA LYS L 825 45.90 22.16 87.29
C LYS L 825 44.87 21.96 86.18
N VAL L 826 44.18 23.02 85.79
CA VAL L 826 43.15 22.95 84.76
C VAL L 826 43.82 23.13 83.40
N THR L 827 43.63 22.15 82.52
CA THR L 827 44.19 22.18 81.18
C THR L 827 43.06 22.20 80.16
N LEU L 828 43.18 23.06 79.16
CA LEU L 828 42.16 23.17 78.12
C LEU L 828 42.33 22.07 77.08
N PHE L 855 35.60 26.79 63.26
CA PHE L 855 36.37 27.33 62.14
C PHE L 855 35.54 27.30 60.87
N ASN L 856 34.26 26.97 61.01
CA ASN L 856 33.29 26.99 59.93
C ASN L 856 32.05 27.78 60.34
N GLY L 857 32.28 28.96 60.91
CA GLY L 857 31.22 29.83 61.36
C GLY L 857 31.13 30.00 62.86
N LEU L 858 31.83 29.18 63.63
CA LEU L 858 31.88 29.33 65.08
C LEU L 858 33.12 30.11 65.48
N THR L 859 32.96 30.97 66.47
CA THR L 859 34.08 31.73 67.02
C THR L 859 33.88 31.87 68.52
N VAL L 860 34.98 32.13 69.22
CA VAL L 860 34.97 32.27 70.67
C VAL L 860 35.32 33.72 71.01
N LEU L 861 34.41 34.41 71.67
CA LEU L 861 34.67 35.78 72.07
C LEU L 861 35.46 35.80 73.38
N PRO L 862 36.50 36.62 73.48
CA PRO L 862 37.27 36.66 74.72
C PRO L 862 36.46 37.28 75.84
N PRO L 863 36.69 36.87 77.08
CA PRO L 863 35.98 37.49 78.20
C PRO L 863 36.38 38.94 78.39
N LEU L 864 35.43 39.73 78.89
CA LEU L 864 35.71 41.14 79.13
C LEU L 864 36.80 41.31 80.18
N LEU L 865 36.77 40.51 81.23
CA LEU L 865 37.74 40.62 82.32
C LEU L 865 38.85 39.60 82.08
N THR L 866 40.08 40.06 82.00
CA THR L 866 41.20 39.14 81.82
C THR L 866 41.54 38.45 83.14
N ASP L 867 42.32 37.38 83.05
CA ASP L 867 42.74 36.65 84.25
C ASP L 867 43.55 37.53 85.19
N GLU L 868 44.40 38.40 84.65
CA GLU L 868 45.22 39.26 85.50
C GLU L 868 44.37 40.22 86.30
N MET L 869 43.40 40.85 85.66
CA MET L 869 42.54 41.81 86.33
C MET L 869 41.58 41.12 87.29
N ILE L 870 41.10 39.92 86.95
CA ILE L 870 40.29 39.16 87.90
C ILE L 870 41.13 38.81 89.13
N ALA L 871 42.40 38.45 88.90
CA ALA L 871 43.30 38.17 90.02
C ALA L 871 43.51 39.43 90.85
N GLN L 872 43.56 40.59 90.20
CA GLN L 872 43.70 41.84 90.93
C GLN L 872 42.47 42.09 91.81
N TYR L 873 41.28 41.77 91.28
CA TYR L 873 40.07 41.90 92.09
C TYR L 873 40.14 40.98 93.30
N THR L 874 40.59 39.75 93.10
CA THR L 874 40.70 38.80 94.20
C THR L 874 41.71 39.29 95.24
N SER L 875 42.84 39.82 94.78
CA SER L 875 43.84 40.35 95.69
C SER L 875 43.30 41.52 96.49
N ALA L 876 42.53 42.40 95.83
CA ALA L 876 41.95 43.53 96.54
C ALA L 876 40.99 43.05 97.61
N LEU L 877 40.16 42.06 97.28
CA LEU L 877 39.20 41.54 98.26
C LEU L 877 39.92 40.92 99.45
N LEU L 878 40.97 40.13 99.18
CA LEU L 878 41.67 39.45 100.27
C LEU L 878 42.41 40.45 101.14
N ALA L 879 43.03 41.47 100.53
CA ALA L 879 43.73 42.49 101.29
C ALA L 879 42.74 43.26 102.16
N GLY L 880 41.58 43.61 101.61
CA GLY L 880 40.58 44.29 102.41
C GLY L 880 40.11 43.43 103.57
N THR L 881 39.94 42.13 103.31
CA THR L 881 39.47 41.23 104.37
C THR L 881 40.47 41.14 105.50
N ILE L 882 41.76 40.99 105.17
CA ILE L 882 42.75 40.81 106.23
C ILE L 882 43.14 42.12 106.89
N THR L 883 42.97 43.26 106.22
CA THR L 883 43.39 44.54 106.77
C THR L 883 42.26 45.29 107.47
N SER L 884 41.01 45.03 107.09
CA SER L 884 39.88 45.79 107.62
C SER L 884 38.77 44.92 108.20
N GLY L 885 38.76 43.62 107.94
CA GLY L 885 37.67 42.78 108.40
C GLY L 885 36.49 42.92 107.48
N TRP L 886 35.28 43.09 108.04
CA TRP L 886 34.07 43.20 107.26
C TRP L 886 33.65 44.63 107.01
N THR L 887 34.40 45.61 107.50
CA THR L 887 33.99 47.00 107.38
C THR L 887 34.00 47.47 105.93
N PHE L 888 34.99 47.03 105.15
CA PHE L 888 35.10 47.50 103.77
C PHE L 888 33.96 47.02 102.89
N GLY L 889 33.27 45.96 103.30
CA GLY L 889 32.10 45.52 102.57
C GLY L 889 30.83 46.27 102.90
N ALA L 890 30.84 47.05 103.98
CA ALA L 890 29.68 47.83 104.41
C ALA L 890 29.97 49.32 104.43
N GLY L 891 31.02 49.76 103.74
CA GLY L 891 31.41 51.15 103.75
C GLY L 891 32.88 51.34 103.42
N ALA L 892 33.54 52.24 104.15
CA ALA L 892 34.96 52.49 103.93
C ALA L 892 35.80 51.53 104.77
N ALA L 893 36.92 51.09 104.21
CA ALA L 893 37.78 50.16 104.92
C ALA L 893 38.37 50.81 106.16
N LEU L 894 38.27 50.12 107.29
CA LEU L 894 38.78 50.61 108.56
C LEU L 894 39.82 49.61 109.08
N GLN L 895 41.04 50.08 109.28
CA GLN L 895 42.10 49.16 109.67
C GLN L 895 41.83 48.59 111.05
N ILE L 896 42.35 47.40 111.29
CA ILE L 896 42.14 46.72 112.56
C ILE L 896 43.37 45.86 112.87
N PRO L 897 43.73 45.65 114.12
CA PRO L 897 44.76 44.65 114.41
C PRO L 897 44.21 43.29 114.06
N PHE L 898 45.05 42.45 113.44
CA PHE L 898 44.53 41.16 112.98
C PHE L 898 44.04 40.33 114.15
N PRO L 899 44.75 40.41 115.28
CA PRO L 899 44.30 39.65 116.45
C PRO L 899 42.93 40.11 116.91
N MET L 900 42.67 41.42 116.89
CA MET L 900 41.36 41.94 117.25
C MET L 900 40.28 41.45 116.28
N GLN L 901 40.61 41.39 114.98
CA GLN L 901 39.63 40.93 113.99
C GLN L 901 39.26 39.48 114.26
N MET L 902 40.26 38.65 114.58
CA MET L 902 40.00 37.25 114.87
C MET L 902 39.20 37.13 116.16
N ALA L 903 39.49 37.99 117.14
CA ALA L 903 38.75 37.98 118.40
C ALA L 903 37.29 38.32 118.15
N TYR L 904 37.03 39.30 117.28
CA TYR L 904 35.65 39.66 116.95
C TYR L 904 34.94 38.49 116.30
N ARG L 905 35.63 37.79 115.39
CA ARG L 905 35.00 36.64 114.75
C ARG L 905 34.72 35.52 115.76
N PHE L 906 35.63 35.32 116.72
CA PHE L 906 35.35 34.35 117.79
C PHE L 906 34.13 34.76 118.58
N ASN L 907 34.01 36.05 118.89
CA ASN L 907 32.81 36.53 119.58
C ASN L 907 31.56 36.27 118.75
N GLY L 908 31.67 36.37 117.43
CA GLY L 908 30.54 36.07 116.57
C GLY L 908 30.08 34.62 116.69
N ILE L 909 31.02 33.69 116.82
CA ILE L 909 30.65 32.28 116.91
C ILE L 909 30.42 31.88 118.37
N GLY L 910 30.43 32.85 119.28
CA GLY L 910 30.10 32.57 120.66
C GLY L 910 31.24 32.19 121.57
N VAL L 911 32.48 32.43 121.17
CA VAL L 911 33.64 32.17 122.01
C VAL L 911 34.26 33.51 122.41
N THR L 912 34.59 33.64 123.68
CA THR L 912 35.12 34.89 124.20
C THR L 912 36.51 35.17 123.64
N GLN L 913 36.88 36.45 123.65
CA GLN L 913 38.15 36.87 123.08
C GLN L 913 39.35 36.30 123.82
N ASN L 914 39.18 35.94 125.10
CA ASN L 914 40.30 35.44 125.88
C ASN L 914 40.90 34.19 125.27
N VAL L 915 40.06 33.34 124.67
CA VAL L 915 40.55 32.08 124.10
C VAL L 915 41.57 32.35 123.00
N LEU L 916 41.26 33.28 122.10
CA LEU L 916 42.19 33.64 121.05
C LEU L 916 43.45 34.30 121.62
N TYR L 917 43.25 35.25 122.54
CA TYR L 917 44.41 35.99 123.04
C TYR L 917 45.34 35.10 123.85
N GLU L 918 44.84 33.99 124.38
CA GLU L 918 45.67 33.06 125.14
C GLU L 918 46.19 31.90 124.29
N ASN L 919 45.56 31.61 123.16
CA ASN L 919 46.00 30.52 122.29
C ASN L 919 46.38 31.03 120.90
N GLN L 920 46.84 32.28 120.81
CA GLN L 920 47.14 32.89 119.52
C GLN L 920 48.22 32.12 118.77
N LYS L 921 49.27 31.68 119.47
CA LYS L 921 50.33 30.93 118.80
C LYS L 921 49.78 29.62 118.24
N LEU L 922 48.97 28.91 119.02
CA LEU L 922 48.42 27.65 118.56
C LEU L 922 47.50 27.88 117.36
N ILE L 923 46.68 28.92 117.42
CA ILE L 923 45.74 29.20 116.33
C ILE L 923 46.49 29.57 115.06
N ALA L 924 47.52 30.40 115.18
CA ALA L 924 48.31 30.77 114.00
C ALA L 924 48.99 29.55 113.40
N ASN L 925 49.55 28.69 114.27
CA ASN L 925 50.21 27.49 113.77
C ASN L 925 49.21 26.58 113.06
N GLN L 926 48.03 26.41 113.64
CA GLN L 926 47.01 25.57 113.03
C GLN L 926 46.58 26.13 111.68
N PHE L 927 46.40 27.45 111.61
CA PHE L 927 45.98 28.07 110.35
C PHE L 927 47.05 27.88 109.28
N ASN L 928 48.31 28.10 109.63
CA ASN L 928 49.39 27.92 108.66
C ASN L 928 49.47 26.47 108.22
N SER L 929 49.33 25.53 109.15
CA SER L 929 49.36 24.12 108.80
C SER L 929 48.21 23.76 107.87
N ALA L 930 47.02 24.31 108.14
CA ALA L 930 45.88 24.04 107.28
C ALA L 930 46.09 24.58 105.88
N ILE L 931 46.66 25.78 105.78
CA ILE L 931 46.96 26.35 104.45
C ILE L 931 47.97 25.48 103.73
N GLY L 932 48.99 25.01 104.44
CA GLY L 932 49.96 24.10 103.83
C GLY L 932 49.32 22.80 103.37
N LYS L 933 48.39 22.27 104.17
CA LYS L 933 47.68 21.05 103.77
C LYS L 933 46.85 21.27 102.53
N ILE L 934 46.21 22.44 102.42
CA ILE L 934 45.45 22.76 101.21
C ILE L 934 46.39 22.81 100.02
N GLN L 935 47.57 23.43 100.21
CA GLN L 935 48.54 23.51 99.12
C GLN L 935 49.00 22.13 98.71
N ASP L 936 49.26 21.25 99.67
CA ASP L 936 49.68 19.89 99.37
C ASP L 936 48.59 19.14 98.61
N SER L 937 47.34 19.30 99.04
CA SER L 937 46.24 18.61 98.38
C SER L 937 46.10 19.08 96.94
N LEU L 938 46.23 20.38 96.71
CA LEU L 938 46.15 20.90 95.35
C LEU L 938 47.32 20.41 94.51
N SER L 939 48.51 20.36 95.09
CA SER L 939 49.69 19.95 94.33
C SER L 939 49.63 18.47 93.94
N SER L 940 49.25 17.60 94.89
CA SER L 940 49.29 16.17 94.67
C SER L 940 47.95 15.57 94.27
N THR L 941 46.91 15.80 95.06
CA THR L 941 45.62 15.15 94.81
C THR L 941 44.99 15.74 93.56
N PRO L 942 44.51 14.87 92.68
CA PRO L 942 43.87 15.29 91.44
C PRO L 942 42.34 15.23 91.61
N SER L 943 41.64 15.62 90.54
CA SER L 943 40.18 15.57 90.50
C SER L 943 39.54 16.48 91.55
N PRO L 944 40.26 17.53 91.95
CA PRO L 944 39.71 18.49 92.91
C PRO L 944 38.95 19.61 92.25
N LEU L 945 39.13 19.82 90.95
CA LEU L 945 38.47 20.87 90.19
C LEU L 945 37.54 20.26 89.15
N GLY L 946 36.83 19.20 89.55
CA GLY L 946 35.98 18.48 88.62
C GLY L 946 34.90 19.34 88.00
N LYS L 947 34.34 20.27 88.78
CA LYS L 947 33.22 21.07 88.27
C LYS L 947 33.65 21.92 87.08
N LEU L 948 34.78 22.62 87.21
CA LEU L 948 35.25 23.44 86.11
C LEU L 948 35.64 22.56 84.92
N GLN L 949 36.29 21.43 85.20
CA GLN L 949 36.67 20.52 84.14
C GLN L 949 35.43 19.97 83.44
N ASP L 950 34.40 19.65 84.22
CA ASP L 950 33.16 19.13 83.63
C ASP L 950 32.51 20.17 82.75
N VAL L 951 32.48 21.43 83.19
CA VAL L 951 31.86 22.48 82.39
C VAL L 951 32.61 22.65 81.07
N VAL L 952 33.95 22.68 81.15
CA VAL L 952 34.75 22.84 79.94
C VAL L 952 34.54 21.65 79.00
N ASN L 953 34.49 20.45 79.57
CA ASN L 953 34.31 19.25 78.75
C ASN L 953 32.94 19.26 78.08
N GLN L 954 31.90 19.69 78.79
CA GLN L 954 30.57 19.74 78.20
C GLN L 954 30.54 20.73 77.04
N ASN L 955 31.16 21.90 77.22
CA ASN L 955 31.17 22.88 76.13
C ASN L 955 31.94 22.34 74.93
N ALA L 956 33.09 21.71 75.18
CA ALA L 956 33.88 21.15 74.09
C ALA L 956 33.12 20.05 73.37
N GLN L 957 32.43 19.20 74.13
CA GLN L 957 31.66 18.11 73.53
C GLN L 957 30.53 18.66 72.67
N ALA L 958 29.85 19.71 73.14
CA ALA L 958 28.79 20.31 72.34
C ALA L 958 29.34 20.87 71.04
N LEU L 959 30.47 21.57 71.13
CA LEU L 959 31.06 22.13 69.91
C LEU L 959 31.47 21.02 68.94
N ASN L 960 32.10 19.96 69.48
CA ASN L 960 32.58 18.88 68.63
C ASN L 960 31.42 18.16 67.96
N THR L 961 30.35 17.88 68.70
CA THR L 961 29.21 17.20 68.11
C THR L 961 28.54 18.09 67.07
N LEU L 962 28.51 19.40 67.30
CA LEU L 962 27.97 20.30 66.29
C LEU L 962 28.79 20.24 65.02
N VAL L 963 30.12 20.27 65.15
CA VAL L 963 30.98 20.25 63.97
C VAL L 963 30.83 18.92 63.24
N LYS L 964 30.73 17.82 63.98
CA LYS L 964 30.51 16.52 63.36
C LYS L 964 29.17 16.46 62.63
N GLN L 965 28.13 17.03 63.23
CA GLN L 965 26.82 17.04 62.58
C GLN L 965 26.86 17.78 61.25
N LEU L 966 27.77 18.74 61.11
CA LEU L 966 27.92 19.42 59.81
C LEU L 966 28.33 18.44 58.73
N SER L 967 28.96 17.33 59.10
CA SER L 967 29.46 16.35 58.15
C SER L 967 28.53 15.16 57.98
N SER L 968 27.21 15.40 58.07
CA SER L 968 26.22 14.36 57.88
C SER L 968 25.32 14.74 56.70
N ASN L 969 24.99 13.74 55.88
CA ASN L 969 24.21 14.00 54.67
C ASN L 969 22.74 14.27 54.96
N PHE L 970 22.23 13.79 56.11
CA PHE L 970 20.82 13.93 56.46
C PHE L 970 19.91 13.31 55.40
N GLY L 971 20.34 12.17 54.85
CA GLY L 971 19.56 11.44 53.89
C GLY L 971 19.68 11.89 52.45
N ALA L 972 20.55 12.85 52.16
CA ALA L 972 20.79 13.29 50.80
C ALA L 972 21.86 12.44 50.13
N ILE L 973 22.15 12.76 48.88
CA ILE L 973 23.18 12.04 48.13
C ILE L 973 24.54 12.24 48.78
N SER L 974 24.87 13.48 49.13
CA SER L 974 26.17 13.79 49.72
C SER L 974 26.00 14.85 50.80
N SER L 975 26.97 14.88 51.72
CA SER L 975 26.95 15.85 52.81
C SER L 975 27.58 17.19 52.43
N VAL L 976 28.22 17.28 51.27
CA VAL L 976 28.91 18.50 50.84
C VAL L 976 28.09 19.14 49.72
N LEU L 977 27.88 20.45 49.82
CA LEU L 977 27.06 21.15 48.84
C LEU L 977 27.72 21.21 47.48
N ASN L 978 29.06 21.36 47.44
CA ASN L 978 29.74 21.55 46.17
C ASN L 978 29.53 20.35 45.25
N ASP L 979 29.63 19.14 45.79
CA ASP L 979 29.42 17.94 44.98
C ASP L 979 28.00 17.88 44.45
N ILE L 980 27.02 18.21 45.29
CA ILE L 980 25.62 18.13 44.88
C ILE L 980 25.36 19.08 43.73
N LEU L 981 25.85 20.32 43.83
CA LEU L 981 25.64 21.28 42.75
C LEU L 981 26.37 20.85 41.49
N SER L 982 27.58 20.34 41.63
CA SER L 982 28.39 19.99 40.47
C SER L 982 27.91 18.72 39.77
N ARG L 983 27.09 17.91 40.43
CA ARG L 983 26.66 16.64 39.85
C ARG L 983 25.18 16.56 39.52
N LEU L 984 24.34 17.42 40.09
CA LEU L 984 22.90 17.24 39.99
C LEU L 984 22.22 18.43 39.31
N ASP L 985 21.08 18.14 38.69
CA ASP L 985 20.26 19.18 38.09
C ASP L 985 19.63 20.04 39.19
N PRO L 986 19.28 21.29 38.88
CA PRO L 986 18.84 22.24 39.92
C PRO L 986 17.66 21.79 40.76
N PRO L 987 16.59 21.17 40.19
CA PRO L 987 15.45 20.83 41.07
C PRO L 987 15.71 19.80 42.17
N GLU L 988 16.17 18.60 41.85
CA GLU L 988 16.50 17.68 42.95
C GLU L 988 17.74 18.13 43.71
N ALA L 989 18.71 18.76 43.04
CA ALA L 989 19.86 19.27 43.78
C ALA L 989 19.39 20.25 44.85
N GLU L 990 18.46 21.15 44.49
CA GLU L 990 17.96 22.11 45.47
C GLU L 990 17.14 21.39 46.53
N VAL L 991 16.46 20.30 46.17
CA VAL L 991 15.73 19.52 47.17
C VAL L 991 16.69 18.94 48.20
N GLN L 992 17.80 18.38 47.72
CA GLN L 992 18.82 17.85 48.63
C GLN L 992 19.39 18.97 49.49
N ILE L 993 19.62 20.13 48.89
CA ILE L 993 20.14 21.27 49.65
C ILE L 993 19.16 21.62 50.75
N ASP L 994 17.86 21.61 50.42
CA ASP L 994 16.83 21.96 51.40
C ASP L 994 16.81 20.97 52.55
N ARG L 995 16.96 19.68 52.25
CA ARG L 995 16.98 18.70 53.33
C ARG L 995 18.21 18.87 54.22
N LEU L 996 19.36 19.21 53.61
CA LEU L 996 20.53 19.53 54.43
C LEU L 996 20.25 20.76 55.28
N ILE L 997 19.55 21.74 54.72
CA ILE L 997 19.25 22.96 55.46
C ILE L 997 18.42 22.62 56.68
N THR L 998 17.40 21.79 56.49
CA THR L 998 16.54 21.41 57.59
C THR L 998 17.33 20.68 58.67
N GLY L 999 18.15 19.70 58.26
CA GLY L 999 18.89 18.93 59.25
C GLY L 999 19.88 19.79 60.02
N ARG L 1000 20.65 20.60 59.30
CA ARG L 1000 21.67 21.43 59.95
C ARG L 1000 21.04 22.48 60.83
N LEU L 1001 19.95 23.12 60.37
CA LEU L 1001 19.29 24.13 61.17
C LEU L 1001 18.72 23.53 62.44
N GLN L 1002 18.12 22.33 62.32
CA GLN L 1002 17.57 21.68 63.50
C GLN L 1002 18.68 21.32 64.50
N SER L 1003 19.81 20.82 63.99
CA SER L 1003 20.93 20.51 64.88
C SER L 1003 21.45 21.77 65.56
N LEU L 1004 21.53 22.88 64.82
CA LEU L 1004 21.98 24.14 65.41
C LEU L 1004 21.03 24.60 66.49
N GLN L 1005 19.72 24.47 66.25
CA GLN L 1005 18.74 24.84 67.26
C GLN L 1005 18.87 23.97 68.50
N THR L 1006 19.13 22.68 68.32
CA THR L 1006 19.34 21.80 69.47
C THR L 1006 20.55 22.25 70.27
N TYR L 1007 21.63 22.60 69.58
CA TYR L 1007 22.82 23.06 70.26
C TYR L 1007 22.54 24.36 71.02
N VAL L 1008 21.79 25.27 70.39
CA VAL L 1008 21.48 26.55 71.02
C VAL L 1008 20.64 26.33 72.27
N THR L 1009 19.66 25.43 72.18
CA THR L 1009 18.79 25.17 73.34
C THR L 1009 19.58 24.58 74.49
N GLN L 1010 20.46 23.61 74.19
CA GLN L 1010 21.28 23.03 75.25
C GLN L 1010 22.21 24.08 75.84
N GLN L 1011 22.75 24.95 74.99
CA GLN L 1011 23.59 26.04 75.48
C GLN L 1011 22.80 26.97 76.40
N LEU L 1012 21.54 27.24 76.05
CA LEU L 1012 20.71 28.09 76.90
C LEU L 1012 20.49 27.45 78.26
N ILE L 1013 20.21 26.15 78.28
CA ILE L 1013 19.97 25.47 79.55
C ILE L 1013 21.25 25.47 80.39
N ARG L 1014 22.39 25.20 79.76
CA ARG L 1014 23.65 25.22 80.48
C ARG L 1014 23.95 26.62 81.00
N ALA L 1015 23.62 27.65 80.21
CA ALA L 1015 23.84 29.02 80.64
C ALA L 1015 22.99 29.34 81.86
N ALA L 1016 21.74 28.88 81.87
CA ALA L 1016 20.88 29.10 83.03
C ALA L 1016 21.47 28.43 84.27
N GLU L 1017 21.95 27.20 84.11
CA GLU L 1017 22.55 26.50 85.25
C GLU L 1017 23.80 27.22 85.75
N ILE L 1018 24.63 27.68 84.81
CA ILE L 1018 25.84 28.40 85.19
C ILE L 1018 25.49 29.71 85.87
N ARG L 1019 24.42 30.36 85.41
CA ARG L 1019 23.98 31.60 86.06
C ARG L 1019 23.52 31.34 87.48
N ALA L 1020 22.84 30.22 87.70
CA ALA L 1020 22.46 29.86 89.07
C ALA L 1020 23.70 29.64 89.93
N SER L 1021 24.70 28.95 89.38
CA SER L 1021 25.93 28.72 90.12
C SER L 1021 26.64 30.05 90.42
N ALA L 1022 26.65 30.95 89.44
CA ALA L 1022 27.31 32.25 89.62
C ALA L 1022 26.58 33.08 90.66
N ASN L 1023 25.25 33.02 90.69
CA ASN L 1023 24.51 33.73 91.72
C ASN L 1023 24.85 33.17 93.10
N LEU L 1024 24.96 31.85 93.19
CA LEU L 1024 25.37 31.25 94.47
C LEU L 1024 26.77 31.70 94.86
N ALA L 1025 27.69 31.76 93.89
CA ALA L 1025 29.05 32.20 94.19
C ALA L 1025 29.08 33.64 94.65
N ALA L 1026 28.30 34.51 94.00
CA ALA L 1026 28.24 35.91 94.40
C ALA L 1026 27.67 36.03 95.80
N THR L 1027 26.64 35.25 96.12
CA THR L 1027 26.08 35.27 97.47
C THR L 1027 27.11 34.82 98.49
N LYS L 1028 27.87 33.76 98.16
CA LYS L 1028 28.90 33.29 99.07
C LYS L 1028 29.97 34.35 99.28
N MET L 1029 30.39 35.01 98.21
CA MET L 1029 31.43 36.03 98.33
C MET L 1029 30.95 37.18 99.20
N SER L 1030 29.71 37.62 98.99
CA SER L 1030 29.17 38.74 99.75
C SER L 1030 28.97 38.38 101.22
N GLU L 1031 28.52 37.16 101.49
CA GLU L 1031 28.14 36.81 102.85
C GLU L 1031 29.24 36.13 103.65
N CYS L 1032 30.36 35.78 103.02
CA CYS L 1032 31.40 35.06 103.74
C CYS L 1032 32.75 35.75 103.57
N VAL L 1033 32.99 36.41 102.44
CA VAL L 1033 34.22 37.16 102.29
C VAL L 1033 34.08 38.56 102.86
N LEU L 1034 32.96 39.22 102.59
CA LEU L 1034 32.73 40.58 103.06
C LEU L 1034 32.12 40.62 104.46
N GLY L 1035 31.87 39.46 105.06
CA GLY L 1035 31.23 39.40 106.36
C GLY L 1035 31.38 38.01 106.94
N GLN L 1036 30.84 37.84 108.14
CA GLN L 1036 30.80 36.55 108.80
C GLN L 1036 29.37 36.04 108.77
N SER L 1037 29.20 34.78 108.38
CA SER L 1037 27.90 34.19 108.18
C SER L 1037 27.55 33.24 109.32
N LYS L 1038 26.33 33.37 109.85
CA LYS L 1038 25.85 32.45 110.87
C LYS L 1038 25.08 31.29 110.28
N ARG L 1039 24.89 31.26 108.97
CA ARG L 1039 24.22 30.14 108.31
C ARG L 1039 25.07 28.88 108.44
N VAL L 1040 24.44 27.79 108.84
CA VAL L 1040 25.17 26.56 109.10
C VAL L 1040 25.49 25.87 107.78
N ASP L 1041 26.75 25.46 107.61
CA ASP L 1041 27.23 24.69 106.47
C ASP L 1041 27.18 25.48 105.17
N PHE L 1042 26.83 26.77 105.22
CA PHE L 1042 26.83 27.57 104.00
C PHE L 1042 28.25 27.81 103.49
N CYS L 1043 29.20 28.02 104.39
CA CYS L 1043 30.59 28.29 104.03
C CYS L 1043 31.53 27.39 104.80
N GLY L 1044 31.31 26.09 104.72
CA GLY L 1044 32.22 25.13 105.31
C GLY L 1044 31.60 24.41 106.50
N LYS L 1045 32.18 23.26 106.81
CA LYS L 1045 31.73 22.46 107.94
C LYS L 1045 32.36 23.01 109.21
N GLY L 1046 31.53 23.45 110.14
CA GLY L 1046 32.00 24.07 111.36
C GLY L 1046 31.51 25.51 111.47
N TYR L 1047 31.82 26.09 112.63
CA TYR L 1047 31.43 27.48 112.86
C TYR L 1047 32.29 28.38 111.99
N HIS L 1048 31.67 29.11 111.08
CA HIS L 1048 32.43 29.87 110.10
C HIS L 1048 33.20 30.99 110.79
N LEU L 1049 34.48 31.09 110.47
CA LEU L 1049 35.36 32.14 110.95
C LEU L 1049 35.69 33.16 109.86
N MET L 1050 36.23 32.69 108.74
CA MET L 1050 36.70 33.58 107.69
C MET L 1050 36.65 32.83 106.37
N SER L 1051 36.74 33.59 105.28
CA SER L 1051 36.79 33.00 103.95
C SER L 1051 37.79 33.79 103.11
N PHE L 1052 38.43 33.09 102.17
CA PHE L 1052 39.36 33.72 101.26
C PHE L 1052 39.01 33.33 99.83
N PRO L 1053 38.83 34.28 98.93
CA PRO L 1053 38.57 33.93 97.53
C PRO L 1053 39.86 33.75 96.76
N GLN L 1054 39.77 32.90 95.73
CA GLN L 1054 40.88 32.69 94.80
C GLN L 1054 40.30 32.51 93.40
N SER L 1055 41.05 32.97 92.41
CA SER L 1055 40.58 32.88 91.04
C SER L 1055 40.77 31.47 90.49
N ALA L 1056 40.01 31.15 89.47
CA ALA L 1056 40.09 29.89 88.75
C ALA L 1056 39.85 30.19 87.27
N PRO L 1057 40.24 29.27 86.38
CA PRO L 1057 40.13 29.57 84.94
C PRO L 1057 38.75 30.01 84.49
N HIS L 1058 37.70 29.36 84.98
CA HIS L 1058 36.33 29.80 84.69
C HIS L 1058 35.46 29.77 85.94
N GLY L 1059 36.05 30.09 87.10
CA GLY L 1059 35.30 29.99 88.34
C GLY L 1059 36.06 30.63 89.47
N VAL L 1060 35.58 30.36 90.68
CA VAL L 1060 36.18 30.92 91.89
C VAL L 1060 36.38 29.78 92.89
N VAL L 1061 37.37 29.93 93.76
CA VAL L 1061 37.68 28.95 94.79
C VAL L 1061 37.66 29.66 96.13
N PHE L 1062 36.88 29.13 97.07
CA PHE L 1062 36.75 29.70 98.40
C PHE L 1062 37.50 28.84 99.40
N LEU L 1063 38.40 29.46 100.15
CA LEU L 1063 39.06 28.81 101.28
C LEU L 1063 38.32 29.24 102.53
N HIS L 1064 37.55 28.33 103.11
CA HIS L 1064 36.73 28.63 104.27
C HIS L 1064 37.50 28.30 105.54
N VAL L 1065 37.77 29.31 106.35
CA VAL L 1065 38.40 29.11 107.65
C VAL L 1065 37.29 28.94 108.66
N THR L 1066 37.27 27.80 109.34
CA THR L 1066 36.20 27.48 110.27
C THR L 1066 36.77 26.99 111.59
N TYR L 1067 35.93 27.02 112.61
CA TYR L 1067 36.28 26.61 113.96
C TYR L 1067 35.60 25.28 114.24
N VAL L 1068 36.37 24.28 114.66
CA VAL L 1068 35.85 22.95 114.93
C VAL L 1068 36.22 22.56 116.36
N PRO L 1069 35.25 22.32 117.23
CA PRO L 1069 35.56 21.87 118.59
C PRO L 1069 36.17 20.47 118.59
N ALA L 1070 37.01 20.21 119.59
CA ALA L 1070 37.67 18.93 119.73
C ALA L 1070 38.04 18.70 121.18
N GLN L 1071 38.42 17.47 121.50
CA GLN L 1071 38.81 17.06 122.85
C GLN L 1071 37.71 17.36 123.86
N GLU L 1072 36.57 16.71 123.67
CA GLU L 1072 35.42 16.94 124.52
C GLU L 1072 35.55 16.17 125.82
N LYS L 1073 34.85 16.66 126.84
CA LYS L 1073 34.81 16.00 128.15
C LYS L 1073 33.38 16.05 128.68
N ASN L 1074 33.02 15.04 129.47
CA ASN L 1074 31.67 14.92 130.00
C ASN L 1074 31.57 15.60 131.36
N PHE L 1075 30.55 16.43 131.54
CA PHE L 1075 30.32 17.14 132.78
C PHE L 1075 28.85 17.03 133.20
N THR L 1076 28.63 16.83 134.49
CA THR L 1076 27.27 16.87 135.02
C THR L 1076 26.74 18.30 134.93
N THR L 1077 25.44 18.44 134.65
CA THR L 1077 24.82 19.77 134.56
C THR L 1077 23.55 19.81 135.41
N ALA L 1078 22.97 21.02 135.46
CA ALA L 1078 21.73 21.31 136.14
C ALA L 1078 21.10 22.52 135.47
N PRO L 1079 19.77 22.54 135.32
CA PRO L 1079 19.14 23.73 134.71
C PRO L 1079 19.39 25.02 135.48
N ALA L 1080 19.41 24.96 136.81
CA ALA L 1080 19.59 26.17 137.61
C ALA L 1080 20.16 25.77 138.97
N ILE L 1081 20.54 26.78 139.74
CA ILE L 1081 21.08 26.60 141.08
C ILE L 1081 20.13 27.24 142.08
N CYS L 1082 19.68 26.46 143.06
CA CYS L 1082 18.83 26.97 144.13
C CYS L 1082 19.72 27.41 145.29
N HIS L 1083 19.81 28.73 145.50
CA HIS L 1083 20.58 29.30 146.60
C HIS L 1083 19.69 30.30 147.32
N ASP L 1084 19.65 30.21 148.65
CA ASP L 1084 18.85 31.13 149.48
C ASP L 1084 17.38 31.08 149.09
N GLY L 1085 16.90 29.92 148.64
CA GLY L 1085 15.52 29.77 148.28
C GLY L 1085 15.12 30.41 146.98
N LYS L 1086 16.08 30.81 146.15
CA LYS L 1086 15.79 31.40 144.85
C LYS L 1086 16.63 30.70 143.79
N ALA L 1087 16.11 30.70 142.56
CA ALA L 1087 16.73 29.99 141.44
C ALA L 1087 17.62 30.94 140.65
N HIS L 1088 18.84 30.48 140.35
CA HIS L 1088 19.81 31.26 139.60
C HIS L 1088 20.07 30.59 138.26
N PHE L 1089 20.03 31.36 137.18
CA PHE L 1089 20.29 30.86 135.84
C PHE L 1089 21.52 31.55 135.25
N PRO L 1090 22.29 30.85 134.43
CA PRO L 1090 23.49 31.47 133.84
C PRO L 1090 23.10 32.60 132.89
N ARG L 1091 23.90 33.66 132.89
CA ARG L 1091 23.65 34.75 131.96
C ARG L 1091 23.96 34.31 130.54
N GLU L 1092 25.18 33.81 130.31
CA GLU L 1092 25.60 33.29 129.01
C GLU L 1092 26.55 32.13 129.27
N GLY L 1093 26.00 30.92 129.35
CA GLY L 1093 26.82 29.78 129.67
C GLY L 1093 26.00 28.60 130.18
N VAL L 1094 26.69 27.71 130.88
CA VAL L 1094 26.10 26.47 131.38
C VAL L 1094 26.74 26.14 132.72
N PHE L 1095 25.94 25.55 133.61
CA PHE L 1095 26.41 25.13 134.93
C PHE L 1095 26.97 23.71 134.83
N VAL L 1096 28.28 23.56 134.99
CA VAL L 1096 28.94 22.26 134.91
C VAL L 1096 29.61 21.96 136.24
N SER L 1097 29.60 20.68 136.59
CA SER L 1097 30.13 20.17 137.86
C SER L 1097 31.09 19.01 137.67
N ASN L 1098 32.23 19.04 138.36
CA ASN L 1098 33.10 17.86 138.38
C ASN L 1098 32.93 17.29 139.77
N GLY L 1099 32.58 16.02 139.86
CA GLY L 1099 32.29 15.50 141.19
C GLY L 1099 31.17 16.33 141.80
N THR L 1100 31.42 16.83 143.01
CA THR L 1100 30.47 17.62 143.78
C THR L 1100 30.74 19.12 143.68
N HIS L 1101 31.71 19.52 142.89
CA HIS L 1101 32.21 20.88 142.84
C HIS L 1101 31.64 21.50 141.55
N TRP L 1102 30.85 22.57 141.67
CA TRP L 1102 30.15 23.22 140.54
C TRP L 1102 30.82 24.46 139.94
N PHE L 1103 30.67 24.63 138.61
CA PHE L 1103 31.27 25.74 137.85
C PHE L 1103 30.34 26.20 136.73
N VAL L 1104 30.49 27.46 136.34
CA VAL L 1104 29.77 28.07 135.20
C VAL L 1104 30.77 28.35 134.07
N THR L 1105 30.55 27.73 132.91
CA THR L 1105 31.45 27.89 131.77
C THR L 1105 30.65 28.27 130.52
N GLN L 1106 31.38 28.60 129.45
CA GLN L 1106 30.76 28.90 128.16
C GLN L 1106 30.49 27.60 127.41
N ARG L 1107 29.48 27.63 126.54
CA ARG L 1107 29.04 26.41 125.87
C ARG L 1107 30.09 25.83 124.93
N ASN L 1108 30.80 26.68 124.19
CA ASN L 1108 31.69 26.18 123.15
C ASN L 1108 33.13 25.98 123.59
N PHE L 1109 33.47 26.31 124.84
CA PHE L 1109 34.82 26.06 125.32
C PHE L 1109 34.77 25.86 126.83
N TYR L 1110 35.56 24.93 127.33
CA TYR L 1110 35.53 24.62 128.76
C TYR L 1110 36.42 25.60 129.50
N GLU L 1111 35.83 26.71 129.94
CA GLU L 1111 36.49 27.71 130.76
C GLU L 1111 35.72 27.83 132.07
N PRO L 1112 35.92 26.90 133.00
CA PRO L 1112 35.10 26.89 134.23
C PRO L 1112 35.33 28.15 135.05
N GLN L 1113 34.25 28.63 135.66
CA GLN L 1113 34.31 29.81 136.52
C GLN L 1113 33.45 29.58 137.74
N ILE L 1114 33.82 30.24 138.85
CA ILE L 1114 33.05 30.12 140.08
C ILE L 1114 31.70 30.78 139.88
N ILE L 1115 30.64 30.08 140.32
CA ILE L 1115 29.29 30.63 140.18
C ILE L 1115 29.18 31.90 141.02
N THR L 1116 28.67 32.97 140.42
CA THR L 1116 28.60 34.26 141.07
C THR L 1116 27.33 34.97 140.62
N THR L 1117 26.89 35.94 141.43
CA THR L 1117 25.77 36.77 141.02
C THR L 1117 26.12 37.65 139.82
N ASP L 1118 27.41 37.85 139.57
CA ASP L 1118 27.84 38.64 138.42
C ASP L 1118 27.45 37.98 137.10
N ASN L 1119 27.56 36.64 137.02
CA ASN L 1119 27.29 35.94 135.77
C ASN L 1119 26.01 35.10 135.85
N THR L 1120 25.17 35.33 136.85
CA THR L 1120 23.90 34.63 136.97
C THR L 1120 22.80 35.65 137.30
N PHE L 1121 21.57 35.29 136.97
CA PHE L 1121 20.41 36.11 137.29
C PHE L 1121 19.34 35.26 137.96
N VAL L 1122 18.60 35.89 138.86
CA VAL L 1122 17.57 35.21 139.65
C VAL L 1122 16.23 35.38 138.97
N SER L 1123 15.42 34.31 138.97
CA SER L 1123 14.11 34.33 138.34
C SER L 1123 13.06 33.65 139.23
N GLY L 1124 13.08 33.94 140.52
CA GLY L 1124 12.11 33.40 141.43
C GLY L 1124 12.68 32.32 142.33
N ASN L 1125 11.78 31.51 142.88
CA ASN L 1125 12.16 30.46 143.82
C ASN L 1125 12.56 29.20 143.05
N CYS L 1126 12.99 28.17 143.79
CA CYS L 1126 13.52 26.95 143.20
C CYS L 1126 12.58 25.75 143.37
N ASP L 1127 11.27 25.99 143.39
CA ASP L 1127 10.31 24.91 143.51
C ASP L 1127 9.59 24.60 142.21
N VAL L 1128 9.91 25.31 141.13
CA VAL L 1128 9.24 25.11 139.85
C VAL L 1128 10.17 24.55 138.78
N VAL L 1129 11.48 24.70 138.94
CA VAL L 1129 12.42 24.23 137.92
C VAL L 1129 12.66 22.74 138.12
N ILE L 1130 12.55 21.98 137.04
CA ILE L 1130 12.71 20.54 137.10
C ILE L 1130 14.18 20.21 136.88
N GLY L 1131 14.80 19.58 137.88
CA GLY L 1131 16.21 19.24 137.81
C GLY L 1131 17.13 20.19 138.55
N ILE L 1132 16.59 21.16 139.28
CA ILE L 1132 17.43 22.14 139.96
C ILE L 1132 18.22 21.45 141.08
N VAL L 1133 19.40 21.99 141.36
CA VAL L 1133 20.26 21.52 142.44
C VAL L 1133 20.52 22.67 143.40
N ASN L 1134 20.91 22.32 144.62
CA ASN L 1134 21.22 23.30 145.64
C ASN L 1134 22.72 23.49 145.72
N ASN L 1135 23.16 24.74 145.66
CA ASN L 1135 24.57 25.06 145.85
C ASN L 1135 24.67 26.53 146.23
N THR L 1136 25.88 26.97 146.54
CA THR L 1136 26.11 28.34 146.98
C THR L 1136 26.44 29.22 145.79
N VAL L 1137 25.89 30.42 145.78
CA VAL L 1137 26.20 31.42 144.77
C VAL L 1137 27.07 32.47 145.43
N TYR L 1138 28.35 32.53 145.03
CA TYR L 1138 29.27 33.45 145.66
C TYR L 1138 28.85 34.89 145.39
N ASP L 1139 28.86 35.72 146.42
CA ASP L 1139 28.55 37.13 146.30
C ASP L 1139 29.83 37.94 146.48
N PRO L 1140 30.28 38.69 145.47
CA PRO L 1140 31.53 39.45 145.57
C PRO L 1140 31.36 40.80 146.26
N LEU L 1141 30.71 40.79 147.41
CA LEU L 1141 30.49 42.01 148.18
C LEU L 1141 30.93 41.85 149.63
N GLN L 1142 30.75 40.68 150.22
CA GLN L 1142 31.08 40.49 151.63
C GLN L 1142 32.58 40.65 151.89
N PRO L 1143 33.50 40.05 151.11
CA PRO L 1143 34.92 40.30 151.37
C PRO L 1143 35.28 41.77 151.26
N GLU L 1144 34.66 42.49 150.32
CA GLU L 1144 34.88 43.93 150.20
C GLU L 1144 34.39 44.65 151.45
N LEU L 1145 33.26 44.21 152.00
CA LEU L 1145 32.73 44.85 153.20
C LEU L 1145 33.69 44.73 154.37
N ASP L 1146 34.31 43.57 154.55
CA ASP L 1146 35.27 43.35 155.62
C ASP L 1146 36.62 43.96 155.28
#